data_9V6R
#
_entry.id   9V6R
#
_cell.length_a   1.00
_cell.length_b   1.00
_cell.length_c   1.00
_cell.angle_alpha   90.00
_cell.angle_beta   90.00
_cell.angle_gamma   90.00
#
_symmetry.space_group_name_H-M   'P 1'
#
loop_
_entity.id
_entity.type
_entity.pdbx_description
1 polymer 'Envelopment polyprotein'
2 polymer 'Fab140 light chain'
3 polymer 'Fab140 heavy chain'
4 branched 2-acetamido-2-deoxy-beta-D-glucopyranose-(1-4)-2-acetamido-2-deoxy-beta-D-glucopyranose-(1-4)-2-acetamido-2-deoxy-beta-D-glucopyranose
5 non-polymer 2-acetamido-2-deoxy-beta-D-glucopyranose
#
loop_
_entity_poly.entity_id
_entity_poly.type
_entity_poly.pdbx_seq_one_letter_code
_entity_poly.pdbx_strand_id
1 'polypeptide(L)'
;PHLRNRPGKGHNYIDGMTQEDATCKPVTYAGACSSFDVLLEKGKFPLFQSYAHHRTLLEAVHDTIIAKADPPSCDLQSAH
GNPCMKEKLVMKTHCPNDYQSAHYLNNDGKMASVKCPPKYELTEDCNFCRQMTGASLKKGSYPLQDLFCQSSEDDGSKLK
TKMKGVCEVGVQALKKCDGQLSTAHEVVPFAVFKNSKKVYLDKLDLKTEENLLPDSFVCFEHKGQYKGTMDSGQTKRELK
SFDISQCPKIGGHGSKKCTGDAAFCSAYECTAQYANAYCSHANGSGIVQIQVSGVWKKPLCVGYERVVVKRELSAKPIQR
VEPCTTCITKCEPHGLVVRSTGFKISSAVACASGVCVTGSQSPSTEITLKYPGISQSSGGDIGVHMAHDDQSVSSKIVAH
CPPQDPCLVHGCIVCAHGLINYQCHTALSAFVVVFVFSSIAIICLAVLYRVLKCLKIAPRKVLNPLMWITAFIRWIYKKM
VARVADNINQVNREIGWMEGGQLVLGNPAPIPRHAPIPRYSTYLMLLLIVSYASACSELIQASSRITTCSTEGVNTKCRL
SGTALIRAGSVGAEACLMLKGVKEDQTKFLKIKTVSSELSCREGQSYWTGSFSPKCLSSRRCHLVGECHVNRCLSWRDNE
TSAEFSFVGESTTMRENKCFEQCGGWGCGCFNVNPSCLFVHTYLQSVRKEALRVFNCIDWVHKLTLEITDFDGSVSTIDL
GASSSRFTNWGSVSLSLDAEGISGSNSFSFIESPGKGYAIVDEPFSEIPRQGFLGEIRCNSESSVLSAHESCLRAPNLIS
YKPMIDQLECTTNLIDPFVVFERGSLPQTRNDKTFAASKGNRGVQAFSKGSVQADLTLMFDNFEVDFVGAAVSCDAAFLN
LTGCYSCNAGARVCLSITSTGTGSLSAHNKDGSLHIVLPSENGTKDQCQILHFTVPEVEEEFMYSCDGDERPLLVKGTLI
AIDPFDDRREAGGESTVVNPKSGSWNFFDWFSGLMSWFGGPLKTILLICLYVALSIGLFFLLIYLGRTGLSKMWLAATKK
ASDYKDHDGDYKDHDIDYKDDDDK
;
A,B,C,H,I,L,M,P,Q,T,V,Y
2 'polypeptide(L)'
;QSALTQPASVSGSPGQSITISCTGTSSDIGAYNFVSWYQQHPGTAPKLLIYDVTNRPSGVSNRFSGSKSGNTASLTISGL
QAEDEANYYCNSYTSSSHVVFGGGTKLTVLLGQPKAAPSVTLFPPSSEELQANKATLVCLISDFYPGAVTVAWKADSSPV
KAGVETTTPSKQSNNKYAASSYLSLTPEQWKSHRSYSCQVTHEGSTVEKTVAPTECSQPRFAAA
;
D,F,J,N,R,W
3 'polypeptide(L)'
;STQSTWAGPGLVKPSQTLSLTCTVSGGSVSSGDYYWSWIRQPPGRGLEWIGYISYSGSTYYNPSLESRITMSGDTSKQQF
SLKLSSVTVADTAVYYCATNYFHLHDFGDLYWYFDLWGRGTLVTVSSSASTKGPSVFPLAPSSKSTSGGTAALGCLVKDY
FPEPVTVSWNSGALTSGVHTFPAVLQSSGLYSLSSVVTVPSSSLGTQTYICNVNHKPSNTKVDKRVEPKSCDKGGGGSSA
WSHPQFEK
;
E,G,K,O,S,X
#
# COMPACT_ATOMS: atom_id res chain seq x y z
N PRO A 1 0.89 41.43 -27.44
CA PRO A 1 -0.27 41.85 -28.21
C PRO A 1 0.04 42.03 -29.69
N HIS A 2 0.77 41.08 -30.28
CA HIS A 2 1.11 41.16 -31.69
C HIS A 2 -0.10 41.03 -32.60
N LEU A 3 -1.20 40.47 -32.10
CA LEU A 3 -2.41 40.28 -32.90
C LEU A 3 -3.09 41.58 -33.27
N ARG A 4 -2.72 42.69 -32.64
CA ARG A 4 -3.31 43.99 -32.94
C ARG A 4 -2.57 44.72 -34.05
N ASN A 5 -1.63 44.05 -34.72
CA ASN A 5 -1.02 44.58 -35.93
C ASN A 5 -1.81 44.02 -37.11
N ARG A 6 -2.85 44.72 -37.50
CA ARG A 6 -3.81 44.17 -38.44
C ARG A 6 -3.27 44.23 -39.87
N PRO A 7 -3.56 43.22 -40.68
CA PRO A 7 -3.20 43.29 -42.10
C PRO A 7 -4.04 44.31 -42.84
N GLY A 8 -3.47 44.86 -43.90
CA GLY A 8 -4.17 45.87 -44.65
C GLY A 8 -4.36 47.14 -43.84
N LYS A 9 -5.49 47.82 -44.09
CA LYS A 9 -5.79 49.03 -43.35
C LYS A 9 -6.10 48.75 -41.88
N GLY A 10 -6.74 47.62 -41.60
CA GLY A 10 -7.14 47.31 -40.25
C GLY A 10 -8.25 48.21 -39.72
N HIS A 11 -9.24 48.52 -40.54
CA HIS A 11 -10.36 49.39 -40.15
C HIS A 11 -11.47 48.51 -39.60
N ASN A 12 -11.50 48.35 -38.29
CA ASN A 12 -12.50 47.52 -37.63
C ASN A 12 -13.67 48.35 -37.14
N TYR A 13 -14.33 49.04 -38.06
CA TYR A 13 -15.49 49.86 -37.72
C TYR A 13 -16.54 49.73 -38.82
N ILE A 14 -17.77 50.04 -38.46
CA ILE A 14 -18.92 49.90 -39.34
C ILE A 14 -19.49 51.27 -39.62
N ASP A 15 -20.10 51.43 -40.78
CA ASP A 15 -20.67 52.71 -41.17
C ASP A 15 -21.77 53.14 -40.21
N GLY A 16 -21.80 54.41 -39.88
CA GLY A 16 -22.75 54.93 -38.92
C GLY A 16 -22.24 54.95 -37.49
N MET A 17 -21.65 53.84 -37.05
CA MET A 17 -21.08 53.75 -35.70
C MET A 17 -19.63 54.22 -35.74
N THR A 18 -19.47 55.50 -36.05
CA THR A 18 -18.16 56.12 -36.22
C THR A 18 -17.77 56.99 -35.03
N GLN A 19 -18.16 56.60 -33.82
CA GLN A 19 -17.81 57.35 -32.62
C GLN A 19 -16.60 56.77 -31.91
N GLU A 20 -15.94 55.78 -32.51
CA GLU A 20 -14.77 55.13 -31.93
C GLU A 20 -13.60 55.13 -32.91
N ASP A 21 -13.53 56.14 -33.79
CA ASP A 21 -12.48 56.21 -34.79
C ASP A 21 -11.10 56.42 -34.19
N ALA A 22 -11.01 56.79 -32.92
CA ALA A 22 -9.70 56.95 -32.29
C ALA A 22 -8.97 55.62 -32.21
N THR A 23 -9.69 54.54 -31.88
CA THR A 23 -9.06 53.24 -31.67
C THR A 23 -9.53 52.16 -32.63
N CYS A 24 -10.60 52.38 -33.40
CA CYS A 24 -11.07 51.39 -34.35
C CYS A 24 -10.64 51.68 -35.77
N LYS A 25 -10.40 52.94 -36.12
CA LYS A 25 -9.52 53.23 -37.23
C LYS A 25 -8.13 52.74 -36.83
N PRO A 26 -7.22 52.53 -37.81
CA PRO A 26 -6.41 51.29 -37.80
C PRO A 26 -6.07 50.77 -36.41
N VAL A 27 -6.50 49.54 -36.14
CA VAL A 27 -6.32 48.94 -34.84
C VAL A 27 -4.85 48.79 -34.55
N THR A 28 -4.42 49.26 -33.39
CA THR A 28 -3.01 49.27 -33.01
C THR A 28 -2.90 48.68 -31.61
N TYR A 29 -1.66 48.56 -31.12
CA TYR A 29 -1.43 47.98 -29.80
C TYR A 29 -1.98 48.83 -28.67
N ALA A 30 -2.28 50.10 -28.94
CA ALA A 30 -2.55 51.05 -27.86
C ALA A 30 -3.98 50.96 -27.35
N GLY A 31 -4.95 51.29 -28.19
CA GLY A 31 -6.30 51.53 -27.75
C GLY A 31 -7.10 50.25 -27.53
N ALA A 32 -8.42 50.44 -27.43
CA ALA A 32 -9.36 49.34 -27.30
C ALA A 32 -10.54 49.58 -28.24
N CYS A 33 -10.85 48.60 -29.06
CA CYS A 33 -11.96 48.67 -30.01
C CYS A 33 -13.00 47.63 -29.61
N SER A 34 -14.25 48.07 -29.48
CA SER A 34 -15.31 47.18 -29.03
C SER A 34 -15.62 46.10 -30.07
N SER A 35 -15.57 46.46 -31.36
CA SER A 35 -15.89 45.53 -32.42
C SER A 35 -14.75 44.57 -32.73
N PHE A 36 -13.62 44.68 -32.05
CA PHE A 36 -12.49 43.79 -32.28
C PHE A 36 -12.06 43.04 -31.04
N ASP A 37 -12.09 43.67 -29.86
CA ASP A 37 -11.58 43.01 -28.65
C ASP A 37 -12.39 41.79 -28.27
N VAL A 38 -13.65 41.70 -28.70
CA VAL A 38 -14.45 40.53 -28.38
C VAL A 38 -13.89 39.29 -29.06
N LEU A 39 -13.28 39.45 -30.24
CA LEU A 39 -12.73 38.32 -30.96
C LEU A 39 -11.55 37.68 -30.24
N LEU A 40 -10.89 38.41 -29.34
CA LEU A 40 -9.69 37.92 -28.68
C LEU A 40 -9.94 37.40 -27.27
N GLU A 41 -11.20 37.30 -26.85
CA GLU A 41 -11.49 36.70 -25.56
C GLU A 41 -11.30 35.20 -25.62
N LYS A 42 -10.71 34.63 -24.58
CA LYS A 42 -10.42 33.20 -24.56
C LYS A 42 -11.71 32.39 -24.54
N GLY A 43 -11.74 31.33 -25.35
CA GLY A 43 -12.89 30.46 -25.43
C GLY A 43 -13.94 30.88 -26.44
N LYS A 44 -13.88 32.12 -26.92
CA LYS A 44 -14.84 32.62 -27.89
C LYS A 44 -14.14 32.90 -29.21
N PHE A 45 -14.83 32.64 -30.31
CA PHE A 45 -14.28 32.76 -31.65
C PHE A 45 -12.96 31.97 -31.78
N PRO A 46 -13.00 30.65 -31.60
CA PRO A 46 -11.74 29.89 -31.70
C PRO A 46 -11.22 29.75 -33.12
N LEU A 47 -12.13 29.66 -34.11
CA LEU A 47 -11.67 29.53 -35.49
C LEU A 47 -10.89 30.75 -35.93
N PHE A 48 -11.40 31.95 -35.63
CA PHE A 48 -10.63 33.15 -35.93
C PHE A 48 -9.37 33.24 -35.09
N GLN A 49 -9.46 32.85 -33.82
CA GLN A 49 -8.29 32.93 -32.95
C GLN A 49 -7.16 32.05 -33.46
N SER A 50 -7.48 30.95 -34.14
CA SER A 50 -6.44 30.17 -34.81
C SER A 50 -5.87 30.93 -36.00
N TYR A 51 -6.74 31.46 -36.86
CA TYR A 51 -6.33 32.23 -38.03
C TYR A 51 -6.36 33.73 -37.71
N ALA A 52 -5.62 34.11 -36.67
CA ALA A 52 -5.72 35.45 -36.09
C ALA A 52 -5.09 36.54 -36.93
N HIS A 53 -4.30 36.20 -37.94
CA HIS A 53 -3.65 37.20 -38.77
C HIS A 53 -4.32 37.35 -40.14
N HIS A 54 -5.52 36.84 -40.28
CA HIS A 54 -6.34 37.08 -41.46
C HIS A 54 -7.41 38.12 -41.14
N ARG A 55 -7.93 38.74 -42.19
CA ARG A 55 -8.86 39.85 -42.02
C ARG A 55 -10.15 39.37 -41.36
N THR A 56 -10.80 40.28 -40.66
CA THR A 56 -12.12 40.04 -40.10
C THR A 56 -13.17 40.37 -41.17
N LEU A 57 -14.45 40.31 -40.79
CA LEU A 57 -15.49 40.67 -41.74
C LEU A 57 -15.46 42.17 -42.04
N LEU A 58 -15.32 43.00 -41.00
CA LEU A 58 -15.28 44.44 -41.21
C LEU A 58 -14.05 44.87 -41.99
N GLU A 59 -12.90 44.26 -41.68
CA GLU A 59 -11.68 44.54 -42.45
C GLU A 59 -11.86 44.17 -43.91
N ALA A 60 -12.43 42.99 -44.17
CA ALA A 60 -12.66 42.57 -45.55
C ALA A 60 -13.62 43.52 -46.26
N VAL A 61 -14.62 44.04 -45.54
CA VAL A 61 -15.53 45.00 -46.13
C VAL A 61 -14.78 46.28 -46.51
N HIS A 62 -13.90 46.76 -45.61
CA HIS A 62 -13.22 48.02 -45.86
C HIS A 62 -12.09 47.90 -46.88
N ASP A 63 -11.65 46.70 -47.20
CA ASP A 63 -10.67 46.47 -48.26
C ASP A 63 -11.33 46.12 -49.59
N THR A 64 -12.65 46.28 -49.69
CA THR A 64 -13.44 45.97 -50.89
C THR A 64 -13.38 44.49 -51.26
N ILE A 65 -12.91 43.64 -50.33
CA ILE A 65 -12.96 42.21 -50.59
C ILE A 65 -14.40 41.70 -50.57
N ILE A 66 -15.18 42.14 -49.59
CA ILE A 66 -16.57 41.74 -49.42
C ILE A 66 -17.45 42.97 -49.59
N ALA A 67 -18.49 42.85 -50.40
CA ALA A 67 -19.38 43.97 -50.66
C ALA A 67 -20.33 44.17 -49.49
N LYS A 68 -21.16 45.21 -49.58
CA LYS A 68 -22.17 45.51 -48.58
C LYS A 68 -23.55 45.27 -49.17
N ALA A 69 -24.43 44.65 -48.38
CA ALA A 69 -25.72 44.23 -48.88
C ALA A 69 -26.63 45.42 -49.15
N ASP A 70 -27.64 45.20 -49.98
CA ASP A 70 -28.67 46.21 -50.19
C ASP A 70 -29.47 46.35 -48.89
N PRO A 71 -30.01 47.52 -48.61
CA PRO A 71 -30.03 48.02 -47.25
C PRO A 71 -28.88 47.46 -46.43
N PRO A 72 -27.74 48.17 -46.39
CA PRO A 72 -26.56 47.66 -45.68
C PRO A 72 -26.88 47.28 -44.24
N SER A 73 -27.74 48.08 -43.61
CA SER A 73 -28.25 47.76 -42.29
C SER A 73 -29.56 48.53 -42.14
N CYS A 74 -30.68 47.86 -42.39
CA CYS A 74 -31.98 48.49 -42.21
C CYS A 74 -32.25 48.65 -40.72
N ASP A 75 -32.26 49.90 -40.26
CA ASP A 75 -32.41 50.18 -38.85
C ASP A 75 -33.78 49.72 -38.36
N LEU A 76 -33.80 49.06 -37.20
CA LEU A 76 -35.06 48.65 -36.61
C LEU A 76 -35.91 49.84 -36.21
N GLN A 77 -35.30 51.01 -36.03
CA GLN A 77 -36.07 52.20 -35.71
C GLN A 77 -36.93 52.63 -36.89
N SER A 78 -36.40 52.52 -38.11
CA SER A 78 -37.09 52.99 -39.29
C SER A 78 -37.61 51.89 -40.21
N ALA A 79 -37.19 50.65 -40.02
CA ALA A 79 -37.59 49.56 -40.92
C ALA A 79 -37.89 48.30 -40.12
N HIS A 80 -38.63 48.44 -39.03
CA HIS A 80 -39.03 47.25 -38.27
C HIS A 80 -40.23 46.55 -38.87
N GLY A 81 -40.92 47.17 -39.82
CA GLY A 81 -42.06 46.54 -40.44
C GLY A 81 -41.74 46.00 -41.83
N ASN A 82 -40.46 45.87 -42.13
CA ASN A 82 -40.01 45.35 -43.41
C ASN A 82 -39.42 43.96 -43.26
N PRO A 83 -39.50 43.12 -44.29
CA PRO A 83 -38.94 41.77 -44.18
C PRO A 83 -37.42 41.77 -44.16
N CYS A 84 -36.83 42.39 -43.14
CA CYS A 84 -35.38 42.43 -42.99
C CYS A 84 -34.86 41.23 -42.22
N MET A 85 -35.32 41.06 -40.98
CA MET A 85 -34.76 40.06 -40.10
C MET A 85 -35.27 38.67 -40.49
N LYS A 86 -34.79 38.17 -41.63
CA LYS A 86 -35.12 36.83 -42.09
C LYS A 86 -33.95 35.88 -42.02
N GLU A 87 -32.77 36.30 -42.48
CA GLU A 87 -31.58 35.47 -42.34
C GLU A 87 -31.06 35.47 -40.92
N LYS A 88 -31.28 36.55 -40.18
CA LYS A 88 -30.85 36.61 -38.79
C LYS A 88 -31.69 35.69 -37.91
N LEU A 89 -32.98 35.57 -38.21
CA LEU A 89 -33.88 34.81 -37.35
C LEU A 89 -33.67 33.31 -37.46
N VAL A 90 -32.96 32.83 -38.48
CA VAL A 90 -32.68 31.41 -38.61
C VAL A 90 -31.37 31.00 -37.96
N MET A 91 -30.61 31.96 -37.44
CA MET A 91 -29.36 31.66 -36.74
C MET A 91 -29.58 31.72 -35.23
N LYS A 92 -28.82 30.91 -34.51
CA LYS A 92 -28.84 30.89 -33.06
C LYS A 92 -27.54 31.54 -32.58
N THR A 93 -27.62 32.79 -32.19
CA THR A 93 -26.47 33.57 -31.76
C THR A 93 -26.54 33.85 -30.27
N HIS A 94 -25.56 34.60 -29.78
CA HIS A 94 -25.52 34.97 -28.36
C HIS A 94 -24.72 36.27 -28.23
N CYS A 95 -25.44 37.39 -28.09
CA CYS A 95 -24.75 38.66 -27.93
C CYS A 95 -24.53 38.97 -26.46
N PRO A 96 -23.42 39.63 -26.13
CA PRO A 96 -23.27 40.18 -24.78
C PRO A 96 -24.14 41.42 -24.59
N ASN A 97 -24.00 42.09 -23.45
CA ASN A 97 -24.85 43.23 -23.16
C ASN A 97 -24.24 44.53 -23.65
N ASP A 98 -25.06 45.57 -23.70
CA ASP A 98 -24.66 46.94 -24.02
C ASP A 98 -24.17 47.09 -25.46
N TYR A 99 -24.67 46.26 -26.38
CA TYR A 99 -24.29 46.34 -27.78
C TYR A 99 -25.49 46.82 -28.58
N GLN A 100 -25.31 47.88 -29.35
CA GLN A 100 -26.38 48.47 -30.13
C GLN A 100 -26.45 47.96 -31.56
N SER A 101 -25.46 47.17 -32.00
CA SER A 101 -25.43 46.70 -33.38
C SER A 101 -24.71 45.36 -33.44
N ALA A 102 -24.99 44.62 -34.51
CA ALA A 102 -24.32 43.34 -34.73
C ALA A 102 -24.32 43.03 -36.20
N HIS A 103 -23.17 42.63 -36.74
CA HIS A 103 -23.01 42.41 -38.16
C HIS A 103 -22.80 40.92 -38.44
N TYR A 104 -23.25 40.50 -39.63
CA TYR A 104 -23.15 39.13 -40.06
C TYR A 104 -23.00 39.10 -41.58
N LEU A 105 -22.63 37.92 -42.08
CA LEU A 105 -22.45 37.70 -43.52
C LEU A 105 -23.71 37.03 -44.04
N ASN A 106 -24.48 37.74 -44.86
CA ASN A 106 -25.78 37.25 -45.29
C ASN A 106 -25.61 36.16 -46.36
N ASN A 107 -26.74 35.71 -46.90
CA ASN A 107 -26.73 34.56 -47.79
C ASN A 107 -26.05 34.88 -49.12
N ASP A 108 -26.21 36.11 -49.61
CA ASP A 108 -25.64 36.48 -50.90
C ASP A 108 -24.12 36.59 -50.87
N GLY A 109 -23.51 36.52 -49.70
CA GLY A 109 -22.08 36.69 -49.58
C GLY A 109 -21.64 38.10 -49.27
N LYS A 110 -22.56 38.98 -48.86
CA LYS A 110 -22.25 40.34 -48.48
C LYS A 110 -22.40 40.48 -46.97
N MET A 111 -22.11 41.67 -46.46
CA MET A 111 -22.21 41.96 -45.04
C MET A 111 -23.47 42.76 -44.77
N ALA A 112 -24.31 42.26 -43.89
CA ALA A 112 -25.47 42.99 -43.39
C ALA A 112 -25.31 43.14 -41.89
N SER A 113 -26.16 43.95 -41.28
CA SER A 113 -26.12 44.10 -39.83
C SER A 113 -27.46 44.58 -39.31
N VAL A 114 -27.67 44.32 -38.02
CA VAL A 114 -28.88 44.71 -37.30
C VAL A 114 -28.48 45.80 -36.32
N LYS A 115 -29.17 46.94 -36.40
CA LYS A 115 -28.90 48.08 -35.52
C LYS A 115 -30.16 48.40 -34.74
N CYS A 116 -30.05 48.40 -33.43
CA CYS A 116 -31.17 48.75 -32.56
C CYS A 116 -31.39 50.26 -32.57
N PRO A 117 -32.58 50.72 -32.18
CA PRO A 117 -32.83 52.15 -32.09
C PRO A 117 -31.93 52.79 -31.04
N PRO A 118 -31.75 54.11 -31.07
CA PRO A 118 -30.85 54.75 -30.11
C PRO A 118 -31.24 54.45 -28.67
N LYS A 119 -30.21 54.25 -27.83
CA LYS A 119 -30.29 53.95 -26.40
C LYS A 119 -30.81 52.54 -26.11
N TYR A 120 -31.16 51.76 -27.13
CA TYR A 120 -31.52 50.36 -26.94
C TYR A 120 -30.30 49.47 -27.12
N GLU A 121 -30.43 48.23 -26.66
CA GLU A 121 -29.37 47.24 -26.76
C GLU A 121 -29.95 45.92 -27.21
N LEU A 122 -29.11 45.12 -27.87
CA LEU A 122 -29.54 43.81 -28.35
C LEU A 122 -29.61 42.82 -27.18
N THR A 123 -30.65 42.01 -27.17
CA THR A 123 -30.84 41.05 -26.09
C THR A 123 -29.86 39.89 -26.25
N GLU A 124 -29.99 38.91 -25.35
CA GLU A 124 -29.02 37.82 -25.30
C GLU A 124 -29.06 36.93 -26.53
N ASP A 125 -30.18 36.90 -27.26
CA ASP A 125 -30.26 36.15 -28.50
C ASP A 125 -30.16 37.04 -29.72
N CYS A 126 -29.86 38.33 -29.54
CA CYS A 126 -29.69 39.30 -30.61
C CYS A 126 -30.93 39.44 -31.47
N ASN A 127 -32.10 39.03 -30.96
CA ASN A 127 -33.32 39.07 -31.74
C ASN A 127 -34.21 40.27 -31.43
N PHE A 128 -34.07 40.87 -30.24
CA PHE A 128 -34.90 41.98 -29.84
C PHE A 128 -34.04 43.09 -29.26
N CYS A 129 -34.59 44.29 -29.25
CA CYS A 129 -33.95 45.45 -28.65
C CYS A 129 -34.67 45.81 -27.35
N ARG A 130 -33.92 45.99 -26.28
CA ARG A 130 -34.47 46.38 -24.99
C ARG A 130 -33.74 47.59 -24.47
N GLN A 131 -34.45 48.41 -23.71
CA GLN A 131 -33.92 49.69 -23.23
C GLN A 131 -33.63 49.61 -21.74
N MET A 132 -32.43 50.02 -21.35
CA MET A 132 -32.03 50.12 -19.95
C MET A 132 -31.66 51.55 -19.63
N THR A 133 -32.21 52.07 -18.53
CA THR A 133 -31.92 53.43 -18.12
C THR A 133 -30.51 53.52 -17.53
N GLY A 134 -29.79 54.57 -17.90
CA GLY A 134 -28.46 54.77 -17.37
C GLY A 134 -27.46 53.69 -17.74
N ALA A 135 -27.50 53.23 -18.98
CA ALA A 135 -26.55 52.23 -19.47
C ALA A 135 -25.73 52.82 -20.60
N SER A 136 -24.44 52.53 -20.59
CA SER A 136 -23.50 53.04 -21.59
C SER A 136 -23.28 51.96 -22.65
N LEU A 137 -23.89 52.14 -23.82
CA LEU A 137 -23.72 51.20 -24.90
C LEU A 137 -22.32 51.29 -25.49
N LYS A 138 -21.82 50.14 -25.95
CA LYS A 138 -20.55 50.14 -26.66
C LYS A 138 -20.72 50.79 -28.03
N LYS A 139 -19.62 51.32 -28.56
CA LYS A 139 -19.64 52.08 -29.80
C LYS A 139 -19.42 51.23 -31.03
N GLY A 140 -19.16 49.93 -30.88
CA GLY A 140 -18.95 49.04 -32.00
C GLY A 140 -20.12 48.10 -32.22
N SER A 141 -19.90 47.13 -33.11
CA SER A 141 -20.90 46.13 -33.44
C SER A 141 -20.32 44.74 -33.20
N TYR A 142 -21.14 43.87 -32.64
CA TYR A 142 -20.70 42.53 -32.26
C TYR A 142 -20.63 41.63 -33.48
N PRO A 143 -19.50 40.99 -33.76
CA PRO A 143 -19.44 40.01 -34.86
C PRO A 143 -20.24 38.76 -34.50
N LEU A 144 -21.29 38.50 -35.29
CA LEU A 144 -22.19 37.40 -34.96
C LEU A 144 -21.58 36.04 -35.28
N GLN A 145 -20.91 35.92 -36.41
CA GLN A 145 -20.40 34.65 -36.88
C GLN A 145 -18.90 34.52 -36.60
N ASP A 146 -18.45 33.27 -36.55
CA ASP A 146 -17.02 32.96 -36.39
C ASP A 146 -16.48 32.64 -37.77
N LEU A 147 -15.71 33.59 -38.32
CA LEU A 147 -15.19 33.47 -39.68
C LEU A 147 -13.94 34.31 -39.82
N PHE A 148 -13.16 33.99 -40.85
CA PHE A 148 -12.03 34.79 -41.28
C PHE A 148 -12.05 34.92 -42.80
N CYS A 149 -11.56 36.05 -43.29
CA CYS A 149 -11.63 36.37 -44.71
C CYS A 149 -10.24 36.60 -45.28
N GLN A 150 -10.17 36.68 -46.61
CA GLN A 150 -8.94 36.91 -47.33
C GLN A 150 -9.28 37.41 -48.72
N SER A 151 -8.24 37.80 -49.45
CA SER A 151 -8.40 38.31 -50.81
C SER A 151 -8.11 37.19 -51.80
N SER A 152 -9.07 36.92 -52.68
CA SER A 152 -8.95 35.82 -53.63
C SER A 152 -9.45 36.25 -55.00
N GLU A 153 -8.82 35.70 -56.03
CA GLU A 153 -9.25 35.90 -57.41
C GLU A 153 -9.83 34.64 -58.05
N ASP A 154 -9.76 33.50 -57.36
CA ASP A 154 -10.34 32.27 -57.88
C ASP A 154 -11.84 32.43 -58.06
N ASP A 155 -12.33 32.00 -59.21
CA ASP A 155 -13.74 32.13 -59.52
C ASP A 155 -14.55 30.97 -58.94
N GLY A 156 -15.76 31.27 -58.50
CA GLY A 156 -16.62 30.26 -57.92
C GLY A 156 -18.06 30.38 -58.35
N SER A 157 -18.29 30.89 -59.57
CA SER A 157 -19.65 31.08 -60.05
C SER A 157 -20.41 29.76 -60.20
N LYS A 158 -19.72 28.65 -60.36
CA LYS A 158 -20.34 27.34 -60.46
C LYS A 158 -20.44 26.62 -59.13
N LEU A 159 -20.01 27.25 -58.04
CA LEU A 159 -20.04 26.62 -56.73
C LEU A 159 -21.44 26.72 -56.13
N LYS A 160 -21.91 25.62 -55.53
CA LYS A 160 -23.23 25.57 -54.93
C LYS A 160 -23.21 24.60 -53.76
N THR A 161 -24.21 24.71 -52.91
CA THR A 161 -24.31 23.83 -51.75
C THR A 161 -24.71 22.43 -52.18
N LYS A 162 -23.96 21.43 -51.72
CA LYS A 162 -24.21 20.03 -52.02
C LYS A 162 -24.17 19.27 -50.70
N MET A 163 -25.32 19.18 -50.03
CA MET A 163 -25.45 18.48 -48.77
C MET A 163 -26.38 17.30 -48.97
N LYS A 164 -25.95 16.11 -48.52
CA LYS A 164 -26.73 14.91 -48.71
C LYS A 164 -27.78 14.78 -47.60
N GLY A 165 -28.99 14.42 -47.99
CA GLY A 165 -30.07 14.25 -47.03
C GLY A 165 -30.54 15.53 -46.38
N VAL A 166 -30.34 16.68 -47.01
CA VAL A 166 -30.75 17.97 -46.46
C VAL A 166 -31.79 18.58 -47.39
N CYS A 167 -32.99 18.78 -46.89
CA CYS A 167 -34.02 19.46 -47.66
C CYS A 167 -33.81 20.97 -47.67
N GLU A 168 -33.28 21.52 -46.57
CA GLU A 168 -33.13 22.96 -46.45
C GLU A 168 -32.16 23.25 -45.31
N VAL A 169 -31.14 24.06 -45.60
CA VAL A 169 -30.18 24.49 -44.60
C VAL A 169 -30.21 26.01 -44.54
N GLY A 170 -30.37 26.54 -43.33
CA GLY A 170 -30.43 27.98 -43.18
C GLY A 170 -31.61 28.55 -43.93
N VAL A 171 -31.32 29.51 -44.81
CA VAL A 171 -32.34 30.15 -45.62
C VAL A 171 -32.35 29.63 -47.06
N GLN A 172 -31.53 28.62 -47.35
CA GLN A 172 -31.43 28.03 -48.68
C GLN A 172 -32.32 26.81 -48.77
N ALA A 173 -33.21 26.79 -49.76
CA ALA A 173 -34.08 25.65 -50.02
C ALA A 173 -33.37 24.73 -51.01
N LEU A 174 -32.71 23.70 -50.48
CA LEU A 174 -31.91 22.82 -51.33
C LEU A 174 -32.78 22.06 -52.32
N LYS A 175 -33.92 21.54 -51.87
CA LYS A 175 -34.81 20.75 -52.72
C LYS A 175 -36.20 20.76 -52.10
N LYS A 176 -37.10 19.98 -52.68
CA LYS A 176 -38.46 19.83 -52.17
C LYS A 176 -38.66 18.41 -51.68
N CYS A 177 -39.12 18.27 -50.44
CA CYS A 177 -39.32 16.96 -49.83
C CYS A 177 -40.68 16.91 -49.16
N ASP A 178 -41.24 15.71 -49.09
CA ASP A 178 -42.53 15.48 -48.47
C ASP A 178 -42.41 14.32 -47.49
N GLY A 179 -43.13 14.43 -46.38
CA GLY A 179 -43.09 13.41 -45.35
C GLY A 179 -42.41 13.87 -44.08
N GLN A 180 -41.70 12.96 -43.43
CA GLN A 180 -40.99 13.31 -42.20
C GLN A 180 -39.89 14.32 -42.50
N LEU A 181 -39.69 15.25 -41.58
CA LEU A 181 -38.69 16.31 -41.74
C LEU A 181 -38.10 16.60 -40.36
N SER A 182 -36.94 16.02 -40.09
CA SER A 182 -36.26 16.28 -38.82
C SER A 182 -35.64 17.67 -38.84
N THR A 183 -36.17 18.56 -38.01
CA THR A 183 -35.74 19.95 -38.00
C THR A 183 -34.92 20.19 -36.73
N ALA A 184 -33.73 20.77 -36.89
CA ALA A 184 -32.87 20.98 -35.73
C ALA A 184 -31.97 22.17 -35.98
N HIS A 185 -31.23 22.56 -34.95
CA HIS A 185 -30.19 23.58 -35.05
C HIS A 185 -28.84 22.89 -35.05
N GLU A 186 -28.04 23.16 -36.08
CA GLU A 186 -26.76 22.50 -36.25
C GLU A 186 -25.69 23.52 -36.61
N VAL A 187 -24.45 23.16 -36.28
CA VAL A 187 -23.28 23.96 -36.65
C VAL A 187 -22.81 23.49 -38.01
N VAL A 188 -22.94 24.36 -39.00
CA VAL A 188 -22.58 24.08 -40.39
C VAL A 188 -21.41 24.96 -40.76
N PRO A 189 -20.27 24.41 -41.19
CA PRO A 189 -19.24 25.25 -41.81
C PRO A 189 -19.71 25.77 -43.16
N PHE A 190 -19.20 26.92 -43.54
CA PHE A 190 -19.57 27.54 -44.80
C PHE A 190 -18.39 28.33 -45.35
N ALA A 191 -18.43 28.55 -46.66
CA ALA A 191 -17.42 29.32 -47.35
C ALA A 191 -18.10 30.26 -48.32
N VAL A 192 -17.39 31.32 -48.68
CA VAL A 192 -17.84 32.27 -49.69
C VAL A 192 -16.69 32.48 -50.67
N PHE A 193 -16.99 32.28 -51.96
CA PHE A 193 -16.03 32.42 -53.04
C PHE A 193 -16.40 33.63 -53.89
N LYS A 194 -15.52 33.94 -54.84
CA LYS A 194 -15.77 35.07 -55.72
C LYS A 194 -16.93 34.78 -56.66
N ASN A 195 -17.80 35.78 -56.84
CA ASN A 195 -18.94 35.68 -57.74
C ASN A 195 -19.84 34.49 -57.41
N SER A 196 -20.11 34.30 -56.12
CA SER A 196 -20.95 33.20 -55.68
C SER A 196 -21.75 33.63 -54.47
N LYS A 197 -22.54 32.70 -53.95
CA LYS A 197 -23.31 32.88 -52.72
C LYS A 197 -22.66 32.05 -51.62
N LYS A 198 -23.30 32.03 -50.45
CA LYS A 198 -22.81 31.19 -49.37
C LYS A 198 -22.89 29.73 -49.76
N VAL A 199 -21.86 28.97 -49.43
CA VAL A 199 -21.76 27.56 -49.78
C VAL A 199 -21.55 26.80 -48.47
N TYR A 200 -22.59 26.12 -47.99
CA TYR A 200 -22.44 25.28 -46.82
C TYR A 200 -21.75 23.98 -47.21
N LEU A 201 -20.93 23.45 -46.31
CA LEU A 201 -20.16 22.26 -46.58
C LEU A 201 -20.44 21.20 -45.53
N ASP A 202 -20.36 19.93 -45.97
CA ASP A 202 -20.45 18.83 -45.03
C ASP A 202 -19.16 18.64 -44.25
N LYS A 203 -18.02 18.96 -44.86
CA LYS A 203 -16.72 18.79 -44.24
C LYS A 203 -15.86 20.01 -44.49
N LEU A 204 -14.92 20.26 -43.58
CA LEU A 204 -14.00 21.39 -43.67
C LEU A 204 -12.59 20.84 -43.79
N ASP A 205 -12.13 20.68 -45.02
CA ASP A 205 -10.76 20.25 -45.32
C ASP A 205 -10.03 21.44 -45.93
N LEU A 206 -9.24 22.12 -45.13
CA LEU A 206 -8.57 23.35 -45.54
C LEU A 206 -7.09 23.29 -45.20
N LYS A 207 -6.28 23.92 -46.06
CA LYS A 207 -4.84 23.93 -45.91
C LYS A 207 -4.33 25.34 -46.14
N THR A 208 -3.17 25.64 -45.56
CA THR A 208 -2.56 26.96 -45.71
C THR A 208 -1.18 26.84 -46.31
N GLU A 209 -0.88 27.70 -47.27
CA GLU A 209 0.43 27.77 -47.89
C GLU A 209 1.02 29.17 -47.68
N GLU A 210 2.30 29.22 -47.31
CA GLU A 210 2.91 30.49 -46.98
C GLU A 210 3.44 31.19 -48.23
N ASN A 211 3.74 32.46 -48.08
CA ASN A 211 4.25 33.28 -49.18
C ASN A 211 5.02 34.46 -48.58
N LEU A 212 5.45 35.36 -49.46
CA LEU A 212 6.24 36.52 -49.08
C LEU A 212 5.57 37.82 -49.51
N LEU A 213 4.24 37.80 -49.63
CA LEU A 213 3.50 39.00 -49.97
C LEU A 213 3.43 39.93 -48.75
N PRO A 214 3.16 41.22 -48.98
CA PRO A 214 3.21 42.17 -47.86
C PRO A 214 2.28 41.84 -46.71
N ASP A 215 1.17 41.16 -46.97
CA ASP A 215 0.22 40.85 -45.89
C ASP A 215 0.76 39.80 -44.92
N SER A 216 1.87 39.14 -45.24
CA SER A 216 2.42 38.10 -44.40
C SER A 216 3.45 38.62 -43.40
N PHE A 217 3.75 39.91 -43.41
CA PHE A 217 4.78 40.49 -42.56
C PHE A 217 4.16 41.45 -41.56
N VAL A 218 4.59 41.34 -40.31
CA VAL A 218 4.18 42.24 -39.23
C VAL A 218 5.34 43.19 -39.00
N CYS A 219 5.14 44.46 -39.36
CA CYS A 219 6.18 45.46 -39.23
C CYS A 219 5.85 46.42 -38.10
N PHE A 220 6.76 46.56 -37.14
CA PHE A 220 6.51 47.46 -36.02
C PHE A 220 7.67 48.42 -35.79
N GLU A 221 7.48 49.31 -34.82
CA GLU A 221 8.42 50.38 -34.50
C GLU A 221 8.23 50.69 -33.02
N HIS A 222 9.24 51.30 -32.40
CA HIS A 222 9.13 51.66 -31.01
C HIS A 222 8.68 53.11 -30.86
N LYS A 223 8.08 53.40 -29.71
CA LYS A 223 7.66 54.76 -29.38
C LYS A 223 8.78 55.44 -28.62
N GLY A 224 9.12 56.66 -29.05
CA GLY A 224 10.31 57.31 -28.57
C GLY A 224 11.57 56.88 -29.29
N GLN A 225 11.45 56.06 -30.32
CA GLN A 225 12.61 55.54 -31.03
C GLN A 225 13.35 56.65 -31.75
N TYR A 226 14.67 56.59 -31.69
CA TYR A 226 15.49 57.60 -32.32
C TYR A 226 15.33 57.57 -33.84
N LYS A 227 15.22 58.76 -34.44
CA LYS A 227 15.07 58.90 -35.89
C LYS A 227 13.90 58.11 -36.43
N GLY A 228 12.77 58.16 -35.72
CA GLY A 228 11.56 57.52 -36.17
C GLY A 228 10.35 58.39 -35.86
N THR A 229 9.19 57.93 -36.34
CA THR A 229 7.94 58.61 -36.01
C THR A 229 7.70 58.52 -34.51
N MET A 230 7.10 59.59 -33.97
CA MET A 230 6.93 59.76 -32.52
C MET A 230 8.29 59.71 -31.83
N ASP A 231 9.14 60.67 -32.21
CA ASP A 231 10.48 60.79 -31.66
C ASP A 231 10.48 61.80 -30.50
N SER A 232 9.83 61.41 -29.42
CA SER A 232 9.78 62.24 -28.22
C SER A 232 9.80 61.33 -27.00
N GLY A 233 10.27 61.89 -25.89
CA GLY A 233 10.42 61.13 -24.66
C GLY A 233 9.14 60.48 -24.20
N GLN A 234 9.22 59.21 -23.82
CA GLN A 234 8.06 58.43 -23.42
C GLN A 234 8.20 58.02 -21.96
N THR A 235 7.08 57.92 -21.27
CA THR A 235 7.05 57.42 -19.90
C THR A 235 6.75 55.93 -19.84
N LYS A 236 6.50 55.28 -20.97
CA LYS A 236 6.16 53.87 -21.02
C LYS A 236 6.72 53.26 -22.30
N ARG A 237 7.06 51.99 -22.23
CA ARG A 237 7.63 51.27 -23.36
C ARG A 237 6.49 50.60 -24.13
N GLU A 238 6.13 51.19 -25.27
CA GLU A 238 5.05 50.67 -26.10
C GLU A 238 5.50 50.66 -27.56
N LEU A 239 4.83 49.81 -28.35
CA LEU A 239 5.12 49.65 -29.76
C LEU A 239 4.14 50.46 -30.60
N LYS A 240 4.41 50.46 -31.90
CA LYS A 240 3.62 51.23 -32.86
C LYS A 240 3.65 50.50 -34.19
N SER A 241 2.56 50.59 -34.94
CA SER A 241 2.47 49.89 -36.21
C SER A 241 3.31 50.61 -37.27
N PHE A 242 3.75 49.83 -38.26
CA PHE A 242 4.55 50.35 -39.36
C PHE A 242 3.99 49.82 -40.67
N ASP A 243 4.07 50.66 -41.71
CA ASP A 243 3.57 50.30 -43.03
C ASP A 243 4.70 49.68 -43.84
N ILE A 244 4.54 48.42 -44.24
CA ILE A 244 5.58 47.72 -44.97
C ILE A 244 5.76 48.26 -46.38
N SER A 245 4.83 49.08 -46.86
CA SER A 245 4.95 49.61 -48.21
C SER A 245 6.12 50.59 -48.34
N GLN A 246 6.71 51.01 -47.24
CA GLN A 246 7.81 51.95 -47.29
C GLN A 246 9.16 51.25 -47.42
N CYS A 247 9.30 50.08 -46.79
CA CYS A 247 10.56 49.35 -46.87
C CYS A 247 10.80 48.89 -48.31
N PRO A 248 11.98 49.15 -48.87
CA PRO A 248 12.21 48.81 -50.28
C PRO A 248 12.22 47.31 -50.51
N LYS A 249 11.72 46.92 -51.68
CA LYS A 249 11.83 45.53 -52.11
C LYS A 249 13.25 45.27 -52.60
N ILE A 250 13.61 43.99 -52.64
CA ILE A 250 14.97 43.62 -52.98
C ILE A 250 15.28 44.07 -54.41
N GLY A 251 16.41 44.73 -54.57
CA GLY A 251 16.75 45.32 -55.86
C GLY A 251 15.78 46.40 -56.30
N GLY A 252 15.36 47.25 -55.37
CA GLY A 252 14.39 48.29 -55.68
C GLY A 252 14.58 49.50 -54.79
N HIS A 253 13.67 50.45 -54.92
CA HIS A 253 13.73 51.70 -54.19
C HIS A 253 12.72 51.70 -53.05
N GLY A 254 12.98 52.55 -52.05
CA GLY A 254 12.12 52.68 -50.90
C GLY A 254 12.36 54.02 -50.22
N SER A 255 11.56 54.27 -49.18
CA SER A 255 11.62 55.53 -48.47
C SER A 255 12.19 55.42 -47.06
N LYS A 256 12.20 54.24 -46.46
CA LYS A 256 12.66 54.06 -45.10
C LYS A 256 13.61 52.88 -45.02
N LYS A 257 14.61 52.99 -44.15
CA LYS A 257 15.47 51.86 -43.85
C LYS A 257 14.69 50.84 -43.02
N CYS A 258 14.89 49.57 -43.32
CA CYS A 258 14.00 48.54 -42.79
C CYS A 258 14.78 47.25 -42.59
N THR A 259 14.68 46.67 -41.40
CA THR A 259 15.36 45.42 -41.08
C THR A 259 14.33 44.41 -40.57
N GLY A 260 14.71 43.13 -40.63
CA GLY A 260 13.78 42.11 -40.23
C GLY A 260 14.47 40.78 -39.97
N ASP A 261 13.68 39.72 -40.01
CA ASP A 261 14.15 38.37 -39.74
C ASP A 261 14.60 37.72 -41.06
N ALA A 262 14.81 36.39 -41.04
CA ALA A 262 15.34 35.70 -42.20
C ALA A 262 14.40 35.80 -43.40
N ALA A 263 13.10 35.60 -43.16
CA ALA A 263 12.14 35.64 -44.27
C ALA A 263 12.06 37.03 -44.88
N PHE A 264 12.03 38.07 -44.06
CA PHE A 264 12.00 39.42 -44.57
C PHE A 264 13.25 39.75 -45.37
N CYS A 265 14.42 39.35 -44.86
CA CYS A 265 15.66 39.61 -45.58
C CYS A 265 15.72 38.83 -46.90
N SER A 266 15.09 37.66 -46.94
CA SER A 266 15.02 36.93 -48.21
C SER A 266 14.09 37.62 -49.19
N ALA A 267 12.98 38.17 -48.70
CA ALA A 267 12.01 38.80 -49.58
C ALA A 267 12.36 40.26 -49.85
N TYR A 268 12.62 41.03 -48.81
CA TYR A 268 12.90 42.45 -48.93
C TYR A 268 14.40 42.71 -48.80
N GLU A 269 14.78 43.98 -48.94
CA GLU A 269 16.16 44.40 -48.83
C GLU A 269 16.42 44.89 -47.41
N CYS A 270 17.18 44.12 -46.65
CA CYS A 270 17.53 44.50 -45.28
C CYS A 270 18.71 45.45 -45.30
N THR A 271 18.61 46.53 -44.52
CA THR A 271 19.60 47.59 -44.57
C THR A 271 20.84 47.23 -43.77
N ALA A 272 21.93 47.94 -44.07
CA ALA A 272 23.17 47.85 -43.31
C ALA A 272 23.39 49.06 -42.41
N GLN A 273 22.48 50.02 -42.43
CA GLN A 273 22.56 51.20 -41.59
C GLN A 273 21.60 51.06 -40.41
N TYR A 274 21.43 52.13 -39.66
CA TYR A 274 20.46 52.14 -38.57
C TYR A 274 19.06 52.06 -39.15
N ALA A 275 18.28 51.08 -38.67
CA ALA A 275 16.98 50.78 -39.24
C ALA A 275 15.87 51.62 -38.60
N ASN A 276 14.77 51.77 -39.32
CA ASN A 276 13.63 52.53 -38.84
C ASN A 276 12.49 51.67 -38.32
N ALA A 277 12.42 50.40 -38.72
CA ALA A 277 11.36 49.52 -38.25
C ALA A 277 11.83 48.09 -38.34
N TYR A 278 11.20 47.22 -37.55
CA TYR A 278 11.53 45.80 -37.54
C TYR A 278 10.36 45.01 -38.11
N CYS A 279 10.63 44.19 -39.12
CA CYS A 279 9.60 43.48 -39.86
C CYS A 279 9.77 41.97 -39.66
N SER A 280 8.89 41.37 -38.87
CA SER A 280 8.91 39.93 -38.65
C SER A 280 7.91 39.26 -39.58
N HIS A 281 7.94 37.92 -39.61
CA HIS A 281 7.04 37.13 -40.44
C HIS A 281 5.93 36.61 -39.54
N ALA A 282 4.70 36.64 -40.02
CA ALA A 282 3.54 36.33 -39.18
C ALA A 282 3.50 34.86 -38.80
N ASN A 283 2.86 34.56 -37.66
CA ASN A 283 2.65 33.17 -37.25
C ASN A 283 2.20 32.31 -38.42
N GLY A 284 0.98 32.55 -38.89
CA GLY A 284 0.33 31.66 -39.82
C GLY A 284 -0.23 32.29 -41.07
N SER A 285 0.19 33.50 -41.41
CA SER A 285 -0.37 34.15 -42.58
C SER A 285 -0.06 33.33 -43.84
N GLY A 286 -0.78 33.61 -44.90
CA GLY A 286 -0.60 32.88 -46.14
C GLY A 286 -1.89 32.87 -46.93
N ILE A 287 -2.08 31.78 -47.68
CA ILE A 287 -3.27 31.57 -48.48
C ILE A 287 -3.93 30.29 -48.01
N VAL A 288 -5.21 30.38 -47.66
CA VAL A 288 -5.97 29.23 -47.19
C VAL A 288 -6.84 28.73 -48.34
N GLN A 289 -6.77 27.43 -48.59
CA GLN A 289 -7.54 26.79 -49.66
C GLN A 289 -8.45 25.73 -49.04
N ILE A 290 -9.68 25.70 -49.52
CA ILE A 290 -10.71 24.81 -49.01
C ILE A 290 -11.00 23.75 -50.08
N GLN A 291 -11.19 22.52 -49.61
CA GLN A 291 -11.45 21.38 -50.49
C GLN A 291 -12.96 21.27 -50.69
N VAL A 292 -13.43 21.56 -51.90
CA VAL A 292 -14.83 21.42 -52.26
C VAL A 292 -14.91 20.46 -53.44
N SER A 293 -15.80 19.47 -53.32
CA SER A 293 -16.02 18.47 -54.37
C SER A 293 -14.72 17.76 -54.76
N GLY A 294 -13.80 17.63 -53.81
CA GLY A 294 -12.55 16.97 -54.05
C GLY A 294 -11.47 17.81 -54.69
N VAL A 295 -11.75 19.06 -55.03
CA VAL A 295 -10.78 19.95 -55.66
C VAL A 295 -10.58 21.15 -54.74
N TRP A 296 -9.34 21.61 -54.64
CA TRP A 296 -9.03 22.77 -53.80
C TRP A 296 -9.45 24.06 -54.50
N LYS A 297 -9.90 25.03 -53.73
CA LYS A 297 -10.30 26.33 -54.23
C LYS A 297 -9.88 27.38 -53.22
N LYS A 298 -9.87 28.64 -53.67
CA LYS A 298 -9.46 29.76 -52.82
C LYS A 298 -10.69 30.56 -52.42
N PRO A 299 -11.15 30.46 -51.18
CA PRO A 299 -12.37 31.14 -50.78
C PRO A 299 -12.13 32.60 -50.40
N LEU A 300 -13.18 33.40 -50.54
CA LEU A 300 -13.14 34.76 -50.02
C LEU A 300 -13.22 34.76 -48.50
N CYS A 301 -14.14 33.98 -47.94
CA CYS A 301 -14.28 33.89 -46.49
C CYS A 301 -14.59 32.46 -46.09
N VAL A 302 -14.19 32.09 -44.88
CA VAL A 302 -14.45 30.76 -44.33
C VAL A 302 -14.91 30.92 -42.89
N GLY A 303 -16.02 30.28 -42.54
CA GLY A 303 -16.49 30.37 -41.18
C GLY A 303 -17.42 29.22 -40.86
N TYR A 304 -18.08 29.34 -39.71
CA TYR A 304 -19.13 28.38 -39.38
C TYR A 304 -20.29 29.10 -38.70
N GLU A 305 -21.46 28.46 -38.75
CA GLU A 305 -22.70 29.09 -38.32
C GLU A 305 -23.54 28.07 -37.57
N ARG A 306 -24.51 28.55 -36.82
CA ARG A 306 -25.50 27.70 -36.15
C ARG A 306 -26.85 28.02 -36.78
N VAL A 307 -27.29 27.16 -37.69
CA VAL A 307 -28.50 27.42 -38.46
C VAL A 307 -29.45 26.24 -38.33
N VAL A 308 -30.70 26.47 -38.69
CA VAL A 308 -31.74 25.46 -38.66
C VAL A 308 -31.68 24.64 -39.95
N VAL A 309 -31.45 23.35 -39.81
CA VAL A 309 -31.39 22.42 -40.94
C VAL A 309 -32.57 21.47 -40.84
N LYS A 310 -33.18 21.19 -41.99
CA LYS A 310 -34.23 20.19 -42.11
C LYS A 310 -33.68 19.00 -42.88
N ARG A 311 -33.67 17.84 -42.23
CA ARG A 311 -33.18 16.60 -42.80
C ARG A 311 -34.35 15.68 -43.09
N GLU A 312 -34.10 14.65 -43.88
CA GLU A 312 -35.03 13.55 -44.08
C GLU A 312 -34.42 12.31 -43.46
N LEU A 313 -35.03 11.81 -42.39
CA LEU A 313 -34.48 10.65 -41.70
C LEU A 313 -34.44 9.44 -42.62
N SER A 314 -35.56 9.15 -43.29
CA SER A 314 -35.64 8.04 -44.22
C SER A 314 -36.96 8.12 -44.96
N ALA A 315 -36.98 7.58 -46.17
CA ALA A 315 -38.23 7.36 -46.89
C ALA A 315 -38.85 6.02 -46.52
N LYS A 316 -38.02 4.98 -46.43
CA LYS A 316 -38.43 3.64 -46.00
C LYS A 316 -37.22 2.94 -45.39
N PRO A 317 -37.29 2.53 -44.13
CA PRO A 317 -36.15 1.84 -43.51
C PRO A 317 -35.77 0.56 -44.24
N ILE A 318 -36.71 -0.36 -44.37
CA ILE A 318 -36.49 -1.62 -45.07
C ILE A 318 -37.85 -2.22 -45.39
N GLN A 319 -37.92 -2.93 -46.52
CA GLN A 319 -39.14 -3.59 -46.96
C GLN A 319 -38.88 -5.09 -47.02
N ARG A 320 -39.65 -5.85 -46.24
CA ARG A 320 -39.50 -7.31 -46.14
C ARG A 320 -40.84 -7.97 -46.43
N VAL A 321 -41.13 -8.21 -47.70
CA VAL A 321 -42.32 -8.94 -48.12
C VAL A 321 -41.88 -9.98 -49.14
N GLU A 322 -42.16 -11.25 -48.84
CA GLU A 322 -41.69 -12.36 -49.68
C GLU A 322 -42.72 -13.49 -49.66
N PRO A 323 -43.78 -13.36 -50.47
CA PRO A 323 -44.75 -14.46 -50.62
C PRO A 323 -44.36 -15.43 -51.74
N CYS A 324 -43.12 -15.89 -51.73
CA CYS A 324 -42.61 -16.73 -52.79
C CYS A 324 -43.14 -18.16 -52.67
N THR A 325 -43.54 -18.72 -53.81
CA THR A 325 -44.06 -20.09 -53.86
C THR A 325 -43.48 -20.82 -55.07
N THR A 326 -42.22 -20.55 -55.39
CA THR A 326 -41.56 -21.16 -56.55
C THR A 326 -40.90 -22.48 -56.19
N CYS A 327 -41.73 -23.41 -55.72
CA CYS A 327 -41.27 -24.75 -55.37
C CYS A 327 -42.46 -25.70 -55.40
N ILE A 328 -42.17 -26.98 -55.62
CA ILE A 328 -43.18 -28.02 -55.66
C ILE A 328 -42.86 -29.07 -54.60
N THR A 329 -43.80 -29.31 -53.70
CA THR A 329 -43.63 -30.25 -52.61
C THR A 329 -44.59 -31.41 -52.81
N LYS A 330 -44.07 -32.63 -52.89
CA LYS A 330 -44.90 -33.81 -53.06
C LYS A 330 -44.38 -34.93 -52.19
N CYS A 331 -45.28 -35.61 -51.49
CA CYS A 331 -44.93 -36.71 -50.63
C CYS A 331 -44.84 -37.99 -51.45
N GLU A 332 -43.71 -38.69 -51.31
CA GLU A 332 -43.35 -39.87 -52.07
C GLU A 332 -43.08 -41.03 -51.12
N PRO A 333 -43.40 -42.27 -51.52
CA PRO A 333 -43.12 -43.40 -50.62
C PRO A 333 -41.67 -43.51 -50.19
N HIS A 334 -40.73 -43.17 -51.07
CA HIS A 334 -39.32 -43.17 -50.68
C HIS A 334 -39.04 -42.11 -49.62
N GLY A 335 -39.65 -40.93 -49.76
CA GLY A 335 -39.47 -39.88 -48.77
C GLY A 335 -40.22 -38.65 -49.20
N LEU A 336 -40.30 -37.68 -48.28
CA LEU A 336 -40.93 -36.40 -48.54
C LEU A 336 -39.98 -35.55 -49.38
N VAL A 337 -40.35 -35.29 -50.63
CA VAL A 337 -39.47 -34.63 -51.59
C VAL A 337 -40.06 -33.28 -51.97
N VAL A 338 -39.24 -32.24 -51.86
CA VAL A 338 -39.61 -30.91 -52.32
C VAL A 338 -38.53 -30.41 -53.27
N ARG A 339 -38.93 -30.03 -54.48
CA ARG A 339 -38.03 -29.48 -55.49
C ARG A 339 -38.21 -27.97 -55.50
N SER A 340 -37.16 -27.24 -55.16
CA SER A 340 -37.19 -25.79 -55.12
C SER A 340 -36.67 -25.25 -56.44
N THR A 341 -37.55 -24.63 -57.22
CA THR A 341 -37.15 -24.06 -58.50
C THR A 341 -36.26 -22.84 -58.26
N GLY A 342 -35.05 -22.88 -58.82
CA GLY A 342 -34.13 -21.77 -58.63
C GLY A 342 -33.25 -21.92 -57.40
N PHE A 343 -33.68 -21.30 -56.31
CA PHE A 343 -32.89 -21.29 -55.08
C PHE A 343 -32.63 -22.70 -54.58
N LYS A 344 -31.40 -22.93 -54.11
CA LYS A 344 -31.00 -24.23 -53.60
C LYS A 344 -31.35 -24.36 -52.12
N ILE A 345 -31.52 -25.61 -51.68
CA ILE A 345 -31.86 -25.92 -50.30
C ILE A 345 -30.73 -26.78 -49.73
N SER A 346 -30.17 -26.34 -48.60
CA SER A 346 -29.11 -27.07 -47.92
C SER A 346 -29.64 -27.89 -46.75
N SER A 347 -30.33 -27.25 -45.82
CA SER A 347 -30.91 -27.93 -44.67
C SER A 347 -32.36 -27.52 -44.53
N ALA A 348 -33.18 -28.44 -44.01
CA ALA A 348 -34.60 -28.21 -43.90
C ALA A 348 -35.16 -28.99 -42.72
N VAL A 349 -36.37 -28.62 -42.32
CA VAL A 349 -37.08 -29.29 -41.24
C VAL A 349 -38.56 -29.34 -41.58
N ALA A 350 -39.24 -30.39 -41.14
CA ALA A 350 -40.65 -30.60 -41.39
C ALA A 350 -41.35 -30.95 -40.09
N CYS A 351 -42.41 -30.21 -39.78
CA CYS A 351 -43.16 -30.35 -38.54
C CYS A 351 -44.57 -30.83 -38.86
N ALA A 352 -45.07 -31.77 -38.05
CA ALA A 352 -46.43 -32.26 -38.22
C ALA A 352 -46.97 -32.65 -36.85
N SER A 353 -47.77 -31.78 -36.26
CA SER A 353 -48.39 -32.00 -34.95
C SER A 353 -47.32 -32.26 -33.88
N GLY A 354 -46.47 -31.24 -33.68
CA GLY A 354 -45.47 -31.30 -32.65
C GLY A 354 -44.16 -31.95 -33.08
N VAL A 355 -44.24 -33.17 -33.60
CA VAL A 355 -43.03 -33.90 -33.96
C VAL A 355 -42.46 -33.32 -35.25
N CYS A 356 -41.14 -33.11 -35.27
CA CYS A 356 -40.45 -32.57 -36.42
C CYS A 356 -39.29 -33.48 -36.80
N VAL A 357 -38.89 -33.38 -38.06
CA VAL A 357 -37.78 -34.16 -38.60
C VAL A 357 -36.91 -33.24 -39.44
N THR A 358 -35.60 -33.35 -39.27
CA THR A 358 -34.65 -32.47 -39.96
C THR A 358 -33.95 -33.23 -41.07
N GLY A 359 -33.26 -32.48 -41.91
CA GLY A 359 -32.48 -33.06 -42.99
C GLY A 359 -31.42 -32.09 -43.45
N SER A 360 -30.24 -32.62 -43.76
CA SER A 360 -29.10 -31.83 -44.18
C SER A 360 -28.54 -32.41 -45.47
N GLN A 361 -28.15 -31.51 -46.39
CA GLN A 361 -27.62 -31.93 -47.68
C GLN A 361 -26.88 -30.74 -48.30
N SER A 362 -26.15 -31.03 -49.36
CA SER A 362 -25.49 -29.97 -50.11
C SER A 362 -26.54 -29.11 -50.82
N PRO A 363 -26.22 -27.84 -51.08
CA PRO A 363 -27.19 -26.95 -51.74
C PRO A 363 -27.64 -27.53 -53.08
N SER A 364 -28.95 -27.77 -53.18
CA SER A 364 -29.52 -28.37 -54.38
C SER A 364 -30.95 -27.89 -54.55
N THR A 365 -31.45 -28.04 -55.77
CA THR A 365 -32.81 -27.59 -56.09
C THR A 365 -33.89 -28.46 -55.47
N GLU A 366 -33.53 -29.61 -54.90
CA GLU A 366 -34.51 -30.49 -54.27
C GLU A 366 -33.91 -31.09 -53.01
N ILE A 367 -34.79 -31.51 -52.11
CA ILE A 367 -34.37 -32.17 -50.88
C ILE A 367 -35.46 -33.14 -50.45
N THR A 368 -35.01 -34.28 -49.90
CA THR A 368 -35.89 -35.32 -49.39
C THR A 368 -35.66 -35.53 -47.90
N LEU A 369 -36.73 -35.76 -47.17
CA LEU A 369 -36.70 -35.90 -45.72
C LEU A 369 -37.57 -37.07 -45.29
N LYS A 370 -37.25 -37.64 -44.14
CA LYS A 370 -38.09 -38.67 -43.56
C LYS A 370 -39.41 -38.07 -43.09
N TYR A 371 -40.46 -38.88 -43.11
CA TYR A 371 -41.77 -38.39 -42.73
C TYR A 371 -41.84 -38.19 -41.22
N PRO A 372 -42.49 -37.12 -40.75
CA PRO A 372 -42.58 -36.86 -39.30
C PRO A 372 -43.68 -37.67 -38.65
N GLY A 373 -43.30 -38.58 -37.77
CA GLY A 373 -44.27 -39.35 -37.01
C GLY A 373 -45.17 -40.18 -37.91
N ILE A 374 -46.46 -40.16 -37.62
CA ILE A 374 -47.44 -40.91 -38.37
C ILE A 374 -48.15 -40.05 -39.41
N SER A 375 -47.57 -38.89 -39.75
CA SER A 375 -48.17 -38.04 -40.78
C SER A 375 -48.19 -38.74 -42.13
N GLN A 376 -47.22 -39.62 -42.39
CA GLN A 376 -47.24 -40.40 -43.62
C GLN A 376 -48.46 -41.30 -43.67
N SER A 377 -48.79 -41.95 -42.56
CA SER A 377 -49.97 -42.82 -42.52
C SER A 377 -51.25 -42.01 -42.46
N SER A 378 -51.25 -40.91 -41.71
CA SER A 378 -52.46 -40.12 -41.50
C SER A 378 -52.62 -38.99 -42.51
N GLY A 379 -51.64 -38.76 -43.38
CA GLY A 379 -51.75 -37.65 -44.32
C GLY A 379 -51.71 -36.32 -43.60
N GLY A 380 -52.65 -35.45 -43.95
CA GLY A 380 -52.77 -34.16 -43.30
C GLY A 380 -51.89 -33.10 -43.90
N ASP A 381 -51.70 -32.03 -43.13
CA ASP A 381 -50.89 -30.89 -43.52
C ASP A 381 -49.59 -30.90 -42.72
N ILE A 382 -48.48 -30.69 -43.41
CA ILE A 382 -47.15 -30.70 -42.80
C ILE A 382 -46.46 -29.39 -43.15
N GLY A 383 -45.90 -28.73 -42.14
CA GLY A 383 -45.18 -27.49 -42.37
C GLY A 383 -43.72 -27.76 -42.65
N VAL A 384 -43.14 -26.97 -43.55
CA VAL A 384 -41.75 -27.10 -43.95
C VAL A 384 -41.06 -25.75 -43.76
N HIS A 385 -39.93 -25.78 -43.06
CA HIS A 385 -39.07 -24.62 -42.89
C HIS A 385 -37.68 -24.97 -43.43
N MET A 386 -37.24 -24.25 -44.45
CA MET A 386 -35.97 -24.55 -45.11
C MET A 386 -35.15 -23.28 -45.25
N ALA A 387 -33.84 -23.46 -45.39
CA ALA A 387 -32.90 -22.36 -45.55
C ALA A 387 -32.49 -22.27 -47.01
N HIS A 388 -32.87 -21.18 -47.67
CA HIS A 388 -32.52 -20.96 -49.06
C HIS A 388 -31.19 -20.22 -49.17
N ASP A 389 -30.55 -20.35 -50.32
CA ASP A 389 -29.33 -19.60 -50.58
C ASP A 389 -29.62 -18.14 -50.90
N ASP A 390 -30.74 -17.86 -51.55
CA ASP A 390 -31.10 -16.51 -51.95
C ASP A 390 -31.94 -15.85 -50.86
N GLN A 391 -32.53 -14.70 -51.18
CA GLN A 391 -33.38 -13.96 -50.26
C GLN A 391 -34.71 -13.66 -50.94
N SER A 392 -35.61 -12.99 -50.20
CA SER A 392 -36.94 -12.65 -50.69
C SER A 392 -37.73 -13.90 -51.05
N VAL A 393 -37.53 -14.99 -50.32
CA VAL A 393 -38.26 -16.24 -50.52
C VAL A 393 -38.80 -16.67 -49.16
N SER A 394 -40.11 -16.96 -49.11
CA SER A 394 -40.72 -17.41 -47.87
C SER A 394 -40.12 -18.73 -47.42
N SER A 395 -39.75 -18.81 -46.15
CA SER A 395 -39.13 -20.00 -45.58
C SER A 395 -40.13 -20.94 -44.91
N LYS A 396 -41.41 -20.56 -44.86
CA LYS A 396 -42.44 -21.36 -44.20
C LYS A 396 -43.48 -21.74 -45.25
N ILE A 397 -43.59 -23.03 -45.56
CA ILE A 397 -44.59 -23.51 -46.51
C ILE A 397 -45.36 -24.65 -45.87
N VAL A 398 -46.48 -25.01 -46.51
CA VAL A 398 -47.35 -26.07 -46.02
C VAL A 398 -47.65 -27.02 -47.17
N ALA A 399 -47.60 -28.32 -46.88
CA ALA A 399 -47.89 -29.36 -47.87
C ALA A 399 -49.05 -30.21 -47.38
N HIS A 400 -50.06 -30.37 -48.22
CA HIS A 400 -51.23 -31.19 -47.91
C HIS A 400 -51.09 -32.52 -48.65
N CYS A 401 -51.19 -33.62 -47.91
CA CYS A 401 -51.08 -34.94 -48.51
C CYS A 401 -52.17 -35.85 -47.99
N PRO A 402 -52.66 -36.76 -48.83
CA PRO A 402 -53.60 -37.78 -48.36
C PRO A 402 -52.85 -38.90 -47.66
N PRO A 403 -53.55 -39.80 -46.96
CA PRO A 403 -52.88 -40.94 -46.34
C PRO A 403 -52.15 -41.78 -47.36
N GLN A 404 -50.98 -42.28 -46.97
CA GLN A 404 -50.11 -43.07 -47.84
C GLN A 404 -50.12 -44.53 -47.42
N ASP A 405 -49.58 -45.37 -48.29
CA ASP A 405 -49.49 -46.81 -48.04
C ASP A 405 -48.05 -47.19 -47.74
N PRO A 406 -47.74 -47.65 -46.52
CA PRO A 406 -46.35 -48.04 -46.21
C PRO A 406 -45.90 -49.30 -46.90
N CYS A 407 -46.81 -50.08 -47.49
CA CYS A 407 -46.42 -51.33 -48.13
C CYS A 407 -45.47 -51.09 -49.29
N LEU A 408 -45.73 -50.05 -50.09
CA LEU A 408 -44.78 -49.68 -51.14
C LEU A 408 -43.47 -49.17 -50.56
N VAL A 409 -43.53 -48.53 -49.39
CA VAL A 409 -42.32 -47.99 -48.77
C VAL A 409 -41.38 -49.12 -48.34
N HIS A 410 -41.92 -50.11 -47.63
CA HIS A 410 -41.11 -51.21 -47.12
C HIS A 410 -41.11 -52.43 -48.02
N GLY A 411 -41.74 -52.36 -49.18
CA GLY A 411 -41.78 -53.49 -50.10
C GLY A 411 -40.41 -53.92 -50.58
N CYS A 412 -40.13 -55.22 -50.47
CA CYS A 412 -38.84 -55.76 -50.90
C CYS A 412 -38.98 -57.22 -51.32
N ALA B 3 -24.22 68.79 -42.97
CA ALA B 3 -25.47 69.43 -43.38
C ALA B 3 -25.67 69.28 -44.89
N LEU B 4 -26.87 69.62 -45.34
CA LEU B 4 -27.20 69.53 -46.76
C LEU B 4 -26.76 70.79 -47.49
N THR B 5 -26.63 70.68 -48.81
CA THR B 5 -26.24 71.78 -49.66
C THR B 5 -27.44 72.22 -50.48
N GLN B 6 -27.80 73.50 -50.37
CA GLN B 6 -28.94 74.07 -51.07
C GLN B 6 -28.52 75.38 -51.75
N PRO B 7 -29.15 75.72 -52.87
CA PRO B 7 -28.86 76.98 -53.58
C PRO B 7 -29.64 78.16 -53.00
N THR B 19 -36.86 74.54 -59.74
CA THR B 19 -36.64 73.30 -59.02
C THR B 19 -35.46 73.42 -58.06
N ILE B 20 -35.74 73.33 -56.76
CA ILE B 20 -34.72 73.44 -55.73
C ILE B 20 -34.04 72.08 -55.57
N SER B 21 -32.71 72.10 -55.54
CA SER B 21 -31.92 70.88 -55.45
C SER B 21 -31.29 70.77 -54.06
N CYS B 22 -31.51 69.62 -53.41
CA CYS B 22 -30.95 69.33 -52.10
C CYS B 22 -29.92 68.23 -52.30
N THR B 23 -28.64 68.58 -52.17
CA THR B 23 -27.54 67.68 -52.47
C THR B 23 -26.87 67.23 -51.18
N GLY B 24 -26.66 65.92 -51.04
CA GLY B 24 -26.03 65.37 -49.85
C GLY B 24 -24.98 64.31 -50.12
N THR B 25 -24.51 63.67 -49.06
CA THR B 25 -23.47 62.65 -49.16
C THR B 25 -24.13 61.28 -49.42
N SER B 26 -23.35 60.21 -49.26
CA SER B 26 -23.92 58.88 -49.38
C SER B 26 -24.72 58.49 -48.15
N SER B 27 -24.40 59.06 -46.99
CA SER B 27 -25.10 58.70 -45.76
C SER B 27 -26.57 59.12 -45.83
N ASP B 28 -26.85 60.31 -46.35
CA ASP B 28 -28.20 60.83 -46.44
C ASP B 28 -28.62 60.94 -47.90
N ILE B 29 -29.92 60.81 -48.15
CA ILE B 29 -30.51 60.85 -49.49
C ILE B 29 -29.97 59.73 -50.37
N GLY B 30 -28.64 59.58 -50.43
CA GLY B 30 -28.07 58.52 -51.25
C GLY B 30 -28.44 57.14 -50.76
N ALA B 31 -28.55 56.97 -49.44
CA ALA B 31 -28.90 55.66 -48.87
C ALA B 31 -30.40 55.53 -48.65
N TYR B 32 -30.98 56.43 -47.87
CA TYR B 32 -32.38 56.35 -47.50
C TYR B 32 -33.24 57.25 -48.38
N ASN B 33 -34.49 56.82 -48.60
CA ASN B 33 -35.47 57.59 -49.35
C ASN B 33 -36.37 58.40 -48.42
N PHE B 34 -35.88 58.78 -47.25
CA PHE B 34 -36.66 59.57 -46.29
C PHE B 34 -36.15 61.01 -46.32
N VAL B 35 -36.70 61.78 -47.26
CA VAL B 35 -36.38 63.20 -47.39
C VAL B 35 -37.68 63.98 -47.45
N SER B 36 -37.75 65.08 -46.71
CA SER B 36 -38.96 65.88 -46.63
C SER B 36 -38.64 67.37 -46.84
N TRP B 37 -39.67 68.13 -47.17
CA TRP B 37 -39.54 69.54 -47.49
C TRP B 37 -40.47 70.35 -46.58
N TYR B 38 -40.05 71.58 -46.28
CA TYR B 38 -40.80 72.47 -45.41
C TYR B 38 -40.79 73.89 -45.98
N GLN B 39 -41.94 74.55 -45.91
CA GLN B 39 -42.10 75.90 -46.41
C GLN B 39 -42.32 76.86 -45.24
N GLN B 40 -41.51 77.91 -45.19
CA GLN B 40 -41.62 78.89 -44.11
C GLN B 40 -41.85 80.29 -44.65
N ALA B 45 -42.41 78.51 -37.81
CA ALA B 45 -43.33 77.38 -37.95
C ALA B 45 -43.50 77.01 -39.42
N PRO B 46 -42.54 76.28 -39.97
CA PRO B 46 -42.63 75.89 -41.37
C PRO B 46 -43.71 74.83 -41.58
N LYS B 47 -44.16 74.74 -42.83
CA LYS B 47 -45.23 73.82 -43.21
C LYS B 47 -44.66 72.72 -44.10
N LEU B 48 -44.92 71.47 -43.73
CA LEU B 48 -44.44 70.33 -44.51
C LEU B 48 -45.27 70.20 -45.79
N LEU B 49 -44.58 70.05 -46.92
CA LEU B 49 -45.24 69.89 -48.21
C LEU B 49 -45.06 68.50 -48.80
N ILE B 50 -43.83 68.02 -48.91
CA ILE B 50 -43.54 66.75 -49.56
C ILE B 50 -42.83 65.85 -48.54
N TYR B 51 -43.34 64.63 -48.39
CA TYR B 51 -42.69 63.62 -47.56
C TYR B 51 -42.56 62.33 -48.36
N ASP B 52 -41.60 61.51 -47.96
CA ASP B 52 -41.29 60.25 -48.66
C ASP B 52 -40.99 60.50 -50.13
N VAL B 53 -40.16 61.51 -50.39
CA VAL B 53 -39.67 61.86 -51.72
C VAL B 53 -40.78 62.41 -52.60
N THR B 54 -41.88 61.66 -52.75
CA THR B 54 -42.95 62.03 -53.66
C THR B 54 -44.27 62.34 -52.98
N ASN B 55 -44.59 61.67 -51.87
CA ASN B 55 -45.93 61.76 -51.30
C ASN B 55 -46.24 63.17 -50.81
N ARG B 56 -47.51 63.57 -50.98
CA ARG B 56 -48.00 64.87 -50.53
C ARG B 56 -49.26 64.64 -49.72
N PRO B 57 -49.40 65.28 -48.55
CA PRO B 57 -50.59 65.15 -47.70
C PRO B 57 -51.87 65.59 -48.41
N SER B 65 -44.25 68.86 -56.14
CA SER B 65 -43.77 67.54 -56.54
C SER B 65 -42.26 67.43 -56.37
N GLY B 66 -41.81 66.25 -55.94
CA GLY B 66 -40.39 66.02 -55.71
C GLY B 66 -39.94 64.71 -56.31
N SER B 67 -38.62 64.54 -56.34
CA SER B 67 -38.01 63.34 -56.89
C SER B 67 -36.59 63.23 -56.35
N LYS B 68 -35.94 62.11 -56.67
CA LYS B 68 -34.59 61.82 -56.22
C LYS B 68 -33.75 61.30 -57.37
N SER B 69 -32.44 61.52 -57.29
CA SER B 69 -31.51 60.99 -58.29
C SER B 69 -30.12 61.01 -57.68
N GLY B 70 -29.51 59.83 -57.57
CA GLY B 70 -28.19 59.75 -56.97
C GLY B 70 -28.21 60.22 -55.54
N ASN B 71 -27.38 61.20 -55.22
CA ASN B 71 -27.33 61.80 -53.90
C ASN B 71 -28.05 63.14 -53.84
N THR B 72 -28.84 63.48 -54.86
CA THR B 72 -29.49 64.78 -54.93
C THR B 72 -30.99 64.61 -55.11
N ALA B 73 -31.76 65.23 -54.22
CA ALA B 73 -33.19 65.32 -54.37
C ALA B 73 -33.57 66.65 -55.04
N SER B 74 -34.74 66.66 -55.65
CA SER B 74 -35.21 67.86 -56.35
C SER B 74 -36.67 68.09 -56.01
N LEU B 75 -37.04 69.37 -55.95
CA LEU B 75 -38.41 69.77 -55.69
C LEU B 75 -38.83 70.73 -56.79
N THR B 76 -39.98 70.47 -57.41
CA THR B 76 -40.45 71.30 -58.51
C THR B 76 -41.58 72.22 -58.05
N ASN B 87 -39.35 80.45 -48.71
CA ASN B 87 -38.30 79.66 -48.07
C ASN B 87 -38.65 78.18 -48.11
N TYR B 88 -37.76 77.37 -48.66
CA TYR B 88 -37.98 75.93 -48.79
C TYR B 88 -36.76 75.20 -48.26
N TYR B 89 -36.96 74.39 -47.22
CA TYR B 89 -35.89 73.63 -46.58
C TYR B 89 -36.10 72.15 -46.81
N CYS B 90 -35.00 71.40 -46.82
CA CYS B 90 -35.02 69.95 -46.99
C CYS B 90 -34.37 69.29 -45.79
N ASN B 91 -34.97 68.20 -45.31
CA ASN B 91 -34.36 67.40 -44.25
C ASN B 91 -34.32 65.95 -44.68
N SER B 92 -33.36 65.22 -44.09
CA SER B 92 -33.13 63.83 -44.46
C SER B 92 -32.62 63.07 -43.24
N TYR B 93 -32.57 61.74 -43.40
CA TYR B 93 -32.20 60.82 -42.35
C TYR B 93 -30.82 60.25 -42.65
N THR B 94 -29.91 60.35 -41.70
CA THR B 94 -28.55 59.88 -41.89
C THR B 94 -28.40 58.43 -41.42
N SER B 95 -27.27 57.82 -41.79
CA SER B 95 -26.99 56.46 -41.36
C SER B 95 -26.75 56.36 -39.86
N SER B 96 -26.39 57.47 -39.21
CA SER B 96 -26.16 57.49 -37.78
C SER B 96 -27.44 57.75 -36.98
N SER B 97 -28.61 57.52 -37.61
CA SER B 97 -29.91 57.71 -36.97
C SER B 97 -30.12 59.15 -36.52
N HIS B 98 -29.50 60.10 -37.22
CA HIS B 98 -29.66 61.51 -36.94
C HIS B 98 -30.49 62.17 -38.04
N VAL B 99 -30.90 63.41 -37.79
CA VAL B 99 -31.71 64.18 -38.72
C VAL B 99 -30.86 65.36 -39.19
N VAL B 100 -30.74 65.52 -40.51
CA VAL B 100 -29.93 66.58 -41.09
C VAL B 100 -30.83 67.51 -41.89
N PHE B 101 -30.75 68.80 -41.60
CA PHE B 101 -31.56 69.82 -42.24
C PHE B 101 -30.75 70.53 -43.32
N GLY B 102 -31.46 71.01 -44.35
CA GLY B 102 -30.79 71.72 -45.41
C GLY B 102 -30.41 73.13 -45.02
N GLY B 103 -29.53 73.73 -45.83
CA GLY B 103 -29.12 75.09 -45.58
C GLY B 103 -30.26 76.08 -45.75
N GLY B 104 -31.08 75.88 -46.75
CA GLY B 104 -32.24 76.73 -46.95
C GLY B 104 -32.08 77.65 -48.16
N THR B 105 -33.20 77.88 -48.85
CA THR B 105 -33.21 78.75 -50.01
C THR B 105 -34.20 79.90 -49.81
N SER C 31 -50.11 59.02 -25.82
CA SER C 31 -50.30 57.68 -26.37
C SER C 31 -50.34 57.70 -27.89
N GLY C 32 -49.56 56.83 -28.52
CA GLY C 32 -49.50 56.77 -29.97
C GLY C 32 -48.09 56.71 -30.53
N ASP C 33 -47.10 56.50 -29.66
CA ASP C 33 -45.70 56.35 -30.07
C ASP C 33 -45.20 57.59 -30.81
N TYR C 34 -45.14 58.70 -30.08
CA TYR C 34 -44.70 59.97 -30.62
C TYR C 34 -43.28 60.29 -30.18
N TYR C 35 -42.58 61.07 -31.01
CA TYR C 35 -41.22 61.53 -30.73
C TYR C 35 -41.25 63.05 -30.63
N TRP C 36 -41.08 63.57 -29.41
CA TRP C 36 -41.15 65.01 -29.18
C TRP C 36 -39.76 65.59 -29.39
N SER C 37 -39.59 66.37 -30.45
CA SER C 37 -38.28 66.87 -30.84
C SER C 37 -38.23 68.39 -30.71
N TRP C 38 -37.01 68.91 -30.58
CA TRP C 38 -36.76 70.34 -30.45
C TRP C 38 -35.96 70.83 -31.65
N ILE C 39 -36.44 71.90 -32.28
CA ILE C 39 -35.76 72.51 -33.42
C ILE C 39 -35.55 73.98 -33.09
N ARG C 40 -34.54 74.60 -33.71
CA ARG C 40 -34.26 76.00 -33.47
C ARG C 40 -33.85 76.70 -34.77
N GLN C 41 -34.10 78.01 -34.80
CA GLN C 41 -33.76 78.85 -35.93
C GLN C 41 -33.10 80.12 -35.39
N PRO C 42 -31.82 80.36 -35.69
CA PRO C 42 -31.11 81.57 -35.23
C PRO C 42 -31.74 82.86 -35.75
N LEU C 47 -33.44 75.58 -40.34
CA LEU C 47 -33.44 75.19 -38.94
C LEU C 47 -32.22 74.36 -38.57
N GLU C 48 -32.27 73.75 -37.39
CA GLU C 48 -31.19 72.87 -36.93
C GLU C 48 -31.75 71.96 -35.85
N TRP C 49 -31.76 70.67 -36.12
CA TRP C 49 -32.29 69.70 -35.16
C TRP C 49 -31.42 69.65 -33.91
N ILE C 50 -32.06 69.67 -32.74
CA ILE C 50 -31.33 69.60 -31.47
C ILE C 50 -31.38 68.17 -30.96
N GLY C 51 -32.58 67.65 -30.76
CA GLY C 51 -32.74 66.31 -30.23
C GLY C 51 -34.20 65.95 -30.13
N TYR C 52 -34.42 64.72 -29.66
CA TYR C 52 -35.77 64.24 -29.41
C TYR C 52 -35.81 63.44 -28.10
N ILE C 53 -36.97 63.48 -27.47
CA ILE C 53 -37.33 62.61 -26.35
C ILE C 53 -38.46 61.72 -26.85
N SER C 54 -38.31 60.41 -26.67
CA SER C 54 -39.26 59.46 -27.21
C SER C 54 -40.37 59.17 -26.20
N TYR C 55 -41.41 58.47 -26.69
CA TYR C 55 -42.47 58.02 -25.81
C TYR C 55 -41.97 57.11 -24.71
N SER C 56 -40.89 56.38 -24.99
CA SER C 56 -40.31 55.44 -24.04
C SER C 56 -39.33 56.10 -23.08
N GLY C 57 -39.08 57.39 -23.22
CA GLY C 57 -38.12 58.08 -22.39
C GLY C 57 -36.71 58.10 -22.92
N SER C 58 -36.46 57.54 -24.10
CA SER C 58 -35.14 57.56 -24.70
C SER C 58 -34.86 58.93 -25.30
N THR C 59 -33.64 59.43 -25.11
CA THR C 59 -33.24 60.75 -25.56
C THR C 59 -32.12 60.61 -26.58
N TYR C 60 -32.26 61.33 -27.69
CA TYR C 60 -31.19 61.38 -28.69
C TYR C 60 -30.89 62.84 -29.01
N TYR C 61 -29.62 63.20 -28.97
CA TYR C 61 -29.20 64.58 -29.13
C TYR C 61 -28.32 64.74 -30.37
N ASN C 62 -28.23 65.99 -30.82
CA ASN C 62 -27.32 66.31 -31.92
C ASN C 62 -25.89 66.06 -31.46
N PRO C 63 -25.03 65.51 -32.33
CA PRO C 63 -23.65 65.23 -31.90
C PRO C 63 -22.87 66.46 -31.47
N SER C 64 -23.12 67.61 -32.09
CA SER C 64 -22.40 68.83 -31.72
C SER C 64 -22.91 69.40 -30.41
N LEU C 65 -24.22 69.39 -30.20
CA LEU C 65 -24.84 69.89 -28.97
C LEU C 65 -25.21 68.75 -28.04
N GLU C 66 -24.38 67.71 -27.97
CA GLU C 66 -24.70 66.57 -27.13
C GLU C 66 -24.66 66.94 -25.65
N SER C 67 -23.73 67.81 -25.27
CA SER C 67 -23.63 68.25 -23.88
C SER C 67 -23.98 69.73 -23.74
N VAL C 94 -35.30 81.33 -32.23
CA VAL C 94 -36.63 80.82 -32.01
C VAL C 94 -36.59 79.29 -31.87
N TYR C 95 -37.32 78.77 -30.89
CA TYR C 95 -37.34 77.34 -30.61
C TYR C 95 -38.74 76.79 -30.86
N TYR C 96 -38.83 75.76 -31.71
CA TYR C 96 -40.07 75.07 -32.00
C TYR C 96 -39.99 73.63 -31.54
N CYS C 97 -41.16 73.00 -31.42
CA CYS C 97 -41.26 71.58 -31.10
C CYS C 97 -42.29 70.96 -32.03
N ALA C 98 -41.82 70.18 -33.00
CA ALA C 98 -42.68 69.54 -33.99
C ALA C 98 -42.47 68.04 -33.95
N THR C 99 -43.57 67.28 -34.08
CA THR C 99 -43.53 65.84 -34.00
C THR C 99 -44.42 65.26 -35.09
N ASN C 100 -44.06 64.06 -35.56
CA ASN C 100 -44.87 63.35 -36.54
C ASN C 100 -46.14 62.85 -35.85
N TYR C 101 -47.24 63.58 -36.05
CA TYR C 101 -48.48 63.29 -35.35
C TYR C 101 -49.59 62.75 -36.24
N PHE C 102 -49.50 62.91 -37.55
CA PHE C 102 -50.55 62.46 -38.45
C PHE C 102 -50.08 61.48 -39.50
N HIS C 103 -48.86 61.63 -40.01
CA HIS C 103 -48.35 60.75 -41.06
C HIS C 103 -47.54 59.61 -40.46
N LEU C 104 -48.19 58.85 -39.58
CA LEU C 104 -47.57 57.70 -38.95
C LEU C 104 -47.43 56.56 -39.94
N HIS C 105 -46.26 55.92 -39.94
CA HIS C 105 -46.00 54.75 -40.76
C HIS C 105 -45.95 53.51 -39.89
N ASP C 106 -46.63 52.46 -40.34
CA ASP C 106 -46.71 51.24 -39.54
C ASP C 106 -45.40 50.47 -39.55
N PHE C 107 -44.53 50.71 -40.53
CA PHE C 107 -43.32 49.92 -40.65
C PHE C 107 -42.12 50.55 -39.93
N GLY C 108 -42.19 51.84 -39.61
CA GLY C 108 -41.07 52.48 -38.95
C GLY C 108 -41.48 53.75 -38.25
N ASP C 109 -40.56 54.26 -37.43
CA ASP C 109 -40.79 55.49 -36.67
C ASP C 109 -40.11 56.64 -37.39
N LEU C 110 -40.75 57.10 -38.47
CA LEU C 110 -40.23 58.23 -39.24
C LEU C 110 -40.59 59.51 -38.49
N TYR C 111 -39.75 59.85 -37.50
CA TYR C 111 -40.02 60.99 -36.63
C TYR C 111 -39.58 62.32 -37.23
N TRP C 112 -38.80 62.31 -38.32
CA TRP C 112 -38.35 63.55 -38.90
C TRP C 112 -39.37 64.18 -39.84
N TYR C 113 -40.48 63.49 -40.12
CA TYR C 113 -41.56 64.06 -40.93
C TYR C 113 -42.35 65.02 -40.04
N PHE C 114 -41.75 66.18 -39.80
CA PHE C 114 -42.26 67.10 -38.80
C PHE C 114 -43.56 67.77 -39.26
N ASP C 115 -44.57 67.70 -38.40
CA ASP C 115 -45.76 68.53 -38.52
C ASP C 115 -46.20 68.90 -37.11
N LEU C 116 -47.24 69.72 -37.02
CA LEU C 116 -47.72 70.25 -35.74
C LEU C 116 -46.57 70.92 -35.00
N TRP C 117 -46.10 72.01 -35.60
CA TRP C 117 -44.98 72.77 -35.05
C TRP C 117 -45.45 73.57 -33.84
N GLY C 118 -44.55 73.71 -32.86
CA GLY C 118 -44.85 74.46 -31.66
C GLY C 118 -44.81 75.97 -31.86
N CYS D 536 -60.32 -40.43 -16.94
CA CYS D 536 -59.23 -41.34 -16.69
C CYS D 536 -58.55 -41.06 -15.34
N SER D 537 -59.19 -40.22 -14.52
CA SER D 537 -58.69 -39.92 -13.18
C SER D 537 -59.79 -39.23 -12.39
N GLU D 538 -60.11 -39.77 -11.22
CA GLU D 538 -61.22 -39.28 -10.41
C GLU D 538 -60.72 -38.31 -9.33
N LEU D 539 -61.66 -37.75 -8.58
CA LEU D 539 -61.37 -36.80 -7.50
C LEU D 539 -62.23 -37.14 -6.28
N ILE D 540 -62.27 -38.42 -5.93
CA ILE D 540 -63.22 -38.88 -4.92
C ILE D 540 -62.92 -38.27 -3.55
N GLN D 541 -61.64 -38.10 -3.22
CA GLN D 541 -61.30 -37.58 -1.90
C GLN D 541 -61.61 -36.10 -1.74
N ALA D 542 -61.86 -35.38 -2.83
CA ALA D 542 -62.22 -33.97 -2.79
C ALA D 542 -63.46 -33.67 -3.61
N SER D 543 -64.26 -34.69 -3.95
CA SER D 543 -65.47 -34.47 -4.72
C SER D 543 -66.51 -33.74 -3.89
N SER D 544 -67.31 -32.91 -4.57
CA SER D 544 -68.38 -32.15 -3.94
C SER D 544 -69.68 -32.39 -4.70
N ARG D 545 -70.76 -31.84 -4.16
CA ARG D 545 -72.09 -31.95 -4.78
C ARG D 545 -72.17 -30.90 -5.89
N ILE D 546 -71.61 -31.25 -7.04
CA ILE D 546 -71.58 -30.34 -8.18
C ILE D 546 -72.92 -30.33 -8.90
N THR D 551 -78.64 -29.76 -4.69
CA THR D 551 -79.97 -29.37 -5.14
C THR D 551 -80.08 -29.51 -6.66
N GLU D 552 -81.29 -29.80 -7.14
CA GLU D 552 -81.51 -29.99 -8.56
C GLU D 552 -81.29 -28.69 -9.32
N GLY D 553 -80.68 -28.79 -10.50
CA GLY D 553 -80.47 -27.65 -11.35
C GLY D 553 -79.30 -26.78 -10.92
N VAL D 554 -79.39 -26.17 -9.75
CA VAL D 554 -78.33 -25.27 -9.30
C VAL D 554 -77.08 -26.06 -8.95
N ASN D 555 -75.97 -25.36 -8.86
CA ASN D 555 -74.67 -25.94 -8.58
C ASN D 555 -74.23 -25.64 -7.16
N THR D 556 -73.69 -26.66 -6.49
CA THR D 556 -73.20 -26.53 -5.12
C THR D 556 -71.75 -26.98 -5.03
N LYS D 557 -70.93 -26.49 -5.97
CA LYS D 557 -69.51 -26.79 -5.93
C LYS D 557 -68.88 -26.21 -4.67
N CYS D 558 -67.96 -26.97 -4.07
CA CYS D 558 -67.34 -26.59 -2.81
C CYS D 558 -65.85 -26.28 -2.96
N ARG D 559 -65.45 -25.75 -4.12
CA ARG D 559 -64.08 -25.33 -4.37
C ARG D 559 -63.10 -26.50 -4.18
N LEU D 560 -63.26 -27.49 -5.08
CA LEU D 560 -62.47 -28.71 -5.02
C LEU D 560 -61.00 -28.41 -4.84
N SER D 561 -60.44 -28.84 -3.70
CA SER D 561 -59.08 -28.50 -3.33
C SER D 561 -58.08 -29.63 -3.53
N GLY D 562 -58.56 -30.87 -3.66
CA GLY D 562 -57.67 -32.00 -3.83
C GLY D 562 -56.84 -31.92 -5.10
N THR D 563 -55.52 -32.02 -4.94
CA THR D 563 -54.64 -32.00 -6.10
C THR D 563 -54.72 -33.32 -6.86
N ALA D 564 -54.28 -33.27 -8.12
CA ALA D 564 -54.25 -34.44 -8.98
C ALA D 564 -52.84 -34.69 -9.48
N LEU D 565 -52.41 -35.95 -9.41
CA LEU D 565 -51.07 -36.36 -9.83
C LEU D 565 -51.23 -37.36 -10.97
N ILE D 566 -51.17 -36.88 -12.21
CA ILE D 566 -51.28 -37.73 -13.39
C ILE D 566 -50.11 -37.46 -14.32
N ARG D 567 -49.80 -38.45 -15.15
CA ARG D 567 -48.66 -38.37 -16.05
C ARG D 567 -49.05 -37.63 -17.32
N ALA D 568 -48.22 -36.66 -17.71
CA ALA D 568 -48.47 -35.89 -18.91
C ALA D 568 -48.37 -36.77 -20.16
N GLY D 569 -49.26 -36.54 -21.11
CA GLY D 569 -49.25 -37.29 -22.34
C GLY D 569 -48.07 -36.92 -23.23
N SER D 570 -47.84 -37.75 -24.24
CA SER D 570 -46.77 -37.51 -25.19
C SER D 570 -47.10 -36.28 -26.05
N VAL D 571 -46.17 -35.93 -26.94
CA VAL D 571 -46.37 -34.78 -27.81
C VAL D 571 -47.57 -35.03 -28.71
N GLY D 572 -48.55 -34.13 -28.65
CA GLY D 572 -49.79 -34.30 -29.36
C GLY D 572 -50.82 -35.16 -28.66
N ALA D 573 -50.52 -35.68 -27.48
CA ALA D 573 -51.45 -36.47 -26.71
C ALA D 573 -52.17 -35.59 -25.69
N GLU D 574 -53.10 -36.19 -24.95
CA GLU D 574 -53.92 -35.44 -24.00
C GLU D 574 -53.99 -36.19 -22.67
N ALA D 575 -54.22 -35.42 -21.62
CA ALA D 575 -54.36 -35.95 -20.26
C ALA D 575 -55.77 -35.69 -19.76
N CYS D 576 -56.32 -36.67 -19.04
CA CYS D 576 -57.73 -36.73 -18.67
C CYS D 576 -57.99 -36.09 -17.31
N LEU D 577 -59.26 -35.84 -17.04
CA LEU D 577 -59.79 -35.69 -15.69
C LEU D 577 -61.25 -36.09 -15.68
N MET D 578 -61.64 -36.81 -14.64
CA MET D 578 -63.01 -37.31 -14.50
C MET D 578 -63.68 -36.58 -13.35
N LEU D 579 -64.80 -35.93 -13.64
CA LEU D 579 -65.61 -35.24 -12.64
C LEU D 579 -66.99 -35.88 -12.68
N LYS D 580 -67.16 -36.96 -11.91
CA LYS D 580 -68.37 -37.76 -11.94
C LYS D 580 -69.34 -37.30 -10.85
N GLY D 581 -70.56 -36.95 -11.26
CA GLY D 581 -71.59 -36.57 -10.33
C GLY D 581 -72.72 -37.59 -10.26
N VAL D 582 -73.82 -37.29 -10.95
CA VAL D 582 -74.97 -38.18 -11.03
C VAL D 582 -75.02 -38.77 -12.43
N LYS D 583 -75.29 -40.07 -12.53
CA LYS D 583 -75.32 -40.74 -13.82
C LYS D 583 -76.32 -40.06 -14.75
N GLU D 584 -75.95 -39.96 -16.03
CA GLU D 584 -76.67 -39.21 -17.05
C GLU D 584 -76.70 -37.71 -16.76
N ASP D 585 -75.79 -37.24 -15.90
CA ASP D 585 -75.68 -35.82 -15.57
C ASP D 585 -74.23 -35.51 -15.28
N GLN D 586 -73.91 -34.22 -15.27
CA GLN D 586 -72.57 -33.71 -14.95
C GLN D 586 -71.58 -34.29 -15.95
N THR D 587 -70.64 -35.13 -15.54
CA THR D 587 -69.60 -35.69 -16.42
C THR D 587 -68.83 -34.57 -17.12
N LYS D 588 -68.14 -33.77 -16.33
CA LYS D 588 -67.34 -32.67 -16.83
C LYS D 588 -65.91 -33.13 -17.05
N PHE D 589 -65.36 -32.83 -18.22
CA PHE D 589 -64.05 -33.32 -18.63
C PHE D 589 -63.08 -32.15 -18.74
N LEU D 590 -61.98 -32.23 -18.00
CA LEU D 590 -60.88 -31.29 -18.11
C LEU D 590 -59.74 -31.97 -18.85
N LYS D 591 -59.30 -31.38 -19.94
CA LYS D 591 -58.28 -32.00 -20.80
C LYS D 591 -57.02 -31.16 -20.81
N ILE D 592 -55.88 -31.84 -20.81
CA ILE D 592 -54.59 -31.16 -20.94
C ILE D 592 -53.90 -31.66 -22.21
N LYS D 593 -53.98 -30.87 -23.28
CA LYS D 593 -53.34 -31.20 -24.54
C LYS D 593 -51.86 -30.84 -24.46
N THR D 594 -50.99 -31.73 -24.93
CA THR D 594 -49.56 -31.44 -25.00
C THR D 594 -49.24 -30.97 -26.41
N VAL D 595 -49.13 -29.66 -26.60
CA VAL D 595 -48.96 -29.11 -27.93
C VAL D 595 -47.60 -29.50 -28.49
N SER D 596 -46.52 -29.08 -27.83
CA SER D 596 -45.18 -29.37 -28.32
C SER D 596 -44.19 -29.21 -27.18
N SER D 597 -43.05 -29.88 -27.32
CA SER D 597 -41.94 -29.76 -26.39
C SER D 597 -40.74 -29.22 -27.15
N GLU D 598 -40.19 -28.10 -26.68
CA GLU D 598 -39.09 -27.43 -27.36
C GLU D 598 -37.94 -27.20 -26.39
N LEU D 599 -36.73 -27.19 -26.93
CA LEU D 599 -35.52 -26.94 -26.16
C LEU D 599 -35.13 -25.48 -26.36
N SER D 600 -35.77 -24.61 -25.59
CA SER D 600 -35.55 -23.18 -25.73
C SER D 600 -34.17 -22.79 -25.22
N CYS D 601 -33.76 -21.58 -25.56
CA CYS D 601 -32.45 -21.06 -25.22
C CYS D 601 -32.54 -20.09 -24.04
N ARG D 602 -31.55 -20.16 -23.16
CA ARG D 602 -31.40 -19.21 -22.05
C ARG D 602 -30.24 -18.31 -22.39
N GLU D 603 -30.54 -17.10 -22.86
CA GLU D 603 -29.51 -16.18 -23.31
C GLU D 603 -28.69 -15.65 -22.14
N GLY D 604 -27.41 -15.41 -22.41
CA GLY D 604 -26.53 -14.83 -21.42
C GLY D 604 -26.21 -13.37 -21.72
N GLN D 605 -24.99 -13.10 -22.12
CA GLN D 605 -24.61 -11.74 -22.50
C GLN D 605 -25.10 -11.44 -23.91
N SER D 606 -25.10 -10.15 -24.26
CA SER D 606 -25.55 -9.72 -25.57
C SER D 606 -24.99 -8.34 -25.87
N TYR D 607 -24.96 -8.02 -27.16
CA TYR D 607 -24.58 -6.67 -27.59
C TYR D 607 -25.22 -6.41 -28.95
N TRP D 608 -24.99 -5.22 -29.48
CA TRP D 608 -25.54 -4.81 -30.76
C TRP D 608 -24.43 -4.31 -31.68
N THR D 609 -24.68 -4.39 -32.97
CA THR D 609 -23.69 -3.94 -33.95
C THR D 609 -24.40 -3.56 -35.24
N GLY D 610 -23.68 -2.84 -36.09
CA GLY D 610 -24.21 -2.39 -37.35
C GLY D 610 -23.10 -2.10 -38.34
N SER D 611 -23.44 -1.34 -39.37
CA SER D 611 -22.51 -0.97 -40.42
C SER D 611 -22.09 0.49 -40.23
N PHE D 612 -20.78 0.72 -40.17
CA PHE D 612 -20.24 2.05 -39.92
C PHE D 612 -19.23 2.42 -40.98
N SER D 613 -19.18 3.72 -41.29
CA SER D 613 -18.20 4.27 -42.21
C SER D 613 -17.61 5.55 -41.62
N PRO D 614 -16.33 5.81 -41.83
CA PRO D 614 -15.70 6.99 -41.23
C PRO D 614 -15.72 8.22 -42.12
N LYS D 615 -15.67 9.38 -41.47
CA LYS D 615 -15.50 10.65 -42.14
C LYS D 615 -14.40 11.42 -41.43
N CYS D 616 -13.51 12.04 -42.22
CA CYS D 616 -12.33 12.72 -41.68
C CYS D 616 -12.30 14.17 -42.10
N LEU D 617 -11.92 15.03 -41.16
CA LEU D 617 -11.66 16.44 -41.40
C LEU D 617 -10.18 16.69 -41.18
N SER D 618 -9.53 17.33 -42.15
CA SER D 618 -8.09 17.53 -42.11
C SER D 618 -7.76 19.01 -42.13
N SER D 619 -6.69 19.37 -41.42
CA SER D 619 -6.20 20.75 -41.41
C SER D 619 -4.69 20.71 -41.30
N ARG D 620 -4.00 21.30 -42.28
CA ARG D 620 -2.55 21.27 -42.34
C ARG D 620 -2.00 22.65 -42.01
N ARG D 621 -1.15 22.72 -41.00
CA ARG D 621 -0.53 23.98 -40.58
C ARG D 621 0.99 23.84 -40.56
N CYS D 622 1.66 24.93 -40.89
CA CYS D 622 3.12 24.97 -40.89
C CYS D 622 3.64 24.94 -39.45
N HIS D 623 4.96 24.82 -39.32
CA HIS D 623 5.57 24.70 -38.00
C HIS D 623 5.41 25.99 -37.21
N LEU D 624 5.34 25.84 -35.89
CA LEU D 624 5.17 26.96 -34.95
C LEU D 624 3.85 27.70 -35.16
N VAL D 625 2.86 27.06 -35.75
CA VAL D 625 1.54 27.64 -35.96
C VAL D 625 0.54 26.82 -35.15
N GLY D 626 -0.17 27.48 -34.25
CA GLY D 626 -1.08 26.78 -33.37
C GLY D 626 -0.36 25.85 -32.41
N GLU D 627 -0.58 24.55 -32.56
CA GLU D 627 0.10 23.54 -31.77
C GLU D 627 0.96 22.64 -32.65
N CYS D 628 1.58 23.23 -33.67
CA CYS D 628 2.42 22.47 -34.59
C CYS D 628 3.81 22.21 -34.05
N HIS D 629 4.05 22.43 -32.76
CA HIS D 629 5.30 22.01 -32.16
C HIS D 629 5.40 20.49 -32.23
N VAL D 630 6.61 19.99 -32.52
CA VAL D 630 6.80 18.57 -32.74
C VAL D 630 6.47 17.78 -31.48
N ASN D 631 6.88 18.30 -30.31
CA ASN D 631 6.59 17.62 -29.05
C ASN D 631 5.09 17.44 -28.86
N ARG D 632 4.31 18.47 -29.16
CA ARG D 632 2.85 18.32 -29.17
C ARG D 632 2.40 17.42 -30.31
N CYS D 633 3.16 17.37 -31.40
CA CYS D 633 2.71 16.64 -32.59
C CYS D 633 2.71 15.13 -32.33
N LEU D 634 3.80 14.59 -31.78
CA LEU D 634 3.80 13.14 -31.56
C LEU D 634 2.96 12.73 -30.35
N SER D 635 2.92 13.56 -29.31
CA SER D 635 2.22 13.22 -28.07
C SER D 635 0.73 13.55 -28.13
N TRP D 636 0.15 13.66 -29.33
CA TRP D 636 -1.25 14.02 -29.45
C TRP D 636 -2.14 12.90 -28.95
N ARG D 637 -2.90 13.18 -27.90
CA ARG D 637 -3.86 12.20 -27.40
C ARG D 637 -5.01 12.03 -28.39
N ASP D 638 -5.47 10.79 -28.55
CA ASP D 638 -6.52 10.50 -29.51
C ASP D 638 -7.87 11.06 -29.09
N ASN D 639 -8.07 11.36 -27.81
CA ASN D 639 -9.34 11.85 -27.32
C ASN D 639 -9.37 13.37 -27.18
N GLU D 640 -8.32 14.06 -27.59
CA GLU D 640 -8.23 15.51 -27.48
C GLU D 640 -8.44 16.13 -28.86
N THR D 641 -9.35 17.10 -28.93
CA THR D 641 -9.70 17.74 -30.20
C THR D 641 -8.82 18.95 -30.46
N SER D 642 -8.50 19.16 -31.73
CA SER D 642 -7.73 20.32 -32.13
C SER D 642 -8.60 21.57 -32.15
N ALA D 643 -7.95 22.73 -32.15
CA ALA D 643 -8.68 23.99 -32.14
C ALA D 643 -9.26 24.33 -33.51
N GLU D 644 -8.73 23.74 -34.58
CA GLU D 644 -9.26 24.03 -35.91
C GLU D 644 -10.68 23.49 -36.07
N PHE D 645 -10.94 22.30 -35.54
CA PHE D 645 -12.26 21.68 -35.64
C PHE D 645 -13.12 22.00 -34.42
N SER D 646 -13.26 23.29 -34.11
CA SER D 646 -14.09 23.71 -33.00
C SER D 646 -15.56 23.84 -33.37
N PHE D 647 -15.88 23.90 -34.67
CA PHE D 647 -17.28 23.90 -35.06
C PHE D 647 -17.94 22.56 -34.74
N VAL D 648 -17.14 21.49 -34.69
CA VAL D 648 -17.64 20.23 -34.15
C VAL D 648 -18.05 20.41 -32.70
N GLY D 649 -17.21 21.10 -31.92
CA GLY D 649 -17.54 21.38 -30.53
C GLY D 649 -17.72 20.11 -29.74
N GLU D 650 -18.83 20.03 -29.01
CA GLU D 650 -19.17 18.85 -28.22
C GLU D 650 -20.10 17.97 -29.04
N SER D 651 -19.72 16.72 -29.23
CA SER D 651 -20.53 15.76 -29.97
C SER D 651 -20.49 14.41 -29.26
N THR D 652 -21.57 13.66 -29.41
CA THR D 652 -21.69 12.35 -28.79
C THR D 652 -21.26 11.22 -29.70
N THR D 653 -20.86 11.52 -30.94
CA THR D 653 -20.47 10.50 -31.88
C THR D 653 -19.12 9.91 -31.51
N MET D 654 -18.91 8.65 -31.90
CA MET D 654 -17.59 8.03 -31.76
C MET D 654 -16.60 8.75 -32.66
N ARG D 655 -15.46 9.14 -32.09
CA ARG D 655 -14.52 9.96 -32.84
C ARG D 655 -13.13 9.80 -32.25
N GLU D 656 -12.14 10.16 -33.07
CA GLU D 656 -10.75 10.14 -32.65
C GLU D 656 -9.99 11.22 -33.42
N ASN D 657 -8.85 11.62 -32.87
CA ASN D 657 -8.05 12.69 -33.43
C ASN D 657 -6.59 12.24 -33.53
N LYS D 658 -5.99 12.47 -34.69
CA LYS D 658 -4.60 12.10 -34.94
C LYS D 658 -3.84 13.31 -35.47
N CYS D 659 -2.52 13.28 -35.31
CA CYS D 659 -1.64 14.31 -35.83
C CYS D 659 -0.48 13.65 -36.56
N PHE D 660 -0.22 14.09 -37.79
CA PHE D 660 0.82 13.49 -38.62
C PHE D 660 1.82 14.56 -39.05
N GLU D 661 3.10 14.25 -38.89
CA GLU D 661 4.16 15.12 -39.39
C GLU D 661 4.27 15.01 -40.91
N GLN D 662 4.57 16.15 -41.54
CA GLN D 662 4.81 16.17 -42.98
C GLN D 662 6.12 16.88 -43.28
N CYS D 663 6.35 17.16 -44.56
CA CYS D 663 7.54 17.90 -44.96
C CYS D 663 7.53 19.33 -44.43
N GLY D 664 8.73 19.90 -44.31
CA GLY D 664 8.88 21.30 -43.95
C GLY D 664 9.91 21.99 -44.81
N GLY D 665 9.49 23.00 -45.55
CA GLY D 665 10.37 23.67 -46.47
C GLY D 665 9.59 24.34 -47.59
N TRP D 666 10.28 25.21 -48.31
CA TRP D 666 9.61 26.03 -49.32
C TRP D 666 8.97 25.16 -50.41
N GLY D 667 9.57 24.02 -50.72
CA GLY D 667 8.92 23.09 -51.63
C GLY D 667 7.65 22.51 -51.04
N CYS D 668 7.67 22.22 -49.73
CA CYS D 668 6.46 21.75 -49.07
C CYS D 668 5.38 22.82 -49.04
N GLY D 669 5.75 24.07 -48.79
CA GLY D 669 4.80 25.16 -48.77
C GLY D 669 5.00 26.10 -47.60
N CYS D 670 5.92 25.77 -46.70
CA CYS D 670 6.15 26.53 -45.48
C CYS D 670 7.60 27.01 -45.45
N PHE D 671 7.81 28.26 -45.06
CA PHE D 671 9.17 28.79 -45.03
C PHE D 671 10.05 28.03 -44.05
N ASN D 672 9.50 27.68 -42.89
CA ASN D 672 10.27 26.93 -41.92
C ASN D 672 10.62 25.55 -42.47
N VAL D 673 11.78 25.04 -42.05
CA VAL D 673 12.24 23.73 -42.51
C VAL D 673 11.88 22.60 -41.54
N ASN D 674 11.46 22.93 -40.32
CA ASN D 674 10.98 21.92 -39.41
C ASN D 674 9.68 21.32 -39.95
N PRO D 675 9.35 20.08 -39.58
CA PRO D 675 8.17 19.43 -40.17
C PRO D 675 6.88 20.12 -39.77
N SER D 676 5.96 20.22 -40.73
CA SER D 676 4.66 20.80 -40.49
C SER D 676 3.77 19.76 -39.80
N CYS D 677 2.50 20.08 -39.61
CA CYS D 677 1.57 19.16 -38.97
C CYS D 677 0.28 19.08 -39.76
N LEU D 678 -0.35 17.91 -39.71
CA LEU D 678 -1.66 17.67 -40.28
C LEU D 678 -2.53 17.08 -39.18
N PHE D 679 -3.57 17.80 -38.79
CA PHE D 679 -4.50 17.35 -37.77
C PHE D 679 -5.71 16.72 -38.46
N VAL D 680 -6.09 15.53 -38.02
CA VAL D 680 -7.20 14.80 -38.59
C VAL D 680 -8.18 14.45 -37.48
N HIS D 681 -9.45 14.74 -37.71
CA HIS D 681 -10.54 14.37 -36.79
C HIS D 681 -11.49 13.45 -37.54
N THR D 682 -11.60 12.21 -37.08
CA THR D 682 -12.42 11.21 -37.74
C THR D 682 -13.58 10.80 -36.84
N TYR D 683 -14.76 10.67 -37.43
CA TYR D 683 -15.93 10.19 -36.71
C TYR D 683 -16.66 9.15 -37.55
N LEU D 684 -17.18 8.12 -36.88
CA LEU D 684 -17.90 7.04 -37.53
C LEU D 684 -19.38 7.38 -37.61
N GLN D 685 -20.02 7.00 -38.71
CA GLN D 685 -21.45 7.19 -38.89
C GLN D 685 -22.07 5.92 -39.45
N SER D 686 -23.31 5.65 -39.05
CA SER D 686 -23.99 4.44 -39.47
C SER D 686 -24.47 4.57 -40.91
N VAL D 687 -24.24 3.51 -41.69
CA VAL D 687 -24.61 3.50 -43.09
C VAL D 687 -26.07 3.09 -43.25
N ARG D 688 -26.42 1.92 -42.74
CA ARG D 688 -27.78 1.41 -42.81
C ARG D 688 -28.53 1.71 -41.52
N LYS D 689 -29.84 1.93 -41.66
CA LYS D 689 -30.70 2.20 -40.50
C LYS D 689 -31.25 0.92 -39.90
N GLU D 690 -30.35 -0.02 -39.60
CA GLU D 690 -30.72 -1.27 -38.97
C GLU D 690 -29.59 -1.70 -38.04
N ALA D 691 -29.93 -2.57 -37.09
CA ALA D 691 -28.95 -3.08 -36.14
C ALA D 691 -29.19 -4.57 -35.94
N LEU D 692 -28.14 -5.26 -35.52
CA LEU D 692 -28.20 -6.70 -35.26
C LEU D 692 -27.77 -6.97 -33.82
N ARG D 693 -28.49 -7.87 -33.15
CA ARG D 693 -28.19 -8.22 -31.77
C ARG D 693 -27.48 -9.57 -31.72
N VAL D 694 -26.31 -9.60 -31.12
CA VAL D 694 -25.50 -10.82 -31.02
C VAL D 694 -25.52 -11.28 -29.58
N PHE D 695 -25.88 -12.55 -29.37
CA PHE D 695 -25.97 -13.13 -28.04
C PHE D 695 -25.46 -14.57 -28.09
N ASN D 696 -25.50 -15.22 -26.93
CA ASN D 696 -25.07 -16.60 -26.79
C ASN D 696 -26.01 -17.32 -25.85
N CYS D 697 -26.11 -18.65 -26.03
CA CYS D 697 -26.94 -19.49 -25.18
C CYS D 697 -26.03 -20.24 -24.21
N ILE D 698 -26.10 -19.87 -22.93
CA ILE D 698 -25.29 -20.56 -21.94
C ILE D 698 -25.81 -21.98 -21.72
N ASP D 699 -27.12 -22.17 -21.76
CA ASP D 699 -27.69 -23.50 -21.59
C ASP D 699 -29.07 -23.53 -22.23
N TRP D 700 -29.55 -24.73 -22.50
CA TRP D 700 -30.87 -24.97 -23.07
C TRP D 700 -31.77 -25.62 -22.03
N VAL D 701 -33.04 -25.21 -22.03
CA VAL D 701 -34.00 -25.65 -21.03
C VAL D 701 -35.19 -26.30 -21.71
N HIS D 702 -35.65 -27.43 -21.17
CA HIS D 702 -36.86 -28.05 -21.67
C HIS D 702 -38.06 -27.18 -21.35
N LYS D 703 -39.02 -27.14 -22.28
CA LYS D 703 -40.13 -26.19 -22.19
C LYS D 703 -41.34 -26.82 -22.86
N LEU D 704 -42.41 -27.00 -22.10
CA LEU D 704 -43.61 -27.69 -22.56
C LEU D 704 -44.75 -26.69 -22.74
N THR D 705 -45.45 -26.81 -23.87
CA THR D 705 -46.63 -26.01 -24.16
C THR D 705 -47.87 -26.88 -23.96
N LEU D 706 -48.82 -26.38 -23.18
CA LEU D 706 -50.04 -27.11 -22.87
C LEU D 706 -51.24 -26.30 -23.32
N GLU D 707 -52.28 -27.01 -23.76
CA GLU D 707 -53.56 -26.44 -24.12
C GLU D 707 -54.56 -26.93 -23.08
N ILE D 708 -55.11 -26.00 -22.30
CA ILE D 708 -55.96 -26.35 -21.16
C ILE D 708 -57.40 -26.31 -21.62
N THR D 709 -57.94 -27.46 -22.03
CA THR D 709 -59.36 -27.59 -22.35
C THR D 709 -60.10 -27.59 -21.02
N ASP D 710 -60.51 -26.38 -20.59
CA ASP D 710 -61.16 -26.19 -19.31
C ASP D 710 -62.63 -26.59 -19.39
N PHE D 711 -63.26 -26.65 -18.22
CA PHE D 711 -64.69 -26.96 -18.14
C PHE D 711 -65.50 -25.85 -18.81
N ASP D 712 -66.32 -26.22 -19.78
CA ASP D 712 -67.16 -25.28 -20.53
C ASP D 712 -66.33 -24.15 -21.13
N GLY D 713 -65.43 -24.53 -22.04
CA GLY D 713 -64.58 -23.57 -22.71
C GLY D 713 -63.13 -23.97 -22.70
N SER D 714 -62.50 -24.00 -23.87
CA SER D 714 -61.11 -24.44 -24.01
C SER D 714 -60.19 -23.30 -24.44
N VAL D 715 -60.52 -22.07 -24.07
CA VAL D 715 -59.69 -20.91 -24.43
C VAL D 715 -58.67 -20.75 -23.31
N SER D 716 -57.60 -21.56 -23.40
CA SER D 716 -56.50 -21.49 -22.44
C SER D 716 -55.30 -22.21 -23.01
N THR D 717 -54.21 -21.48 -23.24
CA THR D 717 -52.95 -22.05 -23.67
C THR D 717 -51.84 -21.49 -22.81
N ILE D 718 -50.99 -22.36 -22.27
CA ILE D 718 -49.93 -21.97 -21.34
C ILE D 718 -48.63 -22.62 -21.77
N ASP D 719 -47.53 -22.06 -21.30
CA ASP D 719 -46.19 -22.58 -21.58
C ASP D 719 -45.39 -22.52 -20.29
N LEU D 720 -44.68 -23.61 -19.97
CA LEU D 720 -43.94 -23.64 -18.71
C LEU D 720 -42.78 -24.60 -18.81
N GLY D 721 -41.81 -24.42 -17.91
CA GLY D 721 -40.58 -25.17 -17.90
C GLY D 721 -40.52 -26.20 -16.80
N ALA D 722 -39.30 -26.63 -16.49
CA ALA D 722 -39.10 -27.69 -15.50
C ALA D 722 -39.25 -27.16 -14.08
N SER D 723 -39.95 -27.92 -13.25
CA SER D 723 -40.14 -27.59 -11.83
C SER D 723 -40.71 -26.18 -11.66
N SER D 724 -41.66 -25.82 -12.53
CA SER D 724 -42.27 -24.51 -12.50
C SER D 724 -43.78 -24.66 -12.50
N SER D 725 -44.45 -23.68 -11.89
CA SER D 725 -45.90 -23.65 -11.79
C SER D 725 -46.42 -22.33 -12.36
N ARG D 726 -47.61 -22.39 -12.94
CA ARG D 726 -48.29 -21.23 -13.51
C ARG D 726 -49.64 -21.08 -12.83
N PHE D 727 -49.92 -19.86 -12.37
CA PHE D 727 -51.16 -19.56 -11.65
C PHE D 727 -52.25 -19.27 -12.68
N THR D 728 -52.83 -20.35 -13.20
CA THR D 728 -53.94 -20.23 -14.13
C THR D 728 -55.23 -19.99 -13.35
N ASN D 729 -56.37 -20.11 -14.02
CA ASN D 729 -57.63 -20.09 -13.32
C ASN D 729 -57.76 -21.33 -12.45
N TRP D 730 -58.80 -21.34 -11.61
CA TRP D 730 -59.11 -22.44 -10.70
C TRP D 730 -57.88 -23.01 -10.00
N GLY D 731 -56.94 -22.15 -9.62
CA GLY D 731 -55.76 -22.63 -8.92
C GLY D 731 -54.48 -22.44 -9.69
N SER D 732 -53.70 -23.51 -9.85
CA SER D 732 -52.43 -23.43 -10.55
C SER D 732 -52.10 -24.80 -11.12
N VAL D 733 -51.22 -24.80 -12.12
CA VAL D 733 -50.76 -26.02 -12.76
C VAL D 733 -49.24 -26.05 -12.70
N SER D 734 -48.67 -27.14 -12.20
CA SER D 734 -47.23 -27.25 -12.07
C SER D 734 -46.72 -28.39 -12.92
N LEU D 735 -45.46 -28.30 -13.33
CA LEU D 735 -44.82 -29.35 -14.13
C LEU D 735 -43.59 -29.85 -13.39
N SER D 736 -43.47 -31.18 -13.27
CA SER D 736 -42.30 -31.76 -12.63
C SER D 736 -41.12 -31.84 -13.60
N LEU D 737 -41.29 -32.61 -14.69
CA LEU D 737 -40.26 -32.82 -15.69
C LEU D 737 -38.93 -33.17 -15.02
N ASP D 738 -38.92 -34.33 -14.35
CA ASP D 738 -37.79 -34.72 -13.52
C ASP D 738 -36.67 -35.37 -14.30
N ALA D 739 -36.88 -35.72 -15.57
CA ALA D 739 -35.86 -36.42 -16.35
C ALA D 739 -34.62 -35.57 -16.53
N GLU D 740 -34.73 -34.46 -17.25
CA GLU D 740 -33.59 -33.61 -17.55
C GLU D 740 -34.05 -32.17 -17.62
N GLY D 741 -33.52 -31.33 -16.73
CA GLY D 741 -33.80 -29.91 -16.76
C GLY D 741 -32.86 -29.09 -17.61
N ILE D 742 -31.92 -29.72 -18.30
CA ILE D 742 -30.91 -29.01 -19.07
C ILE D 742 -30.39 -29.95 -20.15
N SER D 743 -29.77 -29.38 -21.18
CA SER D 743 -29.22 -30.16 -22.28
C SER D 743 -27.85 -29.64 -22.69
N GLY D 744 -27.02 -29.31 -21.70
CA GLY D 744 -25.66 -28.89 -21.98
C GLY D 744 -25.57 -27.46 -22.48
N SER D 745 -24.40 -27.15 -23.05
CA SER D 745 -24.10 -25.80 -23.52
C SER D 745 -23.62 -25.81 -24.97
N ASN D 746 -23.14 -24.67 -25.45
CA ASN D 746 -22.65 -24.56 -26.82
C ASN D 746 -21.56 -23.49 -26.88
N SER D 747 -20.90 -23.41 -28.03
CA SER D 747 -19.79 -22.49 -28.24
C SER D 747 -19.92 -21.78 -29.58
N PHE D 748 -21.14 -21.48 -30.00
CA PHE D 748 -21.41 -20.64 -31.17
C PHE D 748 -21.99 -19.31 -30.70
N SER D 749 -22.36 -18.47 -31.67
CA SER D 749 -23.04 -17.22 -31.36
C SER D 749 -24.27 -17.09 -32.23
N PHE D 750 -25.25 -16.32 -31.76
CA PHE D 750 -26.51 -16.17 -32.47
C PHE D 750 -26.78 -14.70 -32.74
N ILE D 751 -27.34 -14.43 -33.92
CA ILE D 751 -27.64 -13.09 -34.38
C ILE D 751 -29.15 -12.97 -34.52
N GLU D 752 -29.70 -11.83 -34.12
CA GLU D 752 -31.12 -11.54 -34.26
C GLU D 752 -31.27 -10.22 -34.99
N SER D 753 -32.02 -10.23 -36.08
CA SER D 753 -32.43 -9.01 -36.75
C SER D 753 -33.90 -8.77 -36.45
N PRO D 754 -34.24 -7.73 -35.68
CA PRO D 754 -35.63 -7.54 -35.25
C PRO D 754 -36.58 -7.37 -36.43
N GLY D 755 -37.68 -8.11 -36.41
CA GLY D 755 -38.61 -8.11 -37.50
C GLY D 755 -38.15 -8.85 -38.74
N LYS D 756 -37.01 -9.53 -38.67
CA LYS D 756 -36.48 -10.25 -39.82
C LYS D 756 -36.06 -11.68 -39.51
N GLY D 757 -35.68 -12.00 -38.29
CA GLY D 757 -35.40 -13.39 -37.94
C GLY D 757 -34.12 -13.52 -37.17
N TYR D 758 -33.55 -14.73 -37.21
CA TYR D 758 -32.31 -15.03 -36.50
C TYR D 758 -31.33 -15.73 -37.45
N ALA D 759 -30.14 -15.98 -36.93
CA ALA D 759 -29.05 -16.60 -37.67
C ALA D 759 -28.02 -17.11 -36.69
N ILE D 760 -27.11 -17.95 -37.17
CA ILE D 760 -26.09 -18.57 -36.34
C ILE D 760 -24.73 -18.29 -36.97
N VAL D 761 -23.76 -17.87 -36.14
CA VAL D 761 -22.39 -17.68 -36.58
C VAL D 761 -21.49 -18.60 -35.76
N ASP D 762 -20.53 -19.19 -36.46
CA ASP D 762 -19.67 -20.24 -35.91
C ASP D 762 -18.41 -19.68 -35.28
N GLU D 763 -18.57 -18.71 -34.38
CA GLU D 763 -17.47 -18.17 -33.61
C GLU D 763 -17.86 -18.14 -32.14
N PRO D 764 -16.89 -18.30 -31.24
CA PRO D 764 -17.19 -18.14 -29.82
C PRO D 764 -17.61 -16.70 -29.51
N PHE D 765 -18.52 -16.58 -28.55
CA PHE D 765 -19.01 -15.27 -28.14
C PHE D 765 -17.93 -14.59 -27.31
N SER D 766 -17.34 -13.52 -27.84
CA SER D 766 -16.27 -12.81 -27.18
C SER D 766 -16.80 -11.49 -26.61
N GLU D 767 -16.53 -11.26 -25.33
CA GLU D 767 -16.95 -10.03 -24.66
C GLU D 767 -16.00 -8.87 -24.88
N ILE D 768 -14.87 -9.10 -25.54
CA ILE D 768 -13.89 -8.06 -25.84
C ILE D 768 -13.81 -7.91 -27.35
N PRO D 769 -13.98 -6.72 -27.90
CA PRO D 769 -13.95 -6.56 -29.36
C PRO D 769 -12.60 -6.96 -29.93
N ARG D 770 -12.65 -7.54 -31.13
CA ARG D 770 -11.45 -8.02 -31.80
C ARG D 770 -11.48 -7.58 -33.26
N GLN D 771 -10.35 -7.08 -33.74
CA GLN D 771 -10.26 -6.63 -35.11
C GLN D 771 -10.38 -7.81 -36.07
N GLY D 772 -11.15 -7.63 -37.14
CA GLY D 772 -11.31 -8.68 -38.14
C GLY D 772 -12.31 -9.75 -37.79
N PHE D 773 -13.06 -9.59 -36.71
CA PHE D 773 -14.09 -10.53 -36.31
C PHE D 773 -15.45 -9.84 -36.27
N LEU D 774 -16.45 -10.55 -35.80
CA LEU D 774 -17.76 -9.96 -35.58
C LEU D 774 -17.78 -9.17 -34.28
N GLY D 775 -18.59 -8.12 -34.26
CA GLY D 775 -18.68 -7.28 -33.07
C GLY D 775 -17.40 -6.54 -32.76
N GLU D 776 -16.68 -6.11 -33.80
CA GLU D 776 -15.51 -5.26 -33.58
C GLU D 776 -15.92 -3.91 -33.02
N ILE D 777 -17.04 -3.37 -33.50
CA ILE D 777 -17.68 -2.20 -32.89
C ILE D 777 -19.01 -2.67 -32.32
N ARG D 778 -19.14 -2.62 -31.00
CA ARG D 778 -20.33 -3.12 -30.32
C ARG D 778 -20.89 -2.04 -29.41
N CYS D 779 -22.22 -2.02 -29.29
CA CYS D 779 -22.92 -1.06 -28.45
C CYS D 779 -23.83 -1.79 -27.47
N ASN D 780 -24.66 -1.04 -26.76
CA ASN D 780 -25.58 -1.61 -25.78
C ASN D 780 -27.04 -1.46 -26.15
N SER D 781 -27.35 -0.77 -27.24
CA SER D 781 -28.73 -0.59 -27.65
C SER D 781 -28.77 -0.29 -29.14
N GLU D 782 -29.97 -0.46 -29.72
CA GLU D 782 -30.14 -0.22 -31.14
C GLU D 782 -29.97 1.27 -31.46
N SER D 783 -30.41 2.14 -30.56
CA SER D 783 -30.25 3.57 -30.78
C SER D 783 -28.79 3.97 -30.83
N SER D 784 -27.97 3.39 -29.94
CA SER D 784 -26.54 3.69 -29.95
C SER D 784 -25.90 3.25 -31.26
N VAL D 785 -26.32 2.11 -31.80
CA VAL D 785 -25.79 1.64 -33.07
C VAL D 785 -26.20 2.59 -34.19
N LEU D 786 -27.49 2.95 -34.23
CA LEU D 786 -27.98 3.78 -35.32
C LEU D 786 -27.49 5.21 -35.23
N SER D 787 -27.01 5.65 -34.07
CA SER D 787 -26.52 7.00 -33.89
C SER D 787 -25.01 7.07 -33.71
N ALA D 788 -24.32 5.93 -33.74
CA ALA D 788 -22.87 5.86 -33.57
C ALA D 788 -22.44 6.58 -32.29
N HIS D 789 -23.15 6.28 -31.20
CA HIS D 789 -22.90 6.95 -29.93
C HIS D 789 -21.51 6.60 -29.41
N GLU D 790 -20.93 7.54 -28.66
CA GLU D 790 -19.57 7.37 -28.16
C GLU D 790 -19.47 6.27 -27.10
N SER D 791 -20.59 5.86 -26.51
CA SER D 791 -20.56 4.79 -25.52
C SER D 791 -20.26 3.43 -26.13
N CYS D 792 -20.32 3.31 -27.45
CA CYS D 792 -20.00 2.05 -28.11
C CYS D 792 -18.51 1.73 -27.94
N LEU D 793 -18.21 0.46 -27.71
CA LEU D 793 -16.84 0.01 -27.60
C LEU D 793 -16.33 -0.47 -28.95
N ARG D 794 -15.02 -0.31 -29.16
CA ARG D 794 -14.39 -0.77 -30.39
C ARG D 794 -12.95 -1.12 -30.10
N ALA D 795 -12.37 -1.92 -31.00
CA ALA D 795 -11.00 -2.38 -30.88
C ALA D 795 -10.02 -1.26 -31.20
N PRO D 796 -8.76 -1.40 -30.80
CA PRO D 796 -7.75 -0.43 -31.24
C PRO D 796 -7.43 -0.59 -32.72
N ASN D 797 -7.02 0.53 -33.33
CA ASN D 797 -6.56 0.58 -34.73
C ASN D 797 -7.54 -0.07 -35.71
N LEU D 798 -8.72 0.55 -35.85
CA LEU D 798 -9.63 0.15 -36.91
C LEU D 798 -9.53 1.03 -38.15
N ILE D 799 -9.15 2.29 -38.00
CA ILE D 799 -9.17 3.24 -39.11
C ILE D 799 -7.81 3.27 -39.78
N SER D 800 -7.80 3.16 -41.10
CA SER D 800 -6.59 3.20 -41.90
C SER D 800 -6.45 4.59 -42.51
N TYR D 801 -5.29 5.22 -42.28
CA TYR D 801 -5.02 6.58 -42.69
C TYR D 801 -3.98 6.58 -43.81
N LYS D 802 -4.24 7.36 -44.85
CA LYS D 802 -3.36 7.50 -46.01
C LYS D 802 -3.07 8.99 -46.16
N PRO D 803 -2.06 9.50 -45.44
CA PRO D 803 -1.72 10.92 -45.48
C PRO D 803 -0.85 11.32 -46.66
N MET D 804 -1.27 10.92 -47.86
CA MET D 804 -0.56 11.31 -49.06
C MET D 804 -0.71 12.81 -49.29
N ILE D 805 0.30 13.39 -49.96
CA ILE D 805 0.51 14.83 -49.92
C ILE D 805 -0.63 15.63 -50.54
N ASP D 806 -1.42 15.04 -51.44
CA ASP D 806 -2.49 15.80 -52.07
C ASP D 806 -3.72 15.87 -51.16
N GLN D 807 -4.30 14.71 -50.85
CA GLN D 807 -5.42 14.66 -49.92
C GLN D 807 -5.30 13.40 -49.06
N LEU D 808 -5.80 13.50 -47.83
CA LEU D 808 -5.80 12.36 -46.93
C LEU D 808 -6.91 11.38 -47.32
N GLU D 809 -6.65 10.09 -47.11
CA GLU D 809 -7.65 9.05 -47.34
C GLU D 809 -7.90 8.33 -46.02
N CYS D 810 -9.11 8.48 -45.49
CA CYS D 810 -9.53 7.80 -44.27
C CYS D 810 -10.45 6.66 -44.69
N THR D 811 -10.02 5.41 -44.49
CA THR D 811 -10.84 4.29 -44.90
C THR D 811 -10.51 3.09 -44.03
N THR D 812 -11.46 2.16 -43.98
CA THR D 812 -11.28 0.96 -43.17
C THR D 812 -12.05 -0.19 -43.80
N ASN D 813 -11.62 -1.41 -43.49
CA ASN D 813 -12.28 -2.63 -43.93
C ASN D 813 -12.96 -3.25 -42.73
N LEU D 814 -14.29 -3.35 -42.80
CA LEU D 814 -15.09 -3.81 -41.69
C LEU D 814 -15.94 -5.00 -42.12
N ILE D 815 -16.04 -6.00 -41.25
CA ILE D 815 -16.92 -7.14 -41.52
C ILE D 815 -18.35 -6.63 -41.52
N ASP D 816 -19.04 -6.83 -42.62
CA ASP D 816 -20.44 -6.44 -42.68
C ASP D 816 -21.26 -7.42 -41.86
N PRO D 817 -21.90 -6.98 -40.77
CA PRO D 817 -22.70 -7.93 -39.99
C PRO D 817 -23.90 -8.44 -40.74
N PHE D 818 -24.44 -7.68 -41.68
CA PHE D 818 -25.61 -8.12 -42.43
C PHE D 818 -25.27 -9.27 -43.37
N VAL D 819 -24.06 -9.26 -43.94
CA VAL D 819 -23.63 -10.35 -44.80
C VAL D 819 -23.52 -11.64 -43.99
N VAL D 820 -22.90 -11.55 -42.81
CA VAL D 820 -22.77 -12.72 -41.95
C VAL D 820 -24.13 -13.20 -41.47
N PHE D 821 -25.05 -12.26 -41.23
CA PHE D 821 -26.40 -12.64 -40.83
C PHE D 821 -27.11 -13.39 -41.95
N GLU D 822 -26.98 -12.92 -43.18
CA GLU D 822 -27.63 -13.58 -44.31
C GLU D 822 -26.97 -14.91 -44.62
N ARG D 823 -25.69 -15.06 -44.30
CA ARG D 823 -24.99 -16.31 -44.58
C ARG D 823 -25.53 -17.46 -43.76
N GLY D 824 -25.87 -17.21 -42.49
CA GLY D 824 -26.18 -18.28 -41.57
C GLY D 824 -27.58 -18.29 -41.01
N SER D 825 -28.60 -18.05 -41.85
CA SER D 825 -29.98 -18.08 -41.40
C SER D 825 -30.28 -19.36 -40.62
N LEU D 826 -31.24 -19.28 -39.71
CA LEU D 826 -31.34 -20.27 -38.63
C LEU D 826 -31.39 -21.72 -39.08
N PRO D 827 -32.18 -22.12 -40.09
CA PRO D 827 -32.31 -23.56 -40.34
C PRO D 827 -30.99 -24.17 -40.79
N GLN D 828 -30.08 -24.33 -39.82
CA GLN D 828 -28.75 -24.87 -40.02
C GLN D 828 -28.51 -25.98 -39.01
N THR D 829 -27.82 -27.04 -39.43
CA THR D 829 -27.50 -28.16 -38.58
C THR D 829 -26.01 -28.17 -38.32
N ARG D 830 -25.62 -28.17 -37.04
CA ARG D 830 -24.24 -28.25 -36.63
C ARG D 830 -24.09 -29.41 -35.66
N ASN D 831 -23.21 -30.36 -35.99
CA ASN D 831 -22.98 -31.59 -35.23
C ASN D 831 -24.28 -32.16 -34.68
N ASP D 832 -25.27 -32.26 -35.55
CA ASP D 832 -26.57 -32.85 -35.24
C ASP D 832 -27.27 -32.10 -34.10
N LYS D 833 -27.54 -30.83 -34.33
CA LYS D 833 -28.30 -30.02 -33.38
C LYS D 833 -29.46 -29.28 -34.03
N THR D 834 -29.30 -28.82 -35.26
CA THR D 834 -30.39 -28.23 -36.05
C THR D 834 -31.14 -27.15 -35.28
N PHE D 835 -30.43 -26.08 -34.97
CA PHE D 835 -31.07 -24.91 -34.37
C PHE D 835 -32.04 -24.29 -35.36
N ALA D 836 -33.16 -23.79 -34.83
CA ALA D 836 -34.19 -23.20 -35.68
C ALA D 836 -35.00 -22.22 -34.85
N ALA D 837 -35.82 -21.43 -35.54
CA ALA D 837 -36.62 -20.41 -34.89
C ALA D 837 -37.80 -21.04 -34.14
N SER D 838 -38.00 -20.61 -32.90
CA SER D 838 -39.14 -21.07 -32.13
C SER D 838 -40.43 -20.48 -32.69
N LYS D 839 -41.53 -21.19 -32.44
CA LYS D 839 -42.83 -20.73 -32.93
C LYS D 839 -43.15 -19.35 -32.35
N GLY D 840 -43.59 -18.44 -33.21
CA GLY D 840 -43.77 -17.06 -32.82
C GLY D 840 -42.51 -16.21 -32.90
N ASN D 841 -41.41 -16.76 -33.42
CA ASN D 841 -40.15 -16.04 -33.62
C ASN D 841 -39.73 -15.26 -32.38
N ARG D 842 -39.85 -15.90 -31.21
CA ARG D 842 -39.44 -15.31 -29.95
C ARG D 842 -38.12 -15.86 -29.45
N GLY D 843 -37.42 -16.68 -30.24
CA GLY D 843 -36.17 -17.25 -29.80
C GLY D 843 -35.70 -18.35 -30.74
N VAL D 844 -34.79 -19.17 -30.24
CA VAL D 844 -34.23 -20.27 -31.01
C VAL D 844 -34.43 -21.58 -30.24
N GLN D 845 -34.41 -22.68 -30.98
CA GLN D 845 -34.59 -24.01 -30.45
C GLN D 845 -33.30 -24.82 -30.61
N ALA D 846 -33.37 -26.10 -30.24
CA ALA D 846 -32.24 -27.01 -30.45
C ALA D 846 -32.82 -28.42 -30.52
N PHE D 847 -32.93 -28.95 -31.74
CA PHE D 847 -33.48 -30.28 -31.96
C PHE D 847 -32.38 -31.32 -31.75
N SER D 848 -32.45 -32.03 -30.63
CA SER D 848 -31.46 -33.05 -30.32
C SER D 848 -32.14 -34.33 -29.87
N LYS D 849 -31.46 -35.44 -30.08
CA LYS D 849 -31.98 -36.75 -29.68
C LYS D 849 -32.10 -36.81 -28.16
N GLY D 850 -33.26 -37.24 -27.68
CA GLY D 850 -33.48 -37.35 -26.26
C GLY D 850 -34.97 -37.47 -25.96
N SER D 851 -35.25 -37.64 -24.67
CA SER D 851 -36.62 -37.75 -24.19
C SER D 851 -36.67 -37.31 -22.73
N VAL D 852 -37.87 -36.94 -22.28
CA VAL D 852 -38.08 -36.48 -20.92
C VAL D 852 -39.33 -37.15 -20.36
N GLN D 853 -39.40 -37.17 -19.02
CA GLN D 853 -40.56 -37.67 -18.30
C GLN D 853 -41.25 -36.49 -17.63
N ALA D 854 -42.52 -36.26 -17.97
CA ALA D 854 -43.27 -35.13 -17.46
C ALA D 854 -44.45 -35.64 -16.64
N ASP D 855 -44.55 -35.15 -15.40
CA ASP D 855 -45.63 -35.51 -14.48
C ASP D 855 -46.21 -34.21 -13.93
N LEU D 856 -47.15 -33.62 -14.67
CA LEU D 856 -47.74 -32.36 -14.24
C LEU D 856 -48.82 -32.58 -13.19
N THR D 857 -48.97 -31.59 -12.31
CA THR D 857 -49.87 -31.68 -11.16
C THR D 857 -50.87 -30.52 -11.21
N LEU D 858 -52.13 -30.85 -11.01
CA LEU D 858 -53.18 -29.87 -10.81
C LEU D 858 -53.34 -29.58 -9.32
N MET D 859 -54.00 -28.46 -9.01
CA MET D 859 -54.21 -28.12 -7.61
C MET D 859 -55.37 -27.13 -7.50
N PHE D 860 -56.28 -27.40 -6.56
CA PHE D 860 -57.46 -26.57 -6.31
C PHE D 860 -58.33 -26.40 -7.56
N ASP D 861 -58.35 -27.40 -8.43
CA ASP D 861 -59.09 -27.30 -9.69
C ASP D 861 -60.59 -27.25 -9.40
N ASN D 862 -61.19 -26.08 -9.59
CA ASN D 862 -62.63 -25.89 -9.32
C ASN D 862 -63.19 -25.00 -10.43
N PHE D 863 -63.96 -25.59 -11.34
CA PHE D 863 -64.62 -24.84 -12.41
C PHE D 863 -65.95 -25.54 -12.70
N GLU D 864 -67.01 -25.09 -12.05
CA GLU D 864 -68.32 -25.72 -12.18
C GLU D 864 -69.40 -24.65 -12.23
N VAL D 865 -70.46 -24.94 -12.98
CA VAL D 865 -71.62 -24.07 -13.12
C VAL D 865 -72.88 -24.90 -12.89
N ASP D 866 -74.02 -24.24 -12.99
CA ASP D 866 -75.31 -24.87 -12.72
C ASP D 866 -76.06 -25.28 -13.98
N PHE D 867 -75.89 -24.57 -15.09
CA PHE D 867 -76.64 -24.86 -16.30
C PHE D 867 -76.30 -26.21 -16.90
N VAL D 868 -75.21 -26.85 -16.48
CA VAL D 868 -74.82 -28.15 -17.03
C VAL D 868 -75.65 -29.29 -16.47
N GLY D 869 -76.60 -29.01 -15.57
CA GLY D 869 -77.41 -30.08 -15.01
C GLY D 869 -78.29 -30.78 -16.03
N ALA D 870 -78.64 -30.08 -17.12
CA ALA D 870 -79.47 -30.67 -18.16
C ALA D 870 -78.70 -31.72 -18.95
N ALA D 871 -79.42 -32.71 -19.45
CA ALA D 871 -78.82 -33.80 -20.22
C ALA D 871 -78.93 -33.52 -21.71
N VAL D 872 -78.07 -34.21 -22.48
CA VAL D 872 -77.99 -34.06 -23.93
C VAL D 872 -77.72 -35.43 -24.54
N SER D 873 -78.31 -35.66 -25.72
CA SER D 873 -78.13 -36.92 -26.44
C SER D 873 -77.31 -36.68 -27.70
N CYS D 874 -76.68 -37.74 -28.18
CA CYS D 874 -75.81 -37.64 -29.35
C CYS D 874 -76.05 -38.84 -30.26
N ASP D 875 -75.30 -38.89 -31.34
CA ASP D 875 -75.15 -40.09 -32.16
C ASP D 875 -73.72 -40.11 -32.68
N ALA D 876 -73.08 -41.27 -32.58
CA ALA D 876 -71.68 -41.41 -32.96
C ALA D 876 -71.52 -42.55 -33.95
N ALA D 877 -70.56 -42.38 -34.87
CA ALA D 877 -70.27 -43.37 -35.90
C ALA D 877 -68.77 -43.49 -36.05
N PHE D 878 -68.26 -44.72 -35.95
CA PHE D 878 -66.85 -44.97 -36.16
C PHE D 878 -66.45 -44.64 -37.59
N LEU D 879 -65.30 -43.99 -37.76
CA LEU D 879 -64.86 -43.53 -39.07
C LEU D 879 -63.70 -44.35 -39.62
N ASN D 880 -62.57 -44.41 -38.89
CA ASN D 880 -61.42 -45.19 -39.34
C ASN D 880 -60.40 -45.23 -38.20
N LEU D 881 -59.28 -45.90 -38.46
CA LEU D 881 -58.19 -46.06 -37.51
C LEU D 881 -56.90 -46.05 -38.28
N THR D 882 -55.92 -45.25 -37.83
CA THR D 882 -54.61 -45.25 -38.47
C THR D 882 -53.53 -45.12 -37.41
N GLY D 883 -52.27 -45.31 -37.83
CA GLY D 883 -51.15 -45.09 -36.95
C GLY D 883 -50.42 -46.38 -36.67
N CYS D 884 -49.70 -46.39 -35.55
CA CYS D 884 -48.85 -47.51 -35.16
C CYS D 884 -49.22 -47.98 -33.76
N TYR D 885 -48.43 -48.93 -33.25
CA TYR D 885 -48.61 -49.48 -31.91
C TYR D 885 -47.29 -49.40 -31.15
N SER D 886 -47.39 -49.25 -29.84
CA SER D 886 -46.23 -49.18 -28.95
C SER D 886 -45.25 -48.10 -29.40
N CYS D 887 -45.80 -47.00 -29.92
CA CYS D 887 -45.01 -45.92 -30.48
C CYS D 887 -45.35 -44.60 -29.82
N ASN D 888 -44.35 -43.72 -29.75
CA ASN D 888 -44.56 -42.40 -29.17
C ASN D 888 -45.54 -41.58 -30.00
N ALA D 889 -45.55 -41.78 -31.32
CA ALA D 889 -46.51 -41.08 -32.16
C ALA D 889 -47.93 -41.51 -31.85
N GLY D 890 -48.13 -42.80 -31.59
CA GLY D 890 -49.45 -43.30 -31.24
C GLY D 890 -50.34 -43.57 -32.44
N ALA D 891 -51.59 -43.89 -32.13
CA ALA D 891 -52.58 -44.24 -33.13
C ALA D 891 -53.68 -43.19 -33.15
N ARG D 892 -54.08 -42.78 -34.34
CA ARG D 892 -55.12 -41.79 -34.52
C ARG D 892 -56.45 -42.47 -34.78
N VAL D 893 -57.45 -42.11 -33.98
CA VAL D 893 -58.83 -42.56 -34.14
C VAL D 893 -59.65 -41.34 -34.52
N CYS D 894 -60.59 -41.52 -35.44
CA CYS D 894 -61.49 -40.45 -35.81
C CYS D 894 -62.93 -40.93 -35.74
N LEU D 895 -63.80 -40.08 -35.21
CA LEU D 895 -65.20 -40.41 -34.97
C LEU D 895 -66.08 -39.34 -35.57
N SER D 896 -67.18 -39.79 -36.17
CA SER D 896 -68.23 -38.90 -36.67
C SER D 896 -69.30 -38.79 -35.61
N ILE D 897 -69.43 -37.60 -35.03
CA ILE D 897 -70.37 -37.34 -33.95
C ILE D 897 -71.54 -36.55 -34.51
N THR D 898 -72.73 -37.11 -34.42
CA THR D 898 -73.97 -36.45 -34.84
C THR D 898 -74.75 -36.13 -33.57
N SER D 899 -74.72 -34.87 -33.14
CA SER D 899 -75.30 -34.48 -31.87
C SER D 899 -76.27 -33.32 -32.06
N THR D 900 -77.20 -33.19 -31.13
CA THR D 900 -78.19 -32.13 -31.16
C THR D 900 -77.71 -30.86 -30.47
N GLY D 901 -76.56 -30.89 -29.81
CA GLY D 901 -76.07 -29.71 -29.12
C GLY D 901 -74.69 -29.93 -28.55
N THR D 902 -74.30 -29.01 -27.68
CA THR D 902 -72.98 -29.08 -27.06
C THR D 902 -72.90 -30.27 -26.11
N GLY D 903 -71.74 -30.93 -26.10
CA GLY D 903 -71.54 -32.07 -25.24
C GLY D 903 -70.17 -32.67 -25.45
N SER D 904 -69.94 -33.79 -24.77
CA SER D 904 -68.68 -34.52 -24.80
C SER D 904 -68.95 -35.98 -25.17
N LEU D 905 -67.92 -36.81 -25.04
CA LEU D 905 -68.02 -38.23 -25.35
C LEU D 905 -67.14 -38.99 -24.36
N SER D 906 -67.64 -40.12 -23.88
CA SER D 906 -66.99 -40.86 -22.80
C SER D 906 -66.95 -42.36 -23.10
N ALA D 907 -66.49 -42.71 -24.30
CA ALA D 907 -66.39 -44.12 -24.66
C ALA D 907 -65.30 -44.80 -23.86
N HIS D 908 -65.66 -45.90 -23.20
CA HIS D 908 -64.73 -46.68 -22.38
C HIS D 908 -64.79 -48.13 -22.82
N ASN D 909 -63.63 -48.78 -22.88
CA ASN D 909 -63.58 -50.17 -23.28
C ASN D 909 -64.10 -51.06 -22.15
N LYS D 910 -64.14 -52.36 -22.41
CA LYS D 910 -64.71 -53.30 -21.44
C LYS D 910 -63.91 -53.32 -20.15
N ASP D 911 -62.59 -53.29 -20.25
CA ASP D 911 -61.71 -53.33 -19.08
C ASP D 911 -61.39 -51.96 -18.53
N GLY D 912 -61.85 -50.89 -19.16
CA GLY D 912 -61.60 -49.55 -18.67
C GLY D 912 -60.20 -49.03 -18.89
N SER D 913 -59.36 -49.74 -19.65
CA SER D 913 -57.99 -49.30 -19.84
C SER D 913 -57.91 -48.13 -20.81
N LEU D 914 -58.70 -48.16 -21.88
CA LEU D 914 -58.64 -47.15 -22.93
C LEU D 914 -59.89 -46.28 -22.87
N HIS D 915 -59.70 -44.96 -22.95
CA HIS D 915 -60.78 -44.00 -22.88
C HIS D 915 -60.70 -43.07 -24.08
N ILE D 916 -61.86 -42.73 -24.64
CA ILE D 916 -61.96 -41.84 -25.80
C ILE D 916 -62.88 -40.69 -25.43
N VAL D 917 -62.38 -39.46 -25.60
CA VAL D 917 -63.13 -38.25 -25.30
C VAL D 917 -63.12 -37.35 -26.52
N LEU D 918 -64.29 -36.89 -26.95
CA LEU D 918 -64.42 -36.01 -28.09
C LEU D 918 -65.64 -35.11 -27.88
N PRO D 919 -65.49 -33.81 -28.13
CA PRO D 919 -66.64 -32.91 -27.97
C PRO D 919 -67.74 -33.21 -29.00
N SER D 920 -68.97 -32.96 -28.60
CA SER D 920 -70.14 -33.17 -29.45
C SER D 920 -70.82 -31.83 -29.71
N GLU D 921 -71.16 -31.56 -30.96
CA GLU D 921 -71.76 -30.30 -31.36
C GLU D 921 -72.99 -30.57 -32.21
N ASN D 922 -73.78 -29.51 -32.42
CA ASN D 922 -74.99 -29.61 -33.20
C ASN D 922 -74.67 -30.01 -34.63
N GLY D 923 -75.55 -30.82 -35.22
CA GLY D 923 -75.29 -31.38 -36.53
C GLY D 923 -74.30 -32.52 -36.48
N THR D 924 -73.68 -32.76 -37.63
CA THR D 924 -72.65 -33.80 -37.76
C THR D 924 -71.28 -33.17 -37.85
N LYS D 925 -70.32 -33.71 -37.09
CA LYS D 925 -68.95 -33.23 -37.09
C LYS D 925 -68.01 -34.42 -37.11
N ASP D 926 -66.77 -34.18 -37.49
CA ASP D 926 -65.74 -35.22 -37.57
C ASP D 926 -64.60 -34.83 -36.64
N GLN D 927 -64.50 -35.49 -35.49
CA GLN D 927 -63.43 -35.21 -34.55
C GLN D 927 -62.42 -36.35 -34.56
N CYS D 928 -61.26 -36.11 -33.96
CA CYS D 928 -60.20 -37.11 -33.91
C CYS D 928 -59.46 -37.03 -32.58
N GLN D 929 -58.83 -38.14 -32.22
CA GLN D 929 -58.19 -38.32 -30.93
C GLN D 929 -56.99 -39.24 -31.11
N ILE D 930 -56.10 -39.23 -30.12
CA ILE D 930 -54.85 -39.99 -30.15
C ILE D 930 -54.85 -40.98 -28.99
N LEU D 931 -54.56 -42.24 -29.28
CA LEU D 931 -54.51 -43.29 -28.28
C LEU D 931 -53.21 -44.08 -28.45
N HIS D 932 -53.02 -45.06 -27.57
CA HIS D 932 -51.86 -45.95 -27.60
C HIS D 932 -52.32 -47.40 -27.65
N PHE D 933 -51.61 -48.22 -28.40
CA PHE D 933 -51.95 -49.63 -28.57
C PHE D 933 -50.67 -50.45 -28.58
N THR D 934 -50.83 -51.76 -28.41
CA THR D 934 -49.70 -52.68 -28.43
C THR D 934 -50.01 -53.92 -29.26
N VAL D 935 -50.88 -53.80 -30.26
CA VAL D 935 -51.26 -54.93 -31.10
C VAL D 935 -51.24 -54.51 -32.56
N PRO D 936 -50.78 -55.37 -33.48
CA PRO D 936 -50.82 -55.01 -34.90
C PRO D 936 -52.23 -54.76 -35.43
N GLU D 937 -53.23 -55.45 -34.90
CA GLU D 937 -54.61 -55.30 -35.34
C GLU D 937 -55.47 -54.91 -34.14
N VAL D 938 -56.39 -53.98 -34.37
CA VAL D 938 -57.25 -53.45 -33.32
C VAL D 938 -58.70 -53.82 -33.64
N GLU D 939 -59.34 -54.51 -32.68
CA GLU D 939 -60.75 -54.90 -32.82
C GLU D 939 -61.34 -54.90 -31.42
N GLU D 940 -62.01 -53.80 -31.07
CA GLU D 940 -62.53 -53.63 -29.72
C GLU D 940 -63.91 -53.00 -29.75
N GLU D 941 -64.57 -53.06 -28.60
CA GLU D 941 -65.87 -52.43 -28.39
C GLU D 941 -65.78 -51.50 -27.18
N PHE D 942 -66.36 -50.32 -27.30
CA PHE D 942 -66.33 -49.30 -26.27
C PHE D 942 -67.75 -48.93 -25.88
N MET D 943 -67.93 -48.55 -24.61
CA MET D 943 -69.23 -48.15 -24.09
C MET D 943 -69.32 -46.63 -24.18
N TYR D 944 -69.93 -46.12 -25.24
CA TYR D 944 -70.02 -44.69 -25.47
C TYR D 944 -71.39 -44.18 -25.09
N SER D 945 -71.41 -43.05 -24.38
CA SER D 945 -72.64 -42.40 -23.94
C SER D 945 -72.32 -40.97 -23.47
N CYS D 946 -73.00 -39.98 -24.05
CA CYS D 946 -72.78 -38.58 -23.72
C CYS D 946 -73.89 -38.15 -22.76
N ASP D 947 -73.66 -38.34 -21.46
CA ASP D 947 -74.59 -37.89 -20.43
C ASP D 947 -75.98 -38.50 -20.59
N GLY D 948 -76.07 -39.64 -21.28
CA GLY D 948 -77.35 -40.24 -21.58
C GLY D 948 -77.33 -41.76 -21.60
N ASP D 949 -78.10 -42.37 -22.49
CA ASP D 949 -78.19 -43.82 -22.55
C ASP D 949 -76.89 -44.42 -23.05
N GLU D 950 -76.54 -45.57 -22.48
CA GLU D 950 -75.31 -46.26 -22.82
C GLU D 950 -75.48 -46.99 -24.16
N ARG D 951 -74.51 -46.81 -25.06
CA ARG D 951 -74.56 -47.42 -26.37
C ARG D 951 -73.22 -48.05 -26.71
N PRO D 952 -73.20 -49.03 -27.62
CA PRO D 952 -71.93 -49.64 -28.02
C PRO D 952 -71.34 -49.02 -29.28
N LEU D 953 -70.02 -48.92 -29.31
CA LEU D 953 -69.28 -48.46 -30.48
C LEU D 953 -68.15 -49.43 -30.77
N LEU D 954 -68.10 -49.94 -32.00
CA LEU D 954 -67.14 -50.97 -32.38
C LEU D 954 -66.09 -50.35 -33.29
N VAL D 955 -64.81 -50.60 -32.98
CA VAL D 955 -63.70 -49.99 -33.70
C VAL D 955 -62.92 -51.10 -34.41
N LYS D 956 -62.59 -50.86 -35.68
CA LYS D 956 -61.83 -51.78 -36.50
C LYS D 956 -60.51 -51.12 -36.92
N GLY D 957 -59.75 -51.84 -37.73
CA GLY D 957 -58.52 -51.31 -38.29
C GLY D 957 -57.26 -51.97 -37.75
N THR D 958 -56.18 -51.87 -38.50
CA THR D 958 -54.89 -52.41 -38.12
C THR D 958 -53.91 -51.26 -37.89
N LEU D 959 -52.69 -51.60 -37.47
CA LEU D 959 -51.67 -50.62 -37.17
C LEU D 959 -50.36 -51.01 -37.85
N ILE D 960 -49.68 -50.01 -38.40
CA ILE D 960 -48.41 -50.26 -39.06
C ILE D 960 -47.33 -50.54 -38.03
N ALA D 961 -46.27 -51.21 -38.47
CA ALA D 961 -45.14 -51.55 -37.61
C ALA D 961 -43.97 -50.62 -37.92
N ILE D 962 -43.47 -49.95 -36.91
CA ILE D 962 -42.33 -49.04 -37.05
C ILE D 962 -41.05 -49.87 -37.06
N ASP D 963 -40.22 -49.69 -38.08
CA ASP D 963 -38.94 -50.39 -38.16
C ASP D 963 -37.90 -49.63 -37.35
N PRO D 964 -37.38 -50.21 -36.28
CA PRO D 964 -36.35 -49.52 -35.49
C PRO D 964 -34.95 -49.84 -35.99
N PHE D 965 -34.84 -50.88 -36.83
CA PHE D 965 -33.58 -51.40 -37.35
C PHE D 965 -32.76 -52.04 -36.23
N ASP D 966 -33.25 -51.94 -35.00
CA ASP D 966 -32.62 -52.57 -33.85
C ASP D 966 -33.63 -52.61 -32.72
N ASP D 967 -34.04 -53.80 -32.31
CA ASP D 967 -35.02 -53.96 -31.25
C ASP D 967 -34.58 -55.05 -30.29
N ARG D 968 -34.69 -54.77 -29.00
CA ARG D 968 -34.40 -55.76 -27.96
C ARG D 968 -35.64 -56.15 -27.18
N ARG D 969 -36.31 -55.19 -26.54
CA ARG D 969 -37.51 -55.47 -25.76
C ARG D 969 -38.73 -54.72 -26.25
N GLU D 970 -38.65 -53.40 -26.36
CA GLU D 970 -39.80 -52.57 -26.74
C GLU D 970 -39.28 -51.15 -26.99
N ALA D 971 -40.20 -50.27 -27.40
CA ALA D 971 -39.86 -48.89 -27.73
C ALA D 971 -40.11 -47.94 -26.56
N GLY D 972 -41.35 -47.86 -26.08
CA GLY D 972 -41.71 -46.97 -25.00
C GLY D 972 -42.83 -46.02 -25.40
N GLY D 973 -43.24 -45.20 -24.44
CA GLY D 973 -44.31 -44.25 -24.65
C GLY D 973 -44.13 -42.92 -23.94
N GLU D 974 -42.89 -42.60 -23.57
CA GLU D 974 -42.62 -41.37 -22.82
C GLU D 974 -42.72 -40.16 -23.75
N SER D 975 -42.40 -38.99 -23.19
CA SER D 975 -42.39 -37.74 -23.94
C SER D 975 -41.01 -37.55 -24.57
N THR D 976 -40.97 -37.53 -25.90
CA THR D 976 -39.72 -37.47 -26.64
C THR D 976 -39.61 -36.11 -27.34
N VAL D 977 -38.44 -35.50 -27.24
CA VAL D 977 -38.20 -34.24 -27.93
C VAL D 977 -37.82 -34.52 -29.39
N VAL D 978 -37.95 -33.49 -30.22
CA VAL D 978 -37.64 -33.61 -31.64
C VAL D 978 -36.14 -33.82 -31.82
N ASN D 979 -35.79 -34.71 -32.75
CA ASN D 979 -34.41 -35.08 -33.02
C ASN D 979 -34.11 -34.93 -34.49
N PRO D 980 -32.84 -34.71 -34.85
CA PRO D 980 -32.46 -34.64 -36.26
C PRO D 980 -32.31 -36.02 -36.87
N LYS D 981 -32.27 -36.05 -38.21
CA LYS D 981 -32.13 -37.30 -38.94
C LYS D 981 -30.77 -37.95 -38.68
N SER D 982 -29.69 -37.16 -38.68
CA SER D 982 -28.36 -37.69 -38.52
C SER D 982 -28.08 -38.23 -37.13
N GLY D 983 -28.93 -37.93 -36.15
CA GLY D 983 -28.74 -38.41 -34.79
C GLY D 983 -28.89 -39.91 -34.66
N PRO E 1 -36.38 30.68 -14.25
CA PRO E 1 -37.73 30.60 -13.72
C PRO E 1 -38.78 30.42 -14.82
N HIS E 2 -38.49 29.56 -15.80
CA HIS E 2 -39.43 29.32 -16.88
C HIS E 2 -40.70 28.62 -16.40
N LEU E 3 -40.65 27.96 -15.24
CA LEU E 3 -41.81 27.26 -14.72
C LEU E 3 -42.95 28.19 -14.31
N ARG E 4 -42.68 29.48 -14.19
CA ARG E 4 -43.69 30.45 -13.82
C ARG E 4 -44.45 31.01 -15.02
N ASN E 5 -44.23 30.44 -16.21
CA ASN E 5 -45.05 30.74 -17.38
C ASN E 5 -46.15 29.69 -17.44
N ARG E 6 -47.23 29.94 -16.73
CA ARG E 6 -48.25 28.93 -16.49
C ARG E 6 -49.10 28.69 -17.74
N PRO E 7 -49.53 27.45 -17.97
CA PRO E 7 -50.47 27.19 -19.05
C PRO E 7 -51.85 27.73 -18.74
N GLY E 8 -52.60 28.06 -19.79
CA GLY E 8 -53.92 28.61 -19.58
C GLY E 8 -53.87 29.98 -18.94
N LYS E 9 -54.88 30.25 -18.11
CA LYS E 9 -54.93 31.54 -17.41
C LYS E 9 -53.85 31.64 -16.36
N GLY E 10 -53.49 30.54 -15.71
CA GLY E 10 -52.53 30.58 -14.63
C GLY E 10 -53.05 31.26 -13.38
N HIS E 11 -54.31 31.04 -13.03
CA HIS E 11 -54.93 31.65 -11.85
C HIS E 11 -54.73 30.72 -10.67
N ASN E 12 -53.68 30.96 -9.90
CA ASN E 12 -53.35 30.12 -8.74
C ASN E 12 -53.89 30.74 -7.46
N TYR E 13 -55.20 30.95 -7.41
CA TYR E 13 -55.85 31.50 -6.22
C TYR E 13 -57.17 30.80 -5.98
N ILE E 14 -57.65 30.91 -4.75
CA ILE E 14 -58.86 30.25 -4.30
C ILE E 14 -59.89 31.31 -3.91
N ASP E 15 -61.16 30.97 -4.05
CA ASP E 15 -62.22 31.91 -3.73
C ASP E 15 -62.19 32.27 -2.24
N GLY E 16 -62.43 33.52 -1.95
CA GLY E 16 -62.36 34.02 -0.58
C GLY E 16 -60.99 34.56 -0.20
N MET E 17 -59.94 33.87 -0.59
CA MET E 17 -58.57 34.31 -0.31
C MET E 17 -58.05 35.10 -1.51
N THR E 18 -58.68 36.23 -1.75
CA THR E 18 -58.38 37.08 -2.90
C THR E 18 -57.59 38.33 -2.51
N GLN E 19 -56.71 38.22 -1.52
CA GLN E 19 -55.87 39.33 -1.10
C GLN E 19 -54.49 39.29 -1.73
N GLU E 20 -54.24 38.35 -2.63
CA GLU E 20 -52.95 38.21 -3.29
C GLU E 20 -53.10 38.23 -4.81
N ASP E 21 -54.13 38.93 -5.31
CA ASP E 21 -54.40 38.97 -6.73
C ASP E 21 -53.30 39.67 -7.53
N ALA E 22 -52.42 40.41 -6.87
CA ALA E 22 -51.33 41.07 -7.59
C ALA E 22 -50.39 40.05 -8.21
N THR E 23 -50.08 38.97 -7.50
CA THR E 23 -49.12 37.99 -7.95
C THR E 23 -49.67 36.59 -8.15
N CYS E 24 -50.92 36.33 -7.74
CA CYS E 24 -51.52 35.01 -7.93
C CYS E 24 -52.50 34.98 -9.10
N LYS E 25 -53.16 36.09 -9.41
CA LYS E 25 -53.68 36.27 -10.75
C LYS E 25 -52.49 36.29 -11.70
N PRO E 26 -52.70 36.05 -13.01
CA PRO E 26 -51.82 35.12 -13.73
C PRO E 26 -50.38 35.11 -13.27
N VAL E 27 -49.92 33.95 -12.83
CA VAL E 27 -48.60 33.81 -12.24
C VAL E 27 -47.55 34.10 -13.31
N THR E 28 -46.65 35.01 -13.00
CA THR E 28 -45.64 35.48 -13.94
C THR E 28 -44.28 35.34 -13.27
N TYR E 29 -43.21 35.64 -14.02
CA TYR E 29 -41.86 35.53 -13.48
C TYR E 29 -41.59 36.49 -12.34
N ALA E 30 -42.42 37.51 -12.17
CA ALA E 30 -42.07 38.63 -11.29
C ALA E 30 -42.36 38.33 -9.83
N GLY E 31 -43.64 38.16 -9.49
CA GLY E 31 -44.07 38.18 -8.12
C GLY E 31 -43.81 36.88 -7.38
N ALA E 32 -44.51 36.73 -6.26
CA ALA E 32 -44.46 35.52 -5.44
C ALA E 32 -45.86 35.19 -4.95
N CYS E 33 -46.30 33.97 -5.24
CA CYS E 33 -47.62 33.49 -4.83
C CYS E 33 -47.44 32.39 -3.81
N SER E 34 -48.15 32.52 -2.68
CA SER E 34 -47.99 31.56 -1.59
C SER E 34 -48.54 30.19 -1.95
N SER E 35 -49.61 30.15 -2.73
CA SER E 35 -50.24 28.89 -3.11
C SER E 35 -49.57 28.22 -4.31
N PHE E 36 -48.50 28.80 -4.83
CA PHE E 36 -47.76 28.20 -5.94
C PHE E 36 -46.29 27.97 -5.63
N ASP E 37 -45.65 28.87 -4.88
CA ASP E 37 -44.22 28.76 -4.64
C ASP E 37 -43.87 27.53 -3.82
N VAL E 38 -44.80 27.01 -3.03
CA VAL E 38 -44.52 25.81 -2.24
C VAL E 38 -44.29 24.61 -3.13
N LEU E 39 -44.92 24.59 -4.31
CA LEU E 39 -44.76 23.47 -5.23
C LEU E 39 -43.36 23.37 -5.80
N LEU E 40 -42.62 24.47 -5.85
CA LEU E 40 -41.30 24.51 -6.49
C LEU E 40 -40.16 24.33 -5.49
N GLU E 41 -40.45 24.10 -4.23
CA GLU E 41 -39.39 23.83 -3.27
C GLU E 41 -38.77 22.46 -3.53
N LYS E 42 -37.45 22.39 -3.42
CA LYS E 42 -36.74 21.16 -3.71
C LYS E 42 -37.08 20.09 -2.68
N GLY E 43 -37.34 18.88 -3.18
CA GLY E 43 -37.67 17.75 -2.33
C GLY E 43 -39.14 17.60 -2.00
N LYS E 44 -39.96 18.60 -2.28
CA LYS E 44 -41.39 18.54 -2.02
C LYS E 44 -42.15 18.60 -3.34
N PHE E 45 -43.25 17.87 -3.40
CA PHE E 45 -44.06 17.75 -4.61
C PHE E 45 -43.20 17.30 -5.80
N PRO E 46 -42.63 16.10 -5.75
CA PRO E 46 -41.78 15.66 -6.87
C PRO E 46 -42.56 15.26 -8.11
N LEU E 47 -43.76 14.70 -7.95
CA LEU E 47 -44.55 14.31 -9.11
C LEU E 47 -44.95 15.52 -9.94
N PHE E 48 -45.39 16.60 -9.29
CA PHE E 48 -45.70 17.81 -10.04
C PHE E 48 -44.43 18.44 -10.59
N GLN E 49 -43.34 18.41 -9.82
CA GLN E 49 -42.10 19.00 -10.30
C GLN E 49 -41.60 18.31 -11.55
N SER E 50 -41.88 17.01 -11.70
CA SER E 50 -41.57 16.32 -12.95
C SER E 50 -42.47 16.82 -14.07
N TYR E 51 -43.78 16.89 -13.83
CA TYR E 51 -44.73 17.40 -14.81
C TYR E 51 -45.05 18.85 -14.53
N ALA E 52 -44.00 19.68 -14.51
CA ALA E 52 -44.09 21.04 -14.02
C ALA E 52 -44.88 21.97 -14.94
N HIS E 53 -45.10 21.60 -16.20
CA HIS E 53 -45.78 22.46 -17.15
C HIS E 53 -47.23 22.04 -17.38
N HIS E 54 -47.78 21.23 -16.48
CA HIS E 54 -49.20 20.92 -16.47
C HIS E 54 -49.89 21.72 -15.38
N ARG E 55 -51.20 21.85 -15.51
CA ARG E 55 -51.97 22.66 -14.59
C ARG E 55 -51.94 22.08 -13.17
N THR E 56 -52.08 22.96 -12.20
CA THR E 56 -52.24 22.55 -10.80
C THR E 56 -53.72 22.31 -10.53
N LEU E 57 -54.07 22.06 -9.27
CA LEU E 57 -55.48 21.88 -8.93
C LEU E 57 -56.24 23.18 -9.07
N LEU E 58 -55.69 24.27 -8.54
CA LEU E 58 -56.37 25.57 -8.62
C LEU E 58 -56.49 26.04 -10.08
N GLU E 59 -55.43 25.86 -10.86
CA GLU E 59 -55.48 26.22 -12.27
C GLU E 59 -56.55 25.42 -13.00
N ALA E 60 -56.63 24.11 -12.74
CA ALA E 60 -57.64 23.29 -13.38
C ALA E 60 -59.04 23.70 -12.95
N VAL E 61 -59.19 24.12 -11.69
CA VAL E 61 -60.50 24.59 -11.23
C VAL E 61 -60.90 25.86 -11.97
N HIS E 62 -59.95 26.79 -12.15
CA HIS E 62 -60.28 28.05 -12.80
C HIS E 62 -60.46 27.94 -14.30
N ASP E 63 -60.03 26.84 -14.91
CA ASP E 63 -60.27 26.58 -16.32
C ASP E 63 -61.50 25.70 -16.54
N THR E 64 -62.30 25.49 -15.49
CA THR E 64 -63.51 24.66 -15.52
C THR E 64 -63.20 23.20 -15.85
N ILE E 65 -61.94 22.79 -15.76
CA ILE E 65 -61.62 21.38 -15.94
C ILE E 65 -62.14 20.57 -14.76
N ILE E 66 -61.92 21.05 -13.54
CA ILE E 66 -62.34 20.37 -12.32
C ILE E 66 -63.36 21.26 -11.62
N ALA E 67 -64.49 20.66 -11.25
CA ALA E 67 -65.56 21.41 -10.61
C ALA E 67 -65.24 21.67 -9.14
N LYS E 68 -66.11 22.44 -8.50
CA LYS E 68 -65.99 22.73 -7.08
C LYS E 68 -67.08 22.00 -6.32
N ALA E 69 -66.71 21.39 -5.20
CA ALA E 69 -67.62 20.54 -4.46
C ALA E 69 -68.71 21.37 -3.79
N ASP E 70 -69.78 20.68 -3.40
CA ASP E 70 -70.81 21.31 -2.59
C ASP E 70 -70.24 21.68 -1.23
N PRO E 71 -70.78 22.70 -0.57
CA PRO E 71 -69.96 23.56 0.28
C PRO E 71 -68.50 23.56 -0.16
N PRO E 72 -68.14 24.47 -1.06
CA PRO E 72 -66.80 24.44 -1.66
C PRO E 72 -65.69 24.44 -0.62
N SER E 73 -65.88 25.23 0.43
CA SER E 73 -65.00 25.19 1.60
C SER E 73 -65.85 25.56 2.80
N CYS E 74 -66.35 24.56 3.51
CA CYS E 74 -67.11 24.85 4.71
C CYS E 74 -66.17 25.37 5.80
N ASP E 75 -66.33 26.65 6.12
CA ASP E 75 -65.44 27.30 7.06
C ASP E 75 -65.57 26.68 8.44
N LEU E 76 -64.44 26.42 9.08
CA LEU E 76 -64.47 25.88 10.44
C LEU E 76 -65.05 26.89 11.42
N GLN E 77 -65.10 28.16 11.07
CA GLN E 77 -65.69 29.16 11.95
C GLN E 77 -67.20 29.01 12.02
N SER E 78 -67.83 28.65 10.90
CA SER E 78 -69.28 28.57 10.83
C SER E 78 -69.82 27.16 10.68
N ALA E 79 -68.98 26.19 10.36
CA ALA E 79 -69.45 24.82 10.12
C ALA E 79 -68.51 23.81 10.77
N HIS E 80 -68.09 24.08 12.00
CA HIS E 80 -67.27 23.10 12.71
C HIS E 80 -68.09 22.00 13.35
N GLY E 81 -69.41 22.12 13.39
CA GLY E 81 -70.26 21.09 13.94
C GLY E 81 -70.94 20.25 12.87
N ASN E 82 -70.47 20.37 11.63
CA ASN E 82 -71.03 19.64 10.51
C ASN E 82 -70.09 18.54 10.07
N PRO E 83 -70.60 17.44 9.53
CA PRO E 83 -69.73 16.34 9.10
C PRO E 83 -68.90 16.68 7.87
N CYS E 84 -68.10 17.74 7.96
CA CYS E 84 -67.27 18.20 6.86
C CYS E 84 -65.94 17.46 6.82
N MET E 85 -65.16 17.56 7.90
CA MET E 85 -63.80 17.03 7.90
C MET E 85 -63.82 15.52 8.00
N LYS E 86 -64.30 14.85 6.96
CA LYS E 86 -64.35 13.39 6.91
C LYS E 86 -63.32 12.83 5.95
N GLU E 87 -63.23 13.35 4.74
CA GLU E 87 -62.22 12.91 3.81
C GLU E 87 -60.84 13.42 4.19
N LYS E 88 -60.78 14.57 4.87
CA LYS E 88 -59.49 15.11 5.28
C LYS E 88 -58.89 14.30 6.43
N LEU E 89 -59.72 13.79 7.33
CA LEU E 89 -59.21 13.10 8.51
C LEU E 89 -58.67 11.73 8.20
N VAL E 90 -58.94 11.19 7.00
CA VAL E 90 -58.38 9.89 6.62
C VAL E 90 -57.05 10.03 5.90
N MET E 91 -56.61 11.25 5.61
CA MET E 91 -55.32 11.50 4.96
C MET E 91 -54.30 11.92 5.99
N LYS E 92 -53.05 11.57 5.73
CA LYS E 92 -51.92 11.98 6.55
C LYS E 92 -51.12 13.01 5.76
N THR E 93 -51.30 14.28 6.10
CA THR E 93 -50.66 15.38 5.41
C THR E 93 -49.67 16.07 6.34
N HIS E 94 -49.06 17.15 5.84
CA HIS E 94 -48.10 17.91 6.64
C HIS E 94 -48.07 19.34 6.10
N CYS E 95 -48.76 20.25 6.79
CA CYS E 95 -48.75 21.64 6.36
C CYS E 95 -47.62 22.41 7.04
N PRO E 96 -47.04 23.39 6.35
CA PRO E 96 -46.13 24.33 7.03
C PRO E 96 -46.91 25.32 7.89
N ASN E 97 -46.23 26.28 8.49
CA ASN E 97 -46.87 27.20 9.41
C ASN E 97 -47.44 28.41 8.66
N ASP E 98 -48.26 29.17 9.37
CA ASP E 98 -48.80 30.46 8.90
C ASP E 98 -49.73 30.30 7.70
N TYR E 99 -50.39 29.16 7.57
CA TYR E 99 -51.32 28.91 6.47
C TYR E 99 -52.73 28.81 7.03
N GLN E 100 -53.64 29.61 6.49
CA GLN E 100 -55.02 29.65 6.96
C GLN E 100 -55.96 28.76 6.16
N SER E 101 -55.51 28.17 5.07
CA SER E 101 -56.38 27.38 4.21
C SER E 101 -55.56 26.29 3.53
N ALA E 102 -56.26 25.24 3.09
CA ALA E 102 -55.61 24.15 2.39
C ALA E 102 -56.63 23.44 1.52
N HIS E 103 -56.30 23.24 0.25
CA HIS E 103 -57.23 22.66 -0.71
C HIS E 103 -56.77 21.28 -1.14
N TYR E 104 -57.74 20.43 -1.48
CA TYR E 104 -57.48 19.06 -1.88
C TYR E 104 -58.57 18.61 -2.83
N LEU E 105 -58.34 17.46 -3.46
CA LEU E 105 -59.27 16.86 -4.40
C LEU E 105 -60.05 15.78 -3.67
N ASN E 106 -61.34 16.01 -3.46
CA ASN E 106 -62.13 15.11 -2.63
C ASN E 106 -62.49 13.84 -3.41
N ASN E 107 -63.32 13.00 -2.79
CA ASN E 107 -63.59 11.67 -3.34
C ASN E 107 -64.38 11.77 -4.64
N ASP E 108 -65.31 12.73 -4.74
CA ASP E 108 -66.16 12.83 -5.91
C ASP E 108 -65.42 13.33 -7.14
N GLY E 109 -64.17 13.73 -7.01
CA GLY E 109 -63.44 14.30 -8.12
C GLY E 109 -63.52 15.80 -8.24
N LYS E 110 -63.99 16.48 -7.21
CA LYS E 110 -64.06 17.93 -7.17
C LYS E 110 -63.02 18.46 -6.19
N MET E 111 -62.92 19.79 -6.10
CA MET E 111 -61.97 20.43 -5.21
C MET E 111 -62.69 20.97 -3.99
N ALA E 112 -62.20 20.58 -2.80
CA ALA E 112 -62.72 21.10 -1.55
C ALA E 112 -61.56 21.54 -0.68
N SER E 113 -61.79 22.55 0.14
CA SER E 113 -60.72 23.10 0.96
C SER E 113 -61.20 23.31 2.38
N VAL E 114 -60.23 23.32 3.29
CA VAL E 114 -60.44 23.57 4.71
C VAL E 114 -59.87 24.94 5.02
N LYS E 115 -60.70 25.80 5.63
CA LYS E 115 -60.31 27.16 5.97
C LYS E 115 -60.47 27.37 7.47
N CYS E 116 -59.39 27.76 8.12
CA CYS E 116 -59.40 28.07 9.54
C CYS E 116 -60.08 29.41 9.79
N PRO E 117 -60.55 29.65 11.01
CA PRO E 117 -61.14 30.95 11.33
C PRO E 117 -60.11 32.06 11.21
N PRO E 118 -60.54 33.32 11.11
CA PRO E 118 -59.57 34.41 10.92
C PRO E 118 -58.54 34.46 12.04
N LYS E 119 -57.30 34.76 11.66
CA LYS E 119 -56.13 34.86 12.52
C LYS E 119 -55.65 33.52 13.04
N TYR E 120 -56.31 32.42 12.70
CA TYR E 120 -55.84 31.09 13.05
C TYR E 120 -55.01 30.51 11.91
N GLU E 121 -54.25 29.47 12.23
CA GLU E 121 -53.41 28.79 11.26
C GLU E 121 -53.55 27.29 11.42
N LEU E 122 -53.32 26.56 10.34
CA LEU E 122 -53.42 25.11 10.37
C LEU E 122 -52.18 24.52 11.05
N THR E 123 -52.41 23.52 11.90
CA THR E 123 -51.32 22.88 12.61
C THR E 123 -50.51 22.01 11.65
N GLU E 124 -49.51 21.32 12.19
CA GLU E 124 -48.57 20.58 11.36
C GLU E 124 -49.22 19.39 10.66
N ASP E 125 -50.34 18.90 11.15
CA ASP E 125 -51.07 17.83 10.49
C ASP E 125 -52.29 18.32 9.74
N CYS E 126 -52.46 19.65 9.65
CA CYS E 126 -53.57 20.28 8.93
C CYS E 126 -54.94 19.86 9.48
N ASN E 127 -54.98 19.35 10.71
CA ASN E 127 -56.22 18.86 11.29
C ASN E 127 -56.86 19.84 12.26
N PHE E 128 -56.09 20.73 12.87
CA PHE E 128 -56.60 21.66 13.86
C PHE E 128 -56.15 23.08 13.52
N CYS E 129 -56.89 24.04 14.04
CA CYS E 129 -56.55 25.46 13.90
C CYS E 129 -56.05 25.98 15.24
N ARG E 130 -54.92 26.66 15.23
CA ARG E 130 -54.34 27.25 16.42
C ARG E 130 -53.99 28.70 16.16
N GLN E 131 -54.07 29.52 17.21
CA GLN E 131 -53.91 30.96 17.09
C GLN E 131 -52.59 31.40 17.70
N MET E 132 -51.83 32.19 16.94
CA MET E 132 -50.59 32.79 17.41
C MET E 132 -50.70 34.30 17.38
N THR E 133 -50.33 34.95 18.48
CA THR E 133 -50.36 36.40 18.54
C THR E 133 -49.22 36.99 17.72
N GLY E 134 -49.54 38.02 16.94
CA GLY E 134 -48.53 38.69 16.13
C GLY E 134 -47.90 37.81 15.07
N ALA E 135 -48.71 37.02 14.37
CA ALA E 135 -48.25 36.18 13.28
C ALA E 135 -48.92 36.62 11.99
N SER E 136 -48.14 36.66 10.92
CA SER E 136 -48.63 37.08 9.60
C SER E 136 -48.93 35.84 8.78
N LEU E 137 -50.21 35.53 8.63
CA LEU E 137 -50.61 34.37 7.84
C LEU E 137 -50.39 34.64 6.35
N LYS E 138 -50.03 33.58 5.63
CA LYS E 138 -49.92 33.68 4.18
C LYS E 138 -51.31 33.84 3.56
N LYS E 139 -51.34 34.46 2.38
CA LYS E 139 -52.59 34.82 1.74
C LYS E 139 -53.15 33.71 0.85
N GLY E 140 -52.40 32.62 0.64
CA GLY E 140 -52.84 31.52 -0.18
C GLY E 140 -53.24 30.31 0.63
N SER E 141 -53.49 29.22 -0.09
CA SER E 141 -53.86 27.94 0.51
C SER E 141 -52.87 26.87 0.11
N TYR E 142 -52.53 26.01 1.05
CA TYR E 142 -51.52 25.00 0.82
C TYR E 142 -52.10 23.83 0.03
N PRO E 143 -51.49 23.45 -1.08
CA PRO E 143 -51.95 22.24 -1.81
C PRO E 143 -51.62 20.99 -1.03
N LEU E 144 -52.66 20.27 -0.60
CA LEU E 144 -52.45 19.12 0.27
C LEU E 144 -51.87 17.94 -0.48
N GLN E 145 -52.40 17.63 -1.66
CA GLN E 145 -51.99 16.44 -2.40
C GLN E 145 -50.99 16.79 -3.48
N ASP E 146 -50.20 15.78 -3.86
CA ASP E 146 -49.26 15.89 -4.96
C ASP E 146 -49.94 15.34 -6.21
N LEU E 147 -50.37 16.24 -7.09
CA LEU E 147 -51.09 15.85 -8.29
C LEU E 147 -50.88 16.90 -9.38
N PHE E 148 -51.13 16.49 -10.61
CA PHE E 148 -51.16 17.40 -11.75
C PHE E 148 -52.39 17.08 -12.60
N CYS E 149 -52.97 18.11 -13.20
CA CYS E 149 -54.21 17.98 -13.94
C CYS E 149 -54.01 18.36 -15.40
N GLN E 150 -55.04 18.08 -16.20
CA GLN E 150 -55.03 18.40 -17.62
C GLN E 150 -56.47 18.40 -18.11
N SER E 151 -56.65 18.77 -19.37
CA SER E 151 -57.97 18.82 -19.99
C SER E 151 -58.17 17.56 -20.82
N SER E 152 -59.25 16.84 -20.54
CA SER E 152 -59.52 15.57 -21.22
C SER E 152 -60.99 15.49 -21.60
N GLU E 153 -61.25 14.79 -22.70
CA GLU E 153 -62.60 14.49 -23.14
C GLU E 153 -62.94 13.01 -23.08
N ASP E 154 -61.94 12.16 -22.81
CA ASP E 154 -62.18 10.73 -22.68
C ASP E 154 -63.16 10.46 -21.54
N ASP E 155 -64.15 9.61 -21.80
CA ASP E 155 -65.15 9.31 -20.80
C ASP E 155 -64.68 8.19 -19.88
N GLY E 156 -65.06 8.29 -18.60
CA GLY E 156 -64.67 7.31 -17.61
C GLY E 156 -65.77 6.94 -16.66
N SER E 157 -67.02 7.01 -17.13
CA SER E 157 -68.17 6.72 -16.26
C SER E 157 -68.16 5.27 -15.77
N LYS E 158 -67.53 4.36 -16.51
CA LYS E 158 -67.45 2.96 -16.12
C LYS E 158 -66.18 2.66 -15.31
N LEU E 159 -65.36 3.66 -15.03
CA LEU E 159 -64.13 3.44 -14.29
C LEU E 159 -64.42 3.36 -12.79
N LYS E 160 -63.77 2.40 -12.13
CA LYS E 160 -63.97 2.20 -10.70
C LYS E 160 -62.70 1.64 -10.10
N THR E 161 -62.58 1.75 -8.78
CA THR E 161 -61.41 1.25 -8.08
C THR E 161 -61.41 -0.28 -8.09
N LYS E 162 -60.29 -0.87 -8.51
CA LYS E 162 -60.12 -2.32 -8.56
C LYS E 162 -58.79 -2.64 -7.87
N MET E 163 -58.83 -2.82 -6.57
CA MET E 163 -57.66 -3.15 -5.77
C MET E 163 -57.85 -4.52 -5.15
N LYS E 164 -56.84 -5.38 -5.29
CA LYS E 164 -56.93 -6.75 -4.81
C LYS E 164 -56.54 -6.82 -3.34
N GLY E 165 -57.32 -7.58 -2.57
CA GLY E 165 -57.04 -7.76 -1.17
C GLY E 165 -57.23 -6.53 -0.32
N VAL E 166 -58.05 -5.58 -0.77
CA VAL E 166 -58.28 -4.33 -0.04
C VAL E 166 -59.76 -4.22 0.26
N CYS E 167 -60.10 -4.20 1.55
CA CYS E 167 -61.49 -4.05 1.95
C CYS E 167 -61.95 -2.60 1.82
N GLU E 168 -61.06 -1.65 2.11
CA GLU E 168 -61.44 -0.24 2.12
C GLU E 168 -60.19 0.62 2.00
N VAL E 169 -60.18 1.53 1.03
CA VAL E 169 -59.07 2.45 0.84
C VAL E 169 -59.62 3.87 0.95
N GLY E 170 -58.98 4.67 1.80
CA GLY E 170 -59.45 6.04 2.00
C GLY E 170 -60.85 6.04 2.57
N VAL E 171 -61.76 6.73 1.87
CA VAL E 171 -63.15 6.83 2.30
C VAL E 171 -64.07 5.94 1.46
N GLN E 172 -63.49 5.13 0.56
CA GLN E 172 -64.26 4.25 -0.31
C GLN E 172 -64.32 2.86 0.31
N ALA E 173 -65.53 2.32 0.44
CA ALA E 173 -65.72 0.97 0.97
C ALA E 173 -65.77 0.01 -0.22
N LEU E 174 -64.64 -0.63 -0.51
CA LEU E 174 -64.56 -1.50 -1.67
C LEU E 174 -65.48 -2.71 -1.54
N LYS E 175 -65.52 -3.32 -0.37
CA LYS E 175 -66.33 -4.52 -0.15
C LYS E 175 -66.56 -4.66 1.36
N LYS E 176 -67.19 -5.76 1.74
CA LYS E 176 -67.44 -6.09 3.14
C LYS E 176 -66.64 -7.31 3.53
N CYS E 177 -65.83 -7.19 4.59
CA CYS E 177 -64.98 -8.27 5.04
C CYS E 177 -65.14 -8.47 6.54
N ASP E 178 -64.93 -9.70 6.98
CA ASP E 178 -65.03 -10.07 8.39
C ASP E 178 -63.77 -10.83 8.78
N GLY E 179 -63.29 -10.56 10.00
CA GLY E 179 -62.10 -11.22 10.49
C GLY E 179 -60.94 -10.26 10.68
N GLN E 180 -59.72 -10.74 10.42
CA GLN E 180 -58.55 -9.90 10.55
C GLN E 180 -58.58 -8.77 9.52
N LEU E 181 -58.12 -7.60 9.92
CA LEU E 181 -58.13 -6.41 9.07
C LEU E 181 -56.86 -5.62 9.36
N SER E 182 -55.85 -5.78 8.51
CA SER E 182 -54.61 -5.02 8.68
C SER E 182 -54.83 -3.59 8.23
N THR E 183 -54.86 -2.67 9.19
CA THR E 183 -55.13 -1.26 8.92
C THR E 183 -53.84 -0.48 8.98
N ALA E 184 -53.55 0.30 7.94
CA ALA E 184 -52.30 1.05 7.91
C ALA E 184 -52.48 2.29 7.06
N HIS E 185 -51.44 3.11 7.02
CA HIS E 185 -51.38 4.28 6.15
C HIS E 185 -50.44 4.00 5.00
N GLU E 186 -50.93 4.16 3.78
CA GLU E 186 -50.16 3.83 2.59
C GLU E 186 -50.28 4.94 1.57
N VAL E 187 -49.27 5.00 0.69
CA VAL E 187 -49.25 5.93 -0.42
C VAL E 187 -49.89 5.25 -1.62
N VAL E 188 -51.09 5.68 -1.97
CA VAL E 188 -51.87 5.11 -3.06
C VAL E 188 -51.90 6.14 -4.19
N PRO E 189 -51.45 5.79 -5.39
CA PRO E 189 -51.71 6.65 -6.55
C PRO E 189 -53.19 6.62 -6.91
N PHE E 190 -53.65 7.72 -7.49
CA PHE E 190 -55.05 7.85 -7.87
C PHE E 190 -55.16 8.70 -9.12
N ALA E 191 -56.28 8.53 -9.81
CA ALA E 191 -56.57 9.29 -11.01
C ALA E 191 -58.04 9.70 -10.98
N VAL E 192 -58.35 10.78 -11.70
CA VAL E 192 -59.72 11.25 -11.87
C VAL E 192 -59.95 11.45 -13.36
N PHE E 193 -61.02 10.82 -13.86
CA PHE E 193 -61.42 10.88 -15.25
C PHE E 193 -62.72 11.67 -15.38
N LYS E 194 -63.12 11.90 -16.63
CA LYS E 194 -64.36 12.63 -16.87
C LYS E 194 -65.57 11.81 -16.45
N ASN E 195 -66.52 12.47 -15.78
CA ASN E 195 -67.77 11.83 -15.36
C ASN E 195 -67.52 10.61 -14.49
N SER E 196 -66.59 10.72 -13.55
CA SER E 196 -66.27 9.62 -12.67
C SER E 196 -65.89 10.17 -11.30
N LYS E 197 -65.55 9.26 -10.40
CA LYS E 197 -65.05 9.58 -9.06
C LYS E 197 -63.56 9.28 -9.02
N LYS E 198 -62.96 9.44 -7.85
CA LYS E 198 -61.56 9.10 -7.68
C LYS E 198 -61.36 7.61 -7.87
N VAL E 199 -60.31 7.25 -8.59
CA VAL E 199 -60.00 5.86 -8.91
C VAL E 199 -58.60 5.59 -8.38
N TYR E 200 -58.50 4.85 -7.28
CA TYR E 200 -57.21 4.44 -6.78
C TYR E 200 -56.66 3.29 -7.61
N LEU E 201 -55.34 3.27 -7.79
CA LEU E 201 -54.70 2.27 -8.64
C LEU E 201 -53.63 1.54 -7.86
N ASP E 202 -53.43 0.27 -8.22
CA ASP E 202 -52.33 -0.50 -7.67
C ASP E 202 -51.01 -0.12 -8.31
N LYS E 203 -51.02 0.26 -9.58
CA LYS E 203 -49.82 0.58 -10.32
C LYS E 203 -50.04 1.87 -11.11
N LEU E 204 -48.95 2.59 -11.37
CA LEU E 204 -48.97 3.84 -12.12
C LEU E 204 -48.15 3.65 -13.38
N ASP E 205 -48.81 3.26 -14.47
CA ASP E 205 -48.19 3.12 -15.77
C ASP E 205 -48.74 4.22 -16.67
N LEU E 206 -47.95 5.28 -16.85
CA LEU E 206 -48.40 6.45 -17.59
C LEU E 206 -47.35 6.87 -18.61
N LYS E 207 -47.84 7.40 -19.73
CA LYS E 207 -46.98 7.82 -20.83
C LYS E 207 -47.45 9.18 -21.35
N THR E 208 -46.52 9.93 -21.94
CA THR E 208 -46.82 11.25 -22.45
C THR E 208 -46.51 11.31 -23.95
N GLU E 209 -47.43 11.92 -24.70
CA GLU E 209 -47.26 12.11 -26.13
C GLU E 209 -47.32 13.60 -26.44
N GLU E 210 -46.39 14.08 -27.27
CA GLU E 210 -46.29 15.50 -27.54
C GLU E 210 -47.25 15.92 -28.65
N ASN E 211 -47.48 17.22 -28.74
CA ASN E 211 -48.38 17.78 -29.73
C ASN E 211 -47.98 19.23 -29.97
N LEU E 212 -48.78 19.92 -30.78
CA LEU E 212 -48.51 21.30 -31.16
C LEU E 212 -49.67 22.22 -30.78
N LEU E 213 -50.42 21.84 -29.75
CA LEU E 213 -51.52 22.66 -29.28
C LEU E 213 -50.98 23.86 -28.51
N PRO E 214 -51.78 24.92 -28.36
CA PRO E 214 -51.26 26.15 -27.72
C PRO E 214 -50.72 25.94 -26.32
N ASP E 215 -51.22 24.95 -25.57
CA ASP E 215 -50.74 24.73 -24.22
C ASP E 215 -49.33 24.16 -24.17
N SER E 216 -48.78 23.76 -25.31
CA SER E 216 -47.45 23.17 -25.36
C SER E 216 -46.36 24.17 -25.72
N PHE E 217 -46.67 25.47 -25.74
CA PHE E 217 -45.71 26.50 -26.10
C PHE E 217 -45.61 27.52 -24.98
N VAL E 218 -44.39 27.91 -24.67
CA VAL E 218 -44.10 28.94 -23.67
C VAL E 218 -43.68 30.18 -24.45
N CYS E 219 -44.50 31.21 -24.41
CA CYS E 219 -44.26 32.44 -25.15
C CYS E 219 -43.90 33.56 -24.18
N PHE E 220 -42.75 34.19 -24.38
CA PHE E 220 -42.35 35.27 -23.51
C PHE E 220 -41.94 36.52 -24.29
N GLU E 221 -41.61 37.57 -23.55
CA GLU E 221 -41.30 38.89 -24.07
C GLU E 221 -40.37 39.56 -23.08
N HIS E 222 -39.63 40.56 -23.54
CA HIS E 222 -38.72 41.25 -22.64
C HIS E 222 -39.36 42.53 -22.12
N LYS E 223 -38.97 42.92 -20.91
CA LYS E 223 -39.41 44.17 -20.32
C LYS E 223 -38.52 45.29 -20.81
N GLY E 224 -39.13 46.37 -21.28
CA GLY E 224 -38.39 47.42 -21.95
C GLY E 224 -38.13 47.14 -23.41
N GLN E 225 -38.67 46.05 -23.94
CA GLN E 225 -38.40 45.67 -25.32
C GLN E 225 -39.01 46.67 -26.30
N TYR E 226 -38.27 46.98 -27.35
CA TYR E 226 -38.74 47.92 -28.36
C TYR E 226 -39.99 47.39 -29.05
N LYS E 227 -40.96 48.28 -29.24
CA LYS E 227 -42.20 47.98 -29.96
C LYS E 227 -42.93 46.80 -29.32
N GLY E 228 -43.03 46.79 -27.99
CA GLY E 228 -43.76 45.76 -27.30
C GLY E 228 -44.47 46.34 -26.09
N THR E 229 -45.25 45.50 -25.43
CA THR E 229 -45.90 45.91 -24.19
C THR E 229 -44.85 46.22 -23.14
N MET E 230 -45.14 47.23 -22.31
CA MET E 230 -44.18 47.77 -21.35
C MET E 230 -42.92 48.24 -22.08
N ASP E 231 -43.11 49.23 -22.94
CA ASP E 231 -42.02 49.81 -23.73
C ASP E 231 -41.50 51.07 -23.04
N SER E 232 -40.80 50.86 -21.93
CA SER E 232 -40.22 51.96 -21.18
C SER E 232 -38.91 51.49 -20.55
N GLY E 233 -38.05 52.45 -20.25
CA GLY E 233 -36.74 52.15 -19.70
C GLY E 233 -36.79 51.33 -18.42
N GLN E 234 -35.96 50.30 -18.34
CA GLN E 234 -35.94 49.39 -17.20
C GLN E 234 -34.60 49.46 -16.51
N THR E 235 -34.60 49.20 -15.20
CA THR E 235 -33.36 49.11 -14.44
C THR E 235 -32.92 47.68 -14.19
N LYS E 236 -33.63 46.69 -14.74
CA LYS E 236 -33.32 45.29 -14.52
C LYS E 236 -33.79 44.48 -15.71
N ARG E 237 -33.07 43.40 -16.00
CA ARG E 237 -33.39 42.53 -17.13
C ARG E 237 -34.34 41.44 -16.64
N GLU E 238 -35.62 41.60 -16.94
CA GLU E 238 -36.64 40.64 -16.54
C GLU E 238 -37.55 40.34 -17.72
N LEU E 239 -38.16 39.16 -17.68
CA LEU E 239 -39.05 38.70 -18.74
C LEU E 239 -40.51 38.99 -18.39
N LYS E 240 -41.38 38.70 -19.33
CA LYS E 240 -42.81 38.94 -19.19
C LYS E 240 -43.55 37.89 -20.01
N SER E 241 -44.71 37.47 -19.50
CA SER E 241 -45.47 36.44 -20.19
C SER E 241 -46.14 37.01 -21.44
N PHE E 242 -46.42 36.11 -22.38
CA PHE E 242 -47.05 36.47 -23.64
C PHE E 242 -48.16 35.47 -23.94
N ASP E 243 -49.22 35.95 -24.59
CA ASP E 243 -50.37 35.12 -24.93
C ASP E 243 -50.22 34.61 -26.35
N ILE E 244 -50.18 33.28 -26.50
CA ILE E 244 -49.95 32.69 -27.82
C ILE E 244 -51.17 32.82 -28.73
N SER E 245 -52.31 33.22 -28.18
CA SER E 245 -53.50 33.38 -29.01
C SER E 245 -53.36 34.53 -30.00
N GLN E 246 -52.34 35.37 -29.85
CA GLN E 246 -52.15 36.50 -30.75
C GLN E 246 -51.30 36.14 -31.96
N CYS E 247 -50.31 35.28 -31.76
CA CYS E 247 -49.44 34.89 -32.87
C CYS E 247 -50.26 34.12 -33.92
N PRO E 248 -50.17 34.50 -35.19
CA PRO E 248 -51.00 33.85 -36.20
C PRO E 248 -50.60 32.40 -36.44
N LYS E 249 -51.61 31.58 -36.71
CA LYS E 249 -51.36 30.20 -37.10
C LYS E 249 -50.93 30.16 -38.56
N ILE E 250 -50.30 29.04 -38.94
CA ILE E 250 -49.75 28.93 -40.28
C ILE E 250 -50.87 29.01 -41.31
N GLY E 251 -50.68 29.87 -42.31
CA GLY E 251 -51.74 30.13 -43.27
C GLY E 251 -52.96 30.76 -42.65
N GLY E 252 -52.77 31.70 -41.72
CA GLY E 252 -53.87 32.31 -41.01
C GLY E 252 -53.56 33.74 -40.65
N HIS E 253 -54.47 34.35 -39.89
CA HIS E 253 -54.38 35.74 -39.50
C HIS E 253 -54.05 35.86 -38.01
N GLY E 254 -53.37 36.95 -37.66
CA GLY E 254 -53.02 37.21 -36.28
C GLY E 254 -52.85 38.70 -36.07
N SER E 255 -52.56 39.06 -34.81
CA SER E 255 -52.44 40.45 -34.43
C SER E 255 -51.04 40.87 -34.05
N LYS E 256 -50.14 39.94 -33.77
CA LYS E 256 -48.77 40.26 -33.37
C LYS E 256 -47.78 39.42 -34.16
N LYS E 257 -46.67 40.04 -34.56
CA LYS E 257 -45.58 39.29 -35.14
C LYS E 257 -44.94 38.40 -34.08
N CYS E 258 -44.58 37.19 -34.47
CA CYS E 258 -44.23 36.17 -33.49
C CYS E 258 -43.19 35.24 -34.08
N THR E 259 -42.12 34.99 -33.32
CA THR E 259 -41.05 34.10 -33.75
C THR E 259 -40.81 33.05 -32.66
N GLY E 260 -40.13 31.97 -33.04
CA GLY E 260 -39.92 30.89 -32.11
C GLY E 260 -38.90 29.90 -32.61
N ASP E 261 -38.92 28.72 -31.99
CA ASP E 261 -37.97 27.66 -32.30
C ASP E 261 -38.52 26.80 -33.44
N ALA E 262 -37.90 25.64 -33.66
CA ALA E 262 -38.27 24.79 -34.79
C ALA E 262 -39.71 24.30 -34.69
N ALA E 263 -40.11 23.84 -33.50
CA ALA E 263 -41.47 23.33 -33.33
C ALA E 263 -42.51 24.42 -33.56
N PHE E 264 -42.27 25.61 -33.02
CA PHE E 264 -43.20 26.72 -33.22
C PHE E 264 -43.30 27.09 -34.69
N CYS E 265 -42.17 27.15 -35.38
CA CYS E 265 -42.19 27.49 -36.79
C CYS E 265 -42.89 26.42 -37.62
N SER E 266 -42.80 25.16 -37.20
CA SER E 266 -43.53 24.10 -37.89
C SER E 266 -45.02 24.22 -37.63
N ALA E 267 -45.41 24.62 -36.42
CA ALA E 267 -46.83 24.71 -36.09
C ALA E 267 -47.41 26.06 -36.48
N TYR E 268 -46.80 27.16 -36.03
CA TYR E 268 -47.30 28.49 -36.29
C TYR E 268 -46.51 29.13 -37.42
N GLU E 269 -46.87 30.37 -37.74
CA GLU E 269 -46.23 31.12 -38.82
C GLU E 269 -45.18 32.04 -38.20
N CYS E 270 -43.91 31.75 -38.44
CA CYS E 270 -42.81 32.56 -37.93
C CYS E 270 -42.59 33.74 -38.88
N THR E 271 -42.49 34.93 -38.30
CA THR E 271 -42.43 36.15 -39.09
C THR E 271 -41.05 36.35 -39.70
N ALA E 272 -41.00 37.19 -40.74
CA ALA E 272 -39.76 37.62 -41.35
C ALA E 272 -39.40 39.05 -40.98
N GLN E 273 -40.24 39.73 -40.21
CA GLN E 273 -39.98 41.09 -39.75
C GLN E 273 -39.49 41.05 -38.31
N TYR E 274 -39.38 42.23 -37.70
CA TYR E 274 -39.04 42.31 -36.29
C TYR E 274 -40.17 41.71 -35.46
N ALA E 275 -39.83 40.77 -34.59
CA ALA E 275 -40.82 40.00 -33.84
C ALA E 275 -41.17 40.69 -32.52
N ASN E 276 -42.34 40.35 -32.00
CA ASN E 276 -42.82 40.91 -30.75
C ASN E 276 -42.64 39.97 -29.56
N ALA E 277 -42.54 38.67 -29.78
CA ALA E 277 -42.39 37.73 -28.68
C ALA E 277 -41.71 36.48 -29.19
N TYR E 278 -41.10 35.74 -28.26
CA TYR E 278 -40.39 34.50 -28.59
C TYR E 278 -41.15 33.33 -27.99
N CYS E 279 -41.50 32.36 -28.83
CA CYS E 279 -42.34 31.24 -28.42
C CYS E 279 -41.54 29.94 -28.54
N SER E 280 -41.08 29.43 -27.41
CA SER E 280 -40.37 28.17 -27.37
C SER E 280 -41.36 27.03 -27.14
N HIS E 281 -40.93 25.79 -27.33
CA HIS E 281 -41.76 24.61 -27.13
C HIS E 281 -41.60 24.17 -25.69
N ALA E 282 -42.67 23.65 -25.10
CA ALA E 282 -42.67 23.36 -23.68
C ALA E 282 -41.73 22.20 -23.36
N ASN E 283 -40.96 22.40 -22.30
CA ASN E 283 -39.99 21.42 -21.80
C ASN E 283 -40.55 20.00 -21.82
N GLY E 284 -41.65 19.77 -21.10
CA GLY E 284 -42.18 18.43 -20.96
C GLY E 284 -43.65 18.24 -21.28
N SER E 285 -44.33 19.26 -21.79
CA SER E 285 -45.78 19.21 -21.91
C SER E 285 -46.22 18.14 -22.91
N GLY E 286 -47.53 17.97 -23.01
CA GLY E 286 -48.09 16.99 -23.91
C GLY E 286 -49.45 16.51 -23.41
N ILE E 287 -49.75 15.26 -23.71
CA ILE E 287 -50.94 14.59 -23.22
C ILE E 287 -50.49 13.34 -22.47
N VAL E 288 -50.93 13.21 -21.23
CA VAL E 288 -50.56 12.09 -20.39
C VAL E 288 -51.70 11.09 -20.35
N GLN E 289 -51.38 9.82 -20.59
CA GLN E 289 -52.34 8.73 -20.58
C GLN E 289 -51.93 7.71 -19.54
N ILE E 290 -52.92 7.23 -18.79
CA ILE E 290 -52.71 6.28 -17.70
C ILE E 290 -53.27 4.93 -18.12
N GLN E 291 -52.55 3.87 -17.75
CA GLN E 291 -52.94 2.51 -18.09
C GLN E 291 -53.83 1.97 -16.97
N VAL E 292 -55.11 1.79 -17.27
CA VAL E 292 -56.07 1.21 -16.33
C VAL E 292 -56.65 -0.04 -16.96
N SER E 293 -56.64 -1.15 -16.20
CA SER E 293 -57.18 -2.42 -16.66
C SER E 293 -56.56 -2.87 -17.98
N GLY E 294 -55.30 -2.48 -18.21
CA GLY E 294 -54.60 -2.86 -19.41
C GLY E 294 -54.86 -1.99 -20.63
N VAL E 295 -55.75 -1.00 -20.52
CA VAL E 295 -56.06 -0.12 -21.64
C VAL E 295 -55.71 1.31 -21.23
N TRP E 296 -55.16 2.07 -22.18
CA TRP E 296 -54.80 3.45 -21.90
C TRP E 296 -56.03 4.35 -21.91
N LYS E 297 -56.04 5.33 -21.02
CA LYS E 297 -57.11 6.30 -20.92
C LYS E 297 -56.51 7.67 -20.65
N LYS E 298 -57.32 8.71 -20.87
CA LYS E 298 -56.88 10.09 -20.67
C LYS E 298 -57.49 10.63 -19.38
N PRO E 299 -56.72 10.80 -18.32
CA PRO E 299 -57.29 11.24 -17.04
C PRO E 299 -57.39 12.74 -16.95
N LEU E 300 -58.37 13.19 -16.16
CA LEU E 300 -58.46 14.61 -15.84
C LEU E 300 -57.33 15.02 -14.91
N CYS E 301 -57.08 14.24 -13.86
CA CYS E 301 -56.00 14.54 -12.92
C CYS E 301 -55.32 13.24 -12.51
N VAL E 302 -54.04 13.34 -12.18
CA VAL E 302 -53.26 12.19 -11.70
C VAL E 302 -52.44 12.64 -10.51
N GLY E 303 -52.50 11.87 -9.42
CA GLY E 303 -51.70 12.23 -8.27
C GLY E 303 -51.50 11.03 -7.38
N TYR E 304 -50.98 11.29 -6.18
CA TYR E 304 -50.91 10.26 -5.17
C TYR E 304 -51.24 10.84 -3.81
N GLU E 305 -51.64 9.95 -2.89
CA GLU E 305 -52.20 10.38 -1.62
C GLU E 305 -51.74 9.41 -0.54
N ARG E 306 -51.75 9.86 0.70
CA ARG E 306 -51.44 9.00 1.85
C ARG E 306 -52.72 8.77 2.63
N VAL E 307 -53.33 7.61 2.44
CA VAL E 307 -54.62 7.31 3.04
C VAL E 307 -54.54 6.02 3.83
N VAL E 308 -55.55 5.81 4.67
CA VAL E 308 -55.64 4.62 5.51
C VAL E 308 -56.33 3.52 4.72
N VAL E 309 -55.60 2.41 4.52
CA VAL E 309 -56.11 1.25 3.80
C VAL E 309 -56.28 0.11 4.79
N LYS E 310 -57.38 -0.61 4.65
CA LYS E 310 -57.64 -1.84 5.40
C LYS E 310 -57.51 -3.01 4.44
N ARG E 311 -56.57 -3.91 4.74
CA ARG E 311 -56.35 -5.09 3.94
C ARG E 311 -56.80 -6.33 4.71
N GLU E 312 -56.90 -7.44 4.00
CA GLU E 312 -57.11 -8.76 4.59
C GLU E 312 -55.84 -9.56 4.37
N LEU E 313 -55.13 -9.87 5.46
CA LEU E 313 -53.87 -10.61 5.34
C LEU E 313 -54.11 -11.99 4.73
N SER E 314 -55.08 -12.72 5.26
CA SER E 314 -55.43 -14.05 4.75
C SER E 314 -56.71 -14.51 5.43
N ALA E 315 -57.44 -15.36 4.73
CA ALA E 315 -58.56 -16.09 5.35
C ALA E 315 -58.09 -17.37 6.01
N LYS E 316 -57.20 -18.10 5.34
CA LYS E 316 -56.57 -19.31 5.87
C LYS E 316 -55.21 -19.49 5.19
N PRO E 317 -54.12 -19.53 5.96
CA PRO E 317 -52.80 -19.70 5.34
C PRO E 317 -52.67 -20.99 4.55
N ILE E 318 -52.92 -22.12 5.22
CA ILE E 318 -52.86 -23.42 4.57
C ILE E 318 -53.59 -24.42 5.46
N GLN E 319 -54.23 -25.41 4.83
CA GLN E 319 -54.94 -26.47 5.54
C GLN E 319 -54.28 -27.80 5.23
N ARG E 320 -53.80 -28.48 6.27
CA ARG E 320 -53.10 -29.76 6.13
C ARG E 320 -53.75 -30.78 7.06
N VAL E 321 -54.79 -31.45 6.56
CA VAL E 321 -55.46 -32.53 7.26
C VAL E 321 -55.62 -33.69 6.28
N GLU E 322 -55.05 -34.84 6.62
CA GLU E 322 -55.05 -36.00 5.73
C GLU E 322 -55.14 -37.28 6.54
N PRO E 323 -56.36 -37.66 6.96
CA PRO E 323 -56.57 -38.96 7.62
C PRO E 323 -56.87 -40.08 6.62
N CYS E 324 -56.05 -40.19 5.58
CA CYS E 324 -56.31 -41.16 4.53
C CYS E 324 -55.95 -42.57 4.97
N THR E 325 -56.81 -43.52 4.62
CA THR E 325 -56.60 -44.93 4.93
C THR E 325 -56.96 -45.81 3.74
N THR E 326 -56.66 -45.33 2.54
CA THR E 326 -57.01 -46.06 1.31
C THR E 326 -55.88 -47.02 0.91
N CYS E 327 -55.59 -47.93 1.84
CA CYS E 327 -54.58 -48.96 1.60
C CYS E 327 -54.86 -50.14 2.51
N ILE E 328 -54.40 -51.31 2.10
CA ILE E 328 -54.57 -52.54 2.87
C ILE E 328 -53.20 -53.14 3.15
N THR E 329 -52.90 -53.34 4.42
CA THR E 329 -51.61 -53.87 4.86
C THR E 329 -51.83 -55.25 5.47
N LYS E 330 -51.14 -56.25 4.95
CA LYS E 330 -51.26 -57.60 5.49
C LYS E 330 -49.89 -58.26 5.49
N CYS E 331 -49.56 -58.91 6.60
CA CYS E 331 -48.29 -59.61 6.73
C CYS E 331 -48.40 -61.00 6.14
N GLU E 332 -47.46 -61.33 5.26
CA GLU E 332 -47.42 -62.54 4.48
C GLU E 332 -46.11 -63.28 4.73
N PRO E 333 -46.11 -64.62 4.72
CA PRO E 333 -44.85 -65.35 4.95
C PRO E 333 -43.74 -64.96 3.99
N HIS E 334 -44.07 -64.67 2.74
CA HIS E 334 -43.05 -64.21 1.80
C HIS E 334 -42.49 -62.85 2.22
N GLY E 335 -43.34 -61.96 2.68
CA GLY E 335 -42.89 -60.65 3.14
C GLY E 335 -44.07 -59.81 3.58
N LEU E 336 -43.74 -58.69 4.21
CA LEU E 336 -44.76 -57.73 4.65
C LEU E 336 -45.23 -56.95 3.45
N VAL E 337 -46.49 -57.15 3.04
CA VAL E 337 -47.03 -56.60 1.81
C VAL E 337 -48.13 -55.61 2.15
N VAL E 338 -48.01 -54.40 1.60
CA VAL E 338 -49.07 -53.39 1.70
C VAL E 338 -49.42 -52.93 0.29
N ARG E 339 -50.71 -53.02 -0.06
CA ARG E 339 -51.22 -52.59 -1.34
C ARG E 339 -51.94 -51.26 -1.13
N SER E 340 -51.43 -50.21 -1.78
CA SER E 340 -51.98 -48.87 -1.65
C SER E 340 -52.94 -48.63 -2.82
N THR E 341 -54.22 -48.48 -2.51
CA THR E 341 -55.21 -48.21 -3.54
C THR E 341 -55.02 -46.80 -4.08
N GLY E 342 -54.82 -46.69 -5.39
CA GLY E 342 -54.61 -45.39 -6.00
C GLY E 342 -53.16 -44.97 -6.03
N PHE E 343 -52.75 -44.18 -5.04
CA PHE E 343 -51.42 -43.61 -5.00
C PHE E 343 -50.35 -44.71 -4.99
N LYS E 344 -49.28 -44.50 -5.74
CA LYS E 344 -48.20 -45.45 -5.86
C LYS E 344 -47.18 -45.23 -4.74
N ILE E 345 -46.45 -46.30 -4.41
CA ILE E 345 -45.44 -46.28 -3.36
C ILE E 345 -44.10 -46.63 -4.01
N SER E 346 -43.11 -45.76 -3.81
CA SER E 346 -41.77 -45.97 -4.32
C SER E 346 -40.82 -46.52 -3.27
N SER E 347 -40.69 -45.84 -2.13
CA SER E 347 -39.85 -46.28 -1.04
C SER E 347 -40.63 -46.22 0.25
N ALA E 348 -40.30 -47.14 1.17
CA ALA E 348 -41.03 -47.24 2.43
C ALA E 348 -40.10 -47.76 3.52
N VAL E 349 -40.55 -47.61 4.76
CA VAL E 349 -39.81 -48.09 5.93
C VAL E 349 -40.82 -48.61 6.94
N ALA E 350 -40.42 -49.62 7.69
CA ALA E 350 -41.26 -50.24 8.71
C ALA E 350 -40.47 -50.36 10.01
N CYS E 351 -41.05 -49.85 11.09
CA CYS E 351 -40.42 -49.82 12.40
C CYS E 351 -41.21 -50.70 13.37
N ALA E 352 -40.49 -51.46 14.19
CA ALA E 352 -41.13 -52.31 15.18
C ALA E 352 -40.20 -52.43 16.38
N SER E 353 -40.48 -51.64 17.43
CA SER E 353 -39.69 -51.63 18.66
C SER E 353 -38.23 -51.30 18.37
N GLY E 354 -38.02 -50.10 17.84
CA GLY E 354 -36.67 -49.61 17.60
C GLY E 354 -36.10 -50.00 16.25
N VAL E 355 -36.08 -51.31 15.95
CA VAL E 355 -35.48 -51.77 14.72
C VAL E 355 -36.40 -51.46 13.54
N CYS E 356 -35.83 -50.94 12.47
CA CYS E 356 -36.57 -50.59 11.27
C CYS E 356 -35.92 -51.25 10.07
N VAL E 357 -36.72 -51.41 9.01
CA VAL E 357 -36.29 -52.02 7.76
C VAL E 357 -36.85 -51.20 6.61
N THR E 358 -36.01 -50.93 5.62
CA THR E 358 -36.39 -50.09 4.49
C THR E 358 -36.60 -50.92 3.24
N GLY E 359 -37.20 -50.29 2.24
CA GLY E 359 -37.42 -50.93 0.96
C GLY E 359 -37.60 -49.90 -0.13
N SER E 360 -37.04 -50.19 -1.30
CA SER E 360 -37.09 -49.30 -2.45
C SER E 360 -37.58 -50.05 -3.67
N GLN E 361 -38.43 -49.41 -4.46
CA GLN E 361 -39.00 -50.02 -5.65
C GLN E 361 -39.55 -48.94 -6.55
N SER E 362 -39.88 -49.34 -7.77
CA SER E 362 -40.55 -48.43 -8.70
C SER E 362 -41.95 -48.08 -8.18
N PRO E 363 -42.45 -46.89 -8.49
CA PRO E 363 -43.79 -46.50 -8.02
C PRO E 363 -44.84 -47.53 -8.44
N SER E 364 -45.50 -48.10 -7.44
CA SER E 364 -46.48 -49.15 -7.68
C SER E 364 -47.54 -49.11 -6.59
N THR E 365 -48.69 -49.71 -6.88
CA THR E 365 -49.79 -49.72 -5.93
C THR E 365 -49.54 -50.61 -4.73
N GLU E 366 -48.48 -51.41 -4.74
CA GLU E 366 -48.16 -52.29 -3.62
C GLU E 366 -46.65 -52.35 -3.44
N ILE E 367 -46.24 -52.72 -2.23
CA ILE E 367 -44.82 -52.86 -1.91
C ILE E 367 -44.67 -53.91 -0.81
N THR E 368 -43.60 -54.69 -0.91
CA THR E 368 -43.26 -55.73 0.06
C THR E 368 -41.91 -55.43 0.69
N LEU E 369 -41.80 -55.70 1.98
CA LEU E 369 -40.61 -55.40 2.77
C LEU E 369 -40.28 -56.58 3.66
N LYS E 370 -39.01 -56.69 4.01
CA LYS E 370 -38.60 -57.69 5.00
C LYS E 370 -39.13 -57.33 6.38
N TYR E 371 -39.39 -58.34 7.19
CA TYR E 371 -39.94 -58.09 8.50
C TYR E 371 -38.88 -57.50 9.43
N PRO E 372 -39.25 -56.55 10.28
CA PRO E 372 -38.27 -55.91 11.18
C PRO E 372 -38.02 -56.74 12.42
N GLY E 373 -36.80 -57.25 12.55
CA GLY E 373 -36.42 -57.99 13.75
C GLY E 373 -37.26 -59.23 13.95
N ILE E 374 -37.71 -59.44 15.18
CA ILE E 374 -38.51 -60.60 15.54
C ILE E 374 -40.00 -60.27 15.56
N SER E 375 -40.40 -59.16 14.95
CA SER E 375 -41.82 -58.81 14.89
C SER E 375 -42.62 -59.85 14.12
N GLN E 376 -42.00 -60.50 13.13
CA GLN E 376 -42.67 -61.58 12.41
C GLN E 376 -42.99 -62.74 13.35
N SER E 377 -42.04 -63.10 14.22
CA SER E 377 -42.29 -64.18 15.17
C SER E 377 -43.21 -63.73 16.30
N SER E 378 -43.04 -62.50 16.77
CA SER E 378 -43.79 -62.00 17.91
C SER E 378 -45.08 -61.27 17.54
N GLY E 379 -45.33 -61.07 16.25
CA GLY E 379 -46.54 -60.35 15.86
C GLY E 379 -46.47 -58.91 16.30
N GLY E 380 -47.54 -58.43 16.92
CA GLY E 380 -47.58 -57.09 17.45
C GLY E 380 -48.00 -56.04 16.43
N ASP E 381 -47.71 -54.79 16.78
CA ASP E 381 -48.03 -53.65 15.94
C ASP E 381 -46.74 -53.11 15.33
N ILE E 382 -46.77 -52.85 14.02
CA ILE E 382 -45.62 -52.35 13.28
C ILE E 382 -46.03 -51.08 12.57
N GLY E 383 -45.22 -50.02 12.74
CA GLY E 383 -45.48 -48.76 12.07
C GLY E 383 -44.85 -48.75 10.69
N VAL E 384 -45.52 -48.09 9.75
CA VAL E 384 -45.07 -47.99 8.36
C VAL E 384 -45.10 -46.53 7.95
N HIS E 385 -43.98 -46.07 7.41
CA HIS E 385 -43.86 -44.74 6.83
C HIS E 385 -43.45 -44.88 5.37
N MET E 386 -44.30 -44.40 4.46
CA MET E 386 -44.04 -44.55 3.04
C MET E 386 -44.21 -43.21 2.34
N ALA E 387 -43.60 -43.10 1.16
CA ALA E 387 -43.64 -41.89 0.35
C ALA E 387 -44.60 -42.12 -0.82
N HIS E 388 -45.71 -41.40 -0.81
CA HIS E 388 -46.69 -41.50 -1.88
C HIS E 388 -46.37 -40.51 -3.00
N ASP E 389 -46.89 -40.80 -4.18
CA ASP E 389 -46.74 -39.87 -5.31
C ASP E 389 -47.69 -38.69 -5.18
N ASP E 390 -48.87 -38.89 -4.61
CA ASP E 390 -49.87 -37.84 -4.48
C ASP E 390 -49.69 -37.12 -3.13
N GLN E 391 -50.67 -36.31 -2.77
CA GLN E 391 -50.67 -35.57 -1.51
C GLN E 391 -51.99 -35.82 -0.79
N SER E 392 -52.13 -35.20 0.38
CA SER E 392 -53.31 -35.35 1.23
C SER E 392 -53.54 -36.81 1.63
N VAL E 393 -52.45 -37.55 1.82
CA VAL E 393 -52.50 -38.94 2.25
C VAL E 393 -51.57 -39.10 3.44
N SER E 394 -52.08 -39.69 4.52
CA SER E 394 -51.27 -39.90 5.72
C SER E 394 -50.12 -40.84 5.41
N SER E 395 -48.91 -40.47 5.83
CA SER E 395 -47.72 -41.26 5.58
C SER E 395 -47.36 -42.19 6.72
N LYS E 396 -48.08 -42.12 7.85
CA LYS E 396 -47.81 -42.95 9.02
C LYS E 396 -49.00 -43.85 9.26
N ILE E 397 -48.81 -45.16 9.13
CA ILE E 397 -49.87 -46.12 9.39
C ILE E 397 -49.35 -47.19 10.34
N VAL E 398 -50.28 -47.98 10.89
CA VAL E 398 -49.95 -49.04 11.82
C VAL E 398 -50.64 -50.33 11.38
N ALA E 399 -49.90 -51.43 11.43
CA ALA E 399 -50.41 -52.74 11.07
C ALA E 399 -50.31 -53.67 12.27
N HIS E 400 -51.43 -54.31 12.61
CA HIS E 400 -51.48 -55.28 13.71
C HIS E 400 -51.48 -56.68 13.13
N CYS E 401 -50.54 -57.51 13.56
CA CYS E 401 -50.45 -58.87 13.07
C CYS E 401 -50.27 -59.84 14.22
N PRO E 402 -50.82 -61.05 14.11
CA PRO E 402 -50.55 -62.09 15.11
C PRO E 402 -49.20 -62.74 14.84
N PRO E 403 -48.70 -63.53 15.77
CA PRO E 403 -47.43 -64.24 15.52
C PRO E 403 -47.54 -65.15 14.31
N GLN E 404 -46.46 -65.21 13.55
CA GLN E 404 -46.40 -65.97 12.30
C GLN E 404 -45.52 -67.21 12.47
N ASP E 405 -45.60 -68.10 11.49
CA ASP E 405 -44.82 -69.34 11.49
C ASP E 405 -43.71 -69.24 10.46
N PRO E 406 -42.44 -69.25 10.87
CA PRO E 406 -41.34 -69.18 9.89
C PRO E 406 -41.17 -70.43 9.06
N CYS E 407 -41.80 -71.54 9.44
CA CYS E 407 -41.64 -72.79 8.70
C CYS E 407 -42.14 -72.65 7.27
N LEU E 408 -43.27 -71.99 7.07
CA LEU E 408 -43.74 -71.71 5.73
C LEU E 408 -42.82 -70.75 5.00
N VAL E 409 -42.18 -69.83 5.73
CA VAL E 409 -41.28 -68.86 5.10
C VAL E 409 -40.05 -69.56 4.54
N HIS E 410 -39.41 -70.40 5.33
CA HIS E 410 -38.18 -71.07 4.91
C HIS E 410 -38.42 -72.47 4.34
N GLY E 411 -39.67 -72.89 4.22
CA GLY E 411 -39.98 -74.20 3.69
C GLY E 411 -39.49 -74.41 2.27
N CYS E 412 -38.78 -75.50 2.02
CA CYS E 412 -38.26 -75.80 0.70
C CYS E 412 -38.09 -77.31 0.51
N ALA F 3 -71.44 45.48 -0.99
CA ALA F 3 -72.67 45.59 -0.23
C ALA F 3 -73.83 44.94 -0.96
N LEU F 4 -74.97 44.83 -0.29
CA LEU F 4 -76.16 44.25 -0.89
C LEU F 4 -77.00 45.32 -1.57
N THR F 5 -77.90 44.88 -2.45
CA THR F 5 -78.79 45.78 -3.17
C THR F 5 -80.20 45.64 -2.59
N GLN F 6 -80.77 46.76 -2.17
CA GLN F 6 -82.10 46.80 -1.61
C GLN F 6 -82.91 47.92 -2.26
N PRO F 7 -84.24 47.75 -2.36
CA PRO F 7 -85.10 48.79 -2.93
C PRO F 7 -85.50 49.86 -1.90
N THR F 19 -92.99 42.77 0.09
CA THR F 19 -91.86 41.87 0.25
C THR F 19 -90.56 42.55 -0.18
N ILE F 20 -89.69 42.80 0.79
CA ILE F 20 -88.41 43.44 0.54
C ILE F 20 -87.43 42.40 0.00
N SER F 21 -86.73 42.75 -1.08
CA SER F 21 -85.80 41.84 -1.73
C SER F 21 -84.37 42.30 -1.47
N CYS F 22 -83.54 41.38 -0.98
CA CYS F 22 -82.12 41.62 -0.73
C CYS F 22 -81.34 40.80 -1.73
N THR F 23 -80.73 41.48 -2.70
CA THR F 23 -80.04 40.82 -3.82
C THR F 23 -78.53 40.96 -3.65
N GLY F 24 -77.83 39.84 -3.77
CA GLY F 24 -76.39 39.84 -3.64
C GLY F 24 -75.68 39.04 -4.72
N THR F 25 -74.37 38.85 -4.55
CA THR F 25 -73.56 38.12 -5.51
C THR F 25 -73.57 36.63 -5.17
N SER F 26 -72.67 35.87 -5.78
CA SER F 26 -72.57 34.46 -5.44
C SER F 26 -71.86 34.25 -4.11
N SER F 27 -71.03 35.21 -3.68
CA SER F 27 -70.31 35.07 -2.42
C SER F 27 -71.27 35.05 -1.23
N ASP F 28 -72.27 35.92 -1.25
CA ASP F 28 -73.23 36.05 -0.16
C ASP F 28 -74.61 35.62 -0.63
N ILE F 29 -75.37 35.02 0.28
CA ILE F 29 -76.73 34.54 0.01
C ILE F 29 -76.70 33.39 -0.99
N GLY F 30 -76.03 33.60 -2.12
CA GLY F 30 -75.93 32.54 -3.12
C GLY F 30 -75.23 31.30 -2.60
N ALA F 31 -74.21 31.50 -1.77
CA ALA F 31 -73.44 30.38 -1.22
C ALA F 31 -73.99 29.95 0.14
N TYR F 32 -74.06 30.87 1.09
CA TYR F 32 -74.45 30.57 2.45
C TYR F 32 -75.91 30.91 2.70
N ASN F 33 -76.54 30.15 3.60
CA ASN F 33 -77.90 30.41 4.03
C ASN F 33 -77.96 31.18 5.34
N PHE F 34 -76.95 32.00 5.61
CA PHE F 34 -76.91 32.80 6.83
C PHE F 34 -77.22 34.25 6.47
N VAL F 35 -78.50 34.57 6.42
CA VAL F 35 -78.97 35.92 6.14
C VAL F 35 -79.98 36.30 7.21
N SER F 36 -79.86 37.52 7.74
CA SER F 36 -80.71 37.99 8.82
C SER F 36 -81.27 39.38 8.49
N TRP F 37 -82.35 39.72 9.19
CA TRP F 37 -83.06 40.98 8.96
C TRP F 37 -83.14 41.75 10.28
N TYR F 38 -83.16 43.07 10.16
CA TYR F 38 -83.21 43.96 11.32
C TYR F 38 -84.17 45.11 11.06
N GLN F 39 -84.95 45.46 12.08
CA GLN F 39 -85.93 46.54 12.00
C GLN F 39 -85.48 47.69 12.87
N GLN F 40 -85.41 48.88 12.29
CA GLN F 40 -85.00 50.08 13.03
C GLN F 40 -86.06 51.16 12.97
N ALA F 45 -80.36 51.34 17.20
CA ALA F 45 -80.52 50.04 17.83
C ALA F 45 -81.61 49.22 17.13
N PRO F 46 -81.28 48.63 15.99
CA PRO F 46 -82.27 47.84 15.26
C PRO F 46 -82.59 46.53 15.98
N LYS F 47 -83.74 45.97 15.65
CA LYS F 47 -84.23 44.76 16.27
C LYS F 47 -84.23 43.62 15.25
N LEU F 48 -83.61 42.50 15.62
CA LEU F 48 -83.55 41.35 14.74
C LEU F 48 -84.90 40.66 14.68
N LEU F 49 -85.36 40.37 13.46
CA LEU F 49 -86.64 39.70 13.26
C LEU F 49 -86.49 38.29 12.72
N ILE F 50 -85.76 38.12 11.61
CA ILE F 50 -85.63 36.82 10.95
C ILE F 50 -84.15 36.47 10.90
N TYR F 51 -83.84 35.25 11.33
CA TYR F 51 -82.48 34.71 11.23
C TYR F 51 -82.54 33.33 10.61
N ASP F 52 -81.44 32.92 10.00
CA ASP F 52 -81.34 31.64 9.29
C ASP F 52 -82.44 31.52 8.24
N VAL F 53 -82.60 32.59 7.45
CA VAL F 53 -83.50 32.64 6.30
C VAL F 53 -84.96 32.62 6.75
N THR F 54 -85.34 31.62 7.54
CA THR F 54 -86.74 31.42 7.92
C THR F 54 -87.02 31.57 9.40
N ASN F 55 -86.06 31.22 10.27
CA ASN F 55 -86.34 31.13 11.69
C ASN F 55 -86.66 32.49 12.29
N ARG F 56 -87.59 32.51 13.23
CA ARG F 56 -87.98 33.70 13.96
C ARG F 56 -87.91 33.41 15.45
N PRO F 57 -87.30 34.30 16.25
CA PRO F 57 -87.20 34.12 17.71
C PRO F 57 -88.56 34.00 18.40
N SER F 65 -91.83 36.70 7.97
CA SER F 65 -91.44 35.48 7.27
C SER F 65 -90.51 35.81 6.11
N GLY F 66 -89.51 34.95 5.89
CA GLY F 66 -88.54 35.18 4.83
C GLY F 66 -88.24 33.90 4.08
N SER F 67 -87.54 34.06 2.96
CA SER F 67 -87.18 32.94 2.11
C SER F 67 -85.99 33.34 1.24
N LYS F 68 -85.49 32.38 0.47
CA LYS F 68 -84.34 32.59 -0.39
C LYS F 68 -84.61 31.96 -1.76
N SER F 69 -83.97 32.52 -2.79
CA SER F 69 -84.09 31.98 -4.14
C SER F 69 -82.90 32.52 -4.94
N GLY F 70 -82.07 31.61 -5.46
CA GLY F 70 -80.91 32.04 -6.20
C GLY F 70 -79.98 32.86 -5.34
N ASN F 71 -79.68 34.08 -5.81
CA ASN F 71 -78.85 35.02 -5.07
C ASN F 71 -79.68 36.10 -4.38
N THR F 72 -81.00 35.93 -4.28
CA THR F 72 -81.87 36.95 -3.74
C THR F 72 -82.70 36.37 -2.60
N ALA F 73 -82.64 37.01 -1.44
CA ALA F 73 -83.52 36.71 -0.33
C ALA F 73 -84.72 37.64 -0.34
N SER F 74 -85.81 37.18 0.26
CA SER F 74 -87.03 37.97 0.31
C SER F 74 -87.61 37.92 1.71
N LEU F 75 -88.24 39.03 2.11
CA LEU F 75 -88.89 39.12 3.41
C LEU F 75 -90.32 39.60 3.18
N THR F 76 -91.29 38.89 3.75
CA THR F 76 -92.69 39.23 3.56
C THR F 76 -93.26 39.95 4.78
N ASN F 87 -87.95 50.82 8.59
CA ASN F 87 -86.62 50.52 8.08
C ASN F 87 -86.27 49.05 8.30
N TYR F 88 -85.98 48.34 7.21
CA TYR F 88 -85.63 46.93 7.27
C TYR F 88 -84.31 46.72 6.55
N TYR F 89 -83.33 46.16 7.25
CA TYR F 89 -82.01 45.92 6.70
C TYR F 89 -81.72 44.43 6.66
N CYS F 90 -80.91 44.02 5.69
CA CYS F 90 -80.49 42.62 5.54
C CYS F 90 -78.99 42.52 5.65
N ASN F 91 -78.51 41.50 6.37
CA ASN F 91 -77.09 41.21 6.43
C ASN F 91 -76.85 39.75 6.08
N SER F 92 -75.64 39.48 5.60
CA SER F 92 -75.28 38.15 5.13
C SER F 92 -73.79 37.91 5.37
N TYR F 93 -73.41 36.65 5.20
CA TYR F 93 -72.04 36.19 5.45
C TYR F 93 -71.37 35.91 4.11
N THR F 94 -70.19 36.48 3.92
CA THR F 94 -69.47 36.34 2.66
C THR F 94 -68.47 35.19 2.73
N SER F 95 -67.96 34.81 1.55
CA SER F 95 -66.96 33.75 1.49
C SER F 95 -65.64 34.16 2.10
N SER F 96 -65.38 35.46 2.22
CA SER F 96 -64.17 35.96 2.86
C SER F 96 -64.31 36.10 4.37
N SER F 97 -65.28 35.41 4.96
CA SER F 97 -65.53 35.43 6.41
C SER F 97 -65.86 36.84 6.90
N HIS F 98 -66.43 37.67 6.04
CA HIS F 98 -66.84 39.02 6.41
C HIS F 98 -68.35 39.10 6.51
N VAL F 99 -68.82 40.22 7.03
CA VAL F 99 -70.24 40.48 7.21
C VAL F 99 -70.63 41.64 6.29
N VAL F 100 -71.66 41.44 5.47
CA VAL F 100 -72.09 42.45 4.52
C VAL F 100 -73.52 42.85 4.85
N PHE F 101 -73.73 44.16 5.00
CA PHE F 101 -75.02 44.73 5.32
C PHE F 101 -75.69 45.26 4.06
N GLY F 102 -77.02 45.23 4.06
CA GLY F 102 -77.75 45.73 2.92
C GLY F 102 -77.81 47.25 2.88
N GLY F 103 -78.21 47.77 1.72
CA GLY F 103 -78.33 49.21 1.58
C GLY F 103 -79.41 49.79 2.46
N GLY F 104 -80.54 49.12 2.55
CA GLY F 104 -81.60 49.56 3.43
C GLY F 104 -82.81 50.08 2.67
N THR F 105 -83.99 49.86 3.23
CA THR F 105 -85.23 50.35 2.65
C THR F 105 -85.97 51.23 3.64
N SER G 31 -67.67 34.81 29.49
CA SER G 31 -67.73 33.38 29.24
C SER G 31 -68.97 32.99 28.43
N GLY G 32 -68.76 32.19 27.40
CA GLY G 32 -69.85 31.77 26.54
C GLY G 32 -69.57 31.89 25.06
N ASP G 33 -68.30 32.14 24.72
CA ASP G 33 -67.84 32.18 23.33
C ASP G 33 -68.57 33.25 22.52
N TYR G 34 -68.37 34.50 22.92
CA TYR G 34 -69.03 35.64 22.29
C TYR G 34 -68.08 36.39 21.37
N TYR G 35 -68.66 37.11 20.42
CA TYR G 35 -67.91 37.94 19.47
C TYR G 35 -68.41 39.37 19.61
N TRP G 36 -67.58 40.24 20.18
CA TRP G 36 -67.96 41.63 20.43
C TRP G 36 -67.61 42.45 19.20
N SER G 37 -68.63 42.91 18.49
CA SER G 37 -68.45 43.60 17.21
C SER G 37 -68.92 45.04 17.31
N TRP G 38 -68.40 45.87 16.40
CA TRP G 38 -68.72 47.29 16.33
C TRP G 38 -69.43 47.60 15.02
N ILE G 39 -70.56 48.28 15.10
CA ILE G 39 -71.33 48.69 13.93
C ILE G 39 -71.51 50.20 14.01
N ARG G 40 -71.71 50.85 12.86
CA ARG G 40 -71.90 52.29 12.82
C ARG G 40 -72.95 52.67 11.79
N GLN G 41 -73.59 53.81 12.03
CA GLN G 41 -74.61 54.36 11.15
C GLN G 41 -74.33 55.84 10.98
N PRO G 42 -74.03 56.31 9.75
CA PRO G 42 -73.76 57.72 9.48
C PRO G 42 -74.97 58.62 9.77
N LEU G 47 -76.60 50.28 8.25
CA LEU G 47 -75.40 50.18 9.05
C LEU G 47 -74.18 49.82 8.20
N GLU G 48 -73.05 49.59 8.87
CA GLU G 48 -71.83 49.17 8.19
C GLU G 48 -70.93 48.49 9.22
N TRP G 49 -70.67 47.21 9.03
CA TRP G 49 -69.84 46.46 9.96
C TRP G 49 -68.41 46.97 9.93
N ILE G 50 -67.83 47.19 11.12
CA ILE G 50 -66.46 47.66 11.22
C ILE G 50 -65.55 46.47 11.49
N GLY G 51 -65.80 45.76 12.58
CA GLY G 51 -64.98 44.62 12.93
C GLY G 51 -65.51 43.96 14.18
N TYR G 52 -64.82 42.89 14.57
CA TYR G 52 -65.12 42.18 15.80
C TYR G 52 -63.83 41.81 16.51
N ILE G 53 -63.94 41.70 17.84
CA ILE G 53 -62.93 41.07 18.68
C ILE G 53 -63.58 39.86 19.33
N SER G 54 -62.90 38.72 19.27
CA SER G 54 -63.47 37.48 19.74
C SER G 54 -63.11 37.23 21.20
N TYR G 55 -63.71 36.18 21.76
CA TYR G 55 -63.39 35.75 23.12
C TYR G 55 -61.91 35.41 23.26
N SER G 56 -61.28 34.93 22.19
CA SER G 56 -59.90 34.51 22.20
C SER G 56 -58.92 35.65 21.93
N GLY G 57 -59.42 36.86 21.71
CA GLY G 57 -58.56 37.98 21.37
C GLY G 57 -58.29 38.16 19.90
N SER G 58 -58.83 37.31 19.04
CA SER G 58 -58.66 37.47 17.61
C SER G 58 -59.51 38.64 17.13
N THR G 59 -58.90 39.49 16.31
CA THR G 59 -59.56 40.69 15.81
C THR G 59 -59.68 40.60 14.29
N TYR G 60 -60.87 40.87 13.78
CA TYR G 60 -61.12 40.87 12.34
C TYR G 60 -61.78 42.18 11.97
N TYR G 61 -61.26 42.82 10.92
CA TYR G 61 -61.69 44.17 10.55
C TYR G 61 -62.25 44.19 9.14
N ASN G 62 -63.05 45.23 8.87
CA ASN G 62 -63.54 45.45 7.53
C ASN G 62 -62.36 45.73 6.59
N PRO G 63 -62.37 45.20 5.37
CA PRO G 63 -61.23 45.42 4.47
C PRO G 63 -60.97 46.88 4.15
N SER G 64 -62.04 47.70 4.05
CA SER G 64 -61.85 49.11 3.72
C SER G 64 -61.31 49.89 4.91
N LEU G 65 -61.81 49.60 6.11
CA LEU G 65 -61.36 50.28 7.33
C LEU G 65 -60.39 49.40 8.13
N GLU G 66 -59.55 48.64 7.43
CA GLU G 66 -58.61 47.75 8.11
C GLU G 66 -57.61 48.55 8.94
N SER G 67 -57.13 49.66 8.40
CA SER G 67 -56.16 50.50 9.13
C SER G 67 -56.78 51.84 9.51
N VAL G 94 -73.48 57.31 14.64
CA VAL G 94 -73.80 56.57 15.84
C VAL G 94 -73.12 55.22 15.81
N TYR G 95 -72.52 54.83 16.94
CA TYR G 95 -71.78 53.58 17.04
C TYR G 95 -72.48 52.65 18.02
N TYR G 96 -72.79 51.43 17.58
CA TYR G 96 -73.40 50.40 18.40
C TYR G 96 -72.45 49.21 18.53
N CYS G 97 -72.73 48.37 19.53
CA CYS G 97 -72.00 47.14 19.73
C CYS G 97 -73.01 46.03 20.01
N ALA G 98 -73.22 45.15 19.05
CA ALA G 98 -74.19 44.06 19.16
C ALA G 98 -73.47 42.73 18.95
N THR G 99 -73.85 41.74 19.76
CA THR G 99 -73.22 40.42 19.73
C THR G 99 -74.30 39.35 19.81
N ASN G 100 -74.01 38.20 19.20
CA ASN G 100 -74.91 37.05 19.27
C ASN G 100 -74.85 36.47 20.68
N TYR G 101 -75.85 36.81 21.50
CA TYR G 101 -75.85 36.43 22.91
C TYR G 101 -76.89 35.39 23.28
N PHE G 102 -77.93 35.22 22.47
CA PHE G 102 -79.00 34.29 22.82
C PHE G 102 -79.22 33.20 21.79
N HIS G 103 -79.04 33.50 20.51
CA HIS G 103 -79.27 32.51 19.45
C HIS G 103 -77.96 31.81 19.07
N LEU G 104 -77.34 31.20 20.08
CA LEU G 104 -76.10 30.47 19.89
C LEU G 104 -76.35 29.16 19.16
N HIS G 105 -75.54 28.87 18.16
CA HIS G 105 -75.61 27.62 17.43
C HIS G 105 -74.43 26.73 17.81
N ASP G 106 -74.72 25.45 18.06
CA ASP G 106 -73.67 24.55 18.51
C ASP G 106 -72.73 24.14 17.39
N PHE G 107 -73.14 24.33 16.14
CA PHE G 107 -72.31 23.87 15.02
C PHE G 107 -71.41 24.96 14.47
N GLY G 108 -71.68 26.23 14.75
CA GLY G 108 -70.86 27.29 14.22
C GLY G 108 -70.97 28.55 15.04
N ASP G 109 -70.06 29.48 14.78
CA ASP G 109 -70.03 30.77 15.46
C ASP G 109 -70.68 31.81 14.55
N LEU G 110 -72.02 31.76 14.49
CA LEU G 110 -72.79 32.72 13.69
C LEU G 110 -72.85 34.03 14.46
N TYR G 111 -71.79 34.81 14.35
CA TYR G 111 -71.67 36.05 15.11
C TYR G 111 -72.37 37.23 14.46
N TRP G 112 -72.82 37.09 13.21
CA TRP G 112 -73.52 38.20 12.56
C TRP G 112 -75.00 38.25 12.91
N TYR G 113 -75.51 37.25 13.63
CA TYR G 113 -76.89 37.28 14.11
C TYR G 113 -76.97 38.23 15.31
N PHE G 114 -76.92 39.52 14.99
CA PHE G 114 -76.75 40.55 16.01
C PHE G 114 -78.01 40.70 16.85
N ASP G 115 -77.85 40.64 18.16
CA ASP G 115 -78.85 41.06 19.13
C ASP G 115 -78.13 41.70 20.29
N LEU G 116 -78.90 42.23 21.24
CA LEU G 116 -78.37 42.97 22.39
C LEU G 116 -77.45 44.09 21.88
N TRP G 117 -78.10 45.04 21.20
CA TRP G 117 -77.40 46.18 20.64
C TRP G 117 -77.01 47.16 21.74
N GLY G 118 -75.86 47.80 21.56
CA GLY G 118 -75.36 48.76 22.53
C GLY G 118 -76.05 50.10 22.44
N CYS H 536 -28.11 -57.98 39.04
CA CYS H 536 -27.38 -57.87 37.78
C CYS H 536 -26.11 -57.06 37.96
N SER H 537 -26.15 -56.12 38.89
CA SER H 537 -25.00 -55.28 39.21
C SER H 537 -25.22 -54.65 40.57
N GLU H 538 -24.29 -54.91 41.49
CA GLU H 538 -24.45 -54.47 42.87
C GLU H 538 -23.73 -53.13 43.10
N LEU H 539 -23.84 -52.62 44.32
CA LEU H 539 -23.22 -51.36 44.72
C LEU H 539 -22.58 -51.55 46.10
N ILE H 540 -21.86 -52.65 46.28
CA ILE H 540 -21.38 -53.03 47.61
C ILE H 540 -20.38 -52.01 48.15
N GLN H 541 -19.55 -51.44 47.28
CA GLN H 541 -18.55 -50.48 47.75
C GLN H 541 -19.16 -49.14 48.15
N ALA H 542 -20.42 -48.88 47.77
CA ALA H 542 -21.10 -47.65 48.15
C ALA H 542 -22.49 -47.93 48.72
N SER H 543 -22.75 -49.15 49.13
CA SER H 543 -24.05 -49.48 49.71
C SER H 543 -24.22 -48.82 51.06
N SER H 544 -25.46 -48.46 51.38
CA SER H 544 -25.81 -47.85 52.66
C SER H 544 -26.99 -48.59 53.27
N ARG H 545 -27.30 -48.24 54.52
CA ARG H 545 -28.42 -48.83 55.25
C ARG H 545 -29.71 -48.20 54.73
N ILE H 546 -30.20 -48.73 53.62
CA ILE H 546 -31.40 -48.22 52.98
C ILE H 546 -32.65 -48.76 53.67
N THR H 551 -32.53 -48.36 60.80
CA THR H 551 -33.72 -48.45 61.63
C THR H 551 -34.87 -49.07 60.86
N GLU H 552 -35.75 -49.77 61.57
CA GLU H 552 -36.89 -50.42 60.93
C GLU H 552 -37.86 -49.38 60.39
N GLY H 553 -38.40 -49.66 59.20
CA GLY H 553 -39.38 -48.79 58.59
C GLY H 553 -38.77 -47.58 57.92
N VAL H 554 -38.13 -46.70 58.71
CA VAL H 554 -37.58 -45.48 58.14
C VAL H 554 -36.39 -45.79 57.24
N ASN H 555 -36.02 -44.81 56.42
CA ASN H 555 -34.95 -44.95 55.44
C ASN H 555 -33.73 -44.16 55.92
N THR H 556 -32.57 -44.78 55.82
CA THR H 556 -31.30 -44.17 56.21
C THR H 556 -30.32 -44.20 55.04
N LYS H 557 -30.81 -43.82 53.87
CA LYS H 557 -29.94 -43.73 52.69
C LYS H 557 -28.87 -42.68 52.92
N CYS H 558 -27.65 -42.98 52.47
CA CYS H 558 -26.49 -42.11 52.69
C CYS H 558 -25.97 -41.52 51.39
N ARG H 559 -26.86 -41.24 50.44
CA ARG H 559 -26.52 -40.59 49.18
C ARG H 559 -25.44 -41.39 48.44
N LEU H 560 -25.84 -42.59 48.01
CA LEU H 560 -24.93 -43.51 47.33
C LEU H 560 -24.16 -42.82 46.23
N SER H 561 -22.84 -42.75 46.40
CA SER H 561 -21.99 -41.98 45.50
C SER H 561 -21.21 -42.84 44.51
N GLY H 562 -21.08 -44.13 44.76
CA GLY H 562 -20.35 -45.01 43.88
C GLY H 562 -20.93 -45.10 42.49
N THR H 563 -20.10 -44.82 41.48
CA THR H 563 -20.55 -44.90 40.10
C THR H 563 -20.68 -46.36 39.67
N ALA H 564 -21.44 -46.57 38.61
CA ALA H 564 -21.68 -47.89 38.05
C ALA H 564 -21.25 -47.91 36.58
N LEU H 565 -20.51 -48.96 36.20
CA LEU H 565 -20.01 -49.13 34.84
C LEU H 565 -20.61 -50.41 34.28
N ILE H 566 -21.72 -50.28 33.55
CA ILE H 566 -22.39 -51.43 32.95
C ILE H 566 -22.64 -51.16 31.48
N ARG H 567 -22.63 -52.23 30.70
CA ARG H 567 -22.78 -52.14 29.25
C ARG H 567 -24.24 -51.91 28.90
N ALA H 568 -24.49 -50.94 28.03
CA ALA H 568 -25.86 -50.63 27.60
C ALA H 568 -26.43 -51.77 26.78
N GLY H 569 -27.71 -52.06 27.00
CA GLY H 569 -28.37 -53.11 26.26
C GLY H 569 -28.61 -52.72 24.81
N SER H 570 -28.94 -53.72 24.00
CA SER H 570 -29.22 -53.51 22.59
C SER H 570 -30.51 -52.71 22.42
N VAL H 571 -30.85 -52.40 21.17
CA VAL H 571 -32.06 -51.64 20.89
C VAL H 571 -33.27 -52.43 21.35
N GLY H 572 -34.08 -51.83 22.21
CA GLY H 572 -35.21 -52.51 22.81
C GLY H 572 -34.88 -53.35 24.02
N ALA H 573 -33.61 -53.45 24.40
CA ALA H 573 -33.20 -54.18 25.59
C ALA H 573 -33.12 -53.22 26.78
N GLU H 574 -32.78 -53.77 27.94
CA GLU H 574 -32.73 -52.98 29.16
C GLU H 574 -31.44 -53.28 29.92
N ALA H 575 -31.00 -52.30 30.70
CA ALA H 575 -29.88 -52.44 31.61
C ALA H 575 -30.41 -52.48 33.04
N CYS H 576 -29.87 -53.40 33.84
CA CYS H 576 -30.41 -53.74 35.15
C CYS H 576 -29.45 -53.35 36.25
N LEU H 577 -30.00 -52.96 37.40
CA LEU H 577 -29.23 -52.65 38.59
C LEU H 577 -29.80 -53.40 39.79
N MET H 578 -28.92 -53.72 40.73
CA MET H 578 -29.30 -54.44 41.95
C MET H 578 -29.02 -53.54 43.15
N LEU H 579 -30.06 -53.31 43.96
CA LEU H 579 -29.95 -52.58 45.22
C LEU H 579 -30.45 -53.50 46.31
N LYS H 580 -29.54 -54.31 46.86
CA LYS H 580 -29.90 -55.35 47.83
C LYS H 580 -29.74 -54.81 49.25
N GLY H 581 -30.79 -54.93 50.04
CA GLY H 581 -30.75 -54.55 51.44
C GLY H 581 -30.89 -55.75 52.37
N VAL H 582 -32.09 -55.94 52.91
CA VAL H 582 -32.40 -57.07 53.78
C VAL H 582 -33.29 -58.03 52.99
N LYS H 583 -33.01 -59.33 53.11
CA LYS H 583 -33.77 -60.33 52.39
C LYS H 583 -35.25 -60.21 52.72
N GLU H 584 -36.09 -60.40 51.69
CA GLU H 584 -37.53 -60.18 51.74
C GLU H 584 -37.89 -58.71 51.99
N ASP H 585 -36.93 -57.81 51.76
CA ASP H 585 -37.15 -56.38 51.91
C ASP H 585 -36.31 -55.65 50.88
N GLN H 586 -36.62 -54.36 50.68
CA GLN H 586 -35.88 -53.47 49.79
C GLN H 586 -35.94 -54.04 48.38
N THR H 587 -34.83 -54.48 47.79
CA THR H 587 -34.76 -54.98 46.42
C THR H 587 -35.35 -53.97 45.43
N LYS H 588 -34.68 -52.82 45.36
CA LYS H 588 -35.08 -51.75 44.45
C LYS H 588 -34.34 -51.88 43.13
N PHE H 589 -35.08 -51.81 42.03
CA PHE H 589 -34.52 -52.04 40.70
C PHE H 589 -34.57 -50.75 39.90
N LEU H 590 -33.41 -50.34 39.39
CA LEU H 590 -33.29 -49.21 38.47
C LEU H 590 -33.04 -49.78 37.07
N LYS H 591 -33.88 -49.40 36.12
CA LYS H 591 -33.80 -49.96 34.77
C LYS H 591 -33.49 -48.87 33.76
N ILE H 592 -32.68 -49.22 32.77
CA ILE H 592 -32.37 -48.30 31.68
C ILE H 592 -32.81 -48.95 30.37
N LYS H 593 -34.01 -48.63 29.91
CA LYS H 593 -34.52 -49.13 28.64
C LYS H 593 -33.82 -48.40 27.50
N THR H 594 -33.41 -49.15 26.48
CA THR H 594 -32.82 -48.56 25.28
C THR H 594 -33.91 -48.43 24.23
N VAL H 595 -34.49 -47.24 24.10
CA VAL H 595 -35.64 -47.06 23.21
C VAL H 595 -35.23 -47.26 21.76
N SER H 596 -34.32 -46.42 21.27
CA SER H 596 -33.89 -46.51 19.89
C SER H 596 -32.57 -45.78 19.72
N SER H 597 -31.85 -46.14 18.66
CA SER H 597 -30.62 -45.48 18.26
C SER H 597 -30.81 -44.89 16.88
N GLU H 598 -30.57 -43.59 16.74
CA GLU H 598 -30.80 -42.89 15.49
C GLU H 598 -29.54 -42.12 15.09
N LEU H 599 -29.36 -41.96 13.79
CA LEU H 599 -28.23 -41.22 13.23
C LEU H 599 -28.72 -39.82 12.87
N SER H 600 -28.76 -38.95 13.88
CA SER H 600 -29.29 -37.62 13.71
C SER H 600 -28.35 -36.77 12.85
N CYS H 601 -28.87 -35.64 12.39
CA CYS H 601 -28.14 -34.73 11.53
C CYS H 601 -27.64 -33.52 12.31
N ARG H 602 -26.43 -33.08 11.99
CA ARG H 602 -25.84 -31.86 12.54
C ARG H 602 -25.85 -30.83 11.41
N GLU H 603 -26.82 -29.92 11.46
CA GLU H 603 -26.98 -28.95 10.39
C GLU H 603 -25.86 -27.91 10.40
N GLY H 604 -25.50 -27.46 9.21
CA GLY H 604 -24.51 -26.40 9.07
C GLY H 604 -25.14 -25.07 8.71
N GLN H 605 -24.89 -24.61 7.49
CA GLN H 605 -25.51 -23.38 7.01
C GLN H 605 -26.96 -23.63 6.62
N SER H 606 -27.73 -22.55 6.51
CA SER H 606 -29.14 -22.66 6.17
C SER H 606 -29.61 -21.32 5.61
N TYR H 607 -30.73 -21.38 4.89
CA TYR H 607 -31.37 -20.16 4.40
C TYR H 607 -32.85 -20.47 4.16
N TRP H 608 -33.58 -19.45 3.73
CA TRP H 608 -35.01 -19.58 3.47
C TRP H 608 -35.33 -19.10 2.07
N THR H 609 -36.43 -19.62 1.52
CA THR H 609 -36.85 -19.23 0.18
C THR H 609 -38.35 -19.45 0.05
N GLY H 610 -38.91 -18.84 -0.99
CA GLY H 610 -40.32 -18.93 -1.26
C GLY H 610 -40.63 -18.66 -2.71
N SER H 611 -41.88 -18.32 -2.99
CA SER H 611 -42.35 -18.02 -4.34
C SER H 611 -42.53 -16.52 -4.49
N PHE H 612 -41.95 -15.96 -5.54
CA PHE H 612 -41.97 -14.52 -5.77
C PHE H 612 -42.44 -14.24 -7.19
N SER H 613 -43.14 -13.12 -7.35
CA SER H 613 -43.58 -12.63 -8.65
C SER H 613 -43.31 -11.14 -8.74
N PRO H 614 -42.94 -10.64 -9.91
CA PRO H 614 -42.59 -9.21 -10.03
C PRO H 614 -43.75 -8.34 -10.44
N LYS H 615 -43.65 -7.06 -10.07
CA LYS H 615 -44.57 -6.03 -10.50
C LYS H 615 -43.75 -4.84 -10.97
N CYS H 616 -44.12 -4.28 -12.12
CA CYS H 616 -43.34 -3.23 -12.76
C CYS H 616 -44.21 -1.98 -12.97
N LEU H 617 -43.61 -0.82 -12.74
CA LEU H 617 -44.19 0.48 -13.03
C LEU H 617 -43.36 1.14 -14.11
N SER H 618 -44.01 1.61 -15.17
CA SER H 618 -43.32 2.17 -16.32
C SER H 618 -43.72 3.62 -16.52
N SER H 619 -42.76 4.41 -17.00
CA SER H 619 -43.01 5.82 -17.31
C SER H 619 -42.14 6.20 -18.49
N ARG H 620 -42.78 6.63 -19.58
CA ARG H 620 -42.07 6.95 -20.83
C ARG H 620 -42.06 8.46 -21.02
N ARG H 621 -40.85 9.02 -21.16
CA ARG H 621 -40.69 10.45 -21.37
C ARG H 621 -39.85 10.70 -22.63
N CYS H 622 -40.16 11.79 -23.30
CA CYS H 622 -39.44 12.19 -24.51
C CYS H 622 -38.05 12.70 -24.13
N HIS H 623 -37.23 12.94 -25.15
CA HIS H 623 -35.86 13.37 -24.93
C HIS H 623 -35.81 14.74 -24.29
N LEU H 624 -34.77 14.96 -23.48
CA LEU H 624 -34.53 16.21 -22.76
C LEU H 624 -35.64 16.51 -21.74
N VAL H 625 -36.41 15.51 -21.34
CA VAL H 625 -37.45 15.68 -20.34
C VAL H 625 -37.02 14.90 -19.09
N GLY H 626 -36.92 15.60 -17.97
CA GLY H 626 -36.46 14.97 -16.75
C GLY H 626 -35.01 14.56 -16.82
N GLU H 627 -34.75 13.26 -16.78
CA GLU H 627 -33.41 12.71 -16.92
C GLU H 627 -33.32 11.85 -18.18
N CYS H 628 -34.02 12.24 -19.23
CA CYS H 628 -34.02 11.49 -20.47
C CYS H 628 -32.80 11.78 -21.33
N HIS H 629 -31.77 12.42 -20.78
CA HIS H 629 -30.50 12.51 -21.49
C HIS H 629 -29.92 11.12 -21.70
N VAL H 630 -29.36 10.90 -22.88
CA VAL H 630 -28.90 9.56 -23.26
C VAL H 630 -27.77 9.10 -22.32
N ASN H 631 -26.88 10.02 -21.96
CA ASN H 631 -25.78 9.66 -21.06
C ASN H 631 -26.30 9.17 -19.71
N ARG H 632 -27.32 9.82 -19.17
CA ARG H 632 -27.99 9.29 -17.99
C ARG H 632 -28.76 8.03 -18.32
N CYS H 633 -29.20 7.87 -19.56
CA CYS H 633 -30.07 6.75 -19.91
C CYS H 633 -29.33 5.42 -19.85
N LEU H 634 -28.14 5.34 -20.47
CA LEU H 634 -27.43 4.06 -20.38
C LEU H 634 -26.79 3.84 -19.02
N SER H 635 -26.32 4.90 -18.36
CA SER H 635 -25.60 4.74 -17.10
C SER H 635 -26.51 4.68 -15.90
N TRP H 636 -27.77 4.27 -16.07
CA TRP H 636 -28.71 4.23 -14.96
C TRP H 636 -28.34 3.12 -13.99
N ARG H 637 -28.10 3.48 -12.74
CA ARG H 637 -27.83 2.48 -11.71
C ARG H 637 -29.11 1.74 -11.33
N ASP H 638 -28.99 0.44 -11.09
CA ASP H 638 -30.16 -0.36 -10.77
C ASP H 638 -30.73 -0.04 -9.40
N ASN H 639 -29.94 0.54 -8.51
CA ASN H 639 -30.39 0.84 -7.16
C ASN H 639 -30.87 2.28 -6.99
N GLU H 640 -30.92 3.05 -8.07
CA GLU H 640 -31.33 4.46 -8.02
C GLU H 640 -32.73 4.59 -8.59
N THR H 641 -33.61 5.25 -7.84
CA THR H 641 -35.01 5.39 -8.23
C THR H 641 -35.22 6.67 -9.04
N SER H 642 -36.09 6.57 -10.04
CA SER H 642 -36.44 7.73 -10.84
C SER H 642 -37.37 8.65 -10.08
N ALA H 643 -37.46 9.89 -10.55
CA ALA H 643 -38.33 10.88 -9.90
C ALA H 643 -39.80 10.65 -10.18
N GLU H 644 -40.13 9.92 -11.25
CA GLU H 644 -41.54 9.68 -11.55
C GLU H 644 -42.17 8.78 -10.50
N PHE H 645 -41.46 7.76 -10.04
CA PHE H 645 -41.98 6.83 -9.05
C PHE H 645 -41.58 7.26 -7.64
N SER H 646 -41.89 8.51 -7.29
CA SER H 646 -41.60 9.00 -5.96
C SER H 646 -42.70 8.67 -4.95
N PHE H 647 -43.88 8.28 -5.42
CA PHE H 647 -44.92 7.83 -4.48
C PHE H 647 -44.52 6.54 -3.81
N VAL H 648 -43.68 5.72 -4.46
CA VAL H 648 -43.07 4.59 -3.79
C VAL H 648 -42.21 5.09 -2.62
N GLY H 649 -41.42 6.13 -2.86
CA GLY H 649 -40.62 6.72 -1.80
C GLY H 649 -39.62 5.72 -1.25
N GLU H 650 -39.62 5.55 0.06
CA GLU H 650 -38.74 4.61 0.74
C GLU H 650 -39.51 3.34 1.01
N SER H 651 -38.98 2.22 0.53
CA SER H 651 -39.60 0.92 0.73
C SER H 651 -38.52 -0.11 1.04
N THR H 652 -38.91 -1.13 1.81
CA THR H 652 -38.00 -2.20 2.18
C THR H 652 -38.05 -3.40 1.24
N THR H 653 -38.91 -3.35 0.21
CA THR H 653 -39.06 -4.47 -0.69
C THR H 653 -37.86 -4.56 -1.64
N MET H 654 -37.57 -5.78 -2.07
CA MET H 654 -36.57 -5.99 -3.11
C MET H 654 -37.03 -5.32 -4.39
N ARG H 655 -36.16 -4.51 -4.99
CA ARG H 655 -36.56 -3.74 -6.15
C ARG H 655 -35.35 -3.37 -6.97
N GLU H 656 -35.60 -3.05 -8.24
CA GLU H 656 -34.56 -2.60 -9.15
C GLU H 656 -35.18 -1.64 -10.16
N ASN H 657 -34.32 -0.82 -10.76
CA ASN H 657 -34.76 0.21 -11.69
C ASN H 657 -33.93 0.11 -12.97
N LYS H 658 -34.60 0.16 -14.11
CA LYS H 658 -33.95 0.09 -15.41
C LYS H 658 -34.44 1.23 -16.29
N CYS H 659 -33.62 1.58 -17.27
CA CYS H 659 -33.94 2.61 -18.24
C CYS H 659 -33.66 2.09 -19.64
N PHE H 660 -34.66 2.19 -20.52
CA PHE H 660 -34.55 1.66 -21.88
C PHE H 660 -34.77 2.78 -22.90
N GLU H 661 -33.88 2.84 -23.89
CA GLU H 661 -34.06 3.79 -24.99
C GLU H 661 -35.12 3.29 -25.95
N GLN H 662 -35.89 4.23 -26.50
CA GLN H 662 -36.89 3.91 -27.51
C GLN H 662 -36.73 4.81 -28.72
N CYS H 663 -37.70 4.77 -29.62
CA CYS H 663 -37.68 5.61 -30.81
C CYS H 663 -37.79 7.09 -30.44
N GLY H 664 -37.29 7.94 -31.33
CA GLY H 664 -37.44 9.37 -31.19
C GLY H 664 -37.85 10.02 -32.49
N GLY H 665 -39.03 10.62 -32.51
CA GLY H 665 -39.56 11.20 -33.73
C GLY H 665 -41.07 11.28 -33.67
N TRP H 666 -41.62 12.05 -34.61
CA TRP H 666 -43.04 12.35 -34.58
C TRP H 666 -43.89 11.08 -34.68
N GLY H 667 -43.39 10.06 -35.39
CA GLY H 667 -44.08 8.78 -35.40
C GLY H 667 -44.06 8.12 -34.05
N CYS H 668 -42.94 8.21 -33.34
CA CYS H 668 -42.85 7.67 -31.99
C CYS H 668 -43.78 8.41 -31.03
N GLY H 669 -43.85 9.74 -31.15
CA GLY H 669 -44.73 10.53 -30.31
C GLY H 669 -44.09 11.78 -29.77
N CYS H 670 -42.81 11.98 -30.07
CA CYS H 670 -42.04 13.11 -29.56
C CYS H 670 -41.46 13.90 -30.71
N PHE H 671 -41.50 15.23 -30.60
CA PHE H 671 -40.99 16.07 -31.68
C PHE H 671 -39.50 15.86 -31.87
N ASN H 672 -38.75 15.70 -30.80
CA ASN H 672 -37.31 15.47 -30.90
C ASN H 672 -37.04 14.13 -31.58
N VAL H 673 -35.93 14.06 -32.31
CA VAL H 673 -35.55 12.83 -33.00
C VAL H 673 -34.56 12.00 -32.22
N ASN H 674 -33.95 12.55 -31.18
CA ASN H 674 -33.12 11.74 -30.30
C ASN H 674 -33.98 10.71 -29.57
N PRO H 675 -33.39 9.59 -29.14
CA PRO H 675 -34.22 8.53 -28.55
C PRO H 675 -34.82 8.97 -27.23
N SER H 676 -36.07 8.55 -27.01
CA SER H 676 -36.77 8.84 -25.76
C SER H 676 -36.30 7.85 -24.70
N CYS H 677 -36.94 7.88 -23.53
CA CYS H 677 -36.56 6.98 -22.45
C CYS H 677 -37.81 6.36 -21.83
N LEU H 678 -37.63 5.15 -21.32
CA LEU H 678 -38.67 4.44 -20.57
C LEU H 678 -38.05 3.97 -19.27
N PHE H 679 -38.53 4.50 -18.15
CA PHE H 679 -38.06 4.13 -16.83
C PHE H 679 -38.97 3.06 -16.26
N VAL H 680 -38.37 1.98 -15.75
CA VAL H 680 -39.10 0.86 -15.20
C VAL H 680 -38.62 0.62 -13.78
N HIS H 681 -39.57 0.50 -12.84
CA HIS H 681 -39.28 0.15 -11.46
C HIS H 681 -39.98 -1.16 -11.14
N THR H 682 -39.21 -2.19 -10.82
CA THR H 682 -39.73 -3.52 -10.57
C THR H 682 -39.49 -3.90 -9.12
N TYR H 683 -40.50 -4.50 -8.49
CA TYR H 683 -40.38 -5.02 -7.14
C TYR H 683 -41.01 -6.40 -7.06
N LEU H 684 -40.37 -7.29 -6.29
CA LEU H 684 -40.85 -8.65 -6.12
C LEU H 684 -41.82 -8.72 -4.93
N GLN H 685 -42.84 -9.55 -5.06
CA GLN H 685 -43.78 -9.77 -3.98
C GLN H 685 -44.06 -11.26 -3.85
N SER H 686 -44.28 -11.70 -2.61
CA SER H 686 -44.49 -13.12 -2.35
C SER H 686 -45.89 -13.54 -2.76
N VAL H 687 -45.98 -14.68 -3.45
CA VAL H 687 -47.25 -15.19 -3.93
C VAL H 687 -47.96 -15.97 -2.83
N ARG H 688 -47.28 -16.98 -2.30
CA ARG H 688 -47.83 -17.81 -1.24
C ARG H 688 -47.34 -17.35 0.12
N LYS H 689 -48.19 -17.52 1.13
CA LYS H 689 -47.85 -17.14 2.51
C LYS H 689 -47.18 -18.29 3.24
N GLU H 690 -46.13 -18.85 2.63
CA GLU H 690 -45.36 -19.93 3.23
C GLU H 690 -43.91 -19.79 2.80
N ALA H 691 -43.02 -20.41 3.57
CA ALA H 691 -41.60 -20.37 3.28
C ALA H 691 -41.01 -21.75 3.54
N LEU H 692 -39.87 -22.01 2.88
CA LEU H 692 -39.15 -23.27 3.02
C LEU H 692 -37.73 -23.00 3.47
N ARG H 693 -37.23 -23.82 4.40
CA ARG H 693 -35.88 -23.68 4.91
C ARG H 693 -34.98 -24.74 4.30
N VAL H 694 -33.91 -24.30 3.66
CA VAL H 694 -32.97 -25.20 2.99
C VAL H 694 -31.69 -25.23 3.81
N PHE H 695 -31.23 -26.43 4.15
CA PHE H 695 -30.03 -26.61 4.94
C PHE H 695 -29.27 -27.83 4.44
N ASN H 696 -28.15 -28.12 5.11
CA ASN H 696 -27.30 -29.26 4.77
C ASN H 696 -26.78 -29.89 6.04
N CYS H 697 -26.46 -31.18 5.96
CA CYS H 697 -25.91 -31.93 7.08
C CYS H 697 -24.41 -32.13 6.85
N ILE H 698 -23.59 -31.42 7.63
CA ILE H 698 -22.15 -31.57 7.50
C ILE H 698 -21.70 -32.95 7.98
N ASP H 699 -22.33 -33.47 9.03
CA ASP H 699 -22.00 -34.79 9.55
C ASP H 699 -23.17 -35.34 10.33
N TRP H 700 -23.17 -36.65 10.52
CA TRP H 700 -24.20 -37.35 11.26
C TRP H 700 -23.62 -37.89 12.56
N VAL H 701 -24.39 -37.81 13.63
CA VAL H 701 -23.93 -38.18 14.96
C VAL H 701 -24.84 -39.26 15.53
N HIS H 702 -24.24 -40.27 16.16
CA HIS H 702 -25.01 -41.29 16.83
C HIS H 702 -25.70 -40.70 18.05
N LYS H 703 -26.94 -41.14 18.29
CA LYS H 703 -27.78 -40.53 19.31
C LYS H 703 -28.66 -41.61 19.93
N LEU H 704 -28.53 -41.80 21.23
CA LEU H 704 -29.20 -42.88 21.95
C LEU H 704 -30.32 -42.31 22.82
N THR H 705 -31.49 -42.95 22.75
CA THR H 705 -32.64 -42.58 23.56
C THR H 705 -32.81 -43.62 24.67
N LEU H 706 -32.89 -43.16 25.91
CA LEU H 706 -33.01 -44.03 27.07
C LEU H 706 -34.29 -43.71 27.82
N GLU H 707 -34.89 -44.75 28.41
CA GLU H 707 -36.04 -44.63 29.28
C GLU H 707 -35.58 -45.03 30.68
N ILE H 708 -35.60 -44.09 31.61
CA ILE H 708 -35.02 -44.29 32.93
C ILE H 708 -36.14 -44.73 33.87
N THR H 709 -36.29 -46.05 34.04
CA THR H 709 -37.20 -46.61 35.02
C THR H 709 -36.56 -46.42 36.38
N ASP H 710 -36.87 -45.29 37.00
CA ASP H 710 -36.28 -44.91 38.28
C ASP H 710 -36.94 -45.67 39.43
N PHE H 711 -36.33 -45.55 40.61
CA PHE H 711 -36.88 -46.16 41.80
C PHE H 711 -38.21 -45.53 42.15
N ASP H 712 -39.26 -46.36 42.26
CA ASP H 712 -40.61 -45.92 42.58
C ASP H 712 -41.09 -44.83 41.61
N GLY H 713 -41.19 -45.23 40.33
CA GLY H 713 -41.63 -44.31 39.31
C GLY H 713 -40.74 -44.33 38.09
N SER H 714 -41.32 -44.53 36.91
CA SER H 714 -40.57 -44.64 35.67
C SER H 714 -40.86 -43.48 34.72
N VAL H 715 -41.21 -42.31 35.27
CA VAL H 715 -41.49 -41.13 34.43
C VAL H 715 -40.16 -40.41 34.22
N SER H 716 -39.39 -40.92 33.26
CA SER H 716 -38.10 -40.31 32.91
C SER H 716 -37.67 -40.84 31.56
N THR H 717 -37.54 -39.96 30.57
CA THR H 717 -37.02 -40.31 29.25
C THR H 717 -36.00 -39.26 28.85
N ILE H 718 -34.83 -39.72 28.41
CA ILE H 718 -33.72 -38.82 28.09
C ILE H 718 -33.13 -39.24 26.74
N ASP H 719 -32.41 -38.30 26.12
CA ASP H 719 -31.74 -38.54 24.85
C ASP H 719 -30.36 -37.90 24.90
N LEU H 720 -29.34 -38.63 24.45
CA LEU H 720 -27.99 -38.11 24.56
C LEU H 720 -27.09 -38.73 23.50
N GLY H 721 -25.98 -38.06 23.23
CA GLY H 721 -25.08 -38.43 22.16
C GLY H 721 -23.77 -39.02 22.65
N ALA H 722 -22.75 -38.93 21.79
CA ALA H 722 -21.46 -39.55 22.08
C ALA H 722 -20.69 -38.75 23.11
N SER H 723 -20.12 -39.45 24.10
CA SER H 723 -19.27 -38.84 25.12
C SER H 723 -19.95 -37.65 25.78
N SER H 724 -21.24 -37.79 26.06
CA SER H 724 -22.04 -36.73 26.65
C SER H 724 -22.73 -37.24 27.90
N SER H 725 -22.97 -36.33 28.83
CA SER H 725 -23.65 -36.63 30.09
C SER H 725 -24.84 -35.71 30.25
N ARG H 726 -25.89 -36.23 30.87
CA ARG H 726 -27.11 -35.49 31.15
C ARG H 726 -27.35 -35.49 32.65
N PHE H 727 -27.59 -34.30 33.20
CA PHE H 727 -27.78 -34.13 34.64
C PHE H 727 -29.23 -34.43 34.99
N THR H 728 -29.52 -35.72 35.13
CA THR H 728 -30.85 -36.17 35.51
C THR H 728 -30.99 -36.04 37.03
N ASN H 729 -32.05 -36.64 37.58
CA ASN H 729 -32.15 -36.74 39.02
C ASN H 729 -31.09 -37.69 39.56
N TRP H 730 -30.96 -37.72 40.88
CA TRP H 730 -30.00 -38.56 41.60
C TRP H 730 -28.61 -38.54 40.95
N GLY H 731 -28.19 -37.40 40.42
CA GLY H 731 -26.87 -37.31 39.82
C GLY H 731 -26.88 -37.03 38.34
N SER H 732 -26.23 -37.90 37.56
CA SER H 732 -26.16 -37.72 36.12
C SER H 732 -25.90 -39.06 35.46
N VAL H 733 -26.21 -39.12 34.17
CA VAL H 733 -25.99 -40.32 33.35
C VAL H 733 -25.14 -39.95 32.17
N SER H 734 -24.05 -40.69 31.95
CA SER H 734 -23.14 -40.39 30.85
C SER H 734 -23.11 -41.57 29.89
N LEU H 735 -22.84 -41.28 28.61
CA LEU H 735 -22.73 -42.31 27.59
C LEU H 735 -21.37 -42.24 26.93
N SER H 736 -20.70 -43.38 26.82
CA SER H 736 -19.41 -43.44 26.16
C SER H 736 -19.57 -43.56 24.64
N LEU H 737 -20.18 -44.65 24.19
CA LEU H 737 -20.37 -44.96 22.78
C LEU H 737 -19.05 -44.77 22.02
N ASP H 738 -18.07 -45.58 22.40
CA ASP H 738 -16.71 -45.40 21.92
C ASP H 738 -16.47 -45.95 20.51
N ALA H 739 -17.42 -46.70 19.96
CA ALA H 739 -17.23 -47.31 18.65
C ALA H 739 -17.07 -46.26 17.56
N GLU H 740 -18.10 -45.47 17.31
CA GLU H 740 -18.08 -44.48 16.24
C GLU H 740 -18.91 -43.27 16.67
N GLY H 741 -18.28 -42.11 16.73
CA GLY H 741 -18.97 -40.87 17.01
C GLY H 741 -19.46 -40.11 15.80
N ILE H 742 -19.28 -40.66 14.59
CA ILE H 742 -19.64 -39.97 13.36
C ILE H 742 -19.84 -41.02 12.28
N SER H 743 -20.55 -40.63 11.21
CA SER H 743 -20.82 -41.54 10.11
C SER H 743 -20.63 -40.83 8.77
N GLY H 744 -19.57 -40.04 8.65
CA GLY H 744 -19.26 -39.39 7.39
C GLY H 744 -20.13 -38.18 7.10
N SER H 745 -20.10 -37.77 5.83
CA SER H 745 -20.81 -36.59 5.38
C SER H 745 -21.68 -36.88 4.17
N ASN H 746 -22.23 -35.84 3.54
CA ASN H 746 -23.09 -36.01 2.39
C ASN H 746 -22.97 -34.78 1.51
N SER H 747 -23.57 -34.86 0.31
CA SER H 747 -23.51 -33.79 -0.68
C SER H 747 -24.88 -33.54 -1.30
N PHE H 748 -25.94 -33.71 -0.51
CA PHE H 748 -27.29 -33.34 -0.91
C PHE H 748 -27.73 -32.13 -0.09
N SER H 749 -28.97 -31.71 -0.29
CA SER H 749 -29.54 -30.63 0.52
C SER H 749 -30.91 -31.07 1.02
N PHE H 750 -31.33 -30.47 2.14
CA PHE H 750 -32.59 -30.84 2.77
C PHE H 750 -33.49 -29.62 2.90
N ILE H 751 -34.78 -29.84 2.69
CA ILE H 751 -35.79 -28.80 2.74
C ILE H 751 -36.71 -29.11 3.91
N GLU H 752 -37.09 -28.08 4.65
CA GLU H 752 -38.03 -28.20 5.77
C GLU H 752 -39.17 -27.22 5.55
N SER H 753 -40.39 -27.74 5.56
CA SER H 753 -41.58 -26.90 5.58
C SER H 753 -42.19 -26.95 6.96
N PRO H 754 -42.15 -25.87 7.73
CA PRO H 754 -42.61 -25.91 9.13
C PRO H 754 -44.07 -26.31 9.23
N GLY H 755 -44.34 -27.29 10.09
CA GLY H 755 -45.68 -27.82 10.23
C GLY H 755 -46.10 -28.75 9.12
N LYS H 756 -45.22 -29.05 8.17
CA LYS H 756 -45.55 -29.92 7.05
C LYS H 756 -44.57 -31.06 6.82
N GLY H 757 -43.30 -30.91 7.21
CA GLY H 757 -42.39 -32.02 7.13
C GLY H 757 -41.07 -31.62 6.50
N TYR H 758 -40.38 -32.60 5.96
CA TYR H 758 -39.07 -32.41 5.33
C TYR H 758 -39.05 -33.06 3.95
N ALA H 759 -37.94 -32.84 3.25
CA ALA H 759 -37.74 -33.36 1.91
C ALA H 759 -36.24 -33.28 1.59
N ILE H 760 -35.85 -33.97 0.53
CA ILE H 760 -34.45 -34.04 0.12
C ILE H 760 -34.34 -33.62 -1.34
N VAL H 761 -33.37 -32.76 -1.65
CA VAL H 761 -33.08 -32.37 -3.01
C VAL H 761 -31.65 -32.77 -3.34
N ASP H 762 -31.47 -33.28 -4.55
CA ASP H 762 -30.22 -33.90 -4.99
C ASP H 762 -29.30 -32.87 -5.65
N GLU H 763 -29.03 -31.77 -4.96
CA GLU H 763 -28.08 -30.78 -5.41
C GLU H 763 -27.16 -30.42 -4.25
N PRO H 764 -25.90 -30.07 -4.56
CA PRO H 764 -25.02 -29.58 -3.50
C PRO H 764 -25.53 -28.27 -2.91
N PHE H 765 -25.32 -28.11 -1.61
CA PHE H 765 -25.74 -26.89 -0.93
C PHE H 765 -24.81 -25.76 -1.35
N SER H 766 -25.34 -24.78 -2.06
CA SER H 766 -24.57 -23.65 -2.57
C SER H 766 -24.86 -22.42 -1.73
N GLU H 767 -23.80 -21.78 -1.25
CA GLU H 767 -23.95 -20.56 -0.44
C GLU H 767 -24.06 -19.31 -1.29
N ILE H 768 -23.93 -19.42 -2.60
CA ILE H 768 -24.06 -18.29 -3.53
C ILE H 768 -25.25 -18.56 -4.43
N PRO H 769 -26.20 -17.63 -4.55
CA PRO H 769 -27.38 -17.89 -5.40
C PRO H 769 -26.98 -18.12 -6.84
N ARG H 770 -27.71 -19.00 -7.51
CA ARG H 770 -27.44 -19.37 -8.89
C ARG H 770 -28.75 -19.39 -9.67
N GLN H 771 -28.73 -18.77 -10.85
CA GLN H 771 -29.92 -18.72 -11.68
C GLN H 771 -30.27 -20.12 -12.18
N GLY H 772 -31.56 -20.46 -12.15
CA GLY H 772 -32.01 -21.73 -12.63
C GLY H 772 -31.87 -22.88 -11.66
N PHE H 773 -31.47 -22.62 -10.43
CA PHE H 773 -31.33 -23.64 -9.39
C PHE H 773 -32.27 -23.30 -8.23
N LEU H 774 -32.17 -24.09 -7.17
CA LEU H 774 -32.89 -23.79 -5.94
C LEU H 774 -32.18 -22.70 -5.17
N GLY H 775 -32.96 -21.91 -4.43
CA GLY H 775 -32.40 -20.83 -3.66
C GLY H 775 -31.78 -19.73 -4.51
N GLU H 776 -32.38 -19.45 -5.66
CA GLU H 776 -31.94 -18.30 -6.46
C GLU H 776 -32.21 -17.00 -5.72
N ILE H 777 -33.35 -16.92 -5.03
CA ILE H 777 -33.65 -15.83 -4.11
C ILE H 777 -33.70 -16.43 -2.72
N ARG H 778 -32.77 -16.03 -1.85
CA ARG H 778 -32.66 -16.59 -0.51
C ARG H 778 -32.64 -15.47 0.52
N CYS H 779 -33.22 -15.77 1.68
CA CYS H 779 -33.29 -14.82 2.78
C CYS H 779 -32.72 -15.43 4.06
N ASN H 780 -32.89 -14.75 5.18
CA ASN H 780 -32.37 -15.23 6.46
C ASN H 780 -33.47 -15.55 7.47
N SER H 781 -34.73 -15.31 7.13
CA SER H 781 -35.82 -15.58 8.05
C SER H 781 -37.11 -15.75 7.26
N GLU H 782 -38.10 -16.35 7.90
CA GLU H 782 -39.38 -16.57 7.25
C GLU H 782 -40.09 -15.26 6.97
N SER H 783 -39.95 -14.28 7.88
CA SER H 783 -40.58 -12.98 7.68
C SER H 783 -40.02 -12.28 6.45
N SER H 784 -38.70 -12.35 6.25
CA SER H 784 -38.09 -11.74 5.08
C SER H 784 -38.63 -12.36 3.80
N VAL H 785 -38.81 -13.68 3.79
CA VAL H 785 -39.37 -14.34 2.62
C VAL H 785 -40.81 -13.89 2.39
N LEU H 786 -41.61 -13.87 3.45
CA LEU H 786 -43.02 -13.55 3.30
C LEU H 786 -43.26 -12.08 3.02
N SER H 787 -42.26 -11.23 3.23
CA SER H 787 -42.39 -9.80 2.98
C SER H 787 -41.49 -9.30 1.85
N ALA H 788 -40.72 -10.18 1.22
CA ALA H 788 -39.82 -9.83 0.13
C ALA H 788 -38.88 -8.69 0.55
N HIS H 789 -38.30 -8.84 1.73
CA HIS H 789 -37.44 -7.80 2.28
C HIS H 789 -36.19 -7.63 1.42
N GLU H 790 -35.67 -6.39 1.40
CA GLU H 790 -34.52 -6.08 0.55
C GLU H 790 -33.25 -6.76 1.01
N SER H 791 -33.20 -7.24 2.25
CA SER H 791 -32.01 -7.93 2.73
C SER H 791 -31.81 -9.29 2.09
N CYS H 792 -32.83 -9.83 1.43
CA CYS H 792 -32.68 -11.10 0.74
C CYS H 792 -31.69 -10.98 -0.42
N LEU H 793 -30.90 -12.03 -0.61
CA LEU H 793 -29.94 -12.07 -1.70
C LEU H 793 -30.56 -12.77 -2.91
N ARG H 794 -30.10 -12.36 -4.09
CA ARG H 794 -30.56 -12.96 -5.32
C ARG H 794 -29.46 -12.86 -6.38
N ALA H 795 -29.57 -13.69 -7.39
CA ALA H 795 -28.60 -13.75 -8.48
C ALA H 795 -28.76 -12.55 -9.41
N PRO H 796 -27.75 -12.26 -10.24
CA PRO H 796 -27.94 -11.26 -11.29
C PRO H 796 -28.88 -11.75 -12.38
N ASN H 797 -29.61 -10.81 -12.96
CA ASN H 797 -30.46 -11.03 -14.14
C ASN H 797 -31.46 -12.16 -13.94
N LEU H 798 -32.41 -11.94 -13.02
CA LEU H 798 -33.55 -12.84 -12.91
C LEU H 798 -34.78 -12.36 -13.66
N ILE H 799 -34.90 -11.06 -13.88
CA ILE H 799 -36.13 -10.48 -14.41
C ILE H 799 -35.99 -10.31 -15.91
N SER H 800 -36.97 -10.77 -16.66
CA SER H 800 -37.00 -10.65 -18.11
C SER H 800 -37.92 -9.51 -18.51
N TYR H 801 -37.38 -8.57 -19.29
CA TYR H 801 -38.08 -7.36 -19.69
C TYR H 801 -38.42 -7.42 -21.16
N LYS H 802 -39.66 -7.09 -21.50
CA LYS H 802 -40.16 -7.06 -22.87
C LYS H 802 -40.68 -5.65 -23.13
N PRO H 803 -39.79 -4.72 -23.51
CA PRO H 803 -40.17 -3.32 -23.74
C PRO H 803 -40.80 -3.06 -25.11
N MET H 804 -41.78 -3.90 -25.46
CA MET H 804 -42.48 -3.70 -26.73
C MET H 804 -43.32 -2.43 -26.67
N ILE H 805 -43.56 -1.85 -27.84
CA ILE H 805 -43.96 -0.45 -27.94
C ILE H 805 -45.32 -0.17 -27.29
N ASP H 806 -46.19 -1.16 -27.14
CA ASP H 806 -47.52 -0.89 -26.59
C ASP H 806 -47.45 -0.86 -25.07
N GLN H 807 -47.08 -1.97 -24.44
CA GLN H 807 -46.88 -2.00 -23.00
C GLN H 807 -45.72 -2.93 -22.68
N LEU H 808 -45.03 -2.61 -21.59
CA LEU H 808 -43.91 -3.43 -21.13
C LEU H 808 -44.42 -4.71 -20.49
N GLU H 809 -43.64 -5.78 -20.65
CA GLU H 809 -43.94 -7.06 -20.01
C GLU H 809 -42.78 -7.43 -19.09
N CYS H 810 -43.04 -7.43 -17.78
CA CYS H 810 -42.05 -7.81 -16.78
C CYS H 810 -42.41 -9.22 -16.31
N THR H 811 -41.58 -10.20 -16.65
CA THR H 811 -41.89 -11.57 -16.26
C THR H 811 -40.60 -12.36 -16.08
N THR H 812 -40.69 -13.44 -15.31
CA THR H 812 -39.52 -14.26 -15.06
C THR H 812 -39.98 -15.70 -14.82
N ASN H 813 -39.04 -16.62 -15.04
CA ASN H 813 -39.26 -18.03 -14.79
C ASN H 813 -38.44 -18.44 -13.57
N LEU H 814 -39.13 -18.90 -12.53
CA LEU H 814 -38.50 -19.21 -11.26
C LEU H 814 -38.84 -20.64 -10.86
N ILE H 815 -37.84 -21.35 -10.35
CA ILE H 815 -38.07 -22.69 -9.82
C ILE H 815 -38.99 -22.57 -8.61
N ASP H 816 -40.13 -23.25 -8.68
CA ASP H 816 -41.04 -23.24 -7.55
C ASP H 816 -40.47 -24.13 -6.45
N PRO H 817 -40.10 -23.57 -5.30
CA PRO H 817 -39.54 -24.42 -4.23
C PRO H 817 -40.55 -25.40 -3.68
N PHE H 818 -41.85 -25.10 -3.74
CA PHE H 818 -42.84 -26.01 -3.21
C PHE H 818 -42.96 -27.25 -4.08
N VAL H 819 -42.80 -27.10 -5.39
CA VAL H 819 -42.83 -28.26 -6.29
C VAL H 819 -41.66 -29.19 -5.98
N VAL H 820 -40.47 -28.62 -5.82
CA VAL H 820 -39.30 -29.43 -5.51
C VAL H 820 -39.44 -30.07 -4.13
N PHE H 821 -40.06 -29.36 -3.19
CA PHE H 821 -40.30 -29.92 -1.87
C PHE H 821 -41.25 -31.12 -1.94
N GLU H 822 -42.31 -31.00 -2.73
CA GLU H 822 -43.26 -32.10 -2.85
C GLU H 822 -42.67 -33.27 -3.65
N ARG H 823 -41.73 -32.98 -4.54
CA ARG H 823 -41.13 -34.04 -5.35
C ARG H 823 -40.32 -35.01 -4.51
N GLY H 824 -39.59 -34.48 -3.51
CA GLY H 824 -38.64 -35.30 -2.78
C GLY H 824 -38.92 -35.48 -1.30
N SER H 825 -40.18 -35.76 -0.95
CA SER H 825 -40.54 -35.99 0.44
C SER H 825 -39.61 -37.02 1.08
N LEU H 826 -39.45 -36.92 2.39
CA LEU H 826 -38.28 -37.52 3.06
C LEU H 826 -38.09 -39.00 2.79
N PRO H 827 -39.10 -39.87 2.85
CA PRO H 827 -38.80 -41.31 2.76
C PRO H 827 -38.24 -41.68 1.40
N GLN H 828 -36.97 -41.32 1.20
CA GLN H 828 -36.25 -41.57 -0.04
C GLN H 828 -34.93 -42.25 0.28
N THR H 829 -34.54 -43.20 -0.56
CA THR H 829 -33.29 -43.92 -0.40
C THR H 829 -32.31 -43.49 -1.49
N ARG H 830 -31.14 -43.03 -1.07
CA ARG H 830 -30.08 -42.64 -2.00
C ARG H 830 -28.81 -43.40 -1.63
N ASN H 831 -28.28 -44.15 -2.59
CA ASN H 831 -27.10 -45.01 -2.42
C ASN H 831 -27.12 -45.71 -1.06
N ASP H 832 -28.26 -46.30 -0.73
CA ASP H 832 -28.46 -47.08 0.49
C ASP H 832 -28.21 -46.23 1.75
N LYS H 833 -29.01 -45.18 1.89
CA LYS H 833 -28.98 -44.35 3.09
C LYS H 833 -30.35 -44.14 3.72
N THR H 834 -31.40 -44.04 2.91
CA THR H 834 -32.78 -43.99 3.38
C THR H 834 -32.98 -42.95 4.49
N PHE H 835 -32.79 -41.69 4.11
CA PHE H 835 -33.09 -40.60 5.03
C PHE H 835 -34.58 -40.55 5.31
N ALA H 836 -34.94 -40.22 6.55
CA ALA H 836 -36.34 -40.17 6.94
C ALA H 836 -36.48 -39.23 8.13
N ALA H 837 -37.73 -38.93 8.46
CA ALA H 837 -38.01 -37.98 9.53
C ALA H 837 -37.76 -38.62 10.89
N SER H 838 -37.05 -37.90 11.76
CA SER H 838 -36.83 -38.38 13.12
C SER H 838 -38.14 -38.37 13.89
N LYS H 839 -38.22 -39.23 14.90
CA LYS H 839 -39.43 -39.31 15.70
C LYS H 839 -39.73 -37.96 16.35
N GLY H 840 -40.97 -37.52 16.24
CA GLY H 840 -41.35 -36.18 16.64
C GLY H 840 -41.15 -35.12 15.56
N ASN H 841 -40.63 -35.50 14.39
CA ASN H 841 -40.40 -34.60 13.26
C ASN H 841 -39.62 -33.35 13.66
N ARG H 842 -38.57 -33.55 14.46
CA ARG H 842 -37.63 -32.49 14.81
C ARG H 842 -36.34 -32.55 13.98
N GLY H 843 -36.28 -33.41 12.97
CA GLY H 843 -35.08 -33.48 12.16
C GLY H 843 -35.13 -34.68 11.23
N VAL H 844 -33.97 -35.04 10.70
CA VAL H 844 -33.84 -36.14 9.75
C VAL H 844 -32.85 -37.16 10.29
N GLN H 845 -32.98 -38.39 9.80
CA GLN H 845 -32.13 -39.51 10.19
C GLN H 845 -31.31 -39.99 9.00
N ALA H 846 -30.57 -41.07 9.21
CA ALA H 846 -29.81 -41.71 8.13
C ALA H 846 -29.64 -43.18 8.50
N PHE H 847 -30.45 -44.04 7.89
CA PHE H 847 -30.41 -45.47 8.15
C PHE H 847 -29.31 -46.10 7.32
N SER H 848 -28.20 -46.46 7.96
CA SER H 848 -27.07 -47.07 7.28
C SER H 848 -26.61 -48.29 8.04
N LYS H 849 -26.00 -49.23 7.31
CA LYS H 849 -25.47 -50.44 7.92
C LYS H 849 -24.33 -50.09 8.87
N GLY H 850 -24.39 -50.64 10.08
CA GLY H 850 -23.36 -50.38 11.06
C GLY H 850 -23.84 -50.78 12.44
N SER H 851 -22.92 -50.63 13.40
CA SER H 851 -23.20 -50.95 14.79
C SER H 851 -22.26 -50.13 15.67
N VAL H 852 -22.66 -49.96 16.93
CA VAL H 852 -21.88 -49.21 17.90
C VAL H 852 -21.83 -49.97 19.21
N GLN H 853 -20.82 -49.65 20.02
CA GLN H 853 -20.65 -50.19 21.36
C GLN H 853 -20.91 -49.07 22.36
N ALA H 854 -21.89 -49.28 23.24
CA ALA H 854 -22.31 -48.26 24.19
C ALA H 854 -22.10 -48.77 25.60
N ASP H 855 -21.39 -47.98 26.42
CA ASP H 855 -21.12 -48.30 27.82
C ASP H 855 -21.49 -47.09 28.66
N LEU H 856 -22.76 -47.02 29.06
CA LEU H 856 -23.22 -45.87 29.84
C LEU H 856 -22.86 -46.05 31.31
N THR H 857 -22.67 -44.91 31.98
CA THR H 857 -22.23 -44.88 33.38
C THR H 857 -23.19 -44.05 34.20
N LEU H 858 -23.60 -44.60 35.34
CA LEU H 858 -24.31 -43.84 36.36
C LEU H 858 -23.32 -43.20 37.32
N MET H 859 -23.82 -42.27 38.13
CA MET H 859 -22.95 -41.63 39.11
C MET H 859 -23.83 -40.97 40.18
N PHE H 860 -23.46 -41.18 41.45
CA PHE H 860 -24.18 -40.63 42.60
C PHE H 860 -25.65 -41.04 42.61
N ASP H 861 -25.96 -42.23 42.08
CA ASP H 861 -27.34 -42.68 41.99
C ASP H 861 -27.90 -42.91 43.39
N ASN H 862 -28.79 -42.02 43.83
CA ASN H 862 -29.41 -42.12 45.15
C ASN H 862 -30.89 -41.76 45.02
N PHE H 863 -31.75 -42.77 45.14
CA PHE H 863 -33.20 -42.54 45.10
C PHE H 863 -33.84 -43.61 45.99
N GLU H 864 -34.06 -43.26 47.25
CA GLU H 864 -34.59 -44.21 48.22
C GLU H 864 -35.58 -43.51 49.14
N VAL H 865 -36.59 -44.25 49.58
CA VAL H 865 -37.61 -43.78 50.49
C VAL H 865 -37.77 -44.79 51.62
N ASP H 866 -38.68 -44.49 52.54
CA ASP H 866 -38.89 -45.33 53.73
C ASP H 866 -40.08 -46.26 53.62
N PHE H 867 -41.12 -45.86 52.87
CA PHE H 867 -42.34 -46.67 52.80
C PHE H 867 -42.13 -48.02 52.12
N VAL H 868 -41.00 -48.21 51.42
CA VAL H 868 -40.74 -49.47 50.73
C VAL H 868 -40.30 -50.57 51.68
N GLY H 869 -40.19 -50.30 52.98
CA GLY H 869 -39.76 -51.32 53.91
C GLY H 869 -40.75 -52.47 54.04
N ALA H 870 -42.02 -52.21 53.75
CA ALA H 870 -43.04 -53.26 53.84
C ALA H 870 -42.87 -54.26 52.70
N ALA H 871 -43.25 -55.51 52.98
CA ALA H 871 -43.14 -56.58 52.01
C ALA H 871 -44.45 -56.77 51.25
N VAL H 872 -44.34 -57.43 50.09
CA VAL H 872 -45.47 -57.69 49.20
C VAL H 872 -45.26 -59.05 48.55
N SER H 873 -46.36 -59.76 48.31
CA SER H 873 -46.31 -61.06 47.66
C SER H 873 -47.04 -61.00 46.32
N CYS H 874 -46.61 -61.86 45.39
CA CYS H 874 -47.25 -61.92 44.08
C CYS H 874 -47.50 -63.39 43.74
N ASP H 875 -48.02 -63.60 42.53
CA ASP H 875 -48.10 -64.92 41.92
C ASP H 875 -47.79 -64.76 40.44
N ALA H 876 -46.97 -65.67 39.92
CA ALA H 876 -46.49 -65.57 38.55
C ALA H 876 -46.78 -66.85 37.80
N ALA H 877 -47.03 -66.73 36.49
CA ALA H 877 -47.34 -67.86 35.63
C ALA H 877 -46.69 -67.65 34.28
N PHE H 878 -45.81 -68.58 33.90
CA PHE H 878 -45.15 -68.51 32.60
C PHE H 878 -46.18 -68.54 31.48
N LEU H 879 -45.96 -67.70 30.46
CA LEU H 879 -46.93 -67.54 29.38
C LEU H 879 -46.46 -68.16 28.07
N ASN H 880 -45.32 -67.73 27.54
CA ASN H 880 -44.77 -68.29 26.31
C ASN H 880 -43.36 -67.75 26.12
N LEU H 881 -42.74 -68.16 25.01
CA LEU H 881 -41.38 -67.74 24.66
C LEU H 881 -41.29 -67.68 23.14
N THR H 882 -40.75 -66.58 22.61
CA THR H 882 -40.59 -66.44 21.17
C THR H 882 -39.28 -65.74 20.88
N GLY H 883 -38.91 -65.71 19.59
CA GLY H 883 -37.74 -64.98 19.17
C GLY H 883 -36.66 -65.91 18.66
N CYS H 884 -35.43 -65.41 18.70
CA CYS H 884 -34.27 -66.11 18.16
C CYS H 884 -33.20 -66.24 19.23
N TYR H 885 -32.05 -66.77 18.84
CA TYR H 885 -30.91 -66.95 19.72
C TYR H 885 -29.67 -66.34 19.07
N SER H 886 -28.75 -65.85 19.91
CA SER H 886 -27.50 -65.25 19.46
C SER H 886 -27.75 -64.13 18.45
N CYS H 887 -28.85 -63.40 18.65
CA CYS H 887 -29.29 -62.38 17.71
C CYS H 887 -29.44 -61.05 18.42
N ASN H 888 -29.18 -59.96 17.69
CA ASN H 888 -29.32 -58.63 18.25
C ASN H 888 -30.78 -58.35 18.63
N ALA H 889 -31.72 -58.90 17.88
CA ALA H 889 -33.13 -58.73 18.24
C ALA H 889 -33.45 -59.40 19.57
N GLY H 890 -32.87 -60.57 19.83
CA GLY H 890 -33.07 -61.26 21.07
C GLY H 890 -34.34 -62.09 21.11
N ALA H 891 -34.62 -62.61 22.31
CA ALA H 891 -35.77 -63.47 22.54
C ALA H 891 -36.75 -62.79 23.48
N ARG H 892 -38.02 -62.80 23.10
CA ARG H 892 -39.08 -62.18 23.90
C ARG H 892 -39.72 -63.21 24.82
N VAL H 893 -39.72 -62.93 26.12
CA VAL H 893 -40.42 -63.72 27.12
C VAL H 893 -41.62 -62.89 27.58
N CYS H 894 -42.67 -63.58 28.01
CA CYS H 894 -43.83 -62.91 28.58
C CYS H 894 -44.32 -63.70 29.79
N LEU H 895 -44.76 -62.97 30.81
CA LEU H 895 -45.12 -63.55 32.08
C LEU H 895 -46.42 -62.93 32.59
N SER H 896 -47.28 -63.79 33.12
CA SER H 896 -48.54 -63.38 33.74
C SER H 896 -48.31 -63.22 35.23
N ILE H 897 -48.36 -61.99 35.72
CA ILE H 897 -48.12 -61.67 37.12
C ILE H 897 -49.46 -61.42 37.79
N THR H 898 -49.79 -62.23 38.79
CA THR H 898 -50.98 -62.06 39.61
C THR H 898 -50.52 -61.58 40.98
N SER H 899 -50.64 -60.29 41.24
CA SER H 899 -50.10 -59.69 42.45
C SER H 899 -51.16 -58.91 43.19
N THR H 900 -50.98 -58.77 44.50
CA THR H 900 -51.91 -58.04 45.34
C THR H 900 -51.60 -56.54 45.40
N GLY H 901 -50.50 -56.09 44.82
CA GLY H 901 -50.16 -54.69 44.87
C GLY H 901 -48.93 -54.39 44.06
N THR H 902 -48.40 -53.19 44.27
CA THR H 902 -47.20 -52.75 43.54
C THR H 902 -45.99 -53.57 43.96
N GLY H 903 -45.14 -53.89 42.98
CA GLY H 903 -43.93 -54.64 43.26
C GLY H 903 -43.19 -54.94 41.98
N SER H 904 -42.13 -55.71 42.12
CA SER H 904 -41.26 -56.09 41.01
C SER H 904 -41.11 -57.62 40.99
N LEU H 905 -40.20 -58.09 40.14
CA LEU H 905 -39.94 -59.52 39.99
C LEU H 905 -38.44 -59.71 39.78
N SER H 906 -37.88 -60.74 40.42
CA SER H 906 -36.43 -60.95 40.46
C SER H 906 -36.10 -62.41 40.18
N ALA H 907 -36.66 -62.97 39.12
CA ALA H 907 -36.36 -64.35 38.75
C ALA H 907 -34.92 -64.47 38.28
N HIS H 908 -34.18 -65.39 38.89
CA HIS H 908 -32.78 -65.65 38.54
C HIS H 908 -32.61 -67.14 38.28
N ASN H 909 -31.83 -67.47 37.26
CA ASN H 909 -31.58 -68.86 36.92
C ASN H 909 -30.64 -69.49 37.95
N LYS H 910 -30.38 -70.78 37.78
CA LYS H 910 -29.57 -71.52 38.76
C LYS H 910 -28.15 -70.96 38.83
N ASP H 911 -27.56 -70.63 37.69
CA ASP H 911 -26.20 -70.13 37.64
C ASP H 911 -26.12 -68.61 37.75
N GLY H 912 -27.26 -67.92 37.81
CA GLY H 912 -27.26 -66.47 37.94
C GLY H 912 -26.90 -65.70 36.69
N SER H 913 -26.80 -66.38 35.54
CA SER H 913 -26.41 -65.69 34.31
C SER H 913 -27.55 -64.85 33.76
N LEU H 914 -28.77 -65.37 33.79
CA LEU H 914 -29.93 -64.71 33.20
C LEU H 914 -30.85 -64.19 34.30
N HIS H 915 -31.28 -62.95 34.17
CA HIS H 915 -32.15 -62.31 35.14
C HIS H 915 -33.39 -61.77 34.44
N ILE H 916 -34.54 -61.92 35.08
CA ILE H 916 -35.81 -61.45 34.55
C ILE H 916 -36.42 -60.50 35.58
N VAL H 917 -36.78 -59.29 35.13
CA VAL H 917 -37.37 -58.27 35.98
C VAL H 917 -38.65 -57.78 35.32
N LEU H 918 -39.75 -57.79 36.08
CA LEU H 918 -41.04 -57.34 35.57
C LEU H 918 -41.83 -56.74 36.72
N PRO H 919 -42.44 -55.57 36.54
CA PRO H 919 -43.25 -54.98 37.61
C PRO H 919 -44.49 -55.82 37.92
N SER H 920 -44.91 -55.77 39.17
CA SER H 920 -46.07 -56.50 39.64
C SER H 920 -47.12 -55.50 40.12
N GLU H 921 -48.37 -55.70 39.69
CA GLU H 921 -49.46 -54.79 40.02
C GLU H 921 -50.65 -55.58 40.53
N ASN H 922 -51.61 -54.85 41.10
CA ASN H 922 -52.80 -55.48 41.66
C ASN H 922 -53.59 -56.19 40.57
N GLY H 923 -54.20 -57.32 40.93
CA GLY H 923 -54.87 -58.16 39.96
C GLY H 923 -53.89 -58.95 39.12
N THR H 924 -54.37 -59.33 37.94
CA THR H 924 -53.55 -60.09 36.99
C THR H 924 -53.16 -59.19 35.82
N LYS H 925 -51.88 -59.22 35.45
CA LYS H 925 -51.36 -58.44 34.34
C LYS H 925 -50.45 -59.33 33.51
N ASP H 926 -50.20 -58.91 32.27
CA ASP H 926 -49.35 -59.65 31.34
C ASP H 926 -48.20 -58.74 30.93
N GLN H 927 -47.02 -58.97 31.49
CA GLN H 927 -45.84 -58.20 31.14
C GLN H 927 -44.93 -59.02 30.25
N CYS H 928 -43.94 -58.36 29.65
CA CYS H 928 -42.99 -59.02 28.77
C CYS H 928 -41.61 -58.40 28.93
N GLN H 929 -40.59 -59.19 28.58
CA GLN H 929 -39.20 -58.81 28.74
C GLN H 929 -38.40 -59.38 27.57
N ILE H 930 -37.18 -58.87 27.41
CA ILE H 930 -36.30 -59.26 26.32
C ILE H 930 -35.02 -59.83 26.93
N LEU H 931 -34.62 -61.01 26.46
CA LEU H 931 -33.42 -61.69 26.93
C LEU H 931 -32.58 -62.13 25.74
N HIS H 932 -31.43 -62.73 26.03
CA HIS H 932 -30.54 -63.28 25.02
C HIS H 932 -30.27 -64.75 25.31
N PHE H 933 -30.17 -65.55 24.25
CA PHE H 933 -29.95 -66.98 24.37
C PHE H 933 -28.99 -67.43 23.29
N THR H 934 -28.46 -68.65 23.44
CA THR H 934 -27.56 -69.23 22.46
C THR H 934 -27.89 -70.70 22.20
N VAL H 935 -29.15 -71.08 22.35
CA VAL H 935 -29.57 -72.47 22.15
C VAL H 935 -30.84 -72.51 21.32
N PRO H 936 -30.98 -73.48 20.41
CA PRO H 936 -32.24 -73.60 19.64
C PRO H 936 -33.46 -73.84 20.51
N GLU H 937 -33.32 -74.57 21.61
CA GLU H 937 -34.41 -74.87 22.52
C GLU H 937 -34.08 -74.36 23.91
N VAL H 938 -35.08 -73.78 24.58
CA VAL H 938 -34.90 -73.19 25.90
C VAL H 938 -35.73 -73.98 26.90
N GLU H 939 -35.07 -74.50 27.93
CA GLU H 939 -35.74 -75.26 28.98
C GLU H 939 -34.96 -75.01 30.27
N GLU H 940 -35.44 -74.06 31.08
CA GLU H 940 -34.72 -73.64 32.26
C GLU H 940 -35.69 -73.40 33.41
N GLU H 941 -35.11 -73.30 34.61
CA GLU H 941 -35.84 -72.97 35.83
C GLU H 941 -35.21 -71.75 36.46
N PHE H 942 -36.05 -70.83 36.92
CA PHE H 942 -35.63 -69.57 37.52
C PHE H 942 -36.18 -69.47 38.93
N MET H 943 -35.45 -68.78 39.80
CA MET H 943 -35.82 -68.65 41.20
C MET H 943 -36.50 -67.29 41.35
N TYR H 944 -37.83 -67.28 41.27
CA TYR H 944 -38.58 -66.04 41.28
C TYR H 944 -39.19 -65.79 42.65
N SER H 945 -39.09 -64.53 43.10
CA SER H 945 -39.65 -64.11 44.38
C SER H 945 -39.72 -62.59 44.45
N CYS H 946 -40.89 -62.04 44.72
CA CYS H 946 -41.08 -60.59 44.79
C CYS H 946 -41.03 -60.20 46.26
N ASP H 947 -39.82 -59.92 46.75
CA ASP H 947 -39.62 -59.43 48.12
C ASP H 947 -40.20 -60.38 49.17
N GLY H 948 -40.37 -61.64 48.83
CA GLY H 948 -41.01 -62.60 49.72
C GLY H 948 -40.44 -64.00 49.61
N ASP H 949 -41.31 -65.00 49.72
CA ASP H 949 -40.89 -66.38 49.70
C ASP H 949 -40.36 -66.76 48.31
N GLU H 950 -39.31 -67.58 48.30
CA GLU H 950 -38.69 -68.01 47.06
C GLU H 950 -39.50 -69.12 46.41
N ARG H 951 -39.78 -68.97 45.11
CA ARG H 951 -40.59 -69.92 44.38
C ARG H 951 -39.93 -70.27 43.05
N PRO H 952 -40.27 -71.43 42.47
CA PRO H 952 -39.71 -71.79 41.16
C PRO H 952 -40.62 -71.42 39.99
N LEU H 953 -40.00 -71.02 38.89
CA LEU H 953 -40.70 -70.75 37.64
C LEU H 953 -39.98 -71.46 36.50
N LEU H 954 -40.72 -72.26 35.74
CA LEU H 954 -40.13 -73.08 34.68
C LEU H 954 -40.53 -72.51 33.33
N VAL H 955 -39.55 -72.33 32.45
CA VAL H 955 -39.77 -71.71 31.15
C VAL H 955 -39.50 -72.73 30.06
N LYS H 956 -40.39 -72.80 29.08
CA LYS H 956 -40.28 -73.70 27.94
C LYS H 956 -40.17 -72.89 26.65
N GLY H 957 -40.18 -73.60 25.52
CA GLY H 957 -40.18 -72.96 24.23
C GLY H 957 -38.88 -73.10 23.48
N THR H 958 -38.95 -72.96 22.16
CA THR H 958 -37.78 -73.00 21.28
C THR H 958 -37.58 -71.63 20.64
N LEU H 959 -36.48 -71.50 19.91
CA LEU H 959 -36.11 -70.25 19.27
C LEU H 959 -35.82 -70.49 17.79
N ILE H 960 -36.26 -69.56 16.96
CA ILE H 960 -36.05 -69.67 15.53
C ILE H 960 -34.59 -69.37 15.20
N ALA H 961 -34.15 -69.86 14.04
CA ALA H 961 -32.79 -69.67 13.57
C ALA H 961 -32.77 -68.60 12.49
N ILE H 962 -31.95 -67.57 12.70
CA ILE H 962 -31.82 -66.49 11.73
C ILE H 962 -30.86 -66.94 10.64
N ASP H 963 -31.30 -66.83 9.38
CA ASP H 963 -30.46 -67.20 8.26
C ASP H 963 -29.58 -66.01 7.87
N PRO H 964 -28.27 -66.12 8.04
CA PRO H 964 -27.38 -65.01 7.65
C PRO H 964 -26.94 -65.11 6.20
N PHE H 965 -27.14 -66.28 5.60
CA PHE H 965 -26.70 -66.60 4.24
C PHE H 965 -25.18 -66.67 4.16
N ASP H 966 -24.51 -66.35 5.27
CA ASP H 966 -23.06 -66.43 5.36
C ASP H 966 -22.69 -66.39 6.83
N ASP H 967 -22.12 -67.48 7.34
CA ASP H 967 -21.75 -67.56 8.75
C ASP H 967 -20.36 -68.18 8.87
N ARG H 968 -19.53 -67.59 9.72
CA ARG H 968 -18.20 -68.13 10.00
C ARG H 968 -18.07 -68.58 11.45
N ARG H 969 -18.28 -67.67 12.41
CA ARG H 969 -18.19 -68.01 13.82
C ARG H 969 -19.50 -67.77 14.58
N GLU H 970 -20.03 -66.54 14.52
CA GLU H 970 -21.21 -66.16 15.28
C GLU H 970 -21.69 -64.81 14.76
N ALA H 971 -22.81 -64.33 15.31
CA ALA H 971 -23.41 -63.06 14.91
C ALA H 971 -22.98 -61.91 15.81
N GLY H 972 -23.27 -62.00 17.11
CA GLY H 972 -22.96 -60.96 18.06
C GLY H 972 -24.19 -60.47 18.80
N GLY H 973 -23.96 -59.54 19.71
CA GLY H 973 -25.02 -58.98 20.52
C GLY H 973 -24.88 -57.51 20.84
N GLU H 974 -24.08 -56.79 20.05
CA GLU H 974 -23.83 -55.38 20.31
C GLU H 974 -25.04 -54.54 19.93
N SER H 975 -24.88 -53.22 20.04
CA SER H 975 -25.93 -52.27 19.67
C SER H 975 -25.80 -51.93 18.19
N THR H 976 -26.81 -52.31 17.40
CA THR H 976 -26.78 -52.14 15.96
C THR H 976 -27.78 -51.08 15.54
N VAL H 977 -27.34 -50.20 14.64
CA VAL H 977 -28.24 -49.17 14.12
C VAL H 977 -29.06 -49.75 12.98
N VAL H 978 -30.16 -49.05 12.66
CA VAL H 978 -31.05 -49.50 11.59
C VAL H 978 -30.35 -49.38 10.25
N ASN H 979 -30.56 -50.37 9.39
CA ASN H 979 -29.92 -50.46 8.09
C ASN H 979 -30.97 -50.66 7.00
N PRO H 980 -30.67 -50.25 5.78
CA PRO H 980 -31.59 -50.50 4.67
C PRO H 980 -31.47 -51.92 4.13
N LYS H 981 -32.47 -52.32 3.35
CA LYS H 981 -32.49 -53.65 2.77
C LYS H 981 -31.35 -53.84 1.77
N SER H 982 -31.11 -52.83 0.92
CA SER H 982 -30.10 -52.96 -0.12
C SER H 982 -28.68 -52.98 0.42
N GLY H 983 -28.47 -52.64 1.68
CA GLY H 983 -27.14 -52.65 2.27
C GLY H 983 -26.54 -54.03 2.40
N PRO I 1 -41.15 15.36 23.29
CA PRO I 1 -41.34 15.03 24.70
C PRO I 1 -42.66 14.30 24.95
N HIS I 2 -42.95 13.29 24.13
CA HIS I 2 -44.18 12.52 24.31
C HIS I 2 -44.18 11.71 25.59
N LEU I 3 -43.01 11.47 26.19
CA LEU I 3 -42.91 10.67 27.40
C LEU I 3 -43.51 11.37 28.61
N ARG I 4 -43.79 12.66 28.52
CA ARG I 4 -44.38 13.40 29.62
C ARG I 4 -45.91 13.36 29.60
N ASN I 5 -46.50 12.58 28.71
CA ASN I 5 -47.94 12.31 28.73
C ASN I 5 -48.13 11.05 29.57
N ARG I 6 -48.27 11.23 30.87
CA ARG I 6 -48.24 10.10 31.78
C ARG I 6 -49.56 9.34 31.76
N PRO I 7 -49.52 8.02 31.87
CA PRO I 7 -50.76 7.25 32.01
C PRO I 7 -51.41 7.47 33.36
N GLY I 8 -52.73 7.33 33.39
CA GLY I 8 -53.44 7.56 34.64
C GLY I 8 -53.40 9.02 35.05
N LYS I 9 -53.42 9.24 36.36
CA LYS I 9 -53.35 10.61 36.88
C LYS I 9 -52.00 11.25 36.59
N GLY I 10 -50.93 10.47 36.65
CA GLY I 10 -49.59 11.03 36.47
C GLY I 10 -49.14 11.93 37.60
N HIS I 11 -49.42 11.54 38.84
CA HIS I 11 -49.04 12.32 40.02
C HIS I 11 -47.68 11.84 40.49
N ASN I 12 -46.63 12.52 40.06
CA ASN I 12 -45.26 12.16 40.42
C ASN I 12 -44.77 12.97 41.62
N TYR I 13 -45.50 12.86 42.73
CA TYR I 13 -45.12 13.54 43.95
C TYR I 13 -45.35 12.63 45.14
N ILE I 14 -44.67 12.95 46.24
CA ILE I 14 -44.73 12.16 47.46
C ILE I 14 -45.33 13.00 48.56
N ASP I 15 -45.98 12.34 49.53
CA ASP I 15 -46.62 13.06 50.62
C ASP I 15 -45.60 13.82 51.44
N GLY I 16 -45.98 15.01 51.85
CA GLY I 16 -45.08 15.90 52.58
C GLY I 16 -44.30 16.84 51.70
N MET I 17 -43.73 16.32 50.61
CA MET I 17 -42.98 17.14 49.66
C MET I 17 -43.92 17.67 48.58
N THR I 18 -44.87 18.49 49.03
CA THR I 18 -45.92 19.03 48.17
C THR I 18 -45.69 20.49 47.80
N GLN I 19 -44.43 20.89 47.63
CA GLN I 19 -44.10 22.25 47.21
C GLN I 19 -43.88 22.37 45.71
N GLU I 20 -44.11 21.30 44.97
CA GLU I 20 -43.92 21.28 43.52
C GLU I 20 -45.19 20.83 42.80
N ASP I 21 -46.35 21.08 43.41
CA ASP I 21 -47.62 20.66 42.82
C ASP I 21 -47.94 21.37 41.52
N ALA I 22 -47.24 22.45 41.19
CA ALA I 22 -47.47 23.13 39.92
C ALA I 22 -47.12 22.23 38.74
N THR I 23 -46.02 21.49 38.84
CA THR I 23 -45.53 20.68 37.74
C THR I 23 -45.48 19.19 38.04
N CYS I 24 -45.59 18.77 39.30
CA CYS I 24 -45.55 17.35 39.63
C CYS I 24 -46.93 16.74 39.79
N LYS I 25 -47.93 17.54 40.17
CA LYS I 25 -49.29 17.19 39.84
C LYS I 25 -49.42 17.24 38.32
N PRO I 26 -50.45 16.59 37.74
CA PRO I 26 -50.20 15.75 36.56
C PRO I 26 -49.11 16.23 35.64
N VAL I 27 -48.09 15.39 35.47
CA VAL I 27 -46.91 15.75 34.69
C VAL I 27 -47.32 15.96 33.24
N THR I 28 -46.95 17.12 32.70
CA THR I 28 -47.34 17.51 31.35
C THR I 28 -46.07 17.93 30.60
N TYR I 29 -46.23 18.28 29.32
CA TYR I 29 -45.09 18.66 28.50
C TYR I 29 -44.44 19.95 28.97
N ALA I 30 -45.13 20.75 29.78
CA ALA I 30 -44.69 22.11 30.03
C ALA I 30 -43.61 22.20 31.10
N GLY I 31 -43.95 21.82 32.33
CA GLY I 31 -43.11 22.13 33.47
C GLY I 31 -41.93 21.19 33.62
N ALA I 32 -41.37 21.19 34.84
CA ALA I 32 -40.27 20.31 35.20
C ALA I 32 -40.50 19.79 36.60
N CYS I 33 -40.46 18.47 36.76
CA CYS I 33 -40.64 17.81 38.04
C CYS I 33 -39.33 17.13 38.42
N SER I 34 -38.86 17.39 39.64
CA SER I 34 -37.58 16.85 40.08
C SER I 34 -37.65 15.33 40.26
N SER I 35 -38.78 14.82 40.71
CA SER I 35 -38.94 13.40 40.95
C SER I 35 -39.24 12.61 39.69
N PHE I 36 -39.30 13.26 38.53
CA PHE I 36 -39.53 12.57 37.27
C PHE I 36 -38.46 12.81 36.24
N ASP I 37 -37.90 14.03 36.17
CA ASP I 37 -36.95 14.35 35.12
C ASP I 37 -35.65 13.55 35.24
N VAL I 38 -35.33 13.06 36.43
CA VAL I 38 -34.13 12.24 36.59
C VAL I 38 -34.26 10.93 35.83
N LEU I 39 -35.48 10.39 35.74
CA LEU I 39 -35.70 9.13 35.04
C LEU I 39 -35.39 9.24 33.55
N LEU I 40 -35.49 10.43 32.97
CA LEU I 40 -35.31 10.60 31.53
C LEU I 40 -33.90 11.00 31.14
N GLU I 41 -32.97 11.08 32.08
CA GLU I 41 -31.58 11.36 31.73
C GLU I 41 -30.98 10.16 31.01
N LYS I 42 -30.20 10.43 29.97
CA LYS I 42 -29.61 9.36 29.19
C LYS I 42 -28.57 8.60 30.02
N GLY I 43 -28.57 7.27 29.86
CA GLY I 43 -27.65 6.42 30.57
C GLY I 43 -28.09 5.99 31.96
N LYS I 44 -29.11 6.64 32.51
CA LYS I 44 -29.61 6.31 33.84
C LYS I 44 -31.04 5.79 33.72
N PHE I 45 -31.37 4.82 34.56
CA PHE I 45 -32.67 4.15 34.53
C PHE I 45 -32.99 3.63 33.13
N PRO I 46 -32.21 2.68 32.60
CA PRO I 46 -32.49 2.18 31.26
C PRO I 46 -33.69 1.26 31.19
N LEU I 47 -33.95 0.49 32.26
CA LEU I 47 -35.12 -0.40 32.23
C LEU I 47 -36.41 0.39 32.14
N PHE I 48 -36.53 1.48 32.90
CA PHE I 48 -37.71 2.31 32.78
C PHE I 48 -37.73 3.06 31.46
N GLN I 49 -36.56 3.51 30.99
CA GLN I 49 -36.51 4.22 29.72
C GLN I 49 -36.98 3.34 28.57
N SER I 50 -36.79 2.02 28.69
CA SER I 50 -37.36 1.10 27.70
C SER I 50 -38.87 1.03 27.85
N TYR I 51 -39.36 0.86 29.07
CA TYR I 51 -40.80 0.81 29.34
C TYR I 51 -41.30 2.17 29.81
N ALA I 52 -41.08 3.18 28.97
CA ALA I 52 -41.27 4.57 29.37
C ALA I 52 -42.73 4.96 29.54
N HIS I 53 -43.67 4.19 28.99
CA HIS I 53 -45.09 4.54 29.07
C HIS I 53 -45.82 3.72 30.12
N HIS I 54 -45.09 3.11 31.04
CA HIS I 54 -45.67 2.47 32.21
C HIS I 54 -45.49 3.35 33.43
N ARG I 55 -46.28 3.09 34.46
CA ARG I 55 -46.27 3.93 35.64
C ARG I 55 -44.94 3.82 36.39
N THR I 56 -44.59 4.88 37.09
CA THR I 56 -43.45 4.88 37.99
C THR I 56 -43.90 4.37 39.35
N LEU I 57 -43.00 4.39 40.34
CA LEU I 57 -43.38 3.95 41.67
C LEU I 57 -44.38 4.92 42.30
N LEU I 58 -44.12 6.23 42.19
CA LEU I 58 -45.03 7.21 42.76
C LEU I 58 -46.38 7.21 42.05
N GLU I 59 -46.36 7.08 40.72
CA GLU I 59 -47.61 6.98 39.97
C GLU I 59 -48.40 5.75 40.40
N ALA I 60 -47.72 4.62 40.57
CA ALA I 60 -48.40 3.42 41.03
C ALA I 60 -48.97 3.60 42.43
N VAL I 61 -48.25 4.31 43.29
CA VAL I 61 -48.76 4.56 44.64
C VAL I 61 -50.01 5.40 44.60
N HIS I 62 -50.01 6.45 43.76
CA HIS I 62 -51.16 7.36 43.72
C HIS I 62 -52.37 6.78 43.00
N ASP I 63 -52.20 5.66 42.28
CA ASP I 63 -53.31 4.95 41.67
C ASP I 63 -53.77 3.77 42.52
N THR I 64 -53.29 3.69 43.76
CA THR I 64 -53.61 2.60 44.70
C THR I 64 -53.17 1.24 44.18
N ILE I 65 -52.29 1.21 43.19
CA ILE I 65 -51.71 -0.06 42.75
C ILE I 65 -50.76 -0.61 43.81
N ILE I 66 -49.91 0.25 44.35
CA ILE I 66 -48.93 -0.13 45.36
C ILE I 66 -49.25 0.63 46.64
N ALA I 67 -49.30 -0.08 47.75
CA ALA I 67 -49.65 0.52 49.02
C ALA I 67 -48.46 1.29 49.60
N LYS I 68 -48.69 1.94 50.73
CA LYS I 68 -47.65 2.66 51.45
C LYS I 68 -47.34 1.93 52.74
N ALA I 69 -46.04 1.79 53.04
CA ALA I 69 -45.61 1.00 54.16
C ALA I 69 -45.96 1.68 55.48
N ASP I 70 -45.95 0.88 56.55
CA ASP I 70 -46.09 1.44 57.89
C ASP I 70 -44.88 2.33 58.18
N PRO I 71 -45.03 3.34 59.06
CA PRO I 71 -44.28 4.57 58.91
C PRO I 71 -43.86 4.82 57.47
N PRO I 72 -44.71 5.47 56.68
CA PRO I 72 -44.47 5.59 55.23
C PRO I 72 -43.10 6.16 54.90
N SER I 73 -42.67 7.14 55.69
CA SER I 73 -41.32 7.66 55.61
C SER I 73 -40.95 8.15 57.01
N CYS I 74 -40.30 7.30 57.79
CA CYS I 74 -39.86 7.71 59.12
C CYS I 74 -38.74 8.73 58.98
N ASP I 75 -39.05 9.98 59.30
CA ASP I 75 -38.11 11.08 59.13
C ASP I 75 -36.90 10.86 60.03
N LEU I 76 -35.71 11.06 59.46
CA LEU I 76 -34.49 10.95 60.26
C LEU I 76 -34.42 12.02 61.34
N GLN I 77 -35.16 13.11 61.19
CA GLN I 77 -35.18 14.14 62.22
C GLN I 77 -35.84 13.64 63.49
N SER I 78 -36.90 12.84 63.36
CA SER I 78 -37.67 12.39 64.51
C SER I 78 -37.53 10.90 64.80
N ALA I 79 -36.98 10.11 63.89
CA ALA I 79 -36.91 8.66 64.08
C ALA I 79 -35.54 8.14 63.64
N HIS I 80 -34.47 8.84 64.02
CA HIS I 80 -33.15 8.35 63.68
C HIS I 80 -32.65 7.29 64.67
N GLY I 81 -33.35 7.08 65.77
CA GLY I 81 -32.95 6.07 66.73
C GLY I 81 -33.81 4.82 66.66
N ASN I 82 -34.55 4.68 65.57
CA ASN I 82 -35.44 3.54 65.38
C ASN I 82 -34.89 2.60 64.31
N PRO I 83 -35.15 1.30 64.41
CA PRO I 83 -34.64 0.38 63.39
C PRO I 83 -35.34 0.54 62.05
N CYS I 84 -35.29 1.75 61.49
CA CYS I 84 -35.87 2.05 60.20
C CYS I 84 -34.90 1.77 59.05
N MET I 85 -33.70 2.33 59.14
CA MET I 85 -32.77 2.32 58.02
C MET I 85 -32.15 0.93 57.86
N LYS I 86 -32.95 -0.07 57.55
CA LYS I 86 -32.48 -1.45 57.49
C LYS I 86 -32.49 -2.02 56.09
N GLU I 87 -33.60 -1.91 55.37
CA GLU I 87 -33.65 -2.40 54.00
C GLU I 87 -32.84 -1.52 53.07
N LYS I 88 -32.71 -0.23 53.40
CA LYS I 88 -31.93 0.67 52.56
C LYS I 88 -30.45 0.44 52.73
N LEU I 89 -30.01 0.07 53.95
CA LEU I 89 -28.59 -0.09 54.20
C LEU I 89 -28.01 -1.34 53.53
N VAL I 90 -28.85 -2.22 53.00
CA VAL I 90 -28.35 -3.39 52.27
C VAL I 90 -28.30 -3.15 50.77
N MET I 91 -28.74 -1.99 50.30
CA MET I 91 -28.68 -1.64 48.89
C MET I 91 -27.52 -0.70 48.63
N LYS I 92 -26.94 -0.80 47.44
CA LYS I 92 -25.89 0.09 46.99
C LYS I 92 -26.49 1.03 45.95
N THR I 93 -26.79 2.25 46.36
CA THR I 93 -27.43 3.25 45.52
C THR I 93 -26.45 4.38 45.24
N HIS I 94 -26.95 5.39 44.52
CA HIS I 94 -26.13 6.56 44.20
C HIS I 94 -27.07 7.74 43.95
N CYS I 95 -27.18 8.63 44.95
CA CYS I 95 -28.04 9.79 44.78
C CYS I 95 -27.23 10.98 44.28
N PRO I 96 -27.82 11.83 43.45
CA PRO I 96 -27.19 13.10 43.12
C PRO I 96 -27.29 14.08 44.28
N ASN I 97 -26.83 15.31 44.09
CA ASN I 97 -26.80 16.28 45.18
C ASN I 97 -28.11 17.05 45.26
N ASP I 98 -28.29 17.74 46.38
CA ASP I 98 -29.40 18.65 46.63
C ASP I 98 -30.75 17.94 46.70
N TYR I 99 -30.75 16.68 47.13
CA TYR I 99 -31.98 15.91 47.27
C TYR I 99 -32.23 15.62 48.74
N GLN I 100 -33.42 15.99 49.22
CA GLN I 100 -33.77 15.82 50.63
C GLN I 100 -34.53 14.53 50.91
N SER I 101 -34.92 13.79 49.87
CA SER I 101 -35.73 12.60 50.06
C SER I 101 -35.44 11.60 48.96
N ALA I 102 -35.74 10.34 49.24
CA ALA I 102 -35.54 9.28 48.25
C ALA I 102 -36.46 8.13 48.58
N HIS I 103 -37.19 7.63 47.57
CA HIS I 103 -38.20 6.60 47.78
C HIS I 103 -37.76 5.29 47.12
N TYR I 104 -38.22 4.19 47.70
CA TYR I 104 -37.88 2.86 47.21
C TYR I 104 -39.03 1.91 47.54
N LEU I 105 -38.97 0.73 46.95
CA LEU I 105 -39.96 -0.32 47.16
C LEU I 105 -39.38 -1.32 48.16
N ASN I 106 -39.96 -1.36 49.35
CA ASN I 106 -39.39 -2.16 50.43
C ASN I 106 -39.70 -3.64 50.22
N ASN I 107 -39.32 -4.46 51.20
CA ASN I 107 -39.39 -5.91 51.04
C ASN I 107 -40.84 -6.40 50.99
N ASP I 108 -41.73 -5.77 51.75
CA ASP I 108 -43.12 -6.21 51.79
C ASP I 108 -43.87 -5.92 50.50
N GLY I 109 -43.28 -5.18 49.56
CA GLY I 109 -43.97 -4.79 48.35
C GLY I 109 -44.65 -3.46 48.41
N LYS I 110 -44.43 -2.68 49.47
CA LYS I 110 -44.98 -1.34 49.62
C LYS I 110 -43.89 -0.32 49.31
N MET I 111 -44.26 0.95 49.36
CA MET I 111 -43.33 2.04 49.10
C MET I 111 -42.92 2.68 50.40
N ALA I 112 -41.61 2.74 50.65
CA ALA I 112 -41.06 3.48 51.77
C ALA I 112 -40.14 4.55 51.22
N SER I 113 -39.69 5.44 52.10
CA SER I 113 -38.76 6.48 51.68
C SER I 113 -37.99 7.01 52.87
N VAL I 114 -36.83 7.59 52.56
CA VAL I 114 -35.94 8.20 53.54
C VAL I 114 -35.97 9.70 53.31
N LYS I 115 -36.24 10.45 54.37
CA LYS I 115 -36.31 11.91 54.31
C LYS I 115 -35.32 12.49 55.31
N CYS I 116 -34.41 13.32 54.81
CA CYS I 116 -33.44 13.99 55.65
C CYS I 116 -34.10 15.13 56.42
N PRO I 117 -33.47 15.60 57.50
CA PRO I 117 -33.99 16.75 58.23
C PRO I 117 -33.97 17.99 57.34
N PRO I 118 -34.75 19.01 57.68
CA PRO I 118 -34.81 20.19 56.81
C PRO I 118 -33.45 20.83 56.62
N LYS I 119 -33.22 21.31 55.40
CA LYS I 119 -31.98 21.95 54.93
C LYS I 119 -30.83 20.97 54.78
N TYR I 120 -31.02 19.69 55.07
CA TYR I 120 -30.01 18.68 54.82
C TYR I 120 -30.26 18.00 53.49
N GLU I 121 -29.23 17.31 52.98
CA GLU I 121 -29.30 16.62 51.72
C GLU I 121 -28.69 15.23 51.86
N LEU I 122 -29.15 14.30 51.03
CA LEU I 122 -28.62 12.96 51.05
C LEU I 122 -27.25 12.90 50.38
N THR I 123 -26.33 12.18 50.99
CA THR I 123 -24.99 12.07 50.45
C THR I 123 -24.99 11.19 49.19
N GLU I 124 -23.80 10.97 48.64
CA GLU I 124 -23.68 10.27 47.36
C GLU I 124 -24.11 8.82 47.45
N ASP I 125 -24.10 8.21 48.63
CA ASP I 125 -24.58 6.84 48.80
C ASP I 125 -25.97 6.79 49.43
N CYS I 126 -26.63 7.93 49.58
CA CYS I 126 -27.98 8.04 50.12
C CYS I 126 -28.09 7.47 51.53
N ASN I 127 -26.97 7.35 52.24
CA ASN I 127 -26.96 6.75 53.57
C ASN I 127 -26.90 7.76 54.69
N PHE I 128 -26.41 8.97 54.44
CA PHE I 128 -26.25 9.99 55.46
C PHE I 128 -26.80 11.31 54.96
N CYS I 129 -27.17 12.17 55.92
CA CYS I 129 -27.62 13.53 55.63
C CYS I 129 -26.53 14.51 56.01
N ARG I 130 -26.21 15.42 55.10
CA ARG I 130 -25.21 16.44 55.34
C ARG I 130 -25.77 17.81 54.96
N GLN I 131 -25.31 18.85 55.64
CA GLN I 131 -25.84 20.19 55.48
C GLN I 131 -24.84 21.06 54.75
N MET I 132 -25.31 21.74 53.70
CA MET I 132 -24.51 22.69 52.95
C MET I 132 -25.16 24.06 53.02
N THR I 133 -24.38 25.06 53.43
CA THR I 133 -24.92 26.41 53.56
C THR I 133 -25.20 27.01 52.19
N GLY I 134 -26.33 27.71 52.09
CA GLY I 134 -26.69 28.37 50.84
C GLY I 134 -26.92 27.43 49.68
N ALA I 135 -27.58 26.30 49.93
CA ALA I 135 -27.89 25.32 48.90
C ALA I 135 -29.40 25.20 48.76
N SER I 136 -29.87 25.13 47.52
CA SER I 136 -31.29 25.02 47.22
C SER I 136 -31.62 23.56 46.94
N LEU I 137 -32.26 22.91 47.90
CA LEU I 137 -32.65 21.51 47.73
C LEU I 137 -33.78 21.38 46.73
N LYS I 138 -33.77 20.28 45.99
CA LYS I 138 -34.87 19.99 45.09
C LYS I 138 -36.12 19.62 45.89
N LYS I 139 -37.28 19.85 45.28
CA LYS I 139 -38.55 19.68 45.96
C LYS I 139 -39.12 18.28 45.85
N GLY I 140 -38.49 17.39 45.08
CA GLY I 140 -38.95 16.03 44.92
C GLY I 140 -38.09 15.02 45.64
N SER I 141 -38.34 13.75 45.35
CA SER I 141 -37.61 12.64 45.93
C SER I 141 -36.99 11.80 44.81
N TYR I 142 -35.77 11.38 45.04
CA TYR I 142 -35.02 10.63 44.03
C TYR I 142 -35.48 9.18 44.02
N PRO I 143 -35.87 8.63 42.87
CA PRO I 143 -36.20 7.21 42.79
C PRO I 143 -34.94 6.35 42.90
N LEU I 144 -34.88 5.55 43.97
CA LEU I 144 -33.67 4.78 44.24
C LEU I 144 -33.52 3.60 43.28
N GLN I 145 -34.60 2.88 43.01
CA GLN I 145 -34.54 1.66 42.22
C GLN I 145 -34.96 1.91 40.78
N ASP I 146 -34.48 1.07 39.88
CA ASP I 146 -34.88 1.08 38.48
C ASP I 146 -35.98 0.04 38.32
N LEU I 147 -37.22 0.52 38.17
CA LEU I 147 -38.38 -0.35 38.08
C LEU I 147 -39.50 0.37 37.35
N PHE I 148 -40.45 -0.43 36.85
CA PHE I 148 -41.70 0.08 36.30
C PHE I 148 -42.84 -0.77 36.82
N CYS I 149 -44.00 -0.14 37.00
CA CYS I 149 -45.15 -0.79 37.61
C CYS I 149 -46.33 -0.79 36.65
N GLN I 150 -47.36 -1.54 37.03
CA GLN I 150 -48.59 -1.64 36.24
C GLN I 150 -49.70 -2.15 37.16
N SER I 151 -50.91 -2.15 36.63
CA SER I 151 -52.09 -2.63 37.37
C SER I 151 -52.32 -4.09 36.99
N SER I 152 -52.49 -4.95 38.00
CA SER I 152 -52.67 -6.37 37.78
C SER I 152 -53.66 -6.94 38.79
N GLU I 153 -54.38 -7.97 38.36
CA GLU I 153 -55.28 -8.72 39.22
C GLU I 153 -54.83 -10.15 39.45
N ASP I 154 -53.81 -10.62 38.74
CA ASP I 154 -53.28 -11.96 38.93
C ASP I 154 -52.79 -12.14 40.37
N ASP I 155 -53.18 -13.24 40.99
CA ASP I 155 -52.81 -13.49 42.38
C ASP I 155 -51.43 -14.13 42.45
N GLY I 156 -50.68 -13.76 43.49
CA GLY I 156 -49.35 -14.30 43.67
C GLY I 156 -49.04 -14.65 45.11
N SER I 157 -50.06 -15.03 45.88
CA SER I 157 -49.86 -15.34 47.29
C SER I 157 -48.95 -16.54 47.49
N LYS I 158 -48.84 -17.43 46.50
CA LYS I 158 -47.96 -18.59 46.59
C LYS I 158 -46.58 -18.33 46.00
N LEU I 159 -46.34 -17.13 45.49
CA LEU I 159 -45.04 -16.81 44.88
C LEU I 159 -44.01 -16.53 45.96
N LYS I 160 -42.81 -17.08 45.78
CA LYS I 160 -41.73 -16.89 46.74
C LYS I 160 -40.41 -16.93 45.99
N THR I 161 -39.37 -16.40 46.65
CA THR I 161 -38.04 -16.39 46.05
C THR I 161 -37.48 -17.80 45.99
N LYS I 162 -36.98 -18.19 44.81
CA LYS I 162 -36.35 -19.49 44.59
C LYS I 162 -35.05 -19.26 43.85
N MET I 163 -33.97 -19.03 44.60
CA MET I 163 -32.65 -18.81 44.05
C MET I 163 -31.73 -19.93 44.50
N LYS I 164 -31.05 -20.55 43.55
CA LYS I 164 -30.21 -21.70 43.84
C LYS I 164 -28.85 -21.26 44.37
N GLY I 165 -28.38 -21.94 45.41
CA GLY I 165 -27.08 -21.63 45.98
C GLY I 165 -26.98 -20.30 46.67
N VAL I 166 -28.10 -19.74 47.13
CA VAL I 166 -28.11 -18.44 47.78
C VAL I 166 -28.65 -18.63 49.19
N CYS I 167 -27.82 -18.31 50.19
CA CYS I 167 -28.26 -18.40 51.58
C CYS I 167 -29.14 -17.23 51.96
N GLU I 168 -28.86 -16.04 51.42
CA GLU I 168 -29.57 -14.84 51.81
C GLU I 168 -29.37 -13.77 50.74
N VAL I 169 -30.47 -13.22 50.24
CA VAL I 169 -30.44 -12.14 49.25
C VAL I 169 -31.16 -10.94 49.84
N GLY I 170 -30.49 -9.79 49.79
CA GLY I 170 -31.10 -8.60 50.36
C GLY I 170 -31.35 -8.77 51.83
N VAL I 171 -32.60 -8.54 52.25
CA VAL I 171 -32.99 -8.68 53.64
C VAL I 171 -33.76 -9.98 53.89
N GLN I 172 -33.87 -10.83 52.88
CA GLN I 172 -34.59 -12.09 52.98
C GLN I 172 -33.60 -13.21 53.31
N ALA I 173 -33.89 -13.97 54.36
CA ALA I 173 -33.08 -15.12 54.74
C ALA I 173 -33.67 -16.36 54.07
N LEU I 174 -33.08 -16.75 52.93
CA LEU I 174 -33.61 -17.86 52.17
C LEU I 174 -33.52 -19.17 52.95
N LYS I 175 -32.41 -19.42 53.62
CA LYS I 175 -32.19 -20.66 54.35
C LYS I 175 -31.10 -20.43 55.38
N LYS I 176 -30.69 -21.50 56.06
CA LYS I 176 -29.62 -21.46 57.04
C LYS I 176 -28.45 -22.27 56.52
N CYS I 177 -27.27 -21.66 56.48
CA CYS I 177 -26.07 -22.31 55.97
C CYS I 177 -24.91 -22.11 56.95
N ASP I 178 -24.02 -23.08 56.98
CA ASP I 178 -22.85 -23.04 57.83
C ASP I 178 -21.61 -23.31 57.01
N GLY I 179 -20.53 -22.60 57.32
CA GLY I 179 -19.29 -22.76 56.58
C GLY I 179 -18.91 -21.55 55.77
N GLN I 180 -18.32 -21.76 54.61
CA GLN I 180 -17.95 -20.64 53.74
C GLN I 180 -19.19 -19.92 53.26
N LEU I 181 -19.09 -18.59 53.15
CA LEU I 181 -20.21 -17.75 52.73
C LEU I 181 -19.63 -16.61 51.89
N SER I 182 -19.68 -16.76 50.57
CA SER I 182 -19.20 -15.71 49.68
C SER I 182 -20.21 -14.57 49.66
N THR I 183 -19.85 -13.45 50.27
CA THR I 183 -20.75 -12.31 50.41
C THR I 183 -20.32 -11.22 49.44
N ALA I 184 -21.26 -10.72 48.65
CA ALA I 184 -20.91 -9.71 47.66
C ALA I 184 -22.14 -8.85 47.37
N HIS I 185 -21.94 -7.86 46.51
CA HIS I 185 -23.02 -7.01 46.02
C HIS I 185 -23.34 -7.40 44.58
N GLU I 186 -24.60 -7.72 44.31
CA GLU I 186 -24.99 -8.19 42.99
C GLU I 186 -26.26 -7.48 42.55
N VAL I 187 -26.43 -7.39 41.24
CA VAL I 187 -27.63 -6.85 40.62
C VAL I 187 -28.62 -8.00 40.44
N VAL I 188 -29.69 -7.96 41.22
CA VAL I 188 -30.72 -9.00 41.21
C VAL I 188 -32.00 -8.39 40.64
N PRO I 189 -32.57 -8.94 39.57
CA PRO I 189 -33.92 -8.54 39.16
C PRO I 189 -34.94 -9.03 40.17
N PHE I 190 -36.04 -8.29 40.29
CA PHE I 190 -37.09 -8.64 41.22
C PHE I 190 -38.43 -8.23 40.65
N ALA I 191 -39.48 -8.88 41.16
CA ALA I 191 -40.85 -8.58 40.77
C ALA I 191 -41.71 -8.54 42.02
N VAL I 192 -42.82 -7.83 41.92
CA VAL I 192 -43.82 -7.79 42.98
C VAL I 192 -45.17 -8.08 42.37
N PHE I 193 -45.87 -9.06 42.93
CA PHE I 193 -47.19 -9.50 42.48
C PHE I 193 -48.23 -9.13 43.52
N LYS I 194 -49.49 -9.37 43.17
CA LYS I 194 -50.58 -9.07 44.08
C LYS I 194 -50.57 -10.02 45.26
N ASN I 195 -50.78 -9.45 46.46
CA ASN I 195 -50.87 -10.23 47.70
C ASN I 195 -49.62 -11.07 47.93
N SER I 196 -48.45 -10.45 47.75
CA SER I 196 -47.18 -11.15 47.94
C SER I 196 -46.13 -10.16 48.41
N LYS I 197 -44.91 -10.64 48.57
CA LYS I 197 -43.75 -9.85 48.92
C LYS I 197 -42.84 -9.74 47.70
N LYS I 198 -41.69 -9.11 47.89
CA LYS I 198 -40.71 -9.03 46.82
C LYS I 198 -40.22 -10.42 46.45
N VAL I 199 -40.10 -10.68 45.15
CA VAL I 199 -39.68 -11.98 44.64
C VAL I 199 -38.44 -11.72 43.78
N TYR I 200 -37.27 -12.07 44.29
CA TYR I 200 -36.06 -12.00 43.49
C TYR I 200 -36.02 -13.15 42.51
N LEU I 201 -35.51 -12.89 41.32
CA LEU I 201 -35.48 -13.89 40.25
C LEU I 201 -34.06 -14.12 39.80
N ASP I 202 -33.77 -15.37 39.40
CA ASP I 202 -32.49 -15.67 38.79
C ASP I 202 -32.42 -15.19 37.35
N LYS I 203 -33.55 -15.20 36.65
CA LYS I 203 -33.60 -14.80 35.25
C LYS I 203 -34.79 -13.89 35.03
N LEU I 204 -34.69 -13.03 34.02
CA LEU I 204 -35.72 -12.05 33.70
C LEU I 204 -36.23 -12.35 32.29
N ASP I 205 -37.28 -13.16 32.22
CA ASP I 205 -37.92 -13.53 30.95
C ASP I 205 -39.32 -12.91 30.95
N LEU I 206 -39.46 -11.79 30.24
CA LEU I 206 -40.70 -11.03 30.25
C LEU I 206 -41.11 -10.69 28.83
N LYS I 207 -42.43 -10.64 28.61
CA LYS I 207 -43.01 -10.37 27.31
C LYS I 207 -44.15 -9.38 27.46
N THR I 208 -44.42 -8.64 26.39
CA THR I 208 -45.48 -7.63 26.40
C THR I 208 -46.51 -7.92 25.32
N GLU I 209 -47.77 -7.78 25.66
CA GLU I 209 -48.87 -7.96 24.73
C GLU I 209 -49.71 -6.69 24.68
N GLU I 210 -50.05 -6.27 23.47
CA GLU I 210 -50.74 -5.00 23.30
C GLU I 210 -52.25 -5.17 23.47
N ASN I 211 -52.93 -4.05 23.69
CA ASN I 211 -54.36 -4.04 23.89
C ASN I 211 -54.90 -2.67 23.49
N LEU I 212 -56.19 -2.46 23.75
CA LEU I 212 -56.87 -1.23 23.39
C LEU I 212 -57.52 -0.56 24.59
N LEU I 213 -56.97 -0.80 25.78
CA LEU I 213 -57.46 -0.17 26.99
C LEU I 213 -57.03 1.30 27.02
N PRO I 214 -57.72 2.14 27.81
CA PRO I 214 -57.43 3.58 27.78
C PRO I 214 -55.99 3.92 28.11
N ASP I 215 -55.30 3.11 28.91
CA ASP I 215 -53.92 3.42 29.26
C ASP I 215 -52.96 3.23 28.10
N SER I 216 -53.41 2.66 26.99
CA SER I 216 -52.56 2.41 25.83
C SER I 216 -52.63 3.51 24.79
N PHE I 217 -53.26 4.64 25.10
CA PHE I 217 -53.42 5.72 24.15
C PHE I 217 -52.90 7.03 24.74
N VAL I 218 -52.19 7.80 23.92
CA VAL I 218 -51.68 9.10 24.30
C VAL I 218 -52.54 10.13 23.56
N CYS I 219 -53.36 10.86 24.31
CA CYS I 219 -54.24 11.87 23.73
C CYS I 219 -53.73 13.26 24.06
N PHE I 220 -53.55 14.08 23.03
CA PHE I 220 -53.07 15.44 23.26
C PHE I 220 -53.91 16.46 22.50
N GLU I 221 -53.56 17.73 22.70
CA GLU I 221 -54.31 18.88 22.21
C GLU I 221 -53.30 20.01 22.03
N HIS I 222 -53.64 20.99 21.22
CA HIS I 222 -52.74 22.10 21.02
C HIS I 222 -53.14 23.29 21.89
N LYS I 223 -52.15 24.08 22.27
CA LYS I 223 -52.37 25.29 23.06
C LYS I 223 -52.73 26.42 22.12
N GLY I 224 -53.82 27.12 22.41
CA GLY I 224 -54.37 28.07 21.48
C GLY I 224 -55.26 27.48 20.42
N GLN I 225 -55.54 26.19 20.51
CA GLN I 225 -56.33 25.50 19.49
C GLN I 225 -57.76 26.00 19.48
N TYR I 226 -58.31 26.17 18.28
CA TYR I 226 -59.67 26.64 18.13
C TYR I 226 -60.66 25.65 18.74
N LYS I 227 -61.65 26.18 19.46
CA LYS I 227 -62.72 25.38 20.06
C LYS I 227 -62.17 24.28 20.96
N GLY I 228 -61.16 24.63 21.76
CA GLY I 228 -60.61 23.70 22.72
C GLY I 228 -60.26 24.40 24.01
N THR I 229 -59.83 23.62 24.99
CA THR I 229 -59.38 24.20 26.24
C THR I 229 -58.16 25.06 26.00
N MET I 230 -58.05 26.15 26.77
CA MET I 230 -57.01 27.17 26.56
C MET I 230 -57.10 27.74 25.13
N ASP I 231 -58.25 28.32 24.83
CA ASP I 231 -58.51 28.90 23.51
C ASP I 231 -58.19 30.40 23.53
N SER I 232 -56.90 30.70 23.54
CA SER I 232 -56.42 32.07 23.54
C SER I 232 -55.09 32.14 22.81
N GLY I 233 -54.77 33.33 22.32
CA GLY I 233 -53.56 33.54 21.55
C GLY I 233 -52.30 33.14 22.28
N GLN I 234 -51.43 32.41 21.59
CA GLN I 234 -50.20 31.89 22.18
C GLN I 234 -48.99 32.47 21.47
N THR I 235 -47.88 32.59 22.19
CA THR I 235 -46.62 33.02 21.62
C THR I 235 -45.67 31.87 21.32
N LYS I 236 -46.08 30.64 21.58
CA LYS I 236 -45.23 29.47 21.36
C LYS I 236 -46.10 28.28 20.97
N ARG I 237 -45.51 27.37 20.21
CA ARG I 237 -46.19 26.14 19.77
C ARG I 237 -45.89 25.05 20.79
N GLU I 238 -46.85 24.81 21.68
CA GLU I 238 -46.70 23.81 22.72
C GLU I 238 -47.95 22.96 22.79
N LEU I 239 -47.80 21.74 23.27
CA LEU I 239 -48.88 20.77 23.38
C LEU I 239 -49.48 20.80 24.79
N LYS I 240 -50.57 20.05 24.94
CA LYS I 240 -51.28 19.95 26.20
C LYS I 240 -51.88 18.57 26.30
N SER I 241 -51.98 18.04 27.51
CA SER I 241 -52.50 16.70 27.69
C SER I 241 -54.03 16.70 27.56
N PHE I 242 -54.57 15.53 27.21
CA PHE I 242 -55.99 15.35 27.05
C PHE I 242 -56.41 14.07 27.76
N ASP I 243 -57.63 14.07 28.31
CA ASP I 243 -58.16 12.92 29.02
C ASP I 243 -58.99 12.07 28.05
N ILE I 244 -58.57 10.82 27.87
CA ILE I 244 -59.24 9.94 26.92
C ILE I 244 -60.62 9.51 27.42
N SER I 245 -60.93 9.74 28.69
CA SER I 245 -62.24 9.36 29.20
C SER I 245 -63.37 10.17 28.59
N GLN I 246 -63.05 11.26 27.90
CA GLN I 246 -64.08 12.09 27.29
C GLN I 246 -64.46 11.60 25.91
N CYS I 247 -63.49 11.11 25.13
CA CYS I 247 -63.78 10.64 23.78
C CYS I 247 -64.70 9.43 23.84
N PRO I 248 -65.79 9.42 23.06
CA PRO I 248 -66.74 8.32 23.16
C PRO I 248 -66.16 7.01 22.64
N LYS I 249 -66.57 5.92 23.29
CA LYS I 249 -66.23 4.60 22.79
C LYS I 249 -67.11 4.25 21.60
N ILE I 250 -66.67 3.27 20.82
CA ILE I 250 -67.37 2.93 19.59
C ILE I 250 -68.77 2.43 19.93
N GLY I 251 -69.77 2.97 19.24
CA GLY I 251 -71.15 2.68 19.56
C GLY I 251 -71.55 3.12 20.95
N GLY I 252 -71.11 4.31 21.37
CA GLY I 252 -71.38 4.80 22.70
C GLY I 252 -71.50 6.31 22.72
N HIS I 253 -71.58 6.86 23.92
CA HIS I 253 -71.73 8.29 24.13
C HIS I 253 -70.45 8.90 24.70
N GLY I 254 -70.26 10.18 24.42
CA GLY I 254 -69.10 10.91 24.92
C GLY I 254 -69.40 12.39 24.95
N SER I 255 -68.43 13.15 25.47
CA SER I 255 -68.60 14.58 25.64
C SER I 255 -67.77 15.43 24.68
N LYS I 256 -66.73 14.86 24.06
CA LYS I 256 -65.86 15.61 23.17
C LYS I 256 -65.68 14.85 21.87
N LYS I 257 -65.58 15.60 20.77
CA LYS I 257 -65.16 15.01 19.50
C LYS I 257 -63.69 14.65 19.57
N CYS I 258 -63.32 13.53 18.95
CA CYS I 258 -62.01 12.95 19.18
C CYS I 258 -61.58 12.15 17.97
N THR I 259 -60.40 12.44 17.45
CA THR I 259 -59.86 11.74 16.29
C THR I 259 -58.50 11.17 16.64
N GLY I 260 -58.06 10.20 15.84
CA GLY I 260 -56.81 9.54 16.13
C GLY I 260 -56.32 8.70 14.97
N ASP I 261 -55.40 7.79 15.29
CA ASP I 261 -54.77 6.94 14.29
C ASP I 261 -55.60 5.67 14.08
N ALA I 262 -55.03 4.68 13.40
CA ALA I 262 -55.79 3.48 13.04
C ALA I 262 -56.26 2.71 14.27
N ALA I 263 -55.37 2.53 15.25
CA ALA I 263 -55.73 1.76 16.44
C ALA I 263 -56.84 2.45 17.23
N PHE I 264 -56.74 3.77 17.39
CA PHE I 264 -57.78 4.51 18.09
C PHE I 264 -59.12 4.41 17.36
N CYS I 265 -59.10 4.54 16.04
CA CYS I 265 -60.33 4.45 15.27
C CYS I 265 -60.93 3.04 15.33
N SER I 266 -60.09 2.02 15.44
CA SER I 266 -60.59 0.66 15.61
C SER I 266 -61.21 0.47 17.00
N ALA I 267 -60.61 1.09 18.02
CA ALA I 267 -61.11 0.93 19.38
C ALA I 267 -62.20 1.94 19.70
N TYR I 268 -61.96 3.21 19.44
CA TYR I 268 -62.89 4.28 19.77
C TYR I 268 -63.62 4.75 18.51
N GLU I 269 -64.53 5.69 18.70
CA GLU I 269 -65.32 6.25 17.61
C GLU I 269 -64.63 7.54 17.14
N CYS I 270 -64.08 7.51 15.94
CA CYS I 270 -63.44 8.68 15.36
C CYS I 270 -64.49 9.55 14.69
N THR I 271 -64.42 10.86 14.94
CA THR I 271 -65.47 11.77 14.50
C THR I 271 -65.30 12.13 13.02
N ALA I 272 -66.38 12.64 12.45
CA ALA I 272 -66.38 13.18 11.09
C ALA I 272 -66.43 14.70 11.06
N GLN I 273 -66.49 15.34 12.23
CA GLN I 273 -66.52 16.78 12.34
C GLN I 273 -65.14 17.28 12.75
N TYR I 274 -65.05 18.57 13.08
CA TYR I 274 -63.82 19.12 13.62
C TYR I 274 -63.56 18.54 15.00
N ALA I 275 -62.37 17.97 15.19
CA ALA I 275 -62.05 17.23 16.40
C ALA I 275 -61.44 18.13 17.46
N ASN I 276 -61.54 17.68 18.71
CA ASN I 276 -61.02 18.45 19.84
C ASN I 276 -59.68 17.95 20.35
N ALA I 277 -59.28 16.74 20.01
CA ALA I 277 -58.00 16.21 20.45
C ALA I 277 -57.55 15.11 19.52
N TYR I 278 -56.26 14.82 19.53
CA TYR I 278 -55.67 13.77 18.70
C TYR I 278 -55.13 12.67 19.60
N CYS I 279 -55.58 11.43 19.36
CA CYS I 279 -55.25 10.30 20.22
C CYS I 279 -54.43 9.29 19.43
N SER I 280 -53.15 9.21 19.72
CA SER I 280 -52.29 8.21 19.11
C SER I 280 -52.21 6.98 20.02
N HIS I 281 -51.66 5.89 19.50
CA HIS I 281 -51.52 4.65 20.25
C HIS I 281 -50.16 4.67 20.93
N ALA I 282 -50.07 4.08 22.12
CA ALA I 282 -48.86 4.20 22.92
C ALA I 282 -47.70 3.46 22.27
N ASN I 283 -46.59 4.18 22.12
CA ASN I 283 -45.34 3.67 21.56
C ASN I 283 -45.05 2.24 22.02
N GLY I 284 -45.07 2.01 23.33
CA GLY I 284 -44.68 0.70 23.85
C GLY I 284 -45.62 0.03 24.82
N SER I 285 -46.75 0.64 25.16
CA SER I 285 -47.54 0.16 26.28
C SER I 285 -48.15 -1.21 26.00
N GLY I 286 -48.83 -1.73 27.01
CA GLY I 286 -49.45 -3.04 26.91
C GLY I 286 -49.57 -3.66 28.28
N ILE I 287 -49.47 -4.99 28.30
CA ILE I 287 -49.44 -5.77 29.53
C ILE I 287 -48.16 -6.58 29.51
N VAL I 288 -47.37 -6.46 30.58
CA VAL I 288 -46.10 -7.16 30.69
C VAL I 288 -46.29 -8.37 31.60
N GLN I 289 -45.81 -9.52 31.14
CA GLN I 289 -45.91 -10.78 31.87
C GLN I 289 -44.51 -11.33 32.09
N ILE I 290 -44.27 -11.83 33.30
CA ILE I 290 -42.98 -12.34 33.71
C ILE I 290 -43.07 -13.84 33.89
N GLN I 291 -42.03 -14.55 33.43
CA GLN I 291 -41.97 -16.00 33.52
C GLN I 291 -41.34 -16.38 34.85
N VAL I 292 -42.14 -16.95 35.75
CA VAL I 292 -41.66 -17.44 37.03
C VAL I 292 -41.98 -18.92 37.11
N SER I 293 -40.98 -19.73 37.48
CA SER I 293 -41.14 -21.17 37.61
C SER I 293 -41.66 -21.81 36.33
N GLY I 294 -41.35 -21.21 35.18
CA GLY I 294 -41.78 -21.72 33.91
C GLY I 294 -43.18 -21.33 33.49
N VAL I 295 -43.93 -20.61 34.32
CA VAL I 295 -45.28 -20.20 33.99
C VAL I 295 -45.33 -18.67 33.99
N TRP I 296 -46.08 -18.11 33.05
CA TRP I 296 -46.20 -16.66 32.96
C TRP I 296 -47.16 -16.14 34.02
N LYS I 297 -46.86 -14.96 34.56
CA LYS I 297 -47.70 -14.30 35.54
C LYS I 297 -47.70 -12.80 35.25
N LYS I 298 -48.66 -12.10 35.86
CA LYS I 298 -48.78 -10.66 35.66
C LYS I 298 -48.31 -9.93 36.91
N PRO I 299 -47.15 -9.29 36.88
CA PRO I 299 -46.61 -8.66 38.09
C PRO I 299 -47.15 -7.26 38.29
N LEU I 300 -47.19 -6.85 39.56
CA LEU I 300 -47.50 -5.46 39.87
C LEU I 300 -46.35 -4.54 39.49
N CYS I 301 -45.12 -4.92 39.87
CA CYS I 301 -43.96 -4.11 39.53
C CYS I 301 -42.80 -5.02 39.12
N VAL I 302 -41.93 -4.51 38.28
CA VAL I 302 -40.75 -5.24 37.82
C VAL I 302 -39.57 -4.29 37.84
N GLY I 303 -38.47 -4.69 38.46
CA GLY I 303 -37.30 -3.85 38.47
C GLY I 303 -36.06 -4.64 38.79
N TYR I 304 -34.99 -3.93 39.10
CA TYR I 304 -33.78 -4.59 39.57
C TYR I 304 -33.09 -3.76 40.65
N GLU I 305 -32.32 -4.45 41.48
CA GLU I 305 -31.72 -3.84 42.66
C GLU I 305 -30.26 -4.27 42.74
N ARG I 306 -29.47 -3.51 43.49
CA ARG I 306 -28.10 -3.89 43.81
C ARG I 306 -28.05 -4.19 45.30
N VAL I 307 -28.15 -5.47 45.64
CA VAL I 307 -28.26 -5.88 47.02
C VAL I 307 -27.13 -6.83 47.37
N VAL I 308 -26.91 -7.02 48.66
CA VAL I 308 -25.87 -7.91 49.17
C VAL I 308 -26.41 -9.32 49.21
N VAL I 309 -25.76 -10.23 48.50
CA VAL I 309 -26.14 -11.63 48.44
C VAL I 309 -25.02 -12.46 49.06
N LYS I 310 -25.41 -13.46 49.84
CA LYS I 310 -24.48 -14.43 50.42
C LYS I 310 -24.71 -15.77 49.72
N ARG I 311 -23.66 -16.31 49.12
CA ARG I 311 -23.72 -17.57 48.41
C ARG I 311 -22.89 -18.61 49.15
N GLU I 312 -23.07 -19.86 48.77
CA GLU I 312 -22.23 -20.97 49.22
C GLU I 312 -21.45 -21.46 48.02
N LEU I 313 -20.13 -21.26 48.04
CA LEU I 313 -19.31 -21.67 46.90
C LEU I 313 -19.39 -23.18 46.69
N SER I 314 -19.21 -23.95 47.77
CA SER I 314 -19.29 -25.40 47.71
C SER I 314 -19.24 -25.94 49.13
N ALA I 315 -19.85 -27.11 49.31
CA ALA I 315 -19.66 -27.87 50.55
C ALA I 315 -18.43 -28.75 50.47
N LYS I 316 -18.22 -29.41 49.34
CA LYS I 316 -17.04 -30.21 49.06
C LYS I 316 -16.81 -30.24 47.55
N PRO I 317 -15.64 -29.80 47.07
CA PRO I 317 -15.38 -29.82 45.63
C PRO I 317 -15.46 -31.21 45.03
N ILE I 318 -14.67 -32.13 45.56
CA ILE I 318 -14.66 -33.52 45.10
C ILE I 318 -13.96 -34.36 46.16
N GLN I 319 -14.40 -35.61 46.30
CA GLN I 319 -13.81 -36.56 47.23
C GLN I 319 -13.22 -37.72 46.45
N ARG I 320 -11.91 -37.93 46.59
CA ARG I 320 -11.18 -38.97 45.86
C ARG I 320 -10.41 -39.81 46.86
N VAL I 321 -11.06 -40.83 47.41
CA VAL I 321 -10.42 -41.80 48.30
C VAL I 321 -10.83 -43.18 47.83
N GLU I 322 -9.84 -44.01 47.49
CA GLU I 322 -10.10 -45.33 46.92
C GLU I 322 -9.04 -46.32 47.40
N PRO I 323 -9.20 -46.85 48.62
CA PRO I 323 -8.31 -47.91 49.12
C PRO I 323 -8.81 -49.30 48.75
N CYS I 324 -9.14 -49.49 47.48
CA CYS I 324 -9.72 -50.75 47.05
C CYS I 324 -8.67 -51.85 46.94
N THR I 325 -9.02 -53.04 47.42
CA THR I 325 -8.14 -54.20 47.38
C THR I 325 -8.93 -55.45 46.96
N THR I 326 -9.88 -55.28 46.05
CA THR I 326 -10.73 -56.38 45.60
C THR I 326 -10.11 -57.11 44.41
N CYS I 327 -8.90 -57.62 44.64
CA CYS I 327 -8.19 -58.40 43.63
C CYS I 327 -7.18 -59.29 44.34
N ILE I 328 -6.80 -60.36 43.66
CA ILE I 328 -5.83 -61.32 44.19
C ILE I 328 -4.67 -61.43 43.21
N THR I 329 -3.45 -61.21 43.70
CA THR I 329 -2.25 -61.23 42.89
C THR I 329 -1.43 -62.45 43.30
N LYS I 330 -1.15 -63.34 42.34
CA LYS I 330 -0.34 -64.51 42.64
C LYS I 330 0.63 -64.76 41.50
N CYS I 331 1.90 -64.95 41.84
CA CYS I 331 2.94 -65.23 40.86
C CYS I 331 2.97 -66.71 40.54
N GLU I 332 2.89 -67.03 39.25
CA GLU I 332 2.78 -68.37 38.72
C GLU I 332 3.92 -68.65 37.76
N PRO I 333 4.42 -69.89 37.69
CA PRO I 333 5.52 -70.18 36.75
C PRO I 333 5.20 -69.81 35.32
N HIS I 334 3.96 -69.99 34.88
CA HIS I 334 3.58 -69.57 33.54
C HIS I 334 3.69 -68.06 33.37
N GLY I 335 3.27 -67.31 34.37
CA GLY I 335 3.37 -65.86 34.32
C GLY I 335 2.80 -65.24 35.58
N LEU I 336 3.03 -63.94 35.71
CA LEU I 336 2.49 -63.18 36.84
C LEU I 336 1.01 -62.91 36.58
N VAL I 337 0.14 -63.52 37.39
CA VAL I 337 -1.30 -63.49 37.15
C VAL I 337 -1.98 -62.75 38.29
N VAL I 338 -2.83 -61.79 37.93
CA VAL I 338 -3.69 -61.11 38.90
C VAL I 338 -5.13 -61.25 38.44
N ARG I 339 -6.00 -61.66 39.38
CA ARG I 339 -7.43 -61.79 39.13
C ARG I 339 -8.12 -60.63 39.84
N SER I 340 -8.72 -59.74 39.07
CA SER I 340 -9.41 -58.57 39.61
C SER I 340 -10.89 -58.92 39.76
N THR I 341 -11.35 -59.02 41.00
CA THR I 341 -12.75 -59.31 41.26
C THR I 341 -13.61 -58.11 40.87
N GLY I 342 -14.57 -58.33 39.96
CA GLY I 342 -15.42 -57.26 39.52
C GLY I 342 -14.86 -56.51 38.32
N PHE I 343 -14.19 -55.40 38.59
CA PHE I 343 -13.68 -54.54 37.52
C PHE I 343 -12.72 -55.30 36.61
N LYS I 344 -12.85 -55.04 35.31
CA LYS I 344 -12.02 -55.68 34.30
C LYS I 344 -10.71 -54.92 34.11
N ILE I 345 -9.69 -55.63 33.66
CA ILE I 345 -8.37 -55.06 33.41
C ILE I 345 -8.05 -55.24 31.93
N SER I 346 -7.71 -54.13 31.27
CA SER I 346 -7.35 -54.15 29.85
C SER I 346 -5.83 -54.12 29.65
N SER I 347 -5.15 -53.14 30.22
CA SER I 347 -3.71 -53.02 30.12
C SER I 347 -3.13 -52.78 31.50
N ALA I 348 -1.91 -53.30 31.71
CA ALA I 348 -1.28 -53.22 33.02
C ALA I 348 0.23 -53.15 32.84
N VAL I 349 0.92 -52.75 33.91
CA VAL I 349 2.37 -52.67 33.94
C VAL I 349 2.86 -53.09 35.32
N ALA I 350 4.06 -53.68 35.36
CA ALA I 350 4.66 -54.18 36.58
C ALA I 350 6.06 -53.60 36.73
N CYS I 351 6.35 -53.08 37.92
CA CYS I 351 7.60 -52.43 38.24
C CYS I 351 8.35 -53.29 39.26
N ALA I 352 9.65 -53.51 39.02
CA ALA I 352 10.46 -54.24 39.99
C ALA I 352 11.89 -53.73 39.90
N SER I 353 12.25 -52.80 40.79
CA SER I 353 13.59 -52.24 40.87
C SER I 353 14.02 -51.66 39.52
N GLY I 354 13.26 -50.67 39.06
CA GLY I 354 13.59 -49.97 37.84
C GLY I 354 12.98 -50.57 36.59
N VAL I 355 13.21 -51.87 36.37
CA VAL I 355 12.73 -52.51 35.15
C VAL I 355 11.23 -52.76 35.26
N CYS I 356 10.51 -52.46 34.18
CA CYS I 356 9.07 -52.62 34.12
C CYS I 356 8.70 -53.47 32.91
N VAL I 357 7.54 -54.12 33.01
CA VAL I 357 7.01 -54.97 31.95
C VAL I 357 5.54 -54.64 31.77
N THR I 358 5.12 -54.48 30.52
CA THR I 358 3.75 -54.10 30.21
C THR I 358 2.99 -55.28 29.64
N GLY I 359 1.67 -55.14 29.60
CA GLY I 359 0.80 -56.15 29.02
C GLY I 359 -0.52 -55.55 28.62
N SER I 360 -1.03 -56.00 27.48
CA SER I 360 -2.28 -55.52 26.92
C SER I 360 -3.19 -56.70 26.59
N GLN I 361 -4.48 -56.53 26.87
CA GLN I 361 -5.45 -57.60 26.65
C GLN I 361 -6.85 -56.99 26.63
N SER I 362 -7.81 -57.80 26.20
CA SER I 362 -9.21 -57.39 26.26
C SER I 362 -9.65 -57.27 27.71
N PRO I 363 -10.58 -56.37 28.01
CA PRO I 363 -11.04 -56.20 29.40
C PRO I 363 -11.54 -57.51 29.98
N SER I 364 -10.89 -57.93 31.06
CA SER I 364 -11.19 -59.20 31.69
C SER I 364 -10.88 -59.11 33.18
N THR I 365 -11.46 -60.05 33.94
CA THR I 365 -11.28 -60.05 35.38
C THR I 365 -9.87 -60.47 35.80
N GLU I 366 -9.04 -60.95 34.87
CA GLU I 366 -7.69 -61.36 35.19
C GLU I 366 -6.76 -60.99 34.05
N ILE I 367 -5.48 -60.88 34.38
CA ILE I 367 -4.45 -60.59 33.38
C ILE I 367 -3.13 -61.20 33.83
N THR I 368 -2.37 -61.70 32.86
CA THR I 368 -1.06 -62.29 33.09
C THR I 368 0.01 -61.51 32.35
N LEU I 369 1.17 -61.36 32.98
CA LEU I 369 2.26 -60.56 32.46
C LEU I 369 3.57 -61.31 32.63
N LYS I 370 4.55 -61.01 31.78
CA LYS I 370 5.88 -61.55 31.94
C LYS I 370 6.55 -60.95 33.18
N TYR I 371 7.42 -61.72 33.80
CA TYR I 371 8.06 -61.27 35.02
C TYR I 371 9.10 -60.19 34.70
N PRO I 372 9.20 -59.14 35.52
CA PRO I 372 10.16 -58.06 35.25
C PRO I 372 11.56 -58.42 35.72
N GLY I 373 12.48 -58.53 34.77
CA GLY I 373 13.87 -58.78 35.10
C GLY I 373 14.07 -60.08 35.85
N ILE I 374 14.87 -60.03 36.91
CA ILE I 374 15.17 -61.20 37.72
C ILE I 374 14.31 -61.25 38.98
N SER I 375 13.20 -60.50 39.01
CA SER I 375 12.31 -60.54 40.16
C SER I 375 11.70 -61.92 40.33
N GLN I 376 11.49 -62.65 39.23
CA GLN I 376 11.01 -64.03 39.34
C GLN I 376 12.00 -64.91 40.08
N SER I 377 13.29 -64.76 39.77
CA SER I 377 14.31 -65.55 40.45
C SER I 377 14.56 -65.03 41.87
N SER I 378 14.52 -63.72 42.06
CA SER I 378 14.85 -63.12 43.34
C SER I 378 13.63 -62.87 44.22
N GLY I 379 12.42 -63.13 43.72
CA GLY I 379 11.23 -62.87 44.52
C GLY I 379 11.06 -61.38 44.78
N GLY I 380 10.84 -61.04 46.05
CA GLY I 380 10.71 -59.66 46.44
C GLY I 380 9.31 -59.09 46.25
N ASP I 381 9.26 -57.77 46.26
CA ASP I 381 8.02 -57.01 46.11
C ASP I 381 7.99 -56.38 44.73
N ILE I 382 6.87 -56.53 44.03
CA ILE I 382 6.68 -56.01 42.69
C ILE I 382 5.43 -55.13 42.68
N GLY I 383 5.56 -53.92 42.16
CA GLY I 383 4.43 -53.02 42.05
C GLY I 383 3.66 -53.26 40.76
N VAL I 384 2.34 -53.07 40.82
CA VAL I 384 1.47 -53.26 39.68
C VAL I 384 0.62 -52.00 39.52
N HIS I 385 0.60 -51.45 38.30
CA HIS I 385 -0.26 -50.34 37.94
C HIS I 385 -1.13 -50.77 36.76
N MET I 386 -2.45 -50.83 36.98
CA MET I 386 -3.36 -51.31 35.97
C MET I 386 -4.48 -50.30 35.77
N ALA I 387 -5.11 -50.36 34.60
CA ALA I 387 -6.21 -49.48 34.24
C ALA I 387 -7.52 -50.26 34.34
N HIS I 388 -8.37 -49.87 35.29
CA HIS I 388 -9.65 -50.52 35.49
C HIS I 388 -10.72 -49.84 34.63
N ASP I 389 -11.80 -50.58 34.39
CA ASP I 389 -12.94 -50.01 33.68
C ASP I 389 -13.77 -49.11 34.58
N ASP I 390 -13.86 -49.43 35.87
CA ASP I 390 -14.66 -48.66 36.80
C ASP I 390 -13.79 -47.58 37.46
N GLN I 391 -14.32 -46.94 38.50
CA GLN I 391 -13.61 -45.91 39.24
C GLN I 391 -13.64 -46.26 40.72
N SER I 392 -13.04 -45.39 41.54
CA SER I 392 -12.93 -45.59 42.98
C SER I 392 -12.20 -46.88 43.31
N VAL I 393 -11.21 -47.24 42.50
CA VAL I 393 -10.38 -48.42 42.73
C VAL I 393 -8.92 -48.00 42.62
N SER I 394 -8.13 -48.35 43.63
CA SER I 394 -6.71 -48.00 43.62
C SER I 394 -6.00 -48.68 42.46
N SER I 395 -5.21 -47.91 41.72
CA SER I 395 -4.50 -48.43 40.55
C SER I 395 -3.08 -48.86 40.87
N LYS I 396 -2.61 -48.67 42.10
CA LYS I 396 -1.26 -49.03 42.50
C LYS I 396 -1.34 -50.09 43.59
N ILE I 397 -0.86 -51.30 43.31
CA ILE I 397 -0.83 -52.36 44.31
C ILE I 397 0.57 -52.95 44.36
N VAL I 398 0.82 -53.76 45.38
CA VAL I 398 2.11 -54.39 45.61
C VAL I 398 1.89 -55.87 45.86
N ALA I 399 2.72 -56.70 45.25
CA ALA I 399 2.68 -58.15 45.40
C ALA I 399 4.01 -58.65 45.95
N HIS I 400 3.96 -59.42 47.03
CA HIS I 400 5.14 -60.01 47.64
C HIS I 400 5.21 -61.48 47.24
N CYS I 401 6.34 -61.88 46.66
CA CYS I 401 6.50 -63.27 46.24
C CYS I 401 7.87 -63.78 46.69
N PRO I 402 7.95 -65.07 47.03
CA PRO I 402 9.25 -65.68 47.31
C PRO I 402 9.98 -66.02 46.02
N PRO I 403 11.26 -66.37 46.10
CA PRO I 403 11.98 -66.78 44.88
C PRO I 403 11.32 -68.00 44.24
N GLN I 404 11.32 -68.01 42.92
CA GLN I 404 10.67 -69.05 42.13
C GLN I 404 11.71 -69.92 41.44
N ASP I 405 11.24 -71.06 40.92
CA ASP I 405 12.11 -72.00 40.23
C ASP I 405 11.83 -71.95 38.73
N PRO I 406 12.80 -71.51 37.91
CA PRO I 406 12.57 -71.46 36.46
C PRO I 406 12.49 -72.82 35.80
N CYS I 407 12.88 -73.89 36.48
CA CYS I 407 12.87 -75.22 35.87
C CYS I 407 11.46 -75.63 35.48
N LEU I 408 10.47 -75.34 36.33
CA LEU I 408 9.09 -75.59 35.97
C LEU I 408 8.64 -74.68 34.83
N VAL I 409 9.18 -73.47 34.77
CA VAL I 409 8.77 -72.52 33.72
C VAL I 409 9.22 -73.01 32.35
N HIS I 410 10.49 -73.41 32.24
CA HIS I 410 11.04 -73.85 30.96
C HIS I 410 11.00 -75.36 30.76
N GLY I 411 10.42 -76.10 31.71
CA GLY I 411 10.33 -77.54 31.60
C GLY I 411 9.57 -78.01 30.39
N CYS I 412 10.16 -78.92 29.62
CA CYS I 412 9.52 -79.44 28.42
C CYS I 412 9.99 -80.86 28.11
N ALA J 3 -54.28 23.95 60.45
CA ALA J 3 -54.32 23.96 61.91
C ALA J 3 -55.31 22.92 62.43
N LEU J 4 -55.19 22.60 63.72
CA LEU J 4 -56.08 21.63 64.34
C LEU J 4 -57.41 22.28 64.69
N THR J 5 -58.42 21.44 64.89
CA THR J 5 -59.76 21.90 65.24
C THR J 5 -60.01 21.60 66.72
N GLN J 6 -60.38 22.62 67.48
CA GLN J 6 -60.64 22.50 68.90
C GLN J 6 -61.97 23.15 69.24
N PRO J 7 -62.66 22.64 70.27
CA PRO J 7 -63.93 23.23 70.71
C PRO J 7 -63.74 24.41 71.65
N THR J 19 -63.45 16.52 78.66
CA THR J 19 -62.39 16.02 77.78
C THR J 19 -62.29 16.84 76.51
N ILE J 20 -61.18 17.56 76.37
CA ILE J 20 -60.94 18.40 75.20
C ILE J 20 -60.52 17.51 74.03
N SER J 21 -61.06 17.78 72.85
CA SER J 21 -60.79 16.99 71.65
C SER J 21 -60.02 17.83 70.65
N CYS J 22 -58.87 17.33 70.21
CA CYS J 22 -58.04 17.97 69.20
C CYS J 22 -58.12 17.11 67.95
N THR J 23 -58.79 17.62 66.91
CA THR J 23 -59.06 16.87 65.70
C THR J 23 -58.21 17.40 64.56
N GLY J 24 -57.52 16.49 63.87
CA GLY J 24 -56.67 16.88 62.75
C GLY J 24 -56.86 16.03 61.52
N THR J 25 -56.00 16.24 60.52
CA THR J 25 -56.07 15.50 59.27
C THR J 25 -55.27 14.21 59.38
N SER J 26 -55.01 13.56 58.25
CA SER J 26 -54.15 12.37 58.27
C SER J 26 -52.68 12.74 58.44
N SER J 27 -52.29 13.94 58.02
CA SER J 27 -50.89 14.34 58.10
C SER J 27 -50.43 14.44 59.56
N ASP J 28 -51.27 15.00 60.42
CA ASP J 28 -50.95 15.20 61.82
C ASP J 28 -51.86 14.34 62.69
N ILE J 29 -51.33 13.90 63.82
CA ILE J 29 -52.06 13.06 64.79
C ILE J 29 -52.40 11.71 64.17
N GLY J 30 -53.01 11.72 62.99
CA GLY J 30 -53.34 10.46 62.33
C GLY J 30 -52.12 9.63 61.98
N ALA J 31 -51.03 10.30 61.60
CA ALA J 31 -49.79 9.60 61.22
C ALA J 31 -48.86 9.44 62.42
N TYR J 32 -48.49 10.55 63.05
CA TYR J 32 -47.52 10.53 64.13
C TYR J 32 -48.20 10.58 65.50
N ASN J 33 -47.56 9.96 66.47
CA ASN J 33 -48.02 9.98 67.86
C ASN J 33 -47.32 11.05 68.69
N PHE J 34 -46.90 12.14 68.05
CA PHE J 34 -46.22 13.24 68.74
C PHE J 34 -47.20 14.41 68.85
N VAL J 35 -48.02 14.37 69.90
CA VAL J 35 -48.98 15.43 70.19
C VAL J 35 -48.81 15.84 71.64
N SER J 36 -48.80 17.14 71.89
CA SER J 36 -48.58 17.67 73.23
C SER J 36 -49.63 18.73 73.57
N TRP J 37 -49.77 18.99 74.87
CA TRP J 37 -50.78 19.90 75.39
C TRP J 37 -50.10 20.98 76.23
N TYR J 38 -50.70 22.17 76.26
CA TYR J 38 -50.16 23.30 76.98
C TYR J 38 -51.28 24.06 77.68
N GLN J 39 -51.02 24.49 78.91
CA GLN J 39 -51.99 25.23 79.72
C GLN J 39 -51.50 26.66 79.90
N GLN J 40 -52.36 27.62 79.57
CA GLN J 40 -52.01 29.03 79.69
C GLN J 40 -52.99 29.78 80.59
N ALA J 45 -46.91 32.52 78.31
CA ALA J 45 -46.02 31.46 78.75
C ALA J 45 -46.81 30.24 79.21
N PRO J 46 -47.29 29.44 78.25
CA PRO J 46 -48.07 28.26 78.61
C PRO J 46 -47.19 27.18 79.21
N LYS J 47 -47.83 26.26 79.94
CA LYS J 47 -47.15 25.19 80.65
C LYS J 47 -47.51 23.85 80.02
N LEU J 48 -46.49 23.07 79.67
CA LEU J 48 -46.70 21.76 79.08
C LEU J 48 -47.18 20.78 80.12
N LEU J 49 -48.23 20.03 79.80
CA LEU J 49 -48.80 19.03 80.69
C LEU J 49 -48.60 17.61 80.20
N ILE J 50 -49.02 17.32 78.96
CA ILE J 50 -48.99 15.98 78.42
C ILE J 50 -48.13 15.99 77.16
N TYR J 51 -47.18 15.07 77.08
CA TYR J 51 -46.37 14.88 75.90
C TYR J 51 -46.36 13.40 75.53
N ASP J 52 -46.13 13.14 74.24
CA ASP J 52 -46.14 11.78 73.71
C ASP J 52 -47.47 11.08 74.01
N VAL J 53 -48.57 11.81 73.75
CA VAL J 53 -49.93 11.31 73.87
C VAL J 53 -50.32 11.07 75.33
N THR J 54 -49.52 10.27 76.04
CA THR J 54 -49.86 9.85 77.40
C THR J 54 -48.90 10.36 78.47
N ASN J 55 -47.61 10.48 78.16
CA ASN J 55 -46.62 10.74 79.21
C ASN J 55 -46.82 12.11 79.84
N ARG J 56 -46.58 12.16 81.15
CA ARG J 56 -46.67 13.39 81.93
C ARG J 56 -45.37 13.57 82.69
N PRO J 57 -44.77 14.77 82.69
CA PRO J 57 -43.53 15.06 83.42
C PRO J 57 -43.66 14.81 84.91
N SER J 65 -54.42 13.48 81.85
CA SER J 65 -54.30 12.25 81.08
C SER J 65 -54.84 12.44 79.66
N GLY J 66 -54.16 11.85 78.68
CA GLY J 66 -54.54 11.98 77.30
C GLY J 66 -54.53 10.65 76.58
N SER J 67 -55.10 10.66 75.39
CA SER J 67 -55.18 9.47 74.55
C SER J 67 -55.39 9.88 73.11
N LYS J 68 -55.36 8.90 72.21
CA LYS J 68 -55.53 9.13 70.79
C LYS J 68 -56.49 8.10 70.20
N SER J 69 -57.16 8.48 69.12
CA SER J 69 -58.06 7.57 68.42
C SER J 69 -58.28 8.13 67.02
N GLY J 70 -57.92 7.35 66.01
CA GLY J 70 -58.07 7.82 64.64
C GLY J 70 -57.24 9.06 64.40
N ASN J 71 -57.90 10.13 63.94
CA ASN J 71 -57.26 11.41 63.73
C ASN J 71 -57.55 12.41 64.84
N THR J 72 -58.09 11.95 65.97
CA THR J 72 -58.51 12.83 67.05
C THR J 72 -57.83 12.41 68.35
N ALA J 73 -57.16 13.35 69.00
CA ALA J 73 -56.62 13.16 70.34
C ALA J 73 -57.58 13.74 71.37
N SER J 74 -57.49 13.21 72.59
CA SER J 74 -58.37 13.65 73.66
C SER J 74 -57.55 13.86 74.92
N LEU J 75 -57.98 14.83 75.73
CA LEU J 75 -57.33 15.13 77.00
C LEU J 75 -58.41 15.15 78.07
N THR J 76 -58.21 14.40 79.14
CA THR J 76 -59.20 14.32 80.20
C THR J 76 -58.80 15.19 81.40
N ASN J 87 -57.26 27.70 79.67
CA ASN J 87 -56.86 27.59 78.27
C ASN J 87 -55.98 26.37 78.05
N TYR J 88 -56.38 25.50 77.13
CA TYR J 88 -55.64 24.30 76.81
C TYR J 88 -55.44 24.22 75.30
N TYR J 89 -54.19 24.17 74.87
CA TYR J 89 -53.85 24.10 73.45
C TYR J 89 -53.18 22.77 73.15
N CYS J 90 -53.33 22.31 71.90
CA CYS J 90 -52.72 21.08 71.42
C CYS J 90 -51.81 21.40 70.24
N ASN J 91 -50.65 20.78 70.20
CA ASN J 91 -49.75 20.88 69.05
C ASN J 91 -49.35 19.50 68.59
N SER J 92 -49.02 19.41 67.30
CA SER J 92 -48.72 18.14 66.67
C SER J 92 -47.69 18.35 65.56
N TYR J 93 -47.14 17.23 65.11
CA TYR J 93 -46.09 17.20 64.10
C TYR J 93 -46.68 16.72 62.78
N THR J 94 -46.43 17.46 61.71
CA THR J 94 -46.97 17.13 60.41
C THR J 94 -45.97 16.34 59.57
N SER J 95 -46.47 15.77 58.47
CA SER J 95 -45.61 15.03 57.57
C SER J 95 -44.61 15.92 56.85
N SER J 96 -44.88 17.22 56.77
CA SER J 96 -43.97 18.17 56.15
C SER J 96 -42.93 18.71 57.11
N SER J 97 -42.71 18.01 58.24
CA SER J 97 -41.73 18.41 59.25
C SER J 97 -42.04 19.78 59.84
N HIS J 98 -43.32 20.14 59.88
CA HIS J 98 -43.78 21.39 60.47
C HIS J 98 -44.52 21.11 61.77
N VAL J 99 -44.79 22.18 62.51
CA VAL J 99 -45.47 22.10 63.79
C VAL J 99 -46.79 22.85 63.66
N VAL J 100 -47.89 22.18 64.03
CA VAL J 100 -49.22 22.76 63.92
C VAL J 100 -49.82 22.87 65.31
N PHE J 101 -50.32 24.06 65.62
CA PHE J 101 -50.94 24.36 66.92
C PHE J 101 -52.46 24.34 66.77
N GLY J 102 -53.13 23.88 67.84
CA GLY J 102 -54.57 23.85 67.83
C GLY J 102 -55.20 25.23 67.93
N GLY J 103 -56.49 25.29 67.59
CA GLY J 103 -57.20 26.56 67.67
C GLY J 103 -57.27 27.10 69.08
N GLY J 104 -57.57 26.24 70.03
CA GLY J 104 -57.57 26.65 71.42
C GLY J 104 -58.98 26.66 72.01
N THR J 105 -59.05 26.33 73.29
CA THR J 105 -60.32 26.33 74.03
C THR J 105 -60.22 27.20 75.27
N SER K 31 -24.77 23.88 74.12
CA SER K 31 -24.44 22.47 73.90
C SER K 31 -25.55 21.56 74.45
N GLY K 32 -25.95 20.58 73.64
CA GLY K 32 -27.02 19.68 74.02
C GLY K 32 -28.04 19.44 72.94
N ASP K 33 -27.74 19.88 71.72
CA ASP K 33 -28.59 19.65 70.54
C ASP K 33 -30.00 20.23 70.75
N TYR K 34 -30.05 21.55 70.87
CA TYR K 34 -31.30 22.25 71.12
C TYR K 34 -31.80 22.93 69.85
N TYR K 35 -33.12 23.15 69.80
CA TYR K 35 -33.78 23.84 68.70
C TYR K 35 -34.46 25.08 69.26
N TRP K 36 -33.93 26.25 68.93
CA TRP K 36 -34.45 27.51 69.45
C TRP K 36 -35.53 28.02 68.51
N SER K 37 -36.78 28.00 68.97
CA SER K 37 -37.93 28.32 68.14
C SER K 37 -38.65 29.56 68.65
N TRP K 38 -39.38 30.20 67.74
CA TRP K 38 -40.12 31.42 68.04
C TRP K 38 -41.61 31.15 67.89
N ILE K 39 -42.39 31.53 68.89
CA ILE K 39 -43.84 31.39 68.88
C ILE K 39 -44.45 32.75 69.15
N ARG K 40 -45.69 32.97 68.70
CA ARG K 40 -46.35 34.24 68.92
C ARG K 40 -47.83 34.03 69.20
N GLN K 41 -48.40 35.00 69.93
CA GLN K 41 -49.81 35.00 70.29
C GLN K 41 -50.37 36.39 70.02
N PRO K 42 -51.32 36.54 69.09
CA PRO K 42 -51.93 37.84 68.78
C PRO K 42 -52.66 38.44 69.98
N LEU K 47 -51.51 29.84 70.18
CA LEU K 47 -50.26 30.33 69.60
C LEU K 47 -50.17 30.04 68.11
N GLU K 48 -49.00 30.30 67.53
CA GLU K 48 -48.74 30.02 66.13
C GLU K 48 -47.24 29.92 65.93
N TRP K 49 -46.76 28.75 65.54
CA TRP K 49 -45.33 28.54 65.36
C TRP K 49 -44.82 29.35 64.18
N ILE K 50 -43.68 30.02 64.37
CA ILE K 50 -43.08 30.83 63.33
C ILE K 50 -41.96 30.03 62.66
N GLY K 51 -40.98 29.62 63.46
CA GLY K 51 -39.86 28.88 62.92
C GLY K 51 -38.91 28.50 64.03
N TYR K 52 -37.84 27.81 63.63
CA TYR K 52 -36.77 27.44 64.53
C TYR K 52 -35.42 27.62 63.85
N ILE K 53 -34.41 27.85 64.68
CA ILE K 53 -33.01 27.75 64.28
C ILE K 53 -32.38 26.64 65.14
N SER K 54 -31.62 25.77 64.51
CA SER K 54 -31.08 24.61 65.19
C SER K 54 -29.66 24.88 65.69
N TYR K 55 -29.16 23.94 66.48
CA TYR K 55 -27.77 24.00 66.93
C TYR K 55 -26.80 24.06 65.76
N SER K 56 -27.16 23.46 64.63
CA SER K 56 -26.31 23.41 63.45
C SER K 56 -26.44 24.64 62.57
N GLY K 57 -27.30 25.58 62.93
CA GLY K 57 -27.54 26.75 62.09
C GLY K 57 -28.63 26.58 61.05
N SER K 58 -29.24 25.40 60.95
CA SER K 58 -30.32 25.18 60.02
C SER K 58 -31.57 25.91 60.50
N THR K 59 -32.22 26.60 59.57
CA THR K 59 -33.39 27.41 59.87
C THR K 59 -34.60 26.85 59.13
N TYR K 60 -35.71 26.67 59.84
CA TYR K 60 -36.95 26.22 59.24
C TYR K 60 -38.04 27.22 59.62
N TYR K 61 -38.86 27.60 58.64
CA TYR K 61 -39.87 28.63 58.85
C TYR K 61 -41.25 28.12 58.51
N ASN K 62 -42.25 28.79 59.06
CA ASN K 62 -43.63 28.50 58.70
C ASN K 62 -43.86 28.78 57.22
N PRO K 63 -44.61 27.93 56.51
CA PRO K 63 -44.79 28.15 55.06
C PRO K 63 -45.46 29.47 54.74
N SER K 64 -46.39 29.93 55.57
CA SER K 64 -47.08 31.19 55.30
C SER K 64 -46.17 32.39 55.57
N LEU K 65 -45.39 32.35 56.63
CA LEU K 65 -44.47 33.42 56.99
C LEU K 65 -43.03 33.08 56.61
N GLU K 66 -42.84 32.38 55.49
CA GLU K 66 -41.49 31.98 55.08
C GLU K 66 -40.64 33.20 54.74
N SER K 67 -41.26 34.24 54.17
CA SER K 67 -40.53 35.45 53.82
C SER K 67 -40.99 36.63 54.68
N VAL K 94 -47.66 39.00 71.48
CA VAL K 94 -46.61 38.59 72.39
C VAL K 94 -45.77 37.48 71.76
N TYR K 95 -44.45 37.62 71.84
CA TYR K 95 -43.52 36.67 71.24
C TYR K 95 -42.77 35.93 72.32
N TYR K 96 -42.81 34.60 72.28
CA TYR K 96 -42.09 33.74 73.20
C TYR K 96 -41.06 32.91 72.43
N CYS K 97 -40.11 32.35 73.19
CA CYS K 97 -39.11 31.44 72.64
C CYS K 97 -39.00 30.25 73.59
N ALA K 98 -39.50 29.09 73.15
CA ALA K 98 -39.50 27.88 73.96
C ALA K 98 -38.81 26.76 73.20
N THR K 99 -38.01 25.98 73.92
CA THR K 99 -37.24 24.89 73.33
C THR K 99 -37.32 23.66 74.22
N ASN K 100 -37.22 22.49 73.59
CA ASN K 100 -37.20 21.23 74.33
C ASN K 100 -35.86 21.11 75.04
N TYR K 101 -35.85 21.42 76.34
CA TYR K 101 -34.61 21.48 77.11
C TYR K 101 -34.46 20.36 78.13
N PHE K 102 -35.54 19.72 78.54
CA PHE K 102 -35.46 18.69 79.57
C PHE K 102 -35.96 17.33 79.11
N HIS K 103 -36.97 17.28 78.25
CA HIS K 103 -37.53 16.01 77.79
C HIS K 103 -36.89 15.58 76.47
N LEU K 104 -35.57 15.46 76.50
CA LEU K 104 -34.81 15.05 75.32
C LEU K 104 -35.02 13.57 75.07
N HIS K 105 -35.24 13.21 73.82
CA HIS K 105 -35.37 11.82 73.40
C HIS K 105 -34.14 11.41 72.60
N ASP K 106 -33.61 10.24 72.91
CA ASP K 106 -32.40 9.78 72.24
C ASP K 106 -32.66 9.33 70.81
N PHE K 107 -33.91 8.98 70.48
CA PHE K 107 -34.19 8.46 69.16
C PHE K 107 -34.57 9.53 68.15
N GLY K 108 -34.92 10.73 68.60
CA GLY K 108 -35.31 11.77 67.67
C GLY K 108 -35.25 13.14 68.31
N ASP K 109 -35.32 14.16 67.45
CA ASP K 109 -35.28 15.55 67.88
C ASP K 109 -36.71 16.09 67.94
N LEU K 110 -37.44 15.69 68.98
CA LEU K 110 -38.82 16.15 69.19
C LEU K 110 -38.77 17.57 69.75
N TYR K 111 -38.58 18.53 68.85
CA TYR K 111 -38.40 19.92 69.25
C TYR K 111 -39.71 20.65 69.52
N TRP K 112 -40.84 20.06 69.18
CA TRP K 112 -42.12 20.71 69.45
C TRP K 112 -42.61 20.50 70.87
N TYR K 113 -41.94 19.66 71.65
CA TYR K 113 -42.28 19.47 73.06
C TYR K 113 -41.74 20.68 73.84
N PHE K 114 -42.43 21.80 73.68
CA PHE K 114 -41.93 23.08 74.16
C PHE K 114 -41.99 23.16 75.68
N ASP K 115 -40.87 23.51 76.29
CA ASP K 115 -40.80 23.93 77.68
C ASP K 115 -39.77 25.04 77.78
N LEU K 116 -39.62 25.61 78.97
CA LEU K 116 -38.74 26.76 79.19
C LEU K 116 -39.09 27.89 78.21
N TRP K 117 -40.30 28.40 78.41
CA TRP K 117 -40.81 29.47 77.56
C TRP K 117 -40.13 30.79 77.89
N GLY K 118 -39.93 31.61 76.86
CA GLY K 118 -39.29 32.91 77.04
C GLY K 118 -40.21 33.95 77.65
N CYS L 536 37.68 -49.48 42.50
CA CYS L 536 37.03 -49.55 41.20
C CYS L 536 37.50 -48.42 40.30
N SER L 537 37.86 -47.30 40.92
CA SER L 537 38.37 -46.14 40.19
C SER L 537 39.09 -45.23 41.17
N GLU L 538 40.37 -44.97 40.91
CA GLU L 538 41.19 -44.21 41.84
C GLU L 538 41.24 -42.75 41.43
N LEU L 539 41.91 -41.94 42.26
CA LEU L 539 42.08 -40.51 42.03
C LEU L 539 43.54 -40.13 42.28
N ILE L 540 44.46 -40.92 41.71
CA ILE L 540 45.87 -40.77 42.05
C ILE L 540 46.42 -39.43 41.59
N GLN L 541 45.96 -38.94 40.44
CA GLN L 541 46.47 -37.68 39.92
C GLN L 541 45.98 -36.48 40.72
N ALA L 542 44.94 -36.64 41.55
CA ALA L 542 44.42 -35.57 42.38
C ALA L 542 44.26 -36.00 43.83
N SER L 543 44.91 -37.09 44.23
CA SER L 543 44.81 -37.55 45.61
C SER L 543 45.52 -36.59 46.55
N SER L 544 45.00 -36.47 47.76
CA SER L 544 45.58 -35.63 48.80
C SER L 544 45.74 -36.43 50.08
N ARG L 545 46.40 -35.81 51.06
CA ARG L 545 46.62 -36.44 52.36
C ARG L 545 45.32 -36.32 53.17
N ILE L 546 44.42 -37.26 52.92
CA ILE L 546 43.11 -37.26 53.58
C ILE L 546 43.22 -37.88 54.97
N THR L 551 48.63 -35.44 58.91
CA THR L 551 48.72 -35.57 60.35
C THR L 551 47.75 -36.66 60.84
N GLU L 552 48.13 -37.32 61.93
CA GLU L 552 47.30 -38.39 62.49
C GLU L 552 46.00 -37.82 63.03
N GLY L 553 44.90 -38.56 62.80
CA GLY L 553 43.60 -38.15 63.30
C GLY L 553 42.94 -37.08 62.47
N VAL L 554 43.56 -35.90 62.41
CA VAL L 554 42.94 -34.78 61.70
C VAL L 554 42.97 -35.03 60.19
N ASN L 555 42.14 -34.27 59.47
CA ASN L 555 42.00 -34.41 58.04
C ASN L 555 42.68 -33.25 57.34
N THR L 556 43.43 -33.56 56.28
CA THR L 556 44.15 -32.57 55.50
C THR L 556 43.76 -32.68 54.03
N LYS L 557 42.45 -32.79 53.78
CA LYS L 557 41.96 -32.83 52.41
C LYS L 557 42.28 -31.52 51.70
N CYS L 558 42.67 -31.63 50.43
CA CYS L 558 43.10 -30.48 49.65
C CYS L 558 42.15 -30.16 48.50
N ARG L 559 40.85 -30.41 48.71
CA ARG L 559 39.80 -30.07 47.74
C ARG L 559 40.08 -30.76 46.40
N LEU L 560 39.99 -32.08 46.43
CA LEU L 560 40.27 -32.92 45.27
C LEU L 560 39.55 -32.38 44.03
N SER L 561 40.33 -31.96 43.04
CA SER L 561 39.77 -31.30 41.86
C SER L 561 39.72 -32.19 40.63
N GLY L 562 40.47 -33.29 40.62
CA GLY L 562 40.50 -34.17 39.47
C GLY L 562 39.16 -34.79 39.15
N THR L 563 38.71 -34.61 37.91
CA THR L 563 37.44 -35.18 37.48
C THR L 563 37.58 -36.69 37.28
N ALA L 564 36.43 -37.37 37.33
CA ALA L 564 36.38 -38.81 37.14
C ALA L 564 35.47 -39.14 35.97
N LEU L 565 35.95 -40.03 35.09
CA LEU L 565 35.20 -40.44 33.90
C LEU L 565 34.95 -41.95 34.02
N ILE L 566 33.77 -42.31 34.52
CA ILE L 566 33.40 -43.71 34.67
C ILE L 566 32.04 -43.95 34.05
N ARG L 567 31.83 -45.17 33.58
CA ARG L 567 30.60 -45.54 32.90
C ARG L 567 29.49 -45.80 33.91
N ALA L 568 28.33 -45.21 33.68
CA ALA L 568 27.19 -45.40 34.57
C ALA L 568 26.70 -46.83 34.53
N GLY L 569 26.32 -47.36 35.68
CA GLY L 569 25.80 -48.70 35.75
C GLY L 569 24.41 -48.80 35.15
N SER L 570 23.99 -50.04 34.92
CA SER L 570 22.68 -50.30 34.35
C SER L 570 21.59 -49.94 35.37
N VAL L 571 20.33 -50.10 34.97
CA VAL L 571 19.22 -49.78 35.85
C VAL L 571 19.27 -50.69 37.08
N GLY L 572 19.29 -50.07 38.26
CA GLY L 572 19.45 -50.81 39.48
C GLY L 572 20.87 -51.15 39.86
N ALA L 573 21.85 -50.80 39.02
CA ALA L 573 23.24 -51.05 39.32
C ALA L 573 23.86 -49.81 39.97
N GLU L 574 25.14 -49.91 40.31
CA GLU L 574 25.82 -48.81 40.99
C GLU L 574 27.17 -48.55 40.34
N ALA L 575 27.62 -47.31 40.46
CA ALA L 575 28.95 -46.89 40.05
C ALA L 575 29.80 -46.66 41.29
N CYS L 576 31.04 -47.16 41.26
CA CYS L 576 31.90 -47.24 42.43
C CYS L 576 33.10 -46.33 42.28
N LEU L 577 33.55 -45.77 43.41
CA LEU L 577 34.74 -44.93 43.47
C LEU L 577 35.65 -45.43 44.57
N MET L 578 36.95 -45.23 44.37
CA MET L 578 37.96 -45.64 45.34
C MET L 578 38.70 -44.40 45.83
N LEU L 579 38.73 -44.21 47.15
CA LEU L 579 39.48 -43.15 47.79
C LEU L 579 40.43 -43.82 48.79
N LYS L 580 41.61 -44.18 48.31
CA LYS L 580 42.57 -44.95 49.09
C LYS L 580 43.56 -44.02 49.78
N GLY L 581 43.68 -44.17 51.10
CA GLY L 581 44.65 -43.41 51.86
C GLY L 581 45.74 -44.29 52.45
N VAL L 582 45.61 -44.60 53.73
CA VAL L 582 46.54 -45.48 54.43
C VAL L 582 45.84 -46.81 54.69
N LYS L 583 46.56 -47.91 54.47
CA LYS L 583 45.98 -49.24 54.64
C LYS L 583 45.43 -49.40 56.05
N GLU L 584 44.28 -50.08 56.15
CA GLU L 584 43.50 -50.22 57.38
C GLU L 584 42.95 -48.89 57.86
N ASP L 585 42.91 -47.88 57.01
CA ASP L 585 42.38 -46.57 57.33
C ASP L 585 41.75 -45.96 56.10
N GLN L 586 40.96 -44.91 56.30
CA GLN L 586 40.31 -44.15 55.23
C GLN L 586 39.41 -45.09 54.44
N THR L 587 39.70 -45.40 53.17
CA THR L 587 38.87 -46.24 52.32
C THR L 587 37.42 -45.72 52.29
N LYS L 588 37.28 -44.52 51.76
CA LYS L 588 35.97 -43.88 51.64
C LYS L 588 35.38 -44.19 50.27
N PHE L 589 34.13 -44.63 50.25
CA PHE L 589 33.46 -45.08 49.04
C PHE L 589 32.33 -44.14 48.68
N LEU L 590 32.38 -43.60 47.47
CA LEU L 590 31.30 -42.80 46.90
C LEU L 590 30.57 -43.65 45.87
N LYS L 591 29.26 -43.80 46.05
CA LYS L 591 28.47 -44.68 45.19
C LYS L 591 27.44 -43.88 44.41
N ILE L 592 27.21 -44.28 43.17
CA ILE L 592 26.18 -43.67 42.33
C ILE L 592 25.19 -44.75 41.92
N LYS L 593 24.10 -44.88 42.67
CA LYS L 593 23.04 -45.84 42.35
C LYS L 593 22.24 -45.32 41.16
N THR L 594 21.92 -46.19 40.22
CA THR L 594 21.07 -45.84 39.09
C THR L 594 19.66 -46.30 39.41
N VAL L 595 18.81 -45.38 39.86
CA VAL L 595 17.47 -45.75 40.31
C VAL L 595 16.63 -46.25 39.14
N SER L 596 16.39 -45.39 38.15
CA SER L 596 15.57 -45.76 37.01
C SER L 596 15.85 -44.80 35.87
N SER L 597 15.56 -45.28 34.65
CA SER L 597 15.64 -44.47 33.45
C SER L 597 14.24 -44.37 32.85
N GLU L 598 13.77 -43.15 32.64
CA GLU L 598 12.42 -42.91 32.16
C GLU L 598 12.45 -42.01 30.93
N LEU L 599 11.48 -42.19 30.06
CA LEU L 599 11.33 -41.37 28.85
C LEU L 599 10.28 -40.31 29.13
N SER L 600 10.72 -39.23 29.78
CA SER L 600 9.81 -38.17 30.17
C SER L 600 9.33 -37.39 28.96
N CYS L 601 8.27 -36.62 29.15
CA CYS L 601 7.64 -35.84 28.10
C CYS L 601 8.06 -34.38 28.18
N ARG L 602 8.23 -33.76 27.03
CA ARG L 602 8.49 -32.33 26.91
C ARG L 602 7.23 -31.69 26.34
N GLU L 603 6.44 -31.07 27.21
CA GLU L 603 5.16 -30.52 26.80
C GLU L 603 5.35 -29.29 25.92
N GLY L 604 4.44 -29.12 24.97
CA GLY L 604 4.44 -27.94 24.11
C GLY L 604 3.35 -26.97 24.48
N GLN L 605 2.35 -26.83 23.61
CA GLN L 605 1.21 -25.98 23.92
C GLN L 605 0.27 -26.67 24.89
N SER L 606 -0.62 -25.89 25.50
CA SER L 606 -1.57 -26.42 26.45
C SER L 606 -2.75 -25.47 26.57
N TYR L 607 -3.86 -26.01 27.08
CA TYR L 607 -5.03 -25.19 27.39
C TYR L 607 -5.84 -25.90 28.45
N TRP L 608 -6.92 -25.26 28.88
CA TRP L 608 -7.80 -25.80 29.91
C TRP L 608 -9.23 -25.84 29.41
N THR L 609 -10.01 -26.74 29.97
CA THR L 609 -11.42 -26.87 29.58
C THR L 609 -12.20 -27.48 30.73
N GLY L 610 -13.52 -27.36 30.64
CA GLY L 610 -14.40 -27.87 31.65
C GLY L 610 -15.79 -28.11 31.10
N SER L 611 -16.76 -28.19 32.00
CA SER L 611 -18.15 -28.42 31.64
C SER L 611 -18.93 -27.12 31.77
N PHE L 612 -19.67 -26.76 30.73
CA PHE L 612 -20.41 -25.51 30.69
C PHE L 612 -21.86 -25.76 30.28
N SER L 613 -22.75 -24.94 30.78
CA SER L 613 -24.16 -24.97 30.42
C SER L 613 -24.66 -23.54 30.22
N PRO L 614 -25.57 -23.32 29.28
CA PRO L 614 -26.02 -21.95 28.99
C PRO L 614 -27.27 -21.56 29.77
N LYS L 615 -27.39 -20.24 29.97
CA LYS L 615 -28.59 -19.63 30.51
C LYS L 615 -28.98 -18.46 29.62
N CYS L 616 -30.26 -18.36 29.30
CA CYS L 616 -30.76 -17.38 28.35
C CYS L 616 -31.83 -16.51 28.99
N LEU L 617 -31.76 -15.21 28.69
CA LEU L 617 -32.78 -14.24 29.06
C LEU L 617 -33.43 -13.73 27.78
N SER L 618 -34.76 -13.74 27.76
CA SER L 618 -35.50 -13.39 26.55
C SER L 618 -36.43 -12.21 26.84
N SER L 619 -36.60 -11.36 25.83
CA SER L 619 -37.51 -10.23 25.93
C SER L 619 -38.13 -9.99 24.56
N ARG L 620 -39.46 -10.06 24.48
CA ARG L 620 -40.17 -9.95 23.22
C ARG L 620 -40.88 -8.60 23.15
N ARG L 621 -40.58 -7.81 22.12
CA ARG L 621 -41.18 -6.51 21.92
C ARG L 621 -41.82 -6.44 20.54
N CYS L 622 -42.92 -5.70 20.47
CA CYS L 622 -43.63 -5.51 19.20
C CYS L 622 -42.83 -4.58 18.29
N HIS L 623 -43.29 -4.46 17.05
CA HIS L 623 -42.57 -3.67 16.06
C HIS L 623 -42.59 -2.19 16.44
N LEU L 624 -41.53 -1.48 16.03
CA LEU L 624 -41.34 -0.06 16.32
C LEU L 624 -41.26 0.24 17.81
N VAL L 625 -40.87 -0.74 18.62
CA VAL L 625 -40.68 -0.56 20.05
C VAL L 625 -39.22 -0.81 20.36
N GLY L 626 -38.56 0.20 20.93
CA GLY L 626 -37.14 0.09 21.22
C GLY L 626 -36.30 0.03 19.96
N GLU L 627 -35.67 -1.11 19.72
CA GLU L 627 -34.87 -1.33 18.52
C GLU L 627 -35.47 -2.47 17.69
N CYS L 628 -36.80 -2.58 17.69
CA CYS L 628 -37.48 -3.64 16.96
C CYS L 628 -37.62 -3.34 15.47
N HIS L 629 -36.91 -2.34 14.96
CA HIS L 629 -36.85 -2.15 13.52
C HIS L 629 -36.18 -3.35 12.88
N VAL L 630 -36.72 -3.78 11.73
CA VAL L 630 -36.25 -5.01 11.09
C VAL L 630 -34.79 -4.86 10.67
N ASN L 631 -34.41 -3.68 10.18
CA ASN L 631 -33.03 -3.46 9.78
C ASN L 631 -32.08 -3.67 10.96
N ARG L 632 -32.44 -3.15 12.14
CA ARG L 632 -31.68 -3.46 13.33
C ARG L 632 -31.84 -4.92 13.74
N CYS L 633 -32.97 -5.53 13.39
CA CYS L 633 -33.25 -6.88 13.86
C CYS L 633 -32.31 -7.91 13.21
N LEU L 634 -32.15 -7.84 11.88
CA LEU L 634 -31.28 -8.82 11.26
C LEU L 634 -29.80 -8.50 11.44
N SER L 635 -29.44 -7.22 11.52
CA SER L 635 -28.05 -6.82 11.63
C SER L 635 -27.55 -6.76 13.07
N TRP L 636 -28.18 -7.50 13.99
CA TRP L 636 -27.80 -7.47 15.38
C TRP L 636 -26.43 -8.13 15.57
N ARG L 637 -25.47 -7.37 16.08
CA ARG L 637 -24.16 -7.94 16.39
C ARG L 637 -24.25 -8.81 17.63
N ASP L 638 -23.51 -9.93 17.61
CA ASP L 638 -23.57 -10.87 18.71
C ASP L 638 -22.94 -10.33 19.98
N ASN L 639 -22.04 -9.35 19.87
CA ASN L 639 -21.34 -8.80 21.04
C ASN L 639 -22.00 -7.54 21.59
N GLU L 640 -23.15 -7.14 21.04
CA GLU L 640 -23.84 -5.92 21.47
C GLU L 640 -25.05 -6.31 22.31
N THR L 641 -25.17 -5.72 23.48
CA THR L 641 -26.24 -6.05 24.42
C THR L 641 -27.44 -5.14 24.21
N SER L 642 -28.63 -5.73 24.35
CA SER L 642 -29.86 -4.97 24.23
C SER L 642 -30.10 -4.13 25.49
N ALA L 643 -30.97 -3.13 25.35
CA ALA L 643 -31.26 -2.25 26.47
C ALA L 643 -32.14 -2.91 27.52
N GLU L 644 -32.89 -3.95 27.15
CA GLU L 644 -33.75 -4.62 28.13
C GLU L 644 -32.93 -5.31 29.21
N PHE L 645 -31.82 -5.96 28.82
CA PHE L 645 -30.97 -6.66 29.76
C PHE L 645 -29.82 -5.77 30.25
N SER L 646 -30.17 -4.59 30.76
CA SER L 646 -29.17 -3.69 31.30
C SER L 646 -28.84 -3.97 32.76
N PHE L 647 -29.66 -4.75 33.46
CA PHE L 647 -29.31 -5.15 34.81
C PHE L 647 -28.09 -6.06 34.82
N VAL L 648 -27.87 -6.79 33.73
CA VAL L 648 -26.62 -7.51 33.55
C VAL L 648 -25.46 -6.53 33.53
N GLY L 649 -25.63 -5.43 32.79
CA GLY L 649 -24.61 -4.39 32.76
C GLY L 649 -23.31 -4.91 32.19
N GLU L 650 -22.22 -4.67 32.93
CA GLU L 650 -20.90 -5.13 32.53
C GLU L 650 -20.59 -6.42 33.26
N SER L 651 -20.27 -7.47 32.50
CA SER L 651 -19.95 -8.76 33.08
C SER L 651 -18.77 -9.36 32.31
N THR L 652 -18.00 -10.19 33.01
CA THR L 652 -16.83 -10.84 32.44
C THR L 652 -17.13 -12.23 31.90
N THR L 653 -18.37 -12.70 32.02
CA THR L 653 -18.72 -14.03 31.58
C THR L 653 -18.82 -14.09 30.06
N MET L 654 -18.56 -15.28 29.51
CA MET L 654 -18.79 -15.51 28.09
C MET L 654 -20.28 -15.35 27.79
N ARG L 655 -20.59 -14.57 26.76
CA ARG L 655 -21.99 -14.28 26.48
C ARG L 655 -22.14 -13.87 25.03
N GLU L 656 -23.37 -14.00 24.54
CA GLU L 656 -23.71 -13.60 23.19
C GLU L 656 -25.16 -13.14 23.17
N ASN L 657 -25.51 -12.34 22.16
CA ASN L 657 -26.83 -11.76 22.03
C ASN L 657 -27.36 -12.01 20.63
N LYS L 658 -28.60 -12.46 20.54
CA LYS L 658 -29.25 -12.72 19.26
C LYS L 658 -30.60 -12.04 19.22
N CYS L 659 -31.10 -11.81 18.02
CA CYS L 659 -32.42 -11.23 17.79
C CYS L 659 -33.15 -12.06 16.75
N PHE L 660 -34.38 -12.46 17.08
CA PHE L 660 -35.17 -13.31 16.21
C PHE L 660 -36.49 -12.63 15.85
N GLU L 661 -36.82 -12.60 14.57
CA GLU L 661 -38.11 -12.11 14.13
C GLU L 661 -39.20 -13.11 14.44
N GLN L 662 -40.37 -12.59 14.81
CA GLN L 662 -41.54 -13.43 15.05
C GLN L 662 -42.74 -12.90 14.28
N CYS L 663 -43.91 -13.45 14.56
CA CYS L 663 -45.14 -12.98 13.92
C CYS L 663 -45.47 -11.55 14.32
N GLY L 664 -46.22 -10.88 13.45
CA GLY L 664 -46.73 -9.56 13.72
C GLY L 664 -48.19 -9.42 13.34
N GLY L 665 -49.04 -9.14 14.32
CA GLY L 665 -50.47 -9.09 14.08
C GLY L 665 -51.23 -9.35 15.36
N TRP L 666 -52.53 -9.03 15.31
CA TRP L 666 -53.35 -9.10 16.51
C TRP L 666 -53.40 -10.52 17.07
N GLY L 667 -53.33 -11.54 16.21
CA GLY L 667 -53.21 -12.90 16.70
C GLY L 667 -51.90 -13.13 17.42
N CYS L 668 -50.82 -12.55 16.91
CA CYS L 668 -49.53 -12.65 17.58
C CYS L 668 -49.54 -11.93 18.92
N GLY L 669 -50.16 -10.76 18.98
CA GLY L 669 -50.25 -10.00 20.21
C GLY L 669 -49.97 -8.52 20.04
N CYS L 670 -49.58 -8.12 18.84
CA CYS L 670 -49.21 -6.75 18.55
C CYS L 670 -50.09 -6.19 17.45
N PHE L 671 -50.54 -4.95 17.61
CA PHE L 671 -51.43 -4.35 16.62
C PHE L 671 -50.76 -4.24 15.26
N ASN L 672 -49.48 -3.86 15.24
CA ASN L 672 -48.77 -3.76 13.98
C ASN L 672 -48.64 -5.13 13.32
N VAL L 673 -48.59 -5.13 11.99
CA VAL L 673 -48.48 -6.38 11.24
C VAL L 673 -47.05 -6.68 10.82
N ASN L 674 -46.14 -5.72 10.93
CA ASN L 674 -44.74 -6.00 10.70
C ASN L 674 -44.22 -6.96 11.79
N PRO L 675 -43.17 -7.72 11.50
CA PRO L 675 -42.74 -8.74 12.46
C PRO L 675 -42.17 -8.12 13.73
N SER L 676 -42.48 -8.74 14.87
CA SER L 676 -41.98 -8.30 16.15
C SER L 676 -40.54 -8.80 16.33
N CYS L 677 -39.97 -8.59 17.51
CA CYS L 677 -38.61 -9.02 17.77
C CYS L 677 -38.54 -9.73 19.12
N LEU L 678 -37.62 -10.69 19.21
CA LEU L 678 -37.30 -11.37 20.45
C LEU L 678 -35.79 -11.27 20.65
N PHE L 679 -35.38 -10.56 21.69
CA PHE L 679 -33.98 -10.40 22.03
C PHE L 679 -33.60 -11.45 23.06
N VAL L 680 -32.49 -12.15 22.81
CA VAL L 680 -32.01 -13.22 23.66
C VAL L 680 -30.57 -12.92 24.06
N HIS L 681 -30.28 -13.02 25.35
CA HIS L 681 -28.93 -12.87 25.87
C HIS L 681 -28.56 -14.16 26.58
N THR L 682 -27.54 -14.85 26.08
CA THR L 682 -27.11 -16.13 26.61
C THR L 682 -25.72 -16.00 27.22
N TYR L 683 -25.53 -16.62 28.38
CA TYR L 683 -24.23 -16.69 29.01
C TYR L 683 -23.97 -18.10 29.52
N LEU L 684 -22.72 -18.56 29.38
CA LEU L 684 -22.33 -19.88 29.82
C LEU L 684 -21.88 -19.85 31.27
N GLN L 685 -22.17 -20.91 32.01
CA GLN L 685 -21.71 -21.05 33.38
C GLN L 685 -21.18 -22.45 33.60
N SER L 686 -20.17 -22.56 34.45
CA SER L 686 -19.54 -23.84 34.72
C SER L 686 -20.41 -24.69 35.63
N VAL L 687 -20.56 -25.96 35.27
CA VAL L 687 -21.40 -26.89 36.03
C VAL L 687 -20.60 -27.45 37.20
N ARG L 688 -19.49 -28.11 36.90
CA ARG L 688 -18.64 -28.73 37.91
C ARG L 688 -17.51 -27.78 38.29
N LYS L 689 -17.08 -27.86 39.55
CA LYS L 689 -16.00 -27.04 40.06
C LYS L 689 -14.64 -27.72 39.86
N GLU L 690 -14.37 -28.14 38.63
CA GLU L 690 -13.11 -28.78 38.28
C GLU L 690 -12.75 -28.40 36.85
N ALA L 691 -11.47 -28.52 36.53
CA ALA L 691 -10.98 -28.22 35.19
C ALA L 691 -9.98 -29.28 34.78
N LEU L 692 -9.81 -29.43 33.46
CA LEU L 692 -8.88 -30.38 32.88
C LEU L 692 -7.91 -29.66 31.98
N ARG L 693 -6.63 -30.04 32.04
CA ARG L 693 -5.60 -29.42 31.22
C ARG L 693 -5.22 -30.35 30.09
N VAL L 694 -5.35 -29.87 28.86
CA VAL L 694 -5.05 -30.65 27.66
C VAL L 694 -3.76 -30.12 27.07
N PHE L 695 -2.81 -31.02 26.83
CA PHE L 695 -1.50 -30.66 26.29
C PHE L 695 -1.04 -31.74 25.32
N ASN L 696 0.16 -31.54 24.77
CA ASN L 696 0.75 -32.48 23.83
C ASN L 696 2.25 -32.57 24.10
N CYS L 697 2.85 -33.69 23.71
CA CYS L 697 4.27 -33.93 23.87
C CYS L 697 4.94 -33.81 22.51
N ILE L 698 5.71 -32.74 22.30
CA ILE L 698 6.40 -32.56 21.03
C ILE L 698 7.50 -33.59 20.87
N ASP L 699 8.20 -33.92 21.97
CA ASP L 699 9.26 -34.91 21.91
C ASP L 699 9.47 -35.49 23.30
N TRP L 700 10.08 -36.67 23.35
CA TRP L 700 10.40 -37.37 24.58
C TRP L 700 11.89 -37.35 24.81
N VAL L 701 12.31 -37.16 26.06
CA VAL L 701 13.71 -37.00 26.42
C VAL L 701 14.09 -38.07 27.43
N HIS L 702 15.26 -38.67 27.24
CA HIS L 702 15.79 -39.61 28.21
C HIS L 702 16.14 -38.88 29.50
N LYS L 703 15.90 -39.54 30.63
CA LYS L 703 16.02 -38.88 31.92
C LYS L 703 16.43 -39.91 32.96
N LEU L 704 17.60 -39.71 33.58
CA LEU L 704 18.18 -40.67 34.48
C LEU L 704 18.09 -40.15 35.92
N THR L 705 17.66 -41.03 36.82
CA THR L 705 17.59 -40.73 38.25
C THR L 705 18.73 -41.44 38.96
N LEU L 706 19.50 -40.70 39.74
CA LEU L 706 20.65 -41.23 40.45
C LEU L 706 20.48 -41.01 41.94
N GLU L 707 21.02 -41.95 42.72
CA GLU L 707 21.07 -41.86 44.18
C GLU L 707 22.54 -41.72 44.56
N ILE L 708 22.90 -40.58 45.14
CA ILE L 708 24.29 -40.25 45.41
C ILE L 708 24.62 -40.67 46.84
N THR L 709 25.16 -41.88 46.99
CA THR L 709 25.67 -42.35 48.29
C THR L 709 26.98 -41.62 48.53
N ASP L 710 26.88 -40.47 49.20
CA ASP L 710 28.02 -39.61 49.44
C ASP L 710 28.86 -40.15 50.60
N PHE L 711 30.04 -39.54 50.77
CA PHE L 711 30.92 -39.91 51.87
C PHE L 711 30.28 -39.55 53.20
N ASP L 712 30.12 -40.56 54.07
CA ASP L 712 29.52 -40.38 55.39
C ASP L 712 28.12 -39.77 55.29
N GLY L 713 27.22 -40.52 54.65
CA GLY L 713 25.86 -40.08 54.47
C GLY L 713 25.38 -40.21 53.04
N SER L 714 24.24 -40.89 52.84
CA SER L 714 23.71 -41.16 51.51
C SER L 714 22.39 -40.43 51.26
N VAL L 715 22.19 -39.27 51.90
CA VAL L 715 20.96 -38.50 51.72
C VAL L 715 21.22 -37.57 50.54
N SER L 716 21.05 -38.12 49.33
CA SER L 716 21.20 -37.34 48.11
C SER L 716 20.58 -38.12 46.95
N THR L 717 19.55 -37.55 46.34
CA THR L 717 18.94 -38.12 45.14
C THR L 717 18.75 -37.02 44.13
N ILE L 718 19.18 -37.26 42.89
CA ILE L 718 19.14 -36.26 41.83
C ILE L 718 18.55 -36.89 40.57
N ASP L 719 18.09 -36.02 39.68
CA ASP L 719 17.52 -36.44 38.40
C ASP L 719 18.02 -35.49 37.32
N LEU L 720 18.44 -36.03 36.18
CA LEU L 720 19.01 -35.18 35.15
C LEU L 720 18.89 -35.85 33.79
N GLY L 721 18.97 -35.02 32.74
CA GLY L 721 18.79 -35.46 31.38
C GLY L 721 20.09 -35.59 30.61
N ALA L 722 19.98 -35.59 29.30
CA ALA L 722 21.13 -35.79 28.43
C ALA L 722 21.95 -34.51 28.33
N SER L 723 23.28 -34.67 28.40
CA SER L 723 24.22 -33.55 28.26
C SER L 723 23.90 -32.43 29.23
N SER L 724 23.55 -32.81 30.47
CA SER L 724 23.19 -31.85 31.50
C SER L 724 23.99 -32.13 32.76
N SER L 725 24.25 -31.08 33.52
CA SER L 725 24.97 -31.17 34.77
C SER L 725 24.14 -30.56 35.89
N ARG L 726 24.31 -31.12 37.09
CA ARG L 726 23.63 -30.64 38.28
C ARG L 726 24.67 -30.28 39.33
N PHE L 727 24.53 -29.08 39.90
CA PHE L 727 25.48 -28.55 40.88
C PHE L 727 25.13 -29.09 42.25
N THR L 728 25.58 -30.32 42.50
CA THR L 728 25.38 -30.96 43.80
C THR L 728 26.42 -30.43 44.78
N ASN L 729 26.53 -31.09 45.93
CA ASN L 729 27.63 -30.79 46.84
C ASN L 729 28.95 -31.26 46.21
N TRP L 730 30.05 -30.87 46.85
CA TRP L 730 31.41 -31.20 46.42
C TRP L 730 31.62 -31.04 44.91
N GLY L 731 30.98 -30.03 44.32
CA GLY L 731 31.17 -29.80 42.90
C GLY L 731 29.89 -29.98 42.09
N SER L 732 29.96 -30.82 41.06
CA SER L 732 28.81 -31.04 40.20
C SER L 732 28.94 -32.41 39.54
N VAL L 733 27.80 -32.92 39.07
CA VAL L 733 27.73 -34.20 38.40
C VAL L 733 27.09 -33.99 37.03
N SER L 734 27.76 -34.46 35.98
CA SER L 734 27.24 -34.28 34.63
C SER L 734 26.97 -35.64 34.01
N LEU L 735 26.02 -35.68 33.08
CA LEU L 735 25.68 -36.91 32.37
C LEU L 735 25.87 -36.70 30.88
N SER L 736 26.56 -37.63 30.24
CA SER L 736 26.76 -37.56 28.80
C SER L 736 25.55 -38.09 28.04
N LEU L 737 25.23 -39.37 28.22
CA LEU L 737 24.13 -40.04 27.55
C LEU L 737 24.16 -39.74 26.05
N ASP L 738 25.22 -40.21 25.41
CA ASP L 738 25.50 -39.87 24.02
C ASP L 738 24.74 -40.73 23.02
N ALA L 739 24.10 -41.81 23.47
CA ALA L 739 23.41 -42.70 22.55
C ALA L 739 22.26 -42.01 21.83
N GLU L 740 21.23 -41.61 22.57
CA GLU L 740 20.05 -41.00 21.99
C GLU L 740 19.49 -39.97 22.96
N GLY L 741 19.47 -38.71 22.55
CA GLY L 741 18.86 -37.66 23.35
C GLY L 741 17.40 -37.43 23.10
N ILE L 742 16.76 -38.23 22.26
CA ILE L 742 15.36 -38.04 21.88
C ILE L 742 14.82 -39.38 21.42
N SER L 743 13.48 -39.50 21.40
CA SER L 743 12.82 -40.72 20.97
C SER L 743 11.62 -40.41 20.09
N GLY L 744 11.77 -39.45 19.18
CA GLY L 744 10.72 -39.13 18.24
C GLY L 744 9.59 -38.31 18.84
N SER L 745 8.47 -38.30 18.13
CA SER L 745 7.31 -37.50 18.52
C SER L 745 6.04 -38.34 18.52
N ASN L 746 4.89 -37.68 18.66
CA ASN L 746 3.61 -38.37 18.70
C ASN L 746 2.52 -37.43 18.18
N SER L 747 1.34 -38.00 17.94
CA SER L 747 0.20 -37.26 17.40
C SER L 747 -1.07 -37.55 18.19
N PHE L 748 -0.94 -37.75 19.49
CA PHE L 748 -2.07 -37.88 20.40
C PHE L 748 -2.14 -36.63 21.28
N SER L 749 -3.07 -36.64 22.22
CA SER L 749 -3.16 -35.55 23.19
C SER L 749 -3.29 -36.14 24.59
N PHE L 750 -2.86 -35.37 25.60
CA PHE L 750 -2.88 -35.84 26.97
C PHE L 750 -3.69 -34.89 27.84
N ILE L 751 -4.37 -35.47 28.81
CA ILE L 751 -5.25 -34.74 29.73
C ILE L 751 -4.70 -34.91 31.14
N GLU L 752 -4.73 -33.84 31.91
CA GLU L 752 -4.30 -33.86 33.30
C GLU L 752 -5.43 -33.31 34.16
N SER L 753 -5.83 -34.09 35.16
CA SER L 753 -6.75 -33.61 36.19
C SER L 753 -5.96 -33.41 37.48
N PRO L 754 -5.77 -32.16 37.92
CA PRO L 754 -4.89 -31.91 39.08
C PRO L 754 -5.42 -32.61 40.33
N GLY L 755 -4.52 -33.34 40.99
CA GLY L 755 -4.90 -34.12 42.15
C GLY L 755 -5.60 -35.41 41.83
N LYS L 756 -5.77 -35.74 40.55
CA LYS L 756 -6.47 -36.96 40.16
C LYS L 756 -5.71 -37.82 39.16
N GLY L 757 -4.84 -37.25 38.34
CA GLY L 757 -4.00 -38.07 37.49
C GLY L 757 -3.97 -37.56 36.07
N TYR L 758 -3.70 -38.47 35.15
CA TYR L 758 -3.57 -38.14 33.72
C TYR L 758 -4.40 -39.12 32.89
N ALA L 759 -4.46 -38.84 31.60
CA ALA L 759 -5.20 -39.66 30.65
C ALA L 759 -4.71 -39.32 29.25
N ILE L 760 -5.10 -40.16 28.29
CA ILE L 760 -4.69 -40.01 26.90
C ILE L 760 -5.93 -40.01 26.02
N VAL L 761 -5.98 -39.08 25.06
CA VAL L 761 -7.03 -39.03 24.06
C VAL L 761 -6.41 -39.13 22.68
N ASP L 762 -7.06 -39.91 21.83
CA ASP L 762 -6.54 -40.28 20.51
C ASP L 762 -6.97 -39.29 19.43
N GLU L 763 -6.70 -38.01 19.66
CA GLU L 763 -6.94 -36.99 18.66
C GLU L 763 -5.71 -36.10 18.56
N PRO L 764 -5.44 -35.54 17.38
CA PRO L 764 -4.35 -34.58 17.27
C PRO L 764 -4.64 -33.32 18.07
N PHE L 765 -3.58 -32.73 18.61
CA PHE L 765 -3.72 -31.51 19.40
C PHE L 765 -3.95 -30.34 18.46
N SER L 766 -5.15 -29.79 18.49
CA SER L 766 -5.53 -28.67 17.62
C SER L 766 -5.55 -27.39 18.43
N GLU L 767 -4.86 -26.37 17.91
CA GLU L 767 -4.81 -25.06 18.56
C GLU L 767 -6.00 -24.18 18.23
N ILE L 768 -6.90 -24.64 17.37
CA ILE L 768 -8.11 -23.90 17.00
C ILE L 768 -9.32 -24.72 17.46
N PRO L 769 -10.24 -24.14 18.21
CA PRO L 769 -11.39 -24.91 18.69
C PRO L 769 -12.23 -25.44 17.54
N ARG L 770 -12.79 -26.63 17.73
CA ARG L 770 -13.59 -27.28 16.71
C ARG L 770 -14.86 -27.84 17.33
N GLN L 771 -15.99 -27.61 16.68
CA GLN L 771 -17.26 -28.10 17.19
C GLN L 771 -17.30 -29.62 17.13
N GLY L 772 -17.80 -30.23 18.20
CA GLY L 772 -17.93 -31.68 18.25
C GLY L 772 -16.66 -32.42 18.62
N PHE L 773 -15.60 -31.72 19.00
CA PHE L 773 -14.35 -32.33 19.42
C PHE L 773 -14.06 -31.91 20.86
N LEU L 774 -12.88 -32.31 21.34
CA LEU L 774 -12.42 -31.86 22.64
C LEU L 774 -11.85 -30.45 22.54
N GLY L 775 -11.96 -29.70 23.64
CA GLY L 775 -11.48 -28.33 23.65
C GLY L 775 -12.24 -27.41 22.73
N GLU L 776 -13.55 -27.63 22.58
CA GLU L 776 -14.38 -26.70 21.82
C GLU L 776 -14.46 -25.35 22.52
N ILE L 777 -14.53 -25.36 23.85
CA ILE L 777 -14.38 -24.15 24.66
C ILE L 777 -13.10 -24.32 25.47
N ARG L 778 -12.11 -23.47 25.21
CA ARG L 778 -10.81 -23.59 25.84
C ARG L 778 -10.41 -22.26 26.46
N CYS L 779 -9.69 -22.33 27.58
CA CYS L 779 -9.23 -21.16 28.29
C CYS L 779 -7.73 -21.22 28.51
N ASN L 780 -7.18 -20.30 29.31
CA ASN L 780 -5.76 -20.26 29.59
C ASN L 780 -5.43 -20.54 31.05
N SER L 781 -6.42 -20.73 31.91
CA SER L 781 -6.16 -20.97 33.31
C SER L 781 -7.36 -21.68 33.92
N GLU L 782 -7.14 -22.32 35.07
CA GLU L 782 -8.23 -23.01 35.75
C GLU L 782 -9.28 -22.05 36.26
N SER L 783 -8.87 -20.86 36.69
CA SER L 783 -9.82 -19.87 37.16
C SER L 783 -10.75 -19.42 36.04
N SER L 784 -10.21 -19.23 34.84
CA SER L 784 -11.04 -18.84 33.70
C SER L 784 -12.07 -19.91 33.40
N VAL L 785 -11.68 -21.17 33.48
CA VAL L 785 -12.62 -22.26 33.24
C VAL L 785 -13.70 -22.28 34.32
N LEU L 786 -13.30 -22.17 35.58
CA LEU L 786 -14.27 -22.27 36.67
C LEU L 786 -15.17 -21.04 36.77
N SER L 787 -14.78 -19.92 36.16
CA SER L 787 -15.57 -18.71 36.19
C SER L 787 -16.20 -18.36 34.85
N ALA L 788 -15.99 -19.19 33.83
CA ALA L 788 -16.53 -18.96 32.49
C ALA L 788 -16.16 -17.56 31.98
N HIS L 789 -14.88 -17.21 32.16
CA HIS L 789 -14.42 -15.87 31.81
C HIS L 789 -14.49 -15.65 30.31
N GLU L 790 -14.68 -14.39 29.92
CA GLU L 790 -14.86 -14.06 28.50
C GLU L 790 -13.59 -14.22 27.68
N SER L 791 -12.43 -14.31 28.33
CA SER L 791 -11.18 -14.50 27.59
C SER L 791 -11.07 -15.88 26.99
N CYS L 792 -11.92 -16.83 27.38
CA CYS L 792 -11.90 -18.16 26.81
C CYS L 792 -12.32 -18.12 25.35
N LEU L 793 -11.69 -18.95 24.54
CA LEU L 793 -12.04 -19.08 23.13
C LEU L 793 -13.01 -20.23 22.93
N ARG L 794 -13.88 -20.07 21.94
CA ARG L 794 -14.84 -21.12 21.62
C ARG L 794 -15.16 -21.06 20.13
N ALA L 795 -15.62 -22.20 19.61
CA ALA L 795 -15.94 -22.31 18.20
C ALA L 795 -17.25 -21.60 17.89
N PRO L 796 -17.47 -21.23 16.63
CA PRO L 796 -18.74 -20.61 16.26
C PRO L 796 -19.91 -21.59 16.30
N ASN L 797 -21.11 -21.03 16.52
CA ASN L 797 -22.37 -21.78 16.54
C ASN L 797 -22.30 -23.02 17.44
N LEU L 798 -22.13 -22.77 18.74
CA LEU L 798 -22.24 -23.84 19.72
C LEU L 798 -23.60 -23.92 20.37
N ILE L 799 -24.36 -22.82 20.41
CA ILE L 799 -25.61 -22.77 21.15
C ILE L 799 -26.76 -23.01 20.18
N SER L 800 -27.67 -23.90 20.56
CA SER L 800 -28.85 -24.22 19.75
C SER L 800 -30.05 -23.49 20.35
N TYR L 801 -30.74 -22.73 19.50
CA TYR L 801 -31.86 -21.88 19.90
C TYR L 801 -33.16 -22.44 19.33
N LYS L 802 -34.17 -22.54 20.19
CA LYS L 802 -35.50 -23.03 19.81
C LYS L 802 -36.49 -21.94 20.17
N PRO L 803 -36.72 -20.97 19.27
CA PRO L 803 -37.62 -19.84 19.53
C PRO L 803 -39.09 -20.16 19.29
N MET L 804 -39.56 -21.25 19.87
CA MET L 804 -40.96 -21.59 19.76
C MET L 804 -41.82 -20.59 20.53
N ILE L 805 -43.06 -20.42 20.07
CA ILE L 805 -43.86 -19.25 20.43
C ILE L 805 -44.19 -19.17 21.90
N ASP L 806 -44.13 -20.29 22.64
CA ASP L 806 -44.48 -20.24 24.06
C ASP L 806 -43.30 -19.78 24.89
N GLN L 807 -42.19 -20.53 24.84
CA GLN L 807 -40.97 -20.13 25.53
C GLN L 807 -39.77 -20.57 24.72
N LEU L 808 -38.69 -19.80 24.82
CA LEU L 808 -37.46 -20.12 24.11
C LEU L 808 -36.71 -21.24 24.81
N GLU L 809 -36.07 -22.10 24.03
CA GLU L 809 -35.25 -23.18 24.56
C GLU L 809 -33.81 -22.96 24.11
N CYS L 810 -32.94 -22.64 25.06
CA CYS L 810 -31.51 -22.47 24.79
C CYS L 810 -30.81 -23.73 25.30
N THR L 811 -30.22 -24.49 24.39
CA THR L 811 -29.56 -25.72 24.81
C THR L 811 -28.48 -26.09 23.80
N THR L 812 -27.52 -26.89 24.26
CA THR L 812 -26.42 -27.29 23.40
C THR L 812 -25.93 -28.67 23.83
N ASN L 813 -25.29 -29.36 22.89
CA ASN L 813 -24.66 -30.65 23.14
C ASN L 813 -23.16 -30.45 23.13
N LEU L 814 -22.52 -30.73 24.26
CA LEU L 814 -21.09 -30.48 24.44
C LEU L 814 -20.42 -31.76 24.91
N ILE L 815 -19.24 -32.03 24.35
CA ILE L 815 -18.47 -33.19 24.78
C ILE L 815 -18.04 -32.99 26.22
N ASP L 816 -18.44 -33.90 27.09
CA ASP L 816 -18.04 -33.83 28.49
C ASP L 816 -16.57 -34.20 28.59
N PRO L 817 -15.68 -33.26 28.91
CA PRO L 817 -14.26 -33.61 29.00
C PRO L 817 -13.97 -34.61 30.11
N PHE L 818 -14.78 -34.64 31.16
CA PHE L 818 -14.53 -35.57 32.25
C PHE L 818 -14.80 -37.01 31.82
N VAL L 819 -15.79 -37.22 30.95
CA VAL L 819 -16.07 -38.55 30.43
C VAL L 819 -14.89 -39.05 29.60
N VAL L 820 -14.38 -38.18 28.73
CA VAL L 820 -13.23 -38.56 27.91
C VAL L 820 -12.00 -38.80 28.77
N PHE L 821 -11.84 -38.01 29.84
CA PHE L 821 -10.73 -38.21 30.77
C PHE L 821 -10.83 -39.57 31.45
N GLU L 822 -12.03 -39.95 31.89
CA GLU L 822 -12.19 -41.24 32.55
C GLU L 822 -12.06 -42.40 31.57
N ARG L 823 -12.39 -42.17 30.30
CA ARG L 823 -12.31 -43.24 29.31
C ARG L 823 -10.86 -43.68 29.08
N GLY L 824 -9.94 -42.73 29.07
CA GLY L 824 -8.57 -43.02 28.66
C GLY L 824 -7.51 -42.84 29.71
N SER L 825 -7.75 -43.30 30.94
CA SER L 825 -6.75 -43.22 32.01
C SER L 825 -5.42 -43.78 31.53
N LEU L 826 -4.33 -43.27 32.12
CA LEU L 826 -3.02 -43.39 31.51
C LEU L 826 -2.59 -44.81 31.14
N PRO L 827 -2.76 -45.84 31.99
CA PRO L 827 -2.15 -47.14 31.64
C PRO L 827 -2.77 -47.73 30.39
N GLN L 828 -2.39 -47.15 29.24
CA GLN L 828 -2.88 -47.53 27.93
C GLN L 828 -1.70 -47.73 27.00
N THR L 829 -1.81 -48.73 26.13
CA THR L 829 -0.77 -49.03 25.16
C THR L 829 -1.29 -48.71 23.76
N ARG L 830 -0.56 -47.86 23.05
CA ARG L 830 -0.88 -47.50 21.67
C ARG L 830 0.34 -47.79 20.81
N ASN L 831 0.15 -48.62 19.79
CA ASN L 831 1.21 -49.07 18.88
C ASN L 831 2.52 -49.33 19.63
N ASP L 832 2.41 -50.07 20.74
CA ASP L 832 3.55 -50.50 21.54
C ASP L 832 4.33 -49.29 22.09
N LYS L 833 3.63 -48.48 22.87
CA LYS L 833 4.28 -47.36 23.56
C LYS L 833 4.00 -47.32 25.05
N THR L 834 2.79 -47.71 25.48
CA THR L 834 2.44 -47.88 26.88
C THR L 834 2.81 -46.65 27.72
N PHE L 835 2.13 -45.54 27.42
CA PHE L 835 2.26 -44.34 28.23
C PHE L 835 1.69 -44.58 29.62
N ALA L 836 2.35 -44.01 30.62
CA ALA L 836 1.93 -44.19 32.00
C ALA L 836 2.44 -43.02 32.83
N ALA L 837 1.95 -42.93 34.06
CA ALA L 837 2.29 -41.82 34.93
C ALA L 837 3.70 -41.97 35.47
N SER L 838 4.48 -40.89 35.41
CA SER L 838 5.81 -40.89 35.98
C SER L 838 5.73 -40.99 37.50
N LYS L 839 6.79 -41.52 38.10
CA LYS L 839 6.83 -41.68 39.55
C LYS L 839 6.67 -40.32 40.22
N GLY L 840 5.78 -40.26 41.21
CA GLY L 840 5.39 -39.01 41.81
C GLY L 840 4.27 -38.28 41.10
N ASN L 841 3.78 -38.83 39.98
CA ASN L 841 2.69 -38.25 39.18
C ASN L 841 2.95 -36.78 38.83
N ARG L 842 4.18 -36.49 38.41
CA ARG L 842 4.56 -35.18 37.87
C ARG L 842 4.57 -35.14 36.35
N GLY L 843 4.12 -36.19 35.69
CA GLY L 843 4.14 -36.21 34.24
C GLY L 843 3.81 -37.59 33.70
N VAL L 844 4.15 -37.80 32.43
CA VAL L 844 3.89 -39.05 31.74
C VAL L 844 5.20 -39.61 31.20
N GLN L 845 5.20 -40.92 30.96
CA GLN L 845 6.35 -41.64 30.44
C GLN L 845 6.03 -42.22 29.07
N ALA L 846 6.98 -42.98 28.53
CA ALA L 846 6.77 -43.68 27.26
C ALA L 846 7.69 -44.90 27.26
N PHE L 847 7.12 -46.07 27.52
CA PHE L 847 7.88 -47.31 27.56
C PHE L 847 8.04 -47.84 26.14
N SER L 848 9.23 -47.73 25.57
CA SER L 848 9.50 -48.20 24.23
C SER L 848 10.80 -49.00 24.21
N LYS L 849 10.90 -49.91 23.26
CA LYS L 849 12.10 -50.73 23.12
C LYS L 849 13.29 -49.85 22.72
N GLY L 850 14.39 -50.02 23.44
CA GLY L 850 15.59 -49.25 23.15
C GLY L 850 16.56 -49.34 24.31
N SER L 851 17.72 -48.71 24.10
CA SER L 851 18.76 -48.66 25.10
C SER L 851 19.61 -47.43 24.88
N VAL L 852 20.33 -47.01 25.93
CA VAL L 852 21.18 -45.84 25.87
C VAL L 852 22.52 -46.16 26.53
N GLN L 853 23.53 -45.35 26.19
CA GLN L 853 24.85 -45.43 26.79
C GLN L 853 25.07 -44.19 27.63
N ALA L 854 25.32 -44.37 28.92
CA ALA L 854 25.47 -43.26 29.85
C ALA L 854 26.88 -43.29 30.43
N ASP L 855 27.58 -42.16 30.33
CA ASP L 855 28.92 -41.99 30.87
C ASP L 855 28.93 -40.72 31.70
N LEU L 856 28.55 -40.84 32.97
CA LEU L 856 28.49 -39.67 33.84
C LEU L 856 29.88 -39.32 34.37
N THR L 857 30.07 -38.03 34.63
CA THR L 857 31.35 -37.49 35.05
C THR L 857 31.19 -36.74 36.37
N LEU L 858 32.09 -37.01 37.30
CA LEU L 858 32.23 -36.21 38.50
C LEU L 858 33.25 -35.10 38.27
N MET L 859 33.25 -34.12 39.17
CA MET L 859 34.23 -33.03 39.07
C MET L 859 34.36 -32.36 40.43
N PHE L 860 35.61 -32.09 40.82
CA PHE L 860 35.91 -31.41 42.09
C PHE L 860 35.33 -32.15 43.29
N ASP L 861 35.20 -33.48 43.19
CA ASP L 861 34.59 -34.27 44.26
C ASP L 861 35.48 -34.23 45.49
N ASN L 862 35.04 -33.50 46.52
CA ASN L 862 35.80 -33.38 47.77
C ASN L 862 34.81 -33.45 48.94
N PHE L 863 34.84 -34.56 49.67
CA PHE L 863 33.99 -34.71 50.85
C PHE L 863 34.76 -35.61 51.84
N GLU L 864 35.49 -34.98 52.75
CA GLU L 864 36.33 -35.71 53.69
C GLU L 864 36.26 -35.03 55.06
N VAL L 865 36.36 -35.86 56.09
CA VAL L 865 36.37 -35.40 57.48
C VAL L 865 37.54 -36.06 58.20
N ASP L 866 37.68 -35.75 59.48
CA ASP L 866 38.80 -36.23 60.29
C ASP L 866 38.45 -37.41 61.17
N PHE L 867 37.21 -37.52 61.63
CA PHE L 867 36.83 -38.59 62.55
C PHE L 867 36.91 -39.97 61.93
N VAL L 868 37.02 -40.08 60.61
CA VAL L 868 37.10 -41.38 59.94
C VAL L 868 38.47 -42.02 60.05
N GLY L 869 39.43 -41.35 60.71
CA GLY L 869 40.76 -41.92 60.84
C GLY L 869 40.80 -43.19 61.67
N ALA L 870 39.84 -43.34 62.58
CA ALA L 870 39.78 -44.53 63.42
C ALA L 870 39.38 -45.75 62.61
N ALA L 871 39.89 -46.91 63.00
CA ALA L 871 39.59 -48.16 62.32
C ALA L 871 38.39 -48.85 62.95
N VAL L 872 37.78 -49.76 62.19
CA VAL L 872 36.60 -50.50 62.62
C VAL L 872 36.71 -51.91 62.05
N SER L 873 36.25 -52.90 62.83
CA SER L 873 36.26 -54.28 62.42
C SER L 873 34.83 -54.78 62.23
N CYS L 874 34.68 -55.79 61.38
CA CYS L 874 33.37 -56.38 61.12
C CYS L 874 33.55 -57.86 60.84
N ASP L 875 32.41 -58.54 60.64
CA ASP L 875 32.39 -59.93 60.23
C ASP L 875 31.33 -60.10 59.14
N ALA L 876 31.64 -60.90 58.13
CA ALA L 876 30.75 -61.10 57.00
C ALA L 876 30.53 -62.59 56.77
N ALA L 877 29.34 -62.91 56.26
CA ALA L 877 28.96 -64.30 55.98
C ALA L 877 28.19 -64.33 54.67
N PHE L 878 28.65 -65.15 53.73
CA PHE L 878 27.97 -65.29 52.45
C PHE L 878 26.57 -65.89 52.66
N LEU L 879 25.59 -65.36 51.94
CA LEU L 879 24.19 -65.76 52.14
C LEU L 879 23.67 -66.59 50.97
N ASN L 880 23.68 -66.05 49.76
CA ASN L 880 23.21 -66.79 48.58
C ASN L 880 23.57 -66.00 47.32
N LEU L 881 23.16 -66.55 46.18
CA LEU L 881 23.43 -65.97 44.87
C LEU L 881 22.23 -66.27 43.98
N THR L 882 21.69 -65.25 43.31
CA THR L 882 20.61 -65.47 42.36
C THR L 882 20.84 -64.61 41.13
N GLY L 883 20.05 -64.85 40.09
CA GLY L 883 20.06 -64.00 38.92
C GLY L 883 20.55 -64.75 37.70
N CYS L 884 21.06 -63.98 36.73
CA CYS L 884 21.50 -64.50 35.44
C CYS L 884 22.91 -64.03 35.15
N TYR L 885 23.40 -64.38 33.97
CA TYR L 885 24.73 -63.99 33.51
C TYR L 885 24.61 -63.32 32.15
N SER L 886 25.53 -62.38 31.88
CA SER L 886 25.57 -61.66 30.61
C SER L 886 24.22 -60.99 30.32
N CYS L 887 23.56 -60.51 31.37
CA CYS L 887 22.23 -59.94 31.26
C CYS L 887 22.22 -58.53 31.85
N ASN L 888 21.35 -57.69 31.29
CA ASN L 888 21.21 -56.33 31.81
C ASN L 888 20.67 -56.34 33.23
N ALA L 889 19.82 -57.30 33.58
CA ALA L 889 19.30 -57.40 34.93
C ALA L 889 20.41 -57.71 35.93
N GLY L 890 21.35 -58.58 35.55
CA GLY L 890 22.48 -58.90 36.40
C GLY L 890 22.17 -59.97 37.43
N ALA L 891 23.14 -60.14 38.33
CA ALA L 891 23.09 -61.16 39.37
C ALA L 891 23.07 -60.50 40.74
N ARG L 892 22.21 -60.99 41.63
CA ARG L 892 22.06 -60.45 42.96
C ARG L 892 22.85 -61.29 43.96
N VAL L 893 23.69 -60.61 44.75
CA VAL L 893 24.47 -61.21 45.82
C VAL L 893 24.04 -60.58 47.13
N CYS L 894 23.65 -61.41 48.09
CA CYS L 894 23.28 -60.92 49.40
C CYS L 894 24.26 -61.44 50.44
N LEU L 895 24.66 -60.55 51.34
CA LEU L 895 25.67 -60.83 52.35
C LEU L 895 25.14 -60.47 53.73
N SER L 896 25.44 -61.33 54.70
CA SER L 896 25.14 -61.08 56.10
C SER L 896 26.38 -60.45 56.74
N ILE L 897 26.25 -59.19 57.15
CA ILE L 897 27.35 -58.45 57.74
C ILE L 897 27.11 -58.33 59.24
N THR L 898 28.03 -58.86 60.03
CA THR L 898 27.98 -58.75 61.49
C THR L 898 29.11 -57.80 61.89
N SER L 899 28.75 -56.56 62.24
CA SER L 899 29.72 -55.52 62.49
C SER L 899 29.48 -54.89 63.85
N THR L 900 30.53 -54.30 64.41
CA THR L 900 30.45 -53.61 65.69
C THR L 900 30.09 -52.14 65.55
N GLY L 901 30.02 -51.62 64.34
CA GLY L 901 29.71 -50.22 64.16
C GLY L 901 29.60 -49.86 62.69
N THR L 902 29.58 -48.57 62.43
CA THR L 902 29.46 -48.07 61.06
C THR L 902 30.72 -48.41 60.26
N GLY L 903 30.52 -48.78 58.99
CA GLY L 903 31.63 -49.11 58.13
C GLY L 903 31.13 -49.57 56.79
N SER L 904 32.09 -49.96 55.94
CA SER L 904 31.83 -50.42 54.59
C SER L 904 32.46 -51.79 54.38
N LEU L 905 32.44 -52.25 53.13
CA LEU L 905 32.99 -53.55 52.76
C LEU L 905 33.65 -53.42 51.40
N SER L 906 34.81 -54.06 51.25
CA SER L 906 35.65 -53.88 50.06
C SER L 906 36.17 -55.22 49.54
N ALA L 907 35.26 -56.19 49.40
CA ALA L 907 35.66 -57.49 48.88
C ALA L 907 36.07 -57.39 47.42
N HIS L 908 37.27 -57.88 47.10
CA HIS L 908 37.79 -57.87 45.74
C HIS L 908 38.24 -59.27 45.38
N ASN L 909 37.95 -59.68 44.14
CA ASN L 909 38.34 -61.00 43.69
C ASN L 909 39.86 -61.06 43.47
N LYS L 910 40.35 -62.24 43.10
CA LYS L 910 41.79 -62.44 42.94
C LYS L 910 42.36 -61.55 41.84
N ASP L 911 41.65 -61.43 40.72
CA ASP L 911 42.11 -60.64 39.59
C ASP L 911 41.68 -59.19 39.66
N GLY L 912 40.89 -58.80 40.67
CA GLY L 912 40.46 -57.42 40.81
C GLY L 912 39.37 -56.99 39.85
N SER L 913 38.79 -57.91 39.08
CA SER L 913 37.78 -57.52 38.10
C SER L 913 36.46 -57.19 38.77
N LEU L 914 36.07 -57.97 39.78
CA LEU L 914 34.77 -57.82 40.43
C LEU L 914 34.95 -57.25 41.83
N HIS L 915 34.16 -56.24 42.17
CA HIS L 915 34.22 -55.58 43.46
C HIS L 915 32.85 -55.60 44.11
N ILE L 916 32.83 -55.84 45.42
CA ILE L 916 31.59 -55.87 46.19
C ILE L 916 31.71 -54.86 47.32
N VAL L 917 30.75 -53.95 47.41
CA VAL L 917 30.72 -52.92 48.44
C VAL L 917 29.37 -52.96 49.13
N LEU L 918 29.38 -53.03 50.46
CA LEU L 918 28.17 -53.07 51.26
C LEU L 918 28.42 -52.39 52.60
N PRO L 919 27.53 -51.50 53.04
CA PRO L 919 27.73 -50.85 54.34
C PRO L 919 27.64 -51.85 55.48
N SER L 920 28.38 -51.56 56.55
CA SER L 920 28.41 -52.39 57.75
C SER L 920 27.87 -51.59 58.92
N GLU L 921 26.97 -52.19 59.69
CA GLU L 921 26.33 -51.53 60.82
C GLU L 921 26.41 -52.41 62.06
N ASN L 922 26.11 -51.81 63.21
CA ASN L 922 26.17 -52.53 64.48
C ASN L 922 25.19 -53.69 64.48
N GLY L 923 25.59 -54.78 65.12
CA GLY L 923 24.80 -56.01 65.09
C GLY L 923 24.94 -56.74 63.77
N THR L 924 23.93 -57.54 63.48
CA THR L 924 23.89 -58.31 62.24
C THR L 924 22.85 -57.72 61.30
N LYS L 925 23.23 -57.54 60.04
CA LYS L 925 22.35 -57.01 59.02
C LYS L 925 22.50 -57.83 57.75
N ASP L 926 21.50 -57.73 56.87
CA ASP L 926 21.49 -58.46 55.60
C ASP L 926 21.41 -57.45 54.47
N GLN L 927 22.53 -57.21 53.79
CA GLN L 927 22.57 -56.29 52.66
C GLN L 927 22.66 -57.07 51.36
N CYS L 928 22.43 -56.38 50.25
CA CYS L 928 22.45 -57.00 48.93
C CYS L 928 23.05 -56.04 47.92
N GLN L 929 23.55 -56.61 46.83
CA GLN L 929 24.30 -55.89 45.81
C GLN L 929 24.06 -56.57 44.46
N ILE L 930 24.37 -55.84 43.39
CA ILE L 930 24.14 -56.31 42.03
C ILE L 930 25.48 -56.32 41.29
N LEU L 931 25.79 -57.44 40.65
CA LEU L 931 27.01 -57.60 39.87
C LEU L 931 26.67 -58.22 38.52
N HIS L 932 27.70 -58.42 37.70
CA HIS L 932 27.58 -59.00 36.37
C HIS L 932 28.49 -60.21 36.26
N PHE L 933 28.02 -61.24 35.55
CA PHE L 933 28.76 -62.47 35.36
C PHE L 933 28.57 -62.96 33.94
N THR L 934 29.43 -63.90 33.53
CA THR L 934 29.35 -64.49 32.20
C THR L 934 29.52 -66.00 32.25
N VAL L 935 29.14 -66.63 33.35
CA VAL L 935 29.31 -68.08 33.51
C VAL L 935 28.04 -68.68 34.09
N PRO L 936 27.63 -69.87 33.66
CA PRO L 936 26.44 -70.50 34.25
C PRO L 936 26.58 -70.79 35.74
N GLU L 937 27.78 -71.10 36.21
CA GLU L 937 28.03 -71.39 37.62
C GLU L 937 29.08 -70.43 38.15
N VAL L 938 28.87 -69.96 39.38
CA VAL L 938 29.76 -68.99 40.00
C VAL L 938 30.40 -69.65 41.22
N GLU L 939 31.74 -69.66 41.24
CA GLU L 939 32.49 -70.23 42.34
C GLU L 939 33.80 -69.43 42.44
N GLU L 940 33.82 -68.45 43.33
CA GLU L 940 34.95 -67.54 43.43
C GLU L 940 35.25 -67.22 44.89
N GLU L 941 36.44 -66.65 45.09
CA GLU L 941 36.89 -66.18 46.40
C GLU L 941 37.25 -64.71 46.29
N PHE L 942 36.84 -63.93 47.28
CA PHE L 942 37.05 -62.50 47.33
C PHE L 942 37.83 -62.14 48.59
N MET L 943 38.65 -61.10 48.50
CA MET L 943 39.46 -60.63 49.61
C MET L 943 38.67 -59.52 50.31
N TYR L 944 37.92 -59.88 51.34
CA TYR L 944 37.07 -58.92 52.04
C TYR L 944 37.75 -58.44 53.31
N SER L 945 37.72 -57.13 53.52
CA SER L 945 38.32 -56.51 54.70
C SER L 945 37.74 -55.12 54.90
N CYS L 946 37.11 -54.88 56.05
CA CYS L 946 36.46 -53.61 56.35
C CYS L 946 37.42 -52.76 57.15
N ASP L 947 38.33 -52.06 56.46
CA ASP L 947 39.28 -51.15 57.08
C ASP L 947 40.16 -51.85 58.12
N GLY L 948 40.30 -53.16 58.02
CA GLY L 948 41.06 -53.92 59.00
C GLY L 948 41.82 -55.09 58.40
N ASP L 949 41.84 -56.21 59.11
CA ASP L 949 42.57 -57.38 58.65
C ASP L 949 41.92 -57.99 57.42
N GLU L 950 42.75 -58.50 56.52
CA GLU L 950 42.27 -59.10 55.29
C GLU L 950 41.77 -60.51 55.54
N ARG L 951 40.57 -60.81 55.05
CA ARG L 951 39.95 -62.10 55.27
C ARG L 951 39.38 -62.64 53.96
N PRO L 952 39.20 -63.96 53.85
CA PRO L 952 38.61 -64.53 52.64
C PRO L 952 37.11 -64.74 52.75
N LEU L 953 36.42 -64.53 51.63
CA LEU L 953 34.99 -64.81 51.52
C LEU L 953 34.75 -65.62 50.26
N LEU L 954 34.05 -66.75 50.40
CA LEU L 954 33.85 -67.67 49.28
C LEU L 954 32.39 -67.64 48.88
N VAL L 955 32.13 -67.46 47.58
CA VAL L 955 30.78 -67.32 47.05
C VAL L 955 30.46 -68.52 46.17
N LYS L 956 29.27 -69.09 46.36
CA LYS L 956 28.79 -70.22 45.59
C LYS L 956 27.54 -69.81 44.81
N GLY L 957 26.92 -70.80 44.17
CA GLY L 957 25.66 -70.58 43.48
C GLY L 957 25.80 -70.59 41.96
N THR L 958 24.70 -70.86 41.29
CA THR L 958 24.62 -70.84 39.83
C THR L 958 23.72 -69.70 39.39
N LEU L 959 23.63 -69.51 38.07
CA LEU L 959 22.83 -68.45 37.49
C LEU L 959 21.94 -69.01 36.40
N ILE L 960 20.72 -68.48 36.30
CA ILE L 960 19.77 -68.98 35.31
C ILE L 960 20.15 -68.47 33.93
N ALA L 961 19.60 -69.14 32.91
CA ALA L 961 19.84 -68.79 31.52
C ALA L 961 18.62 -68.07 30.96
N ILE L 962 18.84 -66.87 30.42
CA ILE L 962 17.77 -66.11 29.79
C ILE L 962 17.60 -66.61 28.36
N ASP L 963 16.36 -66.96 28.00
CA ASP L 963 16.08 -67.40 26.64
C ASP L 963 15.80 -66.20 25.76
N PRO L 964 16.64 -65.92 24.78
CA PRO L 964 16.40 -64.78 23.88
C PRO L 964 15.54 -65.16 22.69
N PHE L 965 15.40 -66.48 22.46
CA PHE L 965 14.69 -67.05 21.32
C PHE L 965 15.43 -66.75 20.01
N ASP L 966 16.51 -65.97 20.11
CA ASP L 966 17.35 -65.66 18.96
C ASP L 966 18.67 -65.11 19.49
N ASP L 967 19.76 -65.83 19.25
CA ASP L 967 21.07 -65.42 19.73
C ASP L 967 22.11 -65.62 18.64
N ARG L 968 22.97 -64.63 18.45
CA ARG L 968 24.06 -64.72 17.50
C ARG L 968 25.42 -64.69 18.20
N ARG L 969 25.72 -63.63 18.94
CA ARG L 969 26.99 -63.51 19.65
C ARG L 969 26.82 -63.38 21.16
N GLU L 970 26.04 -62.40 21.62
CA GLU L 970 25.88 -62.12 23.04
C GLU L 970 24.73 -61.14 23.21
N ALA L 971 24.41 -60.82 24.47
CA ALA L 971 23.31 -59.91 24.80
C ALA L 971 23.79 -58.48 25.00
N GLY L 972 24.67 -58.27 25.97
CA GLY L 972 25.18 -56.96 26.31
C GLY L 972 24.94 -56.60 27.76
N GLY L 973 25.42 -55.41 28.13
CA GLY L 973 25.29 -54.94 29.50
C GLY L 973 25.05 -53.44 29.62
N GLU L 974 24.58 -52.82 28.55
CA GLU L 974 24.38 -51.37 28.56
C GLU L 974 23.14 -51.00 29.37
N SER L 975 22.81 -49.71 29.36
CA SER L 975 21.64 -49.20 30.06
C SER L 975 20.44 -49.27 29.12
N THR L 976 19.46 -50.10 29.47
CA THR L 976 18.30 -50.35 28.63
C THR L 976 17.07 -49.72 29.25
N VAL L 977 16.30 -49.01 28.44
CA VAL L 977 15.04 -48.43 28.90
C VAL L 977 13.96 -49.50 28.90
N VAL L 978 12.89 -49.24 29.64
CA VAL L 978 11.80 -50.19 29.75
C VAL L 978 11.05 -50.30 28.42
N ASN L 979 10.65 -51.51 28.07
CA ASN L 979 9.99 -51.82 26.82
C ASN L 979 8.68 -52.55 27.09
N PRO L 980 7.72 -52.47 26.16
CA PRO L 980 6.49 -53.24 26.31
C PRO L 980 6.67 -54.68 25.84
N LYS L 981 5.70 -55.52 26.22
CA LYS L 981 5.75 -56.93 25.84
C LYS L 981 5.61 -57.11 24.33
N SER L 982 4.70 -56.37 23.70
CA SER L 982 4.45 -56.52 22.28
C SER L 982 5.60 -56.03 21.41
N GLY L 983 6.56 -55.31 21.98
CA GLY L 983 7.70 -54.81 21.21
C GLY L 983 8.62 -55.91 20.72
N PRO M 1 -8.71 10.65 47.76
CA PRO M 1 -7.62 10.73 48.73
C PRO M 1 -7.82 9.79 49.91
N HIS M 2 -8.22 8.55 49.64
CA HIS M 2 -8.43 7.58 50.71
C HIS M 2 -7.13 7.20 51.41
N LEU M 3 -5.98 7.42 50.78
CA LEU M 3 -4.70 7.06 51.36
C LEU M 3 -4.34 7.90 52.58
N ARG M 4 -5.04 9.00 52.80
CA ARG M 4 -4.78 9.87 53.94
C ARG M 4 -5.56 9.45 55.18
N ASN M 5 -6.23 8.30 55.14
CA ASN M 5 -6.84 7.71 56.33
C ASN M 5 -5.82 6.74 56.91
N ARG M 6 -4.96 7.23 57.77
CA ARG M 6 -3.79 6.47 58.19
C ARG M 6 -4.18 5.42 59.24
N PRO M 7 -3.57 4.25 59.20
CA PRO M 7 -3.79 3.26 60.26
C PRO M 7 -3.17 3.70 61.57
N GLY M 8 -3.76 3.24 62.67
CA GLY M 8 -3.27 3.63 63.96
C GLY M 8 -3.48 5.11 64.23
N LYS M 9 -2.55 5.71 64.97
CA LYS M 9 -2.65 7.12 65.27
C LYS M 9 -2.42 7.98 64.02
N GLY M 10 -1.54 7.54 63.12
CA GLY M 10 -1.20 8.33 61.95
C GLY M 10 -0.43 9.59 62.27
N HIS M 11 0.53 9.52 63.19
CA HIS M 11 1.34 10.67 63.59
C HIS M 11 2.59 10.70 62.70
N ASN M 12 2.52 11.47 61.62
CA ASN M 12 3.62 11.58 60.68
C ASN M 12 4.49 12.79 60.99
N TYR M 13 5.04 12.83 62.20
CA TYR M 13 5.91 13.92 62.60
C TYR M 13 7.06 13.37 63.43
N ILE M 14 8.13 14.15 63.50
CA ILE M 14 9.36 13.75 64.17
C ILE M 14 9.59 14.68 65.35
N ASP M 15 10.26 14.18 66.38
CA ASP M 15 10.51 14.96 67.57
C ASP M 15 11.37 16.18 67.25
N GLY M 16 11.03 17.30 67.86
CA GLY M 16 11.72 18.55 67.59
C GLY M 16 11.08 19.38 66.50
N MET M 17 10.76 18.75 65.36
CA MET M 17 10.10 19.43 64.25
C MET M 17 8.58 19.36 64.45
N THR M 18 8.13 20.02 65.51
CA THR M 18 6.73 20.01 65.91
C THR M 18 6.01 21.31 65.59
N GLN M 19 6.37 21.94 64.47
CA GLN M 19 5.72 23.17 64.04
C GLN M 19 4.63 22.92 63.00
N GLU M 20 4.32 21.66 62.73
CA GLU M 20 3.30 21.29 61.75
C GLU M 20 2.26 20.35 62.36
N ASP M 21 2.04 20.45 63.67
CA ASP M 21 1.10 19.56 64.36
C ASP M 21 -0.34 19.76 63.92
N ALA M 22 -0.65 20.85 63.20
CA ALA M 22 -2.00 21.04 62.71
C ALA M 22 -2.38 19.97 61.70
N THR M 23 -1.45 19.61 60.82
CA THR M 23 -1.73 18.68 59.73
C THR M 23 -0.91 17.40 59.77
N CYS M 24 0.13 17.32 60.59
CA CYS M 24 0.93 16.12 60.68
C CYS M 24 0.59 15.26 61.89
N LYS M 25 0.07 15.86 62.96
CA LYS M 25 -0.74 15.09 63.89
C LYS M 25 -1.99 14.66 63.13
N PRO M 26 -2.72 13.63 63.62
CA PRO M 26 -3.17 12.56 62.71
C PRO M 26 -3.51 13.03 61.31
N VAL M 27 -2.81 12.45 60.34
CA VAL M 27 -2.96 12.85 58.94
C VAL M 27 -4.37 12.56 58.48
N THR M 28 -5.02 13.56 57.89
CA THR M 28 -6.41 13.46 57.48
C THR M 28 -6.51 13.94 56.04
N TYR M 29 -7.71 13.87 55.47
CA TYR M 29 -7.92 14.27 54.09
C TYR M 29 -7.72 15.76 53.88
N ALA M 30 -7.72 16.55 54.95
CA ALA M 30 -7.82 18.01 54.80
C ALA M 30 -6.47 18.65 54.50
N GLY M 31 -5.54 18.56 55.45
CA GLY M 31 -4.34 19.38 55.41
C GLY M 31 -3.27 18.83 54.48
N ALA M 32 -2.07 19.36 54.66
CA ALA M 32 -0.88 18.91 53.93
C ALA M 32 0.27 18.76 54.90
N CYS M 33 0.90 17.60 54.89
CA CYS M 33 2.05 17.31 55.74
C CYS M 33 3.28 17.11 54.87
N SER M 34 4.36 17.83 55.19
CA SER M 34 5.56 17.77 54.37
C SER M 34 6.24 16.40 54.47
N SER M 35 6.22 15.79 55.64
CA SER M 35 6.87 14.51 55.84
C SER M 35 6.05 13.33 55.32
N PHE M 36 4.87 13.58 54.79
CA PHE M 36 4.03 12.51 54.24
C PHE M 36 3.69 12.70 52.78
N ASP M 37 3.44 13.93 52.33
CA ASP M 37 3.00 14.14 50.96
C ASP M 37 4.06 13.74 49.93
N VAL M 38 5.33 13.72 50.32
CA VAL M 38 6.37 13.31 49.38
C VAL M 38 6.21 11.85 49.01
N LEU M 39 5.70 11.02 49.93
CA LEU M 39 5.53 9.61 49.66
C LEU M 39 4.49 9.33 48.58
N LEU M 40 3.57 10.27 48.34
CA LEU M 40 2.48 10.06 47.40
C LEU M 40 2.72 10.70 46.04
N GLU M 41 3.91 11.24 45.78
CA GLU M 41 4.22 11.75 44.45
C GLU M 41 4.43 10.58 43.48
N LYS M 42 3.90 10.74 42.27
CA LYS M 42 3.98 9.67 41.30
C LYS M 42 5.42 9.45 40.86
N GLY M 43 5.81 8.17 40.75
CA GLY M 43 7.14 7.80 40.36
C GLY M 43 8.15 7.69 41.49
N LYS M 44 7.83 8.23 42.66
CA LYS M 44 8.72 8.18 43.81
C LYS M 44 8.10 7.32 44.90
N PHE M 45 8.95 6.58 45.61
CA PHE M 45 8.52 5.63 46.63
C PHE M 45 7.47 4.66 46.08
N PRO M 46 7.81 3.86 45.06
CA PRO M 46 6.80 2.94 44.51
C PRO M 46 6.50 1.76 45.41
N LEU M 47 7.48 1.27 46.18
CA LEU M 47 7.21 0.15 47.07
C LEU M 47 6.20 0.52 48.13
N PHE M 48 6.34 1.69 48.75
CA PHE M 48 5.33 2.14 49.71
C PHE M 48 4.01 2.44 49.00
N GLN M 49 4.07 3.03 47.81
CA GLN M 49 2.84 3.36 47.11
C GLN M 49 2.02 2.12 46.79
N SER M 50 2.69 0.97 46.61
CA SER M 50 1.95 -0.28 46.46
C SER M 50 1.34 -0.69 47.80
N TYR M 51 2.11 -0.66 48.87
CA TYR M 51 1.63 -1.00 50.21
C TYR M 51 1.26 0.27 50.98
N ALA M 52 0.34 1.03 50.39
CA ALA M 52 0.05 2.39 50.85
C ALA M 52 -0.77 2.44 52.13
N HIS M 53 -1.34 1.33 52.58
CA HIS M 53 -2.14 1.31 53.80
C HIS M 53 -1.40 0.68 54.97
N HIS M 54 -0.08 0.54 54.86
CA HIS M 54 0.75 0.13 55.97
C HIS M 54 1.48 1.34 56.54
N ARG M 55 1.92 1.21 57.78
CA ARG M 55 2.52 2.35 58.47
C ARG M 55 3.82 2.77 57.81
N THR M 56 4.15 4.05 57.95
CA THR M 56 5.42 4.59 57.51
C THR M 56 6.45 4.38 58.62
N LEU M 57 7.66 4.91 58.44
CA LEU M 57 8.66 4.80 59.49
C LEU M 57 8.28 5.65 60.70
N LEU M 58 7.83 6.89 60.46
CA LEU M 58 7.44 7.75 61.57
C LEU M 58 6.22 7.22 62.31
N GLU M 59 5.24 6.70 61.56
CA GLU M 59 4.08 6.08 62.19
C GLU M 59 4.49 4.89 63.04
N ALA M 60 5.37 4.03 62.52
CA ALA M 60 5.83 2.88 63.29
C ALA M 60 6.59 3.32 64.54
N VAL M 61 7.34 4.43 64.44
CA VAL M 61 8.02 4.93 65.62
C VAL M 61 7.02 5.40 66.66
N HIS M 62 5.97 6.10 66.24
CA HIS M 62 5.01 6.65 67.19
C HIS M 62 4.06 5.60 67.75
N ASP M 63 3.97 4.42 67.15
CA ASP M 63 3.19 3.32 67.69
C ASP M 63 4.05 2.35 68.50
N THR M 64 5.29 2.74 68.82
CA THR M 64 6.24 1.93 69.57
C THR M 64 6.60 0.62 68.85
N ILE M 65 6.28 0.52 67.56
CA ILE M 65 6.71 -0.64 66.80
C ILE M 65 8.23 -0.62 66.60
N ILE M 66 8.77 0.55 66.24
CA ILE M 66 10.19 0.73 65.99
C ILE M 66 10.74 1.71 67.03
N ALA M 67 11.85 1.35 67.64
CA ALA M 67 12.44 2.19 68.67
C ALA M 67 13.21 3.36 68.03
N LYS M 68 13.74 4.23 68.87
CA LYS M 68 14.54 5.37 68.43
C LYS M 68 15.99 5.16 68.84
N ALA M 69 16.90 5.47 67.93
CA ALA M 69 18.31 5.18 68.15
C ALA M 69 18.89 6.07 69.23
N ASP M 70 20.01 5.61 69.80
CA ASP M 70 20.76 6.44 70.72
C ASP M 70 21.36 7.61 69.95
N PRO M 71 21.56 8.76 70.57
CA PRO M 71 21.31 10.02 69.89
C PRO M 71 20.27 9.88 68.80
N PRO M 72 18.99 10.10 69.12
CA PRO M 72 17.91 9.92 68.14
C PRO M 72 18.18 10.69 66.86
N SER M 73 18.73 11.90 67.00
CA SER M 73 19.19 12.68 65.87
C SER M 73 20.22 13.65 66.41
N CYS M 74 21.50 13.29 66.25
CA CYS M 74 22.56 14.20 66.67
C CYS M 74 22.63 15.37 65.70
N ASP M 75 22.29 16.55 66.19
CA ASP M 75 22.22 17.73 65.34
C ASP M 75 23.60 18.08 64.82
N LEU M 76 23.66 18.39 63.52
CA LEU M 76 24.92 18.82 62.93
C LEU M 76 25.40 20.13 63.52
N GLN M 77 24.49 20.93 64.09
CA GLN M 77 24.90 22.17 64.73
C GLN M 77 25.74 21.90 65.98
N SER M 78 25.39 20.88 66.75
CA SER M 78 26.04 20.60 68.01
C SER M 78 26.92 19.36 68.01
N ALA M 79 26.80 18.50 67.00
CA ALA M 79 27.55 17.24 66.98
C ALA M 79 28.09 16.96 65.59
N HIS M 80 28.65 17.98 64.94
CA HIS M 80 29.26 17.74 63.63
C HIS M 80 30.66 17.16 63.73
N GLY M 81 31.26 17.15 64.91
CA GLY M 81 32.58 16.57 65.08
C GLY M 81 32.55 15.20 65.70
N ASN M 82 31.38 14.57 65.71
CA ASN M 82 31.21 13.24 66.27
C ASN M 82 30.99 12.22 65.17
N PRO M 83 31.38 10.97 65.39
CA PRO M 83 31.17 9.94 64.36
C PRO M 83 29.71 9.57 64.19
N CYS M 84 28.88 10.53 63.80
CA CYS M 84 27.46 10.29 63.56
C CYS M 84 27.20 9.82 62.14
N MET M 85 27.55 10.65 61.16
CA MET M 85 27.19 10.39 59.78
C MET M 85 28.06 9.28 59.20
N LYS M 86 27.85 8.05 59.66
CA LYS M 86 28.56 6.89 59.15
C LYS M 86 27.66 5.97 58.34
N GLU M 87 26.47 5.65 58.86
CA GLU M 87 25.53 4.86 58.09
C GLU M 87 24.89 5.67 56.97
N LYS M 88 24.74 6.99 57.16
CA LYS M 88 24.18 7.83 56.13
C LYS M 88 25.13 7.98 54.95
N LEU M 89 26.44 8.04 55.23
CA LEU M 89 27.41 8.30 54.17
C LEU M 89 27.60 7.13 53.23
N VAL M 90 27.13 5.92 53.61
CA VAL M 90 27.25 4.77 52.72
C VAL M 90 26.03 4.58 51.84
N MET M 91 24.99 5.40 52.01
CA MET M 91 23.80 5.34 51.17
C MET M 91 23.85 6.44 50.12
N LYS M 92 23.26 6.15 48.97
CA LYS M 92 23.13 7.11 47.88
C LYS M 92 21.67 7.56 47.82
N THR M 93 21.39 8.72 48.38
CA THR M 93 20.04 9.25 48.47
C THR M 93 19.89 10.45 47.55
N HIS M 94 18.70 11.06 47.60
CA HIS M 94 18.43 12.24 46.79
C HIS M 94 17.32 13.04 47.48
N CYS M 95 17.70 14.10 48.19
CA CYS M 95 16.71 14.93 48.85
C CYS M 95 16.26 16.06 47.93
N PRO M 96 15.00 16.47 48.02
CA PRO M 96 14.58 17.72 47.36
C PRO M 96 15.07 18.93 48.14
N ASN M 97 14.66 20.12 47.72
CA ASN M 97 15.17 21.33 48.35
C ASN M 97 14.28 21.76 49.51
N ASP M 98 14.82 22.68 50.32
CA ASP M 98 14.11 23.32 51.43
C ASP M 98 13.74 22.34 52.54
N TYR M 99 14.52 21.28 52.73
CA TYR M 99 14.28 20.30 53.78
C TYR M 99 15.39 20.41 54.81
N GLN M 100 15.02 20.61 56.07
CA GLN M 100 15.99 20.78 57.14
C GLN M 100 16.32 19.48 57.87
N SER M 101 15.63 18.39 57.57
CA SER M 101 15.84 17.13 58.28
C SER M 101 15.50 15.97 57.36
N ALA M 102 16.06 14.81 57.69
CA ALA M 102 15.77 13.59 56.94
C ALA M 102 16.00 12.40 57.82
N HIS M 103 15.05 11.47 57.84
CA HIS M 103 15.10 10.32 58.73
C HIS M 103 15.30 9.03 57.94
N TYR M 104 15.96 8.07 58.58
CA TYR M 104 16.25 6.79 57.97
C TYR M 104 16.26 5.73 59.06
N LEU M 105 16.26 4.47 58.63
CA LEU M 105 16.29 3.31 59.51
C LEU M 105 17.72 2.82 59.59
N ASN M 106 18.36 2.97 60.74
CA ASN M 106 19.78 2.67 60.86
C ASN M 106 20.00 1.15 60.92
N ASN M 107 21.27 0.76 61.13
CA ASN M 107 21.64 -0.64 61.03
C ASN M 107 21.03 -1.47 62.15
N ASP M 108 20.92 -0.89 63.35
CA ASP M 108 20.40 -1.63 64.49
C ASP M 108 18.92 -1.92 64.39
N GLY M 109 18.23 -1.35 63.41
CA GLY M 109 16.79 -1.51 63.30
C GLY M 109 15.98 -0.43 63.97
N LYS M 110 16.60 0.69 64.33
CA LYS M 110 15.91 1.83 64.93
C LYS M 110 15.87 2.96 63.92
N MET M 111 15.23 4.06 64.31
CA MET M 111 15.12 5.23 63.45
C MET M 111 16.11 6.30 63.91
N ALA M 112 16.96 6.75 63.00
CA ALA M 112 17.82 7.89 63.24
C ALA M 112 17.49 8.95 62.20
N SER M 113 18.04 10.14 62.38
CA SER M 113 17.81 11.19 61.40
C SER M 113 18.93 12.22 61.47
N VAL M 114 19.08 12.95 60.37
CA VAL M 114 20.06 14.01 60.21
C VAL M 114 19.30 15.32 60.17
N LYS M 115 19.68 16.25 61.05
CA LYS M 115 19.04 17.57 61.13
C LYS M 115 20.10 18.63 60.89
N CYS M 116 19.86 19.48 59.91
CA CYS M 116 20.76 20.59 59.61
C CYS M 116 20.58 21.69 60.64
N PRO M 117 21.57 22.58 60.78
CA PRO M 117 21.43 23.71 61.69
C PRO M 117 20.30 24.63 61.24
N PRO M 118 19.80 25.49 62.12
CA PRO M 118 18.67 26.34 61.74
C PRO M 118 18.98 27.19 60.52
N LYS M 119 17.96 27.34 59.66
CA LYS M 119 17.98 28.10 58.42
C LYS M 119 18.80 27.44 57.32
N TYR M 120 19.44 26.30 57.59
CA TYR M 120 20.13 25.54 56.55
C TYR M 120 19.21 24.48 55.97
N GLU M 121 19.60 23.95 54.82
CA GLU M 121 18.84 22.92 54.13
C GLU M 121 19.78 21.83 53.64
N LEU M 122 19.24 20.62 53.52
CA LEU M 122 20.03 19.49 53.04
C LEU M 122 20.23 19.59 51.54
N THR M 123 21.45 19.30 51.09
CA THR M 123 21.77 19.39 49.67
C THR M 123 21.13 18.22 48.92
N GLU M 124 21.41 18.15 47.62
CA GLU M 124 20.76 17.18 46.75
C GLU M 124 21.15 15.75 47.07
N ASP M 125 22.30 15.53 47.71
CA ASP M 125 22.70 14.20 48.14
C ASP M 125 22.49 13.99 49.63
N CYS M 126 21.86 14.94 50.32
CA CYS M 126 21.55 14.85 51.74
C CYS M 126 22.80 14.69 52.60
N ASN M 127 23.97 15.06 52.07
CA ASN M 127 25.22 14.88 52.79
C ASN M 127 25.74 16.15 53.44
N PHE M 128 25.34 17.32 52.96
CA PHE M 128 25.82 18.59 53.47
C PHE M 128 24.64 19.53 53.69
N CYS M 129 24.85 20.52 54.53
CA CYS M 129 23.89 21.58 54.80
C CYS M 129 24.37 22.88 54.15
N ARG M 130 23.48 23.52 53.39
CA ARG M 130 23.80 24.79 52.75
C ARG M 130 22.72 25.80 53.10
N GLN M 131 23.12 27.08 53.16
CA GLN M 131 22.23 28.15 53.59
C GLN M 131 21.83 29.01 52.41
N MET M 132 20.52 29.24 52.27
CA MET M 132 19.99 30.14 51.26
C MET M 132 19.23 31.27 51.95
N THR M 133 19.52 32.50 51.53
CA THR M 133 18.84 33.65 52.11
C THR M 133 17.41 33.75 51.58
N GLY M 134 16.48 34.05 52.48
CA GLY M 134 15.09 34.21 52.09
C GLY M 134 14.45 32.95 51.54
N ALA M 135 14.73 31.81 52.15
CA ALA M 135 14.13 30.54 51.76
C ALA M 135 13.30 30.00 52.91
N SER M 136 12.12 29.47 52.58
CA SER M 136 11.21 28.92 53.57
C SER M 136 11.36 27.41 53.61
N LEU M 137 12.02 26.92 54.66
CA LEU M 137 12.22 25.48 54.82
C LEU M 137 10.90 24.80 55.17
N LYS M 138 10.75 23.56 54.71
CA LYS M 138 9.61 22.76 55.10
C LYS M 138 9.73 22.35 56.56
N LYS M 139 8.59 22.10 57.20
CA LYS M 139 8.54 21.81 58.62
C LYS M 139 8.69 20.34 58.95
N GLY M 140 8.74 19.46 57.95
CA GLY M 140 8.88 18.04 58.17
C GLY M 140 10.27 17.53 57.82
N SER M 141 10.39 16.21 57.82
CA SER M 141 11.64 15.53 57.49
C SER M 141 11.42 14.57 56.34
N TYR M 142 12.37 14.54 55.42
CA TYR M 142 12.24 13.74 54.22
C TYR M 142 12.55 12.28 54.52
N PRO M 143 11.64 11.35 54.18
CA PRO M 143 11.94 9.92 54.33
C PRO M 143 13.00 9.48 53.32
N LEU M 144 14.15 9.05 53.83
CA LEU M 144 15.27 8.72 52.95
C LEU M 144 15.06 7.40 52.22
N GLN M 145 14.55 6.38 52.93
CA GLN M 145 14.43 5.05 52.37
C GLN M 145 13.00 4.77 51.93
N ASP M 146 12.88 3.81 51.01
CA ASP M 146 11.57 3.33 50.54
C ASP M 146 11.26 2.06 51.30
N LEU M 147 10.34 2.16 52.27
CA LEU M 147 10.01 1.04 53.14
C LEU M 147 8.60 1.22 53.68
N PHE M 148 8.04 0.10 54.15
CA PHE M 148 6.78 0.09 54.89
C PHE M 148 6.92 -0.81 56.10
N CYS M 149 6.22 -0.48 57.17
CA CYS M 149 6.35 -1.18 58.44
C CYS M 149 5.01 -1.75 58.87
N GLN M 150 5.06 -2.59 59.91
CA GLN M 150 3.87 -3.23 60.47
C GLN M 150 4.21 -3.72 61.86
N SER M 151 3.19 -4.19 62.56
CA SER M 151 3.35 -4.70 63.93
C SER M 151 3.46 -6.21 63.88
N SER M 152 4.53 -6.74 64.45
CA SER M 152 4.79 -8.17 64.41
C SER M 152 5.30 -8.66 65.77
N GLU M 153 4.95 -9.89 66.10
CA GLU M 153 5.44 -10.56 67.30
C GLU M 153 6.38 -11.71 66.99
N ASP M 154 6.54 -12.07 65.72
CA ASP M 154 7.46 -13.14 65.34
C ASP M 154 8.88 -12.76 65.73
N ASP M 155 9.59 -13.71 66.36
CA ASP M 155 10.94 -13.45 66.81
C ASP M 155 11.95 -13.69 65.69
N GLY M 156 13.00 -12.86 65.68
CA GLY M 156 14.02 -12.97 64.67
C GLY M 156 15.43 -12.80 65.21
N SER M 157 15.63 -13.20 66.47
CA SER M 157 16.94 -13.04 67.09
C SER M 157 18.02 -13.86 66.40
N LYS M 158 17.65 -14.93 65.70
CA LYS M 158 18.61 -15.76 64.98
C LYS M 158 18.75 -15.35 63.52
N LEU M 159 18.06 -14.30 63.09
CA LEU M 159 18.13 -13.86 61.71
C LEU M 159 19.39 -13.03 61.47
N LYS M 160 20.05 -13.30 60.33
CA LYS M 160 21.27 -12.59 60.00
C LYS M 160 21.39 -12.50 58.48
N THR M 161 22.24 -11.60 58.02
CA THR M 161 22.45 -11.42 56.58
C THR M 161 23.23 -12.59 56.02
N LYS M 162 22.72 -13.18 54.94
CA LYS M 162 23.35 -14.30 54.25
C LYS M 162 23.37 -13.96 52.77
N MET M 163 24.43 -13.29 52.33
CA MET M 163 24.60 -12.91 50.93
C MET M 163 25.83 -13.65 50.39
N LYS M 164 25.67 -14.28 49.23
CA LYS M 164 26.75 -15.05 48.65
C LYS M 164 27.68 -14.14 47.84
N GLY M 165 28.97 -14.34 48.03
CA GLY M 165 29.96 -13.54 47.31
C GLY M 165 30.02 -12.09 47.72
N VAL M 166 29.60 -11.76 48.94
CA VAL M 166 29.60 -10.38 49.43
C VAL M 166 30.55 -10.32 50.62
N CYS M 167 31.61 -9.52 50.49
CA CYS M 167 32.49 -9.30 51.62
C CYS M 167 31.91 -8.30 52.61
N GLU M 168 31.16 -7.32 52.12
CA GLU M 168 30.63 -6.25 52.96
C GLU M 168 29.51 -5.54 52.22
N VAL M 169 28.35 -5.43 52.86
CA VAL M 169 27.21 -4.71 52.31
C VAL M 169 26.85 -3.59 53.28
N GLY M 170 26.74 -2.38 52.76
CA GLY M 170 26.41 -1.25 53.60
C GLY M 170 27.47 -1.05 54.67
N VAL M 171 27.04 -1.03 55.92
CA VAL M 171 27.94 -0.86 57.06
C VAL M 171 28.23 -2.18 57.76
N GLN M 172 27.73 -3.29 57.22
CA GLN M 172 27.91 -4.61 57.82
C GLN M 172 29.09 -5.30 57.16
N ALA M 173 30.05 -5.75 57.97
CA ALA M 173 31.20 -6.50 57.49
C ALA M 173 30.86 -7.98 57.54
N LEU M 174 30.43 -8.52 56.40
CA LEU M 174 29.97 -9.91 56.36
C LEU M 174 31.11 -10.88 56.68
N LYS M 175 32.29 -10.65 56.11
CA LYS M 175 33.42 -11.54 56.30
C LYS M 175 34.70 -10.77 55.99
N LYS M 176 35.83 -11.46 56.00
CA LYS M 176 37.13 -10.88 55.66
C LYS M 176 37.63 -11.51 54.37
N CYS M 177 37.97 -10.67 53.40
CA CYS M 177 38.44 -11.14 52.10
C CYS M 177 39.69 -10.37 51.70
N ASP M 178 40.54 -11.04 50.93
CA ASP M 178 41.78 -10.45 50.43
C ASP M 178 41.87 -10.65 48.93
N GLY M 179 42.40 -9.63 48.24
CA GLY M 179 42.53 -9.69 46.80
C GLY M 179 41.63 -8.70 46.10
N GLN M 180 41.12 -9.08 44.94
CA GLN M 180 40.22 -8.21 44.19
C GLN M 180 38.93 -7.98 44.97
N LEU M 181 38.41 -6.76 44.89
CA LEU M 181 37.20 -6.37 45.62
C LEU M 181 36.41 -5.41 44.72
N SER M 182 35.42 -5.93 44.02
CA SER M 182 34.58 -5.08 43.18
C SER M 182 33.63 -4.28 44.06
N THR M 183 33.82 -2.97 44.09
CA THR M 183 33.05 -2.09 44.96
C THR M 183 32.08 -1.29 44.10
N ALA M 184 30.81 -1.29 44.48
CA ALA M 184 29.81 -0.59 43.67
C ALA M 184 28.66 -0.15 44.57
N HIS M 185 27.75 0.61 43.98
CA HIS M 185 26.51 0.99 44.64
C HIS M 185 25.38 0.16 44.05
N GLU M 186 24.64 -0.53 44.91
CA GLU M 186 23.60 -1.43 44.46
C GLU M 186 22.34 -1.23 45.30
N VAL M 187 21.21 -1.58 44.70
CA VAL M 187 19.91 -1.56 45.38
C VAL M 187 19.72 -2.92 46.03
N VAL M 188 19.72 -2.93 47.36
CA VAL M 188 19.58 -4.14 48.16
C VAL M 188 18.26 -4.07 48.92
N PRO M 189 17.37 -5.03 48.75
CA PRO M 189 16.21 -5.12 49.66
C PRO M 189 16.67 -5.53 51.05
N PHE M 190 15.92 -5.10 52.05
CA PHE M 190 16.25 -5.41 53.43
C PHE M 190 14.97 -5.53 54.24
N ALA M 191 15.08 -6.23 55.37
CA ALA M 191 13.98 -6.41 56.29
C ALA M 191 14.49 -6.21 57.71
N VAL M 192 13.57 -5.89 58.61
CA VAL M 192 13.86 -5.78 60.03
C VAL M 192 12.81 -6.58 60.77
N PHE M 193 13.26 -7.49 61.63
CA PHE M 193 12.42 -8.36 62.43
C PHE M 193 12.55 -7.98 63.89
N LYS M 194 11.73 -8.61 64.72
CA LYS M 194 11.76 -8.35 66.15
C LYS M 194 13.04 -8.88 66.77
N ASN M 195 13.64 -8.07 67.64
CA ASN M 195 14.86 -8.45 68.37
C ASN M 195 15.98 -8.83 67.42
N SER M 196 16.16 -8.05 66.36
CA SER M 196 17.21 -8.31 65.39
C SER M 196 17.75 -7.00 64.86
N LYS M 197 18.70 -7.10 63.93
CA LYS M 197 19.26 -5.97 63.22
C LYS M 197 18.75 -5.98 61.79
N LYS M 198 19.25 -5.06 60.97
CA LYS M 198 18.89 -5.05 59.56
C LYS M 198 19.38 -6.32 58.89
N VAL M 199 18.54 -6.89 58.04
CA VAL M 199 18.85 -8.14 57.35
C VAL M 199 18.71 -7.86 55.86
N TYR M 200 19.83 -7.75 55.16
CA TYR M 200 19.78 -7.61 53.71
C TYR M 200 19.49 -8.95 53.07
N LEU M 201 18.76 -8.94 51.97
CA LEU M 201 18.34 -10.15 51.30
C LEU M 201 18.77 -10.13 49.84
N ASP M 202 19.06 -11.33 49.32
CA ASP M 202 19.34 -11.46 47.90
C ASP M 202 18.07 -11.40 47.07
N LYS M 203 16.95 -11.87 47.62
CA LYS M 203 15.68 -11.91 46.91
C LYS M 203 14.58 -11.44 47.83
N LEU M 204 13.51 -10.90 47.24
CA LEU M 204 12.35 -10.40 47.95
C LEU M 204 11.15 -11.23 47.54
N ASP M 205 10.86 -12.28 48.30
CA ASP M 205 9.69 -13.13 48.09
C ASP M 205 8.75 -12.88 49.26
N LEU M 206 7.72 -12.07 49.04
CA LEU M 206 6.81 -11.66 50.10
C LEU M 206 5.38 -11.85 49.67
N LYS M 207 4.53 -12.19 50.63
CA LYS M 207 3.12 -12.44 50.38
C LYS M 207 2.28 -11.75 51.45
N THR M 208 1.04 -11.44 51.10
CA THR M 208 0.13 -10.77 52.02
C THR M 208 -1.11 -11.61 52.25
N GLU M 209 -1.52 -11.71 53.51
CA GLU M 209 -2.74 -12.41 53.88
C GLU M 209 -3.68 -11.44 54.60
N GLU M 210 -4.95 -11.49 54.24
CA GLU M 210 -5.91 -10.53 54.77
C GLU M 210 -6.47 -11.01 56.10
N ASN M 211 -7.10 -10.09 56.81
CA ASN M 211 -7.68 -10.37 58.11
C ASN M 211 -8.79 -9.35 58.38
N LEU M 212 -9.35 -9.41 59.59
CA LEU M 212 -10.44 -8.54 59.99
C LEU M 212 -10.08 -7.75 61.24
N LEU M 213 -8.79 -7.49 61.45
CA LEU M 213 -8.34 -6.69 62.57
C LEU M 213 -8.64 -5.21 62.31
N PRO M 214 -8.69 -4.39 63.35
CA PRO M 214 -9.09 -2.99 63.15
C PRO M 214 -8.23 -2.22 62.17
N ASP M 215 -6.96 -2.58 62.01
CA ASP M 215 -6.08 -1.85 61.11
C ASP M 215 -6.43 -2.08 59.64
N SER M 216 -7.29 -3.04 59.33
CA SER M 216 -7.64 -3.34 57.95
C SER M 216 -8.86 -2.58 57.46
N PHE M 217 -9.47 -1.75 58.30
CA PHE M 217 -10.71 -1.05 57.95
C PHE M 217 -10.46 0.45 57.90
N VAL M 218 -10.97 1.09 56.87
CA VAL M 218 -10.90 2.54 56.71
C VAL M 218 -12.28 3.07 57.06
N CYS M 219 -12.39 3.77 58.17
CA CYS M 219 -13.66 4.30 58.64
C CYS M 219 -13.69 5.81 58.47
N PHE M 220 -14.70 6.31 57.77
CA PHE M 220 -14.80 7.75 57.56
C PHE M 220 -16.18 8.28 57.90
N GLU M 221 -16.33 9.59 57.81
CA GLU M 221 -17.53 10.32 58.18
C GLU M 221 -17.58 11.57 57.31
N HIS M 222 -18.77 12.15 57.16
CA HIS M 222 -18.89 13.36 56.37
C HIS M 222 -18.85 14.59 57.27
N LYS M 223 -18.45 15.71 56.68
CA LYS M 223 -18.43 16.99 57.37
C LYS M 223 -19.76 17.69 57.16
N GLY M 224 -20.36 18.18 58.24
CA GLY M 224 -21.72 18.64 58.20
C GLY M 224 -22.75 17.55 58.32
N GLN M 225 -22.31 16.31 58.55
CA GLN M 225 -23.23 15.18 58.61
C GLN M 225 -24.14 15.29 59.82
N TYR M 226 -25.41 14.96 59.60
CA TYR M 226 -26.40 15.03 60.66
C TYR M 226 -26.09 14.04 61.78
N LYS M 227 -26.22 14.51 63.02
CA LYS M 227 -25.97 13.68 64.20
C LYS M 227 -24.58 13.07 64.20
N GLY M 228 -23.59 13.87 63.82
CA GLY M 228 -22.21 13.42 63.85
C GLY M 228 -21.31 14.54 64.32
N THR M 229 -20.03 14.21 64.49
CA THR M 229 -19.03 15.22 64.82
C THR M 229 -18.92 16.22 63.68
N MET M 230 -18.67 17.48 64.04
CA MET M 230 -18.70 18.60 63.09
C MET M 230 -20.06 18.68 62.41
N ASP M 231 -21.08 18.89 63.25
CA ASP M 231 -22.46 18.99 62.78
C ASP M 231 -22.84 20.47 62.61
N SER M 232 -22.22 21.08 61.60
CA SER M 232 -22.50 22.47 61.27
C SER M 232 -22.41 22.64 59.77
N GLY M 233 -23.11 23.66 59.26
CA GLY M 233 -23.18 23.90 57.84
C GLY M 233 -21.83 24.08 57.19
N GLN M 234 -21.62 23.41 56.06
CA GLN M 234 -20.35 23.43 55.35
C GLN M 234 -20.53 24.08 53.99
N THR M 235 -19.48 24.75 53.52
CA THR M 235 -19.48 25.31 52.18
C THR M 235 -18.80 24.39 51.17
N LYS M 236 -18.29 23.24 51.61
CA LYS M 236 -17.60 22.31 50.74
C LYS M 236 -17.85 20.89 51.23
N ARG M 237 -17.85 19.94 50.29
CA ARG M 237 -18.12 18.54 50.61
C ARG M 237 -16.77 17.85 50.84
N GLU M 238 -16.45 17.61 52.11
CA GLU M 238 -15.21 16.97 52.49
C GLU M 238 -15.49 15.88 53.51
N LEU M 239 -14.55 14.93 53.60
CA LEU M 239 -14.65 13.80 54.51
C LEU M 239 -13.83 14.06 55.77
N LYS M 240 -13.96 13.13 56.71
CA LYS M 240 -13.30 13.24 58.01
C LYS M 240 -13.01 11.83 58.51
N SER M 241 -11.91 11.68 59.23
CA SER M 241 -11.52 10.36 59.72
C SER M 241 -12.40 9.95 60.89
N PHE M 242 -12.53 8.63 61.08
CA PHE M 242 -13.32 8.06 62.15
C PHE M 242 -12.52 6.96 62.82
N ASP M 243 -12.71 6.83 64.14
CA ASP M 243 -12.00 5.84 64.93
C ASP M 243 -12.85 4.57 65.02
N ILE M 244 -12.33 3.46 64.48
CA ILE M 244 -13.07 2.22 64.45
C ILE M 244 -13.25 1.62 65.84
N SER M 245 -12.51 2.12 66.83
CA SER M 245 -12.64 1.56 68.18
C SER M 245 -13.98 1.86 68.81
N GLN M 246 -14.79 2.74 68.20
CA GLN M 246 -16.08 3.08 68.77
C GLN M 246 -17.18 2.16 68.25
N CYS M 247 -17.08 1.72 67.00
CA CYS M 247 -18.09 0.83 66.44
C CYS M 247 -18.07 -0.50 67.18
N PRO M 248 -19.20 -1.00 67.66
CA PRO M 248 -19.19 -2.23 68.45
C PRO M 248 -18.81 -3.44 67.63
N LYS M 249 -18.11 -4.36 68.28
CA LYS M 249 -17.82 -5.65 67.66
C LYS M 249 -19.07 -6.53 67.71
N ILE M 250 -19.08 -7.55 66.86
CA ILE M 250 -20.26 -8.38 66.73
C ILE M 250 -20.54 -9.09 68.05
N GLY M 251 -21.78 -9.02 68.51
CA GLY M 251 -22.13 -9.55 69.81
C GLY M 251 -21.43 -8.84 70.96
N GLY M 252 -21.32 -7.51 70.88
CA GLY M 252 -20.63 -6.74 71.88
C GLY M 252 -21.21 -5.35 72.01
N HIS M 253 -20.57 -4.54 72.83
CA HIS M 253 -21.01 -3.18 73.12
C HIS M 253 -20.16 -2.17 72.37
N GLY M 254 -20.73 -0.98 72.17
CA GLY M 254 -20.04 0.10 71.49
C GLY M 254 -20.68 1.43 71.85
N SER M 255 -20.09 2.50 71.33
CA SER M 255 -20.54 3.84 71.63
C SER M 255 -21.18 4.56 70.46
N LYS M 256 -20.95 4.12 69.23
CA LYS M 256 -21.49 4.78 68.05
C LYS M 256 -22.12 3.76 67.12
N LYS M 257 -23.19 4.16 66.45
CA LYS M 257 -23.75 3.34 65.39
C LYS M 257 -22.83 3.38 64.17
N CYS M 258 -22.67 2.24 63.53
CA CYS M 258 -21.60 2.10 62.54
C CYS M 258 -22.04 1.13 61.46
N THR M 259 -21.92 1.54 60.20
CA THR M 259 -22.28 0.70 59.07
C THR M 259 -21.09 0.58 58.13
N GLY M 260 -21.11 -0.45 57.29
CA GLY M 260 -20.00 -0.67 56.40
C GLY M 260 -20.35 -1.60 55.26
N ASP M 261 -19.31 -2.17 54.66
CA ASP M 261 -19.46 -3.06 53.52
C ASP M 261 -19.59 -4.51 54.01
N ALA M 262 -19.46 -5.48 53.10
CA ALA M 262 -19.67 -6.88 53.46
C ALA M 262 -18.68 -7.36 54.49
N ALA M 263 -17.39 -7.01 54.32
CA ALA M 263 -16.37 -7.47 55.25
C ALA M 263 -16.59 -6.89 56.64
N PHE M 264 -16.91 -5.60 56.72
CA PHE M 264 -17.17 -4.98 58.01
C PHE M 264 -18.38 -5.60 58.69
N CYS M 265 -19.46 -5.85 57.93
CA CYS M 265 -20.64 -6.46 58.52
C CYS M 265 -20.37 -7.88 58.97
N SER M 266 -19.46 -8.59 58.28
CA SER M 266 -19.08 -9.92 58.74
C SER M 266 -18.25 -9.85 60.02
N ALA M 267 -17.38 -8.85 60.13
CA ALA M 267 -16.52 -8.75 61.30
C ALA M 267 -17.20 -8.00 62.44
N TYR M 268 -17.76 -6.83 62.15
CA TYR M 268 -18.37 -5.98 63.16
C TYR M 268 -19.89 -6.09 63.08
N GLU M 269 -20.56 -5.40 64.00
CA GLU M 269 -22.02 -5.39 64.05
C GLU M 269 -22.53 -4.15 63.30
N CYS M 270 -23.18 -4.38 62.15
CA CYS M 270 -23.72 -3.30 61.36
C CYS M 270 -25.10 -2.94 61.89
N THR M 271 -25.35 -1.64 62.05
CA THR M 271 -26.57 -1.18 62.69
C THR M 271 -27.75 -1.23 61.73
N ALA M 272 -28.95 -1.20 62.31
CA ALA M 272 -30.19 -1.08 61.57
C ALA M 272 -30.80 0.31 61.67
N GLN M 273 -30.17 1.21 62.42
CA GLN M 273 -30.64 2.58 62.57
C GLN M 273 -29.79 3.50 61.71
N TYR M 274 -29.98 4.80 61.87
CA TYR M 274 -29.16 5.78 61.16
C TYR M 274 -27.73 5.69 61.68
N ALA M 275 -26.78 5.52 60.76
CA ALA M 275 -25.40 5.27 61.11
C ALA M 275 -24.61 6.57 61.30
N ASN M 276 -23.52 6.47 62.05
CA ASN M 276 -22.66 7.63 62.31
C ASN M 276 -21.40 7.65 61.46
N ALA M 277 -20.97 6.51 60.92
CA ALA M 277 -19.77 6.47 60.10
C ALA M 277 -19.85 5.29 59.16
N TYR M 278 -19.10 5.36 58.07
CA TYR M 278 -19.06 4.29 57.08
C TYR M 278 -17.67 3.66 57.10
N CYS M 279 -17.62 2.34 57.28
CA CYS M 279 -16.37 1.61 57.45
C CYS M 279 -16.17 0.64 56.29
N SER M 280 -15.25 0.97 55.39
CA SER M 280 -14.92 0.10 54.27
C SER M 280 -13.70 -0.74 54.60
N HIS M 281 -13.38 -1.71 53.75
CA HIS M 281 -12.23 -2.57 53.93
C HIS M 281 -11.13 -2.05 53.02
N ALA M 282 -9.89 -2.06 53.51
CA ALA M 282 -8.79 -1.42 52.80
C ALA M 282 -8.40 -2.18 51.55
N ASN M 283 -7.84 -1.48 50.57
CA ASN M 283 -7.31 -2.12 49.36
C ASN M 283 -6.54 -3.38 49.70
N GLY M 284 -5.38 -3.22 50.33
CA GLY M 284 -4.44 -4.30 50.49
C GLY M 284 -3.94 -4.54 51.89
N SER M 285 -4.62 -4.02 52.91
CA SER M 285 -4.13 -4.21 54.26
C SER M 285 -4.09 -5.69 54.61
N GLY M 286 -3.36 -6.01 55.67
CA GLY M 286 -3.23 -7.39 56.08
C GLY M 286 -1.90 -7.60 56.79
N ILE M 287 -1.37 -8.81 56.63
CA ILE M 287 -0.09 -9.19 57.21
C ILE M 287 0.82 -9.61 56.07
N VAL M 288 1.99 -8.98 56.00
CA VAL M 288 2.97 -9.29 54.98
C VAL M 288 4.05 -10.18 55.58
N GLN M 289 4.35 -11.28 54.90
CA GLN M 289 5.35 -12.24 55.33
C GLN M 289 6.43 -12.34 54.26
N ILE M 290 7.68 -12.37 54.72
CA ILE M 290 8.85 -12.39 53.85
C ILE M 290 9.50 -13.77 53.96
N GLN M 291 9.95 -14.28 52.82
CA GLN M 291 10.59 -15.59 52.75
C GLN M 291 12.08 -15.42 52.97
N VAL M 292 12.57 -15.91 54.12
CA VAL M 292 13.99 -15.88 54.43
C VAL M 292 14.43 -17.31 54.66
N SER M 293 15.54 -17.70 54.01
CA SER M 293 16.10 -19.05 54.15
C SER M 293 15.07 -20.13 53.83
N GLY M 294 14.13 -19.83 52.94
CA GLY M 294 13.12 -20.78 52.56
C GLY M 294 11.93 -20.88 53.49
N VAL M 295 11.92 -20.16 54.60
CA VAL M 295 10.82 -20.20 55.55
C VAL M 295 10.22 -18.80 55.66
N TRP M 296 8.90 -18.72 55.76
CA TRP M 296 8.24 -17.43 55.88
C TRP M 296 8.37 -16.89 57.30
N LYS M 297 8.49 -15.57 57.41
CA LYS M 297 8.58 -14.90 58.69
C LYS M 297 7.81 -13.59 58.60
N LYS M 298 7.51 -13.01 59.77
CA LYS M 298 6.75 -11.76 59.84
C LYS M 298 7.69 -10.62 60.20
N PRO M 299 8.04 -9.75 59.26
CA PRO M 299 9.00 -8.69 59.54
C PRO M 299 8.36 -7.47 60.19
N LEU M 300 9.18 -6.74 60.94
CA LEU M 300 8.74 -5.45 61.46
C LEU M 300 8.66 -4.42 60.34
N CYS M 301 9.68 -4.36 59.49
CA CYS M 301 9.70 -3.43 58.37
C CYS M 301 10.33 -4.09 57.16
N VAL M 302 9.92 -3.64 55.98
CA VAL M 302 10.45 -4.14 54.71
C VAL M 302 10.71 -2.96 53.80
N GLY M 303 11.91 -2.89 53.24
CA GLY M 303 12.20 -1.81 52.32
C GLY M 303 13.35 -2.16 51.41
N TYR M 304 13.86 -1.15 50.71
CA TYR M 304 15.08 -1.34 49.93
C TYR M 304 15.93 -0.08 50.03
N GLU M 305 17.22 -0.26 49.75
CA GLU M 305 18.21 0.78 49.97
C GLU M 305 19.20 0.78 48.83
N ARG M 306 19.94 1.87 48.68
CA ARG M 306 21.04 1.96 47.72
C ARG M 306 22.33 2.12 48.53
N VAL M 307 23.06 1.02 48.68
CA VAL M 307 24.23 1.00 49.55
C VAL M 307 25.43 0.49 48.76
N VAL M 308 26.61 0.74 49.31
CA VAL M 308 27.87 0.31 48.71
C VAL M 308 28.15 -1.13 49.12
N VAL M 309 28.24 -2.01 48.14
CA VAL M 309 28.53 -3.42 48.35
C VAL M 309 29.90 -3.73 47.76
N LYS M 310 30.67 -4.53 48.49
CA LYS M 310 31.96 -5.03 48.02
C LYS M 310 31.80 -6.53 47.74
N ARG M 311 32.02 -6.91 46.50
CA ARG M 311 31.93 -8.29 46.04
C ARG M 311 33.33 -8.82 45.76
N GLU M 312 33.41 -10.14 45.63
CA GLU M 312 34.63 -10.81 45.16
C GLU M 312 34.28 -11.43 43.81
N LEU M 313 34.89 -10.91 42.74
CA LEU M 313 34.60 -11.41 41.41
C LEU M 313 34.96 -12.89 41.28
N SER M 314 36.18 -13.24 41.70
CA SER M 314 36.64 -14.62 41.66
C SER M 314 37.97 -14.72 42.39
N ALA M 315 38.24 -15.90 42.94
CA ALA M 315 39.57 -16.20 43.45
C ALA M 315 40.48 -16.74 42.35
N LYS M 316 39.94 -17.62 41.51
CA LYS M 316 40.62 -18.16 40.35
C LYS M 316 39.58 -18.56 39.30
N PRO M 317 39.65 -17.99 38.10
CA PRO M 317 38.67 -18.35 37.06
C PRO M 317 38.69 -19.83 36.73
N ILE M 318 39.85 -20.34 36.31
CA ILE M 318 40.02 -21.75 36.00
C ILE M 318 41.51 -22.05 35.97
N GLN M 319 41.87 -23.28 36.36
CA GLN M 319 43.25 -23.73 36.36
C GLN M 319 43.38 -24.89 35.38
N ARG M 320 44.24 -24.72 34.37
CA ARG M 320 44.44 -25.73 33.32
C ARG M 320 45.94 -26.03 33.24
N VAL M 321 46.39 -26.99 34.06
CA VAL M 321 47.76 -27.47 34.01
C VAL M 321 47.71 -28.99 33.99
N GLU M 322 48.28 -29.59 32.95
CA GLU M 322 48.21 -31.04 32.75
C GLU M 322 49.48 -31.54 32.10
N PRO M 323 50.55 -31.73 32.88
CA PRO M 323 51.78 -32.35 32.37
C PRO M 323 51.77 -33.87 32.51
N CYS M 324 50.68 -34.50 32.06
CA CYS M 324 50.52 -35.93 32.25
C CYS M 324 51.39 -36.71 31.26
N THR M 325 52.03 -37.77 31.76
CA THR M 325 52.87 -38.63 30.95
C THR M 325 52.62 -40.10 31.31
N THR M 326 51.37 -40.44 31.58
CA THR M 326 51.01 -41.81 31.99
C THR M 326 50.67 -42.66 30.76
N CYS M 327 51.66 -42.79 29.88
CA CYS M 327 51.53 -43.61 28.69
C CYS M 327 52.92 -44.00 28.20
N ILE M 328 52.99 -45.12 27.48
CA ILE M 328 54.23 -45.62 26.92
C ILE M 328 54.08 -45.73 25.42
N THR M 329 54.97 -45.07 24.69
CA THR M 329 54.93 -45.04 23.23
C THR M 329 56.17 -45.75 22.70
N LYS M 330 55.99 -46.80 21.90
CA LYS M 330 57.11 -47.52 21.33
C LYS M 330 56.80 -47.86 19.88
N CYS M 331 57.79 -47.64 19.01
CA CYS M 331 57.63 -47.94 17.60
C CYS M 331 57.96 -49.40 17.34
N GLU M 332 57.04 -50.09 16.67
CA GLU M 332 57.07 -51.51 16.41
C GLU M 332 57.00 -51.77 14.91
N PRO M 333 57.67 -52.82 14.41
CA PRO M 333 57.60 -53.09 12.97
C PRO M 333 56.19 -53.24 12.44
N HIS M 334 55.29 -53.84 13.22
CA HIS M 334 53.90 -53.94 12.79
C HIS M 334 53.26 -52.56 12.68
N GLY M 335 53.54 -51.67 13.62
CA GLY M 335 53.01 -50.32 13.57
C GLY M 335 53.46 -49.55 14.78
N LEU M 336 53.19 -48.24 14.75
CA LEU M 336 53.50 -47.35 15.86
C LEU M 336 52.45 -47.55 16.95
N VAL M 337 52.87 -48.11 18.09
CA VAL M 337 51.95 -48.51 19.15
C VAL M 337 52.20 -47.66 20.39
N VAL M 338 51.15 -47.06 20.92
CA VAL M 338 51.20 -46.35 22.19
C VAL M 338 50.13 -46.90 23.10
N ARG M 339 50.54 -47.33 24.29
CA ARG M 339 49.64 -47.85 25.31
C ARG M 339 49.43 -46.75 26.34
N SER M 340 48.19 -46.28 26.47
CA SER M 340 47.85 -45.22 27.41
C SER M 340 47.34 -45.86 28.70
N THR M 341 48.11 -45.72 29.77
CA THR M 341 47.70 -46.27 31.05
C THR M 341 46.52 -45.48 31.60
N GLY M 342 45.41 -46.18 31.87
CA GLY M 342 44.22 -45.52 32.38
C GLY M 342 43.31 -45.03 31.29
N PHE M 343 43.44 -43.76 30.93
CA PHE M 343 42.56 -43.14 29.94
C PHE M 343 42.62 -43.86 28.60
N LYS M 344 41.45 -44.02 27.98
CA LYS M 344 41.35 -44.70 26.70
C LYS M 344 41.57 -43.72 25.56
N ILE M 345 42.01 -44.26 24.42
CA ILE M 345 42.27 -43.48 23.22
C ILE M 345 41.35 -43.99 22.11
N SER M 346 40.59 -43.07 21.52
CA SER M 346 39.69 -43.41 20.42
C SER M 346 40.29 -43.07 19.06
N SER M 347 40.69 -41.82 18.86
CA SER M 347 41.31 -41.39 17.62
C SER M 347 42.59 -40.63 17.93
N ALA M 348 43.56 -40.73 17.02
CA ALA M 348 44.87 -40.13 17.23
C ALA M 348 45.47 -39.75 15.90
N VAL M 349 46.51 -38.92 15.97
CA VAL M 349 47.26 -38.49 14.79
C VAL M 349 48.73 -38.37 15.16
N ALA M 350 49.60 -38.66 14.20
CA ALA M 350 51.04 -38.61 14.38
C ALA M 350 51.66 -37.80 13.26
N CYS M 351 52.46 -36.81 13.63
CA CYS M 351 53.10 -35.89 12.69
C CYS M 351 54.61 -36.07 12.75
N ALA M 352 55.25 -36.07 11.58
CA ALA M 352 56.70 -36.20 11.51
C ALA M 352 57.18 -35.42 10.29
N SER M 353 57.68 -34.20 10.53
CA SER M 353 58.20 -33.33 9.48
C SER M 353 57.12 -33.07 8.41
N GLY M 354 56.04 -32.45 8.85
CA GLY M 354 54.98 -32.06 7.94
C GLY M 354 53.94 -33.13 7.70
N VAL M 355 54.37 -34.31 7.28
CA VAL M 355 53.43 -35.37 6.93
C VAL M 355 52.87 -35.97 8.21
N CYS M 356 51.54 -36.17 8.23
CA CYS M 356 50.85 -36.73 9.38
C CYS M 356 50.00 -37.92 8.93
N VAL M 357 49.71 -38.79 9.89
CA VAL M 357 48.90 -39.99 9.67
C VAL M 357 47.91 -40.12 10.81
N THR M 358 46.67 -40.41 10.49
CA THR M 358 45.60 -40.50 11.48
C THR M 358 45.23 -41.95 11.73
N GLY M 359 44.47 -42.15 12.79
CA GLY M 359 43.97 -43.48 13.13
C GLY M 359 42.75 -43.37 14.01
N SER M 360 41.78 -44.26 13.76
CA SER M 360 40.52 -44.27 14.49
C SER M 360 40.25 -45.67 15.00
N GLN M 361 39.74 -45.76 16.23
CA GLN M 361 39.47 -47.04 16.86
C GLN M 361 38.52 -46.80 18.04
N SER M 362 38.00 -47.90 18.57
CA SER M 362 37.17 -47.83 19.75
C SER M 362 38.02 -47.42 20.96
N PRO M 363 37.41 -46.78 21.96
CA PRO M 363 38.19 -46.35 23.15
C PRO M 363 38.91 -47.53 23.79
N SER M 364 40.23 -47.43 23.85
CA SER M 364 41.06 -48.50 24.36
C SER M 364 42.33 -47.91 24.96
N THR M 365 42.97 -48.70 25.83
CA THR M 365 44.19 -48.26 26.49
C THR M 365 45.39 -48.18 25.56
N GLU M 366 45.29 -48.69 24.34
CA GLU M 366 46.38 -48.65 23.39
C GLU M 366 45.84 -48.38 22.00
N ILE M 367 46.71 -47.86 21.14
CA ILE M 367 46.34 -47.61 19.75
C ILE M 367 47.59 -47.73 18.89
N THR M 368 47.41 -48.27 17.69
CA THR M 368 48.46 -48.44 16.71
C THR M 368 48.14 -47.66 15.44
N LEU M 369 49.17 -47.07 14.85
CA LEU M 369 49.03 -46.21 13.68
C LEU M 369 50.11 -46.54 12.67
N LYS M 370 49.83 -46.25 11.40
CA LYS M 370 50.85 -46.36 10.37
C LYS M 370 51.91 -45.29 10.55
N TYR M 371 53.13 -45.62 10.14
CA TYR M 371 54.24 -44.67 10.32
C TYR M 371 54.10 -43.51 9.33
N PRO M 372 54.40 -42.29 9.76
CA PRO M 372 54.27 -41.12 8.88
C PRO M 372 55.48 -40.97 7.96
N GLY M 373 55.25 -41.13 6.67
CA GLY M 373 56.31 -40.91 5.69
C GLY M 373 57.48 -41.86 5.89
N ILE M 374 58.68 -41.32 5.82
CA ILE M 374 59.90 -42.10 5.97
C ILE M 374 60.46 -42.01 7.40
N SER M 375 59.65 -41.57 8.36
CA SER M 375 60.10 -41.50 9.74
C SER M 375 60.44 -42.88 10.28
N GLN M 376 59.75 -43.92 9.79
CA GLN M 376 60.10 -45.28 10.19
C GLN M 376 61.52 -45.64 9.76
N SER M 377 61.88 -45.27 8.53
CA SER M 377 63.23 -45.56 8.04
C SER M 377 64.25 -44.62 8.66
N SER M 378 63.90 -43.35 8.83
CA SER M 378 64.83 -42.34 9.32
C SER M 378 64.80 -42.17 10.84
N GLY M 379 63.88 -42.83 11.54
CA GLY M 379 63.80 -42.66 12.98
C GLY M 379 63.36 -41.26 13.33
N GLY M 380 64.08 -40.64 14.26
CA GLY M 380 63.79 -39.27 14.65
C GLY M 380 62.73 -39.16 15.72
N ASP M 381 62.20 -37.93 15.83
CA ASP M 381 61.17 -37.60 16.79
C ASP M 381 59.84 -37.40 16.06
N ILE M 382 58.79 -38.00 16.60
CA ILE M 382 57.46 -37.95 16.01
C ILE M 382 56.48 -37.44 17.08
N GLY M 383 55.68 -36.44 16.72
CA GLY M 383 54.69 -35.91 17.63
C GLY M 383 53.38 -36.66 17.51
N VAL M 384 52.72 -36.85 18.65
CA VAL M 384 51.45 -37.56 18.72
C VAL M 384 50.43 -36.66 19.40
N HIS M 385 49.27 -36.50 18.75
CA HIS M 385 48.13 -35.80 19.31
C HIS M 385 46.95 -36.76 19.34
N MET M 386 46.44 -37.04 20.54
CA MET M 386 45.36 -38.01 20.69
C MET M 386 44.26 -37.42 21.56
N ALA M 387 43.06 -37.98 21.42
CA ALA M 387 41.89 -37.55 22.17
C ALA M 387 41.62 -38.56 23.27
N HIS M 388 41.77 -38.14 24.52
CA HIS M 388 41.52 -39.00 25.66
C HIS M 388 40.06 -38.89 26.10
N ASP M 389 39.59 -39.91 26.81
CA ASP M 389 38.26 -39.87 27.38
C ASP M 389 38.19 -38.98 28.61
N ASP M 390 39.26 -38.93 29.40
CA ASP M 390 39.30 -38.15 30.63
C ASP M 390 39.83 -36.75 30.32
N GLN M 391 40.15 -36.00 31.38
CA GLN M 391 40.68 -34.65 31.28
C GLN M 391 41.96 -34.56 32.10
N SER M 392 42.56 -33.37 32.11
CA SER M 392 43.82 -33.11 32.82
C SER M 392 44.95 -34.03 32.34
N VAL M 393 44.93 -34.37 31.06
CA VAL M 393 45.97 -35.18 30.45
C VAL M 393 46.47 -34.46 29.21
N SER M 394 47.79 -34.29 29.11
CA SER M 394 48.38 -33.61 27.96
C SER M 394 48.09 -34.40 26.68
N SER M 395 47.63 -33.71 25.65
CA SER M 395 47.29 -34.33 24.38
C SER M 395 48.41 -34.27 23.37
N LYS M 396 49.55 -33.66 23.70
CA LYS M 396 50.68 -33.52 22.78
C LYS M 396 51.88 -34.22 23.41
N ILE M 397 52.34 -35.31 22.80
CA ILE M 397 53.52 -36.01 23.29
C ILE M 397 54.49 -36.20 22.14
N VAL M 398 55.72 -36.58 22.48
CA VAL M 398 56.78 -36.78 21.49
C VAL M 398 57.43 -38.14 21.75
N ALA M 399 57.69 -38.88 20.67
CA ALA M 399 58.33 -40.18 20.73
C ALA M 399 59.61 -40.16 19.92
N HIS M 400 60.72 -40.57 20.54
CA HIS M 400 62.01 -40.64 19.88
C HIS M 400 62.30 -42.09 19.53
N CYS M 401 62.59 -42.36 18.27
CA CYS M 401 62.88 -43.71 17.82
C CYS M 401 64.11 -43.73 16.94
N PRO M 402 64.90 -44.79 17.01
CA PRO M 402 66.02 -44.97 16.07
C PRO M 402 65.51 -45.47 14.73
N PRO M 403 66.35 -45.46 13.69
CA PRO M 403 65.93 -46.02 12.40
C PRO M 403 65.55 -47.48 12.53
N GLN M 404 64.51 -47.88 11.79
CA GLN M 404 63.98 -49.22 11.83
C GLN M 404 64.31 -49.97 10.54
N ASP M 405 64.09 -51.28 10.58
CA ASP M 405 64.35 -52.14 9.43
C ASP M 405 63.03 -52.58 8.81
N PRO M 406 62.73 -52.18 7.57
CA PRO M 406 61.48 -52.60 6.94
C PRO M 406 61.43 -54.06 6.57
N CYS M 407 62.57 -54.77 6.58
CA CYS M 407 62.58 -56.17 6.19
C CYS M 407 61.70 -57.01 7.12
N LEU M 408 61.76 -56.74 8.42
CA LEU M 408 60.87 -57.43 9.35
C LEU M 408 59.42 -57.01 9.12
N VAL M 409 59.18 -55.77 8.69
CA VAL M 409 57.83 -55.29 8.47
C VAL M 409 57.17 -56.03 7.31
N HIS M 410 57.87 -56.13 6.18
CA HIS M 410 57.32 -56.76 4.99
C HIS M 410 57.72 -58.22 4.84
N GLY M 411 58.43 -58.79 5.82
CA GLY M 411 58.85 -60.17 5.75
C GLY M 411 57.68 -61.14 5.68
N CYS M 412 57.74 -62.06 4.72
CA CYS M 412 56.67 -63.05 4.54
C CYS M 412 57.22 -64.32 3.89
N ALA N 3 9.99 25.97 79.94
CA ALA N 3 11.07 26.46 80.79
C ALA N 3 11.46 25.41 81.83
N LEU N 4 12.57 25.66 82.52
CA LEU N 4 13.04 24.74 83.53
C LEU N 4 12.37 25.02 84.87
N THR N 5 12.41 24.03 85.75
CA THR N 5 11.83 24.14 87.09
C THR N 5 12.96 24.21 88.11
N GLN N 6 12.97 25.28 88.91
CA GLN N 6 13.98 25.51 89.92
C GLN N 6 13.32 25.86 91.25
N PRO N 7 13.95 25.52 92.38
CA PRO N 7 13.42 25.87 93.70
C PRO N 7 13.81 27.27 94.13
N THR N 19 22.36 22.10 97.44
CA THR N 19 22.39 21.65 96.06
C THR N 19 21.13 22.07 95.31
N ILE N 20 21.28 22.94 94.32
CA ILE N 20 20.17 23.44 93.53
C ILE N 20 19.85 22.42 92.45
N SER N 21 18.57 22.11 92.29
CA SER N 21 18.11 21.12 91.34
C SER N 21 17.40 21.80 90.18
N CYS N 22 17.83 21.48 88.95
CA CYS N 22 17.23 22.00 87.73
C CYS N 22 16.54 20.83 87.04
N THR N 23 15.22 20.84 87.06
CA THR N 23 14.41 19.72 86.57
C THR N 23 13.75 20.10 85.24
N GLY N 24 13.88 19.21 84.25
CA GLY N 24 13.29 19.46 82.95
C GLY N 24 12.58 18.27 82.34
N THR N 25 12.18 18.40 81.08
CA THR N 25 11.47 17.35 80.38
C THR N 25 12.46 16.39 79.72
N SER N 26 11.97 15.55 78.81
CA SER N 26 12.87 14.67 78.07
C SER N 26 13.62 15.42 76.98
N SER N 27 13.05 16.51 76.47
CA SER N 27 13.69 17.25 75.40
C SER N 27 15.01 17.88 75.86
N ASP N 28 15.02 18.44 77.07
CA ASP N 28 16.20 19.09 77.63
C ASP N 28 16.72 18.30 78.82
N ILE N 29 18.03 18.38 79.04
CA ILE N 29 18.72 17.67 80.12
C ILE N 29 18.57 16.16 79.97
N GLY N 30 17.35 15.68 79.79
CA GLY N 30 17.14 14.24 79.63
C GLY N 30 17.82 13.69 78.39
N ALA N 31 17.82 14.47 77.32
CA ALA N 31 18.43 14.02 76.06
C ALA N 31 19.89 14.47 75.95
N TYR N 32 20.14 15.76 76.04
CA TYR N 32 21.47 16.31 75.84
C TYR N 32 22.16 16.57 77.19
N ASN N 33 23.48 16.45 77.18
CA ASN N 33 24.30 16.74 78.35
C ASN N 33 24.89 18.15 78.29
N PHE N 34 24.19 19.08 77.62
CA PHE N 34 24.64 20.47 77.51
C PHE N 34 23.79 21.33 78.45
N VAL N 35 24.21 21.39 79.71
CA VAL N 35 23.55 22.21 80.71
C VAL N 35 24.61 23.05 81.41
N SER N 36 24.32 24.33 81.61
CA SER N 36 25.28 25.26 82.19
C SER N 36 24.60 26.09 83.29
N TRP N 37 25.44 26.67 84.16
CA TRP N 37 24.99 27.42 85.31
C TRP N 37 25.57 28.82 85.27
N TYR N 38 24.84 29.77 85.83
CA TYR N 38 25.23 31.17 85.85
C TYR N 38 24.92 31.78 87.21
N GLN N 39 25.85 32.59 87.72
CA GLN N 39 25.72 33.25 89.01
C GLN N 39 25.57 34.75 88.80
N GLN N 40 24.51 35.32 89.36
CA GLN N 40 24.25 36.76 89.23
C GLN N 40 24.17 37.44 90.59
N ALA N 45 24.49 40.87 84.38
CA ALA N 45 25.67 40.22 83.84
C ALA N 45 26.08 39.03 84.69
N PRO N 46 25.39 37.91 84.52
CA PRO N 46 25.72 36.72 85.31
C PRO N 46 27.05 36.11 84.87
N LYS N 47 27.64 35.34 85.78
CA LYS N 47 28.93 34.71 85.55
C LYS N 47 28.76 33.20 85.43
N LEU N 48 29.29 32.63 84.35
CA LEU N 48 29.20 31.20 84.13
C LEU N 48 30.15 30.46 85.07
N LEU N 49 29.64 29.43 85.74
CA LEU N 49 30.44 28.63 86.65
C LEU N 49 30.70 27.22 86.14
N ILE N 50 29.64 26.50 85.79
CA ILE N 50 29.75 25.10 85.39
C ILE N 50 29.20 24.96 83.98
N TYR N 51 29.98 24.34 83.10
CA TYR N 51 29.54 24.01 81.75
C TYR N 51 29.82 22.54 81.48
N ASP N 52 29.06 21.98 80.54
CA ASP N 52 29.15 20.56 80.18
C ASP N 52 28.96 19.68 81.42
N VAL N 53 27.92 20.00 82.19
CA VAL N 53 27.49 19.23 83.36
C VAL N 53 28.51 19.32 84.49
N THR N 54 29.77 18.98 84.21
CA THR N 54 30.80 18.91 85.24
C THR N 54 31.93 19.91 85.07
N ASN N 55 32.29 20.26 83.84
CA ASN N 55 33.50 21.05 83.61
C ASN N 55 33.39 22.44 84.21
N ARG N 56 34.52 22.92 84.74
CA ARG N 56 34.61 24.26 85.32
C ARG N 56 35.82 24.97 84.69
N PRO N 57 35.66 26.23 84.25
CA PRO N 57 36.76 27.01 83.66
C PRO N 57 37.95 27.17 84.61
N SER N 65 30.54 22.39 91.75
CA SER N 65 30.47 21.07 91.12
C SER N 65 29.03 20.73 90.76
N GLY N 66 28.85 20.06 89.62
CA GLY N 66 27.52 19.70 89.15
C GLY N 66 27.48 18.26 88.68
N SER N 67 26.26 17.78 88.46
CA SER N 67 26.03 16.42 88.01
C SER N 67 24.64 16.33 87.39
N LYS N 68 24.34 15.18 86.82
CA LYS N 68 23.06 14.92 86.17
C LYS N 68 22.52 13.57 86.59
N SER N 69 21.19 13.45 86.53
CA SER N 69 20.53 12.18 86.84
C SER N 69 19.12 12.24 86.25
N GLY N 70 18.82 11.33 85.34
CA GLY N 70 17.51 11.33 84.72
C GLY N 70 17.28 12.62 83.96
N ASN N 71 16.19 13.30 84.29
CA ASN N 71 15.85 14.60 83.71
C ASN N 71 16.21 15.76 84.62
N THR N 72 16.97 15.52 85.68
CA THR N 72 17.27 16.55 86.67
C THR N 72 18.78 16.70 86.83
N ALA N 73 19.27 17.92 86.67
CA ALA N 73 20.65 18.25 86.98
C ALA N 73 20.73 18.84 88.39
N SER N 74 21.92 18.74 88.98
CA SER N 74 22.13 19.23 90.33
C SER N 74 23.44 19.99 90.39
N LEU N 75 23.46 21.03 91.23
CA LEU N 75 24.67 21.84 91.43
C LEU N 75 24.93 21.89 92.92
N THR N 76 26.16 21.58 93.33
CA THR N 76 26.51 21.56 94.74
C THR N 76 27.31 22.80 95.12
N ASN N 87 22.13 34.22 93.45
CA ASN N 87 21.26 33.81 92.34
C ASN N 87 21.98 32.84 91.42
N TYR N 88 21.39 31.67 91.21
CA TYR N 88 21.98 30.64 90.37
C TYR N 88 20.94 30.17 89.37
N TYR N 89 21.24 30.34 88.08
CA TYR N 89 20.34 29.95 87.00
C TYR N 89 20.95 28.82 86.20
N CYS N 90 20.09 28.00 85.60
CA CYS N 90 20.48 26.88 84.76
C CYS N 90 19.90 27.04 83.37
N ASN N 91 20.71 26.74 82.36
CA ASN N 91 20.23 26.73 80.98
C ASN N 91 20.60 25.42 80.33
N SER N 92 19.81 25.06 79.31
CA SER N 92 19.98 23.77 78.64
C SER N 92 19.56 23.92 77.18
N TYR N 93 19.87 22.87 76.42
CA TYR N 93 19.64 22.82 74.97
C TYR N 93 18.49 21.87 74.70
N THR N 94 17.49 22.34 73.96
CA THR N 94 16.32 21.53 73.65
C THR N 94 16.51 20.79 72.33
N SER N 95 15.62 19.82 72.08
CA SER N 95 15.64 19.08 70.83
C SER N 95 15.29 19.95 69.64
N SER N 96 14.60 21.07 69.85
CA SER N 96 14.23 21.98 68.78
C SER N 96 15.32 23.01 68.50
N SER N 97 16.55 22.74 68.92
CA SER N 97 17.70 23.62 68.70
C SER N 97 17.48 24.99 69.35
N HIS N 98 16.72 25.03 70.43
CA HIS N 98 16.48 26.25 71.19
C HIS N 98 17.23 26.19 72.52
N VAL N 99 17.28 27.33 73.19
CA VAL N 99 17.95 27.46 74.48
C VAL N 99 16.89 27.76 75.53
N VAL N 100 16.86 26.97 76.60
CA VAL N 100 15.86 27.13 77.64
C VAL N 100 16.57 27.48 78.95
N PHE N 101 16.13 28.56 79.58
CA PHE N 101 16.71 29.06 80.81
C PHE N 101 15.87 28.63 82.00
N GLY N 102 16.52 28.46 83.15
CA GLY N 102 15.82 28.08 84.35
C GLY N 102 15.04 29.24 84.96
N GLY N 103 14.12 28.90 85.87
CA GLY N 103 13.36 29.92 86.54
C GLY N 103 14.21 30.79 87.44
N GLY N 104 15.15 30.19 88.15
CA GLY N 104 16.07 30.95 88.96
C GLY N 104 15.81 30.75 90.45
N THR N 105 16.89 30.74 91.22
CA THR N 105 16.80 30.59 92.67
C THR N 105 17.43 31.78 93.38
N SER O 31 35.67 37.11 63.32
CA SER O 31 36.25 35.86 62.86
C SER O 31 36.44 34.87 64.01
N GLY O 32 35.97 33.64 63.81
CA GLY O 32 36.07 32.62 64.84
C GLY O 32 34.80 31.85 65.09
N ASP O 33 33.81 32.03 64.20
CA ASP O 33 32.54 31.29 64.26
C ASP O 33 31.81 31.54 65.58
N TYR O 34 31.40 32.79 65.77
CA TYR O 34 30.71 33.21 66.98
C TYR O 34 29.22 33.37 66.72
N TYR O 35 28.43 33.19 67.78
CA TYR O 35 26.98 33.35 67.74
C TYR O 35 26.60 34.48 68.68
N TRP O 36 26.19 35.62 68.11
CA TRP O 36 25.86 36.80 68.90
C TRP O 36 24.39 36.72 69.30
N SER O 37 24.14 36.51 70.59
CA SER O 37 22.80 36.27 71.08
C SER O 37 22.35 37.41 71.99
N TRP O 38 21.03 37.55 72.12
CA TRP O 38 20.41 38.58 72.95
C TRP O 38 19.63 37.92 74.08
N ILE O 39 19.88 38.38 75.31
CA ILE O 39 19.19 37.88 76.49
C ILE O 39 18.58 39.07 77.20
N ARG O 40 17.51 38.84 77.97
CA ARG O 40 16.86 39.91 78.70
C ARG O 40 16.41 39.43 80.07
N GLN O 41 16.32 40.39 80.99
CA GLN O 41 15.89 40.15 82.37
C GLN O 41 14.88 41.23 82.73
N PRO O 42 13.61 40.88 82.99
CA PRO O 42 12.59 41.85 83.39
C PRO O 42 12.91 42.57 84.69
N LEU O 47 16.86 34.85 83.42
CA LEU O 47 16.83 35.50 82.12
C LEU O 47 15.83 34.85 81.18
N GLU O 48 15.90 35.22 79.90
CA GLU O 48 15.05 34.62 78.88
C GLU O 48 15.71 34.85 77.53
N TRP O 49 16.08 33.77 76.86
CA TRP O 49 16.74 33.86 75.56
C TRP O 49 15.79 34.43 74.52
N ILE O 50 16.28 35.38 73.73
CA ILE O 50 15.48 35.99 72.67
C ILE O 50 15.83 35.34 71.34
N GLY O 51 17.10 35.42 70.97
CA GLY O 51 17.54 34.86 69.71
C GLY O 51 19.03 35.05 69.53
N TYR O 52 19.52 34.56 68.40
CA TYR O 52 20.91 34.73 68.02
C TYR O 52 21.02 35.05 66.54
N ILE O 53 22.07 35.80 66.20
CA ILE O 53 22.53 36.01 64.84
C ILE O 53 23.89 35.35 64.72
N SER O 54 24.06 34.52 63.70
CA SER O 54 25.28 33.73 63.57
C SER O 54 26.31 34.47 62.73
N TYR O 55 27.53 33.93 62.73
CA TYR O 55 28.59 34.47 61.90
C TYR O 55 28.22 34.43 60.42
N SER O 56 27.40 33.46 60.04
CA SER O 56 26.99 33.27 58.65
C SER O 56 25.78 34.13 58.28
N GLY O 57 25.23 34.88 59.22
CA GLY O 57 24.04 35.67 58.96
C GLY O 57 22.73 34.97 59.23
N SER O 58 22.76 33.73 59.71
CA SER O 58 21.54 33.01 60.03
C SER O 58 20.98 33.50 61.37
N THR O 59 19.66 33.67 61.43
CA THR O 59 18.99 34.20 62.60
C THR O 59 18.05 33.13 63.15
N TYR O 60 18.10 32.93 64.47
CA TYR O 60 17.18 32.03 65.14
C TYR O 60 16.53 32.77 66.31
N TYR O 61 15.21 32.72 66.40
CA TYR O 61 14.48 33.48 67.39
C TYR O 61 13.72 32.55 68.33
N ASN O 62 13.35 33.09 69.49
CA ASN O 62 12.50 32.36 70.41
C ASN O 62 11.14 32.12 69.76
N PRO O 63 10.54 30.95 69.96
CA PRO O 63 9.25 30.68 69.32
C PRO O 63 8.15 31.63 69.74
N SER O 64 8.15 32.08 71.00
CA SER O 64 7.11 33.00 71.45
C SER O 64 7.32 34.40 70.91
N LEU O 65 8.58 34.87 70.89
CA LEU O 65 8.91 36.20 70.37
C LEU O 65 9.47 36.11 68.95
N GLU O 66 8.93 35.21 68.13
CA GLU O 66 9.44 35.06 66.78
C GLU O 66 9.16 36.29 65.93
N SER O 67 8.00 36.91 66.13
CA SER O 67 7.66 38.12 65.38
C SER O 67 7.61 39.34 66.29
N VAL O 94 16.36 44.74 81.43
CA VAL O 94 17.77 44.87 81.05
C VAL O 94 18.10 43.88 79.93
N TYR O 95 18.83 44.35 78.93
CA TYR O 95 19.19 43.53 77.77
C TYR O 95 20.70 43.34 77.74
N TYR O 96 21.14 42.08 77.68
CA TYR O 96 22.54 41.72 77.57
C TYR O 96 22.78 40.99 76.25
N CYS O 97 24.05 40.93 75.88
CA CYS O 97 24.48 40.17 74.70
C CYS O 97 25.73 39.38 75.08
N ALA O 98 25.57 38.07 75.24
CA ALA O 98 26.65 37.18 75.63
C ALA O 98 26.83 36.10 74.58
N THR O 99 28.10 35.76 74.28
CA THR O 99 28.42 34.79 73.26
C THR O 99 29.54 33.88 73.77
N ASN O 100 29.54 32.64 73.29
CA ASN O 100 30.60 31.69 73.62
C ASN O 100 31.88 32.13 72.92
N TYR O 101 32.77 32.79 73.66
CA TYR O 101 33.98 33.37 73.07
C TYR O 101 35.26 32.68 73.47
N PHE O 102 35.26 31.89 74.54
CA PHE O 102 36.49 31.25 75.01
C PHE O 102 36.39 29.74 75.09
N HIS O 103 35.23 29.20 75.45
CA HIS O 103 35.06 27.76 75.59
C HIS O 103 34.51 27.15 74.30
N LEU O 104 35.26 27.37 73.22
CA LEU O 104 34.88 26.82 71.92
C LEU O 104 35.13 25.32 71.89
N HIS O 105 34.18 24.58 71.34
CA HIS O 105 34.31 23.14 71.16
C HIS O 105 34.49 22.84 69.68
N ASP O 106 35.45 21.97 69.37
CA ASP O 106 35.76 21.67 67.98
C ASP O 106 34.70 20.79 67.34
N PHE O 107 33.91 20.08 68.15
CA PHE O 107 32.94 19.13 67.60
C PHE O 107 31.57 19.75 67.37
N GLY O 108 31.27 20.89 67.98
CA GLY O 108 29.96 21.49 67.80
C GLY O 108 29.96 22.95 68.18
N ASP O 109 28.86 23.63 67.82
CA ASP O 109 28.69 25.04 68.09
C ASP O 109 27.81 25.21 69.34
N LEU O 110 28.42 24.98 70.49
CA LEU O 110 27.72 25.12 71.77
C LEU O 110 27.66 26.61 72.10
N TYR O 111 26.68 27.28 71.50
CA TYR O 111 26.56 28.73 71.64
C TYR O 111 25.84 29.15 72.91
N TRP O 112 25.22 28.23 73.64
CA TRP O 112 24.52 28.61 74.86
C TRP O 112 25.43 28.68 76.07
N TYR O 113 26.70 28.29 75.93
CA TYR O 113 27.67 28.43 77.01
C TYR O 113 28.11 29.90 77.07
N PHE O 114 27.20 30.72 77.60
CA PHE O 114 27.36 32.17 77.52
C PHE O 114 28.48 32.65 78.43
N ASP O 115 29.38 33.44 77.86
CA ASP O 115 30.33 34.25 78.61
C ASP O 115 30.52 35.55 77.86
N LEU O 116 31.30 36.46 78.45
CA LEU O 116 31.50 37.80 77.89
C LEU O 116 30.14 38.47 77.68
N TRP O 117 29.47 38.72 78.80
CA TRP O 117 28.15 39.34 78.78
C TRP O 117 28.27 40.82 78.47
N GLY O 118 27.27 41.33 77.76
CA GLY O 118 27.25 42.74 77.38
C GLY O 118 26.85 43.65 78.53
N CYS P 536 70.05 -24.23 -8.27
CA CYS P 536 69.22 -24.99 -9.19
C CYS P 536 68.38 -24.08 -10.08
N SER P 537 68.69 -22.78 -10.07
CA SER P 537 67.98 -21.82 -10.92
C SER P 537 68.77 -20.51 -10.93
N GLU P 538 69.11 -20.03 -12.12
CA GLU P 538 69.96 -18.86 -12.27
C GLU P 538 69.11 -17.59 -12.48
N LEU P 539 69.80 -16.46 -12.57
CA LEU P 539 69.16 -15.15 -12.77
C LEU P 539 69.97 -14.36 -13.80
N ILE P 540 70.30 -15.01 -14.92
CA ILE P 540 71.23 -14.42 -15.88
C ILE P 540 70.65 -13.16 -16.52
N GLN P 541 69.34 -13.15 -16.78
CA GLN P 541 68.73 -11.99 -17.45
C GLN P 541 68.66 -10.77 -16.55
N ALA P 542 68.81 -10.93 -15.23
CA ALA P 542 68.79 -9.81 -14.30
C ALA P 542 70.00 -9.83 -13.37
N SER P 543 71.05 -10.57 -13.71
CA SER P 543 72.23 -10.62 -12.87
C SER P 543 72.96 -9.28 -12.90
N SER P 544 73.59 -8.95 -11.77
CA SER P 544 74.37 -7.74 -11.63
C SER P 544 75.75 -8.07 -11.10
N ARG P 545 76.61 -7.05 -11.03
CA ARG P 545 77.96 -7.19 -10.50
C ARG P 545 77.88 -7.19 -8.97
N ILE P 546 77.55 -8.34 -8.42
CA ILE P 546 77.41 -8.49 -6.98
C ILE P 546 78.79 -8.62 -6.32
N THR P 551 83.69 -3.92 -8.46
CA THR P 551 84.92 -3.61 -7.73
C THR P 551 85.22 -4.69 -6.69
N GLU P 552 86.50 -4.90 -6.40
CA GLU P 552 86.90 -5.92 -5.45
C GLU P 552 86.43 -5.57 -4.05
N GLY P 553 85.98 -6.57 -3.31
CA GLY P 553 85.56 -6.39 -1.94
C GLY P 553 84.17 -5.81 -1.80
N VAL P 554 83.98 -4.56 -2.26
CA VAL P 554 82.70 -3.91 -2.10
C VAL P 554 81.65 -4.56 -3.00
N ASN P 555 80.39 -4.27 -2.71
CA ASN P 555 79.25 -4.85 -3.41
C ASN P 555 78.62 -3.80 -4.32
N THR P 556 78.31 -4.20 -5.55
CA THR P 556 77.70 -3.33 -6.53
C THR P 556 76.40 -3.95 -7.04
N LYS P 557 75.58 -4.44 -6.12
CA LYS P 557 74.28 -4.99 -6.48
C LYS P 557 73.41 -3.91 -7.09
N CYS P 558 72.65 -4.28 -8.11
CA CYS P 558 71.83 -3.33 -8.86
C CYS P 558 70.34 -3.60 -8.69
N ARG P 559 69.93 -4.10 -7.53
CA ARG P 559 68.52 -4.32 -7.20
C ARG P 559 67.88 -5.26 -8.22
N LEU P 560 68.36 -6.51 -8.19
CA LEU P 560 67.91 -7.54 -9.12
C LEU P 560 66.39 -7.58 -9.20
N SER P 561 65.87 -7.27 -10.39
CA SER P 561 64.43 -7.14 -10.57
C SER P 561 63.79 -8.33 -11.27
N GLY P 562 64.56 -9.16 -11.95
CA GLY P 562 64.01 -10.30 -12.65
C GLY P 562 63.32 -11.30 -11.75
N THR P 563 62.06 -11.60 -12.06
CA THR P 563 61.31 -12.57 -11.29
C THR P 563 61.79 -13.98 -11.58
N ALA P 564 61.51 -14.88 -10.65
CA ALA P 564 61.88 -16.29 -10.77
C ALA P 564 60.63 -17.15 -10.71
N LEU P 565 60.52 -18.11 -11.63
CA LEU P 565 59.38 -19.01 -11.72
C LEU P 565 59.90 -20.44 -11.50
N ILE P 566 59.84 -20.93 -10.27
CA ILE P 566 60.30 -22.27 -9.95
C ILE P 566 59.21 -23.00 -9.17
N ARG P 567 59.19 -24.32 -9.35
CA ARG P 567 58.17 -25.16 -8.74
C ARG P 567 58.49 -25.38 -7.26
N ALA P 568 57.48 -25.20 -6.41
CA ALA P 568 57.67 -25.39 -4.99
C ALA P 568 57.92 -26.85 -4.67
N GLY P 569 58.82 -27.10 -3.72
CA GLY P 569 59.12 -28.45 -3.32
C GLY P 569 57.98 -29.08 -2.52
N SER P 570 58.07 -30.39 -2.35
CA SER P 570 57.07 -31.13 -1.59
C SER P 570 57.16 -30.75 -0.11
N VAL P 571 56.26 -31.34 0.69
CA VAL P 571 56.26 -31.05 2.12
C VAL P 571 57.57 -31.52 2.74
N GLY P 572 58.26 -30.59 3.39
CA GLY P 572 59.57 -30.88 3.93
C GLY P 572 60.71 -30.75 2.95
N ALA P 573 60.43 -30.40 1.69
CA ALA P 573 61.46 -30.21 0.68
C ALA P 573 61.82 -28.73 0.59
N GLU P 574 62.79 -28.41 -0.27
CA GLU P 574 63.28 -27.05 -0.41
C GLU P 574 63.39 -26.68 -1.88
N ALA P 575 63.31 -25.38 -2.15
CA ALA P 575 63.47 -24.82 -3.48
C ALA P 575 64.72 -23.94 -3.53
N CYS P 576 65.42 -24.00 -4.66
CA CYS P 576 66.75 -23.44 -4.81
C CYS P 576 66.71 -22.03 -5.37
N LEU P 577 67.84 -21.34 -5.28
CA LEU P 577 68.18 -20.20 -6.12
C LEU P 577 69.68 -20.11 -6.25
N MET P 578 70.14 -19.83 -7.46
CA MET P 578 71.57 -19.74 -7.76
C MET P 578 71.91 -18.29 -8.06
N LEU P 579 72.86 -17.74 -7.30
CA LEU P 579 73.35 -16.38 -7.51
C LEU P 579 74.85 -16.51 -7.77
N LYS P 580 75.22 -16.71 -9.03
CA LYS P 580 76.59 -16.98 -9.42
C LYS P 580 77.29 -15.69 -9.82
N GLY P 581 78.42 -15.40 -9.17
CA GLY P 581 79.22 -14.25 -9.51
C GLY P 581 80.56 -14.64 -10.12
N VAL P 582 81.60 -14.60 -9.31
CA VAL P 582 82.96 -14.99 -9.72
C VAL P 582 83.28 -16.32 -9.07
N LYS P 583 83.88 -17.23 -9.83
CA LYS P 583 84.21 -18.55 -9.31
C LYS P 583 85.10 -18.44 -8.08
N GLU P 584 84.84 -19.31 -7.10
CA GLU P 584 85.45 -19.27 -5.78
C GLU P 584 85.06 -18.02 -4.99
N ASP P 585 83.98 -17.35 -5.41
CA ASP P 585 83.49 -16.16 -4.72
C ASP P 585 81.97 -16.13 -4.87
N GLN P 586 81.34 -15.29 -4.06
CA GLN P 586 79.89 -15.06 -4.09
C GLN P 586 79.19 -16.39 -3.83
N THR P 587 78.45 -16.96 -4.79
CA THR P 587 77.69 -18.18 -4.61
C THR P 587 76.73 -18.08 -3.42
N LYS P 588 75.78 -17.15 -3.55
CA LYS P 588 74.78 -16.92 -2.52
C LYS P 588 73.54 -17.75 -2.81
N PHE P 589 73.06 -18.46 -1.79
CA PHE P 589 71.97 -19.41 -1.95
C PHE P 589 70.75 -18.91 -1.19
N LEU P 590 69.63 -18.76 -1.90
CA LEU P 590 68.34 -18.45 -1.30
C LEU P 590 67.50 -19.72 -1.32
N LYS P 591 67.03 -20.13 -0.16
CA LYS P 591 66.30 -21.39 -0.05
C LYS P 591 64.87 -21.14 0.40
N ILE P 592 63.94 -21.90 -0.17
CA ILE P 592 62.55 -21.84 0.25
C ILE P 592 62.14 -23.21 0.79
N LYS P 593 62.14 -23.36 2.11
CA LYS P 593 61.72 -24.59 2.76
C LYS P 593 60.20 -24.65 2.79
N THR P 594 59.64 -25.82 2.49
CA THR P 594 58.19 -26.03 2.58
C THR P 594 57.91 -26.72 3.90
N VAL P 595 57.47 -25.95 4.90
CA VAL P 595 57.29 -26.50 6.24
C VAL P 595 56.14 -27.50 6.26
N SER P 596 54.94 -27.03 5.95
CA SER P 596 53.76 -27.90 5.97
C SER P 596 52.66 -27.28 5.14
N SER P 597 51.75 -28.13 4.68
CA SER P 597 50.56 -27.71 3.96
C SER P 597 49.34 -28.14 4.76
N GLU P 598 48.49 -27.19 5.10
CA GLU P 598 47.33 -27.45 5.94
C GLU P 598 46.06 -26.94 5.26
N LEU P 599 44.95 -27.61 5.56
CA LEU P 599 43.65 -27.23 5.03
C LEU P 599 42.91 -26.43 6.10
N SER P 600 43.23 -25.14 6.17
CA SER P 600 42.68 -24.29 7.20
C SER P 600 41.19 -24.03 6.95
N CYS P 601 40.52 -23.51 7.96
CA CYS P 601 39.09 -23.25 7.92
C CYS P 601 38.83 -21.77 7.71
N ARG P 602 37.80 -21.48 6.91
CA ARG P 602 37.32 -20.12 6.70
C ARG P 602 35.99 -20.01 7.44
N GLU P 603 36.02 -19.39 8.62
CA GLU P 603 34.84 -19.31 9.46
C GLU P 603 33.80 -18.37 8.87
N GLY P 604 32.52 -18.70 9.09
CA GLY P 604 31.43 -17.86 8.66
C GLY P 604 30.80 -17.12 9.82
N GLN P 605 29.58 -17.51 10.18
CA GLN P 605 28.91 -16.90 11.32
C GLN P 605 29.44 -17.51 12.63
N SER P 606 29.15 -16.83 13.73
CA SER P 606 29.61 -17.28 15.03
C SER P 606 28.74 -16.66 16.12
N TYR P 607 28.75 -17.29 17.29
CA TYR P 607 28.09 -16.74 18.47
C TYR P 607 28.78 -17.29 19.70
N TRP P 608 28.30 -16.86 20.86
CA TRP P 608 28.85 -17.29 22.14
C TRP P 608 27.76 -17.82 23.04
N THR P 609 28.14 -18.68 23.97
CA THR P 609 27.17 -19.26 24.90
C THR P 609 27.88 -19.68 26.17
N GLY P 610 27.10 -19.92 27.21
CA GLY P 610 27.61 -20.31 28.49
C GLY P 610 26.57 -21.03 29.31
N SER P 611 26.82 -21.11 30.62
CA SER P 611 25.92 -21.78 31.55
C SER P 611 25.13 -20.74 32.32
N PHE P 612 23.81 -20.87 32.32
CA PHE P 612 22.93 -19.90 32.95
C PHE P 612 21.96 -20.61 33.90
N SER P 613 21.60 -19.91 34.97
CA SER P 613 20.61 -20.38 35.92
C SER P 613 19.67 -19.25 36.28
N PRO P 614 18.38 -19.53 36.48
CA PRO P 614 17.41 -18.46 36.76
C PRO P 614 17.21 -18.19 38.23
N LYS P 615 16.80 -16.96 38.52
CA LYS P 615 16.38 -16.54 39.85
C LYS P 615 15.05 -15.81 39.73
N CYS P 616 14.12 -16.13 40.62
CA CYS P 616 12.77 -15.59 40.56
C CYS P 616 12.41 -14.85 41.83
N LEU P 617 11.72 -13.72 41.67
CA LEU P 617 11.14 -12.97 42.76
C LEU P 617 9.62 -13.02 42.61
N SER P 618 8.93 -13.39 43.68
CA SER P 618 7.50 -13.59 43.64
C SER P 618 6.80 -12.65 44.61
N SER P 619 5.61 -12.20 44.21
CA SER P 619 4.79 -11.35 45.07
C SER P 619 3.33 -11.69 44.83
N ARG P 620 2.63 -12.10 45.87
CA ARG P 620 1.23 -12.53 45.75
C ARG P 620 0.32 -11.48 46.37
N ARG P 621 -0.62 -10.98 45.58
CA ARG P 621 -1.58 -9.98 46.04
C ARG P 621 -2.99 -10.45 45.78
N CYS P 622 -3.89 -10.07 46.68
CA CYS P 622 -5.30 -10.42 46.56
C CYS P 622 -5.94 -9.61 45.43
N HIS P 623 -7.19 -9.95 45.11
CA HIS P 623 -7.88 -9.32 44.00
C HIS P 623 -8.14 -7.84 44.29
N LEU P 624 -8.16 -7.05 43.22
CA LEU P 624 -8.38 -5.60 43.28
C LEU P 624 -7.28 -4.88 44.06
N VAL P 625 -6.11 -5.48 44.17
CA VAL P 625 -4.96 -4.86 44.84
C VAL P 625 -3.87 -4.65 43.80
N GLY P 626 -3.45 -3.40 43.64
CA GLY P 626 -2.48 -3.08 42.62
C GLY P 626 -3.03 -3.28 41.23
N GLU P 627 -2.47 -4.24 40.49
CA GLU P 627 -2.95 -4.59 39.15
C GLU P 627 -3.46 -6.03 39.13
N CYS P 628 -4.11 -6.45 40.21
CA CYS P 628 -4.62 -7.81 40.31
C CYS P 628 -5.95 -7.99 39.59
N HIS P 629 -6.36 -7.03 38.76
CA HIS P 629 -7.51 -7.26 37.91
C HIS P 629 -7.22 -8.39 36.94
N VAL P 630 -8.23 -9.25 36.72
CA VAL P 630 -8.02 -10.44 35.92
C VAL P 630 -7.63 -10.08 34.49
N ASN P 631 -8.27 -9.04 33.93
CA ASN P 631 -7.95 -8.61 32.57
C ASN P 631 -6.48 -8.22 32.45
N ARG P 632 -5.96 -7.50 33.44
CA ARG P 632 -4.52 -7.24 33.49
C ARG P 632 -3.74 -8.51 33.78
N CYS P 633 -4.35 -9.46 34.49
CA CYS P 633 -3.62 -10.65 34.92
C CYS P 633 -3.26 -11.54 33.73
N LEU P 634 -4.21 -11.83 32.85
CA LEU P 634 -3.86 -12.70 31.72
C LEU P 634 -3.08 -11.97 30.64
N SER P 635 -3.36 -10.69 30.43
CA SER P 635 -2.71 -9.93 29.36
C SER P 635 -1.37 -9.35 29.77
N TRP P 636 -0.72 -9.92 30.78
CA TRP P 636 0.55 -9.40 31.26
C TRP P 636 1.64 -9.62 30.22
N ARG P 637 2.21 -8.53 29.71
CA ARG P 637 3.32 -8.64 28.78
C ARG P 637 4.57 -9.12 29.52
N ASP P 638 5.34 -9.99 28.85
CA ASP P 638 6.52 -10.56 29.48
C ASP P 638 7.63 -9.54 29.68
N ASN P 639 7.62 -8.43 28.94
CA ASN P 639 8.67 -7.43 29.04
C ASN P 639 8.30 -6.27 29.94
N GLU P 640 7.16 -6.32 30.62
CA GLU P 640 6.69 -5.26 31.49
C GLU P 640 6.87 -5.68 32.94
N THR P 641 7.50 -4.82 33.72
CA THR P 641 7.80 -5.12 35.12
C THR P 641 6.68 -4.66 36.03
N SER P 642 6.43 -5.44 37.08
CA SER P 642 5.43 -5.09 38.06
C SER P 642 5.96 -4.01 39.00
N ALA P 643 5.04 -3.36 39.70
CA ALA P 643 5.42 -2.28 40.61
C ALA P 643 6.02 -2.81 41.91
N GLU P 644 5.77 -4.06 42.26
CA GLU P 644 6.34 -4.61 43.49
C GLU P 644 7.86 -4.73 43.39
N PHE P 645 8.36 -5.14 42.22
CA PHE P 645 9.80 -5.30 42.02
C PHE P 645 10.42 -4.06 41.42
N SER P 646 10.20 -2.91 42.07
CA SER P 646 10.78 -1.67 41.60
C SER P 646 12.19 -1.45 42.11
N PHE P 647 12.62 -2.18 43.14
CA PHE P 647 14.01 -2.08 43.57
C PHE P 647 14.94 -2.64 42.51
N VAL P 648 14.46 -3.56 41.68
CA VAL P 648 15.20 -3.96 40.49
C VAL P 648 15.40 -2.76 39.58
N GLY P 649 14.35 -1.99 39.38
CA GLY P 649 14.45 -0.78 38.58
C GLY P 649 14.87 -1.10 37.16
N GLU P 650 15.87 -0.39 36.68
CA GLU P 650 16.42 -0.61 35.35
C GLU P 650 17.64 -1.53 35.46
N SER P 651 17.60 -2.63 34.73
CA SER P 651 18.70 -3.59 34.72
C SER P 651 18.93 -4.07 33.29
N THR P 652 20.18 -4.42 33.01
CA THR P 652 20.57 -4.90 31.69
C THR P 652 20.54 -6.43 31.58
N THR P 653 20.19 -7.12 32.65
CA THR P 653 20.18 -8.57 32.64
C THR P 653 18.99 -9.08 31.83
N MET P 654 19.15 -10.28 31.26
CA MET P 654 18.03 -10.96 30.62
C MET P 654 16.98 -11.30 31.66
N ARG P 655 15.74 -10.94 31.39
CA ARG P 655 14.69 -11.11 32.39
C ARG P 655 13.34 -11.18 31.72
N GLU P 656 12.37 -11.72 32.45
CA GLU P 656 11.00 -11.81 31.99
C GLU P 656 10.07 -11.76 33.20
N ASN P 657 8.82 -11.41 32.95
CA ASN P 657 7.82 -11.24 34.00
C ASN P 657 6.56 -11.99 33.63
N LYS P 658 6.03 -12.76 34.58
CA LYS P 658 4.82 -13.53 34.38
C LYS P 658 3.83 -13.23 35.51
N CYS P 659 2.55 -13.49 35.24
CA CYS P 659 1.49 -13.33 36.21
C CYS P 659 0.62 -14.58 36.19
N PHE P 660 0.38 -15.15 37.37
CA PHE P 660 -0.38 -16.38 37.49
C PHE P 660 -1.58 -16.17 38.42
N GLU P 661 -2.75 -16.62 37.96
CA GLU P 661 -3.94 -16.61 38.81
C GLU P 661 -3.86 -17.72 39.85
N GLN P 662 -4.37 -17.41 41.04
CA GLN P 662 -4.47 -18.41 42.10
C GLN P 662 -5.88 -18.46 42.66
N CYS P 663 -6.06 -19.17 43.78
CA CYS P 663 -7.35 -19.22 44.44
C CYS P 663 -7.75 -17.86 45.00
N GLY P 664 -9.05 -17.68 45.17
CA GLY P 664 -9.59 -16.49 45.82
C GLY P 664 -10.68 -16.85 46.81
N GLY P 665 -10.46 -16.53 48.07
CA GLY P 665 -11.40 -16.89 49.12
C GLY P 665 -10.70 -16.96 50.46
N TRP P 666 -11.52 -17.01 51.51
CA TRP P 666 -10.97 -16.94 52.87
C TRP P 666 -10.04 -18.10 53.16
N GLY P 667 -10.29 -19.26 52.57
CA GLY P 667 -9.34 -20.35 52.69
C GLY P 667 -8.02 -20.05 52.01
N CYS P 668 -8.09 -19.39 50.85
CA CYS P 668 -6.88 -18.97 50.15
C CYS P 668 -6.11 -17.92 50.95
N GLY P 669 -6.82 -16.97 51.55
CA GLY P 669 -6.19 -15.94 52.36
C GLY P 669 -6.74 -14.56 52.10
N CYS P 670 -7.61 -14.43 51.12
CA CYS P 670 -8.17 -13.15 50.71
C CYS P 670 -9.68 -13.16 50.85
N PHE P 671 -10.24 -12.07 51.37
CA PHE P 671 -11.69 -12.03 51.58
C PHE P 671 -12.43 -12.14 50.25
N ASN P 672 -11.94 -11.47 49.21
CA ASN P 672 -12.58 -11.55 47.91
C ASN P 672 -12.51 -12.97 47.37
N VAL P 673 -13.54 -13.35 46.60
CA VAL P 673 -13.60 -14.69 46.03
C VAL P 673 -13.06 -14.75 44.60
N ASN P 674 -12.87 -13.60 43.96
CA ASN P 674 -12.23 -13.58 42.66
C ASN P 674 -10.78 -14.04 42.79
N PRO P 675 -10.18 -14.57 41.72
CA PRO P 675 -8.83 -15.13 41.86
C PRO P 675 -7.80 -14.04 42.14
N SER P 676 -6.84 -14.38 43.01
CA SER P 676 -5.76 -13.47 43.35
C SER P 676 -4.71 -13.52 42.23
N CYS P 677 -3.59 -12.84 42.43
CA CYS P 677 -2.53 -12.82 41.44
C CYS P 677 -1.18 -13.08 42.10
N LEU P 678 -0.29 -13.71 41.34
CA LEU P 678 1.09 -13.92 41.74
C LEU P 678 1.97 -13.38 40.63
N PHE P 679 2.75 -12.35 40.91
CA PHE P 679 3.67 -11.75 39.96
C PHE P 679 5.05 -12.34 40.17
N VAL P 680 5.67 -12.79 39.08
CA VAL P 680 6.99 -13.40 39.13
C VAL P 680 7.91 -12.65 38.17
N HIS P 681 9.09 -12.28 38.67
CA HIS P 681 10.12 -11.65 37.86
C HIS P 681 11.35 -12.56 37.90
N THR P 682 11.74 -13.08 36.73
CA THR P 682 12.85 -14.02 36.64
C THR P 682 13.97 -13.41 35.82
N TYR P 683 15.20 -13.59 36.28
CA TYR P 683 16.37 -13.15 35.55
C TYR P 683 17.43 -14.25 35.56
N LEU P 684 18.12 -14.40 34.42
CA LEU P 684 19.15 -15.41 34.27
C LEU P 684 20.50 -14.84 34.70
N GLN P 685 21.31 -15.68 35.33
CA GLN P 685 22.66 -15.30 35.72
C GLN P 685 23.64 -16.41 35.36
N SER P 686 24.86 -16.01 35.01
CA SER P 686 25.87 -16.96 34.58
C SER P 686 26.44 -17.71 35.78
N VAL P 687 26.58 -19.03 35.63
CA VAL P 687 27.06 -19.88 36.71
C VAL P 687 28.59 -19.90 36.69
N ARG P 688 29.17 -20.28 35.57
CA ARG P 688 30.61 -20.35 35.41
C ARG P 688 31.13 -19.08 34.74
N LYS P 689 32.35 -18.69 35.11
CA LYS P 689 32.99 -17.51 34.54
C LYS P 689 33.79 -17.87 33.28
N GLU P 690 33.13 -18.55 32.35
CA GLU P 690 33.74 -18.93 31.09
C GLU P 690 32.68 -18.90 30.00
N ALA P 691 33.13 -18.79 28.75
CA ALA P 691 32.23 -18.77 27.61
C ALA P 691 32.82 -19.63 26.50
N LEU P 692 31.95 -20.10 25.62
CA LEU P 692 32.34 -20.92 24.48
C LEU P 692 31.85 -20.26 23.20
N ARG P 693 32.71 -20.26 22.17
CA ARG P 693 32.37 -19.67 20.89
C ARG P 693 32.03 -20.78 19.89
N VAL P 694 30.85 -20.69 19.29
CA VAL P 694 30.38 -21.69 18.35
C VAL P 694 30.37 -21.05 16.96
N PHE P 695 31.02 -21.71 16.01
CA PHE P 695 31.13 -21.22 14.65
C PHE P 695 31.00 -22.38 13.66
N ASN P 696 31.10 -22.06 12.38
CA ASN P 696 31.03 -23.05 11.32
C ASN P 696 32.03 -22.69 10.23
N CYS P 697 32.47 -23.70 9.50
CA CYS P 697 33.41 -23.53 8.39
C CYS P 697 32.63 -23.65 7.09
N ILE P 698 32.46 -22.52 6.39
CA ILE P 698 31.76 -22.55 5.11
C ILE P 698 32.60 -23.27 4.06
N ASP P 699 33.91 -23.10 4.09
CA ASP P 699 34.79 -23.77 3.14
C ASP P 699 36.19 -23.86 3.73
N TRP P 700 36.99 -24.76 3.18
CA TRP P 700 38.36 -24.98 3.59
C TRP P 700 39.29 -24.51 2.47
N VAL P 701 40.42 -23.90 2.87
CA VAL P 701 41.34 -23.30 1.93
C VAL P 701 42.73 -23.90 2.13
N HIS P 702 43.40 -24.21 1.01
CA HIS P 702 44.77 -24.68 1.09
C HIS P 702 45.68 -23.55 1.55
N LYS P 703 46.67 -23.89 2.37
CA LYS P 703 47.49 -22.88 3.04
C LYS P 703 48.88 -23.46 3.24
N LEU P 704 49.89 -22.81 2.66
CA LEU P 704 51.26 -23.29 2.67
C LEU P 704 52.12 -22.42 3.58
N THR P 705 52.93 -23.07 4.40
CA THR P 705 53.89 -22.41 5.26
C THR P 705 55.29 -22.56 4.67
N LEU P 706 56.00 -21.45 4.51
CA LEU P 706 57.32 -21.44 3.92
C LEU P 706 58.32 -20.88 4.90
N GLU P 707 59.54 -21.41 4.87
CA GLU P 707 60.66 -20.91 5.64
C GLU P 707 61.65 -20.30 4.64
N ILE P 708 61.86 -18.99 4.74
CA ILE P 708 62.65 -18.27 3.75
C ILE P 708 64.08 -18.17 4.26
N THR P 709 64.93 -19.12 3.85
CA THR P 709 66.36 -19.05 4.14
C THR P 709 66.94 -17.98 3.23
N ASP P 710 66.98 -16.76 3.76
CA ASP P 710 67.43 -15.59 3.01
C ASP P 710 68.95 -15.55 2.94
N PHE P 711 69.46 -14.66 2.10
CA PHE P 711 70.89 -14.46 1.99
C PHE P 711 71.45 -13.91 3.29
N ASP P 712 72.44 -14.62 3.85
CA ASP P 712 73.08 -14.23 5.10
C ASP P 712 72.06 -14.05 6.23
N GLY P 713 71.39 -15.15 6.56
CA GLY P 713 70.39 -15.13 7.60
C GLY P 713 69.09 -15.78 7.19
N SER P 714 68.61 -16.75 7.97
CA SER P 714 67.41 -17.50 7.65
C SER P 714 66.27 -17.22 8.62
N VAL P 715 66.24 -16.02 9.20
CA VAL P 715 65.18 -15.67 10.16
C VAL P 715 64.04 -15.07 9.33
N SER P 716 63.23 -15.97 8.76
CA SER P 716 62.07 -15.56 7.98
C SER P 716 61.14 -16.75 7.80
N THR P 717 59.94 -16.67 8.35
CA THR P 717 58.91 -17.68 8.17
C THR P 717 57.61 -16.99 7.79
N ILE P 718 56.97 -17.48 6.73
CA ILE P 718 55.77 -16.85 6.20
C ILE P 718 54.72 -17.93 5.95
N ASP P 719 53.46 -17.50 5.85
CA ASP P 719 52.35 -18.40 5.58
C ASP P 719 51.42 -17.71 4.60
N LEU P 720 50.98 -18.44 3.57
CA LEU P 720 50.16 -17.81 2.54
C LEU P 720 49.29 -18.85 1.84
N GLY P 721 48.22 -18.37 1.22
CA GLY P 721 47.23 -19.20 0.59
C GLY P 721 47.33 -19.21 -0.92
N ALA P 722 46.24 -19.62 -1.56
CA ALA P 722 46.22 -19.76 -3.01
C ALA P 722 46.09 -18.40 -3.70
N SER P 723 46.87 -18.20 -4.75
CA SER P 723 46.84 -16.98 -5.56
C SER P 723 47.00 -15.73 -4.69
N SER P 724 47.90 -15.81 -3.72
CA SER P 724 48.16 -14.72 -2.81
C SER P 724 49.65 -14.43 -2.76
N SER P 725 49.98 -13.16 -2.49
CA SER P 725 51.35 -12.72 -2.39
C SER P 725 51.58 -12.03 -1.05
N ARG P 726 52.80 -12.16 -0.54
CA ARG P 726 53.20 -11.55 0.71
C ARG P 726 54.39 -10.65 0.46
N PHE P 727 54.31 -9.41 0.95
CA PHE P 727 55.35 -8.41 0.75
C PHE P 727 56.43 -8.60 1.80
N THR P 728 57.31 -9.56 1.53
CA THR P 728 58.44 -9.82 2.40
C THR P 728 59.54 -8.79 2.12
N ASN P 729 60.74 -9.04 2.65
CA ASN P 729 61.89 -8.23 2.27
C ASN P 729 62.23 -8.49 0.81
N TRP P 730 63.15 -7.68 0.29
CA TRP P 730 63.64 -7.76 -1.09
C TRP P 730 62.54 -8.01 -2.11
N GLY P 731 61.37 -7.41 -1.91
CA GLY P 731 60.29 -7.57 -2.85
C GLY P 731 59.08 -8.28 -2.28
N SER P 732 58.63 -9.33 -2.96
CA SER P 732 57.45 -10.07 -2.52
C SER P 732 57.54 -11.49 -3.04
N VAL P 733 56.80 -12.39 -2.39
CA VAL P 733 56.73 -13.79 -2.77
C VAL P 733 55.27 -14.15 -2.98
N SER P 734 54.96 -14.73 -4.14
CA SER P 734 53.58 -15.09 -4.45
C SER P 734 53.47 -16.60 -4.63
N LEU P 735 52.27 -17.13 -4.39
CA LEU P 735 52.00 -18.54 -4.57
C LEU P 735 50.88 -18.72 -5.57
N SER P 736 51.09 -19.61 -6.55
CA SER P 736 50.05 -19.89 -7.53
C SER P 736 49.04 -20.90 -6.98
N LEU P 737 49.50 -22.11 -6.67
CA LEU P 737 48.65 -23.19 -6.17
C LEU P 737 47.40 -23.33 -7.03
N ASP P 738 47.63 -23.70 -8.28
CA ASP P 738 46.56 -23.71 -9.28
C ASP P 738 45.73 -24.98 -9.25
N ALA P 739 46.15 -26.02 -8.52
CA ALA P 739 45.42 -27.28 -8.51
C ALA P 739 44.01 -27.13 -7.94
N GLU P 740 43.92 -26.79 -6.65
CA GLU P 740 42.63 -26.69 -5.98
C GLU P 740 42.72 -25.60 -4.92
N GLY P 741 41.90 -24.56 -5.08
CA GLY P 741 41.82 -23.51 -4.09
C GLY P 741 40.79 -23.73 -3.01
N ILE P 742 40.11 -24.87 -3.01
CA ILE P 742 39.04 -25.14 -2.06
C ILE P 742 38.88 -26.66 -1.93
N SER P 743 38.26 -27.09 -0.86
CA SER P 743 38.03 -28.52 -0.62
C SER P 743 36.61 -28.77 -0.11
N GLY P 744 35.63 -28.10 -0.71
CA GLY P 744 34.25 -28.34 -0.34
C GLY P 744 33.84 -27.69 0.97
N SER P 745 32.70 -28.15 1.48
CA SER P 745 32.11 -27.59 2.69
C SER P 745 31.79 -28.68 3.70
N ASN P 746 31.09 -28.32 4.77
CA ASN P 746 30.74 -29.27 5.82
C ASN P 746 29.41 -28.84 6.45
N SER P 747 28.88 -29.72 7.29
CA SER P 747 27.59 -29.50 7.95
C SER P 747 27.67 -29.86 9.43
N PHE P 748 28.81 -29.61 10.06
CA PHE P 748 28.96 -29.73 11.51
C PHE P 748 29.14 -28.34 12.11
N SER P 749 29.37 -28.30 13.42
CA SER P 749 29.68 -27.04 14.08
C SER P 749 30.92 -27.21 14.95
N PHE P 750 31.62 -26.11 15.20
CA PHE P 750 32.86 -26.15 15.96
C PHE P 750 32.77 -25.24 17.16
N ILE P 751 33.36 -25.69 18.26
CA ILE P 751 33.35 -24.97 19.54
C ILE P 751 34.79 -24.60 19.86
N GLU P 752 34.98 -23.39 20.38
CA GLU P 752 36.29 -22.91 20.81
C GLU P 752 36.17 -22.43 22.24
N SER P 753 37.00 -22.97 23.12
CA SER P 753 37.15 -22.46 24.47
C SER P 753 38.47 -21.71 24.56
N PRO P 754 38.46 -20.38 24.72
CA PRO P 754 39.71 -19.60 24.66
C PRO P 754 40.68 -20.03 25.75
N GLY P 755 41.93 -20.26 25.34
CA GLY P 755 42.94 -20.74 26.25
C GLY P 755 42.82 -22.20 26.61
N LYS P 756 41.88 -22.92 26.01
CA LYS P 756 41.66 -24.32 26.32
C LYS P 756 41.60 -25.23 25.11
N GLY P 757 41.19 -24.74 23.94
CA GLY P 757 41.24 -25.56 22.75
C GLY P 757 39.97 -25.47 21.95
N TYR P 758 39.73 -26.49 21.13
CA TYR P 758 38.55 -26.55 20.28
C TYR P 758 37.88 -27.92 20.41
N ALA P 759 36.74 -28.05 19.74
CA ALA P 759 35.94 -29.26 19.78
C ALA P 759 34.98 -29.23 18.60
N ILE P 760 34.37 -30.38 18.31
CA ILE P 760 33.45 -30.52 17.18
C ILE P 760 32.13 -31.08 17.70
N VAL P 761 31.03 -30.48 17.27
CA VAL P 761 29.69 -30.99 17.59
C VAL P 761 28.98 -31.32 16.28
N ASP P 762 28.28 -32.45 16.30
CA ASP P 762 27.67 -33.04 15.11
C ASP P 762 26.24 -32.56 14.91
N GLU P 763 26.06 -31.23 14.89
CA GLU P 763 24.79 -30.63 14.57
C GLU P 763 25.01 -29.53 13.54
N PRO P 764 24.03 -29.29 12.68
CA PRO P 764 24.13 -28.15 11.75
C PRO P 764 24.14 -26.83 12.52
N PHE P 765 24.90 -25.87 11.98
CA PHE P 765 24.98 -24.56 12.60
C PHE P 765 23.69 -23.80 12.33
N SER P 766 22.91 -23.56 13.37
CA SER P 766 21.62 -22.89 13.25
C SER P 766 21.74 -21.45 13.75
N GLU P 767 21.29 -20.51 12.94
CA GLU P 767 21.32 -19.09 13.29
C GLU P 767 20.13 -18.67 14.14
N ILE P 768 19.17 -19.55 14.35
CA ILE P 768 17.99 -19.28 15.17
C ILE P 768 18.02 -20.20 16.38
N PRO P 769 17.94 -19.67 17.60
CA PRO P 769 18.02 -20.54 18.78
C PRO P 769 16.89 -21.56 18.81
N ARG P 770 17.19 -22.74 19.31
CA ARG P 770 16.24 -23.84 19.36
C ARG P 770 16.29 -24.48 20.74
N GLN P 771 15.12 -24.74 21.31
CA GLN P 771 15.06 -25.36 22.63
C GLN P 771 15.57 -26.79 22.56
N GLY P 772 16.37 -27.18 23.55
CA GLY P 772 16.89 -28.52 23.62
C GLY P 772 18.10 -28.80 22.75
N PHE P 773 18.67 -27.78 22.12
CA PHE P 773 19.86 -27.91 21.30
C PHE P 773 20.98 -27.06 21.87
N LEU P 774 22.08 -26.99 21.14
CA LEU P 774 23.18 -26.09 21.51
C LEU P 774 22.86 -24.67 21.08
N GLY P 775 23.37 -23.71 21.85
CA GLY P 775 23.12 -22.31 21.53
C GLY P 775 21.67 -21.91 21.67
N GLU P 776 20.97 -22.48 22.65
CA GLU P 776 19.60 -22.04 22.93
C GLU P 776 19.60 -20.61 23.45
N ILE P 777 20.58 -20.26 24.27
CA ILE P 777 20.84 -18.88 24.66
C ILE P 777 22.18 -18.49 24.06
N ARG P 778 22.17 -17.54 23.13
CA ARG P 778 23.36 -17.14 22.42
C ARG P 778 23.54 -15.63 22.51
N CYS P 779 24.81 -15.20 22.57
CA CYS P 779 25.14 -13.78 22.65
C CYS P 779 26.10 -13.41 21.54
N ASN P 780 26.65 -12.20 21.59
CA ASN P 780 27.57 -11.72 20.57
C ASN P 780 28.98 -11.49 21.10
N SER P 781 29.21 -11.66 22.40
CA SER P 781 30.53 -11.44 22.96
C SER P 781 30.66 -12.21 24.26
N GLU P 782 31.90 -12.41 24.69
CA GLU P 782 32.14 -13.13 25.93
C GLU P 782 31.63 -12.35 27.14
N SER P 783 31.74 -11.03 27.10
CA SER P 783 31.24 -10.21 28.19
C SER P 783 29.74 -10.33 28.34
N SER P 784 29.01 -10.36 27.22
CA SER P 784 27.56 -10.52 27.28
C SER P 784 27.18 -11.86 27.90
N VAL P 785 27.94 -12.91 27.58
CA VAL P 785 27.67 -14.22 28.16
C VAL P 785 27.94 -14.20 29.66
N LEU P 786 29.09 -13.64 30.06
CA LEU P 786 29.46 -13.66 31.47
C LEU P 786 28.61 -12.72 32.31
N SER P 787 27.94 -11.75 31.69
CA SER P 787 27.09 -10.81 32.40
C SER P 787 25.61 -11.03 32.16
N ALA P 788 25.23 -12.03 31.36
CA ALA P 788 23.83 -12.32 31.04
C ALA P 788 23.11 -11.09 30.52
N HIS P 789 23.76 -10.39 29.60
CA HIS P 789 23.23 -9.15 29.07
C HIS P 789 21.93 -9.40 28.32
N GLU P 790 21.05 -8.39 28.33
CA GLU P 790 19.74 -8.52 27.70
C GLU P 790 19.81 -8.62 26.19
N SER P 791 20.94 -8.23 25.58
CA SER P 791 21.09 -8.33 24.13
C SER P 791 21.19 -9.77 23.65
N CYS P 792 21.43 -10.72 24.56
CA CYS P 792 21.49 -12.12 24.17
C CYS P 792 20.14 -12.61 23.70
N LEU P 793 20.14 -13.44 22.66
CA LEU P 793 18.92 -14.03 22.13
C LEU P 793 18.68 -15.39 22.76
N ARG P 794 17.41 -15.76 22.89
CA ARG P 794 17.04 -17.05 23.44
C ARG P 794 15.72 -17.49 22.85
N ALA P 795 15.45 -18.79 22.94
CA ALA P 795 14.24 -19.39 22.40
C ALA P 795 13.03 -19.05 23.27
N PRO P 796 11.83 -19.20 22.75
CA PRO P 796 10.65 -19.09 23.61
C PRO P 796 10.53 -20.24 24.59
N ASN P 797 10.00 -19.93 25.77
CA ASN P 797 9.65 -20.92 26.79
C ASN P 797 10.84 -21.81 27.18
N LEU P 798 11.84 -21.19 27.81
CA LEU P 798 12.91 -21.96 28.43
C LEU P 798 12.70 -22.20 29.91
N ILE P 799 12.01 -21.31 30.60
CA ILE P 799 11.90 -21.37 32.05
C ILE P 799 10.64 -22.14 32.43
N SER P 800 10.79 -23.10 33.34
CA SER P 800 9.68 -23.90 33.82
C SER P 800 9.25 -23.37 35.19
N TYR P 801 7.96 -23.07 35.31
CA TYR P 801 7.38 -22.46 36.50
C TYR P 801 6.50 -23.47 37.21
N LYS P 802 6.67 -23.56 38.54
CA LYS P 802 5.90 -24.45 39.39
C LYS P 802 5.25 -23.58 40.47
N PRO P 803 4.08 -22.99 40.17
CA PRO P 803 3.40 -22.10 41.11
C PRO P 803 2.59 -22.83 42.17
N MET P 804 3.21 -23.80 42.84
CA MET P 804 2.54 -24.51 43.92
C MET P 804 2.32 -23.57 45.09
N ILE P 805 1.27 -23.86 45.87
CA ILE P 805 0.70 -22.86 46.77
C ILE P 805 1.65 -22.43 47.89
N ASP P 806 2.65 -23.24 48.23
CA ASP P 806 3.55 -22.86 49.32
C ASP P 806 4.62 -21.89 48.81
N GLN P 807 5.44 -22.34 47.87
CA GLN P 807 6.44 -21.48 47.25
C GLN P 807 6.56 -21.82 45.77
N LEU P 808 6.89 -20.81 44.97
CA LEU P 808 7.10 -21.00 43.55
C LEU P 808 8.45 -21.66 43.29
N GLU P 809 8.50 -22.51 42.27
CA GLU P 809 9.75 -23.14 41.85
C GLU P 809 10.06 -22.71 40.42
N CYS P 810 11.10 -21.91 40.25
CA CYS P 810 11.57 -21.48 38.94
C CYS P 810 12.78 -22.32 38.58
N THR P 811 12.64 -23.20 37.60
CA THR P 811 13.75 -24.06 37.24
C THR P 811 13.66 -24.42 35.77
N THR P 812 14.80 -24.79 35.19
CA THR P 812 14.84 -25.15 33.78
C THR P 812 15.97 -26.14 33.57
N ASN P 813 15.86 -26.90 32.48
CA ASN P 813 16.92 -27.78 32.03
C ASN P 813 17.60 -27.15 30.82
N LEU P 814 18.93 -27.25 30.79
CA LEU P 814 19.73 -26.59 29.76
C LEU P 814 20.90 -27.48 29.38
N ILE P 815 21.16 -27.55 28.08
CA ILE P 815 22.31 -28.30 27.60
C ILE P 815 23.57 -27.58 28.07
N ASP P 816 24.34 -28.24 28.91
CA ASP P 816 25.59 -27.66 29.40
C ASP P 816 26.57 -27.59 28.24
N PRO P 817 26.91 -26.40 27.73
CA PRO P 817 27.85 -26.34 26.60
C PRO P 817 29.22 -26.89 26.94
N PHE P 818 29.63 -26.82 28.21
CA PHE P 818 30.94 -27.33 28.58
C PHE P 818 31.00 -28.85 28.48
N VAL P 819 29.89 -29.53 28.79
CA VAL P 819 29.84 -30.98 28.67
C VAL P 819 29.98 -31.38 27.20
N VAL P 820 29.25 -30.70 26.32
CA VAL P 820 29.34 -31.00 24.89
C VAL P 820 30.73 -30.66 24.37
N PHE P 821 31.34 -29.60 24.89
CA PHE P 821 32.70 -29.25 24.48
C PHE P 821 33.69 -30.33 24.88
N GLU P 822 33.57 -30.86 26.10
CA GLU P 822 34.47 -31.91 26.55
C GLU P 822 34.20 -33.23 25.84
N ARG P 823 32.97 -33.44 25.37
CA ARG P 823 32.64 -34.69 24.69
C ARG P 823 33.37 -34.80 23.36
N GLY P 824 33.51 -33.71 22.63
CA GLY P 824 34.00 -33.76 21.26
C GLY P 824 35.29 -33.03 20.98
N SER P 825 36.29 -33.17 21.87
CA SER P 825 37.59 -32.53 21.65
C SER P 825 38.11 -32.85 20.26
N LEU P 826 38.92 -31.93 19.72
CA LEU P 826 39.17 -31.88 18.29
C LEU P 826 39.63 -33.19 17.65
N PRO P 827 40.60 -33.94 18.21
CA PRO P 827 41.11 -35.09 17.46
C PRO P 827 40.04 -36.15 17.25
N GLN P 828 39.12 -35.85 16.33
CA GLN P 828 37.99 -36.70 15.99
C GLN P 828 37.95 -36.87 14.48
N THR P 829 37.59 -38.08 14.04
CA THR P 829 37.50 -38.38 12.61
C THR P 829 36.03 -38.60 12.27
N ARG P 830 35.54 -37.84 11.28
CA ARG P 830 34.18 -37.98 10.78
C ARG P 830 34.24 -38.20 9.28
N ASN P 831 33.67 -39.31 8.82
CA ASN P 831 33.68 -39.72 7.40
C ASN P 831 35.02 -39.42 6.74
N ASP P 832 36.10 -39.82 7.42
CA ASP P 832 37.47 -39.70 6.93
C ASP P 832 37.84 -38.24 6.65
N LYS P 833 37.78 -37.43 7.70
CA LYS P 833 38.21 -36.04 7.61
C LYS P 833 39.20 -35.65 8.69
N THR P 834 39.07 -36.19 9.90
CA THR P 834 40.04 -36.02 10.98
C THR P 834 40.40 -34.54 11.20
N PHE P 835 39.41 -33.77 11.62
CA PHE P 835 39.67 -32.40 12.00
C PHE P 835 40.54 -32.35 13.25
N ALA P 836 41.44 -31.38 13.31
CA ALA P 836 42.36 -31.26 14.42
C ALA P 836 42.81 -29.81 14.55
N ALA P 837 43.46 -29.51 15.67
CA ALA P 837 43.91 -28.15 15.94
C ALA P 837 45.11 -27.80 15.08
N SER P 838 45.07 -26.62 14.47
CA SER P 838 46.20 -26.14 13.69
C SER P 838 47.35 -25.77 14.61
N LYS P 839 48.57 -25.81 14.07
CA LYS P 839 49.75 -25.47 14.85
C LYS P 839 49.65 -24.04 15.36
N GLY P 840 49.94 -23.86 16.65
CA GLY P 840 49.71 -22.59 17.30
C GLY P 840 48.32 -22.38 17.83
N ASN P 841 47.46 -23.41 17.76
CA ASN P 841 46.08 -23.37 18.28
C ASN P 841 45.34 -22.11 17.83
N ARG P 842 45.50 -21.76 16.54
CA ARG P 842 44.82 -20.61 15.96
C ARG P 842 43.67 -20.99 15.06
N GLY P 843 43.27 -22.26 15.04
CA GLY P 843 42.17 -22.68 14.19
C GLY P 843 42.07 -24.19 14.13
N VAL P 844 41.37 -24.68 13.11
CA VAL P 844 41.18 -26.10 12.90
C VAL P 844 41.63 -26.46 11.49
N GLN P 845 41.97 -27.73 11.31
CA GLN P 845 42.43 -28.27 10.04
C GLN P 845 41.42 -29.27 9.50
N ALA P 846 41.76 -29.90 8.39
CA ALA P 846 40.93 -30.96 7.81
C ALA P 846 41.86 -31.87 6.99
N PHE P 847 42.23 -33.01 7.56
CA PHE P 847 43.12 -33.95 6.90
C PHE P 847 42.30 -34.82 5.95
N SER P 848 42.45 -34.56 4.64
CA SER P 848 41.71 -35.32 3.64
C SER P 848 42.66 -35.76 2.53
N LYS P 849 42.31 -36.85 1.87
CA LYS P 849 43.11 -37.35 0.76
C LYS P 849 43.09 -36.37 -0.40
N GLY P 850 44.26 -36.04 -0.91
CA GLY P 850 44.37 -35.12 -2.02
C GLY P 850 45.79 -34.63 -2.18
N SER P 851 45.97 -33.82 -3.21
CA SER P 851 47.27 -33.23 -3.50
C SER P 851 47.06 -31.94 -4.28
N VAL P 852 48.08 -31.07 -4.25
CA VAL P 852 48.02 -29.79 -4.94
C VAL P 852 49.34 -29.57 -5.68
N GLN P 853 49.28 -28.68 -6.66
CA GLN P 853 50.45 -28.25 -7.42
C GLN P 853 50.74 -26.80 -7.07
N ALA P 854 51.94 -26.54 -6.54
CA ALA P 854 52.33 -25.22 -6.09
C ALA P 854 53.51 -24.72 -6.93
N ASP P 855 53.35 -23.54 -7.52
CA ASP P 855 54.39 -22.90 -8.32
C ASP P 855 54.56 -21.48 -7.80
N LEU P 856 55.40 -21.31 -6.78
CA LEU P 856 55.59 -19.99 -6.19
C LEU P 856 56.57 -19.17 -7.03
N THR P 857 56.39 -17.86 -6.99
CA THR P 857 57.16 -16.92 -7.80
C THR P 857 57.82 -15.89 -6.91
N LEU P 858 59.11 -15.66 -7.15
CA LEU P 858 59.85 -14.57 -6.54
C LEU P 858 59.76 -13.34 -7.43
N MET P 859 60.11 -12.18 -6.87
CA MET P 859 60.09 -10.95 -7.65
C MET P 859 60.94 -9.90 -6.95
N PHE P 860 61.78 -9.22 -7.73
CA PHE P 860 62.68 -8.17 -7.24
C PHE P 860 63.58 -8.66 -6.11
N ASP P 861 63.95 -9.94 -6.14
CA ASP P 861 64.76 -10.51 -5.07
C ASP P 861 66.16 -9.90 -5.10
N ASN P 862 66.47 -9.04 -4.12
CA ASN P 862 67.76 -8.37 -4.05
C ASN P 862 68.20 -8.34 -2.58
N PHE P 863 69.19 -9.16 -2.24
CA PHE P 863 69.73 -9.16 -0.88
C PHE P 863 71.22 -9.51 -0.99
N GLU P 864 72.06 -8.49 -1.07
CA GLU P 864 73.49 -8.69 -1.25
C GLU P 864 74.26 -7.69 -0.40
N VAL P 865 75.42 -8.12 0.08
CA VAL P 865 76.32 -7.31 0.87
C VAL P 865 77.73 -7.43 0.28
N ASP P 866 78.68 -6.73 0.91
CA ASP P 866 80.05 -6.68 0.42
C ASP P 866 81.01 -7.61 1.15
N PHE P 867 80.75 -7.89 2.42
CA PHE P 867 81.67 -8.70 3.21
C PHE P 867 81.75 -10.15 2.73
N VAL P 868 80.83 -10.58 1.87
CA VAL P 868 80.84 -11.96 1.38
C VAL P 868 81.88 -12.18 0.29
N GLY P 869 82.64 -11.15 -0.10
CA GLY P 869 83.63 -11.32 -1.14
C GLY P 869 84.75 -12.26 -0.77
N ALA P 870 85.01 -12.40 0.54
CA ALA P 870 86.07 -13.29 1.00
C ALA P 870 85.67 -14.75 0.82
N ALA P 871 86.67 -15.60 0.60
CA ALA P 871 86.45 -17.03 0.39
C ALA P 871 86.63 -17.80 1.68
N VAL P 872 86.06 -19.02 1.72
CA VAL P 872 86.09 -19.89 2.88
C VAL P 872 86.24 -21.32 2.40
N SER P 873 86.98 -22.12 3.17
CA SER P 873 87.20 -23.52 2.85
C SER P 873 86.48 -24.41 3.86
N CYS P 874 86.19 -25.64 3.46
CA CYS P 874 85.45 -26.56 4.30
C CYS P 874 86.08 -27.94 4.19
N ASP P 875 85.48 -28.90 4.90
CA ASP P 875 85.72 -30.32 4.69
C ASP P 875 84.41 -31.05 4.91
N ALA P 876 84.06 -31.96 4.00
CA ALA P 876 82.79 -32.66 4.05
C ALA P 876 83.03 -34.17 4.02
N ALA P 877 82.16 -34.89 4.71
CA ALA P 877 82.24 -36.35 4.79
C ALA P 877 80.84 -36.92 4.68
N PHE P 878 80.66 -37.85 3.74
CA PHE P 878 79.38 -38.52 3.58
C PHE P 878 79.05 -39.34 4.82
N LEU P 879 77.79 -39.29 5.26
CA LEU P 879 77.39 -39.96 6.49
C LEU P 879 76.53 -41.19 6.24
N ASN P 880 75.40 -41.04 5.56
CA ASN P 880 74.53 -42.18 5.25
C ASN P 880 73.45 -41.71 4.28
N LEU P 881 72.58 -42.64 3.91
CA LEU P 881 71.48 -42.39 2.99
C LEU P 881 70.30 -43.23 3.44
N THR P 882 69.11 -42.62 3.54
CA THR P 882 67.92 -43.39 3.89
C THR P 882 66.73 -42.87 3.08
N GLY P 883 65.62 -43.60 3.14
CA GLY P 883 64.39 -43.14 2.52
C GLY P 883 63.99 -44.05 1.39
N CYS P 884 63.19 -43.50 0.47
CA CYS P 884 62.62 -44.24 -0.64
C CYS P 884 62.95 -43.55 -1.96
N TYR P 885 62.39 -44.08 -3.04
CA TYR P 885 62.57 -43.53 -4.38
C TYR P 885 61.21 -43.31 -5.02
N SER P 886 61.13 -42.30 -5.89
CA SER P 886 59.91 -41.96 -6.62
C SER P 886 58.74 -41.74 -5.66
N CYS P 887 59.03 -41.18 -4.49
CA CYS P 887 58.05 -41.00 -3.43
C CYS P 887 57.98 -39.55 -3.02
N ASN P 888 56.78 -39.14 -2.59
CA ASN P 888 56.59 -37.77 -2.12
C ASN P 888 57.42 -37.49 -0.86
N ALA P 889 57.60 -38.51 -0.02
CA ALA P 889 58.42 -38.33 1.18
C ALA P 889 59.88 -38.07 0.81
N GLY P 890 60.38 -38.75 -0.23
CA GLY P 890 61.73 -38.53 -0.69
C GLY P 890 62.77 -39.29 0.10
N ALA P 891 64.03 -38.99 -0.21
CA ALA P 891 65.18 -39.65 0.40
C ALA P 891 65.97 -38.64 1.22
N ARG P 892 66.36 -39.04 2.41
CA ARG P 892 67.12 -38.20 3.32
C ARG P 892 68.61 -38.51 3.18
N VAL P 893 69.40 -37.47 2.93
CA VAL P 893 70.85 -37.54 2.89
C VAL P 893 71.36 -36.73 4.07
N CYS P 894 72.41 -37.22 4.71
CA CYS P 894 73.04 -36.49 5.80
C CYS P 894 74.55 -36.41 5.56
N LEU P 895 75.10 -35.23 5.82
CA LEU P 895 76.51 -34.95 5.56
C LEU P 895 77.15 -34.37 6.81
N SER P 896 78.39 -34.80 7.06
CA SER P 896 79.20 -34.25 8.13
C SER P 896 80.10 -33.19 7.53
N ILE P 897 79.87 -31.94 7.90
CA ILE P 897 80.59 -30.80 7.37
C ILE P 897 81.57 -30.32 8.43
N THR P 898 82.86 -30.34 8.10
CA THR P 898 83.92 -29.84 8.97
C THR P 898 84.46 -28.57 8.32
N SER P 899 84.07 -27.41 8.83
CA SER P 899 84.40 -26.14 8.21
C SER P 899 85.05 -25.21 9.22
N THR P 900 85.83 -24.26 8.71
CA THR P 900 86.50 -23.28 9.53
C THR P 900 85.65 -22.05 9.82
N GLY P 901 84.48 -21.93 9.20
CA GLY P 901 83.66 -20.77 9.42
C GLY P 901 82.33 -20.90 8.71
N THR P 902 81.61 -19.77 8.64
CA THR P 902 80.31 -19.75 8.00
C THR P 902 80.44 -19.98 6.50
N GLY P 903 79.49 -20.73 5.95
CA GLY P 903 79.50 -21.01 4.52
C GLY P 903 78.36 -21.92 4.14
N SER P 904 78.36 -22.31 2.87
CA SER P 904 77.34 -23.17 2.29
C SER P 904 78.01 -24.37 1.62
N LEU P 905 77.22 -25.13 0.87
CA LEU P 905 77.71 -26.31 0.16
C LEU P 905 76.96 -26.42 -1.15
N SER P 906 77.68 -26.76 -2.22
CA SER P 906 77.13 -26.72 -3.58
C SER P 906 77.51 -27.99 -4.35
N ALA P 907 77.28 -29.15 -3.74
CA ALA P 907 77.58 -30.41 -4.41
C ALA P 907 76.62 -30.63 -5.58
N HIS P 908 77.18 -30.87 -6.76
CA HIS P 908 76.40 -31.11 -7.97
C HIS P 908 76.88 -32.40 -8.61
N ASN P 909 75.94 -33.20 -9.10
CA ASN P 909 76.28 -34.46 -9.74
C ASN P 909 76.89 -34.20 -11.12
N LYS P 910 77.31 -35.27 -11.79
CA LYS P 910 77.99 -35.15 -13.07
C LYS P 910 77.09 -34.51 -14.12
N ASP P 911 75.82 -34.89 -14.15
CA ASP P 911 74.88 -34.36 -15.14
C ASP P 911 74.16 -33.11 -14.67
N GLY P 912 74.39 -32.67 -13.44
CA GLY P 912 73.76 -31.46 -12.95
C GLY P 912 72.30 -31.60 -12.57
N SER P 913 71.76 -32.82 -12.57
CA SER P 913 70.34 -32.99 -12.26
C SER P 913 70.06 -32.83 -10.78
N LEU P 914 70.93 -33.36 -9.93
CA LEU P 914 70.74 -33.36 -8.49
C LEU P 914 71.70 -32.39 -7.83
N HIS P 915 71.18 -31.57 -6.92
CA HIS P 915 71.98 -30.58 -6.21
C HIS P 915 71.78 -30.73 -4.72
N ILE P 916 72.86 -30.57 -3.96
CA ILE P 916 72.84 -30.69 -2.51
C ILE P 916 73.40 -29.40 -1.92
N VAL P 917 72.62 -28.78 -1.03
CA VAL P 917 73.00 -27.54 -0.38
C VAL P 917 72.88 -27.72 1.13
N LEU P 918 73.94 -27.38 1.86
CA LEU P 918 73.95 -27.49 3.31
C LEU P 918 74.86 -26.41 3.89
N PRO P 919 74.42 -25.69 4.91
CA PRO P 919 75.29 -24.67 5.51
C PRO P 919 76.51 -25.28 6.18
N SER P 920 77.61 -24.53 6.17
CA SER P 920 78.86 -24.93 6.78
C SER P 920 79.20 -23.98 7.92
N GLU P 921 79.58 -24.54 9.06
CA GLU P 921 79.88 -23.77 10.26
C GLU P 921 81.21 -24.21 10.83
N ASN P 922 81.72 -23.40 11.77
CA ASN P 922 83.00 -23.69 12.41
C ASN P 922 82.93 -25.01 13.16
N GLY P 923 84.04 -25.74 13.16
CA GLY P 923 84.07 -27.07 13.73
C GLY P 923 83.40 -28.08 12.83
N THR P 924 82.97 -29.18 13.46
CA THR P 924 82.27 -30.24 12.76
C THR P 924 80.79 -30.23 13.12
N LYS P 925 79.94 -30.35 12.11
CA LYS P 925 78.50 -30.36 12.27
C LYS P 925 77.91 -31.45 11.40
N ASP P 926 76.68 -31.85 11.73
CA ASP P 926 75.96 -32.89 10.98
C ASP P 926 74.67 -32.29 10.45
N GLN P 927 74.63 -32.02 9.15
CA GLN P 927 73.44 -31.47 8.52
C GLN P 927 72.76 -32.54 7.67
N CYS P 928 71.52 -32.26 7.27
CA CYS P 928 70.75 -33.21 6.48
C CYS P 928 69.89 -32.45 5.47
N GLN P 929 69.52 -33.16 4.40
CA GLN P 929 68.84 -32.59 3.26
C GLN P 929 67.93 -33.66 2.66
N ILE P 930 66.98 -33.22 1.84
CA ILE P 930 65.98 -34.10 1.25
C ILE P 930 66.11 -34.02 -0.27
N LEU P 931 66.19 -35.18 -0.92
CA LEU P 931 66.30 -35.27 -2.37
C LEU P 931 65.27 -36.27 -2.90
N HIS P 932 65.25 -36.41 -4.23
CA HIS P 932 64.36 -37.36 -4.90
C HIS P 932 65.19 -38.29 -5.78
N PHE P 933 64.78 -39.55 -5.85
CA PHE P 933 65.48 -40.56 -6.62
C PHE P 933 64.47 -41.46 -7.30
N THR P 934 64.94 -42.25 -8.26
CA THR P 934 64.09 -43.20 -8.98
C THR P 934 64.77 -44.55 -9.15
N VAL P 935 65.70 -44.89 -8.26
CA VAL P 935 66.44 -46.14 -8.35
C VAL P 935 66.45 -46.82 -6.99
N PRO P 936 66.33 -48.14 -6.92
CA PRO P 936 66.40 -48.83 -5.61
C PRO P 936 67.75 -48.66 -4.92
N GLU P 937 68.84 -48.53 -5.67
CA GLU P 937 70.17 -48.36 -5.11
C GLU P 937 70.77 -47.07 -5.65
N VAL P 938 71.46 -46.33 -4.77
CA VAL P 938 72.04 -45.04 -5.11
C VAL P 938 73.55 -45.15 -4.98
N GLU P 939 74.25 -44.83 -6.08
CA GLU P 939 75.71 -44.84 -6.10
C GLU P 939 76.15 -43.76 -7.07
N GLU P 940 76.48 -42.58 -6.54
CA GLU P 940 76.79 -41.43 -7.37
C GLU P 940 77.97 -40.66 -6.79
N GLU P 941 78.51 -39.77 -7.62
CA GLU P 941 79.57 -38.85 -7.23
C GLU P 941 79.12 -37.43 -7.52
N PHE P 942 79.40 -36.53 -6.58
CA PHE P 942 79.00 -35.13 -6.68
C PHE P 942 80.24 -34.24 -6.58
N MET P 943 80.18 -33.10 -7.24
CA MET P 943 81.28 -32.13 -7.23
C MET P 943 80.98 -31.10 -6.16
N TYR P 944 81.56 -31.29 -4.97
CA TYR P 944 81.29 -30.42 -3.84
C TYR P 944 82.45 -29.45 -3.64
N SER P 945 82.10 -28.18 -3.42
CA SER P 945 83.07 -27.12 -3.18
C SER P 945 82.37 -25.89 -2.62
N CYS P 946 82.82 -25.40 -1.46
CA CYS P 946 82.21 -24.26 -0.81
C CYS P 946 83.07 -23.03 -1.11
N ASP P 947 82.77 -22.36 -2.22
CA ASP P 947 83.45 -21.13 -2.60
C ASP P 947 84.96 -21.31 -2.75
N GLY P 948 85.40 -22.54 -2.98
CA GLY P 948 86.82 -22.83 -3.03
C GLY P 948 87.18 -23.92 -4.03
N ASP P 949 88.18 -24.73 -3.70
CA ASP P 949 88.65 -25.78 -4.60
C ASP P 949 87.59 -26.87 -4.77
N GLU P 950 87.49 -27.38 -5.99
CA GLU P 950 86.52 -28.41 -6.32
C GLU P 950 86.99 -29.76 -5.80
N ARG P 951 86.11 -30.48 -5.10
CA ARG P 951 86.44 -31.77 -4.53
C ARG P 951 85.35 -32.78 -4.83
N PRO P 952 85.67 -34.07 -4.81
CA PRO P 952 84.64 -35.10 -5.05
C PRO P 952 84.05 -35.65 -3.76
N LEU P 953 82.75 -35.94 -3.80
CA LEU P 953 82.04 -36.58 -2.70
C LEU P 953 81.24 -37.75 -3.25
N LEU P 954 81.43 -38.93 -2.68
CA LEU P 954 80.82 -40.15 -3.18
C LEU P 954 79.74 -40.59 -2.20
N VAL P 955 78.55 -40.88 -2.71
CA VAL P 955 77.39 -41.23 -1.88
C VAL P 955 77.00 -42.67 -2.17
N LYS P 956 76.74 -43.43 -1.11
CA LYS P 956 76.33 -44.82 -1.19
C LYS P 956 74.94 -44.97 -0.57
N GLY P 957 74.46 -46.21 -0.52
CA GLY P 957 73.20 -46.52 0.11
C GLY P 957 72.12 -46.95 -0.85
N THR P 958 71.12 -47.67 -0.33
CA THR P 958 69.97 -48.11 -1.10
C THR P 958 68.72 -47.40 -0.61
N LEU P 959 67.60 -47.67 -1.27
CA LEU P 959 66.33 -47.04 -0.94
C LEU P 959 65.25 -48.10 -0.83
N ILE P 960 64.38 -47.93 0.18
CA ILE P 960 63.29 -48.87 0.39
C ILE P 960 62.22 -48.66 -0.67
N ALA P 961 61.43 -49.70 -0.91
CA ALA P 961 60.34 -49.65 -1.88
C ALA P 961 59.01 -49.52 -1.16
N ILE P 962 58.25 -48.49 -1.50
CA ILE P 962 56.95 -48.26 -0.90
C ILE P 962 55.93 -49.16 -1.59
N ASP P 963 55.19 -49.93 -0.79
CA ASP P 963 54.15 -50.80 -1.32
C ASP P 963 52.86 -50.01 -1.52
N PRO P 964 52.41 -49.82 -2.75
CA PRO P 964 51.17 -49.08 -2.98
C PRO P 964 49.95 -49.98 -2.97
N PHE P 965 50.20 -51.30 -3.05
CA PHE P 965 49.17 -52.34 -3.15
C PHE P 965 48.42 -52.25 -4.48
N ASP P 966 48.75 -51.24 -5.27
CA ASP P 966 48.18 -51.06 -6.61
C ASP P 966 49.06 -50.09 -7.36
N ASP P 967 49.72 -50.55 -8.42
CA ASP P 967 50.59 -49.70 -9.22
C ASP P 967 50.35 -49.94 -10.70
N ARG P 968 50.25 -48.85 -11.45
CA ARG P 968 50.11 -48.93 -12.91
C ARG P 968 51.34 -48.37 -13.63
N ARG P 969 51.67 -47.10 -13.40
CA ARG P 969 52.82 -46.48 -14.04
C ARG P 969 53.85 -45.98 -13.05
N GLU P 970 53.45 -45.13 -12.10
CA GLU P 970 54.37 -44.50 -11.16
C GLU P 970 53.55 -43.83 -10.07
N ALA P 971 54.25 -43.25 -9.09
CA ALA P 971 53.61 -42.58 -7.96
C ALA P 971 53.47 -41.08 -8.17
N GLY P 972 54.59 -40.38 -8.35
CA GLY P 972 54.60 -38.95 -8.52
C GLY P 972 55.47 -38.26 -7.48
N GLY P 973 55.56 -36.94 -7.62
CA GLY P 973 56.37 -36.13 -6.72
C GLY P 973 55.78 -34.78 -6.39
N GLU P 974 54.48 -34.62 -6.56
CA GLU P 974 53.83 -33.34 -6.33
C GLU P 974 53.70 -33.07 -4.83
N SER P 975 53.05 -31.96 -4.50
CA SER P 975 52.79 -31.59 -3.11
C SER P 975 51.49 -32.21 -2.66
N THR P 976 51.56 -33.09 -1.66
CA THR P 976 50.42 -33.86 -1.20
C THR P 976 50.04 -33.41 0.21
N VAL P 977 48.75 -33.22 0.43
CA VAL P 977 48.26 -32.86 1.76
C VAL P 977 48.12 -34.10 2.61
N VAL P 978 48.06 -33.90 3.93
CA VAL P 978 47.94 -35.01 4.86
C VAL P 978 46.57 -35.67 4.71
N ASN P 979 46.55 -36.99 4.77
CA ASN P 979 45.35 -37.79 4.58
C ASN P 979 45.16 -38.74 5.75
N PRO P 980 43.93 -39.15 6.03
CA PRO P 980 43.69 -40.13 7.08
C PRO P 980 43.96 -41.56 6.60
N LYS P 981 44.05 -42.47 7.57
CA LYS P 981 44.31 -43.86 7.25
C LYS P 981 43.14 -44.49 6.49
N SER P 982 41.91 -44.21 6.92
CA SER P 982 40.74 -44.84 6.32
C SER P 982 40.47 -44.36 4.90
N GLY P 983 41.11 -43.29 4.46
CA GLY P 983 40.92 -42.77 3.11
C GLY P 983 41.42 -43.69 2.02
N PRO Q 1 28.55 21.38 34.57
CA PRO Q 1 29.84 22.03 34.26
C PRO Q 1 30.99 21.43 35.06
N HIS Q 2 31.03 20.11 35.17
CA HIS Q 2 32.11 19.46 35.91
C HIS Q 2 33.46 19.61 35.22
N LEU Q 3 33.46 19.91 33.92
CA LEU Q 3 34.70 20.06 33.18
C LEU Q 3 35.52 21.27 33.62
N ARG Q 4 34.92 22.19 34.35
CA ARG Q 4 35.61 23.38 34.83
C ARG Q 4 36.31 23.16 36.16
N ASN Q 5 36.37 21.92 36.63
CA ASN Q 5 37.20 21.56 37.79
C ASN Q 5 38.53 21.07 37.24
N ARG Q 6 39.44 21.99 37.00
CA ARG Q 6 40.64 21.70 36.24
C ARG Q 6 41.65 20.92 37.09
N PRO Q 7 42.40 20.00 36.48
CA PRO Q 7 43.49 19.34 37.21
C PRO Q 7 44.64 20.29 37.47
N GLY Q 8 45.37 20.01 38.54
CA GLY Q 8 46.49 20.87 38.88
C GLY Q 8 46.03 22.25 39.31
N LYS Q 9 46.85 23.25 38.99
CA LYS Q 9 46.50 24.63 39.32
C LYS Q 9 45.32 25.13 38.50
N GLY Q 10 45.20 24.68 37.26
CA GLY Q 10 44.15 25.19 36.38
C GLY Q 10 44.35 26.63 35.97
N HIS Q 11 45.59 27.04 35.68
CA HIS Q 11 45.91 28.40 35.28
C HIS Q 11 45.84 28.48 33.76
N ASN Q 12 44.69 28.89 33.25
CA ASN Q 12 44.47 28.99 31.80
C ASN Q 12 44.71 30.43 31.32
N TYR Q 13 45.92 30.93 31.55
CA TYR Q 13 46.27 32.27 31.10
C TYR Q 13 47.70 32.26 30.60
N ILE Q 14 48.02 33.29 29.81
CA ILE Q 14 49.32 33.42 29.16
C ILE Q 14 49.98 34.69 29.66
N ASP Q 15 51.31 34.70 29.67
CA ASP Q 15 52.06 35.85 30.17
C ASP Q 15 51.79 37.07 29.29
N GLY Q 16 51.67 38.21 29.93
CA GLY Q 16 51.33 39.45 29.24
C GLY Q 16 49.85 39.74 29.19
N MET Q 17 49.04 38.72 28.90
CA MET Q 17 47.59 38.86 28.86
C MET Q 17 47.01 38.48 30.22
N THR Q 18 47.36 39.28 31.23
CA THR Q 18 46.96 39.04 32.61
C THR Q 18 45.84 39.98 33.06
N GLN Q 19 44.93 40.33 32.17
CA GLN Q 19 43.79 41.17 32.51
C GLN Q 19 42.54 40.38 32.81
N GLU Q 20 42.62 39.05 32.83
CA GLU Q 20 41.48 38.18 33.10
C GLU Q 20 41.77 37.23 34.25
N ASP Q 21 42.63 37.65 35.18
CA ASP Q 21 43.02 36.80 36.31
C ASP Q 21 41.87 36.49 37.26
N ALA Q 22 40.76 37.22 37.17
CA ALA Q 22 39.63 36.92 38.03
C ALA Q 22 39.03 35.55 37.72
N THR Q 23 38.95 35.20 36.43
CA THR Q 23 38.31 33.96 36.02
C THR Q 23 39.23 32.98 35.30
N CYS Q 24 40.44 33.39 34.94
CA CYS Q 24 41.38 32.49 34.27
C CYS Q 24 42.45 31.94 35.20
N LYS Q 25 42.83 32.69 36.25
CA LYS Q 25 43.42 32.06 37.40
C LYS Q 25 42.36 31.13 38.01
N PRO Q 26 42.76 30.15 38.84
CA PRO Q 26 42.22 28.79 38.67
C PRO Q 26 40.79 28.72 38.18
N VAL Q 27 40.62 28.08 37.03
CA VAL Q 27 39.31 28.04 36.37
C VAL Q 27 38.34 27.27 37.25
N THR Q 28 37.20 27.88 37.54
CA THR Q 28 36.21 27.33 38.44
C THR Q 28 34.86 27.33 37.72
N TYR Q 29 33.84 26.77 38.36
CA TYR Q 29 32.51 26.70 37.77
C TYR Q 29 31.89 28.06 37.53
N ALA Q 30 32.42 29.11 38.17
CA ALA Q 30 31.71 30.39 38.23
C ALA Q 30 31.93 31.22 36.98
N GLY Q 31 33.16 31.65 36.74
CA GLY Q 31 33.43 32.70 35.77
C GLY Q 31 33.44 32.20 34.33
N ALA Q 32 34.04 33.03 33.47
CA ALA Q 32 34.21 32.70 32.06
C ALA Q 32 35.60 33.15 31.62
N CYS Q 33 36.37 32.21 31.07
CA CYS Q 33 37.72 32.48 30.58
C CYS Q 33 37.73 32.35 29.06
N SER Q 34 38.26 33.37 28.39
CA SER Q 34 38.23 33.38 26.92
C SER Q 34 39.15 32.32 26.34
N SER Q 35 40.27 32.05 26.99
CA SER Q 35 41.23 31.07 26.50
C SER Q 35 40.89 29.64 26.88
N PHE Q 36 39.76 29.41 27.54
CA PHE Q 36 39.31 28.07 27.89
C PHE Q 36 37.93 27.73 27.36
N ASP Q 37 37.00 28.70 27.36
CA ASP Q 37 35.63 28.42 26.95
C ASP Q 37 35.53 28.02 25.49
N VAL Q 38 36.49 28.41 24.65
CA VAL Q 38 36.44 28.02 23.24
C VAL Q 38 36.61 26.53 23.09
N LEU Q 39 37.33 25.89 24.01
CA LEU Q 39 37.57 24.46 23.93
C LEU Q 39 36.30 23.64 24.14
N LEU Q 40 35.31 24.19 24.85
CA LEU Q 40 34.11 23.46 25.20
C LEU Q 40 32.95 23.71 24.24
N GLU Q 41 33.16 24.46 23.17
CA GLU Q 41 32.11 24.64 22.17
C GLU Q 41 31.89 23.34 21.40
N LYS Q 42 30.62 23.03 21.14
CA LYS Q 42 30.28 21.79 20.47
C LYS Q 42 30.79 21.80 19.03
N GLY Q 43 31.41 20.69 18.62
CA GLY Q 43 31.91 20.55 17.28
C GLY Q 43 33.33 21.03 17.08
N LYS Q 44 33.90 21.76 18.04
CA LYS Q 44 35.26 22.26 17.94
C LYS Q 44 36.11 21.62 19.03
N PHE Q 45 37.37 21.35 18.70
CA PHE Q 45 38.29 20.65 19.59
C PHE Q 45 37.70 19.34 20.09
N PRO Q 46 37.44 18.38 19.21
CA PRO Q 46 36.85 17.11 19.67
C PRO Q 46 37.83 16.21 20.38
N LEU Q 47 39.11 16.23 20.01
CA LEU Q 47 40.09 15.39 20.69
C LEU Q 47 40.25 15.79 22.15
N PHE Q 48 40.34 17.09 22.43
CA PHE Q 48 40.39 17.52 23.82
C PHE Q 48 39.07 17.27 24.52
N GLN Q 49 37.95 17.49 23.83
CA GLN Q 49 36.65 17.26 24.45
C GLN Q 49 36.47 15.81 24.86
N SER Q 50 37.09 14.88 24.14
CA SER Q 50 37.09 13.49 24.58
C SER Q 50 37.94 13.32 25.83
N TYR Q 51 39.16 13.86 25.83
CA TYR Q 51 40.05 13.82 26.99
C TYR Q 51 39.95 15.12 27.78
N ALA Q 52 38.73 15.43 28.20
CA ALA Q 52 38.43 16.74 28.76
C ALA Q 52 39.03 16.98 30.13
N HIS Q 53 39.46 15.94 30.84
CA HIS Q 53 39.99 16.08 32.19
C HIS Q 53 41.51 16.01 32.23
N HIS Q 54 42.16 16.19 31.08
CA HIS Q 54 43.60 16.33 31.00
C HIS Q 54 43.95 17.80 30.79
N ARG Q 55 45.21 18.13 31.10
CA ARG Q 55 45.63 19.51 31.04
C ARG Q 55 45.63 20.04 29.60
N THR Q 56 45.44 21.34 29.48
CA THR Q 56 45.55 22.02 28.19
C THR Q 56 47.01 22.41 27.98
N LEU Q 57 47.29 23.16 26.91
CA LEU Q 57 48.65 23.61 26.69
C LEU Q 57 49.07 24.65 27.73
N LEU Q 58 48.20 25.62 28.01
CA LEU Q 58 48.53 26.64 29.00
C LEU Q 58 48.67 26.04 30.39
N GLU Q 59 47.76 25.11 30.75
CA GLU Q 59 47.87 24.44 32.05
C GLU Q 59 49.17 23.67 32.16
N ALA Q 60 49.55 22.94 31.11
CA ALA Q 60 50.81 22.20 31.13
C ALA Q 60 52.00 23.14 31.23
N VAL Q 61 51.93 24.31 30.59
CA VAL Q 61 53.02 25.28 30.69
C VAL Q 61 53.14 25.78 32.12
N HIS Q 62 52.02 26.07 32.77
CA HIS Q 62 52.07 26.61 34.12
C HIS Q 62 52.42 25.58 35.18
N ASP Q 63 52.34 24.30 34.86
CA ASP Q 63 52.79 23.23 35.75
C ASP Q 63 54.22 22.79 35.45
N THR Q 64 54.94 23.54 34.62
CA THR Q 64 56.31 23.25 34.22
C THR Q 64 56.43 21.92 33.46
N ILE Q 65 55.31 21.37 32.99
CA ILE Q 65 55.37 20.18 32.15
C ILE Q 65 55.97 20.53 30.79
N ILE Q 66 55.51 21.62 30.18
CA ILE Q 66 55.96 22.06 28.87
C ILE Q 66 56.65 23.41 29.05
N ALA Q 67 57.85 23.52 28.48
CA ALA Q 67 58.64 24.75 28.63
C ALA Q 67 58.11 25.82 27.68
N LYS Q 68 58.68 27.02 27.79
CA LYS Q 68 58.35 28.13 26.92
C LYS Q 68 59.51 28.40 25.98
N ALA Q 69 59.19 28.62 24.71
CA ALA Q 69 60.22 28.75 23.70
C ALA Q 69 60.99 30.05 23.85
N ASP Q 70 62.15 30.11 23.21
CA ASP Q 70 62.90 31.34 23.14
C ASP Q 70 62.12 32.36 22.31
N PRO Q 71 62.31 33.66 22.55
CA PRO Q 71 61.22 34.62 22.41
C PRO Q 71 59.86 33.95 22.59
N PRO Q 72 59.37 33.90 23.83
CA PRO Q 72 58.15 33.14 24.13
C PRO Q 72 56.98 33.55 23.24
N SER Q 73 56.86 34.84 23.01
CA SER Q 73 55.90 35.37 22.02
C SER Q 73 56.51 36.65 21.47
N CYS Q 74 57.18 36.54 20.33
CA CYS Q 74 57.72 37.74 19.70
C CYS Q 74 56.58 38.58 19.16
N ASP Q 75 56.36 39.74 19.78
CA ASP Q 75 55.24 40.59 19.44
C ASP Q 75 55.40 41.10 18.01
N LEU Q 76 54.32 41.06 17.24
CA LEU Q 76 54.34 41.59 15.89
C LEU Q 76 54.55 43.10 15.88
N GLN Q 77 54.29 43.77 17.01
CA GLN Q 77 54.52 45.21 17.07
C GLN Q 77 56.01 45.53 17.07
N SER Q 78 56.82 44.71 17.72
CA SER Q 78 58.24 44.97 17.87
C SER Q 78 59.14 44.02 17.09
N ALA Q 79 58.61 42.90 16.60
CA ALA Q 79 59.43 41.91 15.92
C ALA Q 79 58.72 41.39 14.67
N HIS Q 80 58.13 42.29 13.89
CA HIS Q 80 57.51 41.86 12.64
C HIS Q 80 58.52 41.73 11.51
N GLY Q 81 59.77 42.17 11.71
CA GLY Q 81 60.78 42.04 10.69
C GLY Q 81 61.76 40.92 11.00
N ASN Q 82 61.40 40.05 11.94
CA ASN Q 82 62.24 38.93 12.33
C ASN Q 82 61.65 37.62 11.83
N PRO Q 83 62.49 36.61 11.57
CA PRO Q 83 61.96 35.34 11.06
C PRO Q 83 61.20 34.55 12.12
N CYS Q 84 60.16 35.16 12.67
CA CYS Q 84 59.35 34.53 13.71
C CYS Q 84 58.26 33.64 13.13
N MET Q 85 57.38 34.23 12.31
CA MET Q 85 56.21 33.52 11.82
C MET Q 85 56.60 32.53 10.74
N LYS Q 86 57.35 31.48 11.11
CA LYS Q 86 57.76 30.44 10.19
C LYS Q 86 57.01 29.14 10.42
N GLU Q 87 56.92 28.69 11.67
CA GLU Q 87 56.15 27.49 11.96
C GLU Q 87 54.65 27.75 11.88
N LYS Q 88 54.23 29.00 12.13
CA LYS Q 88 52.81 29.33 12.05
C LYS Q 88 52.33 29.36 10.61
N LEU Q 89 53.18 29.82 9.69
CA LEU Q 89 52.75 29.99 8.31
C LEU Q 89 52.60 28.68 7.56
N VAL Q 90 53.12 27.57 8.12
CA VAL Q 90 52.95 26.27 7.48
C VAL Q 90 51.70 25.55 7.98
N MET Q 91 51.01 26.09 8.97
CA MET Q 91 49.78 25.51 9.48
C MET Q 91 48.57 26.23 8.89
N LYS Q 92 47.48 25.49 8.74
CA LYS Q 92 46.20 26.04 8.28
C LYS Q 92 45.26 26.03 9.47
N THR Q 93 45.08 27.19 10.09
CA THR Q 93 44.25 27.35 11.27
C THR Q 93 43.02 28.19 10.93
N HIS Q 94 42.21 28.47 11.95
CA HIS Q 94 41.01 29.28 11.78
C HIS Q 94 40.67 29.92 13.12
N CYS Q 95 41.03 31.20 13.28
CA CYS Q 95 40.71 31.88 14.52
C CYS Q 95 39.37 32.59 14.42
N PRO Q 96 38.62 32.68 15.52
CA PRO Q 96 37.45 33.55 15.55
C PRO Q 96 37.86 35.02 15.65
N ASN Q 97 36.89 35.92 15.77
CA ASN Q 97 37.19 37.33 15.78
C ASN Q 97 37.49 37.84 17.18
N ASP Q 98 38.01 39.05 17.25
CA ASP Q 98 38.25 39.78 18.50
C ASP Q 98 39.30 39.11 19.38
N TYR Q 99 40.26 38.39 18.78
CA TYR Q 99 41.32 37.73 19.52
C TYR Q 99 42.65 38.39 19.18
N GLN Q 100 43.37 38.82 20.21
CA GLN Q 100 44.64 39.52 20.03
C GLN Q 100 45.85 38.60 20.12
N SER Q 101 45.67 37.34 20.50
CA SER Q 101 46.80 36.44 20.68
C SER Q 101 46.36 35.02 20.39
N ALA Q 102 47.34 34.16 20.09
CA ALA Q 102 47.06 32.76 19.82
C ALA Q 102 48.31 31.95 20.09
N HIS Q 103 48.17 30.88 20.86
CA HIS Q 103 49.31 30.07 21.28
C HIS Q 103 49.27 28.69 20.63
N TYR Q 104 50.44 28.13 20.42
CA TYR Q 104 50.58 26.83 19.78
C TYR Q 104 51.84 26.16 20.30
N LEU Q 105 51.98 24.88 19.98
CA LEU Q 105 53.12 24.07 20.37
C LEU Q 105 54.08 24.00 19.18
N ASN Q 106 55.24 24.63 19.31
CA ASN Q 106 56.15 24.75 18.19
C ASN Q 106 56.89 23.43 17.94
N ASN Q 107 57.84 23.46 17.01
CA ASN Q 107 58.50 22.23 16.58
C ASN Q 107 59.38 21.64 17.68
N ASP Q 108 60.02 22.48 18.48
CA ASP Q 108 60.92 21.99 19.50
C ASP Q 108 60.22 21.33 20.67
N GLY Q 109 58.89 21.40 20.72
CA GLY Q 109 58.15 20.87 21.85
C GLY Q 109 57.87 21.87 22.95
N LYS Q 110 58.04 23.16 22.69
CA LYS Q 110 57.73 24.22 23.62
C LYS Q 110 56.50 24.97 23.13
N MET Q 111 56.05 25.93 23.93
CA MET Q 111 54.88 26.73 23.60
C MET Q 111 55.31 28.11 23.12
N ALA Q 112 54.84 28.50 21.94
CA ALA Q 112 55.08 29.82 21.40
C ALA Q 112 53.76 30.41 20.93
N SER Q 113 53.64 31.73 21.02
CA SER Q 113 52.38 32.38 20.68
C SER Q 113 52.65 33.60 19.82
N VAL Q 114 51.63 33.96 19.05
CA VAL Q 114 51.63 35.13 18.19
C VAL Q 114 50.71 36.16 18.81
N LYS Q 115 51.21 37.38 19.01
CA LYS Q 115 50.46 38.46 19.63
C LYS Q 115 50.40 39.64 18.67
N CYS Q 116 49.20 40.08 18.34
CA CYS Q 116 48.99 41.23 17.50
C CYS Q 116 49.28 42.51 18.27
N PRO Q 117 49.55 43.62 17.57
CA PRO Q 117 49.76 44.90 18.27
C PRO Q 117 48.49 45.33 18.98
N PRO Q 118 48.59 46.26 19.94
CA PRO Q 118 47.40 46.66 20.71
C PRO Q 118 46.30 47.17 19.80
N LYS Q 119 45.06 46.81 20.17
CA LYS Q 119 43.82 47.15 19.48
C LYS Q 119 43.64 46.43 18.16
N TYR Q 120 44.60 45.61 17.74
CA TYR Q 120 44.45 44.78 16.55
C TYR Q 120 43.92 43.40 16.93
N GLU Q 121 43.42 42.69 15.93
CA GLU Q 121 42.87 41.35 16.11
C GLU Q 121 43.38 40.44 15.00
N LEU Q 122 43.45 39.16 15.30
CA LEU Q 122 43.91 38.18 14.32
C LEU Q 122 42.82 37.90 13.30
N THR Q 123 43.21 37.83 12.03
CA THR Q 123 42.24 37.56 10.97
C THR Q 123 41.78 36.11 11.02
N GLU Q 124 40.94 35.73 10.07
CA GLU Q 124 40.31 34.42 10.10
C GLU Q 124 41.30 33.28 9.90
N ASP Q 125 42.46 33.55 9.32
CA ASP Q 125 43.51 32.54 9.16
C ASP Q 125 44.63 32.70 10.18
N CYS Q 126 44.47 33.61 11.14
CA CYS Q 126 45.44 33.87 12.19
C CYS Q 126 46.80 34.29 11.65
N ASN Q 127 46.85 34.76 10.40
CA ASN Q 127 48.11 35.12 9.77
C ASN Q 127 48.39 36.61 9.76
N PHE Q 128 47.35 37.44 9.83
CA PHE Q 128 47.51 38.89 9.76
C PHE Q 128 46.74 39.54 10.91
N CYS Q 129 47.16 40.75 11.25
CA CYS Q 129 46.49 41.57 12.25
C CYS Q 129 45.74 42.70 11.55
N ARG Q 130 44.47 42.88 11.90
CA ARG Q 130 43.65 43.94 11.35
C ARG Q 130 42.98 44.70 12.47
N GLN Q 131 42.73 45.98 12.25
CA GLN Q 131 42.22 46.88 13.27
C GLN Q 131 40.78 47.25 12.99
N MET Q 132 39.93 47.11 14.00
CA MET Q 132 38.53 47.53 13.92
C MET Q 132 38.26 48.59 14.97
N THR Q 133 37.63 49.68 14.55
CA THR Q 133 37.28 50.76 15.47
C THR Q 133 36.11 50.33 16.35
N GLY Q 134 36.22 50.62 17.64
CA GLY Q 134 35.15 50.30 18.57
C GLY Q 134 34.88 48.81 18.72
N ALA Q 135 35.94 48.02 18.81
CA ALA Q 135 35.82 46.58 19.01
C ALA Q 135 36.49 46.19 20.32
N SER Q 136 35.83 45.32 21.08
CA SER Q 136 36.33 44.87 22.37
C SER Q 136 37.01 43.51 22.18
N LEU Q 137 38.34 43.52 22.22
CA LEU Q 137 39.10 42.28 22.08
C LEU Q 137 38.97 41.43 23.33
N LYS Q 138 38.97 40.11 23.13
CA LYS Q 138 38.99 39.20 24.25
C LYS Q 138 40.33 39.26 24.96
N LYS Q 139 40.32 38.91 26.24
CA LYS Q 139 41.51 39.06 27.08
C LYS Q 139 42.40 37.82 27.06
N GLY Q 140 41.99 36.73 26.42
CA GLY Q 140 42.78 35.53 26.34
C GLY Q 140 43.40 35.32 24.97
N SER Q 141 43.98 34.14 24.80
CA SER Q 141 44.60 33.73 23.55
C SER Q 141 43.96 32.46 23.04
N TYR Q 142 43.76 32.40 21.73
CA TYR Q 142 43.07 31.27 21.13
C TYR Q 142 44.01 30.08 21.00
N PRO Q 143 43.63 28.91 21.51
CA PRO Q 143 44.45 27.71 21.30
C PRO Q 143 44.37 27.26 19.84
N LEU Q 144 45.52 27.31 19.16
CA LEU Q 144 45.53 27.02 17.73
C LEU Q 144 45.34 25.54 17.44
N GLN Q 145 46.04 24.67 18.16
CA GLN Q 145 46.03 23.25 17.88
C GLN Q 145 45.08 22.51 18.81
N ASP Q 146 44.63 21.35 18.35
CA ASP Q 146 43.81 20.45 19.15
C ASP Q 146 44.72 19.40 19.77
N LEU Q 147 44.99 19.56 21.06
CA LEU Q 147 45.90 18.68 21.77
C LEU Q 147 45.54 18.65 23.24
N PHE Q 148 46.01 17.60 23.92
CA PHE Q 148 45.93 17.49 25.37
C PHE Q 148 47.27 17.01 25.91
N CYS Q 149 47.62 17.49 27.10
CA CYS Q 149 48.93 17.22 27.67
C CYS Q 149 48.78 16.48 28.99
N GLN Q 150 49.92 16.01 29.50
CA GLN Q 150 49.98 15.29 30.76
C GLN Q 150 51.41 15.32 31.27
N SER Q 151 51.61 14.80 32.48
CA SER Q 151 52.93 14.76 33.09
C SER Q 151 53.53 13.37 32.88
N SER Q 152 54.72 13.32 32.30
CA SER Q 152 55.38 12.05 31.99
C SER Q 152 56.84 12.12 32.36
N GLU Q 153 57.39 10.97 32.76
CA GLU Q 153 58.81 10.82 33.02
C GLU Q 153 59.49 9.90 32.03
N ASP Q 154 58.73 9.23 31.16
CA ASP Q 154 59.31 8.37 30.13
C ASP Q 154 60.21 9.18 29.20
N ASP Q 155 61.40 8.66 28.93
CA ASP Q 155 62.34 9.37 28.08
C ASP Q 155 62.08 9.08 26.62
N GLY Q 156 62.29 10.09 25.78
CA GLY Q 156 62.07 9.96 24.36
C GLY Q 156 63.13 10.61 23.52
N SER Q 157 64.37 10.67 24.04
CA SER Q 157 65.45 11.34 23.31
C SER Q 157 65.76 10.64 21.99
N LYS Q 158 65.47 9.35 21.87
CA LYS Q 158 65.70 8.62 20.63
C LYS Q 158 64.50 8.61 19.72
N LEU Q 159 63.42 9.29 20.08
CA LEU Q 159 62.21 9.32 19.26
C LEU Q 159 62.37 10.32 18.14
N LYS Q 160 61.92 9.93 16.95
CA LYS Q 160 62.02 10.78 15.77
C LYS Q 160 60.87 10.47 14.83
N THR Q 161 60.61 11.39 13.91
CA THR Q 161 59.55 11.20 12.94
C THR Q 161 59.93 10.12 11.93
N LYS Q 162 59.05 9.15 11.74
CA LYS Q 162 59.25 8.05 10.79
C LYS Q 162 57.99 7.94 9.94
N MET Q 163 57.95 8.70 8.85
CA MET Q 163 56.83 8.70 7.93
C MET Q 163 57.30 8.19 6.58
N LYS Q 164 56.57 7.23 6.01
CA LYS Q 164 56.95 6.61 4.76
C LYS Q 164 56.46 7.43 3.58
N GLY Q 165 57.33 7.62 2.59
CA GLY Q 165 56.97 8.36 1.40
C GLY Q 165 56.74 9.84 1.61
N VAL Q 166 57.33 10.43 2.65
CA VAL Q 166 57.15 11.83 2.98
C VAL Q 166 58.52 12.49 2.96
N CYS Q 167 58.72 13.45 2.05
CA CYS Q 167 59.97 14.18 2.00
C CYS Q 167 60.06 15.22 3.10
N GLU Q 168 58.93 15.86 3.44
CA GLU Q 168 58.93 16.95 4.41
C GLU Q 168 57.53 17.15 4.93
N VAL Q 169 57.37 17.14 6.24
CA VAL Q 169 56.10 17.38 6.91
C VAL Q 169 56.24 18.59 7.81
N GLY Q 170 55.34 19.56 7.66
CA GLY Q 170 55.42 20.76 8.46
C GLY Q 170 56.71 21.51 8.18
N VAL Q 171 57.48 21.74 9.24
CA VAL Q 171 58.75 22.45 9.13
C VAL Q 171 59.94 21.50 9.25
N GLN Q 172 59.68 20.20 9.32
CA GLN Q 172 60.73 19.20 9.45
C GLN Q 172 61.09 18.64 8.08
N ALA Q 173 62.37 18.66 7.74
CA ALA Q 173 62.86 18.11 6.48
C ALA Q 173 63.28 16.67 6.73
N LEU Q 174 62.38 15.74 6.41
CA LEU Q 174 62.64 14.33 6.67
C LEU Q 174 63.82 13.80 5.87
N LYS Q 175 63.90 14.17 4.60
CA LYS Q 175 64.96 13.69 3.72
C LYS Q 175 65.06 14.64 2.53
N LYS Q 176 65.91 14.28 1.57
CA LYS Q 176 66.08 15.05 0.34
C LYS Q 176 65.56 14.23 -0.84
N CYS Q 177 64.67 14.81 -1.62
CA CYS Q 177 64.06 14.14 -2.76
C CYS Q 177 64.11 15.04 -3.98
N ASP Q 178 64.20 14.41 -5.15
CA ASP Q 178 64.26 15.11 -6.43
C ASP Q 178 63.21 14.52 -7.36
N GLY Q 179 62.55 15.39 -8.13
CA GLY Q 179 61.52 14.96 -9.04
C GLY Q 179 60.15 15.46 -8.66
N GLN Q 180 59.12 14.63 -8.91
CA GLN Q 180 57.77 15.02 -8.55
C GLN Q 180 57.63 15.13 -7.04
N LEU Q 181 56.84 16.11 -6.61
CA LEU Q 181 56.63 16.38 -5.18
C LEU Q 181 55.17 16.80 -4.99
N SER Q 182 54.33 15.86 -4.57
CA SER Q 182 52.94 16.19 -4.31
C SER Q 182 52.82 16.96 -3.01
N THR Q 183 52.52 18.25 -3.10
CA THR Q 183 52.44 19.13 -1.94
C THR Q 183 51.00 19.39 -1.61
N ALA Q 184 50.62 19.17 -0.35
CA ALA Q 184 49.23 19.35 0.05
C ALA Q 184 49.17 19.71 1.52
N HIS Q 185 47.96 20.00 2.00
CA HIS Q 185 47.70 20.23 3.41
C HIS Q 185 46.98 19.01 3.97
N GLU Q 186 47.54 18.45 5.05
CA GLU Q 186 46.99 17.23 5.62
C GLU Q 186 46.92 17.36 7.14
N VAL Q 187 46.04 16.56 7.72
CA VAL Q 187 45.88 16.47 9.17
C VAL Q 187 46.79 15.35 9.67
N VAL Q 188 47.88 15.74 10.32
CA VAL Q 188 48.88 14.81 10.84
C VAL Q 188 48.76 14.79 12.36
N PRO Q 189 48.54 13.63 12.98
CA PRO Q 189 48.68 13.53 14.42
C PRO Q 189 50.14 13.66 14.82
N PHE Q 190 50.37 14.17 16.02
CA PHE Q 190 51.72 14.37 16.53
C PHE Q 190 51.73 14.15 18.04
N ALA Q 191 52.93 13.85 18.55
CA ALA Q 191 53.13 13.66 19.97
C ALA Q 191 54.42 14.35 20.37
N VAL Q 192 54.52 14.70 21.64
CA VAL Q 192 55.73 15.28 22.22
C VAL Q 192 56.07 14.49 23.48
N PHE Q 193 57.30 13.99 23.54
CA PHE Q 193 57.80 13.21 24.65
C PHE Q 193 58.87 14.01 25.40
N LYS Q 194 59.31 13.46 26.51
CA LYS Q 194 60.34 14.11 27.31
C LYS Q 194 61.67 14.13 26.57
N ASN Q 195 62.35 15.27 26.61
CA ASN Q 195 63.67 15.43 26.01
C ASN Q 195 63.67 15.08 24.52
N SER Q 196 62.65 15.54 23.81
CA SER Q 196 62.53 15.28 22.38
C SER Q 196 61.89 16.47 21.69
N LYS Q 197 61.70 16.35 20.39
CA LYS Q 197 61.01 17.32 19.56
C LYS Q 197 59.64 16.77 19.19
N LYS Q 198 58.91 17.51 18.36
CA LYS Q 198 57.63 17.02 17.87
C LYS Q 198 57.84 15.80 17.00
N VAL Q 199 56.99 14.78 17.19
CA VAL Q 199 57.09 13.53 16.47
C VAL Q 199 55.76 13.33 15.77
N TYR Q 200 55.75 13.52 14.45
CA TYR Q 200 54.55 13.23 13.67
C TYR Q 200 54.41 11.74 13.48
N LEU Q 201 53.16 11.26 13.46
CA LEU Q 201 52.88 9.84 13.37
C LEU Q 201 51.96 9.56 12.20
N ASP Q 202 52.13 8.39 11.60
CA ASP Q 202 51.21 7.93 10.56
C ASP Q 202 49.91 7.43 11.16
N LYS Q 203 49.95 6.85 12.36
CA LYS Q 203 48.78 6.29 13.01
C LYS Q 203 48.75 6.72 14.46
N LEU Q 204 47.54 6.78 15.02
CA LEU Q 204 47.31 7.16 16.41
C LEU Q 204 46.70 5.97 17.13
N ASP Q 205 47.54 5.16 17.76
CA ASP Q 205 47.11 4.03 18.57
C ASP Q 205 47.45 4.35 20.02
N LEU Q 206 46.44 4.77 20.78
CA LEU Q 206 46.64 5.22 22.15
C LEU Q 206 45.63 4.56 23.07
N LYS Q 207 46.07 4.33 24.31
CA LYS Q 207 45.26 3.66 25.32
C LYS Q 207 45.41 4.39 26.64
N THR Q 208 44.39 4.29 27.49
CA THR Q 208 44.39 4.95 28.79
C THR Q 208 44.23 3.92 29.90
N GLU Q 209 45.03 4.09 30.95
CA GLU Q 209 44.96 3.23 32.13
C GLU Q 209 44.67 4.08 33.36
N GLU Q 210 43.73 3.63 34.17
CA GLU Q 210 43.29 4.43 35.30
C GLU Q 210 44.22 4.23 36.50
N ASN Q 211 44.12 5.14 37.46
CA ASN Q 211 44.94 5.11 38.65
C ASN Q 211 44.21 5.86 39.76
N LEU Q 212 44.88 6.01 40.90
CA LEU Q 212 44.30 6.66 42.07
C LEU Q 212 45.15 7.85 42.51
N LEU Q 213 45.87 8.47 41.57
CA LEU Q 213 46.67 9.64 41.89
C LEU Q 213 45.76 10.86 42.05
N PRO Q 214 46.25 11.90 42.73
CA PRO Q 214 45.37 13.05 43.02
C PRO Q 214 44.77 13.70 41.79
N ASP Q 215 45.43 13.63 40.63
CA ASP Q 215 44.89 14.26 39.43
C ASP Q 215 43.68 13.52 38.88
N SER Q 216 43.36 12.34 39.40
CA SER Q 216 42.24 11.55 38.92
C SER Q 216 40.97 11.75 39.73
N PHE Q 217 40.94 12.72 40.63
CA PHE Q 217 39.79 12.96 41.49
C PHE Q 217 39.31 14.40 41.35
N VAL Q 218 38.00 14.57 41.24
CA VAL Q 218 37.38 15.88 41.15
C VAL Q 218 36.73 16.13 42.51
N CYS Q 219 37.27 17.07 43.27
CA CYS Q 219 36.78 17.39 44.60
C CYS Q 219 36.06 18.72 44.57
N PHE Q 220 34.81 18.73 45.04
CA PHE Q 220 34.05 19.98 45.07
C PHE Q 220 33.41 20.23 46.42
N GLU Q 221 32.76 21.38 46.55
CA GLU Q 221 32.19 21.88 47.78
C GLU Q 221 31.01 22.77 47.40
N HIS Q 222 30.09 22.97 48.32
CA HIS Q 222 28.95 23.83 48.03
C HIS Q 222 29.18 25.23 48.57
N LYS Q 223 28.59 26.21 47.89
CA LYS Q 223 28.63 27.60 48.32
C LYS Q 223 27.54 27.84 49.34
N GLY Q 224 27.89 28.44 50.46
CA GLY Q 224 26.99 28.54 51.59
C GLY Q 224 26.94 27.31 52.46
N GLN Q 225 27.80 26.33 52.19
CA GLN Q 225 27.78 25.07 52.92
C GLN Q 225 28.21 25.29 54.37
N TYR Q 226 27.52 24.61 55.28
CA TYR Q 226 27.83 24.72 56.70
C TYR Q 226 29.23 24.21 56.99
N LYS Q 227 29.96 24.96 57.83
CA LYS Q 227 31.30 24.59 58.26
C LYS Q 227 32.24 24.36 57.09
N GLY Q 228 32.18 25.25 56.11
CA GLY Q 228 33.09 25.19 54.97
C GLY Q 228 33.51 26.57 54.55
N THR Q 229 34.42 26.63 53.58
CA THR Q 229 34.81 27.90 53.01
C THR Q 229 33.63 28.55 52.33
N MET Q 230 33.57 29.89 52.42
CA MET Q 230 32.42 30.67 51.95
C MET Q 230 31.15 30.21 52.67
N ASP Q 231 31.16 30.36 53.99
CA ASP Q 231 30.04 29.96 54.85
C ASP Q 231 29.16 31.17 55.12
N SER Q 232 28.43 31.58 54.10
CA SER Q 232 27.51 32.71 54.21
C SER Q 232 26.31 32.46 53.31
N GLY Q 233 25.20 33.12 53.63
CA GLY Q 233 23.97 32.94 52.90
C GLY Q 233 24.09 33.23 51.42
N GLN Q 234 23.56 32.34 50.58
CA GLN Q 234 23.66 32.45 49.14
C GLN Q 234 22.27 32.62 48.53
N THR Q 235 22.21 33.31 47.40
CA THR Q 235 20.97 33.44 46.64
C THR Q 235 20.89 32.47 45.47
N LYS Q 236 21.87 31.61 45.28
CA LYS Q 236 21.92 30.69 44.16
C LYS Q 236 22.70 29.45 44.56
N ARG Q 237 22.31 28.31 43.98
CA ARG Q 237 22.96 27.03 44.27
C ARG Q 237 24.09 26.83 43.27
N GLU Q 238 25.32 27.06 43.73
CA GLU Q 238 26.50 26.92 42.89
C GLU Q 238 27.57 26.16 43.66
N LEU Q 239 28.46 25.52 42.92
CA LEU Q 239 29.53 24.71 43.48
C LEU Q 239 30.81 25.53 43.56
N LYS Q 240 31.83 24.92 44.15
CA LYS Q 240 33.13 25.54 44.35
C LYS Q 240 34.18 24.46 44.33
N SER Q 241 35.36 24.80 43.80
CA SER Q 241 36.42 23.81 43.70
C SER Q 241 37.05 23.55 45.06
N PHE Q 242 37.64 22.37 45.20
CA PHE Q 242 38.29 21.94 46.43
C PHE Q 242 39.63 21.32 46.10
N ASP Q 243 40.59 21.50 47.01
CA ASP Q 243 41.94 20.98 46.82
C ASP Q 243 42.07 19.64 47.53
N ILE Q 244 42.39 18.60 46.75
CA ILE Q 244 42.45 17.25 47.31
C ILE Q 244 43.68 17.05 48.18
N SER Q 245 44.63 17.99 48.17
CA SER Q 245 45.81 17.85 49.01
C SER Q 245 45.48 17.96 50.49
N GLN Q 246 44.26 18.39 50.83
CA GLN Q 246 43.89 18.55 52.23
C GLN Q 246 43.28 17.27 52.79
N CYS Q 247 42.52 16.54 51.99
CA CYS Q 247 41.91 15.31 52.47
C CYS Q 247 42.98 14.28 52.81
N PRO Q 248 42.93 13.67 53.99
CA PRO Q 248 44.01 12.77 54.40
C PRO Q 248 44.02 11.49 53.56
N LYS Q 249 45.21 10.99 53.31
CA LYS Q 249 45.36 9.70 52.67
C LYS Q 249 45.11 8.58 53.68
N ILE Q 250 44.83 7.39 53.15
CA ILE Q 250 44.45 6.28 54.03
C ILE Q 250 45.61 5.94 54.95
N GLY Q 251 45.32 5.83 56.24
CA GLY Q 251 46.37 5.64 57.23
C GLY Q 251 47.32 6.82 57.31
N GLY Q 252 46.80 8.04 57.23
CA GLY Q 252 47.63 9.22 57.21
C GLY Q 252 46.94 10.38 57.88
N HIS Q 253 47.57 11.55 57.80
CA HIS Q 253 47.09 12.76 58.43
C HIS Q 253 46.60 13.75 57.37
N GLY Q 254 45.63 14.58 57.77
CA GLY Q 254 45.09 15.59 56.88
C GLY Q 254 44.52 16.73 57.69
N SER Q 255 44.03 17.75 56.97
CA SER Q 255 43.52 18.95 57.60
C SER Q 255 42.02 19.14 57.47
N LYS Q 256 41.37 18.43 56.55
CA LYS Q 256 39.94 18.58 56.32
C LYS Q 256 39.28 17.20 56.26
N LYS Q 257 38.09 17.10 56.85
CA LYS Q 257 37.29 15.90 56.68
C LYS Q 257 36.80 15.82 55.24
N CYS Q 258 36.80 14.62 54.68
CA CYS Q 258 36.63 14.47 53.25
C CYS Q 258 35.92 13.16 52.95
N THR Q 259 34.89 13.21 52.13
CA THR Q 259 34.13 12.03 51.74
C THR Q 259 34.06 11.95 50.22
N GLY Q 260 33.71 10.78 49.72
CA GLY Q 260 33.68 10.59 48.28
C GLY Q 260 33.00 9.28 47.89
N ASP Q 261 33.27 8.87 46.66
CA ASP Q 261 32.66 7.68 46.08
C ASP Q 261 33.52 6.46 46.41
N ALA Q 262 33.25 5.34 45.74
CA ALA Q 262 33.93 4.08 46.06
C ALA Q 262 35.43 4.18 45.80
N ALA Q 263 35.83 4.75 44.66
CA ALA Q 263 37.25 4.84 44.33
C ALA Q 263 37.98 5.73 45.32
N PHE Q 264 37.39 6.86 45.68
CA PHE Q 264 38.03 7.74 46.66
C PHE Q 264 38.17 7.06 48.00
N CYS Q 265 37.14 6.35 48.45
CA CYS Q 265 37.20 5.65 49.73
C CYS Q 265 38.24 4.53 49.70
N SER Q 266 38.43 3.90 48.54
CA SER Q 266 39.48 2.90 48.42
C SER Q 266 40.86 3.52 48.46
N ALA Q 267 41.00 4.71 47.87
CA ALA Q 267 42.31 5.36 47.81
C ALA Q 267 42.57 6.19 49.06
N TYR Q 268 41.66 7.09 49.39
CA TYR Q 268 41.81 8.00 50.52
C TYR Q 268 41.01 7.49 51.72
N GLU Q 269 41.08 8.24 52.81
CA GLU Q 269 40.37 7.89 54.04
C GLU Q 269 39.06 8.67 54.09
N CYS Q 270 37.94 7.99 53.95
CA CYS Q 270 36.64 8.61 54.01
C CYS Q 270 36.21 8.76 55.46
N THR Q 271 35.74 9.95 55.82
CA THR Q 271 35.46 10.27 57.21
C THR Q 271 34.14 9.66 57.65
N ALA Q 272 33.99 9.54 58.97
CA ALA Q 272 32.75 9.12 59.59
C ALA Q 272 31.99 10.28 60.24
N GLN Q 273 32.54 11.48 60.20
CA GLN Q 273 31.91 12.67 60.73
C GLN Q 273 31.30 13.48 59.60
N TYR Q 274 30.84 14.69 59.90
CA TYR Q 274 30.35 15.59 58.88
C TYR Q 274 31.50 16.02 57.98
N ALA Q 275 31.33 15.84 56.67
CA ALA Q 275 32.40 16.05 55.71
C ALA Q 275 32.43 17.50 55.23
N ASN Q 276 33.60 17.91 54.73
CA ASN Q 276 33.78 19.25 54.22
C ASN Q 276 33.75 19.34 52.70
N ALA Q 277 33.99 18.25 51.99
CA ALA Q 277 33.98 18.28 50.54
C ALA Q 277 33.69 16.90 50.01
N TYR Q 278 33.20 16.84 48.77
CA TYR Q 278 32.87 15.57 48.12
C TYR Q 278 33.84 15.34 46.98
N CYS Q 279 34.51 14.18 46.99
CA CYS Q 279 35.57 13.89 46.03
C CYS Q 279 35.15 12.69 45.18
N SER Q 280 34.72 12.97 43.94
CA SER Q 280 34.36 11.92 43.01
C SER Q 280 35.58 11.53 42.18
N HIS Q 281 35.50 10.42 41.46
CA HIS Q 281 36.58 9.95 40.62
C HIS Q 281 36.40 10.56 39.24
N ALA Q 282 37.52 10.85 38.57
CA ALA Q 282 37.46 11.59 37.32
C ALA Q 282 36.83 10.74 36.22
N ASN Q 283 35.88 11.35 35.52
CA ASN Q 283 35.16 10.73 34.41
C ASN Q 283 36.08 9.93 33.50
N GLY Q 284 37.09 10.58 32.92
CA GLY Q 284 37.94 9.93 31.94
C GLY Q 284 39.42 9.91 32.21
N SER Q 285 39.87 10.43 33.35
CA SER Q 285 41.29 10.65 33.55
C SER Q 285 42.06 9.34 33.63
N GLY Q 286 43.39 9.47 33.70
CA GLY Q 286 44.26 8.32 33.76
C GLY Q 286 45.64 8.68 33.23
N ILE Q 287 46.28 7.68 32.65
CA ILE Q 287 47.56 7.84 31.98
C ILE Q 287 47.38 7.34 30.54
N VAL Q 288 47.72 8.19 29.58
CA VAL Q 288 47.56 7.87 28.17
C VAL Q 288 48.92 7.48 27.60
N GLN Q 289 48.95 6.35 26.90
CA GLN Q 289 50.15 5.84 26.27
C GLN Q 289 49.91 5.71 24.77
N ILE Q 290 50.91 6.12 23.99
CA ILE Q 290 50.85 6.13 22.54
C ILE Q 290 51.76 5.04 22.01
N GLN Q 291 51.32 4.36 20.97
CA GLN Q 291 52.08 3.28 20.34
C GLN Q 291 52.95 3.87 19.26
N VAL Q 292 54.27 3.87 19.47
CA VAL Q 292 55.23 4.33 18.49
C VAL Q 292 56.18 3.19 18.19
N SER Q 293 56.37 2.91 16.90
CA SER Q 293 57.27 1.84 16.44
C SER Q 293 56.91 0.49 17.06
N GLY Q 294 55.63 0.29 17.35
CA GLY Q 294 55.16 -0.95 17.92
C GLY Q 294 55.32 -1.08 19.43
N VAL Q 295 55.90 -0.09 20.10
CA VAL Q 295 56.09 -0.12 21.55
C VAL Q 295 55.35 1.06 22.16
N TRP Q 296 54.73 0.82 23.30
CA TRP Q 296 53.99 1.88 23.99
C TRP Q 296 54.95 2.82 24.70
N LYS Q 297 54.62 4.11 24.70
CA LYS Q 297 55.40 5.13 25.38
C LYS Q 297 54.44 6.12 26.03
N LYS Q 298 54.97 6.90 26.97
CA LYS Q 298 54.18 7.89 27.68
C LYS Q 298 54.50 9.29 27.16
N PRO Q 299 53.61 9.92 26.40
CA PRO Q 299 53.92 11.21 25.80
C PRO Q 299 53.63 12.36 26.75
N LEU Q 300 54.37 13.45 26.55
CA LEU Q 300 54.06 14.68 27.27
C LEU Q 300 52.77 15.30 26.73
N CYS Q 301 52.64 15.39 25.41
CA CYS Q 301 51.42 15.94 24.82
C CYS Q 301 51.06 15.13 23.58
N VAL Q 302 49.76 15.09 23.27
CA VAL Q 302 49.26 14.40 22.09
C VAL Q 302 48.25 15.31 21.41
N GLY Q 303 48.39 15.50 20.11
CA GLY Q 303 47.41 16.31 19.41
C GLY Q 303 47.44 16.01 17.92
N TYR Q 304 46.75 16.86 17.16
CA TYR Q 304 46.84 16.78 15.71
C TYR Q 304 46.88 18.18 15.12
N GLU Q 305 47.40 18.27 13.90
CA GLU Q 305 47.71 19.55 13.30
C GLU Q 305 47.41 19.47 11.82
N ARG Q 306 47.17 20.62 11.18
CA ARG Q 306 46.97 20.70 9.74
C ARG Q 306 48.19 21.39 9.15
N VAL Q 307 49.08 20.59 8.56
CA VAL Q 307 50.35 21.11 8.05
C VAL Q 307 50.52 20.71 6.59
N VAL Q 308 51.46 21.38 5.93
CA VAL Q 308 51.77 21.13 4.53
C VAL Q 308 52.79 20.00 4.46
N VAL Q 309 52.41 18.91 3.80
CA VAL Q 309 53.26 17.74 3.61
C VAL Q 309 53.61 17.64 2.14
N LYS Q 310 54.88 17.32 1.87
CA LYS Q 310 55.36 17.03 0.53
C LYS Q 310 55.62 15.53 0.44
N ARG Q 311 54.93 14.86 -0.46
CA ARG Q 311 55.10 13.44 -0.68
C ARG Q 311 55.77 13.20 -2.03
N GLU Q 312 56.21 11.96 -2.23
CA GLU Q 312 56.70 11.49 -3.52
C GLU Q 312 55.70 10.46 -4.03
N LEU Q 313 54.99 10.78 -5.11
CA LEU Q 313 53.98 9.86 -5.62
C LEU Q 313 54.62 8.55 -6.07
N SER Q 314 55.70 8.63 -6.85
CA SER Q 314 56.41 7.46 -7.32
C SER Q 314 57.70 7.91 -8.00
N ALA Q 315 58.70 7.04 -7.97
CA ALA Q 315 59.89 7.22 -8.79
C ALA Q 315 59.70 6.63 -10.19
N LYS Q 316 59.10 5.45 -10.26
CA LYS Q 316 58.75 4.79 -11.52
C LYS Q 316 57.56 3.86 -11.26
N PRO Q 317 56.44 4.06 -11.96
CA PRO Q 317 55.28 3.18 -11.76
C PRO Q 317 55.60 1.72 -12.06
N ILE Q 318 56.06 1.44 -13.27
CA ILE Q 318 56.43 0.09 -13.68
C ILE Q 318 57.29 0.20 -14.92
N GLN Q 319 58.24 -0.73 -15.06
CA GLN Q 319 59.12 -0.79 -16.22
C GLN Q 319 58.89 -2.11 -16.95
N ARG Q 320 58.53 -2.02 -18.23
CA ARG Q 320 58.19 -3.20 -19.04
C ARG Q 320 58.98 -3.12 -20.35
N VAL Q 321 60.19 -3.68 -20.36
CA VAL Q 321 61.02 -3.77 -21.55
C VAL Q 321 61.56 -5.18 -21.63
N GLU Q 322 61.16 -5.93 -22.66
CA GLU Q 322 61.51 -7.35 -22.77
C GLU Q 322 61.93 -7.66 -24.20
N PRO Q 323 63.19 -7.35 -24.56
CA PRO Q 323 63.74 -7.76 -25.87
C PRO Q 323 64.37 -9.15 -25.83
N CYS Q 324 63.65 -10.12 -25.27
CA CYS Q 324 64.21 -11.45 -25.08
C CYS Q 324 64.17 -12.25 -26.38
N THR Q 325 65.28 -12.94 -26.66
CA THR Q 325 65.40 -13.78 -27.85
C THR Q 325 66.10 -15.09 -27.50
N THR Q 326 65.79 -15.65 -26.33
CA THR Q 326 66.42 -16.88 -25.87
C THR Q 326 65.62 -18.10 -26.32
N CYS Q 327 65.49 -18.23 -27.64
CA CYS Q 327 64.81 -19.37 -28.25
C CYS Q 327 65.31 -19.50 -29.68
N ILE Q 328 65.21 -20.72 -30.20
CA ILE Q 328 65.62 -21.04 -31.57
C ILE Q 328 64.42 -21.62 -32.30
N THR Q 329 64.06 -21.00 -33.42
CA THR Q 329 62.92 -21.41 -34.23
C THR Q 329 63.42 -21.93 -35.56
N LYS Q 330 63.04 -23.16 -35.92
CA LYS Q 330 63.45 -23.71 -37.20
C LYS Q 330 62.30 -24.53 -37.77
N CYS Q 331 62.03 -24.34 -39.05
CA CYS Q 331 60.98 -25.06 -39.75
C CYS Q 331 61.49 -26.40 -40.24
N GLU Q 332 60.78 -27.47 -39.90
CA GLU Q 332 61.14 -28.85 -40.14
C GLU Q 332 60.04 -29.52 -40.96
N PRO Q 333 60.39 -30.49 -41.82
CA PRO Q 333 59.34 -31.16 -42.60
C PRO Q 333 58.26 -31.79 -41.74
N HIS Q 334 58.62 -32.35 -40.59
CA HIS Q 334 57.61 -32.91 -39.69
C HIS Q 334 56.69 -31.83 -39.16
N GLY Q 335 57.24 -30.67 -38.82
CA GLY Q 335 56.43 -29.57 -38.34
C GLY Q 335 57.30 -28.38 -37.98
N LEU Q 336 56.65 -27.25 -37.75
CA LEU Q 336 57.34 -26.03 -37.33
C LEU Q 336 57.71 -26.16 -35.87
N VAL Q 337 59.01 -26.25 -35.58
CA VAL Q 337 59.51 -26.54 -34.24
C VAL Q 337 60.28 -25.34 -33.73
N VAL Q 338 59.92 -24.88 -32.53
CA VAL Q 338 60.67 -23.84 -31.82
C VAL Q 338 61.02 -24.36 -30.44
N ARG Q 339 62.31 -24.33 -30.12
CA ARG Q 339 62.81 -24.74 -28.81
C ARG Q 339 63.15 -23.48 -28.02
N SER Q 340 62.46 -23.29 -26.90
CA SER Q 340 62.65 -22.14 -26.04
C SER Q 340 63.62 -22.49 -24.93
N THR Q 341 64.80 -21.87 -24.93
CA THR Q 341 65.77 -22.11 -23.89
C THR Q 341 65.28 -21.52 -22.57
N GLY Q 342 65.19 -22.37 -21.55
CA GLY Q 342 64.72 -21.92 -20.25
C GLY Q 342 63.22 -22.01 -20.09
N PHE Q 343 62.53 -20.90 -20.35
CA PHE Q 343 61.08 -20.84 -20.14
C PHE Q 343 60.35 -21.88 -20.98
N LYS Q 344 59.34 -22.49 -20.38
CA LYS Q 344 58.54 -23.51 -21.05
C LYS Q 344 57.40 -22.88 -21.83
N ILE Q 345 56.94 -23.58 -22.86
CA ILE Q 345 55.85 -23.14 -23.72
C ILE Q 345 54.72 -24.13 -23.61
N SER Q 346 53.53 -23.65 -23.28
CA SER Q 346 52.34 -24.49 -23.17
C SER Q 346 51.47 -24.42 -24.42
N SER Q 347 51.05 -23.21 -24.80
CA SER Q 347 50.24 -23.02 -26.00
C SER Q 347 50.85 -21.91 -26.84
N ALA Q 348 50.69 -22.03 -28.15
CA ALA Q 348 51.29 -21.09 -29.08
C ALA Q 348 50.42 -20.97 -30.32
N VAL Q 349 50.68 -19.92 -31.10
CA VAL Q 349 49.99 -19.68 -32.36
C VAL Q 349 50.99 -19.09 -33.35
N ALA Q 350 50.78 -19.42 -34.62
CA ALA Q 350 51.65 -18.96 -35.71
C ALA Q 350 50.79 -18.39 -36.82
N CYS Q 351 51.10 -17.16 -37.23
CA CYS Q 351 50.36 -16.44 -38.24
C CYS Q 351 51.24 -16.21 -39.46
N ALA Q 352 50.67 -16.38 -40.65
CA ALA Q 352 51.42 -16.16 -41.89
C ALA Q 352 50.42 -15.66 -42.94
N SER Q 353 50.39 -14.35 -43.16
CA SER Q 353 49.51 -13.72 -44.14
C SER Q 353 48.04 -14.06 -43.86
N GLY Q 354 47.59 -13.62 -42.69
CA GLY Q 354 46.19 -13.79 -42.32
C GLY Q 354 45.87 -15.11 -41.65
N VAL Q 355 46.22 -16.21 -42.30
CA VAL Q 355 45.89 -17.52 -41.76
C VAL Q 355 46.82 -17.85 -40.59
N CYS Q 356 46.23 -18.34 -39.50
CA CYS Q 356 46.98 -18.71 -38.31
C CYS Q 356 46.63 -20.14 -37.91
N VAL Q 357 47.56 -20.74 -37.17
CA VAL Q 357 47.42 -22.11 -36.68
C VAL Q 357 47.86 -22.15 -35.23
N THR Q 358 47.08 -22.84 -34.40
CA THR Q 358 47.34 -22.89 -32.96
C THR Q 358 47.89 -24.26 -32.58
N GLY Q 359 48.39 -24.34 -31.35
CA GLY Q 359 48.91 -25.59 -30.82
C GLY Q 359 48.93 -25.54 -29.31
N SER Q 360 48.59 -26.67 -28.70
CA SER Q 360 48.52 -26.79 -27.25
C SER Q 360 49.32 -28.00 -26.80
N GLN Q 361 50.04 -27.85 -25.69
CA GLN Q 361 50.87 -28.92 -25.16
C GLN Q 361 51.21 -28.59 -23.71
N SER Q 362 51.78 -29.58 -23.01
CA SER Q 362 52.24 -29.35 -21.66
C SER Q 362 53.46 -28.43 -21.67
N PRO Q 363 53.66 -27.66 -20.60
CA PRO Q 363 54.83 -26.78 -20.52
C PRO Q 363 56.12 -27.52 -20.83
N SER Q 364 56.79 -27.09 -21.90
CA SER Q 364 58.02 -27.74 -22.35
C SER Q 364 58.91 -26.72 -23.01
N THR Q 365 60.20 -27.04 -23.07
CA THR Q 365 61.19 -26.14 -23.67
C THR Q 365 61.05 -26.03 -25.18
N GLU Q 366 60.23 -26.88 -25.81
CA GLU Q 366 60.04 -26.83 -27.25
C GLU Q 366 58.59 -27.14 -27.58
N ILE Q 367 58.16 -26.70 -28.76
CA ILE Q 367 56.81 -26.95 -29.23
C ILE Q 367 56.82 -26.99 -30.75
N THR Q 368 55.99 -27.88 -31.30
CA THR Q 368 55.84 -28.06 -32.74
C THR Q 368 54.40 -27.77 -33.14
N LEU Q 369 54.24 -27.12 -34.30
CA LEU Q 369 52.94 -26.70 -34.80
C LEU Q 369 52.84 -27.02 -36.28
N LYS Q 370 51.60 -27.19 -36.75
CA LYS Q 370 51.36 -27.35 -38.17
C LYS Q 370 51.65 -26.03 -38.90
N TYR Q 371 52.08 -26.14 -40.15
CA TYR Q 371 52.42 -24.95 -40.91
C TYR Q 371 51.15 -24.19 -41.31
N PRO Q 372 51.17 -22.86 -41.25
CA PRO Q 372 49.98 -22.08 -41.60
C PRO Q 372 49.83 -21.90 -43.10
N GLY Q 373 48.78 -22.47 -43.65
CA GLY Q 373 48.48 -22.29 -45.07
C GLY Q 373 49.58 -22.82 -45.96
N ILE Q 374 49.94 -22.04 -46.96
CA ILE Q 374 50.97 -22.41 -47.92
C ILE Q 374 52.32 -21.78 -47.57
N SER Q 375 52.48 -21.31 -46.33
CA SER Q 375 53.76 -20.73 -45.92
C SER Q 375 54.87 -21.78 -45.96
N GLN Q 376 54.53 -23.05 -45.72
CA GLN Q 376 55.54 -24.10 -45.85
C GLN Q 376 56.05 -24.22 -47.27
N SER Q 377 55.14 -24.13 -48.26
CA SER Q 377 55.56 -24.20 -49.65
C SER Q 377 56.21 -22.90 -50.10
N SER Q 378 55.69 -21.77 -49.64
CA SER Q 378 56.16 -20.46 -50.09
C SER Q 378 57.25 -19.87 -49.20
N GLY Q 379 57.59 -20.52 -48.09
CA GLY Q 379 58.60 -19.97 -47.20
C GLY Q 379 58.12 -18.69 -46.57
N GLY Q 380 58.99 -17.67 -46.60
CA GLY Q 380 58.62 -16.36 -46.08
C GLY Q 380 58.86 -16.20 -44.59
N ASP Q 381 58.23 -15.17 -44.05
CA ASP Q 381 58.31 -14.82 -42.64
C ASP Q 381 57.00 -15.17 -41.96
N ILE Q 382 57.09 -15.85 -40.82
CA ILE Q 382 55.93 -16.29 -40.06
C ILE Q 382 56.06 -15.76 -38.64
N GLY Q 383 55.00 -15.13 -38.14
CA GLY Q 383 55.00 -14.62 -36.78
C GLY Q 383 54.52 -15.69 -35.81
N VAL Q 384 55.10 -15.68 -34.61
CA VAL Q 384 54.78 -16.64 -33.57
C VAL Q 384 54.48 -15.88 -32.29
N HIS Q 385 53.33 -16.19 -31.69
CA HIS Q 385 52.93 -15.68 -30.39
C HIS Q 385 52.71 -16.85 -29.44
N MET Q 386 53.50 -16.90 -28.37
CA MET Q 386 53.43 -18.03 -27.45
C MET Q 386 53.32 -17.51 -26.02
N ALA Q 387 52.81 -18.37 -25.14
CA ALA Q 387 52.63 -18.06 -23.74
C ALA Q 387 53.72 -18.75 -22.93
N HIS Q 388 54.60 -17.96 -22.33
CA HIS Q 388 55.68 -18.49 -21.51
C HIS Q 388 55.23 -18.64 -20.07
N ASP Q 389 55.91 -19.53 -19.34
CA ASP Q 389 55.64 -19.68 -17.92
C ASP Q 389 56.22 -18.54 -17.10
N ASP Q 390 57.38 -18.01 -17.51
CA ASP Q 390 58.04 -16.93 -16.80
C ASP Q 390 57.56 -15.58 -17.33
N GLN Q 391 58.24 -14.51 -16.94
CA GLN Q 391 57.96 -13.17 -17.41
C GLN Q 391 59.25 -12.57 -17.98
N SER Q 392 59.18 -11.29 -18.35
CA SER Q 392 60.31 -10.55 -18.93
C SER Q 392 60.81 -11.21 -20.22
N VAL Q 393 59.90 -11.82 -20.97
CA VAL Q 393 60.23 -12.48 -22.23
C VAL Q 393 59.25 -12.00 -23.29
N SER Q 394 59.77 -11.57 -24.44
CA SER Q 394 58.92 -11.13 -25.54
C SER Q 394 58.09 -12.30 -26.06
N SER Q 395 56.80 -12.05 -26.28
CA SER Q 395 55.89 -13.08 -26.74
C SER Q 395 55.66 -13.06 -28.25
N LYS Q 396 56.23 -12.10 -28.96
CA LYS Q 396 56.06 -11.96 -30.40
C LYS Q 396 57.43 -12.14 -31.06
N ILE Q 397 57.58 -13.19 -31.88
CA ILE Q 397 58.81 -13.42 -32.60
C ILE Q 397 58.49 -13.67 -34.07
N VAL Q 398 59.53 -13.62 -34.90
CA VAL Q 398 59.38 -13.81 -36.34
C VAL Q 398 60.41 -14.83 -36.80
N ALA Q 399 59.99 -15.76 -37.66
CA ALA Q 399 60.85 -16.80 -38.20
C ALA Q 399 60.88 -16.70 -39.71
N HIS Q 400 62.08 -16.63 -40.29
CA HIS Q 400 62.26 -16.57 -41.72
C HIS Q 400 62.70 -17.95 -42.23
N CYS Q 401 61.99 -18.47 -43.22
CA CYS Q 401 62.27 -19.79 -43.76
C CYS Q 401 62.23 -19.73 -45.29
N PRO Q 402 63.07 -20.51 -45.94
CA PRO Q 402 62.97 -20.65 -47.41
C PRO Q 402 61.88 -21.63 -47.77
N PRO Q 403 61.49 -21.71 -49.04
CA PRO Q 403 60.48 -22.70 -49.44
C PRO Q 403 60.93 -24.12 -49.12
N GLN Q 404 59.98 -24.95 -48.72
CA GLN Q 404 60.25 -26.32 -48.30
C GLN Q 404 59.70 -27.30 -49.34
N ASP Q 405 60.11 -28.56 -49.21
CA ASP Q 405 59.67 -29.62 -50.10
C ASP Q 405 58.69 -30.53 -49.39
N PRO Q 406 57.42 -30.58 -49.82
CA PRO Q 406 56.46 -31.47 -49.15
C PRO Q 406 56.69 -32.94 -49.39
N CYS Q 407 57.55 -33.31 -50.35
CA CYS Q 407 57.78 -34.72 -50.64
C CYS Q 407 58.37 -35.45 -49.44
N LEU Q 408 59.30 -34.81 -48.74
CA LEU Q 408 59.82 -35.40 -47.51
C LEU Q 408 58.75 -35.44 -46.42
N VAL Q 409 57.83 -34.47 -46.42
CA VAL Q 409 56.79 -34.43 -45.41
C VAL Q 409 55.84 -35.62 -45.56
N HIS Q 410 55.35 -35.85 -46.79
CA HIS Q 410 54.39 -36.91 -47.03
C HIS Q 410 55.03 -38.21 -47.51
N GLY Q 411 56.36 -38.26 -47.57
CA GLY Q 411 57.04 -39.46 -48.02
C GLY Q 411 56.76 -40.68 -47.15
N CYS Q 412 56.39 -41.79 -47.78
CA CYS Q 412 56.09 -43.02 -47.05
C CYS Q 412 56.35 -44.24 -47.93
N ALA R 3 57.17 49.54 38.07
CA ALA R 3 58.25 50.46 37.70
C ALA R 3 59.62 49.80 37.94
N LEU R 4 60.66 50.46 37.47
CA LEU R 4 62.02 49.95 37.64
C LEU R 4 62.62 50.47 38.95
N THR R 5 63.68 49.81 39.38
CA THR R 5 64.39 50.18 40.61
C THR R 5 65.72 50.83 40.23
N GLN R 6 65.94 52.04 40.73
CA GLN R 6 67.16 52.79 40.47
C GLN R 6 67.71 53.36 41.77
N PRO R 7 69.03 53.50 41.87
CA PRO R 7 69.65 54.08 43.07
C PRO R 7 69.66 55.61 43.06
N THR R 19 78.50 53.87 37.63
CA THR R 19 77.62 53.06 36.80
C THR R 19 76.23 52.92 37.44
N ILE R 20 75.23 53.49 36.78
CA ILE R 20 73.85 53.45 37.27
C ILE R 20 73.23 52.12 36.89
N SER R 21 72.59 51.47 37.84
CA SER R 21 71.98 50.16 37.63
C SER R 21 70.47 50.29 37.60
N CYS R 22 69.85 49.77 36.54
CA CYS R 22 68.40 49.75 36.37
C CYS R 22 67.96 48.29 36.50
N THR R 23 67.30 47.97 37.61
CA THR R 23 66.91 46.59 37.93
C THR R 23 65.41 46.42 37.74
N GLY R 24 65.04 45.37 37.02
CA GLY R 24 63.63 45.09 36.78
C GLY R 24 63.26 43.63 36.97
N THR R 25 62.04 43.27 36.60
CA THR R 25 61.55 41.91 36.75
C THR R 25 61.91 41.10 35.50
N SER R 26 61.29 39.92 35.36
CA SER R 26 61.51 39.13 34.15
C SER R 26 60.77 39.70 32.96
N SER R 27 59.68 40.44 33.20
CA SER R 27 58.90 41.00 32.10
C SER R 27 59.69 42.03 31.30
N ASP R 28 60.43 42.87 32.00
CA ASP R 28 61.22 43.93 31.37
C ASP R 28 62.71 43.67 31.56
N ILE R 29 63.51 44.05 30.58
CA ILE R 29 64.96 43.88 30.59
C ILE R 29 65.32 42.40 30.57
N GLY R 30 64.73 41.61 31.48
CA GLY R 30 65.01 40.19 31.50
C GLY R 30 64.60 39.49 30.23
N ALA R 31 63.48 39.92 29.64
CA ALA R 31 62.97 39.30 28.40
C ALA R 31 63.47 40.05 27.17
N TYR R 32 63.22 41.34 27.09
CA TYR R 32 63.53 42.12 25.92
C TYR R 32 64.82 42.91 26.10
N ASN R 33 65.53 43.13 25.00
CA ASN R 33 66.74 43.94 24.99
C ASN R 33 66.47 45.37 24.53
N PHE R 34 65.26 45.88 24.77
CA PHE R 34 64.89 47.23 24.40
C PHE R 34 64.85 48.09 25.67
N VAL R 35 66.01 48.61 26.03
CA VAL R 35 66.14 49.49 27.19
C VAL R 35 66.91 50.74 26.75
N SER R 36 66.43 51.90 27.16
CA SER R 36 67.03 53.17 26.76
C SER R 36 67.23 54.07 27.97
N TRP R 37 68.12 55.05 27.80
CA TRP R 37 68.50 55.97 28.86
C TRP R 37 68.25 57.40 28.41
N TYR R 38 67.94 58.26 29.37
CA TYR R 38 67.65 59.66 29.11
C TYR R 38 68.30 60.54 30.16
N GLN R 39 68.87 61.67 29.72
CA GLN R 39 69.54 62.62 30.60
C GLN R 39 68.73 63.90 30.67
N GLN R 40 68.42 64.33 31.89
CA GLN R 40 67.64 65.55 32.09
C GLN R 40 68.39 66.55 32.96
N ALA R 45 62.43 68.02 29.38
CA ALA R 45 62.86 67.57 28.06
C ALA R 45 64.19 66.81 28.15
N PRO R 46 64.13 65.56 28.56
CA PRO R 46 65.37 64.77 28.68
C PRO R 46 65.93 64.41 27.30
N LYS R 47 67.22 64.09 27.29
CA LYS R 47 67.94 63.77 26.07
C LYS R 47 68.32 62.30 26.08
N LEU R 48 67.97 61.59 25.00
CA LEU R 48 68.30 60.19 24.88
C LEU R 48 69.79 60.01 24.61
N LEU R 49 70.42 59.12 25.35
CA LEU R 49 71.84 58.84 25.20
C LEU R 49 72.11 57.45 24.64
N ILE R 50 71.58 56.41 25.27
CA ILE R 50 71.83 55.03 24.90
C ILE R 50 70.51 54.36 24.55
N TYR R 51 70.47 53.71 23.39
CA TYR R 51 69.33 52.92 22.97
C TYR R 51 69.80 51.56 22.51
N ASP R 52 68.90 50.58 22.59
CA ASP R 52 69.20 49.19 22.25
C ASP R 52 70.39 48.68 23.07
N VAL R 53 70.35 48.94 24.37
CA VAL R 53 71.32 48.45 25.34
C VAL R 53 72.68 49.11 25.14
N THR R 54 73.23 49.03 23.93
CA THR R 54 74.59 49.50 23.66
C THR R 54 74.67 50.66 22.69
N ASN R 55 73.75 50.73 21.71
CA ASN R 55 73.90 51.70 20.63
C ASN R 55 73.80 53.13 21.13
N ARG R 56 74.61 54.01 20.53
CA ARG R 56 74.60 55.43 20.83
C ARG R 56 74.45 56.20 19.52
N PRO R 57 73.56 57.20 19.45
CA PRO R 57 73.37 58.02 18.25
C PRO R 57 74.64 58.72 17.79
N SER R 65 78.13 54.54 27.62
CA SER R 65 78.13 53.12 27.31
C SER R 65 77.27 52.33 28.29
N GLY R 66 76.55 51.34 27.79
CA GLY R 66 75.67 50.55 28.61
C GLY R 66 75.78 49.07 28.30
N SER R 67 75.19 48.26 29.17
CA SER R 67 75.21 46.81 29.01
C SER R 67 74.05 46.22 29.80
N LYS R 68 73.88 44.91 29.68
CA LYS R 68 72.82 44.18 30.35
C LYS R 68 73.38 42.91 30.98
N SER R 69 72.71 42.45 32.04
CA SER R 69 73.09 41.20 32.70
C SER R 69 71.89 40.74 33.53
N GLY R 70 71.39 39.55 33.22
CA GLY R 70 70.23 39.06 33.95
C GLY R 70 69.04 39.98 33.76
N ASN R 71 68.49 40.44 34.88
CA ASN R 71 67.38 41.38 34.88
C ASN R 71 67.82 42.81 35.17
N THR R 72 69.13 43.09 35.12
CA THR R 72 69.65 44.40 35.48
C THR R 72 70.49 44.96 34.33
N ALA R 73 70.16 46.16 33.90
CA ALA R 73 70.97 46.90 32.95
C ALA R 73 71.88 47.86 33.71
N SER R 74 72.99 48.23 33.05
CA SER R 74 73.96 49.12 33.67
C SER R 74 74.39 50.17 32.65
N LEU R 75 74.66 51.36 33.16
CA LEU R 75 75.14 52.47 32.32
C LEU R 75 76.41 53.00 32.96
N THR R 76 77.47 53.14 32.16
CA THR R 76 78.75 53.61 32.67
C THR R 76 78.99 55.07 32.30
N ASN R 87 70.72 63.89 36.17
CA ASN R 87 69.57 62.99 36.21
C ASN R 87 69.59 62.02 35.04
N TYR R 88 69.59 60.72 35.34
CA TYR R 88 69.62 59.68 34.33
C TYR R 88 68.47 58.73 34.60
N TYR R 89 67.61 58.53 33.60
CA TYR R 89 66.44 57.66 33.71
C TYR R 89 66.56 56.52 32.72
N CYS R 90 65.99 55.38 33.09
CA CYS R 90 65.96 54.19 32.24
C CYS R 90 64.52 53.81 31.94
N ASN R 91 64.26 53.44 30.69
CA ASN R 91 62.96 52.92 30.30
C ASN R 91 63.14 51.60 29.56
N SER R 92 62.08 50.79 29.62
CA SER R 92 62.12 49.45 29.04
C SER R 92 60.73 49.06 28.57
N TYR R 93 60.69 47.97 27.82
CA TYR R 93 59.49 47.46 27.19
C TYR R 93 59.04 46.20 27.93
N THR R 94 57.77 46.17 28.33
CA THR R 94 57.25 45.05 29.09
C THR R 94 56.57 44.03 28.18
N SER R 95 56.31 42.85 28.75
CA SER R 95 55.62 41.80 28.00
C SER R 95 54.19 42.17 27.68
N SER R 96 53.60 43.10 28.43
CA SER R 96 52.24 43.56 28.17
C SER R 96 52.19 44.69 27.16
N SER R 97 53.25 44.86 26.36
CA SER R 97 53.32 45.90 25.32
C SER R 97 53.23 47.30 25.90
N HIS R 98 53.65 47.48 27.15
CA HIS R 98 53.66 48.77 27.81
C HIS R 98 55.10 49.27 27.91
N VAL R 99 55.24 50.53 28.32
CA VAL R 99 56.52 51.16 28.55
C VAL R 99 56.66 51.45 30.04
N VAL R 100 57.78 51.04 30.63
CA VAL R 100 58.01 51.25 32.06
C VAL R 100 59.24 52.12 32.21
N PHE R 101 59.10 53.19 32.98
CA PHE R 101 60.18 54.14 33.26
C PHE R 101 60.80 53.84 34.61
N GLY R 102 62.10 54.16 34.72
CA GLY R 102 62.79 53.93 35.97
C GLY R 102 62.46 54.99 37.01
N GLY R 103 62.81 54.67 38.26
CA GLY R 103 62.58 55.62 39.34
C GLY R 103 63.39 56.89 39.18
N GLY R 104 64.64 56.76 38.80
CA GLY R 104 65.47 57.92 38.53
C GLY R 104 66.56 58.09 39.57
N THR R 105 67.69 58.61 39.12
CA THR R 105 68.82 58.90 40.00
C THR R 105 69.20 60.37 39.92
N SER S 31 53.26 61.31 8.06
CA SER S 31 53.67 60.17 7.27
C SER S 31 55.02 59.63 7.72
N GLY S 32 55.09 58.32 7.94
CA GLY S 32 56.32 57.70 8.39
C GLY S 32 56.15 56.73 9.54
N ASP S 33 54.90 56.39 9.87
CA ASP S 33 54.58 55.42 10.90
C ASP S 33 55.14 55.84 12.27
N TYR S 34 54.61 56.95 12.78
CA TYR S 34 55.03 57.50 14.05
C TYR S 34 54.02 57.19 15.14
N TYR S 35 54.49 57.17 16.38
CA TYR S 35 53.67 56.93 17.55
C TYR S 35 53.76 58.16 18.45
N TRP S 36 52.69 58.94 18.53
CA TRP S 36 52.67 60.18 19.30
C TRP S 36 52.26 59.85 20.73
N SER S 37 53.18 59.96 21.66
CA SER S 37 52.97 59.55 23.04
C SER S 37 53.04 60.75 23.98
N TRP S 38 52.42 60.59 25.15
CA TRP S 38 52.38 61.63 26.17
C TRP S 38 53.10 61.15 27.42
N ILE S 39 54.01 61.98 27.93
CA ILE S 39 54.75 61.69 29.14
C ILE S 39 54.54 62.85 30.12
N ARG S 40 54.68 62.59 31.41
CA ARG S 40 54.50 63.63 32.41
C ARG S 40 55.51 63.48 33.53
N GLN S 41 55.81 64.61 34.18
CA GLN S 41 56.75 64.68 35.29
C GLN S 41 56.11 65.52 36.38
N PRO S 42 55.81 64.95 37.57
CA PRO S 42 55.23 65.69 38.68
C PRO S 42 56.13 66.82 39.18
N LEU S 47 59.98 60.39 34.93
CA LEU S 47 58.76 60.54 34.14
C LEU S 47 57.78 59.41 34.41
N GLU S 48 56.69 59.40 33.65
CA GLU S 48 55.69 58.34 33.75
C GLU S 48 54.89 58.31 32.46
N TRP S 49 54.98 57.22 31.73
CA TRP S 49 54.29 57.10 30.45
C TRP S 49 52.78 57.08 30.66
N ILE S 50 52.06 57.88 29.88
CA ILE S 50 50.60 57.93 29.97
C ILE S 50 50.01 57.03 28.90
N GLY S 51 50.33 57.33 27.65
CA GLY S 51 49.80 56.54 26.55
C GLY S 51 50.35 57.04 25.24
N TYR S 52 49.92 56.37 24.17
CA TYR S 52 50.27 56.77 22.82
C TYR S 52 49.05 56.65 21.91
N ILE S 53 49.05 57.48 20.87
CA ILE S 53 48.16 57.35 19.73
C ILE S 53 49.03 57.08 18.51
N SER S 54 48.67 56.05 17.75
CA SER S 54 49.48 55.64 16.62
C SER S 54 49.06 56.35 15.34
N TYR S 55 49.86 56.16 14.29
CA TYR S 55 49.52 56.70 12.98
C TYR S 55 48.20 56.15 12.47
N SER S 56 47.85 54.93 12.87
CA SER S 56 46.63 54.28 12.43
C SER S 56 45.41 54.65 13.27
N GLY S 57 45.59 55.47 14.31
CA GLY S 57 44.50 55.83 15.18
C GLY S 57 44.32 54.93 16.38
N SER S 58 45.15 53.89 16.52
CA SER S 58 45.08 53.02 17.69
C SER S 58 45.63 53.74 18.90
N THR S 59 44.93 53.63 20.02
CA THR S 59 45.30 54.30 21.26
C THR S 59 45.60 53.26 22.32
N TYR S 60 46.72 53.42 23.01
CA TYR S 60 47.11 52.53 24.09
C TYR S 60 47.43 53.37 25.32
N TYR S 61 46.88 52.99 26.47
CA TYR S 61 46.98 53.80 27.67
C TYR S 61 47.66 53.03 28.79
N ASN S 62 48.19 53.78 29.76
CA ASN S 62 48.73 53.16 30.96
C ASN S 62 47.62 52.44 31.71
N PRO S 63 47.89 51.26 32.27
CA PRO S 63 46.83 50.52 32.97
C PRO S 63 46.25 51.27 34.16
N SER S 64 47.07 52.05 34.87
CA SER S 64 46.56 52.78 36.03
C SER S 64 45.72 53.98 35.62
N LEU S 65 46.15 54.71 34.59
CA LEU S 65 45.43 55.87 34.08
C LEU S 65 44.63 55.52 32.83
N GLU S 66 44.07 54.32 32.77
CA GLU S 66 43.33 53.91 31.58
C GLU S 66 42.08 54.76 31.40
N SER S 67 41.38 55.05 32.48
CA SER S 67 40.18 55.87 32.40
C SER S 67 40.38 57.23 33.06
N VAL S 94 54.56 68.75 34.56
CA VAL S 94 54.94 69.12 33.20
C VAL S 94 54.65 67.97 32.25
N TYR S 95 54.03 68.29 31.11
CA TYR S 95 53.63 67.29 30.13
C TYR S 95 54.44 67.48 28.86
N TYR S 96 55.10 66.41 28.41
CA TYR S 96 55.86 66.39 27.17
C TYR S 96 55.24 65.40 26.20
N CYS S 97 55.62 65.55 24.93
CA CYS S 97 55.22 64.62 23.88
C CYS S 97 56.45 64.29 23.04
N ALA S 98 56.96 63.08 23.19
CA ALA S 98 58.16 62.64 22.48
C ALA S 98 57.85 61.39 21.67
N THR S 99 58.38 61.32 20.45
CA THR S 99 58.12 60.21 19.54
C THR S 99 59.41 59.78 18.88
N ASN S 100 59.49 58.50 18.54
CA ASN S 100 60.64 57.97 17.81
C ASN S 100 60.59 58.50 16.38
N TYR S 101 61.38 59.53 16.09
CA TYR S 101 61.34 60.19 14.80
C TYR S 101 62.58 59.98 13.93
N PHE S 102 63.70 59.58 14.51
CA PHE S 102 64.93 59.44 13.75
C PHE S 102 65.52 58.04 13.81
N HIS S 103 65.41 57.35 14.95
CA HIS S 103 65.98 56.01 15.09
C HIS S 103 64.93 54.94 14.77
N LEU S 104 64.41 55.01 13.55
CA LEU S 104 63.40 54.06 13.10
C LEU S 104 64.07 52.73 12.78
N HIS S 105 63.46 51.64 13.27
CA HIS S 105 63.91 50.30 12.98
C HIS S 105 62.97 49.63 11.99
N ASP S 106 63.54 48.97 10.98
CA ASP S 106 62.72 48.38 9.93
C ASP S 106 62.04 47.11 10.41
N PHE S 107 62.50 46.50 11.50
CA PHE S 107 61.95 45.24 11.94
C PHE S 107 60.84 45.40 12.98
N GLY S 108 60.76 46.55 13.64
CA GLY S 108 59.74 46.73 14.66
C GLY S 108 59.46 48.19 14.90
N ASP S 109 58.36 48.43 15.63
CA ASP S 109 57.94 49.78 15.98
C ASP S 109 58.38 50.08 17.41
N LEU S 110 59.68 50.34 17.55
CA LEU S 110 60.26 50.68 18.84
C LEU S 110 59.92 52.13 19.16
N TYR S 111 58.70 52.33 19.66
CA TYR S 111 58.19 53.67 19.90
C TYR S 111 58.63 54.25 21.24
N TRP S 112 59.21 53.44 22.13
CA TRP S 112 59.66 53.97 23.41
C TRP S 112 61.03 54.60 23.34
N TYR S 113 61.71 54.52 22.20
CA TYR S 113 62.99 55.20 22.00
C TYR S 113 62.70 56.69 21.75
N PHE S 114 62.38 57.37 22.84
CA PHE S 114 61.85 58.73 22.74
C PHE S 114 62.94 59.72 22.34
N ASP S 115 62.66 60.51 21.31
CA ASP S 115 63.43 61.70 20.99
C ASP S 115 62.46 62.76 20.46
N LEU S 116 62.97 63.95 20.19
CA LEU S 116 62.15 65.08 19.78
C LEU S 116 61.03 65.31 20.81
N TRP S 117 61.48 65.68 22.00
CA TRP S 117 60.56 65.94 23.11
C TRP S 117 59.83 67.25 22.91
N GLY S 118 58.58 67.28 23.34
CA GLY S 118 57.76 68.48 23.21
C GLY S 118 58.08 69.53 24.25
N CYS T 536 37.97 -7.59 -64.60
CA CYS T 536 37.36 -8.55 -63.70
C CYS T 536 35.90 -8.19 -63.41
N SER T 537 35.61 -6.89 -63.48
CA SER T 537 34.25 -6.40 -63.27
C SER T 537 34.16 -5.00 -63.85
N GLU T 538 33.25 -4.80 -64.79
CA GLU T 538 33.14 -3.54 -65.52
C GLU T 538 32.10 -2.64 -64.87
N LEU T 539 31.98 -1.42 -65.40
CA LEU T 539 31.01 -0.44 -64.93
C LEU T 539 30.31 0.18 -66.13
N ILE T 540 29.86 -0.66 -67.06
CA ILE T 540 29.37 -0.17 -68.35
C ILE T 540 28.10 0.66 -68.17
N GLN T 541 27.24 0.26 -67.24
CA GLN T 541 25.98 1.00 -67.05
C GLN T 541 26.19 2.36 -66.40
N ALA T 542 27.36 2.61 -65.82
CA ALA T 542 27.67 3.90 -65.21
C ALA T 542 29.02 4.45 -65.67
N SER T 543 29.55 3.93 -66.77
CA SER T 543 30.82 4.41 -67.29
C SER T 543 30.68 5.82 -67.83
N SER T 544 31.75 6.60 -67.71
CA SER T 544 31.80 7.96 -68.21
C SER T 544 33.06 8.15 -69.05
N ARG T 545 33.15 9.32 -69.70
CA ARG T 545 34.31 9.66 -70.51
C ARG T 545 35.44 10.09 -69.59
N ILE T 546 36.15 9.10 -69.07
CA ILE T 546 37.24 9.34 -68.13
C ILE T 546 38.50 9.75 -68.88
N THR T 551 37.57 14.73 -73.91
CA THR T 551 38.66 15.52 -74.48
C THR T 551 40.01 14.87 -74.20
N GLU T 552 40.96 15.07 -75.10
CA GLU T 552 42.28 14.48 -74.94
C GLU T 552 43.01 15.09 -73.76
N GLY T 553 43.72 14.26 -73.01
CA GLY T 553 44.50 14.71 -71.87
C GLY T 553 43.67 14.96 -70.63
N VAL T 554 42.74 15.93 -70.70
CA VAL T 554 41.96 16.28 -69.53
C VAL T 554 40.99 15.15 -69.18
N ASN T 555 40.47 15.20 -67.96
CA ASN T 555 39.58 14.18 -67.44
C ASN T 555 38.15 14.74 -67.39
N THR T 556 37.20 13.94 -67.85
CA THR T 556 35.79 14.31 -67.86
C THR T 556 34.97 13.26 -67.11
N LYS T 557 35.46 12.87 -65.94
CA LYS T 557 34.71 11.93 -65.10
C LYS T 557 33.39 12.55 -64.67
N CYS T 558 32.34 11.73 -64.66
CA CYS T 558 30.99 12.19 -64.36
C CYS T 558 30.46 11.62 -63.05
N ARG T 559 31.35 11.40 -62.08
CA ARG T 559 30.97 10.93 -60.74
C ARG T 559 30.21 9.60 -60.83
N LEU T 560 30.95 8.58 -61.27
CA LEU T 560 30.38 7.24 -61.47
C LEU T 560 29.57 6.81 -60.27
N SER T 561 28.27 6.62 -60.49
CA SER T 561 27.34 6.34 -59.40
C SER T 561 26.90 4.89 -59.30
N GLY T 562 27.09 4.11 -60.37
CA GLY T 562 26.69 2.71 -60.37
C GLY T 562 27.41 1.88 -59.33
N THR T 563 26.64 1.20 -58.49
CA THR T 563 27.23 0.35 -57.47
C THR T 563 27.78 -0.93 -58.10
N ALA T 564 28.68 -1.58 -57.36
CA ALA T 564 29.30 -2.82 -57.79
C ALA T 564 29.03 -3.91 -56.76
N LEU T 565 28.63 -5.08 -57.26
CA LEU T 565 28.32 -6.25 -56.42
C LEU T 565 29.29 -7.36 -56.79
N ILE T 566 30.39 -7.48 -56.07
CA ILE T 566 31.39 -8.51 -56.33
C ILE T 566 31.72 -9.23 -55.04
N ARG T 567 32.03 -10.52 -55.17
CA ARG T 567 32.30 -11.37 -54.03
C ARG T 567 33.68 -11.07 -53.47
N ALA T 568 33.76 -10.92 -52.15
CA ALA T 568 35.04 -10.63 -51.50
C ALA T 568 35.97 -11.83 -51.60
N GLY T 569 37.25 -11.56 -51.82
CA GLY T 569 38.24 -12.61 -51.89
C GLY T 569 38.51 -13.24 -50.54
N SER T 570 39.17 -14.40 -50.58
CA SER T 570 39.51 -15.11 -49.36
C SER T 570 40.57 -14.33 -48.58
N VAL T 571 40.95 -14.86 -47.42
CA VAL T 571 41.94 -14.21 -46.58
C VAL T 571 43.26 -14.15 -47.32
N GLY T 572 43.80 -12.95 -47.48
CA GLY T 572 45.00 -12.74 -48.26
C GLY T 572 44.78 -12.61 -49.75
N ALA T 573 43.54 -12.74 -50.22
CA ALA T 573 43.22 -12.58 -51.63
C ALA T 573 42.78 -11.13 -51.89
N GLU T 574 42.47 -10.83 -53.14
CA GLU T 574 42.10 -9.48 -53.53
C GLU T 574 40.86 -9.52 -54.42
N ALA T 575 40.11 -8.42 -54.38
CA ALA T 575 38.98 -8.21 -55.27
C ALA T 575 39.35 -7.15 -56.30
N CYS T 576 38.98 -7.39 -57.55
CA CYS T 576 39.46 -6.61 -58.69
C CYS T 576 38.31 -5.86 -59.35
N LEU T 577 38.62 -4.67 -59.87
CA LEU T 577 37.68 -3.86 -60.61
C LEU T 577 38.30 -3.42 -61.93
N MET T 578 37.46 -3.26 -62.94
CA MET T 578 37.88 -2.86 -64.28
C MET T 578 37.30 -1.49 -64.59
N LEU T 579 38.16 -0.55 -64.96
CA LEU T 579 37.74 0.77 -65.42
C LEU T 579 38.36 0.97 -66.80
N LYS T 580 37.63 0.55 -67.83
CA LYS T 580 38.14 0.55 -69.19
C LYS T 580 37.71 1.82 -69.92
N GLY T 581 38.67 2.53 -70.48
CA GLY T 581 38.39 3.70 -71.27
C GLY T 581 38.73 3.52 -72.74
N VAL T 582 39.87 4.04 -73.15
CA VAL T 582 40.37 3.91 -74.51
C VAL T 582 41.56 2.94 -74.48
N LYS T 583 41.60 2.04 -75.46
CA LYS T 583 42.67 1.05 -75.51
C LYS T 583 44.04 1.73 -75.53
N GLU T 584 44.99 1.12 -74.81
CA GLU T 584 46.31 1.69 -74.56
C GLU T 584 46.25 2.97 -73.73
N ASP T 585 45.13 3.21 -73.04
CA ASP T 585 44.97 4.37 -72.19
C ASP T 585 44.06 3.98 -71.03
N GLN T 586 44.06 4.84 -70.00
CA GLN T 586 43.20 4.68 -68.82
C GLN T 586 43.54 3.36 -68.14
N THR T 587 42.63 2.38 -68.11
CA THR T 587 42.85 1.10 -67.44
C THR T 587 43.24 1.31 -65.98
N LYS T 588 42.31 1.89 -65.22
CA LYS T 588 42.52 2.15 -63.81
C LYS T 588 41.97 0.99 -62.98
N PHE T 589 42.78 0.50 -62.04
CA PHE T 589 42.46 -0.69 -61.27
C PHE T 589 42.25 -0.32 -59.82
N LEU T 590 41.08 -0.66 -59.29
CA LEU T 590 40.76 -0.52 -57.87
C LEU T 590 40.80 -1.90 -57.24
N LYS T 591 41.61 -2.05 -56.19
CA LYS T 591 41.80 -3.36 -55.58
C LYS T 591 41.32 -3.35 -54.13
N ILE T 592 40.74 -4.45 -53.71
CA ILE T 592 40.32 -4.61 -52.32
C ILE T 592 41.03 -5.83 -51.74
N LYS T 593 42.15 -5.60 -51.06
CA LYS T 593 42.89 -6.67 -50.40
C LYS T 593 42.16 -7.09 -49.14
N THR T 594 42.05 -8.40 -48.92
CA THR T 594 41.45 -8.93 -47.71
C THR T 594 42.58 -9.26 -46.74
N VAL T 595 42.83 -8.37 -45.79
CA VAL T 595 43.98 -8.53 -44.90
C VAL T 595 43.78 -9.75 -44.00
N SER T 596 42.74 -9.71 -43.16
CA SER T 596 42.49 -10.80 -42.24
C SER T 596 41.05 -10.74 -41.77
N SER T 597 40.56 -11.88 -41.29
CA SER T 597 39.24 -11.99 -40.68
C SER T 597 39.41 -12.45 -39.25
N GLU T 598 38.87 -11.69 -38.30
CA GLU T 598 39.03 -11.97 -36.89
C GLU T 598 37.66 -12.01 -36.21
N LEU T 599 37.58 -12.82 -35.16
CA LEU T 599 36.36 -12.95 -34.36
C LEU T 599 36.51 -12.08 -33.13
N SER T 600 36.22 -10.79 -33.29
CA SER T 600 36.41 -9.84 -32.21
C SER T 600 35.37 -10.05 -31.12
N CYS T 601 35.63 -9.42 -29.97
CA CYS T 601 34.78 -9.55 -28.80
C CYS T 601 33.91 -8.31 -28.62
N ARG T 602 32.67 -8.52 -28.23
CA ARG T 602 31.75 -7.45 -27.87
C ARG T 602 31.60 -7.47 -26.36
N GLU T 603 32.29 -6.55 -25.69
CA GLU T 603 32.31 -6.54 -24.23
C GLU T 603 30.97 -6.09 -23.67
N GLY T 604 30.61 -6.65 -22.52
CA GLY T 604 29.41 -6.25 -21.82
C GLY T 604 29.72 -5.40 -20.60
N GLN T 605 29.48 -5.96 -19.41
CA GLN T 605 29.81 -5.24 -18.19
C GLN T 605 31.31 -5.31 -17.92
N SER T 606 31.77 -4.42 -17.04
CA SER T 606 33.19 -4.37 -16.71
C SER T 606 33.36 -3.68 -15.36
N TYR T 607 34.52 -3.91 -14.75
CA TYR T 607 34.89 -3.22 -13.52
C TYR T 607 36.40 -3.22 -13.41
N TRP T 608 36.89 -2.61 -12.34
CA TRP T 608 38.32 -2.50 -12.09
C TRP T 608 38.65 -3.01 -10.70
N THR T 609 39.90 -3.46 -10.53
CA THR T 609 40.33 -3.97 -9.24
C THR T 609 41.84 -3.83 -9.12
N GLY T 610 42.33 -3.95 -7.89
CA GLY T 610 43.74 -3.83 -7.62
C GLY T 610 44.10 -4.53 -6.33
N SER T 611 45.26 -4.15 -5.78
CA SER T 611 45.76 -4.72 -4.54
C SER T 611 45.56 -3.71 -3.41
N PHE T 612 44.97 -4.17 -2.32
CA PHE T 612 44.66 -3.31 -1.19
C PHE T 612 45.16 -3.93 0.11
N SER T 613 45.58 -3.07 1.03
CA SER T 613 46.00 -3.48 2.36
C SER T 613 45.37 -2.56 3.40
N PRO T 614 44.99 -3.08 4.55
CA PRO T 614 44.30 -2.25 5.56
C PRO T 614 45.24 -1.61 6.56
N LYS T 615 44.79 -0.49 7.11
CA LYS T 615 45.43 0.18 8.22
C LYS T 615 44.39 0.49 9.28
N CYS T 616 44.72 0.21 10.54
CA CYS T 616 43.78 0.34 11.64
C CYS T 616 44.31 1.30 12.70
N LEU T 617 43.41 2.12 13.24
CA LEU T 617 43.68 2.98 14.38
C LEU T 617 42.81 2.51 15.53
N SER T 618 43.42 2.31 16.69
CA SER T 618 42.73 1.75 17.84
C SER T 618 42.76 2.74 19.00
N SER T 619 41.69 2.74 19.78
CA SER T 619 41.59 3.59 20.98
C SER T 619 40.78 2.84 22.03
N ARG T 620 41.39 2.58 23.18
CA ARG T 620 40.75 1.80 24.24
C ARG T 620 40.37 2.73 25.39
N ARG T 621 39.09 2.72 25.74
CA ARG T 621 38.58 3.54 26.84
C ARG T 621 37.84 2.67 27.84
N CYS T 622 37.93 3.07 29.11
CA CYS T 622 37.25 2.36 30.18
C CYS T 622 35.74 2.61 30.11
N HIS T 623 35.00 1.90 30.95
CA HIS T 623 33.55 1.99 30.91
C HIS T 623 33.08 3.37 31.36
N LEU T 624 31.95 3.80 30.79
CA LEU T 624 31.33 5.10 31.06
C LEU T 624 32.19 6.27 30.61
N VAL T 625 33.18 6.03 29.75
CA VAL T 625 34.04 7.07 29.21
C VAL T 625 33.70 7.25 27.74
N GLY T 626 33.31 8.45 27.36
CA GLY T 626 32.90 8.71 25.99
C GLY T 626 31.62 7.99 25.64
N GLU T 627 31.70 7.04 24.71
CA GLU T 627 30.56 6.23 24.32
C GLU T 627 30.81 4.76 24.66
N CYS T 628 31.51 4.52 25.77
CA CYS T 628 31.82 3.16 26.20
C CYS T 628 30.66 2.49 26.91
N HIS T 629 29.45 3.03 26.82
CA HIS T 629 28.28 2.31 27.28
C HIS T 629 28.11 1.04 26.45
N VAL T 630 27.72 -0.04 27.13
CA VAL T 630 27.66 -1.35 26.47
C VAL T 630 26.61 -1.34 25.36
N ASN T 631 25.48 -0.67 25.60
CA ASN T 631 24.41 -0.61 24.59
C ASN T 631 24.92 0.06 23.32
N ARG T 632 25.67 1.14 23.46
CA ARG T 632 26.34 1.73 22.30
C ARG T 632 27.43 0.82 21.77
N CYS T 633 28.02 0.00 22.63
CA CYS T 633 29.18 -0.80 22.23
C CYS T 633 28.79 -1.88 21.23
N LEU T 634 27.74 -2.66 21.52
CA LEU T 634 27.37 -3.68 20.54
C LEU T 634 26.67 -3.09 19.32
N SER T 635 25.90 -2.03 19.48
CA SER T 635 25.11 -1.49 18.38
C SER T 635 25.88 -0.50 17.52
N TRP T 636 27.21 -0.58 17.52
CA TRP T 636 28.02 0.37 16.76
C TRP T 636 27.85 0.14 15.27
N ARG T 637 27.40 1.16 14.55
CA ARG T 637 27.29 1.07 13.10
C ARG T 637 28.67 1.14 12.46
N ASP T 638 28.87 0.34 11.40
CA ASP T 638 30.17 0.29 10.75
C ASP T 638 30.50 1.58 10.01
N ASN T 639 29.50 2.38 9.65
CA ASN T 639 29.72 3.60 8.89
C ASN T 639 29.80 4.85 9.77
N GLU T 640 29.76 4.69 11.09
CA GLU T 640 29.78 5.80 12.02
C GLU T 640 31.16 5.87 12.67
N THR T 641 31.76 7.07 12.65
CA THR T 641 33.11 7.26 13.16
C THR T 641 33.07 7.68 14.63
N SER T 642 34.02 7.17 15.40
CA SER T 642 34.14 7.54 16.80
C SER T 642 34.74 8.94 16.94
N ALA T 643 34.56 9.52 18.13
CA ALA T 643 35.06 10.87 18.38
C ALA T 643 36.57 10.89 18.58
N GLU T 644 37.18 9.75 18.94
CA GLU T 644 38.63 9.74 19.12
C GLU T 644 39.36 9.98 17.81
N PHE T 645 38.88 9.37 16.72
CA PHE T 645 39.52 9.51 15.42
C PHE T 645 38.90 10.65 14.62
N SER T 646 38.84 11.84 15.22
CA SER T 646 38.30 13.00 14.54
C SER T 646 39.34 13.72 13.68
N PHE T 647 40.63 13.43 13.89
CA PHE T 647 41.64 13.99 13.01
C PHE T 647 41.51 13.44 11.60
N VAL T 648 40.98 12.22 11.46
CA VAL T 648 40.61 11.71 10.15
C VAL T 648 39.55 12.62 9.53
N GLY T 649 38.55 12.99 10.32
CA GLY T 649 37.53 13.91 9.84
C GLY T 649 36.77 13.31 8.68
N GLU T 650 36.67 14.08 7.60
CA GLU T 650 36.00 13.64 6.39
C GLU T 650 37.04 13.11 5.41
N SER T 651 36.87 11.87 4.96
CA SER T 651 37.78 11.25 4.02
C SER T 651 36.97 10.45 3.00
N THR T 652 37.52 10.35 1.80
CA THR T 652 36.88 9.61 0.71
C THR T 652 37.33 8.16 0.62
N THR T 653 38.24 7.74 1.50
CA THR T 653 38.77 6.38 1.43
C THR T 653 37.75 5.39 1.96
N MET T 654 37.81 4.17 1.44
CA MET T 654 37.00 3.08 1.97
C MET T 654 37.40 2.80 3.41
N ARG T 655 36.42 2.75 4.30
CA ARG T 655 36.73 2.64 5.71
C ARG T 655 35.54 2.03 6.45
N GLU T 656 35.84 1.48 7.62
CA GLU T 656 34.82 0.93 8.49
C GLU T 656 35.26 1.10 9.93
N ASN T 657 34.29 1.05 10.84
CA ASN T 657 34.54 1.26 12.26
C ASN T 657 33.89 0.14 13.06
N LYS T 658 34.64 -0.42 14.00
CA LYS T 658 34.16 -1.50 14.85
C LYS T 658 34.41 -1.15 16.31
N CYS T 659 33.64 -1.77 17.20
CA CYS T 659 33.79 -1.61 18.63
C CYS T 659 33.79 -2.98 19.29
N PHE T 660 34.80 -3.24 20.11
CA PHE T 660 34.97 -4.53 20.75
C PHE T 660 35.00 -4.37 22.27
N GLU T 661 34.23 -5.21 22.96
CA GLU T 661 34.26 -5.24 24.42
C GLU T 661 35.51 -5.96 24.90
N GLN T 662 36.06 -5.48 26.01
CA GLN T 662 37.21 -6.12 26.63
C GLN T 662 36.95 -6.34 28.12
N CYS T 663 37.98 -6.72 28.85
CA CYS T 663 37.85 -6.91 30.30
C CYS T 663 37.58 -5.60 31.01
N GLY T 664 36.98 -5.70 32.19
CA GLY T 664 36.76 -4.57 33.05
C GLY T 664 37.11 -4.88 34.49
N GLY T 665 38.09 -4.16 35.02
CA GLY T 665 38.56 -4.43 36.37
C GLY T 665 39.98 -3.93 36.55
N TRP T 666 40.40 -3.88 37.82
CA TRP T 666 41.70 -3.29 38.13
C TRP T 666 42.84 -4.04 37.45
N GLY T 667 42.70 -5.35 37.26
CA GLY T 667 43.70 -6.07 36.49
C GLY T 667 43.70 -5.65 35.04
N CYS T 668 42.52 -5.39 34.48
CA CYS T 668 42.44 -4.90 33.11
C CYS T 668 43.05 -3.52 32.96
N GLY T 669 42.80 -2.63 33.93
CA GLY T 669 43.36 -1.29 33.90
C GLY T 669 42.36 -0.22 34.27
N CYS T 670 41.11 -0.61 34.50
CA CYS T 670 40.02 0.32 34.78
C CYS T 670 39.37 -0.04 36.12
N PHE T 671 39.06 0.98 36.92
CA PHE T 671 38.46 0.72 38.22
C PHE T 671 37.10 0.05 38.08
N ASN T 672 36.31 0.48 37.10
CA ASN T 672 35.01 -0.13 36.89
C ASN T 672 35.16 -1.59 36.47
N VAL T 673 34.18 -2.41 36.87
CA VAL T 673 34.20 -3.83 36.54
C VAL T 673 33.39 -4.14 35.28
N ASN T 674 32.56 -3.22 34.83
CA ASN T 674 31.87 -3.42 33.56
C ASN T 674 32.89 -3.44 32.42
N PRO T 675 32.57 -4.08 31.30
CA PRO T 675 33.57 -4.23 30.24
C PRO T 675 33.92 -2.89 29.60
N SER T 676 35.20 -2.71 29.29
CA SER T 676 35.68 -1.51 28.63
C SER T 676 35.36 -1.61 27.14
N CYS T 677 35.85 -0.66 26.35
CA CYS T 677 35.61 -0.66 24.91
C CYS T 677 36.90 -0.37 24.17
N LEU T 678 37.01 -0.93 22.96
CA LEU T 678 38.10 -0.67 22.05
C LEU T 678 37.49 -0.29 20.71
N PHE T 679 37.72 0.94 20.27
CA PHE T 679 37.23 1.44 19.00
C PHE T 679 38.32 1.30 17.96
N VAL T 680 37.97 0.73 16.80
CA VAL T 680 38.90 0.49 15.72
C VAL T 680 38.36 1.15 14.47
N HIS T 681 39.20 1.93 13.79
CA HIS T 681 38.87 2.54 12.51
C HIS T 681 39.85 2.01 11.47
N THR T 682 39.35 1.29 10.47
CA THR T 682 40.18 0.68 9.46
C THR T 682 39.88 1.29 8.10
N TYR T 683 40.94 1.55 7.34
CA TYR T 683 40.82 2.06 5.98
C TYR T 683 41.78 1.30 5.07
N LEU T 684 41.32 1.02 3.84
CA LEU T 684 42.11 0.31 2.86
C LEU T 684 42.93 1.29 2.03
N GLN T 685 44.15 0.88 1.68
CA GLN T 685 45.00 1.68 0.82
C GLN T 685 45.62 0.79 -0.24
N SER T 686 45.83 1.36 -1.43
CA SER T 686 46.37 0.60 -2.54
C SER T 686 47.87 0.39 -2.37
N VAL T 687 48.31 -0.85 -2.61
CA VAL T 687 49.70 -1.21 -2.47
C VAL T 687 50.47 -0.84 -3.73
N ARG T 688 50.03 -1.37 -4.87
CA ARG T 688 50.67 -1.11 -6.15
C ARG T 688 49.94 -0.01 -6.90
N LYS T 689 50.70 0.75 -7.67
CA LYS T 689 50.14 1.85 -8.47
C LYS T 689 49.71 1.36 -9.85
N GLU T 690 48.91 0.30 -9.87
CA GLU T 690 48.39 -0.27 -11.10
C GLU T 690 47.00 -0.82 -10.84
N ALA T 691 46.23 -0.97 -11.91
CA ALA T 691 44.88 -1.50 -11.82
C ALA T 691 44.64 -2.45 -12.98
N LEU T 692 43.68 -3.35 -12.78
CA LEU T 692 43.29 -4.33 -13.79
C LEU T 692 41.81 -4.21 -14.09
N ARG T 693 41.45 -4.29 -15.38
CA ARG T 693 40.06 -4.19 -15.80
C ARG T 693 39.53 -5.58 -16.13
N VAL T 694 38.45 -5.97 -15.48
CA VAL T 694 37.85 -7.29 -15.66
C VAL T 694 36.54 -7.09 -16.42
N PHE T 695 36.37 -7.83 -17.52
CA PHE T 695 35.18 -7.73 -18.35
C PHE T 695 34.81 -9.12 -18.86
N ASN T 696 33.75 -9.17 -19.65
CA ASN T 696 33.26 -10.41 -20.24
C ASN T 696 32.78 -10.13 -21.65
N CYS T 697 32.81 -11.18 -22.48
CA CYS T 697 32.36 -11.10 -23.86
C CYS T 697 31.01 -11.78 -23.97
N ILE T 698 29.95 -10.98 -24.17
CA ILE T 698 28.61 -11.54 -24.32
C ILE T 698 28.50 -12.30 -25.63
N ASP T 699 29.13 -11.81 -26.69
CA ASP T 699 29.09 -12.48 -27.98
C ASP T 699 30.29 -12.04 -28.81
N TRP T 700 30.60 -12.84 -29.82
CA TRP T 700 31.69 -12.58 -30.73
C TRP T 700 31.14 -12.24 -32.11
N VAL T 701 31.76 -11.28 -32.79
CA VAL T 701 31.27 -10.76 -34.06
C VAL T 701 32.37 -10.92 -35.10
N HIS T 702 31.98 -11.36 -36.30
CA HIS T 702 32.92 -11.43 -37.41
C HIS T 702 33.31 -10.03 -37.85
N LYS T 703 34.59 -9.87 -38.19
CA LYS T 703 35.14 -8.55 -38.46
C LYS T 703 36.20 -8.67 -39.54
N LEU T 704 36.01 -7.97 -40.65
CA LEU T 704 36.85 -8.08 -41.83
C LEU T 704 37.69 -6.82 -41.98
N THR T 705 38.98 -7.01 -42.24
CA THR T 705 39.91 -5.92 -42.48
C THR T 705 40.24 -5.88 -43.97
N LEU T 706 40.08 -4.70 -44.57
CA LEU T 706 40.29 -4.51 -46.00
C LEU T 706 41.37 -3.46 -46.22
N GLU T 707 42.16 -3.65 -47.28
CA GLU T 707 43.15 -2.69 -47.74
C GLU T 707 42.66 -2.16 -49.08
N ILE T 708 42.35 -0.88 -49.14
CA ILE T 708 41.71 -0.29 -50.31
C ILE T 708 42.80 0.31 -51.20
N THR T 709 43.27 -0.48 -52.17
CA THR T 709 44.20 0.02 -53.18
C THR T 709 43.38 0.90 -54.13
N ASP T 710 43.35 2.19 -53.82
CA ASP T 710 42.56 3.15 -54.56
C ASP T 710 43.27 3.55 -55.85
N PHE T 711 42.53 4.27 -56.71
CA PHE T 711 43.10 4.77 -57.96
C PHE T 711 44.19 5.79 -57.66
N ASP T 712 45.39 5.53 -58.18
CA ASP T 712 46.55 6.41 -58.00
C ASP T 712 46.83 6.64 -56.50
N GLY T 713 47.15 5.55 -55.81
CA GLY T 713 47.45 5.62 -54.40
C GLY T 713 46.70 4.58 -53.59
N SER T 714 47.44 3.79 -52.80
CA SER T 714 46.87 2.70 -52.02
C SER T 714 46.94 2.96 -50.52
N VAL T 715 46.92 4.23 -50.12
CA VAL T 715 46.97 4.58 -48.69
C VAL T 715 45.53 4.60 -48.19
N SER T 716 45.01 3.41 -47.89
CA SER T 716 43.66 3.28 -47.35
C SER T 716 43.51 1.90 -46.75
N THR T 717 43.27 1.83 -45.45
CA THR T 717 42.98 0.57 -44.75
C THR T 717 41.77 0.78 -43.86
N ILE T 718 40.80 -0.13 -43.95
CA ILE T 718 39.55 0.00 -43.23
C ILE T 718 39.23 -1.33 -42.56
N ASP T 719 38.34 -1.27 -41.57
CA ASP T 719 37.90 -2.46 -40.84
C ASP T 719 36.40 -2.32 -40.60
N LEU T 720 35.65 -3.40 -40.84
CA LEU T 720 34.20 -3.30 -40.72
C LEU T 720 33.61 -4.68 -40.43
N GLY T 721 32.39 -4.67 -39.90
CA GLY T 721 31.73 -5.87 -39.44
C GLY T 721 30.57 -6.29 -40.32
N ALA T 722 29.65 -7.06 -39.74
CA ALA T 722 28.55 -7.63 -40.48
C ALA T 722 27.49 -6.58 -40.79
N SER T 723 27.04 -6.56 -42.04
CA SER T 723 25.95 -5.68 -42.48
C SER T 723 26.24 -4.23 -42.12
N SER T 724 27.48 -3.81 -42.30
CA SER T 724 27.92 -2.47 -41.94
C SER T 724 28.59 -1.82 -43.14
N SER T 725 28.49 -0.50 -43.20
CA SER T 725 29.09 0.30 -44.26
C SER T 725 29.99 1.36 -43.64
N ARG T 726 31.08 1.67 -44.35
CA ARG T 726 32.02 2.69 -43.94
C ARG T 726 32.11 3.75 -45.03
N PHE T 727 31.98 5.01 -44.63
CA PHE T 727 31.98 6.14 -45.56
C PHE T 727 33.42 6.52 -45.88
N THR T 728 34.01 5.78 -46.80
CA THR T 728 35.36 6.07 -47.26
C THR T 728 35.32 7.20 -48.27
N ASN T 729 36.44 7.41 -48.97
CA ASN T 729 36.42 8.33 -50.10
C ASN T 729 35.59 7.75 -51.23
N TRP T 730 35.34 8.57 -52.25
CA TRP T 730 34.55 8.21 -53.43
C TRP T 730 33.28 7.44 -53.09
N GLY T 731 32.64 7.78 -51.97
CA GLY T 731 31.40 7.12 -51.60
C GLY T 731 31.50 6.32 -50.32
N SER T 732 31.17 5.04 -50.38
CA SER T 732 31.19 4.19 -49.20
C SER T 732 31.36 2.74 -49.63
N VAL T 733 31.79 1.91 -48.68
CA VAL T 733 31.98 0.49 -48.90
C VAL T 733 31.18 -0.27 -47.85
N SER T 734 30.34 -1.21 -48.29
CA SER T 734 29.50 -1.97 -47.37
C SER T 734 29.87 -3.45 -47.44
N LEU T 735 29.65 -4.16 -46.34
CA LEU T 735 29.93 -5.58 -46.27
C LEU T 735 28.65 -6.32 -45.88
N SER T 736 28.32 -7.37 -46.63
CA SER T 736 27.16 -8.18 -46.29
C SER T 736 27.49 -9.23 -45.24
N LEU T 737 28.41 -10.14 -45.56
CA LEU T 737 28.81 -11.25 -44.70
C LEU T 737 27.57 -11.95 -44.15
N ASP T 738 26.79 -12.52 -45.06
CA ASP T 738 25.49 -13.06 -44.73
C ASP T 738 25.54 -14.44 -44.08
N ALA T 739 26.70 -15.09 -44.06
CA ALA T 739 26.80 -16.44 -43.52
C ALA T 739 26.48 -16.47 -42.03
N GLU T 740 27.31 -15.81 -41.21
CA GLU T 740 27.13 -15.83 -39.76
C GLU T 740 27.57 -14.48 -39.20
N GLY T 741 26.66 -13.79 -38.53
CA GLY T 741 27.00 -12.56 -37.85
C GLY T 741 27.39 -12.71 -36.40
N ILE T 742 27.47 -13.94 -35.89
CA ILE T 742 27.76 -14.19 -34.48
C ILE T 742 28.34 -15.59 -34.36
N SER T 743 29.02 -15.84 -33.24
CA SER T 743 29.63 -17.15 -32.99
C SER T 743 29.39 -17.59 -31.55
N GLY T 744 28.18 -17.37 -31.04
CA GLY T 744 27.83 -17.83 -29.72
C GLY T 744 28.40 -16.97 -28.61
N SER T 745 28.40 -17.53 -27.40
CA SER T 745 28.83 -16.81 -26.21
C SER T 745 29.87 -17.61 -25.42
N ASN T 746 30.19 -17.15 -24.22
CA ASN T 746 31.18 -17.82 -23.38
C ASN T 746 30.83 -17.57 -21.92
N SER T 747 31.54 -18.27 -21.03
CA SER T 747 31.31 -18.19 -19.60
C SER T 747 32.63 -18.08 -18.84
N PHE T 748 33.61 -17.39 -19.42
CA PHE T 748 34.85 -17.04 -18.73
C PHE T 748 34.88 -15.54 -18.50
N SER T 749 36.00 -15.05 -17.95
CA SER T 749 36.19 -13.63 -17.78
C SER T 749 37.56 -13.24 -18.31
N PHE T 750 37.71 -11.98 -18.70
CA PHE T 750 38.94 -11.50 -19.29
C PHE T 750 39.48 -10.32 -18.49
N ILE T 751 40.81 -10.28 -18.35
CA ILE T 751 41.51 -9.26 -17.59
C ILE T 751 42.35 -8.47 -18.58
N GLU T 752 42.38 -7.15 -18.40
CA GLU T 752 43.20 -6.26 -19.21
C GLU T 752 44.06 -5.43 -18.29
N SER T 753 45.37 -5.47 -18.51
CA SER T 753 46.30 -4.57 -17.85
C SER T 753 46.77 -3.52 -18.86
N PRO T 754 46.38 -2.26 -18.70
CA PRO T 754 46.68 -1.25 -19.72
C PRO T 754 48.17 -1.09 -19.92
N GLY T 755 48.61 -1.14 -21.17
CA GLY T 755 50.01 -1.07 -21.49
C GLY T 755 50.78 -2.35 -21.26
N LYS T 756 50.09 -3.42 -20.84
CA LYS T 756 50.75 -4.69 -20.56
C LYS T 756 50.11 -5.90 -21.23
N GLY T 757 48.82 -5.86 -21.56
CA GLY T 757 48.23 -6.93 -22.32
C GLY T 757 46.93 -7.40 -21.72
N TYR T 758 46.57 -8.64 -22.04
CA TYR T 758 45.33 -9.24 -21.59
C TYR T 758 45.60 -10.62 -21.00
N ALA T 759 44.54 -11.21 -20.45
CA ALA T 759 44.62 -12.52 -19.81
C ALA T 759 43.20 -13.06 -19.67
N ILE T 760 43.10 -14.35 -19.38
CA ILE T 760 41.81 -15.03 -19.26
C ILE T 760 41.76 -15.73 -17.91
N VAL T 761 40.62 -15.58 -17.22
CA VAL T 761 40.37 -16.29 -15.97
C VAL T 761 39.14 -17.15 -16.14
N ASP T 762 39.22 -18.37 -15.60
CA ASP T 762 38.22 -19.41 -15.80
C ASP T 762 37.14 -19.37 -14.71
N GLU T 763 36.54 -18.21 -14.52
CA GLU T 763 35.41 -18.05 -13.62
C GLU T 763 34.32 -17.27 -14.34
N PRO T 764 33.05 -17.53 -14.02
CA PRO T 764 31.98 -16.70 -14.57
C PRO T 764 32.08 -15.28 -14.08
N PHE T 765 31.70 -14.34 -14.95
CA PHE T 765 31.72 -12.92 -14.61
C PHE T 765 30.57 -12.65 -13.64
N SER T 766 30.91 -12.30 -12.41
CA SER T 766 29.92 -12.05 -11.37
C SER T 766 29.81 -10.56 -11.13
N GLU T 767 28.59 -10.05 -11.16
CA GLU T 767 28.32 -8.63 -10.94
C GLU T 767 28.20 -8.27 -9.47
N ILE T 768 28.24 -9.26 -8.58
CA ILE T 768 28.16 -9.04 -7.14
C ILE T 768 29.48 -9.53 -6.53
N PRO T 769 30.16 -8.72 -5.73
CA PRO T 769 31.43 -9.16 -5.15
C PRO T 769 31.26 -10.38 -4.27
N ARG T 770 32.26 -11.25 -4.30
CA ARG T 770 32.23 -12.50 -3.54
C ARG T 770 33.56 -12.69 -2.85
N GLN T 771 33.51 -13.05 -1.57
CA GLN T 771 34.72 -13.26 -0.80
C GLN T 771 35.47 -14.50 -1.32
N GLY T 772 36.78 -14.38 -1.43
CA GLY T 772 37.60 -15.48 -1.90
C GLY T 772 37.66 -15.67 -3.39
N PHE T 773 37.08 -14.77 -4.16
CA PHE T 773 37.10 -14.83 -5.62
C PHE T 773 37.80 -13.59 -6.17
N LEU T 774 37.81 -13.46 -7.49
CA LEU T 774 38.29 -12.26 -8.13
C LEU T 774 37.25 -11.15 -8.05
N GLY T 775 37.74 -9.92 -7.99
CA GLY T 775 36.83 -8.78 -7.90
C GLY T 775 36.05 -8.74 -6.61
N GLU T 776 36.67 -9.14 -5.50
CA GLU T 776 36.04 -8.98 -4.19
C GLU T 776 35.90 -7.51 -3.85
N ILE T 777 36.89 -6.71 -4.19
CA ILE T 777 36.81 -5.25 -4.12
C ILE T 777 36.88 -4.73 -5.54
N ARG T 778 35.80 -4.11 -6.01
CA ARG T 778 35.69 -3.64 -7.39
C ARG T 778 35.30 -2.18 -7.41
N CYS T 779 35.81 -1.47 -8.42
CA CYS T 779 35.52 -0.05 -8.58
C CYS T 779 35.00 0.22 -10.00
N ASN T 780 34.87 1.49 -10.36
CA ASN T 780 34.38 1.86 -11.68
C ASN T 780 35.42 2.59 -12.52
N SER T 781 36.60 2.86 -11.98
CA SER T 781 37.62 3.56 -12.75
C SER T 781 38.98 3.24 -12.14
N GLU T 782 40.02 3.50 -12.92
CA GLU T 782 41.38 3.24 -12.46
C GLU T 782 41.76 4.17 -11.30
N SER T 783 41.28 5.41 -11.33
CA SER T 783 41.58 6.35 -10.27
C SER T 783 40.97 5.89 -8.95
N SER T 784 39.74 5.37 -8.98
CA SER T 784 39.13 4.87 -7.76
C SER T 784 39.92 3.71 -7.17
N VAL T 785 40.43 2.83 -8.02
CA VAL T 785 41.25 1.73 -7.54
C VAL T 785 42.55 2.26 -6.93
N LEU T 786 43.21 3.18 -7.62
CA LEU T 786 44.50 3.67 -7.16
C LEU T 786 44.38 4.57 -5.94
N SER T 787 43.18 5.05 -5.63
CA SER T 787 42.96 5.93 -4.49
C SER T 787 42.08 5.30 -3.42
N ALA T 788 41.64 4.07 -3.61
CA ALA T 788 40.79 3.36 -2.66
C ALA T 788 39.55 4.20 -2.30
N HIS T 789 38.91 4.73 -3.34
CA HIS T 789 37.76 5.61 -3.13
C HIS T 789 36.61 4.83 -2.52
N GLU T 790 35.79 5.55 -1.72
CA GLU T 790 34.70 4.92 -1.00
C GLU T 790 33.60 4.42 -1.92
N SER T 791 33.55 4.89 -3.16
CA SER T 791 32.54 4.43 -4.10
C SER T 791 32.75 2.99 -4.55
N CYS T 792 33.93 2.43 -4.30
CA CYS T 792 34.20 1.05 -4.65
C CYS T 792 33.33 0.10 -3.82
N LEU T 793 32.84 -0.96 -4.45
CA LEU T 793 32.06 -1.96 -3.77
C LEU T 793 32.94 -3.10 -3.27
N ARG T 794 32.54 -3.71 -2.16
CA ARG T 794 33.26 -4.84 -1.61
C ARG T 794 32.28 -5.73 -0.88
N ALA T 795 32.67 -6.98 -0.71
CA ALA T 795 31.86 -7.99 -0.04
C ALA T 795 31.85 -7.76 1.48
N PRO T 796 30.86 -8.31 2.18
CA PRO T 796 30.88 -8.22 3.64
C PRO T 796 32.02 -9.06 4.23
N ASN T 797 32.51 -8.61 5.38
CA ASN T 797 33.50 -9.33 6.20
C ASN T 797 34.73 -9.74 5.39
N LEU T 798 35.50 -8.74 4.96
CA LEU T 798 36.81 -9.00 4.39
C LEU T 798 37.94 -8.86 5.39
N ILE T 799 37.76 -8.05 6.42
CA ILE T 799 38.86 -7.69 7.33
C ILE T 799 38.82 -8.61 8.54
N SER T 800 39.96 -9.19 8.88
CA SER T 800 40.10 -10.06 10.04
C SER T 800 40.72 -9.28 11.18
N TYR T 801 40.06 -9.28 12.32
CA TYR T 801 40.45 -8.51 13.49
C TYR T 801 40.96 -9.44 14.58
N LYS T 802 42.08 -9.09 15.19
CA LYS T 802 42.70 -9.85 16.27
C LYS T 802 42.86 -8.91 17.45
N PRO T 803 41.80 -8.75 18.27
CA PRO T 803 41.84 -7.82 19.41
C PRO T 803 42.52 -8.41 20.65
N MET T 804 43.70 -8.97 20.45
CA MET T 804 44.46 -9.50 21.58
C MET T 804 44.94 -8.36 22.47
N ILE T 805 45.14 -8.66 23.75
CA ILE T 805 45.18 -7.64 24.78
C ILE T 805 46.35 -6.67 24.63
N ASP T 806 47.42 -7.05 23.94
CA ASP T 806 48.57 -6.15 23.85
C ASP T 806 48.35 -5.13 22.74
N GLN T 807 48.22 -5.60 21.50
CA GLN T 807 47.89 -4.71 20.39
C GLN T 807 46.97 -5.43 19.41
N LEU T 808 46.11 -4.66 18.76
CA LEU T 808 45.20 -5.21 17.76
C LEU T 808 45.95 -5.56 16.49
N GLU T 809 45.52 -6.63 15.82
CA GLU T 809 46.07 -7.01 14.52
C GLU T 809 44.95 -6.94 13.49
N CYS T 810 45.05 -6.00 12.57
CA CYS T 810 44.10 -5.87 11.46
C CYS T 810 44.76 -6.46 10.23
N THR T 811 44.27 -7.59 9.76
CA THR T 811 44.88 -8.22 8.59
C THR T 811 43.81 -8.98 7.82
N THR T 812 44.08 -9.22 6.54
CA THR T 812 43.14 -9.93 5.70
C THR T 812 43.90 -10.66 4.62
N ASN T 813 43.26 -11.69 4.05
CA ASN T 813 43.79 -12.39 2.89
C ASN T 813 42.97 -12.00 1.67
N LEU T 814 43.65 -11.72 0.57
CA LEU T 814 43.02 -11.22 -0.63
C LEU T 814 43.66 -11.86 -1.85
N ILE T 815 42.84 -12.22 -2.83
CA ILE T 815 43.36 -12.75 -4.08
C ILE T 815 44.10 -11.63 -4.79
N ASP T 816 45.37 -11.84 -5.04
CA ASP T 816 46.15 -10.86 -5.77
C ASP T 816 45.73 -10.88 -7.24
N PRO T 817 45.10 -9.82 -7.75
CA PRO T 817 44.68 -9.84 -9.16
C PRO T 817 45.85 -9.93 -10.12
N PHE T 818 47.02 -9.41 -9.74
CA PHE T 818 48.17 -9.46 -10.63
C PHE T 818 48.68 -10.88 -10.80
N VAL T 819 48.63 -11.68 -9.74
CA VAL T 819 49.04 -13.08 -9.84
C VAL T 819 48.12 -13.83 -10.80
N VAL T 820 46.81 -13.63 -10.66
CA VAL T 820 45.86 -14.29 -11.55
C VAL T 820 46.04 -13.79 -12.98
N PHE T 821 46.35 -12.51 -13.15
CA PHE T 821 46.60 -11.96 -14.48
C PHE T 821 47.82 -12.60 -15.12
N GLU T 822 48.89 -12.77 -14.36
CA GLU T 822 50.09 -13.40 -14.90
C GLU T 822 49.90 -14.88 -15.14
N ARG T 823 49.01 -15.52 -14.38
CA ARG T 823 48.78 -16.96 -14.54
C ARG T 823 48.16 -17.28 -15.90
N GLY T 824 47.23 -16.44 -16.36
CA GLY T 824 46.45 -16.77 -17.53
C GLY T 824 46.63 -15.85 -18.71
N SER T 825 47.87 -15.48 -19.04
CA SER T 825 48.15 -14.63 -20.19
C SER T 825 47.44 -15.17 -21.44
N LEU T 826 47.13 -14.26 -22.36
CA LEU T 826 46.09 -14.55 -23.37
C LEU T 826 46.31 -15.81 -24.18
N PRO T 827 47.51 -16.12 -24.70
CA PRO T 827 47.60 -17.27 -25.61
C PRO T 827 47.28 -18.58 -24.91
N GLN T 828 46.00 -18.78 -24.65
CA GLN T 828 45.48 -19.96 -23.96
C GLN T 828 44.36 -20.57 -24.79
N THR T 829 44.31 -21.89 -24.83
CA THR T 829 43.27 -22.62 -25.57
C THR T 829 42.34 -23.28 -24.56
N ARG T 830 41.04 -22.99 -24.68
CA ARG T 830 40.02 -23.60 -23.84
C ARG T 830 38.96 -24.21 -24.74
N ASN T 831 38.74 -25.51 -24.58
CA ASN T 831 37.81 -26.30 -25.40
C ASN T 831 37.86 -25.88 -26.87
N ASP T 832 39.09 -25.78 -27.39
CA ASP T 832 39.35 -25.47 -28.80
C ASP T 832 38.78 -24.10 -29.19
N LYS T 833 39.26 -23.07 -28.51
CA LYS T 833 38.89 -21.70 -28.85
C LYS T 833 40.09 -20.79 -29.04
N THR T 834 41.16 -20.97 -28.26
CA THR T 834 42.43 -20.28 -28.45
C THR T 834 42.24 -18.76 -28.57
N PHE T 835 41.77 -18.17 -27.47
CA PHE T 835 41.69 -16.72 -27.40
C PHE T 835 43.10 -16.11 -27.42
N ALA T 836 43.22 -14.98 -28.09
CA ALA T 836 44.52 -14.32 -28.21
C ALA T 836 44.30 -12.83 -28.45
N ALA T 837 45.39 -12.08 -28.36
CA ALA T 837 45.32 -10.63 -28.50
C ALA T 837 45.13 -10.24 -29.96
N SER T 838 44.18 -9.34 -30.20
CA SER T 838 43.97 -8.82 -31.54
C SER T 838 45.12 -7.93 -31.97
N LYS T 839 45.33 -7.81 -33.27
CA LYS T 839 46.40 -6.98 -33.79
C LYS T 839 46.21 -5.55 -33.35
N GLY T 840 47.28 -4.94 -32.86
CA GLY T 840 47.21 -3.63 -32.25
C GLY T 840 46.82 -3.64 -30.78
N ASN T 841 46.73 -4.82 -30.16
CA ASN T 841 46.41 -4.99 -28.73
C ASN T 841 45.21 -4.15 -28.31
N ARG T 842 44.18 -4.13 -29.15
CA ARG T 842 42.95 -3.40 -28.87
C ARG T 842 41.80 -4.30 -28.43
N GLY T 843 42.07 -5.58 -28.19
CA GLY T 843 41.01 -6.49 -27.78
C GLY T 843 41.48 -7.93 -27.82
N VAL T 844 40.51 -8.83 -27.82
CA VAL T 844 40.78 -10.27 -27.84
C VAL T 844 40.03 -10.88 -29.02
N GLN T 845 40.54 -12.03 -29.47
CA GLN T 845 39.98 -12.77 -30.59
C GLN T 845 39.42 -14.11 -30.11
N ALA T 846 38.98 -14.93 -31.07
CA ALA T 846 38.51 -16.28 -30.76
C ALA T 846 38.69 -17.11 -32.03
N PHE T 847 39.76 -17.91 -32.06
CA PHE T 847 40.05 -18.75 -33.21
C PHE T 847 39.23 -20.03 -33.12
N SER T 848 38.20 -20.14 -33.95
CA SER T 848 37.33 -21.31 -33.96
C SER T 848 37.13 -21.79 -35.38
N LYS T 849 36.85 -23.09 -35.53
CA LYS T 849 36.59 -23.67 -36.83
C LYS T 849 35.31 -23.09 -37.43
N GLY T 850 35.39 -22.65 -38.66
CA GLY T 850 34.23 -22.08 -39.33
C GLY T 850 34.65 -21.32 -40.57
N SER T 851 33.64 -20.81 -41.27
CA SER T 851 33.86 -20.03 -42.48
C SER T 851 32.65 -19.11 -42.69
N VAL T 852 32.87 -18.06 -43.47
CA VAL T 852 31.82 -17.09 -43.76
C VAL T 852 31.84 -16.76 -45.25
N GLN T 853 30.71 -16.26 -45.73
CA GLN T 853 30.56 -15.79 -47.10
C GLN T 853 30.42 -14.28 -47.08
N ALA T 854 31.33 -13.58 -47.74
CA ALA T 854 31.38 -12.12 -47.74
C ALA T 854 31.16 -11.60 -49.15
N ASP T 855 30.20 -10.69 -49.30
CA ASP T 855 29.88 -10.07 -50.58
C ASP T 855 29.85 -8.55 -50.37
N LEU T 856 31.01 -7.91 -50.49
CA LEU T 856 31.08 -6.48 -50.27
C LEU T 856 30.64 -5.70 -51.50
N THR T 857 30.08 -4.51 -51.26
CA THR T 857 29.51 -3.68 -52.31
C THR T 857 30.15 -2.31 -52.28
N LEU T 858 30.56 -1.82 -53.44
CA LEU T 858 30.97 -0.44 -53.63
C LEU T 858 29.75 0.40 -54.02
N MET T 859 29.90 1.72 -53.95
CA MET T 859 28.81 2.61 -54.33
C MET T 859 29.38 3.99 -54.60
N PHE T 860 28.95 4.59 -55.72
CA PHE T 860 29.38 5.93 -56.14
C PHE T 860 30.90 6.02 -56.27
N ASP T 861 31.55 4.92 -56.63
CA ASP T 861 33.01 4.90 -56.72
C ASP T 861 33.47 5.81 -57.86
N ASN T 862 34.06 6.95 -57.50
CA ASN T 862 34.55 7.92 -58.49
C ASN T 862 35.88 8.46 -58.01
N PHE T 863 36.96 8.05 -58.68
CA PHE T 863 38.30 8.56 -58.36
C PHE T 863 39.10 8.56 -59.66
N GLU T 864 39.09 9.70 -60.34
CA GLU T 864 39.75 9.82 -61.63
C GLU T 864 40.43 11.18 -61.75
N VAL T 865 41.56 11.19 -62.47
CA VAL T 865 42.32 12.41 -62.72
C VAL T 865 42.62 12.48 -64.22
N ASP T 866 43.33 13.53 -64.61
CA ASP T 866 43.62 13.78 -66.02
C ASP T 866 45.02 13.36 -66.44
N PHE T 867 46.00 13.41 -65.53
CA PHE T 867 47.38 13.11 -65.89
C PHE T 867 47.58 11.66 -66.29
N VAL T 868 46.62 10.77 -66.02
CA VAL T 868 46.76 9.36 -66.38
C VAL T 868 46.52 9.10 -67.84
N GLY T 869 46.22 10.13 -68.63
CA GLY T 869 45.98 9.92 -70.06
C GLY T 869 47.20 9.44 -70.81
N ALA T 870 48.40 9.76 -70.31
CA ALA T 870 49.63 9.34 -70.95
C ALA T 870 49.85 7.85 -70.81
N ALA T 871 50.49 7.25 -71.80
CA ALA T 871 50.76 5.81 -71.80
C ALA T 871 52.14 5.52 -71.24
N VAL T 872 52.32 4.25 -70.84
CA VAL T 872 53.56 3.78 -70.23
C VAL T 872 53.77 2.33 -70.67
N SER T 873 55.03 1.95 -70.85
CA SER T 873 55.39 0.59 -71.25
C SER T 873 56.20 -0.07 -70.13
N CYS T 874 56.10 -1.40 -70.06
CA CYS T 874 56.86 -2.15 -69.07
C CYS T 874 57.52 -3.33 -69.76
N ASP T 875 58.19 -4.16 -68.97
CA ASP T 875 58.66 -5.47 -69.37
C ASP T 875 58.47 -6.42 -68.21
N ALA T 876 57.96 -7.62 -68.50
CA ALA T 876 57.62 -8.58 -67.46
C ALA T 876 58.30 -9.91 -67.74
N ALA T 877 58.65 -10.60 -66.66
CA ALA T 877 59.33 -11.89 -66.74
C ALA T 877 58.77 -12.82 -65.67
N PHE T 878 58.21 -13.94 -66.09
CA PHE T 878 57.69 -14.93 -65.16
C PHE T 878 58.79 -15.43 -64.23
N LEU T 879 58.47 -15.58 -62.95
CA LEU T 879 59.46 -15.93 -61.94
C LEU T 879 59.30 -17.35 -61.43
N ASN T 880 58.14 -17.70 -60.87
CA ASN T 880 57.89 -19.06 -60.38
C ASN T 880 56.41 -19.17 -60.02
N LEU T 881 56.03 -20.34 -59.52
CA LEU T 881 54.65 -20.63 -59.13
C LEU T 881 54.68 -21.63 -57.99
N THR T 882 53.96 -21.34 -56.91
CA THR T 882 53.91 -22.23 -55.77
C THR T 882 52.49 -22.27 -55.21
N GLY T 883 52.25 -23.20 -54.29
CA GLY T 883 50.98 -23.26 -53.59
C GLY T 883 50.23 -24.52 -53.95
N CYS T 884 48.91 -24.47 -53.77
CA CYS T 884 48.04 -25.61 -53.95
C CYS T 884 46.93 -25.25 -54.95
N TYR T 885 46.01 -26.20 -55.14
CA TYR T 885 44.86 -26.03 -56.02
C TYR T 885 43.58 -26.36 -55.26
N SER T 886 42.50 -25.69 -55.64
CA SER T 886 41.19 -25.90 -55.02
C SER T 886 41.25 -25.72 -53.51
N CYS T 887 42.07 -24.78 -53.06
CA CYS T 887 42.33 -24.57 -51.65
C CYS T 887 42.05 -23.12 -51.28
N ASN T 888 41.62 -22.91 -50.03
CA ASN T 888 41.37 -21.57 -49.54
C ASN T 888 42.65 -20.75 -49.50
N ALA T 889 43.78 -21.39 -49.22
CA ALA T 889 45.06 -20.67 -49.22
C ALA T 889 45.40 -20.18 -50.62
N GLY T 890 45.11 -20.98 -51.64
CA GLY T 890 45.35 -20.58 -53.01
C GLY T 890 46.79 -20.81 -53.45
N ALA T 891 47.08 -20.31 -54.65
CA ALA T 891 48.38 -20.48 -55.29
C ALA T 891 49.05 -19.12 -55.43
N ARG T 892 50.31 -19.04 -55.03
CA ARG T 892 51.08 -17.82 -55.12
C ARG T 892 51.87 -17.76 -56.42
N VAL T 893 51.67 -16.71 -57.18
CA VAL T 893 52.45 -16.41 -58.38
C VAL T 893 53.34 -15.22 -58.06
N CYS T 894 54.49 -15.15 -58.72
CA CYS T 894 55.39 -14.01 -58.59
C CYS T 894 55.93 -13.63 -59.95
N LEU T 895 56.05 -12.33 -60.18
CA LEU T 895 56.43 -11.80 -61.48
C LEU T 895 57.48 -10.70 -61.31
N SER T 896 58.48 -10.73 -62.18
CA SER T 896 59.51 -9.71 -62.24
C SER T 896 59.10 -8.66 -63.28
N ILE T 897 58.79 -7.46 -62.80
CA ILE T 897 58.34 -6.37 -63.66
C ILE T 897 59.49 -5.41 -63.86
N THR T 898 59.91 -5.22 -65.11
CA THR T 898 60.93 -4.25 -65.48
C THR T 898 60.23 -3.14 -66.23
N SER T 899 59.99 -2.02 -65.54
CA SER T 899 59.19 -0.93 -66.10
C SER T 899 59.95 0.38 -66.02
N THR T 900 59.60 1.30 -66.92
CA THR T 900 60.22 2.61 -66.96
C THR T 900 59.55 3.63 -66.04
N GLY T 901 58.43 3.27 -65.42
CA GLY T 901 57.74 4.21 -64.56
C GLY T 901 56.56 3.56 -63.88
N THR T 902 55.72 4.41 -63.29
CA THR T 902 54.55 3.93 -62.58
C THR T 902 53.54 3.33 -63.55
N GLY T 903 52.91 2.24 -63.12
CA GLY T 903 51.91 1.59 -63.95
C GLY T 903 51.40 0.34 -63.27
N SER T 904 50.55 -0.38 -64.00
CA SER T 904 49.93 -1.61 -63.52
C SER T 904 50.17 -2.74 -64.53
N LEU T 905 49.49 -3.85 -64.32
CA LEU T 905 49.61 -5.02 -65.18
C LEU T 905 48.26 -5.69 -65.29
N SER T 906 47.91 -6.14 -66.49
CA SER T 906 46.57 -6.63 -66.80
C SER T 906 46.63 -7.93 -67.59
N ALA T 907 47.43 -8.88 -67.11
CA ALA T 907 47.53 -10.17 -67.80
C ALA T 907 46.23 -10.95 -67.64
N HIS T 908 45.65 -11.37 -68.77
CA HIS T 908 44.43 -12.15 -68.80
C HIS T 908 44.67 -13.41 -69.60
N ASN T 909 44.11 -14.52 -69.14
CA ASN T 909 44.26 -15.78 -69.85
C ASN T 909 43.43 -15.78 -71.12
N LYS T 910 43.54 -16.86 -71.89
CA LYS T 910 42.87 -16.92 -73.19
C LYS T 910 41.34 -16.85 -73.04
N ASP T 911 40.80 -17.55 -72.04
CA ASP T 911 39.35 -17.57 -71.82
C ASP T 911 38.87 -16.46 -70.91
N GLY T 912 39.77 -15.63 -70.37
CA GLY T 912 39.37 -14.53 -69.52
C GLY T 912 38.98 -14.91 -68.12
N SER T 913 39.16 -16.17 -67.73
CA SER T 913 38.74 -16.60 -66.40
C SER T 913 39.69 -16.08 -65.31
N LEU T 914 40.99 -16.12 -65.57
CA LEU T 914 42.00 -15.76 -64.59
C LEU T 914 42.64 -14.43 -64.97
N HIS T 915 42.75 -13.53 -64.00
CA HIS T 915 43.33 -12.21 -64.21
C HIS T 915 44.45 -11.99 -63.21
N ILE T 916 45.54 -11.37 -63.67
CA ILE T 916 46.70 -11.06 -62.84
C ILE T 916 46.94 -9.56 -62.90
N VAL T 917 47.01 -8.93 -61.74
CA VAL T 917 47.25 -7.49 -61.64
C VAL T 917 48.42 -7.26 -60.69
N LEU T 918 49.41 -6.48 -61.15
CA LEU T 918 50.58 -6.17 -60.34
C LEU T 918 51.07 -4.77 -60.72
N PRO T 919 51.37 -3.92 -59.74
CA PRO T 919 51.89 -2.58 -60.07
C PRO T 919 53.26 -2.66 -60.72
N SER T 920 53.53 -1.68 -61.58
CA SER T 920 54.80 -1.58 -62.30
C SER T 920 55.50 -0.29 -61.88
N GLU T 921 56.78 -0.40 -61.57
CA GLU T 921 57.58 0.73 -61.10
C GLU T 921 58.87 0.82 -61.89
N ASN T 922 59.55 1.96 -61.74
CA ASN T 922 60.80 2.20 -62.45
C ASN T 922 61.85 1.17 -62.03
N GLY T 923 62.68 0.77 -62.98
CA GLY T 923 63.64 -0.29 -62.76
C GLY T 923 62.99 -1.66 -62.76
N THR T 924 63.66 -2.59 -62.09
CA THR T 924 63.16 -3.96 -61.97
C THR T 924 62.68 -4.20 -60.55
N LYS T 925 61.50 -4.80 -60.42
CA LYS T 925 60.90 -5.12 -59.14
C LYS T 925 60.33 -6.52 -59.19
N ASP T 926 60.12 -7.12 -58.03
CA ASP T 926 59.58 -8.47 -57.91
C ASP T 926 58.28 -8.40 -57.12
N GLN T 927 57.14 -8.50 -57.81
CA GLN T 927 55.84 -8.48 -57.15
C GLN T 927 55.27 -9.89 -57.13
N CYS T 928 54.21 -10.07 -56.34
CA CYS T 928 53.56 -11.37 -56.22
C CYS T 928 52.06 -11.18 -56.08
N GLN T 929 51.32 -12.23 -56.44
CA GLN T 929 49.86 -12.21 -56.45
C GLN T 929 49.35 -13.59 -56.05
N ILE T 930 48.07 -13.65 -55.69
CA ILE T 930 47.43 -14.87 -55.24
C ILE T 930 46.29 -15.19 -56.19
N LEU T 931 46.24 -16.43 -56.67
CA LEU T 931 45.21 -16.91 -57.60
C LEU T 931 44.65 -18.22 -57.09
N HIS T 932 43.66 -18.75 -57.82
CA HIS T 932 43.04 -20.03 -57.51
C HIS T 932 43.12 -20.94 -58.74
N PHE T 933 43.35 -22.22 -58.49
CA PHE T 933 43.48 -23.21 -59.56
C PHE T 933 42.79 -24.49 -59.15
N THR T 934 42.58 -25.38 -60.12
CA THR T 934 41.95 -26.67 -59.87
C THR T 934 42.67 -27.79 -60.60
N VAL T 935 43.97 -27.64 -60.85
CA VAL T 935 44.74 -28.63 -61.58
C VAL T 935 46.06 -28.89 -60.87
N PRO T 936 46.54 -30.14 -60.82
CA PRO T 936 47.85 -30.40 -60.20
C PRO T 936 49.01 -29.69 -60.89
N GLU T 937 48.93 -29.51 -62.20
CA GLU T 937 49.98 -28.84 -62.96
C GLU T 937 49.39 -27.64 -63.70
N VAL T 938 50.13 -26.54 -63.71
CA VAL T 938 49.68 -25.29 -64.31
C VAL T 938 50.59 -24.97 -65.49
N GLU T 939 49.98 -24.82 -66.67
CA GLU T 939 50.71 -24.48 -67.89
C GLU T 939 49.77 -23.65 -68.76
N GLU T 940 49.91 -22.33 -68.68
CA GLU T 940 48.99 -21.42 -69.35
C GLU T 940 49.75 -20.26 -69.96
N GLU T 941 49.07 -19.54 -70.84
CA GLU T 941 49.57 -18.31 -71.46
C GLU T 941 48.57 -17.19 -71.19
N PHE T 942 49.10 -16.03 -70.83
CA PHE T 942 48.30 -14.86 -70.50
C PHE T 942 48.68 -13.70 -71.42
N MET T 943 47.71 -12.84 -71.69
CA MET T 943 47.91 -11.69 -72.56
C MET T 943 48.20 -10.49 -71.66
N TYR T 944 49.47 -10.18 -71.48
CA TYR T 944 49.88 -9.12 -70.58
C TYR T 944 50.25 -7.86 -71.37
N SER T 945 49.79 -6.71 -70.89
CA SER T 945 50.07 -5.43 -71.51
C SER T 945 49.75 -4.30 -70.53
N CYS T 946 50.71 -3.42 -70.26
CA CYS T 946 50.52 -2.32 -69.33
C CYS T 946 50.22 -1.07 -70.16
N ASP T 947 48.94 -0.86 -70.46
CA ASP T 947 48.49 0.33 -71.16
C ASP T 947 49.18 0.52 -72.51
N GLY T 948 49.71 -0.57 -73.08
CA GLY T 948 50.46 -0.48 -74.32
C GLY T 948 50.28 -1.68 -75.23
N ASP T 949 51.37 -2.08 -75.89
CA ASP T 949 51.30 -3.20 -76.82
C ASP T 949 51.05 -4.52 -76.11
N GLU T 950 50.24 -5.37 -76.74
CA GLU T 950 49.89 -6.66 -76.18
C GLU T 950 51.04 -7.64 -76.33
N ARG T 951 51.39 -8.32 -75.25
CA ARG T 951 52.50 -9.27 -75.25
C ARG T 951 52.09 -10.56 -74.57
N PRO T 952 52.77 -11.68 -74.87
CA PRO T 952 52.46 -12.95 -74.21
C PRO T 952 53.35 -13.23 -73.01
N LEU T 953 52.75 -13.85 -71.99
CA LEU T 953 53.48 -14.30 -70.81
C LEU T 953 53.08 -15.74 -70.51
N LEU T 954 54.06 -16.63 -70.40
CA LEU T 954 53.81 -18.05 -70.23
C LEU T 954 54.19 -18.44 -68.80
N VAL T 955 53.28 -19.15 -68.13
CA VAL T 955 53.47 -19.53 -66.73
C VAL T 955 53.58 -21.04 -66.64
N LYS T 956 54.55 -21.51 -65.87
CA LYS T 956 54.80 -22.93 -65.63
C LYS T 956 54.61 -23.24 -64.15
N GLY T 957 54.91 -24.48 -63.79
CA GLY T 957 54.88 -24.89 -62.40
C GLY T 957 53.73 -25.81 -62.05
N THR T 958 53.89 -26.59 -60.98
CA THR T 958 52.87 -27.50 -60.49
C THR T 958 52.39 -27.01 -59.11
N LEU T 959 51.36 -27.68 -58.60
CA LEU T 959 50.76 -27.31 -57.33
C LEU T 959 50.69 -28.53 -56.42
N ILE T 960 50.98 -28.32 -55.14
CA ILE T 960 50.94 -29.41 -54.18
C ILE T 960 49.50 -29.80 -53.88
N ALA T 961 49.32 -31.03 -53.41
CA ALA T 961 48.01 -31.56 -53.08
C ALA T 961 47.82 -31.54 -51.57
N ILE T 962 46.76 -30.88 -51.11
CA ILE T 962 46.45 -30.81 -49.69
C ILE T 962 45.76 -32.10 -49.28
N ASP T 963 46.27 -32.74 -48.23
CA ASP T 963 45.67 -33.97 -47.72
C ASP T 963 44.56 -33.62 -46.73
N PRO T 964 43.30 -33.90 -47.06
CA PRO T 964 42.21 -33.60 -46.13
C PRO T 964 41.93 -34.75 -45.17
N PHE T 965 42.48 -35.92 -45.48
CA PHE T 965 42.28 -37.16 -44.73
C PHE T 965 40.83 -37.63 -44.86
N ASP T 966 40.00 -36.85 -45.52
CA ASP T 966 38.61 -37.20 -45.79
C ASP T 966 38.10 -36.30 -46.89
N ASP T 967 37.77 -36.87 -48.05
CA ASP T 967 37.30 -36.10 -49.19
C ASP T 967 36.12 -36.80 -49.84
N ARG T 968 35.08 -36.04 -50.14
CA ARG T 968 33.91 -36.56 -50.85
C ARG T 968 33.76 -35.95 -52.23
N ARG T 969 33.63 -34.62 -52.33
CA ARG T 969 33.49 -33.94 -53.61
C ARG T 969 34.60 -32.94 -53.87
N GLU T 970 34.80 -31.98 -52.97
CA GLU T 970 35.78 -30.91 -53.16
C GLU T 970 35.94 -30.17 -51.83
N ALA T 971 36.84 -29.19 -51.82
CA ALA T 971 37.13 -28.41 -50.62
C ALA T 971 36.35 -27.10 -50.57
N GLY T 972 36.53 -26.24 -51.56
CA GLY T 972 35.85 -24.95 -51.60
C GLY T 972 36.84 -23.80 -51.70
N GLY T 973 36.29 -22.60 -51.79
CA GLY T 973 37.10 -21.40 -51.90
C GLY T 973 36.55 -20.19 -51.16
N GLU T 974 35.68 -20.42 -50.18
CA GLU T 974 35.05 -19.32 -49.46
C GLU T 974 36.03 -18.68 -48.49
N SER T 975 35.53 -17.72 -47.71
CA SER T 975 36.33 -17.04 -46.70
C SER T 975 36.26 -17.81 -45.39
N THR T 976 37.41 -18.34 -44.96
CA THR T 976 37.49 -19.19 -43.80
C THR T 976 38.22 -18.47 -42.67
N VAL T 977 37.67 -18.55 -41.47
CA VAL T 977 38.31 -17.95 -40.30
C VAL T 977 39.36 -18.90 -39.76
N VAL T 978 40.27 -18.34 -38.96
CA VAL T 978 41.35 -19.13 -38.37
C VAL T 978 40.78 -20.12 -37.36
N ASN T 979 41.32 -21.33 -37.36
CA ASN T 979 40.86 -22.42 -36.52
C ASN T 979 42.02 -23.01 -35.74
N PRO T 980 41.75 -23.62 -34.59
CA PRO T 980 42.81 -24.28 -33.84
C PRO T 980 43.11 -25.67 -34.40
N LYS T 981 44.26 -26.20 -33.98
CA LYS T 981 44.67 -27.52 -34.43
C LYS T 981 43.73 -28.61 -33.93
N SER T 982 43.33 -28.53 -32.66
CA SER T 982 42.49 -29.57 -32.07
C SER T 982 41.07 -29.59 -32.63
N GLY T 983 40.67 -28.56 -33.37
CA GLY T 983 39.33 -28.52 -33.94
C GLY T 983 39.11 -29.56 -35.02
N PRO U 1 33.32 36.78 -2.95
CA PRO U 1 33.45 37.53 -4.19
C PRO U 1 34.88 37.52 -4.73
N HIS U 2 35.51 36.34 -4.77
CA HIS U 2 36.86 36.24 -5.29
C HIS U 2 36.94 36.52 -6.78
N LEU U 3 35.81 36.44 -7.50
CA LEU U 3 35.81 36.67 -8.93
C LEU U 3 36.08 38.11 -9.30
N ARG U 4 36.04 39.03 -8.35
CA ARG U 4 36.30 40.44 -8.61
C ARG U 4 37.78 40.79 -8.48
N ASN U 5 38.64 39.79 -8.27
CA ASN U 5 40.08 39.99 -8.33
C ASN U 5 40.52 39.71 -9.77
N ARG U 6 40.46 40.73 -10.60
CA ARG U 6 40.63 40.54 -12.03
C ARG U 6 42.10 40.32 -12.38
N PRO U 7 42.39 39.47 -13.35
CA PRO U 7 43.77 39.33 -13.84
C PRO U 7 44.20 40.55 -14.62
N GLY U 8 45.50 40.81 -14.62
CA GLY U 8 46.00 41.98 -15.31
C GLY U 8 45.54 43.26 -14.65
N LYS U 9 45.37 44.30 -15.48
CA LYS U 9 44.92 45.58 -14.95
C LYS U 9 43.49 45.50 -14.45
N GLY U 10 42.64 44.71 -15.11
CA GLY U 10 41.24 44.64 -14.74
C GLY U 10 40.46 45.91 -15.04
N HIS U 11 40.71 46.54 -16.18
CA HIS U 11 40.03 47.77 -16.58
C HIS U 11 38.79 47.40 -17.38
N ASN U 12 37.65 47.33 -16.71
CA ASN U 12 36.39 46.95 -17.35
C ASN U 12 35.59 48.20 -17.76
N TYR U 13 36.20 49.03 -18.58
CA TYR U 13 35.54 50.24 -19.06
C TYR U 13 35.88 50.45 -20.53
N ILE U 14 35.04 51.22 -21.20
CA ILE U 14 35.17 51.49 -22.64
C ILE U 14 35.42 52.98 -22.83
N ASP U 15 36.13 53.31 -23.91
CA ASP U 15 36.46 54.70 -24.18
C ASP U 15 35.21 55.54 -24.38
N GLY U 16 35.23 56.75 -23.85
CA GLY U 16 34.06 57.62 -23.89
C GLY U 16 33.16 57.49 -22.69
N MET U 17 32.84 56.27 -22.30
CA MET U 17 32.00 56.02 -21.13
C MET U 17 32.88 55.90 -19.89
N THR U 18 33.53 57.02 -19.57
CA THR U 18 34.49 57.10 -18.47
C THR U 18 33.93 57.82 -17.25
N GLN U 19 32.64 57.67 -16.98
CA GLN U 19 32.01 58.27 -15.80
C GLN U 19 31.93 57.30 -14.64
N GLU U 20 32.49 56.10 -14.77
CA GLU U 20 32.46 55.08 -13.72
C GLU U 20 33.86 54.61 -13.36
N ASP U 21 34.85 55.49 -13.53
CA ASP U 21 36.24 55.13 -13.25
C ASP U 21 36.49 54.85 -11.79
N ALA U 22 35.57 55.21 -10.89
CA ALA U 22 35.76 54.90 -9.48
C ALA U 22 35.76 53.39 -9.23
N THR U 23 34.88 52.66 -9.91
CA THR U 23 34.74 51.24 -9.68
C THR U 23 35.03 50.37 -10.90
N CYS U 24 35.12 50.93 -12.10
CA CYS U 24 35.41 50.16 -13.29
C CYS U 24 36.89 50.19 -13.68
N LYS U 25 37.61 51.26 -13.33
CA LYS U 25 39.04 51.15 -13.18
C LYS U 25 39.29 50.20 -12.02
N PRO U 26 40.51 49.62 -11.91
CA PRO U 26 40.61 48.18 -11.62
C PRO U 26 39.52 47.62 -10.73
N VAL U 27 38.77 46.66 -11.26
CA VAL U 27 37.63 46.10 -10.56
C VAL U 27 38.10 45.39 -9.30
N THR U 28 37.52 45.74 -8.17
CA THR U 28 37.92 45.22 -6.87
C THR U 28 36.67 44.69 -6.17
N TYR U 29 36.86 44.14 -4.97
CA TYR U 29 35.76 43.56 -4.22
C TYR U 29 34.74 44.61 -3.77
N ALA U 30 35.13 45.89 -3.78
CA ALA U 30 34.34 46.91 -3.10
C ALA U 30 33.16 47.40 -3.95
N GLY U 31 33.46 48.03 -5.08
CA GLY U 31 32.46 48.80 -5.81
C GLY U 31 31.55 47.93 -6.66
N ALA U 32 30.90 48.59 -7.61
CA ALA U 32 30.03 47.94 -8.56
C ALA U 32 30.23 48.57 -9.93
N CYS U 33 30.52 47.73 -10.92
CA CYS U 33 30.74 48.17 -12.30
C CYS U 33 29.62 47.61 -13.17
N SER U 34 28.97 48.48 -13.95
CA SER U 34 27.83 48.06 -14.75
C SER U 34 28.27 47.14 -15.89
N SER U 35 29.45 47.37 -16.44
CA SER U 35 29.94 46.57 -17.56
C SER U 35 30.55 45.25 -17.12
N PHE U 36 30.56 44.95 -15.82
CA PHE U 36 31.09 43.69 -15.32
C PHE U 36 30.09 42.90 -14.50
N ASP U 37 29.26 43.57 -13.70
CA ASP U 37 28.36 42.85 -12.81
C ASP U 37 27.31 42.03 -13.56
N VAL U 38 27.00 42.40 -14.80
CA VAL U 38 26.04 41.63 -15.57
C VAL U 38 26.58 40.23 -15.87
N LEU U 39 27.90 40.12 -16.04
CA LEU U 39 28.50 38.81 -16.33
C LEU U 39 28.33 37.82 -15.19
N LEU U 40 28.18 38.30 -13.96
CA LEU U 40 28.11 37.42 -12.80
C LEU U 40 26.69 37.09 -12.38
N GLU U 41 25.68 37.52 -13.12
CA GLU U 41 24.31 37.13 -12.81
C GLU U 41 24.11 35.65 -13.14
N LYS U 42 23.39 34.95 -12.26
CA LYS U 42 23.18 33.53 -12.45
C LYS U 42 22.30 33.28 -13.66
N GLY U 43 22.65 32.25 -14.43
CA GLY U 43 21.90 31.89 -15.62
C GLY U 43 22.31 32.62 -16.88
N LYS U 44 23.06 33.71 -16.77
CA LYS U 44 23.49 34.48 -17.92
C LYS U 44 25.01 34.40 -18.03
N PHE U 45 25.49 34.36 -19.27
CA PHE U 45 26.91 34.20 -19.56
C PHE U 45 27.50 32.99 -18.84
N PRO U 46 27.03 31.77 -19.15
CA PRO U 46 27.57 30.60 -18.46
C PRO U 46 28.96 30.21 -18.92
N LEU U 47 29.32 30.45 -20.19
CA LEU U 47 30.65 30.11 -20.65
C LEU U 47 31.71 30.93 -19.92
N PHE U 48 31.46 32.23 -19.75
CA PHE U 48 32.41 33.04 -18.99
C PHE U 48 32.36 32.69 -17.51
N GLN U 49 31.17 32.39 -16.98
CA GLN U 49 31.08 32.03 -15.58
C GLN U 49 31.86 30.76 -15.27
N SER U 50 32.00 29.88 -16.25
CA SER U 50 32.88 28.72 -16.06
C SER U 50 34.34 29.15 -16.07
N TYR U 51 34.73 29.97 -17.04
CA TYR U 51 36.10 30.48 -17.13
C TYR U 51 36.18 31.89 -16.54
N ALA U 52 35.80 31.98 -15.27
CA ALA U 52 35.60 33.27 -14.61
C ALA U 52 36.88 34.03 -14.34
N HIS U 53 38.03 33.36 -14.33
CA HIS U 53 39.29 34.03 -14.02
C HIS U 53 40.10 34.35 -15.27
N HIS U 54 39.47 34.33 -16.44
CA HIS U 54 40.07 34.80 -17.67
C HIS U 54 39.54 36.18 -18.00
N ARG U 55 40.27 36.89 -18.86
CA ARG U 55 39.93 38.26 -19.18
C ARG U 55 38.61 38.33 -19.93
N THR U 56 37.93 39.47 -19.79
CA THR U 56 36.75 39.76 -20.56
C THR U 56 37.18 40.43 -21.87
N LEU U 57 36.20 40.87 -22.67
CA LEU U 57 36.56 41.54 -23.92
C LEU U 57 37.20 42.90 -23.65
N LEU U 58 36.63 43.67 -22.71
CA LEU U 58 37.19 44.98 -22.40
C LEU U 58 38.55 44.85 -21.73
N GLU U 59 38.71 43.87 -20.83
CA GLU U 59 40.01 43.62 -20.23
C GLU U 59 41.04 43.25 -21.29
N ALA U 60 40.66 42.39 -22.23
CA ALA U 60 41.58 42.02 -23.31
C ALA U 60 41.94 43.23 -24.16
N VAL U 61 40.98 44.12 -24.40
CA VAL U 61 41.27 45.31 -25.19
C VAL U 61 42.27 46.20 -24.46
N HIS U 62 42.09 46.39 -23.15
CA HIS U 62 42.95 47.29 -22.40
C HIS U 62 44.33 46.71 -22.13
N ASP U 63 44.53 45.40 -22.35
CA ASP U 63 45.84 44.79 -22.27
C ASP U 63 46.50 44.64 -23.64
N THR U 64 45.95 45.28 -24.66
CA THR U 64 46.43 45.22 -26.04
C THR U 64 46.40 43.81 -26.61
N ILE U 65 45.66 42.90 -25.98
CA ILE U 65 45.48 41.57 -26.56
C ILE U 65 44.61 41.64 -27.80
N ILE U 66 43.51 42.39 -27.72
CA ILE U 66 42.56 42.54 -28.82
C ILE U 66 42.53 44.00 -29.23
N ALA U 67 42.66 44.27 -30.52
CA ALA U 67 42.71 45.62 -31.01
C ALA U 67 41.31 46.24 -31.06
N LYS U 68 41.26 47.51 -31.42
CA LYS U 68 40.01 48.24 -31.58
C LYS U 68 39.77 48.50 -33.06
N ALA U 69 38.53 48.26 -33.50
CA ALA U 69 38.21 48.34 -34.92
C ALA U 69 38.24 49.78 -35.41
N ASP U 70 38.32 49.93 -36.72
CA ASP U 70 38.18 51.24 -37.32
C ASP U 70 36.76 51.76 -37.08
N PRO U 71 36.57 53.08 -37.04
CA PRO U 71 35.54 53.65 -36.18
C PRO U 71 35.22 52.76 -35.00
N PRO U 72 35.95 52.92 -33.89
CA PRO U 72 35.82 51.97 -32.77
C PRO U 72 34.39 51.81 -32.29
N SER U 73 33.66 52.92 -32.27
CA SER U 73 32.22 52.88 -32.01
C SER U 73 31.62 54.07 -32.75
N CYS U 74 31.13 53.82 -33.95
CA CYS U 74 30.48 54.89 -34.71
C CYS U 74 29.15 55.22 -34.05
N ASP U 75 29.10 56.38 -33.41
CA ASP U 75 27.92 56.79 -32.66
C ASP U 75 26.72 56.93 -33.59
N LEU U 76 25.58 56.39 -33.15
CA LEU U 76 24.37 56.54 -33.93
C LEU U 76 23.92 57.98 -34.03
N GLN U 77 24.36 58.84 -33.11
CA GLN U 77 24.01 60.25 -33.19
C GLN U 77 24.65 60.92 -34.40
N SER U 78 25.89 60.54 -34.73
CA SER U 78 26.62 61.19 -35.81
C SER U 78 26.84 60.31 -37.02
N ALA U 79 26.61 59.00 -36.93
CA ALA U 79 26.88 58.10 -38.04
C ALA U 79 25.75 57.08 -38.20
N HIS U 80 24.51 57.55 -38.12
CA HIS U 80 23.40 56.64 -38.33
C HIS U 80 23.09 56.42 -39.80
N GLY U 81 23.69 57.19 -40.70
CA GLY U 81 23.47 57.01 -42.12
C GLY U 81 24.63 56.30 -42.81
N ASN U 82 25.49 55.67 -42.02
CA ASN U 82 26.65 54.98 -42.55
C ASN U 82 26.47 53.46 -42.42
N PRO U 83 27.05 52.68 -43.34
CA PRO U 83 26.91 51.22 -43.25
C PRO U 83 27.66 50.63 -42.08
N CYS U 84 27.35 51.09 -40.87
CA CYS U 84 27.95 50.59 -39.64
C CYS U 84 27.22 49.39 -39.08
N MET U 85 25.91 49.52 -38.90
CA MET U 85 25.12 48.53 -38.18
C MET U 85 24.89 47.31 -39.05
N LYS U 86 25.96 46.60 -39.39
CA LYS U 86 25.85 45.47 -40.32
C LYS U 86 26.16 44.14 -39.65
N GLU U 87 27.28 44.03 -38.94
CA GLU U 87 27.58 42.78 -38.25
C GLU U 87 26.67 42.58 -37.05
N LYS U 88 26.19 43.68 -36.46
CA LYS U 88 25.29 43.55 -35.31
C LYS U 88 23.90 43.12 -35.74
N LEU U 89 23.46 43.55 -36.92
CA LEU U 89 22.11 43.24 -37.37
C LEU U 89 21.94 41.78 -37.76
N VAL U 90 23.02 41.02 -37.87
CA VAL U 90 22.92 39.59 -38.15
C VAL U 90 22.95 38.75 -36.89
N MET U 91 23.14 39.36 -35.72
CA MET U 91 23.12 38.65 -34.45
C MET U 91 21.79 38.85 -33.75
N LYS U 92 21.38 37.84 -32.98
CA LYS U 92 20.18 37.90 -32.17
C LYS U 92 20.62 38.02 -30.72
N THR U 93 20.57 39.24 -30.19
CA THR U 93 21.01 39.54 -28.84
C THR U 93 19.81 39.89 -27.97
N HIS U 94 20.10 40.25 -26.72
CA HIS U 94 19.04 40.65 -25.78
C HIS U 94 19.67 41.55 -24.72
N CYS U 95 19.46 42.87 -24.86
CA CYS U 95 19.99 43.79 -23.88
C CYS U 95 18.96 44.08 -22.80
N PRO U 96 19.40 44.28 -21.55
CA PRO U 96 18.49 44.79 -20.53
C PRO U 96 18.23 46.28 -20.73
N ASN U 97 17.50 46.90 -19.82
CA ASN U 97 17.11 48.30 -19.98
C ASN U 97 18.17 49.23 -19.40
N ASP U 98 18.04 50.50 -19.76
CA ASP U 98 18.85 51.59 -19.21
C ASP U 98 20.32 51.49 -19.62
N TYR U 99 20.61 50.88 -20.76
CA TYR U 99 21.98 50.75 -21.26
C TYR U 99 22.14 51.59 -22.52
N GLN U 100 23.13 52.47 -22.51
CA GLN U 100 23.38 53.37 -23.64
C GLN U 100 24.42 52.85 -24.62
N SER U 101 25.09 51.74 -24.31
CA SER U 101 26.15 51.24 -25.16
C SER U 101 26.23 49.73 -25.04
N ALA U 102 26.81 49.10 -26.05
CA ALA U 102 26.99 47.65 -26.04
C ALA U 102 28.14 47.29 -26.96
N HIS U 103 29.06 46.47 -26.47
CA HIS U 103 30.27 46.14 -27.20
C HIS U 103 30.25 44.68 -27.63
N TYR U 104 30.92 44.40 -28.74
CA TYR U 104 30.99 43.06 -29.30
C TYR U 104 32.29 42.91 -30.05
N LEU U 105 32.59 41.66 -30.42
CA LEU U 105 33.80 41.32 -31.18
C LEU U 105 33.40 41.13 -32.64
N ASN U 106 33.85 42.03 -33.50
CA ASN U 106 33.41 42.04 -34.89
C ASN U 106 34.10 40.95 -35.68
N ASN U 107 33.84 40.92 -36.99
CA ASN U 107 34.31 39.83 -37.83
C ASN U 107 35.83 39.81 -37.96
N ASP U 108 36.45 40.99 -38.01
CA ASP U 108 37.90 41.06 -38.19
C ASP U 108 38.67 40.60 -36.96
N GLY U 109 38.00 40.34 -35.85
CA GLY U 109 38.68 39.99 -34.62
C GLY U 109 38.99 41.14 -33.71
N LYS U 110 38.47 42.33 -34.00
CA LYS U 110 38.64 43.51 -33.16
C LYS U 110 37.37 43.75 -32.37
N MET U 111 37.40 44.76 -31.51
CA MET U 111 36.24 45.11 -30.69
C MET U 111 35.55 46.33 -31.28
N ALA U 112 34.26 46.20 -31.55
CA ALA U 112 33.43 47.33 -31.95
C ALA U 112 32.32 47.48 -30.91
N SER U 113 31.58 48.57 -31.02
CA SER U 113 30.46 48.79 -30.11
C SER U 113 29.46 49.75 -30.71
N VAL U 114 28.23 49.66 -30.22
CA VAL U 114 27.12 50.50 -30.62
C VAL U 114 26.79 51.42 -29.46
N LYS U 115 26.75 52.72 -29.72
CA LYS U 115 26.45 53.72 -28.71
C LYS U 115 25.25 54.54 -29.16
N CYS U 116 24.22 54.57 -28.32
CA CYS U 116 23.02 55.34 -28.59
C CYS U 116 23.29 56.82 -28.34
N PRO U 117 22.46 57.71 -28.91
CA PRO U 117 22.60 59.13 -28.62
C PRO U 117 22.34 59.41 -27.15
N PRO U 118 22.80 60.55 -26.64
CA PRO U 118 22.66 60.82 -25.20
C PRO U 118 21.19 60.79 -24.78
N LYS U 119 20.97 60.26 -23.58
CA LYS U 119 19.67 60.08 -22.92
C LYS U 119 18.82 59.00 -23.58
N TYR U 120 19.30 58.34 -24.63
CA TYR U 120 18.61 57.21 -25.22
C TYR U 120 19.16 55.91 -24.65
N GLU U 121 18.40 54.83 -24.83
CA GLU U 121 18.78 53.51 -24.36
C GLU U 121 18.52 52.49 -25.44
N LEU U 122 19.29 51.40 -25.40
CA LEU U 122 19.12 50.33 -26.36
C LEU U 122 17.89 49.50 -26.03
N THR U 123 17.13 49.14 -27.05
CA THR U 123 15.92 48.37 -26.85
C THR U 123 16.27 46.92 -26.51
N GLU U 124 15.23 46.09 -26.38
CA GLU U 124 15.42 44.72 -25.92
C GLU U 124 16.21 43.87 -26.90
N ASP U 125 16.24 44.23 -28.17
CA ASP U 125 17.02 43.51 -29.16
C ASP U 125 18.31 44.24 -29.52
N CYS U 126 18.63 45.31 -28.81
CA CYS U 126 19.85 46.09 -29.01
C CYS U 126 19.96 46.66 -30.42
N ASN U 127 18.84 46.76 -31.13
CA ASN U 127 18.85 47.21 -32.51
C ASN U 127 18.43 48.66 -32.68
N PHE U 128 17.67 49.22 -31.74
CA PHE U 128 17.16 50.57 -31.84
C PHE U 128 17.40 51.31 -30.53
N CYS U 129 17.44 52.64 -30.63
CA CYS U 129 17.56 53.52 -29.47
C CYS U 129 16.22 54.18 -29.21
N ARG U 130 15.76 54.13 -27.97
CA ARG U 130 14.52 54.76 -27.56
C ARG U 130 14.75 55.61 -26.32
N GLN U 131 13.97 56.67 -26.18
CA GLN U 131 14.16 57.64 -25.12
C GLN U 131 13.04 57.52 -24.09
N MET U 132 13.42 57.41 -22.82
CA MET U 132 12.49 57.37 -21.71
C MET U 132 12.75 58.56 -20.79
N THR U 133 11.71 59.33 -20.50
CA THR U 133 11.87 60.49 -19.65
C THR U 133 12.13 60.08 -18.20
N GLY U 134 13.04 60.79 -17.55
CA GLY U 134 13.35 60.52 -16.16
C GLY U 134 13.93 59.15 -15.90
N ALA U 135 14.82 58.69 -16.78
CA ALA U 135 15.47 57.40 -16.63
C ALA U 135 16.97 57.61 -16.45
N SER U 136 17.56 56.85 -15.54
CA SER U 136 18.99 56.93 -15.23
C SER U 136 19.70 55.81 -15.97
N LEU U 137 20.39 56.15 -17.06
CA LEU U 137 21.13 55.16 -17.81
C LEU U 137 22.36 54.69 -17.05
N LYS U 138 22.71 53.43 -17.23
CA LYS U 138 23.93 52.91 -16.65
C LYS U 138 25.14 53.49 -17.35
N LYS U 139 26.26 53.55 -16.64
CA LYS U 139 27.45 54.21 -17.14
C LYS U 139 28.38 53.29 -17.93
N GLY U 140 28.07 52.00 -18.01
CA GLY U 140 28.88 51.05 -18.75
C GLY U 140 28.23 50.60 -20.04
N SER U 141 28.84 49.58 -20.63
CA SER U 141 28.35 49.00 -21.87
C SER U 141 28.08 47.51 -21.68
N TYR U 142 26.99 47.05 -22.24
CA TYR U 142 26.57 45.66 -22.07
C TYR U 142 27.38 44.75 -22.98
N PRO U 143 28.01 43.71 -22.44
CA PRO U 143 28.70 42.73 -23.29
C PRO U 143 27.70 41.89 -24.08
N LEU U 144 27.75 42.02 -25.41
CA LEU U 144 26.75 41.35 -26.25
C LEU U 144 27.00 39.85 -26.34
N GLN U 145 28.25 39.44 -26.50
CA GLN U 145 28.59 38.04 -26.72
C GLN U 145 29.07 37.37 -25.44
N ASP U 146 28.91 36.05 -25.40
CA ASP U 146 29.42 35.23 -24.32
C ASP U 146 30.78 34.68 -24.77
N LEU U 147 31.85 35.23 -24.22
CA LEU U 147 33.20 34.86 -24.61
C LEU U 147 34.17 35.16 -23.48
N PHE U 148 35.32 34.51 -23.54
CA PHE U 148 36.45 34.82 -22.68
C PHE U 148 37.73 34.86 -23.52
N CYS U 149 38.66 35.73 -23.12
CA CYS U 149 39.87 35.97 -23.89
C CYS U 149 41.10 35.64 -23.06
N GLN U 150 42.25 35.63 -23.74
CA GLN U 150 43.53 35.34 -23.10
C GLN U 150 44.63 35.87 -24.01
N SER U 151 45.86 35.84 -23.49
CA SER U 151 47.03 36.28 -24.24
C SER U 151 47.68 35.07 -24.91
N SER U 152 47.95 35.18 -26.21
CA SER U 152 48.51 34.08 -26.97
C SER U 152 49.50 34.61 -27.99
N GLU U 153 50.50 33.76 -28.29
CA GLU U 153 51.47 34.05 -29.33
C GLU U 153 51.39 33.08 -30.51
N ASP U 154 50.59 32.03 -30.38
CA ASP U 154 50.41 31.08 -31.48
C ASP U 154 49.85 31.78 -32.70
N ASP U 155 50.44 31.52 -33.86
CA ASP U 155 50.01 32.17 -35.08
C ASP U 155 48.84 31.41 -35.70
N GLY U 156 47.92 32.17 -36.31
CA GLY U 156 46.76 31.59 -36.93
C GLY U 156 46.40 32.21 -38.26
N SER U 157 47.40 32.71 -38.98
CA SER U 157 47.15 33.38 -40.25
C SER U 157 46.56 32.44 -41.30
N LYS U 158 46.79 31.13 -41.16
CA LYS U 158 46.23 30.15 -42.08
C LYS U 158 44.90 29.58 -41.61
N LEU U 159 44.39 30.03 -40.46
CA LEU U 159 43.14 29.52 -39.93
C LEU U 159 41.96 30.17 -40.64
N LYS U 160 40.96 29.36 -40.99
CA LYS U 160 39.78 29.85 -41.68
C LYS U 160 38.59 28.99 -41.29
N THR U 161 37.40 29.53 -41.53
CA THR U 161 36.18 28.80 -41.21
C THR U 161 36.00 27.63 -42.16
N LYS U 162 35.72 26.45 -41.60
CA LYS U 162 35.49 25.22 -42.37
C LYS U 162 34.25 24.57 -41.79
N MET U 163 33.09 24.94 -42.32
CA MET U 163 31.80 24.41 -41.89
C MET U 163 31.17 23.68 -43.07
N LYS U 164 30.78 22.43 -42.85
CA LYS U 164 30.23 21.60 -43.92
C LYS U 164 28.75 21.90 -44.13
N GLY U 165 28.38 22.02 -45.40
CA GLY U 165 26.99 22.27 -45.74
C GLY U 165 26.48 23.65 -45.37
N VAL U 166 27.37 24.63 -45.22
CA VAL U 166 26.99 25.98 -44.84
C VAL U 166 27.41 26.93 -45.96
N CYS U 167 26.43 27.58 -46.57
CA CYS U 167 26.74 28.55 -47.62
C CYS U 167 27.24 29.87 -47.03
N GLU U 168 26.73 30.25 -45.87
CA GLU U 168 27.06 31.55 -45.28
C GLU U 168 26.70 31.52 -43.81
N VAL U 169 27.66 31.87 -42.96
CA VAL U 169 27.46 31.97 -41.52
C VAL U 169 27.78 33.38 -41.08
N GLY U 170 26.87 34.00 -40.35
CA GLY U 170 27.08 35.37 -39.92
C GLY U 170 27.22 36.30 -41.10
N VAL U 171 28.32 37.04 -41.13
CA VAL U 171 28.60 37.97 -42.21
C VAL U 171 29.63 37.41 -43.19
N GLN U 172 30.07 36.17 -42.99
CA GLN U 172 31.06 35.54 -43.83
C GLN U 172 30.37 34.72 -44.91
N ALA U 173 30.75 34.96 -46.16
CA ALA U 173 30.22 34.19 -47.29
C ALA U 173 31.16 33.03 -47.56
N LEU U 174 30.80 31.85 -47.05
CA LEU U 174 31.69 30.70 -47.16
C LEU U 174 31.86 30.26 -48.61
N LYS U 175 30.78 30.24 -49.38
CA LYS U 175 30.83 29.81 -50.77
C LYS U 175 29.62 30.37 -51.49
N LYS U 176 29.44 29.97 -52.75
CA LYS U 176 28.30 30.37 -53.56
C LYS U 176 27.43 29.16 -53.83
N CYS U 177 26.14 29.27 -53.52
CA CYS U 177 25.20 28.16 -53.69
C CYS U 177 23.95 28.67 -54.39
N ASP U 178 23.32 27.78 -55.15
CA ASP U 178 22.10 28.08 -55.88
C ASP U 178 21.06 27.01 -55.57
N GLY U 179 19.81 27.44 -55.43
CA GLY U 179 18.73 26.53 -55.12
C GLY U 179 18.14 26.74 -53.75
N GLN U 180 17.74 25.67 -53.08
CA GLN U 180 17.19 25.78 -51.75
C GLN U 180 18.24 26.28 -50.77
N LEU U 181 17.81 27.13 -49.82
CA LEU U 181 18.71 27.72 -48.84
C LEU U 181 17.95 27.81 -47.52
N SER U 182 18.17 26.85 -46.64
CA SER U 182 17.53 26.88 -45.32
C SER U 182 18.20 27.91 -44.44
N THR U 183 17.52 29.03 -44.21
CA THR U 183 18.08 30.14 -43.45
C THR U 183 17.47 30.15 -42.06
N ALA U 184 18.33 30.21 -41.03
CA ALA U 184 17.84 30.17 -39.67
C ALA U 184 18.82 30.90 -38.77
N HIS U 185 18.47 30.99 -37.49
CA HIS U 185 19.35 31.53 -36.45
C HIS U 185 19.88 30.38 -35.62
N GLU U 186 21.20 30.30 -35.50
CA GLU U 186 21.83 29.19 -34.79
C GLU U 186 22.92 29.73 -33.88
N VAL U 187 23.20 28.96 -32.83
CA VAL U 187 24.26 29.23 -31.90
C VAL U 187 25.53 28.56 -32.42
N VAL U 188 26.48 29.37 -32.86
CA VAL U 188 27.73 28.91 -33.44
C VAL U 188 28.86 29.28 -32.49
N PRO U 189 29.65 28.34 -32.01
CA PRO U 189 30.89 28.68 -31.31
C PRO U 189 31.89 29.27 -32.28
N PHE U 190 32.75 30.15 -31.77
CA PHE U 190 33.76 30.80 -32.59
C PHE U 190 35.01 31.05 -31.76
N ALA U 191 36.13 31.20 -32.46
CA ALA U 191 37.40 31.49 -31.84
C ALA U 191 38.10 32.58 -32.65
N VAL U 192 39.01 33.29 -31.99
CA VAL U 192 39.85 34.29 -32.64
C VAL U 192 41.29 34.01 -32.25
N PHE U 193 42.15 33.87 -33.25
CA PHE U 193 43.56 33.61 -33.08
C PHE U 193 44.38 34.82 -33.50
N LYS U 194 45.68 34.74 -33.27
CA LYS U 194 46.57 35.83 -33.63
C LYS U 194 46.67 35.95 -35.15
N ASN U 195 46.62 37.20 -35.63
CA ASN U 195 46.78 37.50 -37.06
C ASN U 195 45.77 36.74 -37.91
N SER U 196 44.50 36.76 -37.49
CA SER U 196 43.45 36.08 -38.22
C SER U 196 42.14 36.82 -38.01
N LYS U 197 41.07 36.28 -38.58
CA LYS U 197 39.72 36.77 -38.42
C LYS U 197 38.93 35.80 -37.54
N LYS U 198 37.65 36.07 -37.37
CA LYS U 198 36.79 35.17 -36.62
C LYS U 198 36.72 33.82 -37.32
N VAL U 199 36.77 32.75 -36.55
CA VAL U 199 36.75 31.39 -37.08
C VAL U 199 35.59 30.68 -36.39
N TYR U 200 34.50 30.49 -37.12
CA TYR U 200 33.40 29.69 -36.59
C TYR U 200 33.76 28.21 -36.65
N LEU U 201 33.32 27.46 -35.64
CA LEU U 201 33.67 26.05 -35.53
C LEU U 201 32.39 25.22 -35.47
N ASP U 202 32.48 24.01 -36.03
CA ASP U 202 31.38 23.06 -35.91
C ASP U 202 31.34 22.43 -34.53
N LYS U 203 32.50 22.27 -33.89
CA LYS U 203 32.59 21.64 -32.58
C LYS U 203 33.54 22.44 -31.70
N LEU U 204 33.32 22.35 -30.39
CA LEU U 204 34.13 23.04 -29.39
C LEU U 204 34.82 21.98 -28.53
N ASP U 205 36.05 21.64 -28.90
CA ASP U 205 36.87 20.71 -28.13
C ASP U 205 38.05 21.49 -27.57
N LEU U 206 37.95 21.87 -26.29
CA LEU U 206 38.94 22.74 -25.67
C LEU U 206 39.41 22.15 -24.34
N LYS U 207 40.68 22.38 -24.03
CA LYS U 207 41.30 21.85 -22.81
C LYS U 207 42.13 22.93 -22.16
N THR U 208 42.29 22.82 -20.85
CA THR U 208 43.05 23.81 -20.09
C THR U 208 44.22 23.14 -19.38
N GLU U 209 45.38 23.80 -19.43
CA GLU U 209 46.57 23.33 -18.74
C GLU U 209 47.05 24.40 -17.77
N GLU U 210 47.40 23.98 -16.56
CA GLU U 210 47.75 24.93 -15.52
C GLU U 210 49.22 25.31 -15.62
N ASN U 211 49.56 26.42 -14.96
CA ASN U 211 50.92 26.93 -14.97
C ASN U 211 51.13 27.76 -13.71
N LEU U 212 52.29 28.41 -13.63
CA LEU U 212 52.68 29.21 -12.46
C LEU U 212 53.00 30.64 -12.86
N LEU U 213 52.41 31.12 -13.95
CA LEU U 213 52.61 32.49 -14.37
C LEU U 213 51.82 33.44 -13.47
N PRO U 214 52.20 34.72 -13.43
CA PRO U 214 51.54 35.64 -12.48
C PRO U 214 50.03 35.74 -12.64
N ASP U 215 49.50 35.52 -13.84
CA ASP U 215 48.06 35.62 -14.04
C ASP U 215 47.30 34.47 -13.38
N SER U 216 47.99 33.44 -12.90
CA SER U 216 47.35 32.29 -12.30
C SER U 216 47.23 32.39 -10.79
N PHE U 217 47.52 33.54 -10.20
CA PHE U 217 47.50 33.72 -8.76
C PHE U 217 46.61 34.89 -8.39
N VAL U 218 45.82 34.71 -7.34
CA VAL U 218 44.95 35.75 -6.80
C VAL U 218 45.58 36.20 -5.49
N CYS U 219 46.10 37.42 -5.48
CA CYS U 219 46.76 37.96 -4.29
C CYS U 219 45.89 39.03 -3.66
N PHE U 220 45.60 38.87 -2.37
CA PHE U 220 44.77 39.85 -1.68
C PHE U 220 45.39 40.29 -0.36
N GLU U 221 44.72 41.23 0.30
CA GLU U 221 45.18 41.89 1.50
C GLU U 221 43.95 42.31 2.28
N HIS U 222 44.11 42.55 3.57
CA HIS U 222 42.97 42.96 4.38
C HIS U 222 42.96 44.48 4.55
N LYS U 223 41.77 45.03 4.70
CA LYS U 223 41.59 46.46 4.93
C LYS U 223 41.73 46.73 6.43
N GLY U 224 42.58 47.68 6.77
CA GLY U 224 42.96 47.88 8.16
C GLY U 224 44.07 46.99 8.63
N GLN U 225 44.68 46.21 7.74
CA GLN U 225 45.70 45.25 8.12
C GLN U 225 46.95 45.97 8.60
N TYR U 226 47.56 45.43 9.65
CA TYR U 226 48.77 46.01 10.21
C TYR U 226 49.91 45.97 9.20
N LYS U 227 50.65 47.07 9.12
CA LYS U 227 51.83 47.18 8.26
C LYS U 227 51.50 46.87 6.80
N GLY U 228 50.36 47.39 6.34
CA GLY U 228 49.97 47.23 4.95
C GLY U 228 49.32 48.49 4.44
N THR U 229 49.02 48.49 3.14
CA THR U 229 48.31 49.61 2.55
C THR U 229 46.92 49.73 3.19
N MET U 230 46.47 50.98 3.34
CA MET U 230 45.24 51.30 4.07
C MET U 230 45.32 50.77 5.50
N ASP U 231 46.30 51.27 6.23
CA ASP U 231 46.54 50.88 7.61
C ASP U 231 45.84 51.86 8.56
N SER U 232 44.52 51.73 8.62
CA SER U 232 43.72 52.58 9.49
C SER U 232 42.50 51.81 9.95
N GLY U 233 41.93 52.24 11.07
CA GLY U 233 40.79 51.57 11.65
C GLY U 233 39.60 51.45 10.72
N GLN U 234 39.01 50.26 10.66
CA GLN U 234 37.91 49.96 9.75
C GLN U 234 36.68 49.60 10.55
N THR U 235 35.51 49.87 9.98
CA THR U 235 34.24 49.47 10.58
C THR U 235 33.65 48.22 9.94
N LYS U 236 34.33 47.63 8.96
CA LYS U 236 33.84 46.45 8.26
C LYS U 236 35.00 45.57 7.85
N ARG U 237 34.75 44.27 7.75
CA ARG U 237 35.77 43.30 7.32
C ARG U 237 35.65 43.14 5.82
N GLU U 238 36.55 43.81 5.08
CA GLU U 238 36.56 43.76 3.63
C GLU U 238 37.98 43.52 3.15
N LEU U 239 38.08 42.95 1.96
CA LEU U 239 39.37 42.62 1.35
C LEU U 239 39.79 43.72 0.38
N LYS U 240 41.02 43.58 -0.12
CA LYS U 240 41.60 44.53 -1.05
C LYS U 240 42.53 43.77 -1.97
N SER U 241 42.63 44.23 -3.22
CA SER U 241 43.46 43.54 -4.18
C SER U 241 44.93 43.85 -3.94
N PHE U 242 45.78 42.93 -4.40
CA PHE U 242 47.23 43.06 -4.27
C PHE U 242 47.89 42.74 -5.60
N ASP U 243 49.00 43.41 -5.87
CA ASP U 243 49.74 43.22 -7.11
C ASP U 243 50.84 42.19 -6.89
N ILE U 244 50.78 41.08 -7.63
CA ILE U 244 51.74 40.01 -7.44
C ILE U 244 53.12 40.39 -7.95
N SER U 245 53.24 41.47 -8.71
CA SER U 245 54.54 41.88 -9.22
C SER U 245 55.48 42.33 -8.11
N GLN U 246 54.96 42.56 -6.91
CA GLN U 246 55.81 43.00 -5.80
C GLN U 246 56.44 41.83 -5.06
N CYS U 247 55.71 40.73 -4.91
CA CYS U 247 56.24 39.57 -4.19
C CYS U 247 57.43 39.00 -4.94
N PRO U 248 58.55 38.75 -4.27
CA PRO U 248 59.75 38.28 -4.98
C PRO U 248 59.58 36.88 -5.52
N LYS U 249 60.17 36.64 -6.67
CA LYS U 249 60.24 35.30 -7.22
C LYS U 249 61.29 34.49 -6.49
N ILE U 250 61.19 33.17 -6.61
CA ILE U 250 62.08 32.29 -5.85
C ILE U 250 63.52 32.52 -6.29
N GLY U 251 64.40 32.71 -5.31
CA GLY U 251 65.78 33.06 -5.62
C GLY U 251 65.92 34.40 -6.31
N GLY U 252 65.15 35.39 -5.88
CA GLY U 252 65.16 36.70 -6.51
C GLY U 252 64.87 37.80 -5.51
N HIS U 253 64.71 39.01 -6.03
CA HIS U 253 64.46 40.19 -5.22
C HIS U 253 63.03 40.66 -5.37
N GLY U 254 62.53 41.33 -4.31
CA GLY U 254 61.20 41.87 -4.32
C GLY U 254 61.09 43.02 -3.34
N SER U 255 59.91 43.63 -3.31
CA SER U 255 59.68 44.80 -2.48
C SER U 255 58.77 44.54 -1.28
N LYS U 256 57.98 43.48 -1.30
CA LYS U 256 57.03 43.19 -0.23
C LYS U 256 57.17 41.75 0.21
N LYS U 257 57.00 41.52 1.51
CA LYS U 257 56.89 40.15 2.02
C LYS U 257 55.55 39.57 1.58
N CYS U 258 55.54 38.28 1.27
CA CYS U 258 54.41 37.69 0.57
C CYS U 258 54.32 36.22 0.90
N THR U 259 53.16 35.76 1.36
CA THR U 259 52.94 34.37 1.69
C THR U 259 51.73 33.84 0.93
N GLY U 260 51.64 32.53 0.83
CA GLY U 260 50.59 31.93 0.05
C GLY U 260 50.44 30.45 0.30
N ASP U 261 49.76 29.79 -0.63
CA ASP U 261 49.46 28.36 -0.51
C ASP U 261 50.61 27.55 -1.13
N ALA U 262 50.38 26.26 -1.34
CA ALA U 262 51.46 25.37 -1.79
C ALA U 262 51.98 25.76 -3.16
N ALA U 263 51.08 26.06 -4.10
CA ALA U 263 51.50 26.40 -5.45
C ALA U 263 52.31 27.69 -5.47
N PHE U 264 51.86 28.70 -4.72
CA PHE U 264 52.61 29.95 -4.65
C PHE U 264 53.99 29.74 -4.04
N CYS U 265 54.07 28.94 -2.98
CA CYS U 265 55.36 28.69 -2.35
C CYS U 265 56.28 27.89 -3.26
N SER U 266 55.72 27.03 -4.11
CA SER U 266 56.55 26.32 -5.08
C SER U 266 57.04 27.27 -6.17
N ALA U 267 56.20 28.22 -6.58
CA ALA U 267 56.59 29.14 -7.65
C ALA U 267 57.35 30.35 -7.11
N TYR U 268 56.82 31.01 -6.09
CA TYR U 268 57.40 32.21 -5.54
C TYR U 268 58.12 31.89 -4.22
N GLU U 269 58.74 32.91 -3.64
CA GLU U 269 59.45 32.78 -2.38
C GLU U 269 58.52 33.20 -1.25
N CYS U 270 58.12 32.24 -0.43
CA CYS U 270 57.25 32.51 0.72
C CYS U 270 58.11 32.95 1.90
N THR U 271 57.68 34.01 2.57
CA THR U 271 58.50 34.63 3.60
C THR U 271 58.40 33.86 4.92
N ALA U 272 59.36 34.11 5.80
CA ALA U 272 59.36 33.59 7.16
C ALA U 272 59.01 34.65 8.19
N GLN U 273 58.81 35.88 7.76
CA GLN U 273 58.44 36.98 8.64
C GLN U 273 56.95 37.26 8.53
N TYR U 274 56.51 38.35 9.13
CA TYR U 274 55.13 38.79 8.98
C TYR U 274 54.89 39.23 7.54
N ALA U 275 53.86 38.65 6.91
CA ALA U 275 53.62 38.85 5.49
C ALA U 275 52.70 40.04 5.24
N ASN U 276 52.79 40.58 4.02
CA ASN U 276 51.99 41.73 3.64
C ASN U 276 50.77 41.38 2.79
N ALA U 277 50.73 40.20 2.20
CA ALA U 277 49.58 39.80 1.40
C ALA U 277 49.53 38.29 1.31
N TYR U 278 48.36 37.76 0.99
CA TYR U 278 48.16 36.32 0.85
C TYR U 278 47.83 36.01 -0.61
N CYS U 279 48.59 35.09 -1.21
CA CYS U 279 48.48 34.79 -2.63
C CYS U 279 48.04 33.35 -2.80
N SER U 280 46.78 33.15 -3.20
CA SER U 280 46.28 31.83 -3.50
C SER U 280 46.44 31.54 -4.99
N HIS U 281 46.23 30.29 -5.39
CA HIS U 281 46.33 29.89 -6.78
C HIS U 281 44.95 30.01 -7.41
N ALA U 282 44.89 30.37 -8.69
CA ALA U 282 43.62 30.67 -9.32
C ALA U 282 42.77 29.42 -9.44
N ASN U 283 41.53 29.54 -8.96
CA ASN U 283 40.52 28.49 -9.03
C ASN U 283 40.56 27.72 -10.34
N GLY U 284 40.49 28.43 -11.46
CA GLY U 284 40.40 27.76 -12.75
C GLY U 284 41.38 28.17 -13.82
N SER U 285 42.28 29.11 -13.56
CA SER U 285 43.05 29.72 -14.63
C SER U 285 44.01 28.73 -15.26
N GLY U 286 44.71 29.20 -16.29
CA GLY U 286 45.65 28.37 -17.03
C GLY U 286 45.78 28.88 -18.45
N ILE U 287 46.02 27.94 -19.35
CA ILE U 287 46.07 28.20 -20.78
C ILE U 287 45.05 27.29 -21.44
N VAL U 288 44.15 27.88 -22.22
CA VAL U 288 43.10 27.14 -22.90
C VAL U 288 43.50 26.94 -24.35
N GLN U 289 43.37 25.71 -24.83
CA GLN U 289 43.71 25.34 -26.19
C GLN U 289 42.48 24.74 -26.86
N ILE U 290 42.24 25.15 -28.10
CA ILE U 290 41.09 24.72 -28.87
C ILE U 290 41.55 23.81 -30.00
N GLN U 291 40.78 22.76 -30.24
CA GLN U 291 41.09 21.77 -31.27
C GLN U 291 40.45 22.21 -32.58
N VAL U 292 41.27 22.60 -33.54
CA VAL U 292 40.82 22.99 -34.87
C VAL U 292 41.50 22.09 -35.88
N SER U 293 40.71 21.51 -36.79
CA SER U 293 41.22 20.62 -37.84
C SER U 293 42.02 19.46 -37.26
N GLY U 294 41.67 19.04 -36.04
CA GLY U 294 42.35 17.94 -35.39
C GLY U 294 43.64 18.29 -34.68
N VAL U 295 44.08 19.55 -34.74
CA VAL U 295 45.31 19.97 -34.09
C VAL U 295 44.97 21.05 -33.07
N TRP U 296 45.62 21.01 -31.91
CA TRP U 296 45.38 22.00 -30.87
C TRP U 296 46.08 23.31 -31.22
N LYS U 297 45.43 24.42 -30.86
CA LYS U 297 45.97 25.75 -31.07
C LYS U 297 45.62 26.61 -29.87
N LYS U 298 46.29 27.74 -29.75
CA LYS U 298 46.07 28.66 -28.64
C LYS U 298 45.30 29.89 -29.12
N PRO U 299 44.03 30.02 -28.79
CA PRO U 299 43.24 31.13 -29.32
C PRO U 299 43.37 32.39 -28.49
N LEU U 300 43.18 33.53 -29.16
CA LEU U 300 43.10 34.79 -28.43
C LEU U 300 41.80 34.89 -27.65
N CYS U 301 40.68 34.56 -28.30
CA CYS U 301 39.38 34.60 -27.63
C CYS U 301 38.55 33.41 -28.05
N VAL U 302 37.66 32.97 -27.17
CA VAL U 302 36.76 31.86 -27.45
C VAL U 302 35.37 32.24 -26.94
N GLY U 303 34.36 32.09 -27.78
CA GLY U 303 33.01 32.39 -27.34
C GLY U 303 32.00 31.72 -28.23
N TYR U 304 30.75 32.15 -28.09
CA TYR U 304 29.72 31.69 -29.00
C TYR U 304 28.74 32.81 -29.30
N GLU U 305 28.07 32.69 -30.45
CA GLU U 305 27.23 33.75 -31.00
C GLU U 305 25.93 33.13 -31.49
N ARG U 306 24.91 33.96 -31.61
CA ARG U 306 23.65 33.55 -32.24
C ARG U 306 23.53 34.32 -33.55
N VAL U 307 23.91 33.67 -34.64
CA VAL U 307 23.99 34.33 -35.93
C VAL U 307 23.10 33.60 -36.93
N VAL U 308 22.81 34.27 -38.03
CA VAL U 308 21.99 33.72 -39.10
C VAL U 308 22.88 32.89 -40.02
N VAL U 309 22.55 31.61 -40.15
CA VAL U 309 23.28 30.69 -41.01
C VAL U 309 22.35 30.24 -42.13
N LYS U 310 22.90 30.15 -43.34
CA LYS U 310 22.20 29.61 -44.50
C LYS U 310 22.83 28.27 -44.85
N ARG U 311 22.02 27.22 -44.85
CA ARG U 311 22.46 25.88 -45.16
C ARG U 311 21.87 25.44 -46.48
N GLU U 312 22.40 24.34 -47.02
CA GLU U 312 21.83 23.66 -48.17
C GLU U 312 21.33 22.30 -47.69
N LEU U 313 20.00 22.13 -47.69
CA LEU U 313 19.44 20.87 -47.21
C LEU U 313 19.92 19.69 -48.05
N SER U 314 19.83 19.82 -49.36
CA SER U 314 20.28 18.78 -50.28
C SER U 314 20.24 19.31 -51.70
N ALA U 315 21.09 18.77 -52.55
CA ALA U 315 20.98 19.00 -53.98
C ALA U 315 20.04 18.01 -54.64
N LYS U 316 20.13 16.73 -54.24
CA LYS U 316 19.23 15.68 -54.70
C LYS U 316 19.17 14.59 -53.63
N PRO U 317 17.99 14.31 -53.06
CA PRO U 317 17.90 13.27 -52.03
C PRO U 317 18.36 11.91 -52.52
N ILE U 318 17.75 11.42 -53.60
CA ILE U 318 18.13 10.14 -54.19
C ILE U 318 17.56 10.09 -55.59
N GLN U 319 18.29 9.43 -56.50
CA GLN U 319 17.87 9.28 -57.89
C GLN U 319 17.69 7.79 -58.19
N ARG U 320 16.48 7.41 -58.60
CA ARG U 320 16.12 6.02 -58.84
C ARG U 320 15.48 5.91 -60.22
N VAL U 321 16.30 5.70 -61.24
CA VAL U 321 15.83 5.47 -62.61
C VAL U 321 16.57 4.27 -63.16
N GLU U 322 15.85 3.19 -63.45
CA GLU U 322 16.47 1.92 -63.86
C GLU U 322 15.70 1.35 -65.04
N PRO U 323 15.96 1.84 -66.26
CA PRO U 323 15.39 1.23 -67.47
C PRO U 323 16.26 0.11 -68.05
N CYS U 324 16.68 -0.81 -67.18
CA CYS U 324 17.61 -1.85 -67.60
C CYS U 324 16.89 -2.96 -68.35
N THR U 325 17.48 -3.42 -69.45
CA THR U 325 16.95 -4.49 -70.27
C THR U 325 18.06 -5.44 -70.70
N THR U 326 19.02 -5.69 -69.81
CA THR U 326 20.17 -6.54 -70.14
C THR U 326 19.86 -8.01 -69.80
N CYS U 327 18.83 -8.52 -70.45
CA CYS U 327 18.44 -9.92 -70.29
C CYS U 327 17.64 -10.35 -71.51
N ILE U 328 17.61 -11.65 -71.76
CA ILE U 328 16.88 -12.23 -72.88
C ILE U 328 15.89 -13.26 -72.34
N THR U 329 14.61 -13.08 -72.68
CA THR U 329 13.54 -13.95 -72.23
C THR U 329 13.03 -14.74 -73.42
N LYS U 330 13.07 -16.07 -73.33
CA LYS U 330 12.57 -16.91 -74.41
C LYS U 330 11.81 -18.08 -73.82
N CYS U 331 10.61 -18.31 -74.33
CA CYS U 331 9.79 -19.42 -73.89
C CYS U 331 10.16 -20.69 -74.64
N GLU U 332 10.44 -21.75 -73.89
CA GLU U 332 10.95 -23.01 -74.38
C GLU U 332 10.01 -24.14 -73.96
N PRO U 333 9.87 -25.19 -74.79
CA PRO U 333 8.97 -26.28 -74.40
C PRO U 333 9.32 -26.91 -73.06
N HIS U 334 10.61 -27.01 -72.72
CA HIS U 334 11.00 -27.52 -71.41
C HIS U 334 10.52 -26.59 -70.29
N GLY U 335 10.63 -25.29 -70.50
CA GLY U 335 10.18 -24.33 -69.51
C GLY U 335 10.46 -22.92 -69.98
N LEU U 336 9.88 -21.97 -69.25
CA LEU U 336 10.08 -20.55 -69.51
C LEU U 336 11.47 -20.15 -69.00
N VAL U 337 12.38 -19.83 -69.91
CA VAL U 337 13.78 -19.59 -69.57
C VAL U 337 14.12 -18.14 -69.86
N VAL U 338 14.74 -17.48 -68.86
CA VAL U 338 15.29 -16.14 -69.05
C VAL U 338 16.76 -16.17 -68.66
N ARG U 339 17.60 -15.63 -69.52
CA ARG U 339 19.04 -15.50 -69.29
C ARG U 339 19.34 -14.05 -68.99
N SER U 340 19.76 -13.77 -67.76
CA SER U 340 20.08 -12.42 -67.31
C SER U 340 21.57 -12.18 -67.50
N THR U 341 21.92 -11.31 -68.45
CA THR U 341 23.32 -11.00 -68.68
C THR U 341 23.88 -10.20 -67.51
N GLY U 342 24.94 -10.71 -66.90
CA GLY U 342 25.53 -10.03 -65.76
C GLY U 342 24.92 -10.44 -64.44
N PHE U 343 23.96 -9.66 -63.97
CA PHE U 343 23.36 -9.90 -62.67
C PHE U 343 22.72 -11.28 -62.58
N LYS U 344 22.91 -11.93 -61.43
CA LYS U 344 22.36 -13.27 -61.21
C LYS U 344 20.94 -13.19 -60.68
N ILE U 345 20.18 -14.25 -60.92
CA ILE U 345 18.79 -14.36 -60.50
C ILE U 345 18.67 -15.54 -59.55
N SER U 346 18.14 -15.28 -58.35
CA SER U 346 17.92 -16.33 -57.36
C SER U 346 16.48 -16.83 -57.35
N SER U 347 15.52 -15.93 -57.16
CA SER U 347 14.11 -16.29 -57.16
C SER U 347 13.35 -15.35 -58.08
N ALA U 348 12.30 -15.88 -58.71
CA ALA U 348 11.54 -15.11 -59.68
C ALA U 348 10.08 -15.58 -59.66
N VAL U 349 9.22 -14.76 -60.26
CA VAL U 349 7.80 -15.05 -60.36
C VAL U 349 7.31 -14.56 -61.72
N ALA U 350 6.30 -15.25 -62.26
CA ALA U 350 5.72 -14.94 -63.55
C ALA U 350 4.22 -14.80 -63.42
N CYS U 351 3.69 -13.71 -63.98
CA CYS U 351 2.28 -13.36 -63.91
C CYS U 351 1.67 -13.48 -65.30
N ALA U 352 0.50 -14.12 -65.40
CA ALA U 352 -0.19 -14.21 -66.69
C ALA U 352 -1.68 -14.28 -66.43
N SER U 353 -2.35 -13.13 -66.50
CA SER U 353 -3.80 -13.04 -66.32
C SER U 353 -4.23 -13.64 -64.97
N GLY U 354 -3.71 -13.04 -63.90
CA GLY U 354 -4.08 -13.45 -62.57
C GLY U 354 -3.22 -14.54 -61.98
N VAL U 355 -3.07 -15.66 -62.71
CA VAL U 355 -2.32 -16.79 -62.18
C VAL U 355 -0.84 -16.51 -62.28
N CYS U 356 -0.10 -16.84 -61.21
CA CYS U 356 1.33 -16.62 -61.14
C CYS U 356 2.02 -17.93 -60.77
N VAL U 357 3.29 -18.02 -61.16
CA VAL U 357 4.12 -19.18 -60.89
C VAL U 357 5.48 -18.69 -60.39
N THR U 358 5.96 -19.30 -59.31
CA THR U 358 7.21 -18.89 -58.69
C THR U 358 8.31 -19.90 -58.99
N GLY U 359 9.53 -19.49 -58.71
CA GLY U 359 10.68 -20.36 -58.88
C GLY U 359 11.85 -19.88 -58.05
N SER U 360 12.57 -20.84 -57.47
CA SER U 360 13.71 -20.55 -56.61
C SER U 360 14.92 -21.35 -57.07
N GLN U 361 16.08 -20.70 -57.05
CA GLN U 361 17.32 -21.34 -57.48
C GLN U 361 18.49 -20.53 -56.92
N SER U 362 19.68 -21.11 -57.04
CA SER U 362 20.89 -20.40 -56.64
C SER U 362 21.16 -19.25 -57.59
N PRO U 363 21.81 -18.18 -57.11
CA PRO U 363 22.16 -17.05 -57.99
C PRO U 363 22.84 -17.52 -59.26
N SER U 364 22.19 -17.25 -60.40
CA SER U 364 22.71 -17.68 -61.70
C SER U 364 22.26 -16.70 -62.76
N THR U 365 22.98 -16.70 -63.89
CA THR U 365 22.66 -15.80 -64.98
C THR U 365 21.38 -16.17 -65.71
N GLU U 366 20.79 -17.33 -65.41
CA GLU U 366 19.56 -17.75 -66.06
C GLU U 366 18.69 -18.50 -65.06
N ILE U 367 17.40 -18.54 -65.36
CA ILE U 367 16.44 -19.25 -64.53
C ILE U 367 15.28 -19.72 -65.41
N THR U 368 14.76 -20.90 -65.10
CA THR U 368 13.64 -21.51 -65.79
C THR U 368 12.49 -21.72 -64.82
N LEU U 369 11.27 -21.50 -65.31
CA LEU U 369 10.06 -21.55 -64.51
C LEU U 369 8.98 -22.30 -65.27
N LYS U 370 8.05 -22.88 -64.53
CA LYS U 370 6.88 -23.50 -65.14
C LYS U 370 5.98 -22.43 -65.74
N TYR U 371 5.28 -22.79 -66.81
CA TYR U 371 4.41 -21.83 -67.47
C TYR U 371 3.17 -21.55 -66.62
N PRO U 372 2.73 -20.30 -66.53
CA PRO U 372 1.56 -19.96 -65.71
C PRO U 372 0.26 -20.26 -66.42
N GLY U 373 -0.50 -21.21 -65.90
CA GLY U 373 -1.81 -21.51 -66.44
C GLY U 373 -1.74 -21.98 -67.88
N ILE U 374 -2.64 -21.45 -68.71
CA ILE U 374 -2.70 -21.81 -70.12
C ILE U 374 -1.99 -20.78 -70.99
N SER U 375 -1.12 -19.96 -70.41
CA SER U 375 -0.36 -18.99 -71.20
C SER U 375 0.56 -19.69 -72.19
N GLN U 376 1.06 -20.89 -71.83
CA GLN U 376 1.86 -21.65 -72.78
C GLN U 376 1.05 -22.04 -74.01
N SER U 377 -0.20 -22.47 -73.81
CA SER U 377 -1.04 -22.83 -74.94
C SER U 377 -1.55 -21.59 -75.67
N SER U 378 -1.87 -20.53 -74.93
CA SER U 378 -2.47 -19.34 -75.52
C SER U 378 -1.44 -18.27 -75.88
N GLY U 379 -0.17 -18.47 -75.56
CA GLY U 379 0.83 -17.46 -75.87
C GLY U 379 0.59 -16.20 -75.06
N GLY U 380 0.59 -15.06 -75.73
CA GLY U 380 0.32 -13.79 -75.09
C GLY U 380 1.54 -13.16 -74.44
N ASP U 381 1.25 -12.20 -73.57
CA ASP U 381 2.27 -11.47 -72.83
C ASP U 381 2.27 -11.93 -71.38
N ILE U 382 3.46 -12.21 -70.86
CA ILE U 382 3.64 -12.69 -69.48
C ILE U 382 4.62 -11.76 -68.78
N GLY U 383 4.24 -11.29 -67.60
CA GLY U 383 5.11 -10.43 -66.81
C GLY U 383 6.04 -11.27 -65.94
N VAL U 384 7.24 -10.76 -65.73
CA VAL U 384 8.24 -11.42 -64.91
C VAL U 384 8.76 -10.43 -63.88
N HIS U 385 8.76 -10.85 -62.61
CA HIS U 385 9.34 -10.09 -61.52
C HIS U 385 10.41 -10.96 -60.85
N MET U 386 11.66 -10.52 -60.91
CA MET U 386 12.76 -11.30 -60.39
C MET U 386 13.61 -10.43 -59.46
N ALA U 387 14.34 -11.11 -58.56
CA ALA U 387 15.21 -10.45 -57.61
C ALA U 387 16.65 -10.59 -58.07
N HIS U 388 17.28 -9.47 -58.43
CA HIS U 388 18.66 -9.47 -58.88
C HIS U 388 19.61 -9.31 -57.69
N ASP U 389 20.85 -9.75 -57.89
CA ASP U 389 21.87 -9.55 -56.87
C ASP U 389 22.36 -8.12 -56.84
N ASP U 390 22.44 -7.46 -57.99
CA ASP U 390 22.93 -6.09 -58.08
C ASP U 390 21.76 -5.11 -57.93
N GLN U 391 22.02 -3.85 -58.22
CA GLN U 391 21.00 -2.79 -58.19
C GLN U 391 20.99 -2.10 -59.55
N SER U 392 20.19 -1.03 -59.63
CA SER U 392 20.04 -0.24 -60.86
C SER U 392 19.55 -1.09 -62.03
N VAL U 393 18.73 -2.10 -61.74
CA VAL U 393 18.17 -2.99 -62.76
C VAL U 393 16.67 -3.10 -62.52
N SER U 394 15.89 -2.89 -63.58
CA SER U 394 14.44 -3.00 -63.48
C SER U 394 14.05 -4.44 -63.15
N SER U 395 13.13 -4.60 -62.21
CA SER U 395 12.69 -5.91 -61.76
C SER U 395 11.40 -6.37 -62.42
N LYS U 396 10.79 -5.55 -63.27
CA LYS U 396 9.53 -5.88 -63.93
C LYS U 396 9.77 -5.87 -65.44
N ILE U 397 9.63 -7.04 -66.07
CA ILE U 397 9.79 -7.13 -67.52
C ILE U 397 8.59 -7.87 -68.09
N VAL U 398 8.45 -7.81 -69.41
CA VAL U 398 7.35 -8.45 -70.12
C VAL U 398 7.90 -9.27 -71.28
N ALA U 399 7.36 -10.47 -71.45
CA ALA U 399 7.77 -11.37 -72.53
C ALA U 399 6.55 -11.69 -73.38
N HIS U 400 6.69 -11.50 -74.69
CA HIS U 400 5.64 -11.81 -75.65
C HIS U 400 6.00 -13.13 -76.35
N CYS U 401 5.08 -14.09 -76.30
CA CYS U 401 5.31 -15.38 -76.93
C CYS U 401 4.08 -15.80 -77.74
N PRO U 402 4.30 -16.50 -78.85
CA PRO U 402 3.18 -17.06 -79.59
C PRO U 402 2.70 -18.34 -78.94
N PRO U 403 1.54 -18.88 -79.35
CA PRO U 403 1.08 -20.15 -78.80
C PRO U 403 2.09 -21.27 -79.06
N GLN U 404 2.23 -22.15 -78.08
CA GLN U 404 3.19 -23.24 -78.14
C GLN U 404 2.49 -24.57 -78.30
N ASP U 405 3.27 -25.59 -78.64
CA ASP U 405 2.75 -26.95 -78.83
C ASP U 405 3.15 -27.83 -77.65
N PRO U 406 2.20 -28.31 -76.86
CA PRO U 406 2.55 -29.18 -75.72
C PRO U 406 3.04 -30.56 -76.12
N CYS U 407 2.88 -30.96 -77.38
CA CYS U 407 3.30 -32.29 -77.80
C CYS U 407 4.80 -32.48 -77.64
N LEU U 408 5.59 -31.46 -78.00
CA LEU U 408 7.01 -31.51 -77.76
C LEU U 408 7.33 -31.51 -76.27
N VAL U 409 6.50 -30.85 -75.46
CA VAL U 409 6.75 -30.78 -74.02
C VAL U 409 6.58 -32.16 -73.38
N HIS U 410 5.47 -32.83 -73.68
CA HIS U 410 5.19 -34.13 -73.08
C HIS U 410 5.63 -35.30 -73.94
N GLY U 411 6.28 -35.05 -75.07
CA GLY U 411 6.74 -36.12 -75.94
C GLY U 411 7.72 -37.06 -75.27
N CYS U 412 7.46 -38.36 -75.37
CA CYS U 412 8.32 -39.36 -74.77
C CYS U 412 8.26 -40.68 -75.54
N ALA V 3 40.06 70.84 -23.46
CA ALA V 3 39.94 71.83 -24.53
C ALA V 3 41.11 71.71 -25.51
N LEU V 4 40.95 72.31 -26.69
CA LEU V 4 41.99 72.26 -27.70
C LEU V 4 43.06 73.30 -27.41
N THR V 5 44.23 73.10 -28.01
CA THR V 5 45.37 73.99 -27.83
C THR V 5 45.54 74.83 -29.10
N GLN V 6 45.56 76.14 -28.93
CA GLN V 6 45.70 77.07 -30.05
C GLN V 6 46.77 78.09 -29.74
N PRO V 7 47.47 78.60 -30.77
CA PRO V 7 48.50 79.63 -30.58
C PRO V 7 47.92 81.04 -30.51
N THR V 19 48.96 80.07 -40.96
CA THR V 19 48.14 78.87 -40.76
C THR V 19 47.97 78.57 -39.28
N ILE V 20 46.73 78.70 -38.80
CA ILE V 20 46.40 78.45 -37.41
C ILE V 20 46.35 76.94 -37.18
N SER V 21 46.91 76.49 -36.07
CA SER V 21 46.97 75.07 -35.74
C SER V 21 46.11 74.79 -34.51
N CYS V 22 45.18 73.86 -34.64
CA CYS V 22 44.32 73.42 -33.54
C CYS V 22 44.74 72.00 -33.17
N THR V 23 45.36 71.85 -32.01
CA THR V 23 45.94 70.59 -31.58
C THR V 23 45.09 69.98 -30.46
N GLY V 24 44.72 68.72 -30.62
CA GLY V 24 43.92 68.04 -29.62
C GLY V 24 44.44 66.66 -29.26
N THR V 25 43.66 65.92 -28.47
CA THR V 25 44.04 64.59 -28.02
C THR V 25 43.59 63.56 -29.04
N SER V 26 43.62 62.28 -28.66
CA SER V 26 43.11 61.24 -29.55
C SER V 26 41.59 61.22 -29.58
N SER V 27 40.94 61.69 -28.51
CA SER V 27 39.48 61.67 -28.45
C SER V 27 38.87 62.59 -29.50
N ASP V 28 39.45 63.78 -29.68
CA ASP V 28 38.95 64.76 -30.62
C ASP V 28 39.96 64.97 -31.74
N ILE V 29 39.44 65.27 -32.93
CA ILE V 29 40.26 65.52 -34.13
C ILE V 29 41.00 64.25 -34.54
N GLY V 30 41.69 63.61 -33.59
CA GLY V 30 42.40 62.38 -33.91
C GLY V 30 41.47 61.26 -34.33
N ALA V 31 40.29 61.20 -33.71
CA ALA V 31 39.33 60.14 -34.02
C ALA V 31 38.34 60.58 -35.10
N TYR V 32 37.65 61.69 -34.87
CA TYR V 32 36.60 62.14 -35.78
C TYR V 32 37.12 63.26 -36.69
N ASN V 33 36.55 63.31 -37.89
CA ASN V 33 36.86 64.36 -38.85
C ASN V 33 35.83 65.48 -38.83
N PHE V 34 35.21 65.71 -37.68
CA PHE V 34 34.22 66.78 -37.52
C PHE V 34 34.85 67.91 -36.73
N VAL V 35 35.54 68.80 -37.45
CA VAL V 35 36.16 69.98 -36.86
C VAL V 35 35.74 71.19 -37.69
N SER V 36 35.37 72.27 -37.01
CA SER V 36 34.90 73.48 -37.67
C SER V 36 35.60 74.71 -37.11
N TRP V 37 35.55 75.78 -37.90
CA TRP V 37 36.23 77.03 -37.56
C TRP V 37 35.21 78.16 -37.54
N TYR V 38 35.47 79.16 -36.70
CA TYR V 38 34.59 80.31 -36.53
C TYR V 38 35.41 81.59 -36.44
N GLN V 39 34.94 82.63 -37.10
CA GLN V 39 35.59 83.94 -37.12
C GLN V 39 34.74 84.95 -36.36
N GLN V 40 35.36 85.62 -35.40
CA GLN V 40 34.65 86.61 -34.59
C GLN V 40 35.32 87.98 -34.67
N ALA V 45 28.99 86.86 -31.73
CA ALA V 45 28.37 86.17 -32.85
C ALA V 45 29.39 85.82 -33.92
N PRO V 46 30.15 84.75 -33.69
CA PRO V 46 31.17 84.35 -34.67
C PRO V 46 30.54 83.77 -35.93
N LYS V 47 31.32 83.79 -37.00
CA LYS V 47 30.86 83.32 -38.32
C LYS V 47 31.62 82.05 -38.70
N LEU V 48 30.86 81.02 -39.05
CA LEU V 48 31.47 79.75 -39.46
C LEU V 48 32.07 79.87 -40.85
N LEU V 49 33.32 79.42 -41.00
CA LEU V 49 34.02 79.46 -42.27
C LEU V 49 34.25 78.08 -42.86
N ILE V 50 34.84 77.17 -42.10
CA ILE V 50 35.22 75.85 -42.59
C ILE V 50 34.51 74.81 -41.73
N TYR V 51 33.85 73.86 -42.39
CA TYR V 51 33.22 72.73 -41.71
C TYR V 51 33.63 71.45 -42.42
N ASP V 52 33.61 70.34 -41.67
CA ASP V 52 34.01 69.04 -42.18
C ASP V 52 35.44 69.09 -42.73
N VAL V 53 36.34 69.71 -41.95
CA VAL V 53 37.76 69.78 -42.23
C VAL V 53 38.05 70.67 -43.44
N THR V 54 37.42 70.39 -44.57
CA THR V 54 37.71 71.07 -45.82
C THR V 54 36.56 71.90 -46.38
N ASN V 55 35.32 71.45 -46.20
CA ASN V 55 34.19 72.07 -46.89
C ASN V 55 33.98 73.50 -46.44
N ARG V 56 33.60 74.35 -47.39
CA ARG V 56 33.29 75.76 -47.14
C ARG V 56 31.92 76.06 -47.72
N PRO V 57 31.04 76.74 -46.98
CA PRO V 57 29.70 77.12 -47.45
C PRO V 57 29.73 77.96 -48.72
N SER V 65 40.73 77.74 -46.25
CA SER V 65 41.01 76.33 -46.51
C SER V 65 41.61 75.68 -45.29
N GLY V 66 41.21 74.43 -45.02
CA GLY V 66 41.68 73.70 -43.86
C GLY V 66 42.08 72.29 -44.22
N SER V 67 42.75 71.64 -43.27
CA SER V 67 43.22 70.27 -43.45
C SER V 67 43.46 69.66 -42.07
N LYS V 68 43.77 68.37 -42.06
CA LYS V 68 44.01 67.62 -40.83
C LYS V 68 45.25 66.76 -41.00
N SER V 69 45.90 66.48 -39.86
CA SER V 69 47.08 65.60 -39.87
C SER V 69 47.29 65.12 -38.44
N GLY V 70 47.24 63.81 -38.23
CA GLY V 70 47.40 63.27 -36.89
C GLY V 70 46.30 63.77 -35.98
N ASN V 71 46.71 64.39 -34.87
CA ASN V 71 45.79 64.99 -33.92
C ASN V 71 45.71 66.50 -34.06
N THR V 72 46.23 67.06 -35.15
CA THR V 72 46.29 68.50 -35.32
C THR V 72 45.63 68.90 -36.63
N ALA V 73 44.67 69.82 -36.54
CA ALA V 73 44.07 70.44 -37.71
C ALA V 73 44.75 71.77 -38.01
N SER V 74 44.67 72.19 -39.26
CA SER V 74 45.30 73.44 -39.68
C SER V 74 44.32 74.21 -40.56
N LEU V 75 44.41 75.54 -40.46
CA LEU V 75 43.58 76.42 -41.27
C LEU V 75 44.52 77.43 -41.94
N THR V 76 44.41 77.56 -43.25
CA THR V 76 45.27 78.47 -44.00
C THR V 76 44.55 79.76 -44.35
N ASN V 87 40.04 87.01 -34.92
CA ASN V 87 39.82 85.90 -33.99
C ASN V 87 39.30 84.67 -34.73
N TYR V 88 40.01 83.56 -34.57
CA TYR V 88 39.64 82.30 -35.22
C TYR V 88 39.62 81.21 -34.17
N TYR V 89 38.48 80.55 -34.01
CA TYR V 89 38.31 79.48 -33.04
C TYR V 89 38.03 78.17 -33.76
N CYS V 90 38.42 77.06 -33.13
CA CYS V 90 38.19 75.72 -33.64
C CYS V 90 37.36 74.93 -32.64
N ASN V 91 36.40 74.17 -33.15
CA ASN V 91 35.62 73.25 -32.33
C ASN V 91 35.64 71.87 -32.94
N SER V 92 35.47 70.87 -32.08
CA SER V 92 35.57 69.48 -32.48
C SER V 92 34.64 68.63 -31.63
N TYR V 93 34.44 67.40 -32.09
CA TYR V 93 33.53 66.45 -31.47
C TYR V 93 34.35 65.38 -30.75
N THR V 94 34.02 65.13 -29.48
CA THR V 94 34.77 64.18 -28.69
C THR V 94 34.10 62.81 -28.70
N SER V 95 34.83 61.81 -28.21
CA SER V 95 34.29 60.45 -28.12
C SER V 95 33.17 60.35 -27.09
N SER V 96 33.09 61.28 -26.15
CA SER V 96 32.04 61.30 -25.15
C SER V 96 30.80 62.05 -25.61
N SER V 97 30.65 62.25 -26.92
CA SER V 97 29.51 62.95 -27.50
C SER V 97 29.41 64.39 -27.00
N HIS V 98 30.54 64.99 -26.66
CA HIS V 98 30.60 66.38 -26.22
C HIS V 98 31.25 67.24 -27.31
N VAL V 99 31.16 68.54 -27.11
CA VAL V 99 31.71 69.52 -28.04
C VAL V 99 32.81 70.29 -27.32
N VAL V 100 33.99 70.35 -27.93
CA VAL V 100 35.13 71.03 -27.33
C VAL V 100 35.55 72.18 -28.22
N PHE V 101 35.69 73.36 -27.63
CA PHE V 101 36.10 74.57 -28.32
C PHE V 101 37.57 74.85 -28.08
N GLY V 102 38.22 75.43 -29.08
CA GLY V 102 39.62 75.77 -28.95
C GLY V 102 39.86 76.96 -28.05
N GLY V 103 41.12 77.11 -27.64
CA GLY V 103 41.48 78.22 -26.78
C GLY V 103 41.28 79.56 -27.46
N GLY V 104 41.67 79.67 -28.71
CA GLY V 104 41.45 80.88 -29.46
C GLY V 104 42.73 81.63 -29.76
N THR V 105 42.75 82.27 -30.92
CA THR V 105 43.90 83.09 -31.34
C THR V 105 43.46 84.50 -31.69
N SER W 31 10.37 72.33 -36.57
CA SER W 31 10.41 71.11 -37.38
C SER W 31 11.65 71.08 -38.27
N GLY W 32 12.35 69.95 -38.26
CA GLY W 32 13.56 69.80 -39.04
C GLY W 32 14.72 69.18 -38.29
N ASP W 33 14.44 68.65 -37.09
CA ASP W 33 15.44 67.95 -36.28
C ASP W 33 16.62 68.85 -35.94
N TYR W 34 16.32 69.90 -35.17
CA TYR W 34 17.33 70.88 -34.77
C TYR W 34 17.76 70.65 -33.33
N TYR W 35 18.97 71.10 -33.02
CA TYR W 35 19.54 71.01 -31.67
C TYR W 35 19.83 72.43 -31.20
N TRP W 36 19.04 72.90 -30.22
CA TRP W 36 19.16 74.27 -29.73
C TRP W 36 20.17 74.27 -28.59
N SER W 37 21.33 74.89 -28.82
CA SER W 37 22.44 74.84 -27.88
C SER W 37 22.76 76.24 -27.36
N TRP W 38 23.39 76.27 -26.19
CA TRP W 38 23.77 77.52 -25.53
C TRP W 38 25.29 77.61 -25.45
N ILE W 39 25.84 78.75 -25.87
CA ILE W 39 27.28 79.01 -25.81
C ILE W 39 27.48 80.30 -25.05
N ARG W 40 28.66 80.46 -24.45
CA ARG W 40 28.96 81.67 -23.68
C ARG W 40 30.40 82.10 -23.89
N GLN W 41 30.63 83.40 -23.73
CA GLN W 41 31.95 84.01 -23.86
C GLN W 41 32.16 84.95 -22.68
N PRO W 42 33.13 84.68 -21.79
CA PRO W 42 33.41 85.55 -20.64
C PRO W 42 33.84 86.95 -21.06
N LEU W 47 34.89 80.73 -27.05
CA LEU W 47 33.64 80.40 -26.40
C LEU W 47 33.77 79.18 -25.50
N GLU W 48 32.63 78.68 -25.02
CA GLU W 48 32.60 77.48 -24.18
C GLU W 48 31.20 76.90 -24.26
N TRP W 49 31.09 75.68 -24.80
CA TRP W 49 29.79 75.05 -24.95
C TRP W 49 29.20 74.71 -23.58
N ILE W 50 27.92 75.02 -23.39
CA ILE W 50 27.24 74.73 -22.14
C ILE W 50 26.43 73.45 -22.29
N GLY W 51 25.51 73.43 -23.25
CA GLY W 51 24.68 72.27 -23.46
C GLY W 51 23.75 72.50 -24.62
N TYR W 52 22.95 71.47 -24.90
CA TYR W 52 21.91 71.54 -25.92
C TYR W 52 20.65 70.86 -25.43
N ILE W 53 19.53 71.31 -25.99
CA ILE W 53 18.25 70.62 -25.90
C ILE W 53 17.84 70.26 -27.32
N SER W 54 17.42 69.01 -27.52
CA SER W 54 17.12 68.52 -28.85
C SER W 54 15.65 68.70 -29.18
N TYR W 55 15.32 68.43 -30.44
CA TYR W 55 13.93 68.44 -30.86
C TYR W 55 13.08 67.44 -30.09
N SER W 56 13.70 66.36 -29.62
CA SER W 56 13.01 65.32 -28.88
C SER W 56 12.89 65.63 -27.39
N GLY W 57 13.45 66.74 -26.93
CA GLY W 57 13.46 67.07 -25.52
C GLY W 57 14.64 66.53 -24.75
N SER W 58 15.54 65.79 -25.39
CA SER W 58 16.73 65.30 -24.72
C SER W 58 17.69 66.45 -24.47
N THR W 59 18.26 66.49 -23.27
CA THR W 59 19.15 67.56 -22.85
C THR W 59 20.52 66.98 -22.53
N TYR W 60 21.56 67.61 -23.07
CA TYR W 60 22.93 67.21 -22.78
C TYR W 60 23.68 68.44 -22.30
N TYR W 61 24.47 68.27 -21.24
CA TYR W 61 25.15 69.40 -20.61
C TYR W 61 26.65 69.15 -20.55
N ASN W 62 27.39 70.25 -20.41
CA ASN W 62 28.83 70.16 -20.21
C ASN W 62 29.12 69.43 -18.89
N PRO W 63 30.12 68.55 -18.86
CA PRO W 63 30.39 67.80 -17.63
C PRO W 63 30.73 68.68 -16.44
N SER W 64 31.42 69.80 -16.67
CA SER W 64 31.79 70.68 -15.56
C SER W 64 30.59 71.47 -15.04
N LEU W 65 29.73 71.94 -15.95
CA LEU W 65 28.53 72.69 -15.59
C LEU W 65 27.28 71.84 -15.67
N GLU W 66 27.38 70.56 -15.33
CA GLU W 66 26.24 69.66 -15.43
C GLU W 66 25.14 70.07 -14.44
N SER W 67 25.53 70.57 -13.27
CA SER W 67 24.55 71.01 -12.28
C SER W 67 24.61 72.53 -12.09
N VAL W 94 28.75 87.05 -22.29
CA VAL W 94 27.74 87.10 -23.35
C VAL W 94 27.28 85.69 -23.69
N TYR W 95 25.97 85.51 -23.81
CA TYR W 95 25.38 84.20 -24.08
C TYR W 95 24.74 84.21 -25.45
N TYR W 96 25.12 83.26 -26.29
CA TYR W 96 24.56 83.08 -27.62
C TYR W 96 23.86 81.73 -27.71
N CYS W 97 23.01 81.60 -28.73
CA CYS W 97 22.34 80.34 -29.03
C CYS W 97 22.44 80.10 -30.54
N ALA W 98 23.26 79.13 -30.93
CA ALA W 98 23.48 78.80 -32.33
C ALA W 98 23.17 77.34 -32.58
N THR W 99 22.54 77.07 -33.72
CA THR W 99 22.14 75.72 -34.08
C THR W 99 22.44 75.46 -35.54
N ASN W 100 22.71 74.19 -35.87
CA ASN W 100 22.93 73.79 -37.25
C ASN W 100 21.61 73.84 -37.99
N TYR W 101 21.39 74.91 -38.75
CA TYR W 101 20.11 75.15 -39.41
C TYR W 101 20.15 75.01 -40.91
N PHE W 102 21.31 75.10 -41.55
CA PHE W 102 21.39 75.04 -43.00
C PHE W 102 22.26 73.91 -43.51
N HIS W 103 23.34 73.57 -42.81
CA HIS W 103 24.25 72.51 -43.25
C HIS W 103 23.87 71.17 -42.62
N LEU W 104 22.62 70.77 -42.85
CA LEU W 104 22.12 69.51 -42.33
C LEU W 104 22.72 68.35 -43.11
N HIS W 105 23.16 67.32 -42.40
CA HIS W 105 23.67 66.11 -43.00
C HIS W 105 22.68 64.98 -42.80
N ASP W 106 22.44 64.21 -43.86
CA ASP W 106 21.45 63.15 -43.79
C ASP W 106 21.96 61.95 -42.99
N PHE W 107 23.28 61.79 -42.88
CA PHE W 107 23.83 60.61 -42.22
C PHE W 107 24.01 60.80 -40.71
N GLY W 108 24.00 62.04 -40.21
CA GLY W 108 24.19 62.24 -38.80
C GLY W 108 23.72 63.61 -38.37
N ASP W 109 23.62 63.78 -37.05
CA ASP W 109 23.18 65.04 -36.45
C ASP W 109 24.42 65.81 -35.98
N LEU W 110 25.11 66.41 -36.95
CA LEU W 110 26.30 67.21 -36.66
C LEU W 110 25.83 68.58 -36.14
N TYR W 111 25.49 68.61 -34.85
CA TYR W 111 24.92 69.81 -34.24
C TYR W 111 25.97 70.83 -33.83
N TRP W 112 27.26 70.48 -33.85
CA TRP W 112 28.29 71.45 -33.49
C TRP W 112 28.66 72.36 -34.64
N TYR W 113 28.15 72.12 -35.85
CA TYR W 113 28.39 73.02 -36.97
C TYR W 113 27.49 74.25 -36.81
N PHE W 114 27.89 75.10 -35.87
CA PHE W 114 27.03 76.19 -35.43
C PHE W 114 26.92 77.27 -36.50
N ASP W 115 25.69 77.64 -36.82
CA ASP W 115 25.38 78.84 -37.58
C ASP W 115 24.09 79.42 -37.01
N LEU W 116 23.69 80.57 -37.54
CA LEU W 116 22.53 81.31 -37.03
C LEU W 116 22.67 81.53 -35.52
N TRP W 117 23.69 82.34 -35.20
CA TRP W 117 23.98 82.65 -33.81
C TRP W 117 22.96 83.63 -33.25
N GLY W 118 22.66 83.47 -31.96
CA GLY W 118 21.70 84.33 -31.30
C GLY W 118 22.26 85.71 -30.97
N CYS X 536 -27.82 -16.14 -68.12
CA CYS X 536 -27.04 -16.90 -67.14
C CYS X 536 -27.70 -16.83 -65.77
N SER X 537 -28.39 -15.72 -65.51
CA SER X 537 -29.10 -15.53 -64.25
C SER X 537 -30.12 -14.41 -64.45
N GLU X 538 -31.39 -14.72 -64.20
CA GLU X 538 -32.47 -13.79 -64.47
C GLU X 538 -32.86 -13.02 -63.20
N LEU X 539 -33.81 -12.11 -63.35
CA LEU X 539 -34.30 -11.30 -62.23
C LEU X 539 -35.83 -11.24 -62.31
N ILE X 540 -36.46 -12.40 -62.52
CA ILE X 540 -37.89 -12.43 -62.81
C ILE X 540 -38.71 -11.93 -61.63
N GLN X 541 -38.28 -12.24 -60.40
CA GLN X 541 -39.04 -11.82 -59.23
C GLN X 541 -38.94 -10.33 -58.98
N ALA X 542 -37.98 -9.63 -59.60
CA ALA X 542 -37.85 -8.18 -59.44
C ALA X 542 -37.72 -7.48 -60.80
N SER X 543 -38.11 -8.15 -61.88
CA SER X 543 -38.03 -7.53 -63.20
C SER X 543 -39.06 -6.41 -63.33
N SER X 544 -38.70 -5.39 -64.09
CA SER X 544 -39.58 -4.27 -64.37
C SER X 544 -39.65 -4.01 -65.86
N ARG X 545 -40.55 -3.10 -66.25
CA ARG X 545 -40.73 -2.73 -67.65
C ARG X 545 -39.59 -1.78 -68.03
N ILE X 546 -38.45 -2.37 -68.36
CA ILE X 546 -37.27 -1.61 -68.73
C ILE X 546 -37.36 -1.15 -70.18
N THR X 551 -43.57 1.81 -72.02
CA THR X 551 -43.76 2.64 -73.20
C THR X 551 -42.61 2.46 -74.19
N GLU X 552 -42.92 2.62 -75.47
CA GLU X 552 -41.89 2.45 -76.51
C GLU X 552 -40.84 3.55 -76.41
N GLY X 553 -39.58 3.16 -76.61
CA GLY X 553 -38.49 4.10 -76.59
C GLY X 553 -38.04 4.48 -75.19
N VAL X 554 -38.93 5.12 -74.43
CA VAL X 554 -38.55 5.58 -73.10
C VAL X 554 -38.37 4.39 -72.16
N ASN X 555 -37.70 4.65 -71.03
CA ASN X 555 -37.37 3.64 -70.05
C ASN X 555 -38.25 3.82 -68.82
N THR X 556 -38.81 2.72 -68.33
CA THR X 556 -39.67 2.70 -67.15
C THR X 556 -39.11 1.75 -66.10
N LYS X 557 -37.81 1.85 -65.85
CA LYS X 557 -37.19 1.04 -64.82
C LYS X 557 -37.76 1.40 -63.46
N CYS X 558 -37.98 0.38 -62.62
CA CYS X 558 -38.60 0.56 -61.32
C CYS X 558 -37.64 0.26 -60.17
N ARG X 559 -36.35 0.56 -60.36
CA ARG X 559 -35.34 0.41 -59.31
C ARG X 559 -35.30 -1.03 -58.80
N LEU X 560 -34.88 -1.91 -59.70
CA LEU X 560 -34.82 -3.35 -59.41
C LEU X 560 -34.14 -3.61 -58.08
N SER X 561 -34.90 -4.16 -57.14
CA SER X 561 -34.42 -4.34 -55.77
C SER X 561 -34.02 -5.77 -55.45
N GLY X 562 -34.47 -6.74 -56.25
CA GLY X 562 -34.15 -8.14 -55.99
C GLY X 562 -32.67 -8.44 -56.01
N THR X 563 -32.16 -9.02 -54.94
CA THR X 563 -30.76 -9.39 -54.87
C THR X 563 -30.49 -10.61 -55.74
N ALA X 564 -29.22 -10.77 -56.12
CA ALA X 564 -28.78 -11.90 -56.93
C ALA X 564 -27.70 -12.67 -56.18
N LEU X 565 -27.83 -13.99 -56.16
CA LEU X 565 -26.88 -14.88 -55.48
C LEU X 565 -26.27 -15.80 -56.53
N ILE X 566 -25.10 -15.42 -57.05
CA ILE X 566 -24.41 -16.20 -58.06
C ILE X 566 -22.97 -16.42 -57.62
N ARG X 567 -22.41 -17.54 -58.06
CA ARG X 567 -21.06 -17.94 -57.68
C ARG X 567 -20.03 -17.17 -58.49
N ALA X 568 -19.04 -16.62 -57.81
CA ALA X 568 -17.99 -15.86 -58.49
C ALA X 568 -17.15 -16.78 -59.35
N GLY X 569 -16.76 -16.29 -60.52
CA GLY X 569 -15.92 -17.07 -61.41
C GLY X 569 -14.50 -17.18 -60.89
N SER X 570 -13.75 -18.10 -61.51
CA SER X 570 -12.36 -18.31 -61.14
C SER X 570 -11.52 -17.10 -61.54
N VAL X 571 -10.23 -17.17 -61.21
CA VAL X 571 -9.33 -16.07 -61.54
C VAL X 571 -9.26 -15.90 -63.05
N GLY X 572 -9.57 -14.69 -63.52
CA GLY X 572 -9.65 -14.42 -64.94
C GLY X 572 -10.97 -14.79 -65.58
N ALA X 573 -11.90 -15.35 -64.83
CA ALA X 573 -13.22 -15.69 -65.35
C ALA X 573 -14.19 -14.54 -65.07
N GLU X 574 -15.44 -14.70 -65.53
CA GLU X 574 -16.43 -13.66 -65.37
C GLU X 574 -17.73 -14.25 -64.84
N ALA X 575 -18.49 -13.41 -64.15
CA ALA X 575 -19.83 -13.74 -63.70
C ALA X 575 -20.83 -12.97 -64.54
N CYS X 576 -21.89 -13.66 -64.98
CA CYS X 576 -22.82 -13.15 -65.98
C CYS X 576 -24.19 -12.92 -65.38
N LEU X 577 -24.87 -11.89 -65.89
CA LEU X 577 -26.24 -11.57 -65.50
C LEU X 577 -27.09 -11.41 -66.75
N MET X 578 -28.38 -11.72 -66.61
CA MET X 578 -29.35 -11.64 -67.70
C MET X 578 -30.43 -10.65 -67.32
N LEU X 579 -30.62 -9.64 -68.16
CA LEU X 579 -31.69 -8.65 -68.01
C LEU X 579 -32.53 -8.72 -69.28
N LYS X 580 -33.53 -9.59 -69.28
CA LYS X 580 -34.33 -9.85 -70.48
C LYS X 580 -35.59 -8.99 -70.47
N GLY X 581 -35.79 -8.25 -71.55
CA GLY X 581 -37.00 -7.46 -71.70
C GLY X 581 -37.88 -7.96 -72.83
N VAL X 582 -37.81 -7.29 -73.98
CA VAL X 582 -38.55 -7.69 -75.18
C VAL X 582 -37.57 -8.27 -76.17
N LYS X 583 -37.96 -9.37 -76.82
CA LYS X 583 -37.07 -10.05 -77.76
C LYS X 583 -36.65 -9.08 -78.87
N GLU X 584 -35.38 -9.20 -79.28
CA GLU X 584 -34.71 -8.29 -80.20
C GLU X 584 -34.57 -6.88 -79.63
N ASP X 585 -34.71 -6.73 -78.31
CA ASP X 585 -34.56 -5.46 -77.64
C ASP X 585 -33.99 -5.70 -76.25
N GLN X 586 -33.51 -4.62 -75.63
CA GLN X 586 -32.99 -4.63 -74.25
C GLN X 586 -31.80 -5.58 -74.22
N THR X 587 -31.87 -6.72 -73.51
CA THR X 587 -30.76 -7.66 -73.35
C THR X 587 -29.51 -6.96 -72.85
N LYS X 588 -29.61 -6.42 -71.63
CA LYS X 588 -28.51 -5.72 -70.99
C LYS X 588 -27.73 -6.70 -70.12
N PHE X 589 -26.42 -6.71 -70.27
CA PHE X 589 -25.54 -7.66 -69.60
C PHE X 589 -24.66 -6.93 -68.60
N LEU X 590 -24.72 -7.38 -67.34
CA LEU X 590 -23.83 -6.92 -66.29
C LEU X 590 -22.81 -8.01 -66.02
N LYS X 591 -21.53 -7.66 -66.12
CA LYS X 591 -20.47 -8.64 -65.99
C LYS X 591 -19.60 -8.33 -64.78
N ILE X 592 -19.15 -9.39 -64.10
CA ILE X 592 -18.23 -9.24 -62.98
C ILE X 592 -16.96 -10.03 -63.29
N LYS X 593 -15.95 -9.33 -63.82
CA LYS X 593 -14.66 -9.94 -64.11
C LYS X 593 -13.91 -10.18 -62.81
N THR X 594 -13.27 -11.33 -62.67
CA THR X 594 -12.44 -11.61 -61.51
C THR X 594 -10.99 -11.37 -61.92
N VAL X 595 -10.46 -10.20 -61.54
CA VAL X 595 -9.12 -9.82 -61.99
C VAL X 595 -8.06 -10.73 -61.37
N SER X 596 -7.97 -10.72 -60.04
CA SER X 596 -6.97 -11.53 -59.36
C SER X 596 -7.36 -11.70 -57.90
N SER X 597 -6.84 -12.77 -57.29
CA SER X 597 -7.01 -13.02 -55.87
C SER X 597 -5.63 -12.99 -55.23
N GLU X 598 -5.47 -12.14 -54.22
CA GLU X 598 -4.17 -11.95 -53.57
C GLU X 598 -4.33 -12.14 -52.06
N LEU X 599 -3.25 -12.60 -51.44
CA LEU X 599 -3.21 -12.79 -49.99
C LEU X 599 -2.49 -11.59 -49.38
N SER X 600 -3.26 -10.51 -49.19
CA SER X 600 -2.69 -9.28 -48.69
C SER X 600 -2.31 -9.42 -47.21
N CYS X 601 -1.50 -8.47 -46.75
CA CYS X 601 -0.99 -8.47 -45.38
C CYS X 601 -1.78 -7.50 -44.52
N ARG X 602 -1.98 -7.86 -43.26
CA ARG X 602 -2.58 -7.00 -42.25
C ARG X 602 -1.48 -6.61 -41.29
N GLU X 603 -0.96 -5.40 -41.44
CA GLU X 603 0.17 -4.96 -40.63
C GLU X 603 -0.24 -4.73 -39.19
N GLY X 604 0.68 -5.00 -38.27
CA GLY X 604 0.46 -4.75 -36.87
C GLY X 604 1.24 -3.53 -36.38
N GLN X 605 2.24 -3.76 -35.55
CA GLN X 605 3.09 -2.67 -35.10
C GLN X 605 4.07 -2.27 -36.19
N SER X 606 4.67 -1.10 -36.02
CA SER X 606 5.62 -0.58 -36.99
C SER X 606 6.51 0.46 -36.33
N TYR X 607 7.66 0.70 -36.95
CA TYR X 607 8.54 1.78 -36.51
C TYR X 607 9.40 2.20 -37.70
N TRP X 608 10.23 3.20 -37.49
CA TRP X 608 11.10 3.74 -38.52
C TRP X 608 12.55 3.74 -38.03
N THR X 609 13.48 3.69 -38.97
CA THR X 609 14.89 3.69 -38.63
C THR X 609 15.69 4.22 -39.80
N GLY X 610 16.94 4.59 -39.53
CA GLY X 610 17.82 5.13 -40.53
C GLY X 610 19.26 4.95 -40.14
N SER X 611 20.13 5.74 -40.76
CA SER X 611 21.57 5.70 -40.51
C SER X 611 21.97 6.89 -39.67
N PHE X 612 22.70 6.64 -38.58
CA PHE X 612 23.09 7.68 -37.65
C PHE X 612 24.58 7.60 -37.37
N SER X 613 25.19 8.75 -37.11
CA SER X 613 26.58 8.85 -36.72
C SER X 613 26.71 9.84 -35.56
N PRO X 614 27.63 9.60 -34.63
CA PRO X 614 27.75 10.49 -33.46
C PRO X 614 28.76 11.60 -33.65
N LYS X 615 28.53 12.69 -32.91
CA LYS X 615 29.47 13.79 -32.79
C LYS X 615 29.63 14.12 -31.32
N CYS X 616 30.88 14.30 -30.89
CA CYS X 616 31.19 14.49 -29.48
C CYS X 616 31.94 15.80 -29.27
N LEU X 617 31.57 16.49 -28.19
CA LEU X 617 32.27 17.68 -27.72
C LEU X 617 32.89 17.36 -26.37
N SER X 618 34.17 17.66 -26.22
CA SER X 618 34.92 17.31 -25.02
C SER X 618 35.47 18.56 -24.37
N SER X 619 35.52 18.53 -23.04
CA SER X 619 36.10 19.64 -22.26
C SER X 619 36.77 19.04 -21.04
N ARG X 620 38.07 19.28 -20.89
CA ARG X 620 38.85 18.71 -19.80
C ARG X 620 39.20 19.79 -18.79
N ARG X 621 38.81 19.58 -17.54
CA ARG X 621 39.09 20.51 -16.46
C ARG X 621 39.82 19.81 -15.33
N CYS X 622 40.70 20.56 -14.66
CA CYS X 622 41.44 20.04 -13.54
C CYS X 622 40.54 19.87 -12.32
N HIS X 623 41.07 19.25 -11.27
CA HIS X 623 40.27 18.97 -10.09
C HIS X 623 39.88 20.27 -9.39
N LEU X 624 38.72 20.22 -8.72
CA LEU X 624 38.14 21.36 -8.00
C LEU X 624 37.85 22.54 -8.93
N VAL X 625 37.63 22.29 -10.21
CA VAL X 625 37.27 23.32 -11.17
C VAL X 625 35.89 22.98 -11.72
N GLY X 626 34.94 23.89 -11.53
CA GLY X 626 33.58 23.65 -11.96
C GLY X 626 32.92 22.56 -11.15
N GLU X 627 32.61 21.43 -11.78
CA GLU X 627 32.04 20.27 -11.12
C GLU X 627 32.98 19.08 -11.20
N CYS X 628 34.28 19.34 -11.16
CA CYS X 628 35.27 18.28 -11.24
C CYS X 628 35.48 17.54 -9.93
N HIS X 629 34.60 17.72 -8.95
CA HIS X 629 34.64 16.89 -7.77
C HIS X 629 34.38 15.44 -8.16
N VAL X 630 35.12 14.53 -7.54
CA VAL X 630 35.04 13.12 -7.93
C VAL X 630 33.64 12.57 -7.67
N ASN X 631 33.01 12.97 -6.56
CA ASN X 631 31.66 12.51 -6.25
C ASN X 631 30.68 12.90 -7.35
N ARG X 632 30.80 14.13 -7.85
CA ARG X 632 30.02 14.52 -9.02
C ARG X 632 30.51 13.81 -10.28
N CYS X 633 31.79 13.44 -10.31
CA CYS X 633 32.36 12.87 -11.53
C CYS X 633 31.78 11.48 -11.82
N LEU X 634 31.74 10.60 -10.81
CA LEU X 634 31.21 9.26 -11.08
C LEU X 634 29.69 9.25 -11.15
N SER X 635 29.01 10.11 -10.40
CA SER X 635 27.56 10.11 -10.35
C SER X 635 26.92 10.98 -11.43
N TRP X 636 27.63 11.22 -12.53
CA TRP X 636 27.10 12.08 -13.59
C TRP X 636 25.95 11.39 -14.30
N ARG X 637 24.77 12.01 -14.27
CA ARG X 637 23.64 11.49 -15.00
C ARG X 637 23.80 11.72 -16.49
N ASP X 638 23.39 10.73 -17.29
CA ASP X 638 23.57 10.82 -18.73
C ASP X 638 22.70 11.89 -19.38
N ASN X 639 21.61 12.27 -18.73
CA ASN X 639 20.68 13.24 -19.30
C ASN X 639 20.93 14.67 -18.80
N GLU X 640 21.98 14.88 -18.02
CA GLU X 640 22.30 16.19 -17.46
C GLU X 640 23.48 16.78 -18.22
N THR X 641 23.32 18.01 -18.68
CA THR X 641 24.34 18.68 -19.49
C THR X 641 25.29 19.48 -18.60
N SER X 642 26.57 19.46 -18.98
CA SER X 642 27.57 20.24 -18.27
C SER X 642 27.46 21.72 -18.62
N ALA X 643 28.06 22.56 -17.78
CA ALA X 643 27.99 23.99 -17.99
C ALA X 643 28.92 24.46 -19.12
N GLU X 644 29.93 23.67 -19.46
CA GLU X 644 30.82 24.06 -20.55
C GLU X 644 30.11 24.08 -21.89
N PHE X 645 29.26 23.09 -22.14
CA PHE X 645 28.51 23.01 -23.40
C PHE X 645 27.14 23.67 -23.29
N SER X 646 27.12 24.92 -22.83
CA SER X 646 25.88 25.66 -22.74
C SER X 646 25.49 26.34 -24.03
N PHE X 647 26.41 26.47 -24.99
CA PHE X 647 26.03 26.99 -26.29
C PHE X 647 25.10 26.04 -27.02
N VAL X 648 25.18 24.75 -26.72
CA VAL X 648 24.18 23.82 -27.19
C VAL X 648 22.81 24.20 -26.64
N GLY X 649 22.77 24.52 -25.34
CA GLY X 649 21.53 24.97 -24.73
C GLY X 649 20.47 23.89 -24.79
N GLU X 650 19.29 24.26 -25.28
CA GLU X 650 18.17 23.35 -25.41
C GLU X 650 18.13 22.85 -26.85
N SER X 651 18.16 21.52 -27.02
CA SER X 651 18.12 20.91 -28.33
C SER X 651 17.22 19.69 -28.29
N THR X 652 16.62 19.37 -29.43
CA THR X 652 15.73 18.23 -29.55
C THR X 652 16.42 16.98 -30.05
N THR X 653 17.72 17.05 -30.33
CA THR X 653 18.44 15.91 -30.85
C THR X 653 18.71 14.88 -29.76
N MET X 654 18.81 13.61 -30.16
CA MET X 654 19.24 12.57 -29.23
C MET X 654 20.65 12.85 -28.77
N ARG X 655 20.85 12.81 -27.45
CA ARG X 655 22.15 13.18 -26.91
C ARG X 655 22.34 12.54 -25.55
N GLU X 656 23.60 12.44 -25.15
CA GLU X 656 23.97 11.91 -23.85
C GLU X 656 25.25 12.59 -23.38
N ASN X 657 25.47 12.57 -22.07
CA ASN X 657 26.61 13.23 -21.46
C ASN X 657 27.31 12.25 -20.52
N LYS X 658 28.63 12.19 -20.64
CA LYS X 658 29.46 11.33 -19.81
C LYS X 658 30.59 12.14 -19.19
N CYS X 659 31.13 11.62 -18.09
CA CYS X 659 32.27 12.22 -17.41
C CYS X 659 33.29 11.13 -17.12
N PHE X 660 34.55 11.38 -17.50
CA PHE X 660 35.61 10.40 -17.33
C PHE X 660 36.74 10.98 -16.50
N GLU X 661 37.18 10.24 -15.50
CA GLU X 661 38.34 10.62 -14.71
C GLU X 661 39.62 10.41 -15.50
N GLN X 662 40.57 11.31 -15.31
CA GLN X 662 41.88 11.18 -15.93
C GLN X 662 42.98 11.35 -14.89
N CYS X 663 44.22 11.45 -15.35
CA CYS X 663 45.34 11.66 -14.44
C CYS X 663 45.25 13.02 -13.75
N GLY X 664 45.89 13.11 -12.59
CA GLY X 664 46.02 14.36 -11.85
C GLY X 664 47.42 14.56 -11.34
N GLY X 665 48.07 15.63 -11.80
CA GLY X 665 49.45 15.87 -11.44
C GLY X 665 50.13 16.73 -12.49
N TRP X 666 51.30 17.25 -12.10
CA TRP X 666 51.99 18.21 -12.96
C TRP X 666 52.35 17.60 -14.32
N GLY X 667 52.62 16.30 -14.35
CA GLY X 667 52.81 15.64 -15.64
C GLY X 667 51.53 15.61 -16.46
N CYS X 668 50.40 15.41 -15.80
CA CYS X 668 49.12 15.45 -16.50
C CYS X 668 48.81 16.85 -17.00
N GLY X 669 49.09 17.87 -16.20
CA GLY X 669 48.86 19.24 -16.61
C GLY X 669 48.24 20.10 -15.53
N CYS X 670 47.88 19.48 -14.41
CA CYS X 670 47.19 20.15 -13.32
C CYS X 670 48.02 20.04 -12.04
N PHE X 671 48.11 21.14 -11.29
CA PHE X 671 48.92 21.13 -10.08
C PHE X 671 48.37 20.14 -9.06
N ASN X 672 47.06 20.06 -8.92
CA ASN X 672 46.47 19.11 -7.99
C ASN X 672 46.76 17.67 -8.43
N VAL X 673 46.85 16.78 -7.44
CA VAL X 673 47.13 15.37 -7.73
C VAL X 673 45.87 14.52 -7.76
N ASN X 674 44.74 15.03 -7.30
CA ASN X 674 43.48 14.33 -7.46
C ASN X 674 43.13 14.25 -8.94
N PRO X 675 42.35 13.25 -9.35
CA PRO X 675 42.09 13.07 -10.78
C PRO X 675 41.25 14.20 -11.36
N SER X 676 41.60 14.60 -12.58
CA SER X 676 40.87 15.63 -13.29
C SER X 676 39.61 15.03 -13.89
N CYS X 677 38.88 15.81 -14.69
CA CYS X 677 37.66 15.34 -15.31
C CYS X 677 37.64 15.72 -16.79
N LEU X 678 37.00 14.87 -17.58
CA LEU X 678 36.73 15.13 -18.99
C LEU X 678 35.24 14.95 -19.21
N PHE X 679 34.56 16.03 -19.56
CA PHE X 679 33.14 16.01 -19.85
C PHE X 679 32.93 15.86 -21.34
N VAL X 680 32.08 14.91 -21.72
CA VAL X 680 31.81 14.62 -23.12
C VAL X 680 30.31 14.71 -23.36
N HIS X 681 29.92 15.43 -24.40
CA HIS X 681 28.53 15.54 -24.84
C HIS X 681 28.43 15.00 -26.25
N THR X 682 27.66 13.94 -26.44
CA THR X 682 27.53 13.29 -27.73
C THR X 682 26.11 13.40 -28.24
N TYR X 683 25.97 13.70 -29.52
CA TYR X 683 24.67 13.74 -30.17
C TYR X 683 24.74 13.02 -31.51
N LEU X 684 23.67 12.29 -31.83
CA LEU X 684 23.57 11.55 -33.07
C LEU X 684 22.99 12.42 -34.17
N GLN X 685 23.47 12.24 -35.39
CA GLN X 685 22.93 12.94 -36.54
C GLN X 685 22.75 11.96 -37.70
N SER X 686 21.72 12.20 -38.50
CA SER X 686 21.42 11.32 -39.61
C SER X 686 22.38 11.54 -40.77
N VAL X 687 22.89 10.45 -41.33
CA VAL X 687 23.85 10.51 -42.41
C VAL X 687 23.12 10.69 -43.74
N ARG X 688 22.25 9.74 -44.07
CA ARG X 688 21.49 9.77 -45.30
C ARG X 688 20.12 10.39 -45.07
N LYS X 689 19.61 11.06 -46.11
CA LYS X 689 18.31 11.70 -46.05
C LYS X 689 17.19 10.75 -46.49
N GLU X 690 17.16 9.57 -45.88
CA GLU X 690 16.14 8.56 -46.17
C GLU X 690 15.84 7.79 -44.90
N ALA X 691 14.67 7.16 -44.87
CA ALA X 691 14.26 6.37 -43.73
C ALA X 691 13.61 5.08 -44.22
N LEU X 692 13.63 4.07 -43.37
CA LEU X 692 13.03 2.77 -43.67
C LEU X 692 12.00 2.44 -42.60
N ARG X 693 10.87 1.89 -43.03
CA ARG X 693 9.79 1.51 -42.13
C ARG X 693 9.78 0.00 -41.93
N VAL X 694 9.89 -0.44 -40.69
CA VAL X 694 9.93 -1.86 -40.35
C VAL X 694 8.61 -2.22 -39.69
N PHE X 695 7.95 -3.25 -40.21
CA PHE X 695 6.66 -3.69 -39.69
C PHE X 695 6.59 -5.21 -39.74
N ASN X 696 5.45 -5.74 -39.32
CA ASN X 696 5.20 -7.18 -39.31
C ASN X 696 3.75 -7.45 -39.71
N CYS X 697 3.51 -8.64 -40.24
CA CYS X 697 2.18 -9.07 -40.64
C CYS X 697 1.65 -10.06 -39.62
N ILE X 698 0.66 -9.64 -38.84
CA ILE X 698 0.07 -10.54 -37.85
C ILE X 698 -0.72 -11.65 -38.53
N ASP X 699 -1.40 -11.33 -39.62
CA ASP X 699 -2.17 -12.33 -40.35
C ASP X 699 -2.35 -11.87 -41.78
N TRP X 700 -2.65 -12.83 -42.66
CA TRP X 700 -2.89 -12.57 -44.07
C TRP X 700 -4.37 -12.80 -44.37
N VAL X 701 -4.93 -11.93 -45.22
CA VAL X 701 -6.35 -11.94 -45.52
C VAL X 701 -6.55 -12.12 -47.01
N HIS X 702 -7.51 -12.97 -47.39
CA HIS X 702 -7.87 -13.12 -48.78
C HIS X 702 -8.52 -11.84 -49.29
N LYS X 703 -8.24 -11.49 -50.53
CA LYS X 703 -8.64 -10.20 -51.06
C LYS X 703 -8.88 -10.34 -52.56
N LEU X 704 -10.12 -10.09 -53.00
CA LEU X 704 -10.54 -10.30 -54.37
C LEU X 704 -10.71 -8.96 -55.08
N THR X 705 -10.16 -8.87 -56.30
CA THR X 705 -10.31 -7.70 -57.14
C THR X 705 -11.30 -8.02 -58.26
N LEU X 706 -12.31 -7.17 -58.43
CA LEU X 706 -13.36 -7.37 -59.41
C LEU X 706 -13.40 -6.18 -60.36
N GLU X 707 -13.75 -6.46 -61.61
CA GLU X 707 -13.97 -5.44 -62.64
C GLU X 707 -15.45 -5.47 -62.98
N ILE X 708 -16.14 -4.38 -62.68
CA ILE X 708 -17.59 -4.32 -62.80
C ILE X 708 -17.95 -3.75 -64.17
N THR X 709 -18.17 -4.64 -65.14
CA THR X 709 -18.66 -4.24 -66.45
C THR X 709 -20.14 -3.89 -66.29
N ASP X 710 -20.40 -2.62 -66.01
CA ASP X 710 -21.74 -2.14 -65.74
C ASP X 710 -22.53 -1.96 -67.03
N PHE X 711 -23.84 -1.73 -66.87
CA PHE X 711 -24.69 -1.48 -68.02
C PHE X 711 -24.30 -0.18 -68.71
N ASP X 712 -23.98 -0.27 -70.00
CA ASP X 712 -23.58 0.89 -70.80
C ASP X 712 -22.37 1.60 -70.19
N GLY X 713 -21.27 0.87 -70.12
CA GLY X 713 -20.05 1.42 -69.56
C GLY X 713 -19.40 0.50 -68.54
N SER X 714 -18.13 0.18 -68.73
CA SER X 714 -17.41 -0.75 -67.87
C SER X 714 -16.31 -0.07 -67.06
N VAL X 715 -16.47 1.22 -66.76
CA VAL X 715 -15.46 1.96 -65.98
C VAL X 715 -15.84 1.76 -64.51
N SER X 716 -15.41 0.61 -63.96
CA SER X 716 -15.64 0.31 -62.55
C SER X 716 -14.73 -0.85 -62.16
N THR X 717 -13.82 -0.60 -61.22
CA THR X 717 -12.97 -1.63 -60.66
C THR X 717 -12.97 -1.49 -59.14
N ILE X 718 -13.19 -2.60 -58.43
CA ILE X 718 -13.31 -2.57 -56.99
C ILE X 718 -12.45 -3.69 -56.41
N ASP X 719 -12.14 -3.57 -55.12
CA ASP X 719 -11.36 -4.56 -54.39
C ASP X 719 -11.97 -4.74 -53.02
N LEU X 720 -12.12 -5.99 -52.58
CA LEU X 720 -12.79 -6.22 -51.30
C LEU X 720 -12.37 -7.57 -50.72
N GLY X 721 -12.56 -7.71 -49.41
CA GLY X 721 -12.13 -8.87 -48.67
C GLY X 721 -13.28 -9.80 -48.33
N ALA X 722 -13.03 -10.65 -47.33
CA ALA X 722 -14.01 -11.66 -46.95
C ALA X 722 -15.12 -11.04 -46.10
N SER X 723 -16.36 -11.44 -46.39
CA SER X 723 -17.54 -11.00 -45.64
C SER X 723 -17.61 -9.47 -45.58
N SER X 724 -17.30 -8.83 -46.70
CA SER X 724 -17.30 -7.37 -46.80
C SER X 724 -18.13 -6.95 -48.00
N SER X 725 -18.72 -5.76 -47.90
CA SER X 725 -19.51 -5.18 -48.96
C SER X 725 -18.99 -3.80 -49.30
N ARG X 726 -19.11 -3.43 -50.57
CA ARG X 726 -18.70 -2.14 -51.07
C ARG X 726 -19.90 -1.45 -51.71
N PHE X 727 -20.13 -0.20 -51.31
CA PHE X 727 -21.28 0.58 -51.78
C PHE X 727 -20.94 1.20 -53.13
N THR X 728 -21.08 0.40 -54.18
CA THR X 728 -20.85 0.86 -55.54
C THR X 728 -22.08 1.62 -56.03
N ASN X 729 -22.14 1.89 -57.32
CA ASN X 729 -23.37 2.42 -57.90
C ASN X 729 -24.45 1.34 -57.89
N TRP X 730 -25.68 1.76 -58.21
CA TRP X 730 -26.86 0.89 -58.25
C TRP X 730 -26.95 -0.05 -57.04
N GLY X 731 -26.54 0.42 -55.87
CA GLY X 731 -26.63 -0.40 -54.68
C GLY X 731 -25.29 -0.74 -54.07
N SER X 732 -25.02 -2.04 -53.87
CA SER X 732 -23.77 -2.46 -53.27
C SER X 732 -23.48 -3.89 -53.71
N VAL X 733 -22.21 -4.27 -53.58
CA VAL X 733 -21.75 -5.61 -53.93
C VAL X 733 -21.06 -6.20 -52.72
N SER X 734 -21.48 -7.41 -52.32
CA SER X 734 -20.92 -8.05 -51.14
C SER X 734 -20.23 -9.35 -51.57
N LEU X 735 -19.21 -9.74 -50.81
CA LEU X 735 -18.49 -10.98 -51.06
C LEU X 735 -18.57 -11.88 -49.83
N SER X 736 -18.93 -13.14 -50.05
CA SER X 736 -19.00 -14.09 -48.96
C SER X 736 -17.62 -14.65 -48.63
N LEU X 737 -17.01 -15.35 -49.58
CA LEU X 737 -15.71 -15.98 -49.43
C LEU X 737 -15.67 -16.77 -48.12
N ASP X 738 -16.51 -17.80 -48.06
CA ASP X 738 -16.72 -18.56 -46.83
C ASP X 738 -15.66 -19.62 -46.58
N ALA X 739 -14.81 -19.93 -47.56
CA ALA X 739 -13.83 -20.99 -47.41
C ALA X 739 -12.83 -20.69 -46.31
N GLU X 740 -12.02 -19.64 -46.50
CA GLU X 740 -10.98 -19.30 -45.54
C GLU X 740 -10.80 -17.79 -45.51
N GLY X 741 -11.06 -17.18 -44.36
CA GLY X 741 -10.84 -15.76 -44.18
C GLY X 741 -9.46 -15.39 -43.69
N ILE X 742 -8.55 -16.36 -43.55
CA ILE X 742 -7.23 -16.11 -43.01
C ILE X 742 -6.31 -17.21 -43.49
N SER X 743 -5.00 -16.97 -43.44
CA SER X 743 -4.01 -17.95 -43.86
C SER X 743 -2.85 -18.00 -42.89
N GLY X 744 -3.14 -17.98 -41.59
CA GLY X 744 -2.11 -18.12 -40.58
C GLY X 744 -1.31 -16.85 -40.38
N SER X 745 -0.16 -17.03 -39.72
CA SER X 745 0.72 -15.91 -39.36
C SER X 745 2.15 -16.17 -39.78
N ASN X 746 3.07 -15.31 -39.34
CA ASN X 746 4.48 -15.45 -39.70
C ASN X 746 5.33 -14.86 -38.59
N SER X 747 6.64 -15.12 -38.67
CA SER X 747 7.60 -14.67 -37.67
C SER X 747 8.81 -14.03 -38.32
N PHE X 748 8.60 -13.33 -39.43
CA PHE X 748 9.63 -12.53 -40.07
C PHE X 748 9.30 -11.04 -39.88
N SER X 749 10.10 -10.19 -40.50
CA SER X 749 9.81 -8.76 -40.49
C SER X 749 9.94 -8.21 -41.90
N PHE X 750 9.25 -7.11 -42.18
CA PHE X 750 9.24 -6.52 -43.50
C PHE X 750 9.68 -5.07 -43.43
N ILE X 751 10.40 -4.66 -44.47
CA ILE X 751 10.97 -3.31 -44.58
C ILE X 751 10.34 -2.63 -45.79
N GLU X 752 10.01 -1.36 -45.65
CA GLU X 752 9.47 -0.56 -46.74
C GLU X 752 10.34 0.68 -46.90
N SER X 753 10.82 0.90 -48.11
CA SER X 753 11.46 2.15 -48.46
C SER X 753 10.53 2.95 -49.36
N PRO X 754 9.98 4.07 -48.89
CA PRO X 754 8.97 4.80 -49.66
C PRO X 754 9.52 5.27 -51.00
N GLY X 755 8.78 4.97 -52.07
CA GLY X 755 9.23 5.29 -53.40
C GLY X 755 10.28 4.35 -53.95
N LYS X 756 10.64 3.30 -53.21
CA LYS X 756 11.66 2.37 -53.65
C LYS X 756 11.25 0.90 -53.56
N GLY X 757 10.34 0.54 -52.67
CA GLY X 757 9.83 -0.82 -52.66
C GLY X 757 9.82 -1.41 -51.28
N TYR X 758 9.88 -2.73 -51.21
CA TYR X 758 9.82 -3.48 -49.97
C TYR X 758 10.95 -4.51 -49.92
N ALA X 759 11.06 -5.16 -48.78
CA ALA X 759 12.08 -6.17 -48.53
C ALA X 759 11.67 -6.99 -47.32
N ILE X 760 12.34 -8.12 -47.12
CA ILE X 760 12.06 -9.04 -46.04
C ILE X 760 13.33 -9.31 -45.25
N VAL X 761 13.23 -9.28 -43.93
CA VAL X 761 14.34 -9.64 -43.05
C VAL X 761 13.90 -10.79 -42.16
N ASP X 762 14.82 -11.73 -41.97
CA ASP X 762 14.54 -13.00 -41.30
C ASP X 762 14.80 -12.92 -39.80
N GLU X 763 14.21 -11.93 -39.15
CA GLU X 763 14.26 -11.81 -37.70
C GLU X 763 12.87 -11.57 -37.16
N PRO X 764 12.58 -12.03 -35.95
CA PRO X 764 11.29 -11.71 -35.32
C PRO X 764 11.18 -10.22 -35.06
N PHE X 765 9.96 -9.72 -35.18
CA PHE X 765 9.69 -8.30 -34.94
C PHE X 765 9.72 -8.06 -33.43
N SER X 766 10.73 -7.33 -32.97
CA SER X 766 10.90 -7.03 -31.56
C SER X 766 10.50 -5.58 -31.29
N GLU X 767 9.64 -5.38 -30.30
CA GLU X 767 9.18 -4.04 -29.92
C GLU X 767 10.14 -3.34 -28.97
N ILE X 768 11.20 -4.01 -28.55
CA ILE X 768 12.22 -3.42 -27.66
C ILE X 768 13.53 -3.39 -28.42
N PRO X 769 14.20 -2.24 -28.51
CA PRO X 769 15.46 -2.17 -29.27
C PRO X 769 16.52 -3.09 -28.68
N ARG X 770 17.33 -3.66 -29.55
CA ARG X 770 18.38 -4.59 -29.15
C ARG X 770 19.67 -4.24 -29.85
N GLN X 771 20.77 -4.23 -29.11
CA GLN X 771 22.07 -3.91 -29.68
C GLN X 771 22.51 -5.00 -30.65
N GLY X 772 23.04 -4.59 -31.79
CA GLY X 772 23.52 -5.55 -32.78
C GLY X 772 22.46 -6.14 -33.67
N PHE X 773 21.22 -5.68 -33.58
CA PHE X 773 20.13 -6.13 -34.42
C PHE X 773 19.59 -4.97 -35.25
N LEU X 774 18.52 -5.23 -35.99
CA LEU X 774 17.82 -4.17 -36.70
C LEU X 774 16.94 -3.39 -35.74
N GLY X 775 16.74 -2.10 -36.05
CA GLY X 775 15.92 -1.26 -35.20
C GLY X 775 16.51 -1.03 -33.83
N GLU X 776 17.84 -0.94 -33.74
CA GLU X 776 18.47 -0.58 -32.47
C GLU X 776 18.13 0.85 -32.08
N ILE X 777 18.07 1.74 -33.06
CA ILE X 777 17.54 3.09 -32.88
C ILE X 777 16.27 3.18 -33.72
N ARG X 778 15.12 3.34 -33.06
CA ARG X 778 13.84 3.36 -33.74
C ARG X 778 13.06 4.61 -33.35
N CYS X 779 12.28 5.11 -34.30
CA CYS X 779 11.46 6.29 -34.10
C CYS X 779 10.01 6.01 -34.45
N ASN X 780 9.18 7.05 -34.49
CA ASN X 780 7.76 6.90 -34.81
C ASN X 780 7.37 7.58 -36.11
N SER X 781 8.29 8.28 -36.76
CA SER X 781 7.96 8.96 -38.01
C SER X 781 9.25 9.18 -38.80
N GLU X 782 9.07 9.45 -40.09
CA GLU X 782 10.22 9.68 -40.95
C GLU X 782 10.94 10.97 -40.58
N SER X 783 10.20 11.99 -40.15
CA SER X 783 10.83 13.24 -39.75
C SER X 783 11.72 13.05 -38.53
N SER X 784 11.26 12.25 -37.56
CA SER X 784 12.07 11.99 -36.38
C SER X 784 13.37 11.28 -36.76
N VAL X 785 13.30 10.35 -37.71
CA VAL X 785 14.51 9.67 -38.16
C VAL X 785 15.45 10.65 -38.86
N LEU X 786 14.90 11.46 -39.77
CA LEU X 786 15.76 12.37 -40.54
C LEU X 786 16.29 13.52 -39.71
N SER X 787 15.70 13.79 -38.55
CA SER X 787 16.15 14.88 -37.69
C SER X 787 16.79 14.39 -36.40
N ALA X 788 16.90 13.07 -36.21
CA ALA X 788 17.50 12.49 -35.00
C ALA X 788 16.83 13.03 -33.74
N HIS X 789 15.50 13.08 -33.78
CA HIS X 789 14.74 13.66 -32.67
C HIS X 789 14.91 12.84 -31.40
N GLU X 790 14.80 13.51 -30.25
CA GLU X 790 15.04 12.86 -28.98
C GLU X 790 13.95 11.87 -28.60
N SER X 791 12.79 11.95 -29.24
CA SER X 791 11.70 11.00 -28.96
C SER X 791 12.00 9.60 -29.44
N CYS X 792 13.02 9.43 -30.28
CA CYS X 792 13.41 8.10 -30.75
C CYS X 792 13.95 7.27 -29.60
N LEU X 793 13.61 5.98 -29.61
CA LEU X 793 14.13 5.06 -28.62
C LEU X 793 15.39 4.37 -29.13
N ARG X 794 16.28 4.03 -28.20
CA ARG X 794 17.51 3.33 -28.56
C ARG X 794 17.92 2.46 -27.37
N ALA X 795 18.70 1.44 -27.68
CA ALA X 795 19.19 0.50 -26.68
C ALA X 795 20.30 1.13 -25.84
N PRO X 796 20.54 0.61 -24.64
CA PRO X 796 21.65 1.11 -23.83
C PRO X 796 23.00 0.77 -24.43
N ASN X 797 24.00 1.60 -24.12
CA ASN X 797 25.40 1.39 -24.52
C ASN X 797 25.55 1.11 -26.02
N LEU X 798 25.22 2.11 -26.82
CA LEU X 798 25.54 2.04 -28.25
C LEU X 798 26.82 2.77 -28.62
N ILE X 799 27.23 3.76 -27.85
CA ILE X 799 28.34 4.62 -28.23
C ILE X 799 29.61 4.10 -27.56
N SER X 800 30.67 3.95 -28.34
CA SER X 800 31.96 3.50 -27.85
C SER X 800 32.88 4.70 -27.68
N TYR X 801 33.44 4.85 -26.48
CA TYR X 801 34.25 6.00 -26.10
C TYR X 801 35.70 5.57 -25.93
N LYS X 802 36.61 6.34 -26.51
CA LYS X 802 38.05 6.09 -26.45
C LYS X 802 38.69 7.34 -25.87
N PRO X 803 38.74 7.47 -24.54
CA PRO X 803 39.30 8.67 -23.88
C PRO X 803 40.82 8.64 -23.77
N MET X 804 41.49 8.38 -24.89
CA MET X 804 42.94 8.43 -24.89
C MET X 804 43.42 9.86 -24.71
N ILE X 805 44.62 9.99 -24.14
CA ILE X 805 45.04 11.25 -23.54
C ILE X 805 45.20 12.37 -24.56
N ASP X 806 45.39 12.07 -25.84
CA ASP X 806 45.57 13.12 -26.83
C ASP X 806 44.21 13.70 -27.26
N GLN X 807 43.35 12.87 -27.84
CA GLN X 807 42.01 13.29 -28.20
C GLN X 807 41.05 12.13 -28.01
N LEU X 808 39.81 12.47 -27.68
CA LEU X 808 38.77 11.46 -27.49
C LEU X 808 38.27 10.95 -28.84
N GLU X 809 37.94 9.67 -28.89
CA GLU X 809 37.37 9.05 -30.08
C GLU X 809 35.98 8.54 -29.75
N CYS X 810 34.95 9.16 -30.31
CA CYS X 810 33.57 8.74 -30.16
C CYS X 810 33.17 8.01 -31.43
N THR X 811 32.88 6.72 -31.33
CA THR X 811 32.52 5.97 -32.52
C THR X 811 31.66 4.78 -32.13
N THR X 812 30.90 4.27 -33.10
CA THR X 812 30.03 3.14 -32.85
C THR X 812 29.87 2.33 -34.11
N ASN X 813 29.51 1.06 -33.94
CA ASN X 813 29.22 0.16 -35.05
C ASN X 813 27.72 -0.11 -35.05
N LEU X 814 27.05 0.32 -36.12
CA LEU X 814 25.61 0.24 -36.24
C LEU X 814 25.24 -0.53 -37.50
N ILE X 815 24.25 -1.40 -37.39
CA ILE X 815 23.76 -2.12 -38.55
C ILE X 815 23.16 -1.14 -39.53
N ASP X 816 23.69 -1.11 -40.73
CA ASP X 816 23.15 -0.23 -41.77
C ASP X 816 21.82 -0.80 -42.24
N PRO X 817 20.69 -0.15 -41.94
CA PRO X 817 19.41 -0.70 -42.39
C PRO X 817 19.27 -0.75 -43.91
N PHE X 818 19.95 0.14 -44.62
CA PHE X 818 19.86 0.14 -46.08
C PHE X 818 20.51 -1.08 -46.68
N VAL X 819 21.62 -1.54 -46.08
CA VAL X 819 22.27 -2.75 -46.55
C VAL X 819 21.35 -3.96 -46.39
N VAL X 820 20.71 -4.06 -45.22
CA VAL X 820 19.79 -5.17 -44.96
C VAL X 820 18.58 -5.07 -45.89
N PHE X 821 18.13 -3.85 -46.18
CA PHE X 821 17.03 -3.66 -47.11
C PHE X 821 17.39 -4.14 -48.51
N GLU X 822 18.60 -3.80 -48.98
CA GLU X 822 19.02 -4.23 -50.30
C GLU X 822 19.28 -5.73 -50.36
N ARG X 823 19.67 -6.33 -49.23
CA ARG X 823 19.96 -7.76 -49.21
C ARG X 823 18.72 -8.59 -49.47
N GLY X 824 17.57 -8.17 -48.93
CA GLY X 824 16.38 -8.99 -48.95
C GLY X 824 15.20 -8.44 -49.72
N SER X 825 15.44 -7.88 -50.90
CA SER X 825 14.35 -7.38 -51.74
C SER X 825 13.26 -8.42 -51.88
N LEU X 826 12.03 -7.95 -52.10
CA LEU X 826 10.84 -8.78 -51.86
C LEU X 826 10.83 -10.13 -52.57
N PRO X 827 11.18 -10.25 -53.87
CA PRO X 827 10.96 -11.55 -54.54
C PRO X 827 11.84 -12.64 -53.93
N GLN X 828 11.44 -13.08 -52.75
CA GLN X 828 12.15 -14.09 -51.97
C GLN X 828 11.16 -15.16 -51.54
N THR X 829 11.60 -16.41 -51.55
CA THR X 829 10.78 -17.53 -51.13
C THR X 829 11.32 -18.10 -49.83
N ARG X 830 10.47 -18.16 -48.81
CA ARG X 830 10.83 -18.74 -47.52
C ARG X 830 9.82 -19.82 -47.19
N ASN X 831 10.31 -21.05 -46.97
CA ASN X 831 9.50 -22.23 -46.70
C ASN X 831 8.23 -22.26 -47.56
N ASP X 832 8.41 -22.00 -48.86
CA ASP X 832 7.35 -22.06 -49.86
C ASP X 832 6.24 -21.05 -49.53
N LYS X 833 6.62 -19.77 -49.52
CA LYS X 833 5.65 -18.70 -49.33
C LYS X 833 5.76 -17.61 -50.39
N THR X 834 6.96 -17.31 -50.85
CA THR X 834 7.21 -16.40 -51.98
C THR X 834 6.46 -15.07 -51.80
N PHE X 835 6.85 -14.32 -50.78
CA PHE X 835 6.34 -12.98 -50.60
C PHE X 835 6.81 -12.08 -51.73
N ALA X 836 5.93 -11.17 -52.16
CA ALA X 836 6.23 -10.28 -53.26
C ALA X 836 5.36 -9.04 -53.15
N ALA X 837 5.70 -8.03 -53.94
CA ALA X 837 5.00 -6.74 -53.89
C ALA X 837 3.64 -6.86 -54.54
N SER X 838 2.61 -6.33 -53.86
CA SER X 838 1.28 -6.30 -54.44
C SER X 838 1.22 -5.31 -55.59
N LYS X 839 0.28 -5.52 -56.50
CA LYS X 839 0.13 -4.64 -57.64
C LYS X 839 -0.17 -3.22 -57.16
N GLY X 840 0.52 -2.25 -57.75
CA GLY X 840 0.46 -0.89 -57.29
C GLY X 840 1.41 -0.56 -56.15
N ASN X 841 2.27 -1.51 -55.77
CA ASN X 841 3.27 -1.34 -54.70
C ASN X 841 2.67 -0.74 -53.43
N ARG X 842 1.49 -1.22 -53.06
CA ARG X 842 0.81 -0.76 -51.86
C ARG X 842 0.89 -1.76 -50.72
N GLY X 843 1.70 -2.80 -50.85
CA GLY X 843 1.82 -3.78 -49.78
C GLY X 843 2.58 -5.00 -50.26
N VAL X 844 2.42 -6.10 -49.51
CA VAL X 844 3.08 -7.35 -49.82
C VAL X 844 2.02 -8.45 -49.92
N GLN X 845 2.36 -9.52 -50.64
CA GLN X 845 1.49 -10.66 -50.85
C GLN X 845 2.08 -11.89 -50.18
N ALA X 846 1.43 -13.04 -50.39
CA ALA X 846 1.93 -14.31 -49.88
C ALA X 846 1.36 -15.41 -50.78
N PHE X 847 2.18 -15.90 -51.70
CA PHE X 847 1.76 -16.95 -52.63
C PHE X 847 1.89 -18.30 -51.95
N SER X 848 0.76 -18.90 -51.57
CA SER X 848 0.76 -20.19 -50.92
C SER X 848 -0.28 -21.10 -51.56
N LYS X 849 -0.04 -22.40 -51.47
CA LYS X 849 -0.97 -23.37 -52.02
C LYS X 849 -2.30 -23.32 -51.27
N GLY X 850 -3.39 -23.25 -52.03
CA GLY X 850 -4.70 -23.20 -51.42
C GLY X 850 -5.74 -22.75 -52.44
N SER X 851 -6.98 -22.73 -51.98
CA SER X 851 -8.10 -22.31 -52.79
C SER X 851 -9.22 -21.80 -51.89
N VAL X 852 -10.11 -21.00 -52.47
CA VAL X 852 -11.23 -20.43 -51.73
C VAL X 852 -12.49 -20.56 -52.57
N GLN X 853 -13.63 -20.48 -51.89
CA GLN X 853 -14.95 -20.47 -52.52
C GLN X 853 -15.57 -19.09 -52.32
N ALA X 854 -15.89 -18.42 -53.42
CA ALA X 854 -16.41 -17.08 -53.38
C ALA X 854 -17.81 -17.05 -53.98
N ASP X 855 -18.77 -16.51 -53.22
CA ASP X 855 -20.16 -16.38 -53.65
C ASP X 855 -20.58 -14.94 -53.43
N LEU X 856 -20.30 -14.08 -54.40
CA LEU X 856 -20.63 -12.67 -54.26
C LEU X 856 -22.11 -12.43 -54.57
N THR X 857 -22.66 -11.41 -53.91
CA THR X 857 -24.07 -11.07 -54.01
C THR X 857 -24.25 -9.64 -54.45
N LEU X 858 -25.12 -9.42 -55.42
CA LEU X 858 -25.57 -8.10 -55.79
C LEU X 858 -26.81 -7.73 -54.99
N MET X 859 -27.16 -6.45 -54.99
CA MET X 859 -28.37 -6.00 -54.30
C MET X 859 -28.79 -4.66 -54.88
N PHE X 860 -30.11 -4.52 -55.11
CA PHE X 860 -30.70 -3.29 -55.63
C PHE X 860 -30.07 -2.86 -56.95
N ASP X 861 -29.61 -3.82 -57.75
CA ASP X 861 -28.92 -3.51 -59.00
C ASP X 861 -29.90 -2.89 -59.98
N ASN X 862 -29.77 -1.58 -60.22
CA ASN X 862 -30.65 -0.86 -61.13
C ASN X 862 -29.79 0.13 -61.94
N PHE X 863 -29.61 -0.18 -63.23
CA PHE X 863 -28.88 0.71 -64.12
C PHE X 863 -29.48 0.54 -65.52
N GLU X 864 -30.44 1.40 -65.84
CA GLU X 864 -31.15 1.30 -67.12
C GLU X 864 -31.40 2.70 -67.67
N VAL X 865 -31.39 2.78 -69.00
CA VAL X 865 -31.65 4.02 -69.72
C VAL X 865 -32.68 3.74 -70.81
N ASP X 866 -33.02 4.78 -71.57
CA ASP X 866 -34.05 4.69 -72.60
C ASP X 866 -33.50 4.52 -74.00
N PHE X 867 -32.33 5.07 -74.29
CA PHE X 867 -31.79 5.05 -75.65
C PHE X 867 -31.45 3.63 -76.12
N VAL X 868 -31.39 2.66 -75.21
CA VAL X 868 -31.07 1.28 -75.59
C VAL X 868 -32.24 0.56 -76.23
N GLY X 869 -33.40 1.21 -76.37
CA GLY X 869 -34.54 0.56 -76.98
C GLY X 869 -34.33 0.20 -78.44
N ALA X 870 -33.46 0.95 -79.12
CA ALA X 870 -33.19 0.68 -80.54
C ALA X 870 -32.41 -0.61 -80.69
N ALA X 871 -32.65 -1.30 -81.81
CA ALA X 871 -31.97 -2.56 -82.10
C ALA X 871 -30.71 -2.31 -82.92
N VAL X 872 -29.81 -3.30 -82.88
CA VAL X 872 -28.53 -3.24 -83.58
C VAL X 872 -28.21 -4.64 -84.11
N SER X 873 -27.59 -4.69 -85.29
CA SER X 873 -27.21 -5.95 -85.91
C SER X 873 -25.70 -6.05 -85.96
N CYS X 874 -25.20 -7.28 -85.99
CA CYS X 874 -23.77 -7.54 -86.05
C CYS X 874 -23.52 -8.80 -86.85
N ASP X 875 -22.25 -9.13 -87.04
CA ASP X 875 -21.82 -10.37 -87.66
C ASP X 875 -20.66 -10.93 -86.86
N ALA X 876 -20.66 -12.25 -86.67
CA ALA X 876 -19.63 -12.92 -85.88
C ALA X 876 -19.01 -14.05 -86.68
N ALA X 877 -17.73 -14.32 -86.39
CA ALA X 877 -17.00 -15.39 -87.06
C ALA X 877 -16.10 -16.07 -86.05
N PHE X 878 -16.25 -17.39 -85.94
CA PHE X 878 -15.42 -18.17 -85.02
C PHE X 878 -13.96 -18.09 -85.44
N LEU X 879 -13.06 -17.94 -84.45
CA LEU X 879 -11.65 -17.74 -84.72
C LEU X 879 -10.81 -18.95 -84.35
N ASN X 880 -10.84 -19.39 -83.09
CA ASN X 880 -10.08 -20.57 -82.66
C ASN X 880 -10.51 -20.95 -81.25
N LEU X 881 -9.87 -21.99 -80.73
CA LEU X 881 -10.14 -22.52 -79.40
C LEU X 881 -8.82 -23.01 -78.82
N THR X 882 -8.50 -22.61 -77.60
CA THR X 882 -7.31 -23.12 -76.93
C THR X 882 -7.62 -23.38 -75.47
N GLY X 883 -6.70 -24.05 -74.78
CA GLY X 883 -6.81 -24.24 -73.34
C GLY X 883 -6.98 -25.70 -72.99
N CYS X 884 -7.55 -25.93 -71.81
CA CYS X 884 -7.71 -27.26 -71.23
C CYS X 884 -9.17 -27.48 -70.86
N TYR X 885 -9.43 -28.65 -70.26
CA TYR X 885 -10.76 -29.01 -69.80
C TYR X 885 -10.69 -29.41 -68.33
N SER X 886 -11.78 -29.17 -67.60
CA SER X 886 -11.88 -29.51 -66.19
C SER X 886 -10.73 -28.90 -65.38
N CYS X 887 -10.32 -27.69 -65.78
CA CYS X 887 -9.17 -27.02 -65.20
C CYS X 887 -9.59 -25.64 -64.69
N ASN X 888 -8.90 -25.19 -63.63
CA ASN X 888 -9.16 -23.86 -63.10
C ASN X 888 -8.79 -22.78 -64.09
N ALA X 889 -7.76 -23.02 -64.91
CA ALA X 889 -7.37 -22.05 -65.92
C ALA X 889 -8.46 -21.89 -66.98
N GLY X 890 -9.09 -22.99 -67.38
CA GLY X 890 -10.18 -22.94 -68.33
C GLY X 890 -9.72 -22.90 -69.78
N ALA X 891 -10.71 -22.71 -70.66
CA ALA X 891 -10.50 -22.72 -72.10
C ALA X 891 -10.79 -21.34 -72.68
N ARG X 892 -9.92 -20.88 -73.56
CA ARG X 892 -10.04 -19.57 -74.19
C ARG X 892 -10.68 -19.69 -75.56
N VAL X 893 -11.75 -18.91 -75.78
CA VAL X 893 -12.46 -18.81 -77.04
C VAL X 893 -12.33 -17.39 -77.55
N CYS X 894 -11.83 -17.24 -78.77
CA CYS X 894 -11.74 -15.93 -79.38
C CYS X 894 -12.65 -15.85 -80.59
N LEU X 895 -13.36 -14.73 -80.71
CA LEU X 895 -14.35 -14.53 -81.76
C LEU X 895 -14.07 -13.22 -82.47
N SER X 896 -14.24 -13.25 -83.79
CA SER X 896 -14.16 -12.06 -84.63
C SER X 896 -15.56 -11.52 -84.82
N ILE X 897 -15.81 -10.32 -84.28
CA ILE X 897 -17.12 -9.69 -84.32
C ILE X 897 -17.06 -8.55 -85.33
N THR X 898 -17.89 -8.63 -86.36
CA THR X 898 -18.02 -7.58 -87.37
C THR X 898 -19.39 -6.93 -87.14
N SER X 899 -19.39 -5.74 -86.54
CA SER X 899 -20.62 -5.08 -86.14
C SER X 899 -20.68 -3.67 -86.70
N THR X 900 -21.90 -3.16 -86.83
CA THR X 900 -22.13 -1.81 -87.32
C THR X 900 -22.14 -0.77 -86.20
N GLY X 901 -22.09 -1.20 -84.95
CA GLY X 901 -22.13 -0.26 -83.84
C GLY X 901 -21.96 -0.95 -82.52
N THR X 902 -22.26 -0.21 -81.45
CA THR X 902 -22.13 -0.74 -80.11
C THR X 902 -23.17 -1.83 -79.86
N GLY X 903 -22.76 -2.88 -79.15
CA GLY X 903 -23.66 -3.97 -78.85
C GLY X 903 -22.93 -5.06 -78.09
N SER X 904 -23.66 -6.14 -77.83
CA SER X 904 -23.16 -7.29 -77.10
C SER X 904 -23.39 -8.55 -77.93
N LEU X 905 -23.14 -9.70 -77.30
CA LEU X 905 -23.30 -11.01 -77.94
C LEU X 905 -23.83 -11.98 -76.92
N SER X 906 -24.77 -12.83 -77.34
CA SER X 906 -25.50 -13.71 -76.43
C SER X 906 -25.60 -15.12 -76.99
N ALA X 907 -24.47 -15.67 -77.43
CA ALA X 907 -24.47 -17.03 -77.96
C ALA X 907 -24.74 -18.04 -76.84
N HIS X 908 -25.73 -18.89 -77.05
CA HIS X 908 -26.11 -19.92 -76.09
C HIS X 908 -26.15 -21.27 -76.80
N ASN X 909 -25.64 -22.30 -76.13
CA ASN X 909 -25.63 -23.63 -76.71
C ASN X 909 -27.05 -24.20 -76.73
N LYS X 910 -27.18 -25.40 -77.29
CA LYS X 910 -28.50 -26.01 -77.46
C LYS X 910 -29.16 -26.27 -76.11
N ASP X 911 -28.40 -26.74 -75.13
CA ASP X 911 -28.94 -27.06 -73.81
C ASP X 911 -28.91 -25.89 -72.85
N GLY X 912 -28.34 -24.74 -73.26
CA GLY X 912 -28.30 -23.57 -72.41
C GLY X 912 -27.27 -23.62 -71.30
N SER X 913 -26.40 -24.63 -71.29
CA SER X 913 -25.43 -24.75 -70.20
C SER X 913 -24.30 -23.73 -70.35
N LEU X 914 -23.82 -23.51 -71.57
CA LEU X 914 -22.68 -22.64 -71.82
C LEU X 914 -23.15 -21.36 -72.50
N HIS X 915 -22.68 -20.22 -71.99
CA HIS X 915 -23.03 -18.92 -72.53
C HIS X 915 -21.77 -18.15 -72.88
N ILE X 916 -21.82 -17.44 -74.01
CA ILE X 916 -20.70 -16.64 -74.49
C ILE X 916 -21.19 -15.21 -74.66
N VAL X 917 -20.50 -14.26 -74.02
CA VAL X 917 -20.84 -12.84 -74.09
C VAL X 917 -19.60 -12.07 -74.51
N LEU X 918 -19.74 -11.24 -75.54
CA LEU X 918 -18.63 -10.43 -76.04
C LEU X 918 -19.18 -9.13 -76.59
N PRO X 919 -18.60 -7.98 -76.25
CA PRO X 919 -19.09 -6.71 -76.80
C PRO X 919 -18.85 -6.63 -78.31
N SER X 920 -19.75 -5.91 -78.98
CA SER X 920 -19.68 -5.70 -80.41
C SER X 920 -19.49 -4.22 -80.70
N GLU X 921 -18.54 -3.90 -81.58
CA GLU X 921 -18.21 -2.53 -81.91
C GLU X 921 -18.17 -2.34 -83.42
N ASN X 922 -18.16 -1.08 -83.84
CA ASN X 922 -18.17 -0.76 -85.26
C ASN X 922 -16.92 -1.32 -85.95
N GLY X 923 -17.10 -1.76 -87.18
CA GLY X 923 -16.02 -2.45 -87.89
C GLY X 923 -15.84 -3.87 -87.41
N THR X 924 -14.63 -4.37 -87.63
CA THR X 924 -14.27 -5.73 -87.22
C THR X 924 -13.33 -5.68 -86.03
N LYS X 925 -13.62 -6.48 -85.02
CA LYS X 925 -12.81 -6.56 -83.81
C LYS X 925 -12.61 -8.01 -83.44
N ASP X 926 -11.59 -8.27 -82.62
CA ASP X 926 -11.27 -9.62 -82.17
C ASP X 926 -11.33 -9.65 -80.65
N GLN X 927 -12.40 -10.22 -80.10
CA GLN X 927 -12.56 -10.34 -78.67
C GLN X 927 -12.31 -11.77 -78.22
N CYS X 928 -12.16 -11.96 -76.91
CA CYS X 928 -11.90 -13.27 -76.36
C CYS X 928 -12.62 -13.42 -75.02
N GLN X 929 -12.84 -14.68 -74.65
CA GLN X 929 -13.65 -15.04 -73.49
C GLN X 929 -13.11 -16.35 -72.92
N ILE X 930 -13.48 -16.63 -71.67
CA ILE X 930 -13.02 -17.81 -70.95
C ILE X 930 -14.22 -18.64 -70.54
N LEU X 931 -14.17 -19.94 -70.84
CA LEU X 931 -15.22 -20.88 -70.50
C LEU X 931 -14.60 -22.12 -69.86
N HIS X 932 -15.47 -23.08 -69.49
CA HIS X 932 -15.06 -24.33 -68.89
C HIS X 932 -15.62 -25.49 -69.70
N PHE X 933 -14.83 -26.55 -69.81
CA PHE X 933 -15.21 -27.74 -70.56
C PHE X 933 -14.76 -28.98 -69.81
N THR X 934 -15.31 -30.14 -70.22
CA THR X 934 -14.94 -31.42 -69.61
C THR X 934 -14.73 -32.49 -70.67
N VAL X 935 -14.31 -32.10 -71.88
CA VAL X 935 -14.12 -33.05 -72.97
C VAL X 935 -12.79 -32.76 -73.67
N PRO X 936 -12.05 -33.78 -74.10
CA PRO X 936 -10.81 -33.53 -74.84
C PRO X 936 -11.01 -32.77 -76.15
N GLU X 937 -12.15 -32.98 -76.83
CA GLU X 937 -12.44 -32.32 -78.08
C GLU X 937 -13.76 -31.57 -77.96
N VAL X 938 -13.80 -30.37 -78.52
CA VAL X 938 -14.96 -29.50 -78.43
C VAL X 938 -15.54 -29.32 -79.83
N GLU X 939 -16.82 -29.65 -79.99
CA GLU X 939 -17.51 -29.51 -81.26
C GLU X 939 -18.97 -29.22 -80.93
N GLU X 940 -19.35 -27.94 -80.94
CA GLU X 940 -20.67 -27.52 -80.52
C GLU X 940 -21.19 -26.41 -81.43
N GLU X 941 -22.49 -26.18 -81.31
CA GLU X 941 -23.18 -25.10 -82.01
C GLU X 941 -23.89 -24.23 -80.98
N PHE X 942 -23.79 -22.91 -81.17
CA PHE X 942 -24.37 -21.93 -80.27
C PHE X 942 -25.34 -21.04 -81.05
N MET X 943 -26.38 -20.58 -80.37
CA MET X 943 -27.39 -19.72 -80.97
C MET X 943 -26.99 -18.28 -80.67
N TYR X 944 -26.27 -17.65 -81.59
CA TYR X 944 -25.77 -16.30 -81.39
C TYR X 944 -26.68 -15.28 -82.08
N SER X 945 -27.00 -14.22 -81.36
CA SER X 945 -27.85 -13.15 -81.89
C SER X 945 -27.67 -11.89 -81.05
N CYS X 946 -27.24 -10.80 -81.68
CA CYS X 946 -26.97 -9.55 -80.98
C CYS X 946 -28.20 -8.66 -81.12
N ASP X 947 -29.17 -8.86 -80.23
CA ASP X 947 -30.39 -8.05 -80.18
C ASP X 947 -31.16 -8.08 -81.50
N GLY X 948 -30.95 -9.11 -82.31
CA GLY X 948 -31.59 -9.18 -83.62
C GLY X 948 -31.95 -10.59 -84.02
N ASP X 949 -31.76 -10.91 -85.30
CA ASP X 949 -32.11 -12.23 -85.82
C ASP X 949 -31.20 -13.30 -85.23
N GLU X 950 -31.79 -14.47 -85.00
CA GLU X 950 -31.05 -15.59 -84.42
C GLU X 950 -30.23 -16.28 -85.51
N ARG X 951 -28.96 -16.52 -85.22
CA ARG X 951 -28.05 -17.12 -86.18
C ARG X 951 -27.23 -18.22 -85.51
N PRO X 952 -26.71 -19.18 -86.29
CA PRO X 952 -25.88 -20.23 -85.71
C PRO X 952 -24.40 -19.93 -85.78
N LEU X 953 -23.67 -20.34 -84.74
CA LEU X 953 -22.21 -20.24 -84.71
C LEU X 953 -21.64 -21.59 -84.29
N LEU X 954 -20.71 -22.11 -85.06
CA LEU X 954 -20.16 -23.45 -84.84
C LEU X 954 -18.72 -23.32 -84.37
N VAL X 955 -18.40 -24.00 -83.26
CA VAL X 955 -17.09 -23.90 -82.64
C VAL X 955 -16.38 -25.25 -82.76
N LYS X 956 -15.11 -25.22 -83.15
CA LYS X 956 -14.28 -26.40 -83.29
C LYS X 956 -13.10 -26.31 -82.32
N GLY X 957 -12.19 -27.28 -82.44
CA GLY X 957 -10.97 -27.26 -81.65
C GLY X 957 -10.94 -28.30 -80.55
N THR X 958 -9.74 -28.67 -80.11
CA THR X 958 -9.54 -29.60 -79.02
C THR X 958 -8.91 -28.86 -77.84
N LEU X 959 -8.74 -29.58 -76.74
CA LEU X 959 -8.20 -29.01 -75.52
C LEU X 959 -7.08 -29.91 -75.00
N ILE X 960 -6.04 -29.29 -74.44
CA ILE X 960 -4.90 -30.05 -73.95
C ILE X 960 -5.25 -30.71 -72.62
N ALA X 961 -4.45 -31.71 -72.25
CA ALA X 961 -4.63 -32.45 -71.01
C ALA X 961 -3.59 -32.01 -70.00
N ILE X 962 -4.05 -31.58 -68.82
CA ILE X 962 -3.15 -31.20 -67.75
C ILE X 962 -2.72 -32.46 -66.99
N ASP X 963 -1.41 -32.63 -66.83
CA ASP X 963 -0.89 -33.77 -66.09
C ASP X 963 -0.84 -33.43 -64.61
N PRO X 964 -1.63 -34.09 -63.77
CA PRO X 964 -1.58 -33.82 -62.34
C PRO X 964 -0.54 -34.67 -61.63
N PHE X 965 -0.04 -35.70 -62.32
CA PHE X 965 0.90 -36.68 -61.79
C PHE X 965 0.25 -37.52 -60.70
N ASP X 966 -0.99 -37.20 -60.35
CA ASP X 966 -1.76 -37.97 -59.38
C ASP X 966 -3.22 -37.57 -59.54
N ASP X 967 -4.06 -38.51 -59.98
CA ASP X 967 -5.48 -38.24 -60.19
C ASP X 967 -6.31 -39.36 -59.61
N ARG X 968 -7.37 -39.01 -58.89
CA ARG X 968 -8.31 -39.98 -58.36
C ARG X 968 -9.69 -39.84 -59.00
N ARG X 969 -10.31 -38.66 -58.87
CA ARG X 969 -11.63 -38.44 -59.43
C ARG X 969 -11.66 -37.30 -60.46
N GLU X 970 -11.20 -36.11 -60.08
CA GLU X 970 -11.27 -34.93 -60.93
C GLU X 970 -10.43 -33.83 -60.28
N ALA X 971 -10.33 -32.69 -60.96
CA ALA X 971 -9.56 -31.55 -60.50
C ALA X 971 -10.42 -30.53 -59.76
N GLY X 972 -11.42 -29.97 -60.43
CA GLY X 972 -12.29 -28.96 -59.86
C GLY X 972 -12.28 -27.68 -60.67
N GLY X 973 -13.09 -26.72 -60.20
CA GLY X 973 -13.21 -25.45 -60.88
C GLY X 973 -13.38 -24.26 -59.96
N GLU X 974 -12.99 -24.40 -58.69
CA GLU X 974 -13.16 -23.35 -57.72
C GLU X 974 -12.14 -22.23 -57.95
N SER X 975 -12.16 -21.25 -57.05
CA SER X 975 -11.23 -20.12 -57.11
C SER X 975 -9.97 -20.49 -56.33
N THR X 976 -8.85 -20.60 -57.05
CA THR X 976 -7.59 -21.03 -56.47
C THR X 976 -6.62 -19.86 -56.39
N VAL X 977 -5.99 -19.70 -55.24
CA VAL X 977 -4.97 -18.67 -55.09
C VAL X 977 -3.65 -19.15 -55.67
N VAL X 978 -2.77 -18.19 -55.95
CA VAL X 978 -1.49 -18.51 -56.56
C VAL X 978 -0.61 -19.28 -55.57
N ASN X 979 0.12 -20.26 -56.08
CA ASN X 979 0.97 -21.13 -55.28
C ASN X 979 2.39 -21.13 -55.83
N PRO X 980 3.37 -21.42 -55.00
CA PRO X 980 4.75 -21.55 -55.49
C PRO X 980 5.00 -22.91 -56.12
N LYS X 981 6.10 -23.00 -56.86
CA LYS X 981 6.45 -24.25 -57.53
C LYS X 981 6.78 -25.35 -56.52
N SER X 982 7.53 -25.02 -55.47
CA SER X 982 7.95 -26.01 -54.49
C SER X 982 6.80 -26.55 -53.64
N GLY X 983 5.64 -25.90 -53.68
CA GLY X 983 4.50 -26.35 -52.90
C GLY X 983 3.92 -27.67 -53.38
#